data_5T1O
#
_entry.id   5T1O
#
loop_
_entity.id
_entity.type
_entity.pdbx_description
1 polymer 'Phosphocarrier protein NPr'
2 polymer 'Phosphoenolpyruvate-protein phosphotransferase PtsP'
#
loop_
_entity_poly.entity_id
_entity_poly.type
_entity_poly.pdbx_seq_one_letter_code
_entity_poly.pdbx_strand_id
1 'polypeptide(L)'
;MTVKQTVEITNKLGMHARPAMKLFELMQGFDAEVLLRNDEGTEAEANSVIALLMLDSAKGRQIEVEATGPQEEEALAAVI
ALFNS
;
A
2 'polypeptide(L)'
;GRIRALPAAPGVAIAEGWQDATLPLMEQVYQASTLDPALERERLTGALEEAANEFRRYSKRFAAGAQKETAAIFDLYSHL
LSDTRLRRELFAEVDKGSVAEWAVKTVIEKFAEQFAALSDNYLKERAGDLRALGQRLLFHLDDANQGPNAWPERFILVAD
ELSATTLAELPQDRLVGVVVRDGAANSQAAIMVRALGIPTVMGADIQPSVLHRRTLIVDGYRGELLVDPEPVLLQEYQRL
ISEEIELSRLAEDDVN
;
B
#
# COMPACT_ATOMS: atom_id res chain seq x y z
N MET A 1 37.68 -11.79 -7.38
CA MET A 1 37.42 -11.20 -6.04
C MET A 1 36.14 -10.36 -6.10
N THR A 2 35.82 -9.70 -5.00
CA THR A 2 34.62 -8.87 -4.93
C THR A 2 34.90 -7.50 -5.53
N VAL A 3 33.83 -6.81 -5.92
CA VAL A 3 33.97 -5.47 -6.50
C VAL A 3 32.95 -4.51 -5.90
N LYS A 4 33.46 -3.47 -5.24
CA LYS A 4 32.60 -2.48 -4.61
C LYS A 4 32.92 -1.08 -5.11
N GLN A 5 32.12 -0.10 -4.69
CA GLN A 5 32.33 1.28 -5.11
C GLN A 5 31.57 2.24 -4.20
N THR A 6 32.25 3.27 -3.72
CA THR A 6 31.61 4.25 -2.84
C THR A 6 30.75 5.22 -3.65
N VAL A 7 29.51 5.39 -3.22
CA VAL A 7 28.58 6.29 -3.90
C VAL A 7 27.92 7.23 -2.90
N GLU A 8 28.07 8.54 -3.15
CA GLU A 8 27.47 9.53 -2.26
C GLU A 8 25.99 9.70 -2.56
N ILE A 9 25.15 9.58 -1.53
CA ILE A 9 23.72 9.73 -1.70
C ILE A 9 23.31 11.18 -1.50
N THR A 10 22.99 11.86 -2.59
CA THR A 10 22.57 13.26 -2.52
C THR A 10 21.09 13.36 -2.18
N ASN A 11 20.70 12.74 -1.08
CA ASN A 11 19.29 12.77 -0.65
C ASN A 11 18.41 12.06 -1.68
N LYS A 12 19.01 11.15 -2.44
CA LYS A 12 18.26 10.41 -3.46
C LYS A 12 19.06 9.20 -3.93
N LEU A 13 18.75 8.03 -3.37
CA LEU A 13 19.45 6.81 -3.74
C LEU A 13 19.23 6.51 -5.22
N GLY A 14 18.45 7.34 -5.89
CA GLY A 14 18.16 7.14 -7.30
C GLY A 14 16.77 7.65 -7.66
N MET A 15 15.96 6.77 -8.24
CA MET A 15 14.60 7.13 -8.62
C MET A 15 13.59 6.56 -7.63
N HIS A 16 13.15 7.40 -6.69
CA HIS A 16 12.20 6.97 -5.68
C HIS A 16 12.70 5.74 -4.95
N ALA A 17 12.26 4.56 -5.39
CA ALA A 17 12.68 3.31 -4.77
C ALA A 17 12.84 2.22 -5.82
N ARG A 18 12.56 2.57 -7.08
CA ARG A 18 12.68 1.61 -8.17
C ARG A 18 14.05 0.93 -8.15
N PRO A 19 15.09 1.70 -7.98
CA PRO A 19 16.49 1.17 -7.93
C PRO A 19 16.62 -0.03 -7.01
N ALA A 20 16.10 0.10 -5.79
CA ALA A 20 16.17 -0.98 -4.82
C ALA A 20 15.33 -2.17 -5.29
N MET A 21 14.17 -1.88 -5.86
CA MET A 21 13.29 -2.93 -6.34
C MET A 21 13.88 -3.62 -7.56
N LYS A 22 14.43 -2.82 -8.48
CA LYS A 22 15.04 -3.37 -9.68
C LYS A 22 16.22 -4.26 -9.33
N LEU A 23 16.99 -3.87 -8.32
CA LEU A 23 18.14 -4.65 -7.89
C LEU A 23 17.77 -6.11 -7.73
N PHE A 24 16.62 -6.37 -7.12
CA PHE A 24 16.16 -7.73 -6.91
C PHE A 24 16.00 -8.46 -8.24
N GLU A 25 15.57 -7.73 -9.26
CA GLU A 25 15.37 -8.33 -10.58
C GLU A 25 16.72 -8.51 -11.28
N LEU A 26 17.64 -7.58 -11.04
CA LEU A 26 18.97 -7.65 -11.64
C LEU A 26 19.75 -8.84 -11.08
N MET A 27 19.64 -9.06 -9.78
CA MET A 27 20.34 -10.15 -9.13
C MET A 27 19.94 -11.48 -9.76
N GLN A 28 18.72 -11.54 -10.29
CA GLN A 28 18.22 -12.76 -10.92
C GLN A 28 18.63 -12.81 -12.38
N GLY A 29 18.79 -11.64 -12.99
CA GLY A 29 19.17 -11.56 -14.39
C GLY A 29 20.69 -11.59 -14.55
N PHE A 30 21.40 -11.18 -13.50
CA PHE A 30 22.85 -11.17 -13.53
C PHE A 30 23.42 -12.06 -12.44
N ASP A 31 24.42 -12.86 -12.79
CA ASP A 31 25.05 -13.76 -11.82
C ASP A 31 25.99 -13.00 -10.90
N ALA A 32 25.61 -12.89 -9.64
CA ALA A 32 26.44 -12.17 -8.67
C ALA A 32 25.59 -11.65 -7.51
N GLU A 33 26.17 -11.59 -6.33
CA GLU A 33 25.45 -11.10 -5.16
C GLU A 33 25.79 -9.63 -4.89
N VAL A 34 24.75 -8.82 -4.73
CA VAL A 34 24.95 -7.40 -4.47
C VAL A 34 24.62 -7.07 -3.02
N LEU A 35 25.50 -6.33 -2.37
CA LEU A 35 25.29 -5.95 -0.98
C LEU A 35 25.57 -4.46 -0.78
N LEU A 36 24.73 -3.80 0.01
CA LEU A 36 24.89 -2.38 0.28
C LEU A 36 25.35 -2.16 1.72
N ARG A 37 26.12 -1.09 1.93
CA ARG A 37 26.61 -0.78 3.27
C ARG A 37 26.69 0.73 3.46
N ASN A 38 26.21 1.20 4.61
CA ASN A 38 26.23 2.63 4.91
C ASN A 38 27.52 3.00 5.64
N ASP A 39 27.91 4.26 5.53
CA ASP A 39 29.13 4.73 6.19
C ASP A 39 29.10 4.38 7.67
N GLU A 40 27.91 4.26 8.23
CA GLU A 40 27.76 3.93 9.64
C GLU A 40 28.20 2.50 9.90
N GLY A 41 28.44 1.75 8.83
CA GLY A 41 28.87 0.36 8.96
C GLY A 41 27.66 -0.58 8.97
N THR A 42 26.50 -0.05 8.61
CA THR A 42 25.28 -0.85 8.58
C THR A 42 25.16 -1.58 7.24
N GLU A 43 25.19 -2.90 7.30
CA GLU A 43 25.08 -3.70 6.08
C GLU A 43 23.63 -3.78 5.62
N ALA A 44 23.30 -3.01 4.58
CA ALA A 44 21.95 -2.99 4.05
C ALA A 44 21.78 -4.05 2.98
N GLU A 45 21.88 -5.31 3.38
CA GLU A 45 21.74 -6.42 2.44
C GLU A 45 20.61 -6.15 1.45
N ALA A 46 20.94 -6.12 0.16
CA ALA A 46 19.95 -5.87 -0.87
C ALA A 46 18.88 -6.96 -0.87
N ASN A 47 19.14 -8.04 -0.13
CA ASN A 47 18.20 -9.14 -0.05
C ASN A 47 17.36 -9.06 1.22
N SER A 48 17.16 -7.83 1.71
CA SER A 48 16.38 -7.61 2.92
C SER A 48 15.61 -6.30 2.84
N VAL A 49 14.29 -6.39 3.00
CA VAL A 49 13.45 -5.19 2.94
C VAL A 49 13.80 -4.23 4.07
N ILE A 50 14.14 -4.80 5.22
CA ILE A 50 14.48 -3.99 6.39
C ILE A 50 15.71 -3.13 6.10
N ALA A 51 16.65 -3.69 5.34
CA ALA A 51 17.87 -2.97 4.99
C ALA A 51 17.54 -1.78 4.10
N LEU A 52 16.65 -1.99 3.13
CA LEU A 52 16.26 -0.92 2.22
C LEU A 52 15.69 0.26 2.98
N LEU A 53 14.93 -0.03 4.03
CA LEU A 53 14.32 1.02 4.84
C LEU A 53 15.39 1.83 5.56
N MET A 54 16.46 1.15 5.99
CA MET A 54 17.54 1.81 6.70
C MET A 54 18.30 2.74 5.75
N LEU A 55 18.44 2.31 4.50
CA LEU A 55 19.15 3.11 3.51
C LEU A 55 18.43 4.43 3.27
N ASP A 56 17.10 4.40 3.32
CA ASP A 56 16.30 5.60 3.12
C ASP A 56 16.76 6.72 4.04
N SER A 57 17.17 6.34 5.25
CA SER A 57 17.64 7.32 6.22
C SER A 57 19.04 7.80 5.86
N ALA A 58 19.65 7.18 4.86
CA ALA A 58 20.99 7.55 4.43
C ALA A 58 20.93 8.74 3.49
N LYS A 59 19.94 9.59 3.66
CA LYS A 59 19.78 10.77 2.81
C LYS A 59 20.88 11.78 3.10
N GLY A 60 21.93 11.75 2.29
CA GLY A 60 23.04 12.69 2.48
C GLY A 60 24.26 11.98 3.07
N ARG A 61 24.15 10.66 3.21
CA ARG A 61 25.25 9.87 3.76
C ARG A 61 25.94 9.08 2.66
N GLN A 62 27.13 8.56 2.96
CA GLN A 62 27.89 7.78 2.00
C GLN A 62 27.69 6.30 2.23
N ILE A 63 27.63 5.53 1.14
CA ILE A 63 27.45 4.09 1.24
C ILE A 63 28.48 3.35 0.40
N GLU A 64 28.65 2.06 0.65
CA GLU A 64 29.61 1.26 -0.08
C GLU A 64 28.94 0.03 -0.69
N VAL A 65 28.62 0.10 -1.98
CA VAL A 65 27.97 -1.01 -2.66
C VAL A 65 29.00 -2.07 -3.05
N GLU A 66 28.71 -3.32 -2.69
CA GLU A 66 29.62 -4.42 -3.01
C GLU A 66 28.91 -5.48 -3.85
N ALA A 67 29.61 -6.01 -4.84
CA ALA A 67 29.03 -7.03 -5.71
C ALA A 67 30.05 -8.13 -6.00
N THR A 68 29.62 -9.38 -5.83
CA THR A 68 30.50 -10.52 -6.07
C THR A 68 29.92 -11.44 -7.14
N GLY A 69 30.79 -11.96 -8.00
CA GLY A 69 30.34 -12.85 -9.07
C GLY A 69 30.97 -12.46 -10.40
N PRO A 70 30.61 -13.14 -11.45
CA PRO A 70 31.14 -12.87 -12.81
C PRO A 70 30.58 -11.58 -13.41
N GLN A 71 29.31 -11.32 -13.13
CA GLN A 71 28.65 -10.13 -13.64
C GLN A 71 28.65 -9.03 -12.58
N GLU A 72 29.28 -9.30 -11.45
CA GLU A 72 29.34 -8.33 -10.36
C GLU A 72 29.46 -6.91 -10.91
N GLU A 73 30.29 -6.75 -11.94
CA GLU A 73 30.48 -5.43 -12.55
C GLU A 73 29.15 -4.88 -13.05
N GLU A 74 28.43 -5.69 -13.81
CA GLU A 74 27.14 -5.28 -14.35
C GLU A 74 26.20 -4.87 -13.23
N ALA A 75 26.03 -5.75 -12.24
CA ALA A 75 25.16 -5.47 -11.12
C ALA A 75 25.56 -4.16 -10.44
N LEU A 76 26.84 -4.02 -10.14
CA LEU A 76 27.34 -2.82 -9.49
C LEU A 76 27.18 -1.61 -10.40
N ALA A 77 27.52 -1.78 -11.67
CA ALA A 77 27.40 -0.70 -12.64
C ALA A 77 25.94 -0.27 -12.79
N ALA A 78 25.05 -1.25 -12.85
CA ALA A 78 23.63 -0.96 -12.99
C ALA A 78 23.12 -0.15 -11.80
N VAL A 79 23.55 -0.54 -10.60
CA VAL A 79 23.13 0.15 -9.39
C VAL A 79 23.70 1.57 -9.37
N ILE A 80 24.97 1.70 -9.74
CA ILE A 80 25.62 3.00 -9.76
C ILE A 80 24.97 3.91 -10.79
N ALA A 81 24.64 3.35 -11.95
CA ALA A 81 24.01 4.13 -13.01
C ALA A 81 22.64 4.64 -12.55
N LEU A 82 21.94 3.82 -11.79
CA LEU A 82 20.61 4.19 -11.29
C LEU A 82 20.74 5.24 -10.19
N PHE A 83 21.76 5.09 -9.36
CA PHE A 83 21.99 6.03 -8.27
C PHE A 83 22.42 7.38 -8.80
N ASN A 84 23.15 7.37 -9.92
CA ASN A 84 23.62 8.61 -10.53
C ASN A 84 22.53 9.24 -11.38
N SER A 85 21.41 8.53 -11.53
CA SER A 85 20.30 9.03 -12.32
C SER A 85 20.58 8.85 -13.81
N ARG B 2 -23.86 18.24 4.12
CA ARG B 2 -23.56 19.65 4.47
C ARG B 2 -22.26 19.71 5.28
N ILE B 3 -21.33 18.84 4.96
CA ILE B 3 -20.05 18.80 5.66
C ILE B 3 -18.93 19.32 4.77
N ARG B 4 -18.11 20.20 5.33
CA ARG B 4 -17.00 20.77 4.58
C ARG B 4 -15.75 19.89 4.69
N ALA B 5 -15.39 19.24 3.60
CA ALA B 5 -14.23 18.36 3.58
C ALA B 5 -13.19 18.86 2.58
N LEU B 6 -11.92 18.60 2.88
CA LEU B 6 -10.84 19.03 2.01
C LEU B 6 -10.80 18.17 0.74
N PRO B 7 -11.01 18.77 -0.40
CA PRO B 7 -11.01 18.06 -1.71
C PRO B 7 -9.60 17.65 -2.14
N ALA B 8 -9.35 16.34 -2.14
CA ALA B 8 -8.03 15.84 -2.53
C ALA B 8 -8.00 15.56 -4.03
N ALA B 9 -9.16 15.36 -4.62
CA ALA B 9 -9.25 15.09 -6.05
C ALA B 9 -10.55 15.66 -6.63
N PRO B 10 -10.44 16.70 -7.41
CA PRO B 10 -11.61 17.36 -8.04
C PRO B 10 -12.56 16.36 -8.69
N GLY B 11 -13.79 16.78 -8.94
CA GLY B 11 -14.78 15.91 -9.56
C GLY B 11 -15.96 15.68 -8.64
N VAL B 12 -17.09 15.27 -9.21
CA VAL B 12 -18.29 15.02 -8.42
C VAL B 12 -18.85 13.63 -8.73
N ALA B 13 -19.40 12.99 -7.70
CA ALA B 13 -19.97 11.66 -7.87
C ALA B 13 -21.04 11.40 -6.81
N ILE B 14 -22.03 10.58 -7.17
CA ILE B 14 -23.11 10.25 -6.25
C ILE B 14 -23.24 8.73 -6.10
N ALA B 15 -23.32 8.29 -4.85
CA ALA B 15 -23.46 6.86 -4.58
C ALA B 15 -23.59 6.61 -3.08
N GLU B 16 -23.96 5.39 -2.72
CA GLU B 16 -24.12 5.03 -1.31
C GLU B 16 -22.76 4.87 -0.64
N GLY B 17 -22.75 4.91 0.69
CA GLY B 17 -21.50 4.76 1.44
C GLY B 17 -21.33 3.33 1.94
N TRP B 18 -20.22 2.71 1.56
CA TRP B 18 -19.94 1.34 1.98
C TRP B 18 -18.52 1.22 2.52
N GLN B 19 -18.38 0.52 3.64
CA GLN B 19 -17.06 0.35 4.26
C GLN B 19 -16.48 -1.00 3.87
N ASP B 20 -15.16 -1.05 3.70
CA ASP B 20 -14.49 -2.28 3.32
C ASP B 20 -14.57 -3.31 4.45
N ALA B 21 -14.60 -4.58 4.09
CA ALA B 21 -14.69 -5.65 5.09
C ALA B 21 -13.39 -5.74 5.89
N THR B 22 -12.58 -4.69 5.81
CA THR B 22 -11.31 -4.67 6.53
C THR B 22 -11.53 -4.29 7.99
N LEU B 23 -11.34 -5.27 8.88
CA LEU B 23 -11.53 -5.04 10.31
C LEU B 23 -10.38 -5.64 11.10
N PRO B 24 -9.99 -5.01 12.17
CA PRO B 24 -8.88 -5.49 13.04
C PRO B 24 -9.02 -6.97 13.38
N LEU B 25 -7.94 -7.73 13.16
CA LEU B 25 -7.96 -9.15 13.44
C LEU B 25 -6.88 -9.51 14.46
N MET B 26 -6.26 -8.49 15.05
CA MET B 26 -5.22 -8.69 16.04
C MET B 26 -5.82 -9.19 17.34
N GLU B 27 -7.04 -8.76 17.64
CA GLU B 27 -7.71 -9.18 18.86
C GLU B 27 -7.94 -10.68 18.87
N GLN B 28 -7.64 -11.32 17.74
CA GLN B 28 -7.82 -12.77 17.63
C GLN B 28 -6.52 -13.50 17.97
N VAL B 29 -5.60 -12.79 18.61
CA VAL B 29 -4.32 -13.38 18.99
C VAL B 29 -4.49 -14.29 20.20
N TYR B 30 -4.16 -15.57 20.02
CA TYR B 30 -4.29 -16.54 21.11
C TYR B 30 -2.96 -17.25 21.33
N GLN B 31 -2.79 -17.80 22.53
CA GLN B 31 -1.55 -18.52 22.87
C GLN B 31 -1.86 -19.98 23.17
N ALA B 32 -1.12 -20.88 22.52
CA ALA B 32 -1.32 -22.31 22.73
C ALA B 32 -0.22 -23.10 22.03
N SER B 33 -0.19 -24.41 22.27
CA SER B 33 0.80 -25.27 21.65
C SER B 33 0.14 -26.28 20.72
N THR B 34 0.65 -26.38 19.49
CA THR B 34 0.11 -27.31 18.52
C THR B 34 1.21 -28.12 17.86
N LEU B 35 0.93 -29.39 17.56
CA LEU B 35 1.91 -30.26 16.94
C LEU B 35 1.68 -30.34 15.44
N ASP B 36 2.34 -29.45 14.70
CA ASP B 36 2.19 -29.42 13.24
C ASP B 36 3.41 -28.76 12.60
N PRO B 37 4.58 -29.12 13.02
CA PRO B 37 5.85 -28.56 12.48
C PRO B 37 5.85 -28.52 10.95
N ALA B 38 5.61 -29.67 10.33
CA ALA B 38 5.58 -29.75 8.88
C ALA B 38 4.23 -29.29 8.34
N LEU B 39 3.16 -29.83 8.90
CA LEU B 39 1.82 -29.47 8.47
C LEU B 39 1.66 -27.95 8.41
N GLU B 40 2.17 -27.27 9.44
CA GLU B 40 2.09 -25.82 9.49
C GLU B 40 3.03 -25.19 8.46
N ARG B 41 4.28 -25.63 8.47
CA ARG B 41 5.26 -25.10 7.53
C ARG B 41 4.74 -25.19 6.10
N GLU B 42 4.31 -26.38 5.70
CA GLU B 42 3.79 -26.58 4.36
C GLU B 42 2.54 -25.72 4.14
N ARG B 43 1.70 -25.64 5.16
CA ARG B 43 0.48 -24.86 5.08
C ARG B 43 0.80 -23.41 4.69
N LEU B 44 1.88 -22.89 5.25
CA LEU B 44 2.28 -21.51 4.95
C LEU B 44 2.68 -21.39 3.49
N THR B 45 3.54 -22.28 3.03
CA THR B 45 4.00 -22.26 1.64
C THR B 45 2.80 -22.32 0.70
N GLY B 46 1.91 -23.28 0.94
CA GLY B 46 0.73 -23.44 0.11
C GLY B 46 -0.11 -22.17 0.11
N ALA B 47 -0.16 -21.50 1.26
CA ALA B 47 -0.93 -20.28 1.39
C ALA B 47 -0.27 -19.15 0.58
N LEU B 48 1.05 -19.09 0.63
CA LEU B 48 1.79 -18.07 -0.10
C LEU B 48 1.45 -18.13 -1.60
N GLU B 49 1.55 -19.32 -2.17
CA GLU B 49 1.26 -19.50 -3.58
C GLU B 49 -0.12 -18.94 -3.91
N GLU B 50 -1.06 -19.10 -2.97
CA GLU B 50 -2.41 -18.60 -3.16
C GLU B 50 -2.47 -17.09 -2.91
N ALA B 51 -1.63 -16.62 -2.00
CA ALA B 51 -1.59 -15.20 -1.67
C ALA B 51 -0.62 -14.47 -2.61
N ALA B 52 0.58 -15.01 -2.74
CA ALA B 52 1.58 -14.39 -3.60
C ALA B 52 1.05 -14.25 -5.03
N ASN B 53 0.49 -15.34 -5.56
CA ASN B 53 -0.05 -15.31 -6.90
C ASN B 53 -1.25 -14.37 -6.98
N GLU B 54 -2.00 -14.28 -5.89
CA GLU B 54 -3.16 -13.42 -5.84
C GLU B 54 -2.73 -11.95 -5.82
N PHE B 55 -1.61 -11.67 -5.17
CA PHE B 55 -1.10 -10.31 -5.09
C PHE B 55 -0.47 -9.90 -6.41
N ARG B 56 0.30 -10.80 -7.00
CA ARG B 56 0.95 -10.52 -8.28
C ARG B 56 -0.09 -10.27 -9.36
N ARG B 57 -1.16 -11.05 -9.35
CA ARG B 57 -2.22 -10.91 -10.33
C ARG B 57 -3.01 -9.63 -10.08
N TYR B 58 -3.15 -9.27 -8.80
CA TYR B 58 -3.89 -8.06 -8.43
C TYR B 58 -3.23 -6.83 -9.06
N SER B 59 -1.95 -6.63 -8.75
CA SER B 59 -1.22 -5.49 -9.29
C SER B 59 -1.22 -5.52 -10.81
N LYS B 60 -1.01 -6.72 -11.37
CA LYS B 60 -1.00 -6.88 -12.82
C LYS B 60 -2.22 -6.23 -13.45
N ARG B 61 -3.36 -6.36 -12.78
CA ARG B 61 -4.60 -5.77 -13.28
C ARG B 61 -4.55 -4.26 -13.19
N PHE B 62 -4.02 -3.75 -12.08
CA PHE B 62 -3.92 -2.31 -11.89
C PHE B 62 -3.01 -1.69 -12.94
N ALA B 63 -1.83 -2.27 -13.13
CA ALA B 63 -0.88 -1.77 -14.11
C ALA B 63 -1.54 -1.68 -15.49
N ALA B 64 -2.40 -2.64 -15.78
CA ALA B 64 -3.09 -2.67 -17.07
C ALA B 64 -4.02 -1.47 -17.20
N GLY B 65 -4.35 -0.84 -16.07
CA GLY B 65 -5.23 0.32 -16.07
C GLY B 65 -4.78 1.35 -15.05
N ALA B 66 -5.32 1.24 -13.83
CA ALA B 66 -4.97 2.17 -12.76
C ALA B 66 -3.78 3.02 -13.17
N GLN B 67 -2.72 2.97 -12.36
CA GLN B 67 -1.51 3.74 -12.64
C GLN B 67 -0.27 2.87 -12.53
N LYS B 68 0.88 3.45 -12.85
CA LYS B 68 2.14 2.71 -12.77
C LYS B 68 2.68 2.71 -11.35
N GLU B 69 2.33 3.74 -10.60
CA GLU B 69 2.80 3.86 -9.22
C GLU B 69 2.29 2.69 -8.38
N THR B 70 1.02 2.35 -8.56
CA THR B 70 0.42 1.25 -7.81
C THR B 70 1.25 -0.02 -7.97
N ALA B 71 1.50 -0.41 -9.22
CA ALA B 71 2.29 -1.61 -9.50
C ALA B 71 3.64 -1.54 -8.79
N ALA B 72 4.28 -0.37 -8.85
CA ALA B 72 5.57 -0.18 -8.22
C ALA B 72 5.49 -0.47 -6.72
N ILE B 73 4.40 -0.02 -6.10
CA ILE B 73 4.21 -0.24 -4.67
C ILE B 73 4.00 -1.72 -4.38
N PHE B 74 2.92 -2.27 -4.92
CA PHE B 74 2.61 -3.68 -4.71
C PHE B 74 3.76 -4.56 -5.17
N ASP B 75 4.09 -4.48 -6.45
CA ASP B 75 5.19 -5.27 -7.00
C ASP B 75 6.31 -5.42 -5.99
N LEU B 76 6.63 -4.32 -5.31
CA LEU B 76 7.69 -4.34 -4.31
C LEU B 76 7.30 -5.23 -3.13
N TYR B 77 6.05 -5.11 -2.69
CA TYR B 77 5.58 -5.91 -1.57
C TYR B 77 5.40 -7.37 -1.99
N SER B 78 4.91 -7.58 -3.20
CA SER B 78 4.70 -8.93 -3.72
C SER B 78 5.96 -9.78 -3.53
N HIS B 79 7.10 -9.19 -3.84
CA HIS B 79 8.37 -9.90 -3.69
C HIS B 79 8.71 -10.11 -2.22
N LEU B 80 8.25 -9.19 -1.38
CA LEU B 80 8.51 -9.29 0.05
C LEU B 80 7.93 -10.58 0.62
N LEU B 81 6.62 -10.69 0.62
CA LEU B 81 5.95 -11.88 1.13
C LEU B 81 6.52 -13.14 0.47
N SER B 82 6.81 -13.05 -0.82
CA SER B 82 7.36 -14.18 -1.55
C SER B 82 8.83 -14.37 -1.22
N ASP B 83 9.45 -13.33 -0.67
CA ASP B 83 10.86 -13.41 -0.31
C ASP B 83 11.10 -14.54 0.68
N THR B 84 11.99 -15.46 0.32
CA THR B 84 12.30 -16.59 1.19
C THR B 84 12.66 -16.11 2.58
N ARG B 85 12.78 -14.80 2.75
CA ARG B 85 13.12 -14.22 4.03
C ARG B 85 11.94 -14.27 4.98
N LEU B 86 10.79 -13.80 4.50
CA LEU B 86 9.58 -13.79 5.32
C LEU B 86 9.11 -15.21 5.60
N ARG B 87 9.10 -16.05 4.57
CA ARG B 87 8.67 -17.43 4.71
C ARG B 87 9.53 -18.15 5.74
N ARG B 88 10.85 -18.03 5.59
CA ARG B 88 11.78 -18.68 6.52
C ARG B 88 11.53 -18.21 7.95
N GLU B 89 11.26 -16.91 8.10
CA GLU B 89 11.01 -16.35 9.42
C GLU B 89 9.81 -17.03 10.09
N LEU B 90 8.71 -17.13 9.33
CA LEU B 90 7.50 -17.76 9.86
C LEU B 90 7.78 -19.21 10.25
N PHE B 91 8.44 -19.94 9.36
CA PHE B 91 8.76 -21.34 9.61
C PHE B 91 9.62 -21.47 10.87
N ALA B 92 10.44 -20.46 11.13
CA ALA B 92 11.32 -20.47 12.29
C ALA B 92 10.50 -20.55 13.58
N GLU B 93 9.42 -19.77 13.63
CA GLU B 93 8.56 -19.76 14.81
C GLU B 93 7.92 -21.13 15.02
N VAL B 94 7.56 -21.79 13.93
CA VAL B 94 6.94 -23.10 14.00
C VAL B 94 7.94 -24.14 14.51
N ASP B 95 9.20 -23.95 14.16
CA ASP B 95 10.25 -24.88 14.58
C ASP B 95 10.25 -25.03 16.09
N LYS B 96 9.63 -24.07 16.79
CA LYS B 96 9.57 -24.10 18.24
C LYS B 96 8.24 -24.70 18.70
N GLY B 97 7.23 -24.61 17.84
CA GLY B 97 5.91 -25.14 18.18
C GLY B 97 4.84 -24.07 18.05
N SER B 98 5.14 -23.03 17.28
CA SER B 98 4.20 -21.93 17.08
C SER B 98 3.23 -22.26 15.94
N VAL B 99 2.05 -21.66 15.99
CA VAL B 99 1.05 -21.89 14.96
C VAL B 99 1.08 -20.78 13.92
N ALA B 100 1.06 -21.17 12.64
CA ALA B 100 1.09 -20.19 11.56
C ALA B 100 0.11 -19.06 11.82
N GLU B 101 -1.15 -19.42 12.07
CA GLU B 101 -2.19 -18.43 12.33
C GLU B 101 -1.63 -17.31 13.21
N TRP B 102 -1.10 -17.70 14.37
CA TRP B 102 -0.55 -16.72 15.30
C TRP B 102 0.87 -16.36 14.90
N ALA B 103 1.65 -17.36 14.50
CA ALA B 103 3.02 -17.12 14.09
C ALA B 103 3.09 -16.04 13.02
N VAL B 104 2.30 -16.21 11.96
CA VAL B 104 2.27 -15.24 10.87
C VAL B 104 1.93 -13.85 11.40
N LYS B 105 0.99 -13.81 12.34
CA LYS B 105 0.56 -12.54 12.92
C LYS B 105 1.69 -11.93 13.76
N THR B 106 2.35 -12.77 14.54
CA THR B 106 3.45 -12.31 15.37
C THR B 106 4.62 -11.81 14.52
N VAL B 107 4.99 -12.59 13.51
CA VAL B 107 6.08 -12.21 12.63
C VAL B 107 5.81 -10.85 12.00
N ILE B 108 4.59 -10.68 11.49
CA ILE B 108 4.21 -9.42 10.87
C ILE B 108 4.22 -8.29 11.89
N GLU B 109 3.78 -8.60 13.10
CA GLU B 109 3.74 -7.61 14.17
C GLU B 109 5.17 -7.18 14.54
N LYS B 110 6.06 -8.15 14.63
CA LYS B 110 7.45 -7.87 14.99
C LYS B 110 8.09 -6.97 13.93
N PHE B 111 7.72 -7.20 12.67
CA PHE B 111 8.26 -6.40 11.57
C PHE B 111 7.70 -4.99 11.61
N ALA B 112 6.43 -4.87 12.01
CA ALA B 112 5.79 -3.57 12.08
C ALA B 112 6.65 -2.59 12.88
N GLU B 113 7.23 -3.06 13.97
CA GLU B 113 8.07 -2.23 14.81
C GLU B 113 9.37 -1.89 14.08
N GLN B 114 9.89 -2.85 13.34
CA GLN B 114 11.13 -2.65 12.60
C GLN B 114 10.93 -1.61 11.51
N PHE B 115 9.79 -1.68 10.83
CA PHE B 115 9.49 -0.73 9.77
C PHE B 115 9.34 0.68 10.32
N ALA B 116 8.72 0.78 11.49
CA ALA B 116 8.51 2.09 12.12
C ALA B 116 9.85 2.68 12.55
N ALA B 117 10.70 1.86 13.16
CA ALA B 117 12.01 2.32 13.61
C ALA B 117 12.61 3.29 12.61
N LEU B 118 12.30 3.09 11.33
CA LEU B 118 12.82 3.95 10.28
C LEU B 118 12.26 5.36 10.44
N SER B 119 13.10 6.35 10.15
CA SER B 119 12.68 7.75 10.25
C SER B 119 12.14 8.25 8.92
N ASP B 120 12.80 7.84 7.84
CA ASP B 120 12.38 8.26 6.51
C ASP B 120 10.95 7.80 6.22
N ASN B 121 10.02 8.75 6.26
CA ASN B 121 8.61 8.43 6.01
C ASN B 121 8.40 8.08 4.55
N TYR B 122 9.31 8.55 3.69
CA TYR B 122 9.20 8.28 2.26
C TYR B 122 9.00 6.79 2.01
N LEU B 123 9.40 5.97 2.99
CA LEU B 123 9.25 4.52 2.87
C LEU B 123 8.78 3.92 4.19
N LYS B 124 9.29 4.45 5.29
CA LYS B 124 8.92 3.96 6.62
C LYS B 124 7.43 3.65 6.67
N GLU B 125 6.63 4.58 6.16
CA GLU B 125 5.17 4.39 6.15
C GLU B 125 4.81 3.01 5.64
N ARG B 126 5.70 2.41 4.86
CA ARG B 126 5.47 1.08 4.32
C ARG B 126 4.83 0.19 5.37
N ALA B 127 5.11 0.46 6.64
CA ALA B 127 4.55 -0.32 7.73
C ALA B 127 3.05 -0.51 7.53
N GLY B 128 2.36 0.58 7.27
CA GLY B 128 0.91 0.53 7.07
C GLY B 128 0.56 -0.51 6.00
N ASP B 129 1.33 -0.52 4.93
CA ASP B 129 1.10 -1.48 3.85
C ASP B 129 1.29 -2.91 4.34
N LEU B 130 2.31 -3.11 5.16
CA LEU B 130 2.60 -4.43 5.70
C LEU B 130 1.38 -4.99 6.44
N ARG B 131 0.81 -4.18 7.33
CA ARG B 131 -0.36 -4.60 8.09
C ARG B 131 -1.43 -5.15 7.15
N ALA B 132 -1.64 -4.45 6.03
CA ALA B 132 -2.64 -4.88 5.05
C ALA B 132 -2.25 -6.24 4.46
N LEU B 133 -0.96 -6.41 4.22
CA LEU B 133 -0.47 -7.67 3.65
C LEU B 133 -0.81 -8.83 4.57
N GLY B 134 -0.61 -8.63 5.87
CA GLY B 134 -0.91 -9.68 6.84
C GLY B 134 -2.38 -10.05 6.81
N GLN B 135 -3.24 -9.03 6.69
CA GLN B 135 -4.67 -9.25 6.65
C GLN B 135 -5.03 -10.18 5.49
N ARG B 136 -4.37 -9.97 4.36
CA ARG B 136 -4.63 -10.80 3.18
C ARG B 136 -4.19 -12.22 3.42
N LEU B 137 -3.05 -12.39 4.09
CA LEU B 137 -2.52 -13.72 4.39
C LEU B 137 -3.43 -14.43 5.38
N LEU B 138 -3.97 -13.67 6.33
CA LEU B 138 -4.86 -14.24 7.34
C LEU B 138 -6.06 -14.90 6.69
N PHE B 139 -6.65 -14.22 5.70
CA PHE B 139 -7.80 -14.75 5.00
C PHE B 139 -7.40 -15.89 4.08
N HIS B 140 -6.24 -15.74 3.44
CA HIS B 140 -5.74 -16.77 2.54
C HIS B 140 -5.31 -18.01 3.32
N LEU B 141 -4.97 -17.82 4.59
CA LEU B 141 -4.55 -18.92 5.43
C LEU B 141 -5.68 -19.92 5.63
N ASP B 142 -6.88 -19.52 5.22
CA ASP B 142 -8.05 -20.39 5.36
C ASP B 142 -8.87 -20.38 4.07
N ASP B 143 -8.75 -21.47 3.29
CA ASP B 143 -9.48 -21.58 2.04
C ASP B 143 -10.98 -21.50 2.29
N ALA B 144 -11.36 -21.33 3.55
CA ALA B 144 -12.78 -21.24 3.91
C ALA B 144 -13.24 -19.80 3.92
N ASN B 145 -12.30 -18.87 3.68
CA ASN B 145 -12.63 -17.46 3.68
C ASN B 145 -11.90 -16.75 2.53
N GLN B 146 -12.65 -16.04 1.70
CA GLN B 146 -12.07 -15.32 0.58
C GLN B 146 -13.15 -14.60 -0.23
N GLY B 147 -13.17 -14.83 -1.53
CA GLY B 147 -14.16 -14.20 -2.39
C GLY B 147 -13.91 -12.70 -2.50
N PRO B 148 -14.41 -12.08 -3.53
CA PRO B 148 -14.25 -10.61 -3.76
C PRO B 148 -14.55 -9.80 -2.50
N ASN B 149 -15.23 -10.43 -1.55
CA ASN B 149 -15.57 -9.75 -0.29
C ASN B 149 -16.87 -8.96 -0.46
N ALA B 150 -17.17 -8.57 -1.69
CA ALA B 150 -18.38 -7.81 -1.96
C ALA B 150 -18.21 -6.97 -3.23
N TRP B 151 -18.78 -7.46 -4.33
CA TRP B 151 -18.69 -6.75 -5.60
C TRP B 151 -20.03 -6.14 -5.97
N PRO B 152 -20.32 -4.97 -5.44
CA PRO B 152 -21.60 -4.25 -5.71
C PRO B 152 -21.64 -3.68 -7.13
N GLU B 153 -22.68 -2.90 -7.42
CA GLU B 153 -22.84 -2.29 -8.73
C GLU B 153 -22.20 -0.90 -8.75
N ARG B 154 -22.44 -0.12 -7.70
CA ARG B 154 -21.90 1.22 -7.61
C ARG B 154 -21.92 1.71 -6.16
N PHE B 155 -20.83 2.38 -5.76
CA PHE B 155 -20.75 2.89 -4.39
C PHE B 155 -19.39 3.55 -4.16
N ILE B 156 -19.20 4.10 -2.96
CA ILE B 156 -17.95 4.76 -2.63
C ILE B 156 -17.36 4.16 -1.36
N LEU B 157 -16.03 4.20 -1.25
CA LEU B 157 -15.35 3.66 -0.08
C LEU B 157 -15.30 4.70 1.04
N VAL B 158 -15.60 4.27 2.26
CA VAL B 158 -15.58 5.18 3.40
C VAL B 158 -14.66 4.65 4.49
N ALA B 159 -13.43 5.15 4.52
CA ALA B 159 -12.45 4.72 5.51
C ALA B 159 -11.81 5.93 6.19
N ASP B 160 -11.37 5.74 7.43
CA ASP B 160 -10.74 6.83 8.18
C ASP B 160 -9.50 7.33 7.45
N GLU B 161 -8.85 6.44 6.71
CA GLU B 161 -7.66 6.81 5.97
C GLU B 161 -7.58 6.04 4.66
N LEU B 162 -7.27 6.75 3.57
CA LEU B 162 -7.17 6.14 2.26
C LEU B 162 -5.99 5.16 2.21
N SER B 163 -6.30 3.87 2.11
CA SER B 163 -5.25 2.85 2.05
C SER B 163 -5.20 2.21 0.67
N ALA B 164 -4.06 2.37 -0.01
CA ALA B 164 -3.88 1.80 -1.33
C ALA B 164 -4.21 0.31 -1.33
N THR B 165 -3.74 -0.39 -0.30
CA THR B 165 -3.97 -1.82 -0.18
C THR B 165 -5.48 -2.12 -0.18
N THR B 166 -6.23 -1.28 0.53
CA THR B 166 -7.67 -1.47 0.61
C THR B 166 -8.30 -1.42 -0.79
N LEU B 167 -7.95 -0.37 -1.53
CA LEU B 167 -8.50 -0.20 -2.88
C LEU B 167 -8.07 -1.37 -3.77
N ALA B 168 -6.84 -1.82 -3.59
CA ALA B 168 -6.33 -2.94 -4.38
C ALA B 168 -7.08 -4.22 -4.06
N GLU B 169 -8.09 -4.11 -3.20
CA GLU B 169 -8.89 -5.27 -2.81
C GLU B 169 -10.24 -5.22 -3.50
N LEU B 170 -10.77 -4.02 -3.69
CA LEU B 170 -12.07 -3.86 -4.34
C LEU B 170 -11.89 -3.40 -5.78
N PRO B 171 -12.81 -3.76 -6.64
CA PRO B 171 -12.77 -3.39 -8.08
C PRO B 171 -13.10 -1.92 -8.30
N GLN B 172 -12.25 -1.24 -9.07
CA GLN B 172 -12.46 0.18 -9.36
C GLN B 172 -13.73 0.37 -10.18
N ASP B 173 -14.01 -0.57 -11.06
CA ASP B 173 -15.20 -0.49 -11.90
C ASP B 173 -16.43 -0.15 -11.07
N ARG B 174 -16.54 -0.80 -9.91
CA ARG B 174 -17.67 -0.56 -9.03
C ARG B 174 -17.35 0.54 -8.02
N LEU B 175 -16.08 0.96 -8.00
CA LEU B 175 -15.65 2.01 -7.09
C LEU B 175 -15.35 3.30 -7.84
N VAL B 176 -16.06 4.35 -7.51
CA VAL B 176 -15.85 5.65 -8.17
C VAL B 176 -15.00 6.57 -7.29
N GLY B 177 -15.56 6.96 -6.14
CA GLY B 177 -14.83 7.85 -5.23
C GLY B 177 -14.83 7.27 -3.82
N VAL B 178 -14.28 8.04 -2.88
CA VAL B 178 -14.22 7.60 -1.49
C VAL B 178 -13.91 8.78 -0.57
N VAL B 179 -14.56 8.79 0.59
CA VAL B 179 -14.33 9.87 1.55
C VAL B 179 -13.64 9.33 2.81
N VAL B 180 -12.51 9.93 3.16
CA VAL B 180 -11.77 9.50 4.34
C VAL B 180 -11.82 10.57 5.42
N ARG B 181 -11.53 10.17 6.65
CA ARG B 181 -11.55 11.10 7.78
C ARG B 181 -10.14 11.57 8.12
N ASP B 182 -9.17 11.11 7.35
CA ASP B 182 -7.78 11.47 7.57
C ASP B 182 -6.97 11.34 6.29
N GLY B 183 -6.34 10.20 6.10
CA GLY B 183 -5.53 9.96 4.91
C GLY B 183 -5.19 11.27 4.22
N ALA B 184 -4.68 12.23 4.99
CA ALA B 184 -4.31 13.53 4.44
C ALA B 184 -2.86 13.52 3.96
N ALA B 185 -2.47 14.56 3.24
CA ALA B 185 -1.11 14.66 2.73
C ALA B 185 -0.99 13.98 1.38
N ASN B 186 0.21 13.53 1.05
CA ASN B 186 0.45 12.84 -0.22
C ASN B 186 0.67 11.35 0.01
N SER B 187 -0.21 10.74 0.79
CA SER B 187 -0.09 9.31 1.08
C SER B 187 -0.03 8.52 -0.21
N GLN B 188 0.66 7.37 -0.16
CA GLN B 188 0.79 6.52 -1.34
C GLN B 188 -0.58 6.30 -1.99
N ALA B 189 -1.61 6.19 -1.17
CA ALA B 189 -2.96 5.97 -1.68
C ALA B 189 -3.60 7.30 -2.06
N ALA B 190 -3.09 8.38 -1.51
CA ALA B 190 -3.62 9.71 -1.80
C ALA B 190 -3.00 10.27 -3.08
N ILE B 191 -1.76 9.86 -3.37
CA ILE B 191 -1.07 10.32 -4.56
C ILE B 191 -1.46 9.47 -5.77
N MET B 192 -1.75 8.20 -5.52
CA MET B 192 -2.13 7.29 -6.59
C MET B 192 -3.56 7.56 -7.04
N VAL B 193 -4.45 7.79 -6.09
CA VAL B 193 -5.85 8.06 -6.40
C VAL B 193 -5.98 9.40 -7.11
N ARG B 194 -5.25 10.40 -6.64
CA ARG B 194 -5.29 11.73 -7.24
C ARG B 194 -4.87 11.66 -8.70
N ALA B 195 -3.75 10.98 -8.96
CA ALA B 195 -3.24 10.85 -10.32
C ALA B 195 -4.20 10.02 -11.17
N LEU B 196 -4.98 9.17 -10.51
CA LEU B 196 -5.94 8.32 -11.21
C LEU B 196 -7.08 9.16 -11.78
N GLY B 197 -7.39 10.25 -11.10
CA GLY B 197 -8.47 11.13 -11.54
C GLY B 197 -9.80 10.71 -10.93
N ILE B 198 -9.73 10.11 -9.74
CA ILE B 198 -10.93 9.67 -9.05
C ILE B 198 -11.26 10.59 -7.88
N PRO B 199 -12.46 11.10 -7.85
CA PRO B 199 -12.92 12.03 -6.76
C PRO B 199 -12.56 11.50 -5.37
N THR B 200 -11.98 12.37 -4.54
CA THR B 200 -11.60 11.97 -3.20
C THR B 200 -11.68 13.17 -2.25
N VAL B 201 -12.14 12.93 -1.03
CA VAL B 201 -12.25 14.00 -0.04
C VAL B 201 -11.80 13.51 1.33
N MET B 202 -11.29 14.44 2.14
CA MET B 202 -10.82 14.09 3.47
C MET B 202 -11.29 15.12 4.49
N GLY B 203 -11.11 14.80 5.77
CA GLY B 203 -11.53 15.71 6.84
C GLY B 203 -12.92 15.36 7.34
N ALA B 204 -13.52 14.33 6.74
CA ALA B 204 -14.86 13.90 7.14
C ALA B 204 -14.88 13.49 8.60
N ASP B 205 -15.62 14.24 9.42
CA ASP B 205 -15.70 13.94 10.85
C ASP B 205 -16.99 13.18 11.15
N ILE B 206 -17.29 12.19 10.31
CA ILE B 206 -18.50 11.39 10.50
C ILE B 206 -18.15 9.90 10.55
N GLN B 207 -18.93 9.14 11.31
CA GLN B 207 -18.70 7.72 11.44
C GLN B 207 -19.44 6.94 10.36
N PRO B 208 -18.88 5.85 9.91
CA PRO B 208 -19.50 5.00 8.84
C PRO B 208 -20.71 4.23 9.36
N SER B 209 -20.87 4.21 10.67
CA SER B 209 -22.00 3.49 11.28
C SER B 209 -23.32 3.99 10.70
N VAL B 210 -23.45 5.32 10.59
CA VAL B 210 -24.67 5.91 10.05
C VAL B 210 -24.56 6.08 8.54
N LEU B 211 -23.69 5.28 7.92
CA LEU B 211 -23.50 5.36 6.48
C LEU B 211 -23.91 4.05 5.82
N HIS B 212 -23.75 2.95 6.54
CA HIS B 212 -24.11 1.64 6.00
C HIS B 212 -24.27 1.70 4.49
N ARG B 213 -25.45 2.09 4.04
CA ARG B 213 -25.72 2.19 2.61
C ARG B 213 -26.50 3.47 2.29
N ARG B 214 -26.41 4.44 3.19
CA ARG B 214 -27.10 5.71 3.00
C ARG B 214 -26.59 6.42 1.75
N THR B 215 -27.31 7.45 1.32
CA THR B 215 -26.91 8.20 0.14
C THR B 215 -25.94 9.32 0.51
N LEU B 216 -24.81 9.36 -0.18
CA LEU B 216 -23.80 10.38 0.08
C LEU B 216 -23.27 10.96 -1.22
N ILE B 217 -23.45 12.27 -1.40
CA ILE B 217 -22.98 12.93 -2.62
C ILE B 217 -21.65 13.64 -2.36
N VAL B 218 -20.60 13.15 -3.01
CA VAL B 218 -19.27 13.74 -2.85
C VAL B 218 -18.98 14.71 -3.99
N ASP B 219 -18.47 15.89 -3.64
CA ASP B 219 -18.15 16.89 -4.64
C ASP B 219 -16.69 17.33 -4.52
N GLY B 220 -15.81 16.61 -5.19
CA GLY B 220 -14.38 16.93 -5.14
C GLY B 220 -14.14 18.39 -5.47
N TYR B 221 -14.83 18.89 -6.50
CA TYR B 221 -14.68 20.28 -6.90
C TYR B 221 -14.81 21.20 -5.70
N ARG B 222 -15.89 21.04 -4.95
CA ARG B 222 -16.12 21.87 -3.77
C ARG B 222 -15.81 21.09 -2.50
N GLY B 223 -15.26 19.89 -2.67
CA GLY B 223 -14.91 19.06 -1.53
C GLY B 223 -16.00 19.13 -0.45
N GLU B 224 -17.25 18.98 -0.88
CA GLU B 224 -18.37 19.02 0.05
C GLU B 224 -19.07 17.67 0.12
N LEU B 225 -19.70 17.39 1.25
CA LEU B 225 -20.41 16.12 1.43
C LEU B 225 -21.85 16.37 1.88
N LEU B 226 -22.79 16.10 0.99
CA LEU B 226 -24.20 16.29 1.30
C LEU B 226 -24.82 15.00 1.82
N VAL B 227 -25.91 15.14 2.58
CA VAL B 227 -26.58 13.98 3.13
C VAL B 227 -28.08 14.04 2.84
N ASP B 228 -28.54 13.13 1.99
CA ASP B 228 -29.96 13.10 1.62
C ASP B 228 -30.60 14.46 1.83
N PRO B 229 -30.04 15.47 1.24
CA PRO B 229 -30.56 16.87 1.35
C PRO B 229 -31.86 17.06 0.57
N GLU B 230 -32.60 18.12 0.93
CA GLU B 230 -33.87 18.40 0.25
C GLU B 230 -33.72 18.23 -1.25
N PRO B 231 -34.41 17.28 -1.82
CA PRO B 231 -34.37 17.01 -3.28
C PRO B 231 -34.52 18.29 -4.10
N VAL B 232 -35.21 19.28 -3.55
CA VAL B 232 -35.41 20.54 -4.24
C VAL B 232 -34.08 21.24 -4.47
N LEU B 233 -33.27 21.32 -3.42
CA LEU B 233 -31.96 21.97 -3.53
C LEU B 233 -31.12 21.30 -4.60
N LEU B 234 -31.10 19.97 -4.60
CA LEU B 234 -30.32 19.23 -5.58
C LEU B 234 -30.80 19.55 -7.00
N GLN B 235 -32.11 19.76 -7.15
CA GLN B 235 -32.68 20.08 -8.45
C GLN B 235 -32.05 21.34 -9.02
N GLU B 236 -31.99 22.38 -8.20
CA GLU B 236 -31.42 23.65 -8.63
C GLU B 236 -29.95 23.48 -8.98
N TYR B 237 -29.26 22.62 -8.22
CA TYR B 237 -27.84 22.37 -8.47
C TYR B 237 -27.60 22.04 -9.94
N GLN B 238 -28.39 21.11 -10.46
CA GLN B 238 -28.25 20.71 -11.85
C GLN B 238 -28.44 21.90 -12.78
N ARG B 239 -29.37 22.78 -12.42
CA ARG B 239 -29.63 23.97 -13.24
C ARG B 239 -28.55 25.02 -13.02
N LEU B 240 -27.91 24.98 -11.85
CA LEU B 240 -26.85 25.93 -11.54
C LEU B 240 -25.66 25.73 -12.47
N ILE B 241 -25.24 24.48 -12.64
CA ILE B 241 -24.10 24.17 -13.51
C ILE B 241 -24.47 24.39 -14.96
N SER B 242 -25.69 23.99 -15.33
CA SER B 242 -26.16 24.15 -16.70
C SER B 242 -26.24 25.62 -17.07
N GLU B 243 -26.21 26.48 -16.06
CA GLU B 243 -26.29 27.92 -16.30
C GLU B 243 -25.29 28.34 -17.38
N GLU B 244 -24.02 28.30 -17.05
CA GLU B 244 -22.98 28.68 -18.00
C GLU B 244 -21.59 28.48 -17.39
N ILE B 245 -21.31 29.23 -16.32
CA ILE B 245 -20.02 29.13 -15.65
C ILE B 245 -19.96 27.87 -14.80
N GLU B 246 -20.06 26.72 -15.44
CA GLU B 246 -20.01 25.44 -14.73
C GLU B 246 -18.57 25.06 -14.42
N LEU B 247 -17.69 26.06 -14.38
CA LEU B 247 -16.29 25.81 -14.08
C LEU B 247 -15.92 26.32 -12.69
N SER B 248 -15.45 27.56 -12.63
CA SER B 248 -15.07 28.15 -11.35
C SER B 248 -15.83 27.49 -10.21
N ARG B 249 -16.63 28.27 -9.50
CA ARG B 249 -17.41 27.74 -8.38
C ARG B 249 -18.86 28.21 -8.46
N LEU B 250 -19.22 28.79 -9.60
CA LEU B 250 -20.58 29.29 -9.79
C LEU B 250 -20.95 30.28 -8.69
N ALA B 251 -21.59 31.38 -9.09
CA ALA B 251 -22.00 32.40 -8.13
C ALA B 251 -22.86 31.79 -7.03
N GLU B 252 -22.27 31.63 -5.85
CA GLU B 252 -23.00 31.07 -4.71
C GLU B 252 -22.74 31.87 -3.44
N ASP B 253 -23.26 31.38 -2.32
CA ASP B 253 -23.08 32.07 -1.05
C ASP B 253 -21.60 32.10 -0.67
N ASP B 254 -21.32 31.89 0.61
CA ASP B 254 -19.95 31.90 1.11
C ASP B 254 -19.27 33.22 0.76
N VAL B 255 -18.79 33.91 1.79
CA VAL B 255 -18.12 35.20 1.59
C VAL B 255 -18.73 35.94 0.42
N ASN B 256 -20.06 35.86 0.29
CA ASN B 256 -20.75 36.54 -0.79
C ASN B 256 -19.94 36.46 -2.08
N MET A 1 37.25 -11.84 -7.82
CA MET A 1 37.01 -11.28 -6.46
C MET A 1 35.74 -10.43 -6.49
N THR A 2 35.44 -9.80 -5.35
CA THR A 2 34.26 -8.96 -5.27
C THR A 2 34.56 -7.56 -5.80
N VAL A 3 33.51 -6.84 -6.19
CA VAL A 3 33.67 -5.49 -6.71
C VAL A 3 32.68 -4.53 -6.05
N LYS A 4 33.21 -3.53 -5.35
CA LYS A 4 32.35 -2.55 -4.68
C LYS A 4 32.71 -1.14 -5.11
N GLN A 5 31.91 -0.18 -4.68
CA GLN A 5 32.15 1.22 -5.02
C GLN A 5 31.40 2.15 -4.06
N THR A 6 32.09 3.16 -3.57
CA THR A 6 31.48 4.11 -2.65
C THR A 6 30.64 5.13 -3.41
N VAL A 7 29.40 5.32 -2.98
CA VAL A 7 28.50 6.27 -3.62
C VAL A 7 27.85 7.18 -2.59
N GLU A 8 28.00 8.49 -2.79
CA GLU A 8 27.42 9.46 -1.87
C GLU A 8 25.94 9.67 -2.17
N ILE A 9 25.10 9.50 -1.16
CA ILE A 9 23.67 9.69 -1.33
C ILE A 9 23.28 11.13 -1.07
N THR A 10 23.00 11.87 -2.15
CA THR A 10 22.61 13.26 -2.03
C THR A 10 21.12 13.39 -1.72
N ASN A 11 20.70 12.80 -0.61
CA ASN A 11 19.30 12.85 -0.22
C ASN A 11 18.42 12.17 -1.26
N LYS A 12 19.03 11.30 -2.06
CA LYS A 12 18.30 10.58 -3.10
C LYS A 12 19.09 9.35 -3.56
N LEU A 13 18.67 8.18 -3.10
CA LEU A 13 19.34 6.94 -3.47
C LEU A 13 19.17 6.68 -4.97
N GLY A 14 18.36 7.49 -5.63
CA GLY A 14 18.12 7.33 -7.06
C GLY A 14 16.63 7.20 -7.35
N MET A 15 15.83 8.07 -6.73
CA MET A 15 14.39 8.04 -6.94
C MET A 15 13.78 6.81 -6.26
N HIS A 16 13.75 6.84 -4.92
CA HIS A 16 13.19 5.72 -4.17
C HIS A 16 11.94 5.18 -4.85
N ALA A 17 11.70 3.88 -4.71
CA ALA A 17 10.53 3.25 -5.32
C ALA A 17 10.84 2.83 -6.74
N ARG A 18 12.09 2.44 -6.99
CA ARG A 18 12.50 2.01 -8.32
C ARG A 18 13.86 1.33 -8.28
N PRO A 19 14.89 2.09 -8.00
CA PRO A 19 16.29 1.57 -7.92
C PRO A 19 16.38 0.32 -7.04
N ALA A 20 15.89 0.44 -5.81
CA ALA A 20 15.93 -0.68 -4.88
C ALA A 20 15.10 -1.85 -5.41
N MET A 21 13.91 -1.55 -5.91
CA MET A 21 13.03 -2.57 -6.44
C MET A 21 13.63 -3.19 -7.70
N LYS A 22 14.19 -2.35 -8.57
CA LYS A 22 14.78 -2.82 -9.81
C LYS A 22 15.95 -3.76 -9.52
N LEU A 23 16.71 -3.44 -8.47
CA LEU A 23 17.86 -4.26 -8.09
C LEU A 23 17.46 -5.74 -8.01
N PHE A 24 16.32 -6.00 -7.38
CA PHE A 24 15.84 -7.38 -7.23
C PHE A 24 15.69 -8.04 -8.59
N GLU A 25 15.23 -7.27 -9.57
CA GLU A 25 15.04 -7.80 -10.93
C GLU A 25 16.39 -7.98 -11.62
N LEU A 26 17.33 -7.09 -11.34
CA LEU A 26 18.65 -7.17 -11.95
C LEU A 26 19.41 -8.40 -11.44
N MET A 27 19.29 -8.65 -10.14
CA MET A 27 19.97 -9.79 -9.54
C MET A 27 19.55 -11.09 -10.23
N GLN A 28 18.34 -11.11 -10.76
CA GLN A 28 17.83 -12.30 -11.45
C GLN A 28 18.25 -12.29 -12.90
N GLY A 29 18.41 -11.11 -13.47
CA GLY A 29 18.81 -10.98 -14.87
C GLY A 29 20.32 -11.04 -15.02
N PHE A 30 21.03 -10.70 -13.94
CA PHE A 30 22.49 -10.71 -13.96
C PHE A 30 23.02 -11.67 -12.90
N ASP A 31 24.03 -12.44 -13.27
CA ASP A 31 24.63 -13.40 -12.35
C ASP A 31 25.59 -12.69 -11.40
N ALA A 32 25.21 -12.60 -10.13
CA ALA A 32 26.04 -11.94 -9.13
C ALA A 32 25.20 -11.46 -7.96
N GLU A 33 25.79 -11.46 -6.77
CA GLU A 33 25.08 -11.02 -5.57
C GLU A 33 25.43 -9.57 -5.25
N VAL A 34 24.40 -8.74 -5.08
CA VAL A 34 24.60 -7.33 -4.75
C VAL A 34 24.27 -7.07 -3.29
N LEU A 35 25.16 -6.35 -2.61
CA LEU A 35 24.94 -6.02 -1.21
C LEU A 35 25.24 -4.55 -0.94
N LEU A 36 24.39 -3.92 -0.13
CA LEU A 36 24.57 -2.51 0.20
C LEU A 36 25.07 -2.35 1.63
N ARG A 37 25.81 -1.28 1.87
CA ARG A 37 26.34 -1.03 3.20
C ARG A 37 26.45 0.47 3.48
N ASN A 38 25.99 0.89 4.64
CA ASN A 38 26.02 2.30 5.01
C ASN A 38 27.31 2.61 5.76
N ASP A 39 27.72 3.88 5.72
CA ASP A 39 28.94 4.30 6.40
C ASP A 39 28.91 3.88 7.86
N GLU A 40 27.71 3.78 8.42
CA GLU A 40 27.56 3.38 9.82
C GLU A 40 27.99 1.93 10.01
N GLY A 41 28.19 1.23 8.90
CA GLY A 41 28.60 -0.16 8.96
C GLY A 41 27.40 -1.10 8.92
N THR A 42 26.23 -0.54 8.61
CA THR A 42 25.01 -1.33 8.55
C THR A 42 24.87 -2.00 7.18
N GLU A 43 24.87 -3.32 7.17
CA GLU A 43 24.75 -4.08 5.93
C GLU A 43 23.30 -4.10 5.45
N ALA A 44 23.00 -3.28 4.46
CA ALA A 44 21.64 -3.21 3.91
C ALA A 44 21.47 -4.23 2.80
N GLU A 45 21.54 -5.51 3.14
CA GLU A 45 21.39 -6.57 2.16
C GLU A 45 20.26 -6.24 1.18
N ALA A 46 20.60 -6.16 -0.10
CA ALA A 46 19.61 -5.85 -1.13
C ALA A 46 18.54 -6.93 -1.18
N ASN A 47 18.77 -8.02 -0.46
CA ASN A 47 17.81 -9.12 -0.43
C ASN A 47 16.97 -9.07 0.83
N SER A 48 16.79 -7.87 1.37
CA SER A 48 16.00 -7.70 2.58
C SER A 48 15.26 -6.36 2.55
N VAL A 49 13.94 -6.42 2.69
CA VAL A 49 13.13 -5.21 2.67
C VAL A 49 13.48 -4.31 3.86
N ILE A 50 13.80 -4.93 4.99
CA ILE A 50 14.16 -4.17 6.19
C ILE A 50 15.40 -3.33 5.94
N ALA A 51 16.34 -3.87 5.17
CA ALA A 51 17.57 -3.15 4.86
C ALA A 51 17.28 -1.92 4.01
N LEU A 52 16.39 -2.08 3.03
CA LEU A 52 16.04 -0.97 2.15
C LEU A 52 15.48 0.19 2.96
N LEU A 53 14.69 -0.13 3.98
CA LEU A 53 14.09 0.89 4.83
C LEU A 53 15.18 1.66 5.59
N MET A 54 16.22 0.95 6.00
CA MET A 54 17.31 1.56 6.74
C MET A 54 18.10 2.51 5.84
N LEU A 55 18.25 2.13 4.57
CA LEU A 55 18.97 2.97 3.62
C LEU A 55 18.27 4.31 3.42
N ASP A 56 16.95 4.28 3.47
CA ASP A 56 16.16 5.50 3.30
C ASP A 56 16.63 6.58 4.27
N SER A 57 17.05 6.16 5.46
CA SER A 57 17.52 7.10 6.47
C SER A 57 18.93 7.57 6.14
N ALA A 58 19.53 6.97 5.12
CA ALA A 58 20.89 7.33 4.73
C ALA A 58 20.86 8.56 3.82
N LYS A 59 19.86 9.42 4.01
CA LYS A 59 19.73 10.63 3.21
C LYS A 59 20.85 11.61 3.55
N GLY A 60 21.90 11.61 2.74
CA GLY A 60 23.02 12.49 2.96
C GLY A 60 24.22 11.74 3.52
N ARG A 61 24.08 10.42 3.62
CA ARG A 61 25.16 9.59 4.15
C ARG A 61 25.85 8.83 3.01
N GLN A 62 27.04 8.28 3.31
CA GLN A 62 27.78 7.54 2.31
C GLN A 62 27.56 6.04 2.47
N ILE A 63 27.48 5.33 1.36
CA ILE A 63 27.27 3.89 1.39
C ILE A 63 28.30 3.17 0.52
N GLU A 64 28.45 1.87 0.73
CA GLU A 64 29.40 1.08 -0.03
C GLU A 64 28.71 -0.11 -0.68
N VAL A 65 28.41 0.01 -1.97
CA VAL A 65 27.74 -1.06 -2.70
C VAL A 65 28.75 -2.13 -3.12
N GLU A 66 28.43 -3.38 -2.83
CA GLU A 66 29.31 -4.50 -3.17
C GLU A 66 28.58 -5.50 -4.06
N ALA A 67 29.30 -6.01 -5.06
CA ALA A 67 28.71 -6.98 -5.98
C ALA A 67 29.71 -8.09 -6.30
N THR A 68 29.26 -9.33 -6.18
CA THR A 68 30.13 -10.48 -6.47
C THR A 68 29.53 -11.34 -7.57
N GLY A 69 30.39 -11.84 -8.45
CA GLY A 69 29.94 -12.69 -9.55
C GLY A 69 30.58 -12.26 -10.87
N PRO A 70 30.21 -12.89 -11.94
CA PRO A 70 30.75 -12.57 -13.30
C PRO A 70 30.20 -11.25 -13.84
N GLN A 71 28.94 -10.97 -13.55
CA GLN A 71 28.31 -9.74 -14.02
C GLN A 71 28.32 -8.69 -12.92
N GLU A 72 28.93 -9.02 -11.79
CA GLU A 72 29.00 -8.10 -10.66
C GLU A 72 29.15 -6.66 -11.16
N GLU A 73 30.00 -6.48 -12.16
CA GLU A 73 30.23 -5.15 -12.71
C GLU A 73 28.92 -4.55 -13.22
N GLU A 74 28.18 -5.33 -14.02
CA GLU A 74 26.92 -4.87 -14.56
C GLU A 74 25.96 -4.50 -13.43
N ALA A 75 25.79 -5.40 -12.48
CA ALA A 75 24.89 -5.15 -11.35
C ALA A 75 25.30 -3.89 -10.61
N LEU A 76 26.59 -3.78 -10.30
CA LEU A 76 27.10 -2.60 -9.59
C LEU A 76 26.96 -1.36 -10.45
N ALA A 77 27.30 -1.49 -11.73
CA ALA A 77 27.20 -0.36 -12.66
C ALA A 77 25.76 0.10 -12.78
N ALA A 78 24.84 -0.86 -12.89
CA ALA A 78 23.42 -0.54 -13.02
C ALA A 78 22.94 0.23 -11.80
N VAL A 79 23.34 -0.22 -10.61
CA VAL A 79 22.93 0.44 -9.38
C VAL A 79 23.54 1.84 -9.29
N ILE A 80 24.81 1.95 -9.66
CA ILE A 80 25.49 3.24 -9.61
C ILE A 80 24.85 4.22 -10.61
N ALA A 81 24.53 3.72 -11.79
CA ALA A 81 23.91 4.55 -12.82
C ALA A 81 22.55 5.06 -12.36
N LEU A 82 21.83 4.21 -11.61
CA LEU A 82 20.51 4.58 -11.11
C LEU A 82 20.63 5.59 -9.97
N PHE A 83 21.66 5.41 -9.15
CA PHE A 83 21.89 6.32 -8.02
C PHE A 83 22.34 7.69 -8.52
N ASN A 84 23.08 7.70 -9.63
CA ASN A 84 23.57 8.95 -10.19
C ASN A 84 22.49 9.63 -11.03
N SER A 85 21.36 8.95 -11.18
CA SER A 85 20.26 9.49 -11.97
C SER A 85 20.53 9.36 -13.46
N ARG B 2 -24.52 19.46 5.76
CA ARG B 2 -23.37 19.47 4.82
C ARG B 2 -22.07 19.62 5.60
N ILE B 3 -21.01 18.98 5.12
CA ILE B 3 -19.72 19.05 5.78
C ILE B 3 -18.64 19.52 4.80
N ARG B 4 -17.77 20.41 5.27
CA ARG B 4 -16.70 20.93 4.42
C ARG B 4 -15.47 20.03 4.51
N ALA B 5 -15.16 19.35 3.41
CA ALA B 5 -14.01 18.46 3.36
C ALA B 5 -12.97 18.97 2.37
N LEU B 6 -11.72 18.55 2.56
CA LEU B 6 -10.65 18.97 1.67
C LEU B 6 -10.69 18.19 0.36
N PRO B 7 -10.90 18.86 -0.73
CA PRO B 7 -10.97 18.23 -2.07
C PRO B 7 -9.60 17.76 -2.56
N ALA B 8 -9.42 16.45 -2.66
CA ALA B 8 -8.16 15.89 -3.11
C ALA B 8 -8.14 15.74 -4.62
N ALA B 9 -9.33 15.48 -5.19
CA ALA B 9 -9.44 15.31 -6.64
C ALA B 9 -10.76 15.88 -7.14
N PRO B 10 -10.71 17.04 -7.75
CA PRO B 10 -11.93 17.73 -8.28
C PRO B 10 -12.80 16.77 -9.09
N GLY B 11 -14.12 16.89 -8.92
CA GLY B 11 -15.05 16.05 -9.63
C GLY B 11 -16.23 15.65 -8.73
N VAL B 12 -17.29 15.15 -9.35
CA VAL B 12 -18.47 14.72 -8.60
C VAL B 12 -18.62 13.21 -8.62
N ALA B 13 -19.25 12.66 -7.60
CA ALA B 13 -19.45 11.22 -7.51
C ALA B 13 -20.66 10.90 -6.64
N ILE B 14 -21.56 10.06 -7.17
CA ILE B 14 -22.75 9.68 -6.42
C ILE B 14 -22.84 8.16 -6.28
N ALA B 15 -22.89 7.69 -5.04
CA ALA B 15 -22.97 6.25 -4.78
C ALA B 15 -23.14 5.98 -3.30
N GLU B 16 -23.35 4.72 -2.95
CA GLU B 16 -23.53 4.34 -1.56
C GLU B 16 -22.19 4.16 -0.87
N GLY B 17 -22.15 4.42 0.44
CA GLY B 17 -20.91 4.28 1.20
C GLY B 17 -20.63 2.82 1.51
N TRP B 18 -19.36 2.44 1.45
CA TRP B 18 -18.96 1.06 1.73
C TRP B 18 -17.60 1.03 2.44
N GLN B 19 -17.59 0.47 3.64
CA GLN B 19 -16.35 0.38 4.41
C GLN B 19 -15.98 -1.08 4.66
N ASP B 20 -14.69 -1.38 4.60
CA ASP B 20 -14.22 -2.74 4.84
C ASP B 20 -14.55 -3.20 6.25
N ALA B 21 -15.82 -3.49 6.49
CA ALA B 21 -16.27 -3.94 7.80
C ALA B 21 -16.59 -5.43 7.78
N THR B 22 -15.56 -6.25 7.57
CA THR B 22 -15.75 -7.70 7.53
C THR B 22 -15.54 -8.30 8.91
N LEU B 23 -15.72 -9.61 9.01
CA LEU B 23 -15.56 -10.30 10.28
C LEU B 23 -14.12 -10.17 10.79
N PRO B 24 -13.96 -9.81 12.03
CA PRO B 24 -12.61 -9.65 12.65
C PRO B 24 -11.93 -10.98 12.91
N LEU B 25 -11.47 -11.62 11.84
CA LEU B 25 -10.79 -12.91 11.97
C LEU B 25 -9.60 -12.80 12.90
N MET B 26 -9.04 -11.59 13.02
CA MET B 26 -7.90 -11.37 13.88
C MET B 26 -8.28 -11.57 15.34
N GLU B 27 -9.49 -11.16 15.71
CA GLU B 27 -9.96 -11.31 17.07
C GLU B 27 -10.43 -12.74 17.32
N GLN B 28 -10.39 -13.57 16.28
CA GLN B 28 -10.82 -14.95 16.40
C GLN B 28 -9.61 -15.88 16.49
N VAL B 29 -8.41 -15.29 16.51
CA VAL B 29 -7.19 -16.08 16.60
C VAL B 29 -6.85 -16.37 18.05
N TYR B 30 -6.03 -17.40 18.26
CA TYR B 30 -5.63 -17.78 19.61
C TYR B 30 -4.25 -18.42 19.60
N GLN B 31 -3.66 -18.58 20.78
CA GLN B 31 -2.34 -19.18 20.89
C GLN B 31 -2.45 -20.67 21.20
N ALA B 32 -1.50 -21.46 20.70
CA ALA B 32 -1.50 -22.90 20.92
C ALA B 32 -0.10 -23.45 20.78
N SER B 33 0.19 -24.51 21.54
CA SER B 33 1.51 -25.14 21.50
C SER B 33 1.39 -26.59 21.03
N THR B 34 1.55 -26.80 19.73
CA THR B 34 1.47 -28.15 19.18
C THR B 34 2.33 -28.27 17.92
N LEU B 35 3.48 -28.90 18.07
CA LEU B 35 4.40 -29.08 16.94
C LEU B 35 3.62 -29.49 15.69
N ASP B 36 3.66 -28.64 14.67
CA ASP B 36 2.95 -28.93 13.42
C ASP B 36 3.66 -28.26 12.25
N PRO B 37 4.96 -28.36 12.20
CA PRO B 37 5.77 -27.75 11.11
C PRO B 37 5.21 -28.06 9.73
N ALA B 38 4.90 -29.33 9.49
CA ALA B 38 4.35 -29.75 8.21
C ALA B 38 3.13 -28.91 7.86
N LEU B 39 2.14 -28.91 8.75
CA LEU B 39 0.92 -28.14 8.53
C LEU B 39 1.22 -26.65 8.51
N GLU B 40 2.04 -26.20 9.47
CA GLU B 40 2.40 -24.80 9.55
C GLU B 40 3.13 -24.36 8.28
N ARG B 41 4.20 -25.08 7.94
CA ARG B 41 4.99 -24.75 6.76
C ARG B 41 4.08 -24.69 5.53
N GLU B 42 3.25 -25.70 5.36
CA GLU B 42 2.34 -25.75 4.22
C GLU B 42 1.32 -24.60 4.30
N ARG B 43 0.91 -24.27 5.51
CA ARG B 43 -0.05 -23.19 5.72
C ARG B 43 0.43 -21.91 5.05
N LEU B 44 1.70 -21.57 5.28
CA LEU B 44 2.28 -20.37 4.70
C LEU B 44 2.43 -20.52 3.19
N THR B 45 3.04 -21.63 2.77
CA THR B 45 3.24 -21.90 1.35
C THR B 45 1.91 -21.85 0.61
N GLY B 46 0.94 -22.61 1.09
CA GLY B 46 -0.37 -22.66 0.46
C GLY B 46 -1.04 -21.28 0.49
N ALA B 47 -0.82 -20.55 1.58
CA ALA B 47 -1.40 -19.22 1.73
C ALA B 47 -0.67 -18.22 0.85
N LEU B 48 0.66 -18.33 0.81
CA LEU B 48 1.46 -17.42 0.00
C LEU B 48 1.04 -17.49 -1.47
N GLU B 49 0.94 -18.69 -2.00
CA GLU B 49 0.55 -18.89 -3.39
C GLU B 49 -0.79 -18.21 -3.66
N GLU B 50 -1.66 -18.21 -2.65
CA GLU B 50 -2.98 -17.59 -2.79
C GLU B 50 -2.89 -16.09 -2.53
N ALA B 51 -1.88 -15.69 -1.75
CA ALA B 51 -1.70 -14.28 -1.44
C ALA B 51 -0.75 -13.62 -2.43
N ALA B 52 0.47 -14.14 -2.50
CA ALA B 52 1.47 -13.60 -3.41
C ALA B 52 0.94 -13.60 -4.85
N ASN B 53 0.43 -14.75 -5.29
CA ASN B 53 -0.11 -14.86 -6.63
C ASN B 53 -1.36 -13.99 -6.79
N GLU B 54 -2.12 -13.87 -5.71
CA GLU B 54 -3.35 -13.06 -5.74
C GLU B 54 -3.00 -11.59 -5.80
N PHE B 55 -1.91 -11.20 -5.12
CA PHE B 55 -1.48 -9.82 -5.10
C PHE B 55 -0.78 -9.46 -6.40
N ARG B 56 0.04 -10.37 -6.90
CA ARG B 56 0.77 -10.14 -8.14
C ARG B 56 -0.20 -9.97 -9.30
N ARG B 57 -1.25 -10.79 -9.32
CA ARG B 57 -2.25 -10.72 -10.38
C ARG B 57 -3.12 -9.48 -10.21
N TYR B 58 -3.35 -9.08 -8.97
CA TYR B 58 -4.16 -7.90 -8.69
C TYR B 58 -3.51 -6.65 -9.28
N SER B 59 -2.23 -6.45 -8.96
CA SER B 59 -1.51 -5.29 -9.48
C SER B 59 -1.38 -5.37 -10.99
N LYS B 60 -1.18 -6.58 -11.50
CA LYS B 60 -1.04 -6.78 -12.93
C LYS B 60 -2.22 -6.15 -13.68
N ARG B 61 -3.40 -6.24 -13.09
CA ARG B 61 -4.59 -5.67 -13.69
C ARG B 61 -4.64 -4.16 -13.49
N PHE B 62 -4.37 -3.73 -12.26
CA PHE B 62 -4.38 -2.30 -11.95
C PHE B 62 -3.50 -1.54 -12.93
N ALA B 63 -2.28 -2.02 -13.12
CA ALA B 63 -1.35 -1.36 -14.03
C ALA B 63 -2.05 -1.00 -15.35
N ALA B 64 -2.92 -1.90 -15.81
CA ALA B 64 -3.65 -1.67 -17.04
C ALA B 64 -4.33 -0.30 -17.03
N GLY B 65 -4.53 0.24 -15.82
CA GLY B 65 -5.17 1.54 -15.67
C GLY B 65 -4.55 2.32 -14.52
N ALA B 66 -4.70 1.79 -13.31
CA ALA B 66 -4.14 2.45 -12.14
C ALA B 66 -2.83 3.16 -12.47
N GLN B 67 -2.33 3.94 -11.52
CA GLN B 67 -1.08 4.66 -11.74
C GLN B 67 0.12 3.76 -11.48
N LYS B 68 1.31 4.23 -11.85
CA LYS B 68 2.52 3.45 -11.65
C LYS B 68 2.74 3.16 -10.17
N GLU B 69 2.23 4.05 -9.33
CA GLU B 69 2.37 3.87 -7.88
C GLU B 69 1.94 2.47 -7.46
N THR B 70 0.73 2.09 -7.87
CA THR B 70 0.21 0.77 -7.53
C THR B 70 1.19 -0.31 -7.96
N ALA B 71 1.50 -0.35 -9.25
CA ALA B 71 2.43 -1.35 -9.78
C ALA B 71 3.72 -1.36 -8.97
N ALA B 72 4.20 -0.17 -8.62
CA ALA B 72 5.43 -0.06 -7.84
C ALA B 72 5.30 -0.82 -6.52
N ILE B 73 4.14 -0.69 -5.88
CA ILE B 73 3.90 -1.36 -4.62
C ILE B 73 3.91 -2.88 -4.81
N PHE B 74 3.14 -3.36 -5.78
CA PHE B 74 3.07 -4.79 -6.05
C PHE B 74 4.47 -5.36 -6.25
N ASP B 75 5.17 -4.86 -7.25
CA ASP B 75 6.53 -5.33 -7.54
C ASP B 75 7.31 -5.52 -6.24
N LEU B 76 7.15 -4.59 -5.31
CA LEU B 76 7.85 -4.68 -4.03
C LEU B 76 7.13 -5.63 -3.09
N TYR B 77 5.80 -5.62 -3.13
CA TYR B 77 5.01 -6.49 -2.29
C TYR B 77 5.28 -7.96 -2.60
N SER B 78 5.16 -8.31 -3.88
CA SER B 78 5.40 -9.69 -4.30
C SER B 78 6.78 -10.15 -3.85
N HIS B 79 7.78 -9.28 -4.00
CA HIS B 79 9.14 -9.61 -3.61
C HIS B 79 9.26 -9.65 -2.08
N LEU B 80 8.42 -8.88 -1.41
CA LEU B 80 8.44 -8.83 0.04
C LEU B 80 7.83 -10.10 0.63
N LEU B 81 6.71 -10.53 0.06
CA LEU B 81 6.04 -11.73 0.54
C LEU B 81 6.75 -12.99 0.02
N SER B 82 7.18 -12.94 -1.23
CA SER B 82 7.88 -14.07 -1.83
C SER B 82 9.26 -14.25 -1.21
N ASP B 83 9.77 -13.17 -0.61
CA ASP B 83 11.09 -13.22 0.02
C ASP B 83 11.18 -14.41 0.98
N THR B 84 12.21 -15.21 0.81
CA THR B 84 12.42 -16.37 1.66
C THR B 84 12.58 -15.96 3.12
N ARG B 85 12.43 -14.66 3.38
CA ARG B 85 12.57 -14.14 4.73
C ARG B 85 11.29 -14.37 5.52
N LEU B 86 10.15 -14.18 4.87
CA LEU B 86 8.86 -14.38 5.53
C LEU B 86 8.67 -15.84 5.91
N ARG B 87 8.97 -16.74 4.99
CA ARG B 87 8.83 -18.17 5.24
C ARG B 87 9.79 -18.62 6.34
N ARG B 88 11.03 -18.14 6.26
CA ARG B 88 12.04 -18.50 7.25
C ARG B 88 11.60 -18.06 8.64
N GLU B 89 11.06 -16.84 8.74
CA GLU B 89 10.62 -16.32 10.02
C GLU B 89 9.48 -17.17 10.58
N LEU B 90 8.48 -17.43 9.76
CA LEU B 90 7.34 -18.24 10.19
C LEU B 90 7.79 -19.65 10.57
N PHE B 91 8.41 -20.34 9.64
CA PHE B 91 8.89 -21.70 9.89
C PHE B 91 9.75 -21.73 11.16
N ALA B 92 10.51 -20.67 11.37
CA ALA B 92 11.38 -20.59 12.54
C ALA B 92 10.56 -20.64 13.83
N GLU B 93 9.40 -19.98 13.82
CA GLU B 93 8.53 -19.96 14.99
C GLU B 93 7.98 -21.35 15.26
N VAL B 94 7.50 -22.01 14.21
CA VAL B 94 6.93 -23.35 14.35
C VAL B 94 8.00 -24.35 14.77
N ASP B 95 9.24 -24.09 14.33
CA ASP B 95 10.35 -24.97 14.67
C ASP B 95 10.41 -25.22 16.17
N LYS B 96 9.78 -24.32 16.94
CA LYS B 96 9.78 -24.44 18.39
C LYS B 96 8.46 -25.06 18.87
N GLY B 97 7.46 -25.04 18.00
CA GLY B 97 6.15 -25.60 18.35
C GLY B 97 5.06 -24.54 18.23
N SER B 98 5.36 -23.47 17.51
CA SER B 98 4.38 -22.40 17.32
C SER B 98 3.43 -22.73 16.18
N VAL B 99 2.23 -22.17 16.23
CA VAL B 99 1.22 -22.41 15.20
C VAL B 99 1.22 -21.28 14.18
N ALA B 100 0.93 -21.62 12.93
CA ALA B 100 0.90 -20.62 11.87
C ALA B 100 0.03 -19.43 12.28
N GLU B 101 -1.15 -19.72 12.82
CA GLU B 101 -2.06 -18.67 13.25
C GLU B 101 -1.29 -17.55 13.96
N TRP B 102 -0.53 -17.93 14.99
CA TRP B 102 0.25 -16.96 15.74
C TRP B 102 1.55 -16.63 15.01
N ALA B 103 2.14 -17.64 14.37
CA ALA B 103 3.39 -17.45 13.64
C ALA B 103 3.26 -16.29 12.66
N VAL B 104 2.23 -16.34 11.83
CA VAL B 104 2.00 -15.28 10.84
C VAL B 104 1.62 -13.98 11.54
N LYS B 105 0.93 -14.10 12.67
CA LYS B 105 0.51 -12.92 13.42
C LYS B 105 1.69 -12.28 14.13
N THR B 106 2.45 -13.09 14.84
CA THR B 106 3.62 -12.60 15.57
C THR B 106 4.67 -12.09 14.60
N VAL B 107 5.09 -12.95 13.68
CA VAL B 107 6.10 -12.58 12.69
C VAL B 107 5.76 -11.23 12.06
N ILE B 108 4.57 -11.13 11.50
CA ILE B 108 4.13 -9.88 10.87
C ILE B 108 4.18 -8.73 11.87
N GLU B 109 3.71 -8.99 13.08
CA GLU B 109 3.72 -7.97 14.12
C GLU B 109 5.13 -7.54 14.46
N LYS B 110 6.04 -8.51 14.50
CA LYS B 110 7.44 -8.22 14.83
C LYS B 110 8.09 -7.42 13.69
N PHE B 111 7.70 -7.74 12.46
CA PHE B 111 8.25 -7.04 11.31
C PHE B 111 7.71 -5.62 11.23
N ALA B 112 6.48 -5.43 11.67
CA ALA B 112 5.86 -4.11 11.64
C ALA B 112 6.57 -3.17 12.62
N GLU B 113 7.02 -3.72 13.74
CA GLU B 113 7.70 -2.92 14.74
C GLU B 113 9.11 -2.55 14.26
N GLN B 114 9.78 -3.50 13.63
CA GLN B 114 11.13 -3.26 13.13
C GLN B 114 11.13 -2.17 12.07
N PHE B 115 10.12 -2.21 11.20
CA PHE B 115 10.01 -1.21 10.14
C PHE B 115 9.60 0.14 10.72
N ALA B 116 8.76 0.12 11.76
CA ALA B 116 8.31 1.34 12.40
C ALA B 116 9.49 2.08 13.02
N ALA B 117 10.35 1.34 13.70
CA ALA B 117 11.52 1.94 14.35
C ALA B 117 12.19 2.94 13.42
N LEU B 118 12.12 2.67 12.12
CA LEU B 118 12.72 3.56 11.14
C LEU B 118 12.07 4.95 11.18
N SER B 119 12.75 5.94 10.63
CA SER B 119 12.22 7.30 10.61
C SER B 119 11.82 7.71 9.20
N ASP B 120 12.39 7.03 8.21
CA ASP B 120 12.09 7.33 6.81
C ASP B 120 10.60 7.14 6.54
N ASN B 121 9.84 8.23 6.64
CA ASN B 121 8.41 8.17 6.40
C ASN B 121 8.12 7.82 4.94
N TYR B 122 9.03 8.20 4.06
CA TYR B 122 8.87 7.92 2.63
C TYR B 122 8.73 6.42 2.39
N LEU B 123 9.11 5.63 3.40
CA LEU B 123 9.03 4.18 3.29
C LEU B 123 8.65 3.56 4.64
N LYS B 124 9.41 3.92 5.67
CA LYS B 124 9.15 3.39 7.01
C LYS B 124 7.64 3.14 7.19
N GLU B 125 6.83 4.04 6.67
CA GLU B 125 5.39 3.91 6.79
C GLU B 125 4.93 2.56 6.25
N ARG B 126 5.77 1.95 5.41
CA ARG B 126 5.44 0.65 4.83
C ARG B 126 4.79 -0.26 5.88
N ALA B 127 5.07 0.02 7.14
CA ALA B 127 4.51 -0.78 8.22
C ALA B 127 3.03 -1.06 7.97
N GLY B 128 2.29 -0.02 7.62
CA GLY B 128 0.87 -0.17 7.34
C GLY B 128 0.62 -1.34 6.41
N ASP B 129 1.43 -1.44 5.36
CA ASP B 129 1.28 -2.54 4.40
C ASP B 129 1.53 -3.88 5.07
N LEU B 130 2.55 -3.94 5.92
CA LEU B 130 2.89 -5.16 6.63
C LEU B 130 1.66 -5.70 7.37
N ARG B 131 1.06 -4.85 8.19
CA ARG B 131 -0.12 -5.24 8.95
C ARG B 131 -1.21 -5.76 8.01
N ALA B 132 -1.34 -5.12 6.86
CA ALA B 132 -2.34 -5.54 5.89
C ALA B 132 -2.00 -6.91 5.32
N LEU B 133 -0.71 -7.14 5.07
CA LEU B 133 -0.27 -8.42 4.53
C LEU B 133 -0.76 -9.57 5.42
N GLY B 134 -0.66 -9.37 6.74
CA GLY B 134 -1.10 -10.39 7.68
C GLY B 134 -2.60 -10.64 7.54
N GLN B 135 -3.37 -9.57 7.42
CA GLN B 135 -4.82 -9.69 7.28
C GLN B 135 -5.17 -10.48 6.03
N ARG B 136 -4.46 -10.19 4.93
CA ARG B 136 -4.71 -10.88 3.68
C ARG B 136 -4.26 -12.34 3.77
N LEU B 137 -3.13 -12.56 4.43
CA LEU B 137 -2.60 -13.91 4.58
C LEU B 137 -3.50 -14.72 5.52
N LEU B 138 -4.01 -14.07 6.56
CA LEU B 138 -4.88 -14.75 7.51
C LEU B 138 -6.14 -15.25 6.81
N PHE B 139 -6.70 -14.42 5.95
CA PHE B 139 -7.91 -14.80 5.22
C PHE B 139 -7.62 -15.96 4.28
N HIS B 140 -6.47 -15.92 3.62
CA HIS B 140 -6.09 -16.98 2.70
C HIS B 140 -5.67 -18.24 3.46
N LEU B 141 -5.25 -18.03 4.71
CA LEU B 141 -4.82 -19.16 5.54
C LEU B 141 -5.98 -20.12 5.78
N ASP B 142 -7.20 -19.62 5.61
CA ASP B 142 -8.39 -20.44 5.81
C ASP B 142 -9.05 -20.75 4.46
N ASP B 143 -9.13 -22.04 4.14
CA ASP B 143 -9.74 -22.45 2.88
C ASP B 143 -11.10 -21.78 2.68
N ALA B 144 -11.57 -21.11 3.73
CA ALA B 144 -12.85 -20.41 3.67
C ALA B 144 -12.82 -19.31 2.61
N ASN B 145 -11.71 -18.59 2.56
CA ASN B 145 -11.56 -17.51 1.58
C ASN B 145 -12.93 -17.03 1.11
N GLN B 146 -13.11 -17.01 -0.21
CA GLN B 146 -14.38 -16.57 -0.78
C GLN B 146 -14.18 -16.10 -2.23
N GLY B 147 -13.20 -15.22 -2.42
CA GLY B 147 -12.92 -14.71 -3.76
C GLY B 147 -12.05 -13.45 -3.68
N PRO B 148 -11.93 -12.74 -4.77
CA PRO B 148 -11.13 -11.49 -4.85
C PRO B 148 -11.82 -10.33 -4.15
N ASN B 149 -12.92 -10.62 -3.46
CA ASN B 149 -13.66 -9.59 -2.75
C ASN B 149 -13.98 -8.42 -3.68
N ALA B 150 -15.09 -8.52 -4.40
CA ALA B 150 -15.50 -7.47 -5.32
C ALA B 150 -17.02 -7.45 -5.47
N TRP B 151 -17.64 -6.36 -5.03
CA TRP B 151 -19.09 -6.23 -5.13
C TRP B 151 -19.47 -5.53 -6.42
N PRO B 152 -20.69 -5.06 -6.50
CA PRO B 152 -21.21 -4.36 -7.71
C PRO B 152 -20.27 -3.24 -8.17
N GLU B 153 -20.44 -2.82 -9.41
CA GLU B 153 -19.60 -1.76 -9.96
C GLU B 153 -20.06 -0.39 -9.47
N ARG B 154 -20.85 -0.40 -8.41
CA ARG B 154 -21.37 0.85 -7.84
C ARG B 154 -21.20 0.87 -6.33
N PHE B 155 -20.20 1.61 -5.86
CA PHE B 155 -19.94 1.69 -4.43
C PHE B 155 -18.86 2.74 -4.15
N ILE B 156 -18.85 3.26 -2.92
CA ILE B 156 -17.87 4.26 -2.53
C ILE B 156 -16.99 3.74 -1.41
N LEU B 157 -15.76 4.24 -1.34
CA LEU B 157 -14.82 3.82 -0.31
C LEU B 157 -14.81 4.82 0.84
N VAL B 158 -15.02 4.32 2.06
CA VAL B 158 -15.03 5.18 3.24
C VAL B 158 -14.11 4.62 4.32
N ALA B 159 -12.89 5.14 4.36
CA ALA B 159 -11.92 4.68 5.35
C ALA B 159 -11.28 5.87 6.07
N ASP B 160 -10.75 5.62 7.26
CA ASP B 160 -10.11 6.68 8.03
C ASP B 160 -8.76 7.04 7.43
N GLU B 161 -8.17 6.10 6.71
CA GLU B 161 -6.86 6.34 6.09
C GLU B 161 -6.76 5.59 4.77
N LEU B 162 -6.46 6.31 3.70
CA LEU B 162 -6.33 5.71 2.38
C LEU B 162 -5.01 4.96 2.26
N SER B 163 -5.09 3.66 1.97
CA SER B 163 -3.90 2.84 1.83
C SER B 163 -4.00 1.93 0.60
N ALA B 164 -2.94 1.89 -0.18
CA ALA B 164 -2.93 1.06 -1.38
C ALA B 164 -3.27 -0.39 -1.05
N THR B 165 -2.68 -0.89 0.04
CA THR B 165 -2.94 -2.26 0.46
C THR B 165 -4.44 -2.54 0.49
N THR B 166 -5.20 -1.60 1.03
CA THR B 166 -6.65 -1.76 1.11
C THR B 166 -7.28 -1.62 -0.27
N LEU B 167 -6.94 -0.54 -0.97
CA LEU B 167 -7.49 -0.32 -2.30
C LEU B 167 -7.13 -1.46 -3.24
N ALA B 168 -5.95 -2.04 -3.03
CA ALA B 168 -5.50 -3.15 -3.86
C ALA B 168 -6.35 -4.39 -3.61
N GLU B 169 -7.43 -4.22 -2.85
CA GLU B 169 -8.32 -5.33 -2.53
C GLU B 169 -9.62 -5.22 -3.33
N LEU B 170 -10.04 -3.99 -3.58
CA LEU B 170 -11.27 -3.75 -4.32
C LEU B 170 -10.97 -3.11 -5.68
N PRO B 171 -11.31 -3.78 -6.74
CA PRO B 171 -11.08 -3.28 -8.12
C PRO B 171 -11.52 -1.83 -8.29
N GLN B 172 -10.77 -1.08 -9.09
CA GLN B 172 -11.09 0.33 -9.32
C GLN B 172 -12.48 0.47 -9.95
N ASP B 173 -12.93 -0.58 -10.63
CA ASP B 173 -14.23 -0.58 -11.27
C ASP B 173 -15.33 -0.33 -10.23
N ARG B 174 -15.24 -1.03 -9.11
CA ARG B 174 -16.23 -0.89 -8.05
C ARG B 174 -15.99 0.40 -7.26
N LEU B 175 -14.87 1.06 -7.54
CA LEU B 175 -14.52 2.30 -6.86
C LEU B 175 -14.87 3.51 -7.72
N VAL B 176 -15.99 4.14 -7.44
CA VAL B 176 -16.43 5.31 -8.20
C VAL B 176 -16.33 6.57 -7.34
N GLY B 177 -15.74 6.44 -6.16
CA GLY B 177 -15.60 7.58 -5.26
C GLY B 177 -14.82 7.19 -4.01
N VAL B 178 -14.12 8.16 -3.43
CA VAL B 178 -13.35 7.91 -2.23
C VAL B 178 -13.51 9.05 -1.23
N VAL B 179 -13.56 8.71 0.05
CA VAL B 179 -13.72 9.72 1.10
C VAL B 179 -13.03 9.27 2.38
N VAL B 180 -11.94 9.95 2.72
CA VAL B 180 -11.19 9.61 3.93
C VAL B 180 -11.35 10.71 4.98
N ARG B 181 -11.19 10.33 6.24
CA ARG B 181 -11.32 11.30 7.33
C ARG B 181 -9.97 11.94 7.65
N ASP B 182 -8.90 11.17 7.46
CA ASP B 182 -7.56 11.68 7.73
C ASP B 182 -6.62 11.35 6.58
N GLY B 183 -5.56 10.61 6.87
CA GLY B 183 -4.60 10.22 5.86
C GLY B 183 -4.59 11.22 4.70
N ALA B 184 -3.99 12.38 4.93
CA ALA B 184 -3.93 13.41 3.90
C ALA B 184 -2.48 13.67 3.50
N ALA B 185 -2.30 14.58 2.55
CA ALA B 185 -0.96 14.92 2.08
C ALA B 185 -0.59 14.09 0.85
N ASN B 186 0.66 13.67 0.78
CA ASN B 186 1.12 12.87 -0.36
C ASN B 186 1.06 11.38 -0.02
N SER B 187 -0.15 10.89 0.23
CA SER B 187 -0.34 9.48 0.56
C SER B 187 -0.23 8.63 -0.69
N GLN B 188 0.33 7.43 -0.53
CA GLN B 188 0.49 6.52 -1.66
C GLN B 188 -0.82 6.42 -2.46
N ALA B 189 -1.89 6.07 -1.76
CA ALA B 189 -3.20 5.94 -2.42
C ALA B 189 -3.75 7.31 -2.78
N ALA B 190 -3.42 8.31 -1.97
CA ALA B 190 -3.89 9.67 -2.21
C ALA B 190 -3.41 10.16 -3.57
N ILE B 191 -2.15 9.87 -3.88
CA ILE B 191 -1.57 10.29 -5.15
C ILE B 191 -2.07 9.41 -6.29
N MET B 192 -2.40 8.16 -5.97
CA MET B 192 -2.89 7.23 -6.97
C MET B 192 -4.26 7.68 -7.48
N VAL B 193 -5.20 7.86 -6.57
CA VAL B 193 -6.54 8.29 -6.94
C VAL B 193 -6.49 9.64 -7.66
N ARG B 194 -5.67 10.54 -7.16
CA ARG B 194 -5.54 11.86 -7.76
C ARG B 194 -5.08 11.75 -9.20
N ALA B 195 -3.96 11.06 -9.42
CA ALA B 195 -3.42 10.88 -10.76
C ALA B 195 -4.41 10.12 -11.62
N LEU B 196 -5.20 9.25 -11.00
CA LEU B 196 -6.19 8.47 -11.73
C LEU B 196 -7.29 9.38 -12.29
N GLY B 197 -7.57 10.46 -11.58
CA GLY B 197 -8.60 11.40 -12.02
C GLY B 197 -9.96 11.03 -11.45
N ILE B 198 -9.95 10.38 -10.29
CA ILE B 198 -11.19 9.96 -9.64
C ILE B 198 -11.50 10.87 -8.45
N PRO B 199 -12.71 11.36 -8.39
CA PRO B 199 -13.15 12.26 -7.29
C PRO B 199 -12.76 11.71 -5.92
N THR B 200 -12.04 12.53 -5.15
CA THR B 200 -11.61 12.14 -3.81
C THR B 200 -11.69 13.31 -2.85
N VAL B 201 -12.09 13.02 -1.61
CA VAL B 201 -12.20 14.07 -0.60
C VAL B 201 -11.60 13.60 0.73
N MET B 202 -11.01 14.53 1.47
CA MET B 202 -10.41 14.19 2.76
C MET B 202 -10.82 15.21 3.82
N GLY B 203 -10.64 14.85 5.08
CA GLY B 203 -10.98 15.74 6.19
C GLY B 203 -12.40 15.46 6.68
N ALA B 204 -13.02 14.42 6.13
CA ALA B 204 -14.38 14.06 6.52
C ALA B 204 -14.45 13.77 8.01
N ASP B 205 -15.11 14.67 8.75
CA ASP B 205 -15.25 14.49 10.20
C ASP B 205 -16.49 13.68 10.53
N ILE B 206 -16.84 12.76 9.64
CA ILE B 206 -18.01 11.91 9.84
C ILE B 206 -17.61 10.44 9.90
N GLN B 207 -18.17 9.72 10.86
CA GLN B 207 -17.87 8.30 11.02
C GLN B 207 -18.57 7.48 9.94
N PRO B 208 -17.91 6.45 9.46
CA PRO B 208 -18.47 5.56 8.41
C PRO B 208 -19.59 4.67 8.93
N SER B 209 -19.59 4.44 10.24
CA SER B 209 -20.61 3.60 10.87
C SER B 209 -22.01 4.08 10.47
N VAL B 210 -22.19 5.40 10.43
CA VAL B 210 -23.48 5.96 10.07
C VAL B 210 -23.69 5.91 8.56
N LEU B 211 -22.59 6.00 7.81
CA LEU B 211 -22.66 5.96 6.36
C LEU B 211 -23.05 4.56 5.88
N HIS B 212 -22.54 3.54 6.57
CA HIS B 212 -22.84 2.17 6.21
C HIS B 212 -23.03 2.04 4.70
N ARG B 213 -24.25 2.32 4.25
CA ARG B 213 -24.58 2.24 2.83
C ARG B 213 -25.54 3.35 2.42
N ARG B 214 -25.47 4.47 3.15
CA ARG B 214 -26.34 5.60 2.85
C ARG B 214 -25.88 6.33 1.59
N THR B 215 -26.69 7.25 1.11
CA THR B 215 -26.35 8.01 -0.09
C THR B 215 -25.30 9.06 0.21
N LEU B 216 -24.18 9.02 -0.52
CA LEU B 216 -23.10 9.97 -0.31
C LEU B 216 -22.77 10.68 -1.62
N ILE B 217 -23.05 11.98 -1.68
CA ILE B 217 -22.78 12.76 -2.87
C ILE B 217 -21.66 13.76 -2.61
N VAL B 218 -20.42 13.35 -2.87
CA VAL B 218 -19.28 14.22 -2.66
C VAL B 218 -19.08 15.13 -3.86
N ASP B 219 -18.42 16.27 -3.64
CA ASP B 219 -18.18 17.22 -4.71
C ASP B 219 -16.75 17.75 -4.65
N GLY B 220 -15.84 17.05 -5.34
CA GLY B 220 -14.44 17.46 -5.35
C GLY B 220 -14.31 18.94 -5.67
N TYR B 221 -15.03 19.39 -6.68
CA TYR B 221 -14.99 20.80 -7.06
C TYR B 221 -15.22 21.70 -5.86
N ARG B 222 -16.15 21.29 -5.00
CA ARG B 222 -16.46 22.06 -3.80
C ARG B 222 -16.07 21.29 -2.54
N GLY B 223 -15.32 20.20 -2.73
CA GLY B 223 -14.90 19.37 -1.61
C GLY B 223 -15.96 19.34 -0.52
N GLU B 224 -17.21 19.13 -0.92
CA GLU B 224 -18.31 19.08 0.03
C GLU B 224 -18.88 17.67 0.11
N LEU B 225 -19.44 17.33 1.27
CA LEU B 225 -20.01 16.00 1.47
C LEU B 225 -21.45 16.12 1.97
N LEU B 226 -22.39 15.61 1.18
CA LEU B 226 -23.80 15.67 1.55
C LEU B 226 -24.29 14.29 1.99
N VAL B 227 -25.31 14.28 2.84
CA VAL B 227 -25.88 13.02 3.33
C VAL B 227 -27.38 12.97 3.09
N ASP B 228 -27.79 12.15 2.14
CA ASP B 228 -29.21 12.02 1.81
C ASP B 228 -29.96 13.28 2.21
N PRO B 229 -29.54 14.41 1.72
CA PRO B 229 -30.19 15.72 2.03
C PRO B 229 -31.55 15.86 1.35
N GLU B 230 -32.32 16.85 1.78
CA GLU B 230 -33.64 17.10 1.20
C GLU B 230 -33.57 17.09 -0.32
N PRO B 231 -34.68 16.85 -0.97
CA PRO B 231 -34.75 16.82 -2.46
C PRO B 231 -34.59 18.21 -3.07
N VAL B 232 -34.77 19.23 -2.24
CA VAL B 232 -34.65 20.61 -2.71
C VAL B 232 -33.18 21.00 -2.86
N LEU B 233 -32.35 20.52 -1.94
CA LEU B 233 -30.92 20.82 -1.98
C LEU B 233 -30.31 20.35 -3.29
N LEU B 234 -30.57 19.09 -3.64
CA LEU B 234 -30.04 18.52 -4.87
C LEU B 234 -30.66 19.21 -6.09
N GLN B 235 -31.93 19.59 -5.96
CA GLN B 235 -32.63 20.25 -7.06
C GLN B 235 -31.95 21.57 -7.41
N GLU B 236 -31.82 22.44 -6.42
CA GLU B 236 -31.18 23.73 -6.64
C GLU B 236 -29.72 23.55 -7.04
N TYR B 237 -29.11 22.50 -6.53
CA TYR B 237 -27.70 22.22 -6.84
C TYR B 237 -27.48 22.25 -8.35
N GLN B 238 -28.33 21.53 -9.08
CA GLN B 238 -28.21 21.48 -10.54
C GLN B 238 -28.38 22.88 -11.13
N ARG B 239 -29.30 23.64 -10.58
CA ARG B 239 -29.55 25.00 -11.06
C ARG B 239 -28.44 25.94 -10.61
N LEU B 240 -27.84 25.64 -9.47
CA LEU B 240 -26.78 26.47 -8.94
C LEU B 240 -25.59 26.50 -9.90
N ILE B 241 -25.18 25.32 -10.36
CA ILE B 241 -24.06 25.22 -11.29
C ILE B 241 -24.38 25.93 -12.60
N SER B 242 -25.63 25.79 -13.05
CA SER B 242 -26.05 26.42 -14.29
C SER B 242 -26.25 27.92 -14.10
N GLU B 243 -26.38 28.33 -12.84
CA GLU B 243 -26.57 29.74 -12.52
C GLU B 243 -25.29 30.52 -12.72
N GLU B 244 -24.50 30.11 -13.72
CA GLU B 244 -23.24 30.78 -14.01
C GLU B 244 -22.12 30.21 -13.16
N ILE B 245 -22.07 30.63 -11.90
CA ILE B 245 -21.04 30.15 -10.98
C ILE B 245 -20.48 28.80 -11.45
N GLU B 246 -19.88 28.80 -12.63
CA GLU B 246 -19.31 27.57 -13.19
C GLU B 246 -17.92 27.83 -13.74
N LEU B 247 -16.91 27.37 -13.03
CA LEU B 247 -15.53 27.56 -13.45
C LEU B 247 -15.39 27.30 -14.96
N SER B 248 -16.37 26.62 -15.52
CA SER B 248 -16.36 26.32 -16.95
C SER B 248 -16.73 27.55 -17.77
N ARG B 249 -17.74 28.27 -17.32
CA ARG B 249 -18.18 29.47 -18.02
C ARG B 249 -17.53 30.71 -17.41
N LEU B 250 -17.47 30.75 -16.09
CA LEU B 250 -16.87 31.89 -15.40
C LEU B 250 -16.74 31.60 -13.90
N ALA B 251 -15.50 31.57 -13.42
CA ALA B 251 -15.25 31.30 -12.00
C ALA B 251 -15.17 32.61 -11.21
N GLU B 252 -16.06 32.76 -10.24
CA GLU B 252 -16.09 33.96 -9.43
C GLU B 252 -16.65 33.65 -8.03
N ASP B 253 -16.07 32.66 -7.37
CA ASP B 253 -16.51 32.28 -6.04
C ASP B 253 -15.56 31.26 -5.42
N ASP B 254 -15.66 31.07 -4.11
CA ASP B 254 -14.80 30.12 -3.42
C ASP B 254 -15.20 30.01 -1.95
N VAL B 255 -14.73 30.96 -1.14
CA VAL B 255 -15.04 30.97 0.28
C VAL B 255 -16.27 31.83 0.57
N ASN B 256 -17.24 31.26 1.27
CA ASN B 256 -18.46 32.00 1.59
C ASN B 256 -19.01 32.70 0.36
N MET A 1 37.82 -11.87 -6.70
CA MET A 1 37.49 -11.26 -5.39
C MET A 1 36.23 -10.42 -5.52
N THR A 2 35.84 -9.75 -4.44
CA THR A 2 34.65 -8.92 -4.45
C THR A 2 34.95 -7.54 -5.04
N VAL A 3 33.91 -6.86 -5.50
CA VAL A 3 34.08 -5.53 -6.08
C VAL A 3 33.05 -4.55 -5.51
N LYS A 4 33.54 -3.50 -4.88
CA LYS A 4 32.65 -2.50 -4.28
C LYS A 4 33.03 -1.11 -4.76
N GLN A 5 32.20 -0.12 -4.42
CA GLN A 5 32.44 1.26 -4.82
C GLN A 5 31.63 2.21 -3.97
N THR A 6 32.27 3.27 -3.48
CA THR A 6 31.59 4.26 -2.65
C THR A 6 30.76 5.21 -3.51
N VAL A 7 29.50 5.38 -3.14
CA VAL A 7 28.61 6.27 -3.88
C VAL A 7 27.90 7.23 -2.94
N GLU A 8 28.04 8.52 -3.18
CA GLU A 8 27.41 9.53 -2.34
C GLU A 8 25.94 9.70 -2.72
N ILE A 9 25.06 9.61 -1.73
CA ILE A 9 23.63 9.76 -1.98
C ILE A 9 23.21 11.22 -1.80
N THR A 10 22.95 11.88 -2.92
CA THR A 10 22.54 13.28 -2.89
C THR A 10 21.04 13.40 -2.64
N ASN A 11 20.58 12.81 -1.54
CA ASN A 11 19.16 12.86 -1.20
C ASN A 11 18.34 12.11 -2.24
N LYS A 12 18.99 11.22 -2.99
CA LYS A 12 18.31 10.44 -4.01
C LYS A 12 19.13 9.22 -4.39
N LEU A 13 18.71 8.05 -3.89
CA LEU A 13 19.42 6.81 -4.19
C LEU A 13 19.30 6.46 -5.66
N GLY A 14 18.56 7.29 -6.40
CA GLY A 14 18.37 7.05 -7.83
C GLY A 14 16.91 6.74 -8.14
N MET A 15 16.01 7.33 -7.36
CA MET A 15 14.58 7.11 -7.57
C MET A 15 14.07 6.00 -6.66
N HIS A 16 14.41 6.08 -5.38
CA HIS A 16 13.99 5.08 -4.42
C HIS A 16 12.63 4.49 -4.82
N ALA A 17 12.67 3.41 -5.60
CA ALA A 17 11.45 2.75 -6.05
C ALA A 17 11.72 1.92 -7.30
N ARG A 18 12.66 2.36 -8.11
CA ARG A 18 13.00 1.65 -9.33
C ARG A 18 14.37 0.99 -9.20
N PRO A 19 15.32 1.68 -8.63
CA PRO A 19 16.70 1.15 -8.44
C PRO A 19 16.75 0.01 -7.44
N ALA A 20 16.14 0.22 -6.28
CA ALA A 20 16.13 -0.81 -5.24
C ALA A 20 15.35 -2.03 -5.72
N MET A 21 14.25 -1.80 -6.42
CA MET A 21 13.44 -2.89 -6.93
C MET A 21 14.11 -3.56 -8.12
N LYS A 22 14.68 -2.75 -9.01
CA LYS A 22 15.36 -3.27 -10.19
C LYS A 22 16.51 -4.19 -9.79
N LEU A 23 17.21 -3.81 -8.73
CA LEU A 23 18.34 -4.60 -8.25
C LEU A 23 17.95 -6.07 -8.12
N PHE A 24 16.78 -6.32 -7.53
CA PHE A 24 16.30 -7.70 -7.35
C PHE A 24 16.22 -8.42 -8.69
N GLU A 25 15.81 -7.70 -9.72
CA GLU A 25 15.69 -8.28 -11.05
C GLU A 25 17.07 -8.48 -11.68
N LEU A 26 17.99 -7.58 -11.38
CA LEU A 26 19.34 -7.66 -11.92
C LEU A 26 20.10 -8.84 -11.30
N MET A 27 19.89 -9.06 -10.01
CA MET A 27 20.55 -10.15 -9.32
C MET A 27 20.19 -11.50 -9.94
N GLN A 28 19.01 -11.56 -10.55
CA GLN A 28 18.56 -12.79 -11.18
C GLN A 28 19.05 -12.88 -12.62
N GLY A 29 19.21 -11.71 -13.25
CA GLY A 29 19.67 -11.66 -14.64
C GLY A 29 21.19 -11.74 -14.71
N PHE A 30 21.86 -11.28 -13.65
CA PHE A 30 23.32 -11.30 -13.61
C PHE A 30 23.80 -12.18 -12.47
N ASP A 31 24.85 -12.96 -12.74
CA ASP A 31 25.41 -13.85 -11.73
C ASP A 31 26.32 -13.08 -10.78
N ALA A 32 25.89 -12.95 -9.53
CA ALA A 32 26.67 -12.23 -8.54
C ALA A 32 25.77 -11.70 -7.43
N GLU A 33 26.30 -11.63 -6.21
CA GLU A 33 25.53 -11.13 -5.08
C GLU A 33 25.85 -9.67 -4.80
N VAL A 34 24.81 -8.84 -4.73
CA VAL A 34 24.98 -7.42 -4.47
C VAL A 34 24.59 -7.09 -3.03
N LEU A 35 25.42 -6.29 -2.37
CA LEU A 35 25.14 -5.91 -0.99
C LEU A 35 25.41 -4.42 -0.78
N LEU A 36 24.50 -3.75 -0.08
CA LEU A 36 24.65 -2.32 0.18
C LEU A 36 25.06 -2.09 1.63
N ARG A 37 25.79 -1.01 1.87
CA ARG A 37 26.24 -0.69 3.22
C ARG A 37 26.32 0.82 3.41
N ASN A 38 25.79 1.29 4.54
CA ASN A 38 25.81 2.72 4.84
C ASN A 38 27.05 3.09 5.64
N ASP A 39 27.45 4.36 5.53
CA ASP A 39 28.63 4.82 6.25
C ASP A 39 28.53 4.48 7.73
N GLU A 40 27.31 4.38 8.23
CA GLU A 40 27.09 4.06 9.64
C GLU A 40 27.52 2.63 9.93
N GLY A 41 27.80 1.87 8.86
CA GLY A 41 28.22 0.49 9.02
C GLY A 41 27.03 -0.47 8.97
N THR A 42 25.87 0.07 8.58
CA THR A 42 24.67 -0.74 8.49
C THR A 42 24.60 -1.48 7.16
N GLU A 43 24.62 -2.81 7.22
CA GLU A 43 24.57 -3.62 6.01
C GLU A 43 23.15 -3.70 5.47
N ALA A 44 22.88 -2.93 4.42
CA ALA A 44 21.55 -2.90 3.82
C ALA A 44 21.44 -3.98 2.74
N GLU A 45 21.51 -5.24 3.17
CA GLU A 45 21.42 -6.36 2.23
C GLU A 45 20.34 -6.09 1.19
N ALA A 46 20.73 -6.08 -0.08
CA ALA A 46 19.79 -5.84 -1.17
C ALA A 46 18.73 -6.93 -1.20
N ASN A 47 18.95 -7.99 -0.44
CA ASN A 47 18.00 -9.10 -0.39
C ASN A 47 17.10 -8.99 0.83
N SER A 48 16.89 -7.77 1.30
CA SER A 48 16.05 -7.54 2.47
C SER A 48 15.29 -6.23 2.34
N VAL A 49 13.97 -6.31 2.42
CA VAL A 49 13.13 -5.12 2.30
C VAL A 49 13.43 -4.14 3.44
N ILE A 50 13.69 -4.69 4.62
CA ILE A 50 13.97 -3.86 5.79
C ILE A 50 15.21 -3.02 5.55
N ALA A 51 16.20 -3.59 4.86
CA ALA A 51 17.43 -2.87 4.57
C ALA A 51 17.16 -1.68 3.65
N LEU A 52 16.34 -1.91 2.64
CA LEU A 52 16.00 -0.85 1.69
C LEU A 52 15.39 0.35 2.42
N LEU A 53 14.55 0.06 3.42
CA LEU A 53 13.91 1.12 4.18
C LEU A 53 14.94 1.93 4.95
N MET A 54 15.98 1.25 5.44
CA MET A 54 17.03 1.92 6.20
C MET A 54 17.84 2.84 5.28
N LEU A 55 18.06 2.41 4.05
CA LEU A 55 18.81 3.19 3.09
C LEU A 55 18.11 4.51 2.79
N ASP A 56 16.77 4.48 2.78
CA ASP A 56 15.99 5.67 2.52
C ASP A 56 16.40 6.81 3.45
N SER A 57 16.76 6.45 4.68
CA SER A 57 17.17 7.44 5.66
C SER A 57 18.60 7.92 5.37
N ALA A 58 19.25 7.27 4.42
CA ALA A 58 20.62 7.64 4.06
C ALA A 58 20.61 8.82 3.09
N LYS A 59 19.60 9.67 3.20
CA LYS A 59 19.49 10.83 2.32
C LYS A 59 20.58 11.86 2.67
N GLY A 60 21.68 11.82 1.92
CA GLY A 60 22.78 12.74 2.14
C GLY A 60 23.96 12.03 2.79
N ARG A 61 23.83 10.72 2.95
CA ARG A 61 24.91 9.94 3.56
C ARG A 61 25.65 9.13 2.51
N GLN A 62 26.83 8.62 2.88
CA GLN A 62 27.62 7.82 1.95
C GLN A 62 27.38 6.34 2.16
N ILE A 63 27.41 5.57 1.08
CA ILE A 63 27.18 4.13 1.16
C ILE A 63 28.26 3.38 0.39
N GLU A 64 28.42 2.10 0.70
CA GLU A 64 29.42 1.28 0.03
C GLU A 64 28.76 0.05 -0.60
N VAL A 65 28.54 0.11 -1.92
CA VAL A 65 27.93 -1.01 -2.63
C VAL A 65 28.96 -2.09 -2.94
N GLU A 66 28.65 -3.33 -2.57
CA GLU A 66 29.55 -4.45 -2.81
C GLU A 66 28.89 -5.49 -3.70
N ALA A 67 29.66 -6.04 -4.63
CA ALA A 67 29.13 -7.06 -5.54
C ALA A 67 30.15 -8.16 -5.75
N THR A 68 29.71 -9.41 -5.62
CA THR A 68 30.60 -10.56 -5.80
C THR A 68 30.07 -11.48 -6.90
N GLY A 69 30.98 -12.06 -7.67
CA GLY A 69 30.59 -12.97 -8.74
C GLY A 69 31.29 -12.57 -10.05
N PRO A 70 30.94 -13.25 -11.12
CA PRO A 70 31.54 -12.98 -12.46
C PRO A 70 31.00 -11.69 -13.08
N GLN A 71 29.72 -11.43 -12.87
CA GLN A 71 29.09 -10.23 -13.41
C GLN A 71 29.09 -9.11 -12.37
N GLU A 72 29.62 -9.41 -11.18
CA GLU A 72 29.66 -8.41 -10.11
C GLU A 72 29.82 -7.01 -10.68
N GLU A 73 30.69 -6.87 -11.67
CA GLU A 73 30.92 -5.57 -12.30
C GLU A 73 29.63 -5.01 -12.87
N GLU A 74 28.95 -5.80 -13.70
CA GLU A 74 27.70 -5.36 -14.30
C GLU A 74 26.69 -4.97 -13.22
N ALA A 75 26.50 -5.86 -12.25
CA ALA A 75 25.56 -5.59 -11.16
C ALA A 75 25.90 -4.29 -10.46
N LEU A 76 27.18 -4.11 -10.11
CA LEU A 76 27.62 -2.90 -9.44
C LEU A 76 27.50 -1.70 -10.35
N ALA A 77 27.91 -1.87 -11.61
CA ALA A 77 27.85 -0.80 -12.58
C ALA A 77 26.40 -0.36 -12.81
N ALA A 78 25.50 -1.32 -12.90
CA ALA A 78 24.09 -1.02 -13.12
C ALA A 78 23.53 -0.20 -11.96
N VAL A 79 23.91 -0.58 -10.74
CA VAL A 79 23.44 0.13 -9.55
C VAL A 79 24.01 1.55 -9.51
N ILE A 80 25.30 1.67 -9.83
CA ILE A 80 25.95 2.97 -9.82
C ILE A 80 25.35 3.89 -10.89
N ALA A 81 25.05 3.30 -12.05
CA ALA A 81 24.48 4.08 -13.16
C ALA A 81 23.08 4.57 -12.79
N LEU A 82 22.34 3.75 -12.05
CA LEU A 82 20.99 4.12 -11.65
C LEU A 82 21.03 5.18 -10.56
N PHE A 83 21.99 5.06 -9.65
CA PHE A 83 22.13 6.03 -8.57
C PHE A 83 22.68 7.36 -9.08
N ASN A 84 23.37 7.30 -10.21
CA ASN A 84 23.94 8.50 -10.79
C ASN A 84 22.94 9.18 -11.73
N SER A 85 21.82 8.51 -11.96
CA SER A 85 20.80 9.05 -12.84
C SER A 85 21.20 8.89 -14.30
N ARG B 2 -24.61 20.25 5.17
CA ARG B 2 -23.42 20.30 4.27
C ARG B 2 -22.16 20.45 5.12
N ILE B 3 -21.12 19.70 4.76
CA ILE B 3 -19.86 19.76 5.48
C ILE B 3 -18.72 20.16 4.55
N ARG B 4 -17.85 21.04 5.03
CA ARG B 4 -16.72 21.50 4.22
C ARG B 4 -15.52 20.58 4.41
N ALA B 5 -15.16 19.84 3.36
CA ALA B 5 -14.04 18.92 3.43
C ALA B 5 -12.90 19.40 2.52
N LEU B 6 -11.68 18.99 2.84
CA LEU B 6 -10.52 19.39 2.06
C LEU B 6 -10.49 18.61 0.73
N PRO B 7 -10.62 19.31 -0.36
CA PRO B 7 -10.61 18.70 -1.72
C PRO B 7 -9.21 18.22 -2.11
N ALA B 8 -9.05 16.90 -2.19
CA ALA B 8 -7.76 16.32 -2.56
C ALA B 8 -7.74 15.96 -4.04
N ALA B 9 -8.85 15.40 -4.53
CA ALA B 9 -8.94 15.02 -5.93
C ALA B 9 -10.21 15.59 -6.56
N PRO B 10 -10.09 16.66 -7.30
CA PRO B 10 -11.24 17.32 -7.97
C PRO B 10 -12.13 16.32 -8.70
N GLY B 11 -13.43 16.56 -8.67
CA GLY B 11 -14.38 15.67 -9.34
C GLY B 11 -15.66 15.52 -8.52
N VAL B 12 -16.74 15.13 -9.19
CA VAL B 12 -18.01 14.95 -8.51
C VAL B 12 -18.56 13.55 -8.76
N ALA B 13 -19.14 12.95 -7.72
CA ALA B 13 -19.70 11.61 -7.85
C ALA B 13 -20.85 11.41 -6.86
N ILE B 14 -21.83 10.61 -7.25
CA ILE B 14 -22.98 10.35 -6.40
C ILE B 14 -23.22 8.84 -6.27
N ALA B 15 -23.55 8.40 -5.06
CA ALA B 15 -23.80 6.99 -4.81
C ALA B 15 -24.02 6.73 -3.33
N GLU B 16 -24.31 5.48 -2.98
CA GLU B 16 -24.55 5.11 -1.60
C GLU B 16 -23.22 4.99 -0.85
N GLY B 17 -23.27 5.08 0.47
CA GLY B 17 -22.07 4.98 1.29
C GLY B 17 -21.84 3.54 1.74
N TRP B 18 -20.58 3.13 1.77
CA TRP B 18 -20.24 1.77 2.19
C TRP B 18 -18.79 1.71 2.68
N GLN B 19 -18.60 1.29 3.92
CA GLN B 19 -17.27 1.18 4.49
C GLN B 19 -16.86 -0.28 4.63
N ASP B 20 -15.66 -0.59 4.18
CA ASP B 20 -15.16 -1.96 4.27
C ASP B 20 -14.53 -2.22 5.63
N ALA B 21 -15.36 -2.38 6.65
CA ALA B 21 -14.88 -2.63 7.99
C ALA B 21 -14.88 -4.13 8.30
N THR B 22 -14.96 -4.93 7.24
CA THR B 22 -14.97 -6.38 7.41
C THR B 22 -14.41 -6.77 8.77
N LEU B 23 -15.24 -7.40 9.60
CA LEU B 23 -14.81 -7.81 10.92
C LEU B 23 -13.39 -8.35 10.89
N PRO B 24 -12.46 -7.58 11.37
CA PRO B 24 -11.01 -7.98 11.39
C PRO B 24 -10.82 -9.38 11.95
N LEU B 25 -10.98 -10.38 11.08
CA LEU B 25 -10.83 -11.78 11.50
C LEU B 25 -9.64 -11.92 12.44
N MET B 26 -8.83 -10.87 12.54
CA MET B 26 -7.67 -10.88 13.42
C MET B 26 -8.08 -11.14 14.86
N GLU B 27 -9.19 -10.54 15.27
CA GLU B 27 -9.69 -10.71 16.63
C GLU B 27 -10.73 -11.83 16.68
N GLN B 28 -10.95 -12.49 15.55
CA GLN B 28 -11.92 -13.57 15.47
C GLN B 28 -11.22 -14.92 15.45
N VAL B 29 -10.03 -14.96 14.86
CA VAL B 29 -9.27 -16.19 14.77
C VAL B 29 -8.99 -16.76 16.16
N TYR B 30 -8.88 -18.07 16.25
CA TYR B 30 -8.62 -18.72 17.53
C TYR B 30 -8.34 -20.21 17.34
N GLN B 31 -7.12 -20.53 16.93
CA GLN B 31 -6.74 -21.93 16.71
C GLN B 31 -6.08 -22.50 17.96
N ALA B 32 -5.79 -23.80 17.91
CA ALA B 32 -5.16 -24.46 19.06
C ALA B 32 -3.64 -24.27 19.02
N SER B 33 -2.94 -25.01 19.86
CA SER B 33 -1.49 -24.90 19.92
C SER B 33 -0.85 -26.29 19.90
N THR B 34 -0.37 -26.71 18.73
CA THR B 34 0.27 -28.01 18.60
C THR B 34 1.21 -28.02 17.41
N LEU B 35 2.36 -28.69 17.58
CA LEU B 35 3.34 -28.77 16.50
C LEU B 35 2.68 -29.23 15.20
N ASP B 36 2.94 -28.51 14.12
CA ASP B 36 2.36 -28.85 12.83
C ASP B 36 3.29 -28.41 11.70
N PRO B 37 4.55 -28.75 11.79
CA PRO B 37 5.57 -28.39 10.77
C PRO B 37 5.07 -28.69 9.34
N ALA B 38 4.28 -29.75 9.21
CA ALA B 38 3.75 -30.13 7.91
C ALA B 38 2.56 -29.25 7.54
N LEU B 39 1.50 -29.31 8.34
CA LEU B 39 0.31 -28.51 8.08
C LEU B 39 0.63 -27.03 8.19
N GLU B 40 1.41 -26.66 9.20
CA GLU B 40 1.79 -25.27 9.39
C GLU B 40 2.61 -24.76 8.22
N ARG B 41 3.76 -25.38 7.99
CA ARG B 41 4.63 -24.98 6.89
C ARG B 41 3.86 -24.99 5.57
N GLU B 42 3.10 -26.05 5.34
CA GLU B 42 2.32 -26.16 4.11
C GLU B 42 1.23 -25.10 4.06
N ARG B 43 0.65 -24.81 5.23
CA ARG B 43 -0.41 -23.81 5.31
C ARG B 43 0.06 -22.48 4.73
N LEU B 44 1.27 -22.08 5.10
CA LEU B 44 1.83 -20.82 4.62
C LEU B 44 2.08 -20.89 3.12
N THR B 45 2.78 -21.93 2.68
CA THR B 45 3.09 -22.10 1.26
C THR B 45 1.81 -22.01 0.43
N GLY B 46 0.78 -22.72 0.86
CA GLY B 46 -0.49 -22.72 0.14
C GLY B 46 -1.13 -21.34 0.17
N ALA B 47 -0.91 -20.61 1.27
CA ALA B 47 -1.47 -19.27 1.41
C ALA B 47 -0.71 -18.27 0.53
N LEU B 48 0.61 -18.39 0.53
CA LEU B 48 1.44 -17.50 -0.27
C LEU B 48 1.06 -17.58 -1.74
N GLU B 49 0.89 -18.80 -2.24
CA GLU B 49 0.53 -19.00 -3.64
C GLU B 49 -0.82 -18.36 -3.94
N GLU B 50 -1.62 -18.15 -2.90
CA GLU B 50 -2.93 -17.54 -3.07
C GLU B 50 -2.86 -16.04 -2.84
N ALA B 51 -1.96 -15.62 -1.95
CA ALA B 51 -1.80 -14.20 -1.65
C ALA B 51 -0.74 -13.58 -2.55
N ALA B 52 0.39 -14.25 -2.69
CA ALA B 52 1.47 -13.75 -3.53
C ALA B 52 1.00 -13.59 -4.96
N ASN B 53 0.40 -14.65 -5.51
CA ASN B 53 -0.09 -14.62 -6.88
C ASN B 53 -1.30 -13.70 -6.99
N GLU B 54 -2.04 -13.58 -5.89
CA GLU B 54 -3.23 -12.73 -5.87
C GLU B 54 -2.83 -11.25 -5.93
N PHE B 55 -1.81 -10.89 -5.15
CA PHE B 55 -1.34 -9.52 -5.13
C PHE B 55 -0.64 -9.16 -6.43
N ARG B 56 0.07 -10.13 -7.00
CA ARG B 56 0.78 -9.91 -8.25
C ARG B 56 -0.20 -9.62 -9.38
N ARG B 57 -1.23 -10.45 -9.50
CA ARG B 57 -2.24 -10.27 -10.53
C ARG B 57 -3.15 -9.08 -10.20
N TYR B 58 -3.48 -8.94 -8.92
CA TYR B 58 -4.33 -7.84 -8.49
C TYR B 58 -3.78 -6.51 -8.97
N SER B 59 -2.56 -6.20 -8.58
CA SER B 59 -1.92 -4.95 -8.98
C SER B 59 -1.64 -4.96 -10.48
N LYS B 60 -1.02 -6.03 -10.95
CA LYS B 60 -0.70 -6.15 -12.37
C LYS B 60 -1.82 -5.57 -13.22
N ARG B 61 -3.04 -6.05 -13.00
CA ARG B 61 -4.20 -5.56 -13.74
C ARG B 61 -4.42 -4.08 -13.47
N PHE B 62 -4.38 -3.70 -12.20
CA PHE B 62 -4.58 -2.31 -11.83
C PHE B 62 -3.65 -1.40 -12.63
N ALA B 63 -2.37 -1.72 -12.62
CA ALA B 63 -1.38 -0.92 -13.34
C ALA B 63 -1.79 -0.79 -14.82
N ALA B 64 -2.27 -1.89 -15.39
CA ALA B 64 -2.69 -1.88 -16.78
C ALA B 64 -3.70 -0.76 -17.04
N GLY B 65 -4.28 -0.24 -15.96
CA GLY B 65 -5.25 0.83 -16.08
C GLY B 65 -4.91 1.99 -15.16
N ALA B 66 -4.14 1.69 -14.10
CA ALA B 66 -3.74 2.73 -13.14
C ALA B 66 -2.36 3.28 -13.51
N GLN B 67 -1.69 3.86 -12.51
CA GLN B 67 -0.36 4.42 -12.73
C GLN B 67 0.71 3.45 -12.28
N LYS B 68 1.97 3.83 -12.49
CA LYS B 68 3.10 2.98 -12.09
C LYS B 68 3.08 2.75 -10.59
N GLU B 69 2.75 3.79 -9.83
CA GLU B 69 2.71 3.69 -8.38
C GLU B 69 2.06 2.37 -7.95
N THR B 70 0.94 2.04 -8.58
CA THR B 70 0.23 0.80 -8.25
C THR B 70 1.13 -0.40 -8.50
N ALA B 71 1.55 -0.59 -9.74
CA ALA B 71 2.41 -1.72 -10.08
C ALA B 71 3.65 -1.73 -9.20
N ALA B 72 4.20 -0.55 -8.94
CA ALA B 72 5.39 -0.44 -8.10
C ALA B 72 5.12 -1.00 -6.71
N ILE B 73 3.91 -0.76 -6.20
CA ILE B 73 3.54 -1.24 -4.89
C ILE B 73 3.62 -2.77 -4.83
N PHE B 74 2.90 -3.43 -5.73
CA PHE B 74 2.89 -4.88 -5.77
C PHE B 74 4.33 -5.42 -5.87
N ASP B 75 5.06 -4.97 -6.87
CA ASP B 75 6.43 -5.41 -7.06
C ASP B 75 7.14 -5.54 -5.71
N LEU B 76 6.93 -4.57 -4.84
CA LEU B 76 7.55 -4.58 -3.51
C LEU B 76 6.86 -5.61 -2.61
N TYR B 77 5.54 -5.69 -2.73
CA TYR B 77 4.77 -6.63 -1.92
C TYR B 77 5.18 -8.07 -2.23
N SER B 78 5.14 -8.42 -3.50
CA SER B 78 5.52 -9.77 -3.94
C SER B 78 6.85 -10.17 -3.33
N HIS B 79 7.83 -9.28 -3.40
CA HIS B 79 9.15 -9.55 -2.86
C HIS B 79 9.11 -9.53 -1.33
N LEU B 80 8.19 -8.76 -0.78
CA LEU B 80 8.06 -8.66 0.68
C LEU B 80 7.53 -9.96 1.26
N LEU B 81 6.43 -10.45 0.70
CA LEU B 81 5.84 -11.71 1.18
C LEU B 81 6.61 -12.90 0.64
N SER B 82 6.97 -12.85 -0.64
CA SER B 82 7.71 -13.94 -1.27
C SER B 82 9.13 -14.00 -0.73
N ASP B 83 9.54 -12.94 -0.05
CA ASP B 83 10.89 -12.88 0.52
C ASP B 83 11.22 -14.17 1.26
N THR B 84 12.22 -14.89 0.77
CA THR B 84 12.62 -16.14 1.40
C THR B 84 12.94 -15.92 2.88
N ARG B 85 13.12 -14.66 3.26
CA ARG B 85 13.42 -14.33 4.65
C ARG B 85 12.18 -14.49 5.53
N LEU B 86 11.07 -13.88 5.08
CA LEU B 86 9.83 -13.96 5.83
C LEU B 86 9.34 -15.41 5.93
N ARG B 87 9.36 -16.10 4.80
CA ARG B 87 8.91 -17.50 4.77
C ARG B 87 9.64 -18.31 5.82
N ARG B 88 10.97 -18.29 5.76
CA ARG B 88 11.78 -19.05 6.72
C ARG B 88 11.45 -18.64 8.15
N GLU B 89 11.21 -17.34 8.35
CA GLU B 89 10.89 -16.83 9.68
C GLU B 89 9.64 -17.50 10.22
N LEU B 90 8.63 -17.66 9.38
CA LEU B 90 7.38 -18.28 9.79
C LEU B 90 7.62 -19.72 10.23
N PHE B 91 8.29 -20.48 9.39
CA PHE B 91 8.58 -21.89 9.70
C PHE B 91 9.43 -21.99 10.97
N ALA B 92 10.31 -21.02 11.16
CA ALA B 92 11.18 -21.02 12.33
C ALA B 92 10.35 -20.95 13.62
N GLU B 93 9.30 -20.14 13.60
CA GLU B 93 8.44 -19.98 14.76
C GLU B 93 7.73 -21.29 15.08
N VAL B 94 7.35 -22.03 14.04
CA VAL B 94 6.65 -23.29 14.22
C VAL B 94 7.59 -24.34 14.81
N ASP B 95 8.86 -24.28 14.44
CA ASP B 95 9.84 -25.23 14.94
C ASP B 95 9.90 -25.19 16.46
N LYS B 96 9.39 -24.10 17.04
CA LYS B 96 9.40 -23.95 18.49
C LYS B 96 8.10 -24.47 19.09
N GLY B 97 7.06 -24.49 18.27
CA GLY B 97 5.75 -24.97 18.73
C GLY B 97 4.67 -23.92 18.49
N SER B 98 5.01 -22.92 17.67
CA SER B 98 4.06 -21.84 17.37
C SER B 98 3.19 -22.22 16.17
N VAL B 99 1.99 -21.64 16.11
CA VAL B 99 1.08 -21.93 15.01
C VAL B 99 1.13 -20.81 13.97
N ALA B 100 0.79 -21.16 12.73
CA ALA B 100 0.80 -20.17 11.66
C ALA B 100 -0.15 -19.03 11.97
N GLU B 101 -1.36 -19.36 12.41
CA GLU B 101 -2.35 -18.36 12.74
C GLU B 101 -1.71 -17.22 13.52
N TRP B 102 -1.04 -17.56 14.62
CA TRP B 102 -0.39 -16.57 15.46
C TRP B 102 1.00 -16.24 14.91
N ALA B 103 1.66 -17.25 14.36
CA ALA B 103 2.99 -17.06 13.80
C ALA B 103 3.00 -15.89 12.81
N VAL B 104 2.08 -15.92 11.86
CA VAL B 104 1.99 -14.87 10.86
C VAL B 104 1.72 -13.52 11.52
N LYS B 105 0.97 -13.55 12.62
CA LYS B 105 0.64 -12.33 13.35
C LYS B 105 1.86 -11.82 14.13
N THR B 106 2.49 -12.72 14.87
CA THR B 106 3.65 -12.35 15.66
C THR B 106 4.76 -11.82 14.75
N VAL B 107 5.12 -12.61 13.75
CA VAL B 107 6.17 -12.20 12.81
C VAL B 107 5.82 -10.87 12.16
N ILE B 108 4.61 -10.79 11.60
CA ILE B 108 4.16 -9.57 10.95
C ILE B 108 4.17 -8.40 11.94
N GLU B 109 3.66 -8.65 13.14
CA GLU B 109 3.62 -7.61 14.16
C GLU B 109 5.02 -7.17 14.55
N LYS B 110 5.92 -8.15 14.70
CA LYS B 110 7.30 -7.85 15.07
C LYS B 110 7.97 -7.01 13.99
N PHE B 111 7.67 -7.31 12.73
CA PHE B 111 8.26 -6.57 11.62
C PHE B 111 7.62 -5.19 11.49
N ALA B 112 6.32 -5.13 11.78
CA ALA B 112 5.60 -3.86 11.70
C ALA B 112 6.30 -2.78 12.53
N GLU B 113 6.77 -3.17 13.72
CA GLU B 113 7.46 -2.23 14.60
C GLU B 113 8.81 -1.85 14.02
N GLN B 114 9.48 -2.81 13.40
CA GLN B 114 10.79 -2.56 12.81
C GLN B 114 10.67 -1.56 11.65
N PHE B 115 9.62 -1.72 10.85
CA PHE B 115 9.41 -0.82 9.72
C PHE B 115 9.16 0.60 10.20
N ALA B 116 8.33 0.74 11.23
CA ALA B 116 8.02 2.06 11.78
C ALA B 116 9.24 2.65 12.48
N ALA B 117 9.96 1.81 13.22
CA ALA B 117 11.15 2.26 13.93
C ALA B 117 12.00 3.17 13.04
N LEU B 118 11.98 2.90 11.74
CA LEU B 118 12.76 3.69 10.79
C LEU B 118 12.26 5.13 10.77
N SER B 119 13.15 6.05 10.39
CA SER B 119 12.79 7.46 10.33
C SER B 119 12.23 7.83 8.96
N ASP B 120 12.77 7.20 7.92
CA ASP B 120 12.31 7.47 6.57
C ASP B 120 10.79 7.35 6.48
N ASN B 121 10.10 8.47 6.64
CA ASN B 121 8.64 8.48 6.59
C ASN B 121 8.16 8.00 5.21
N TYR B 122 8.86 8.41 4.17
CA TYR B 122 8.50 8.02 2.81
C TYR B 122 8.50 6.50 2.68
N LEU B 123 9.23 5.83 3.56
CA LEU B 123 9.31 4.38 3.54
C LEU B 123 8.74 3.79 4.82
N LYS B 124 9.28 4.22 5.96
CA LYS B 124 8.81 3.72 7.24
C LYS B 124 7.31 3.47 7.21
N GLU B 125 6.59 4.32 6.49
CA GLU B 125 5.15 4.18 6.37
C GLU B 125 4.77 2.77 5.95
N ARG B 126 5.63 2.16 5.13
CA ARG B 126 5.39 0.79 4.66
C ARG B 126 4.78 -0.05 5.77
N ALA B 127 5.20 0.21 7.01
CA ALA B 127 4.69 -0.54 8.15
C ALA B 127 3.22 -0.86 7.96
N GLY B 128 2.43 0.16 7.65
CA GLY B 128 0.99 -0.03 7.43
C GLY B 128 0.75 -1.09 6.38
N ASP B 129 1.56 -1.07 5.32
CA ASP B 129 1.42 -2.05 4.24
C ASP B 129 1.67 -3.46 4.76
N LEU B 130 2.76 -3.62 5.50
CA LEU B 130 3.11 -4.92 6.05
C LEU B 130 1.95 -5.48 6.87
N ARG B 131 1.43 -4.67 7.79
CA ARG B 131 0.31 -5.09 8.62
C ARG B 131 -0.90 -5.44 7.76
N ALA B 132 -1.14 -4.62 6.73
CA ALA B 132 -2.26 -4.84 5.83
C ALA B 132 -2.10 -6.17 5.10
N LEU B 133 -0.88 -6.48 4.71
CA LEU B 133 -0.59 -7.73 4.01
C LEU B 133 -0.90 -8.92 4.91
N GLY B 134 -0.51 -8.82 6.17
CA GLY B 134 -0.77 -9.90 7.12
C GLY B 134 -2.24 -10.27 7.15
N GLN B 135 -3.09 -9.26 7.27
CA GLN B 135 -4.54 -9.48 7.30
C GLN B 135 -4.98 -10.26 6.07
N ARG B 136 -4.43 -9.90 4.92
CA ARG B 136 -4.77 -10.57 3.67
C ARG B 136 -4.30 -12.02 3.70
N LEU B 137 -3.06 -12.22 4.16
CA LEU B 137 -2.50 -13.56 4.25
C LEU B 137 -3.26 -14.39 5.26
N LEU B 138 -3.69 -13.76 6.34
CA LEU B 138 -4.43 -14.45 7.39
C LEU B 138 -5.79 -14.88 6.87
N PHE B 139 -6.39 -14.06 6.02
CA PHE B 139 -7.70 -14.38 5.46
C PHE B 139 -7.61 -15.63 4.58
N HIS B 140 -6.56 -15.71 3.78
CA HIS B 140 -6.38 -16.87 2.90
C HIS B 140 -5.98 -18.10 3.71
N LEU B 141 -5.31 -17.86 4.83
CA LEU B 141 -4.88 -18.95 5.69
C LEU B 141 -6.01 -19.94 5.92
N ASP B 142 -7.25 -19.48 5.70
CA ASP B 142 -8.42 -20.32 5.88
C ASP B 142 -9.04 -20.68 4.53
N ASP B 143 -9.01 -21.97 4.21
CA ASP B 143 -9.56 -22.44 2.95
C ASP B 143 -10.93 -21.81 2.69
N ALA B 144 -11.45 -21.12 3.70
CA ALA B 144 -12.75 -20.47 3.58
C ALA B 144 -12.61 -19.13 2.87
N ASN B 145 -11.39 -18.60 2.83
CA ASN B 145 -11.13 -17.32 2.19
C ASN B 145 -11.91 -16.20 2.88
N GLN B 146 -13.23 -16.25 2.77
CA GLN B 146 -14.06 -15.23 3.41
C GLN B 146 -14.16 -13.99 2.53
N GLY B 147 -15.16 -13.16 2.79
CA GLY B 147 -15.35 -11.93 2.01
C GLY B 147 -16.83 -11.73 1.69
N PRO B 148 -17.61 -11.40 2.67
CA PRO B 148 -19.07 -11.17 2.49
C PRO B 148 -19.36 -9.83 1.81
N ASN B 149 -18.36 -8.96 1.78
CA ASN B 149 -18.51 -7.65 1.16
C ASN B 149 -18.94 -7.80 -0.30
N ALA B 150 -20.16 -7.37 -0.60
CA ALA B 150 -20.68 -7.46 -1.97
C ALA B 150 -19.92 -6.50 -2.89
N TRP B 151 -20.22 -6.58 -4.18
CA TRP B 151 -19.56 -5.72 -5.15
C TRP B 151 -20.59 -4.92 -5.95
N PRO B 152 -21.32 -4.06 -5.27
CA PRO B 152 -22.36 -3.20 -5.92
C PRO B 152 -21.85 -2.56 -7.21
N GLU B 153 -22.79 -2.18 -8.07
CA GLU B 153 -22.43 -1.54 -9.34
C GLU B 153 -22.10 -0.07 -9.12
N ARG B 154 -22.48 0.46 -7.97
CA ARG B 154 -22.21 1.86 -7.66
C ARG B 154 -22.20 2.08 -6.15
N PHE B 155 -21.03 2.45 -5.62
CA PHE B 155 -20.90 2.69 -4.19
C PHE B 155 -19.75 3.65 -3.91
N ILE B 156 -19.70 4.17 -2.69
CA ILE B 156 -18.64 5.11 -2.31
C ILE B 156 -17.82 4.55 -1.16
N LEU B 157 -16.51 4.73 -1.23
CA LEU B 157 -15.62 4.24 -0.18
C LEU B 157 -15.55 5.23 0.97
N VAL B 158 -15.90 4.78 2.16
CA VAL B 158 -15.86 5.65 3.34
C VAL B 158 -14.97 5.05 4.42
N ALA B 159 -13.70 5.41 4.39
CA ALA B 159 -12.74 4.90 5.38
C ALA B 159 -12.02 6.05 6.07
N ASP B 160 -11.69 5.86 7.33
CA ASP B 160 -10.99 6.88 8.10
C ASP B 160 -9.61 7.15 7.53
N GLU B 161 -9.02 6.11 6.94
CA GLU B 161 -7.69 6.24 6.35
C GLU B 161 -7.60 5.47 5.03
N LEU B 162 -7.19 6.17 3.98
CA LEU B 162 -7.08 5.54 2.67
C LEU B 162 -5.87 4.62 2.62
N SER B 163 -6.10 3.34 2.32
CA SER B 163 -5.03 2.37 2.24
C SER B 163 -4.98 1.73 0.86
N ALA B 164 -3.85 1.90 0.18
CA ALA B 164 -3.68 1.34 -1.16
C ALA B 164 -3.86 -0.17 -1.13
N THR B 165 -3.22 -0.82 -0.16
CA THR B 165 -3.32 -2.27 -0.03
C THR B 165 -4.77 -2.71 0.11
N THR B 166 -5.56 -1.90 0.81
CA THR B 166 -6.97 -2.20 1.02
C THR B 166 -7.74 -2.09 -0.30
N LEU B 167 -7.47 -1.01 -1.03
CA LEU B 167 -8.15 -0.79 -2.30
C LEU B 167 -8.02 -2.01 -3.19
N ALA B 168 -6.86 -2.67 -3.13
CA ALA B 168 -6.62 -3.86 -3.94
C ALA B 168 -7.60 -4.97 -3.56
N GLU B 169 -8.69 -4.59 -2.91
CA GLU B 169 -9.69 -5.58 -2.50
C GLU B 169 -10.98 -5.40 -3.30
N LEU B 170 -11.44 -4.16 -3.41
CA LEU B 170 -12.65 -3.86 -4.16
C LEU B 170 -12.32 -3.32 -5.55
N PRO B 171 -12.76 -3.99 -6.57
CA PRO B 171 -12.51 -3.58 -7.98
C PRO B 171 -12.79 -2.10 -8.20
N GLN B 172 -11.93 -1.45 -8.97
CA GLN B 172 -12.10 -0.03 -9.26
C GLN B 172 -13.33 0.21 -10.13
N ASP B 173 -13.90 -0.89 -10.63
CA ASP B 173 -15.08 -0.80 -11.49
C ASP B 173 -16.28 -0.30 -10.68
N ARG B 174 -16.39 -0.78 -9.45
CA ARG B 174 -17.51 -0.38 -8.59
C ARG B 174 -17.16 0.90 -7.84
N LEU B 175 -15.87 1.23 -7.81
CA LEU B 175 -15.42 2.44 -7.11
C LEU B 175 -15.80 3.69 -7.91
N VAL B 176 -16.83 4.38 -7.44
CA VAL B 176 -17.28 5.60 -8.11
C VAL B 176 -17.19 6.80 -7.17
N GLY B 177 -16.25 6.73 -6.22
CA GLY B 177 -16.07 7.81 -5.27
C GLY B 177 -15.52 7.30 -3.95
N VAL B 178 -14.84 8.17 -3.21
CA VAL B 178 -14.27 7.78 -1.93
C VAL B 178 -14.09 9.00 -1.03
N VAL B 179 -14.11 8.78 0.27
CA VAL B 179 -13.95 9.87 1.23
C VAL B 179 -13.26 9.38 2.50
N VAL B 180 -12.37 10.22 3.03
CA VAL B 180 -11.64 9.85 4.24
C VAL B 180 -11.67 10.99 5.25
N ARG B 181 -11.45 10.67 6.52
CA ARG B 181 -11.45 11.68 7.57
C ARG B 181 -10.09 11.77 8.24
N ASP B 182 -9.15 10.97 7.75
CA ASP B 182 -7.80 10.96 8.31
C ASP B 182 -6.76 10.76 7.21
N GLY B 183 -7.00 9.77 6.36
CA GLY B 183 -6.07 9.48 5.27
C GLY B 183 -5.71 10.76 4.51
N ALA B 184 -5.11 11.72 5.21
CA ALA B 184 -4.72 12.97 4.59
C ALA B 184 -4.12 12.72 3.22
N ALA B 185 -4.14 13.76 2.38
CA ALA B 185 -3.59 13.65 1.03
C ALA B 185 -2.07 13.56 1.08
N ASN B 186 -1.56 12.96 2.14
CA ASN B 186 -0.12 12.81 2.31
C ASN B 186 0.29 11.34 2.17
N SER B 187 -0.69 10.46 2.22
CA SER B 187 -0.43 9.03 2.11
C SER B 187 -0.23 8.63 0.65
N GLN B 188 0.54 7.57 0.42
CA GLN B 188 0.80 7.11 -0.93
C GLN B 188 -0.50 6.69 -1.61
N ALA B 189 -1.41 6.11 -0.83
CA ALA B 189 -2.69 5.66 -1.36
C ALA B 189 -3.48 6.84 -1.92
N ALA B 190 -3.48 7.95 -1.18
CA ALA B 190 -4.19 9.15 -1.60
C ALA B 190 -3.64 9.65 -2.93
N ILE B 191 -2.32 9.60 -3.08
CA ILE B 191 -1.68 10.06 -4.30
C ILE B 191 -2.04 9.14 -5.47
N MET B 192 -2.14 7.84 -5.19
CA MET B 192 -2.49 6.88 -6.23
C MET B 192 -3.87 7.16 -6.78
N VAL B 193 -4.84 7.30 -5.89
CA VAL B 193 -6.21 7.57 -6.30
C VAL B 193 -6.31 8.93 -6.98
N ARG B 194 -5.66 9.92 -6.39
CA ARG B 194 -5.68 11.27 -6.95
C ARG B 194 -5.14 11.27 -8.37
N ALA B 195 -4.03 10.57 -8.58
CA ALA B 195 -3.42 10.51 -9.90
C ALA B 195 -4.28 9.68 -10.84
N LEU B 196 -5.09 8.80 -10.27
CA LEU B 196 -5.97 7.94 -11.07
C LEU B 196 -7.08 8.77 -11.71
N GLY B 197 -7.46 9.86 -11.05
CA GLY B 197 -8.52 10.72 -11.56
C GLY B 197 -9.87 10.36 -10.96
N ILE B 198 -9.84 9.82 -9.74
CA ILE B 198 -11.08 9.44 -9.07
C ILE B 198 -11.41 10.41 -7.94
N PRO B 199 -12.60 10.93 -7.94
CA PRO B 199 -13.06 11.91 -6.91
C PRO B 199 -12.73 11.44 -5.50
N THR B 200 -12.03 12.29 -4.74
CA THR B 200 -11.66 11.95 -3.37
C THR B 200 -11.77 13.18 -2.47
N VAL B 201 -12.37 12.99 -1.30
CA VAL B 201 -12.53 14.09 -0.35
C VAL B 201 -11.84 13.76 0.97
N MET B 202 -11.43 14.81 1.68
CA MET B 202 -10.75 14.62 2.95
C MET B 202 -11.30 15.58 4.00
N GLY B 203 -11.21 15.19 5.27
CA GLY B 203 -11.71 16.04 6.35
C GLY B 203 -13.12 15.63 6.76
N ALA B 204 -13.71 14.71 6.00
CA ALA B 204 -15.06 14.25 6.29
C ALA B 204 -15.19 13.85 7.75
N ASP B 205 -15.93 14.66 8.51
CA ASP B 205 -16.12 14.39 9.93
C ASP B 205 -17.51 13.82 10.18
N ILE B 206 -18.08 13.18 9.16
CA ILE B 206 -19.42 12.61 9.28
C ILE B 206 -19.33 11.10 9.50
N GLN B 207 -19.94 10.62 10.57
CA GLN B 207 -19.93 9.20 10.88
C GLN B 207 -20.76 8.42 9.86
N PRO B 208 -20.17 7.44 9.24
CA PRO B 208 -20.87 6.60 8.22
C PRO B 208 -21.85 5.64 8.86
N SER B 209 -21.84 5.56 10.18
CA SER B 209 -22.74 4.66 10.90
C SER B 209 -24.19 5.09 10.68
N VAL B 210 -24.41 6.39 10.60
CA VAL B 210 -25.76 6.92 10.40
C VAL B 210 -26.13 6.88 8.92
N LEU B 211 -25.17 7.23 8.07
CA LEU B 211 -25.42 7.23 6.63
C LEU B 211 -25.33 5.81 6.07
N HIS B 212 -24.11 5.29 5.97
CA HIS B 212 -23.91 3.95 5.45
C HIS B 212 -24.45 3.83 4.03
N ARG B 213 -25.60 3.18 3.89
CA ARG B 213 -26.21 3.01 2.57
C ARG B 213 -26.91 4.29 2.14
N ARG B 214 -26.86 5.31 2.99
CA ARG B 214 -27.50 6.58 2.69
C ARG B 214 -26.82 7.24 1.49
N THR B 215 -27.50 8.22 0.89
CA THR B 215 -26.96 8.92 -0.26
C THR B 215 -25.82 9.83 0.15
N LEU B 216 -24.68 9.71 -0.53
CA LEU B 216 -23.52 10.53 -0.22
C LEU B 216 -22.96 11.15 -1.50
N ILE B 217 -23.14 12.45 -1.64
CA ILE B 217 -22.65 13.16 -2.83
C ILE B 217 -21.34 13.90 -2.50
N VAL B 218 -20.25 13.41 -3.09
CA VAL B 218 -18.94 14.03 -2.87
C VAL B 218 -18.61 14.99 -4.00
N ASP B 219 -17.91 16.07 -3.68
CA ASP B 219 -17.53 17.05 -4.69
C ASP B 219 -16.06 17.46 -4.52
N GLY B 220 -15.16 16.63 -5.05
CA GLY B 220 -13.74 16.92 -4.96
C GLY B 220 -13.45 18.37 -5.34
N TYR B 221 -14.01 18.81 -6.45
CA TYR B 221 -13.81 20.18 -6.92
C TYR B 221 -13.83 21.15 -5.76
N ARG B 222 -14.89 21.08 -4.94
CA ARG B 222 -15.03 21.95 -3.79
C ARG B 222 -14.92 21.15 -2.50
N GLY B 223 -14.55 19.88 -2.62
CA GLY B 223 -14.41 19.01 -1.45
C GLY B 223 -15.54 19.25 -0.46
N GLU B 224 -16.79 19.12 -0.95
CA GLU B 224 -17.95 19.33 -0.09
C GLU B 224 -18.79 18.06 -0.04
N LEU B 225 -19.51 17.88 1.06
CA LEU B 225 -20.37 16.71 1.23
C LEU B 225 -21.81 17.12 1.45
N LEU B 226 -22.71 16.58 0.62
CA LEU B 226 -24.12 16.89 0.74
C LEU B 226 -24.92 15.67 1.19
N VAL B 227 -26.01 15.92 1.89
CA VAL B 227 -26.85 14.83 2.37
C VAL B 227 -28.25 14.91 1.78
N ASP B 228 -28.53 14.07 0.79
CA ASP B 228 -29.83 14.06 0.14
C ASP B 228 -30.70 15.20 0.68
N PRO B 229 -30.20 16.40 0.62
CA PRO B 229 -30.93 17.60 1.11
C PRO B 229 -32.37 17.65 0.57
N GLU B 230 -32.98 18.83 0.64
CA GLU B 230 -34.35 19.00 0.17
C GLU B 230 -34.41 18.85 -1.35
N PRO B 231 -35.17 17.91 -1.83
CA PRO B 231 -35.33 17.66 -3.28
C PRO B 231 -35.57 18.95 -4.07
N VAL B 232 -36.32 19.87 -3.47
CA VAL B 232 -36.62 21.14 -4.12
C VAL B 232 -35.39 22.03 -4.15
N LEU B 233 -34.67 22.07 -3.04
CA LEU B 233 -33.47 22.90 -2.95
C LEU B 233 -32.44 22.46 -3.98
N LEU B 234 -32.30 21.14 -4.16
CA LEU B 234 -31.35 20.61 -5.12
C LEU B 234 -31.86 20.81 -6.55
N GLN B 235 -33.17 20.98 -6.68
CA GLN B 235 -33.78 21.17 -8.00
C GLN B 235 -33.34 22.51 -8.59
N GLU B 236 -33.56 23.59 -7.84
CA GLU B 236 -33.18 24.92 -8.31
C GLU B 236 -31.67 25.09 -8.30
N TYR B 237 -31.03 24.52 -7.29
CA TYR B 237 -29.58 24.62 -7.17
C TYR B 237 -28.91 24.31 -8.50
N GLN B 238 -29.28 23.18 -9.10
CA GLN B 238 -28.71 22.78 -10.37
C GLN B 238 -29.05 23.80 -11.46
N ARG B 239 -30.22 24.43 -11.33
CA ARG B 239 -30.65 25.42 -12.30
C ARG B 239 -29.97 26.76 -12.05
N LEU B 240 -29.69 27.04 -10.78
CA LEU B 240 -29.04 28.29 -10.41
C LEU B 240 -27.60 28.30 -10.89
N ILE B 241 -26.87 27.23 -10.59
CA ILE B 241 -25.47 27.13 -11.00
C ILE B 241 -25.36 27.06 -12.52
N SER B 242 -26.32 26.39 -13.15
CA SER B 242 -26.32 26.26 -14.60
C SER B 242 -26.78 27.56 -15.27
N GLU B 243 -27.40 28.43 -14.47
CA GLU B 243 -27.88 29.70 -14.99
C GLU B 243 -26.72 30.56 -15.47
N GLU B 244 -25.95 31.10 -14.53
CA GLU B 244 -24.81 31.94 -14.87
C GLU B 244 -24.24 32.61 -13.62
N ILE B 245 -24.69 32.15 -12.46
CA ILE B 245 -24.22 32.70 -11.20
C ILE B 245 -22.81 32.20 -10.88
N GLU B 246 -21.89 32.42 -11.82
CA GLU B 246 -20.51 31.98 -11.62
C GLU B 246 -19.55 33.15 -11.75
N LEU B 247 -18.93 33.53 -10.65
CA LEU B 247 -17.99 34.65 -10.64
C LEU B 247 -16.63 34.20 -11.15
N SER B 248 -16.40 32.88 -11.13
CA SER B 248 -15.13 32.34 -11.60
C SER B 248 -15.36 31.30 -12.68
N ARG B 249 -15.71 30.08 -12.27
CA ARG B 249 -15.95 29.00 -13.22
C ARG B 249 -17.15 28.17 -12.78
N LEU B 250 -17.41 28.14 -11.47
CA LEU B 250 -18.53 27.39 -10.93
C LEU B 250 -19.20 28.16 -9.80
N ALA B 251 -19.21 27.57 -8.61
CA ALA B 251 -19.82 28.21 -7.45
C ALA B 251 -20.02 27.20 -6.33
N GLU B 252 -21.09 26.42 -6.42
CA GLU B 252 -21.37 25.41 -5.40
C GLU B 252 -21.42 26.06 -4.01
N ASP B 253 -22.40 26.94 -3.82
CA ASP B 253 -22.55 27.62 -2.54
C ASP B 253 -24.02 27.87 -2.23
N ASP B 254 -24.28 28.67 -1.21
CA ASP B 254 -25.65 28.97 -0.82
C ASP B 254 -26.44 29.51 -2.01
N VAL B 255 -27.70 29.10 -2.11
CA VAL B 255 -28.56 29.54 -3.21
C VAL B 255 -28.70 31.05 -3.20
N ASN B 256 -29.18 31.59 -2.08
CA ASN B 256 -29.37 33.04 -1.96
C ASN B 256 -28.02 33.73 -1.83
N MET A 1 37.52 -12.28 -6.93
CA MET A 1 37.26 -11.67 -5.59
C MET A 1 36.00 -10.79 -5.67
N THR A 2 35.68 -10.14 -4.56
CA THR A 2 34.50 -9.27 -4.52
C THR A 2 34.81 -7.90 -5.11
N VAL A 3 33.78 -7.19 -5.54
CA VAL A 3 33.96 -5.88 -6.12
C VAL A 3 32.97 -4.88 -5.52
N LYS A 4 33.49 -3.85 -4.86
CA LYS A 4 32.63 -2.84 -4.24
C LYS A 4 33.02 -1.45 -4.71
N GLN A 5 32.20 -0.46 -4.36
CA GLN A 5 32.48 0.92 -4.75
C GLN A 5 31.72 1.89 -3.85
N THR A 6 32.42 2.92 -3.38
CA THR A 6 31.79 3.91 -2.50
C THR A 6 30.98 4.90 -3.32
N VAL A 7 29.73 5.12 -2.92
CA VAL A 7 28.85 6.05 -3.62
C VAL A 7 28.20 7.01 -2.63
N GLU A 8 28.36 8.30 -2.88
CA GLU A 8 27.79 9.32 -2.01
C GLU A 8 26.31 9.55 -2.35
N ILE A 9 25.45 9.41 -1.36
CA ILE A 9 24.02 9.61 -1.58
C ILE A 9 23.64 11.08 -1.39
N THR A 10 23.38 11.76 -2.49
CA THR A 10 23.02 13.18 -2.44
C THR A 10 21.52 13.33 -2.14
N ASN A 11 21.09 12.75 -1.02
CA ASN A 11 19.69 12.83 -0.64
C ASN A 11 18.81 12.13 -1.67
N LYS A 12 19.40 11.19 -2.42
CA LYS A 12 18.67 10.45 -3.43
C LYS A 12 19.45 9.22 -3.86
N LEU A 13 19.02 8.05 -3.38
CA LEU A 13 19.69 6.81 -3.72
C LEU A 13 19.51 6.50 -5.20
N GLY A 14 18.77 7.36 -5.90
CA GLY A 14 18.53 7.16 -7.32
C GLY A 14 17.15 7.68 -7.72
N MET A 15 16.11 6.93 -7.38
CA MET A 15 14.75 7.32 -7.69
C MET A 15 13.83 7.13 -6.49
N HIS A 16 12.53 7.14 -6.74
CA HIS A 16 11.56 6.97 -5.66
C HIS A 16 11.84 5.68 -4.89
N ALA A 17 12.50 4.74 -5.56
CA ALA A 17 12.82 3.45 -4.92
C ALA A 17 12.98 2.36 -5.98
N ARG A 18 12.82 2.74 -7.24
CA ARG A 18 12.94 1.79 -8.34
C ARG A 18 14.29 1.08 -8.28
N PRO A 19 15.34 1.82 -8.06
CA PRO A 19 16.72 1.25 -7.96
C PRO A 19 16.80 0.05 -7.03
N ALA A 20 16.24 0.19 -5.84
CA ALA A 20 16.24 -0.90 -4.86
C ALA A 20 15.38 -2.05 -5.35
N MET A 21 14.23 -1.72 -5.92
CA MET A 21 13.32 -2.75 -6.43
C MET A 21 13.92 -3.45 -7.65
N LYS A 22 14.53 -2.66 -8.53
CA LYS A 22 15.14 -3.21 -9.74
C LYS A 22 16.29 -4.14 -9.36
N LEU A 23 17.03 -3.78 -8.33
CA LEU A 23 18.16 -4.58 -7.88
C LEU A 23 17.76 -6.05 -7.74
N PHE A 24 16.59 -6.27 -7.14
CA PHE A 24 16.10 -7.63 -6.95
C PHE A 24 15.97 -8.35 -8.30
N GLU A 25 15.55 -7.61 -9.31
CA GLU A 25 15.39 -8.19 -10.64
C GLU A 25 16.74 -8.39 -11.31
N LEU A 26 17.67 -7.48 -11.03
CA LEU A 26 19.01 -7.57 -11.62
C LEU A 26 19.76 -8.77 -11.04
N MET A 27 19.59 -9.00 -9.75
CA MET A 27 20.26 -10.11 -9.09
C MET A 27 19.84 -11.44 -9.72
N GLN A 28 18.64 -11.48 -10.28
CA GLN A 28 18.14 -12.68 -10.92
C GLN A 28 18.58 -12.74 -12.38
N GLY A 29 18.77 -11.58 -12.98
CA GLY A 29 19.20 -11.50 -14.37
C GLY A 29 20.72 -11.60 -14.48
N PHE A 30 21.41 -11.20 -13.42
CA PHE A 30 22.86 -11.25 -13.41
C PHE A 30 23.37 -12.17 -12.30
N ASP A 31 24.38 -12.96 -12.62
CA ASP A 31 24.95 -13.89 -11.64
C ASP A 31 25.90 -13.16 -10.70
N ALA A 32 25.48 -13.02 -9.45
CA ALA A 32 26.30 -12.34 -8.46
C ALA A 32 25.44 -11.81 -7.31
N GLU A 33 26.02 -11.75 -6.12
CA GLU A 33 25.30 -11.27 -4.94
C GLU A 33 25.65 -9.82 -4.66
N VAL A 34 24.63 -8.97 -4.55
CA VAL A 34 24.84 -7.56 -4.28
C VAL A 34 24.51 -7.23 -2.84
N LEU A 35 25.38 -6.47 -2.19
CA LEU A 35 25.16 -6.10 -0.79
C LEU A 35 25.47 -4.62 -0.57
N LEU A 36 24.61 -3.95 0.18
CA LEU A 36 24.79 -2.52 0.45
C LEU A 36 25.22 -2.31 1.90
N ARG A 37 25.99 -1.26 2.14
CA ARG A 37 26.46 -0.96 3.49
C ARG A 37 26.60 0.54 3.68
N ASN A 38 26.10 1.04 4.81
CA ASN A 38 26.18 2.46 5.11
C ASN A 38 27.45 2.79 5.88
N ASP A 39 27.89 4.04 5.78
CA ASP A 39 29.11 4.47 6.47
C ASP A 39 29.04 4.11 7.95
N GLU A 40 27.82 4.03 8.48
CA GLU A 40 27.62 3.69 9.89
C GLU A 40 28.03 2.25 10.15
N GLY A 41 28.27 1.50 9.09
CA GLY A 41 28.67 0.10 9.22
C GLY A 41 27.44 -0.81 9.21
N THR A 42 26.30 -0.25 8.82
CA THR A 42 25.06 -1.02 8.76
C THR A 42 24.94 -1.74 7.43
N GLU A 43 24.93 -3.07 7.48
CA GLU A 43 24.83 -3.87 6.26
C GLU A 43 23.39 -3.90 5.77
N ALA A 44 23.11 -3.12 4.71
CA ALA A 44 21.77 -3.07 4.15
C ALA A 44 21.59 -4.13 3.07
N GLU A 45 21.66 -5.39 3.47
CA GLU A 45 21.51 -6.49 2.52
C GLU A 45 20.40 -6.19 1.52
N ALA A 46 20.76 -6.18 0.24
CA ALA A 46 19.80 -5.90 -0.82
C ALA A 46 18.71 -6.97 -0.85
N ASN A 47 18.92 -8.04 -0.09
CA ASN A 47 17.95 -9.13 -0.03
C ASN A 47 17.08 -9.01 1.21
N SER A 48 16.92 -7.79 1.70
CA SER A 48 16.09 -7.56 2.89
C SER A 48 15.38 -6.21 2.78
N VAL A 49 14.06 -6.25 2.93
CA VAL A 49 13.25 -5.04 2.84
C VAL A 49 13.59 -4.10 3.99
N ILE A 50 13.88 -4.67 5.16
CA ILE A 50 14.22 -3.87 6.32
C ILE A 50 15.48 -3.05 6.07
N ALA A 51 16.42 -3.62 5.31
CA ALA A 51 17.66 -2.93 5.00
C ALA A 51 17.39 -1.73 4.10
N LEU A 52 16.52 -1.91 3.13
CA LEU A 52 16.18 -0.83 2.21
C LEU A 52 15.62 0.36 2.96
N LEU A 53 14.82 0.09 3.99
CA LEU A 53 14.23 1.16 4.79
C LEU A 53 15.30 1.93 5.53
N MET A 54 16.35 1.22 5.97
CA MET A 54 17.44 1.85 6.70
C MET A 54 18.25 2.76 5.78
N LEU A 55 18.40 2.34 4.52
CA LEU A 55 19.15 3.11 3.55
C LEU A 55 18.47 4.46 3.30
N ASP A 56 17.14 4.46 3.32
CA ASP A 56 16.39 5.68 3.09
C ASP A 56 16.86 6.79 4.02
N SER A 57 17.23 6.41 5.25
CA SER A 57 17.69 7.38 6.23
C SER A 57 19.13 7.81 5.92
N ALA A 58 19.73 7.17 4.93
CA ALA A 58 21.10 7.50 4.53
C ALA A 58 21.10 8.70 3.59
N LYS A 59 20.11 9.56 3.73
CA LYS A 59 20.01 10.74 2.87
C LYS A 59 21.13 11.72 3.20
N GLY A 60 22.20 11.68 2.40
CA GLY A 60 23.33 12.58 2.62
C GLY A 60 24.50 11.83 3.23
N ARG A 61 24.35 10.51 3.37
CA ARG A 61 25.41 9.69 3.96
C ARG A 61 26.11 8.88 2.87
N GLN A 62 27.28 8.34 3.20
CA GLN A 62 28.04 7.54 2.25
C GLN A 62 27.80 6.05 2.49
N ILE A 63 27.73 5.29 1.39
CA ILE A 63 27.49 3.85 1.50
C ILE A 63 28.53 3.09 0.67
N GLU A 64 28.66 1.80 0.95
CA GLU A 64 29.62 0.97 0.23
C GLU A 64 28.92 -0.23 -0.40
N VAL A 65 28.67 -0.14 -1.71
CA VAL A 65 28.00 -1.23 -2.42
C VAL A 65 28.99 -2.32 -2.80
N GLU A 66 28.67 -3.56 -2.42
CA GLU A 66 29.55 -4.69 -2.73
C GLU A 66 28.82 -5.72 -3.59
N ALA A 67 29.53 -6.27 -4.56
CA ALA A 67 28.94 -7.26 -5.45
C ALA A 67 29.91 -8.41 -5.70
N THR A 68 29.43 -9.63 -5.56
CA THR A 68 30.26 -10.81 -5.77
C THR A 68 29.65 -11.72 -6.82
N GLY A 69 30.45 -12.10 -7.81
CA GLY A 69 29.97 -12.98 -8.88
C GLY A 69 30.55 -12.56 -10.23
N PRO A 70 30.52 -13.45 -11.18
CA PRO A 70 31.04 -13.19 -12.56
C PRO A 70 30.56 -11.85 -13.10
N GLN A 71 29.27 -11.58 -12.95
CA GLN A 71 28.70 -10.32 -13.43
C GLN A 71 28.71 -9.26 -12.32
N GLU A 72 29.33 -9.60 -11.20
CA GLU A 72 29.41 -8.68 -10.07
C GLU A 72 29.59 -7.25 -10.57
N GLU A 73 30.37 -7.09 -11.64
CA GLU A 73 30.62 -5.77 -12.21
C GLU A 73 29.33 -5.17 -12.75
N GLU A 74 28.60 -5.95 -13.53
CA GLU A 74 27.34 -5.47 -14.11
C GLU A 74 26.38 -5.03 -13.01
N ALA A 75 26.17 -5.92 -12.03
CA ALA A 75 25.27 -5.61 -10.93
C ALA A 75 25.69 -4.31 -10.24
N LEU A 76 26.97 -4.21 -9.90
CA LEU A 76 27.48 -3.01 -9.24
C LEU A 76 27.37 -1.81 -10.17
N ALA A 77 27.74 -2.00 -11.43
CA ALA A 77 27.67 -0.91 -12.41
C ALA A 77 26.23 -0.44 -12.59
N ALA A 78 25.30 -1.40 -12.65
CA ALA A 78 23.89 -1.08 -12.83
C ALA A 78 23.39 -0.24 -11.65
N VAL A 79 23.76 -0.65 -10.44
CA VAL A 79 23.34 0.07 -9.24
C VAL A 79 23.95 1.47 -9.21
N ILE A 80 25.23 1.55 -9.54
CA ILE A 80 25.93 2.84 -9.53
C ILE A 80 25.32 3.77 -10.59
N ALA A 81 25.02 3.22 -11.75
CA ALA A 81 24.42 4.01 -12.83
C ALA A 81 23.06 4.55 -12.41
N LEU A 82 22.32 3.75 -11.66
CA LEU A 82 21.00 4.16 -11.20
C LEU A 82 21.12 5.20 -10.09
N PHE A 83 22.13 5.04 -9.24
CA PHE A 83 22.35 5.97 -8.14
C PHE A 83 22.82 7.32 -8.67
N ASN A 84 23.56 7.29 -9.76
CA ASN A 84 24.07 8.52 -10.36
C ASN A 84 23.02 9.17 -11.24
N SER A 85 21.89 8.48 -11.42
CA SER A 85 20.81 8.99 -12.23
C SER A 85 21.12 8.81 -13.72
N ARG B 2 -23.23 19.02 4.18
CA ARG B 2 -23.40 20.00 5.28
C ARG B 2 -22.11 20.10 6.08
N ILE B 3 -21.12 19.30 5.69
CA ILE B 3 -19.84 19.30 6.38
C ILE B 3 -18.71 19.60 5.41
N ARG B 4 -17.85 20.54 5.79
CA ARG B 4 -16.73 20.93 4.94
C ARG B 4 -15.62 19.88 5.01
N ALA B 5 -15.05 19.54 3.86
CA ALA B 5 -13.99 18.55 3.80
C ALA B 5 -12.93 18.96 2.78
N LEU B 6 -11.72 18.44 2.95
CA LEU B 6 -10.62 18.76 2.05
C LEU B 6 -10.81 18.05 0.71
N PRO B 7 -11.03 18.81 -0.33
CA PRO B 7 -11.24 18.26 -1.70
C PRO B 7 -9.95 17.73 -2.31
N ALA B 8 -9.84 16.41 -2.39
CA ALA B 8 -8.65 15.78 -2.95
C ALA B 8 -8.76 15.68 -4.48
N ALA B 9 -9.96 15.37 -4.96
CA ALA B 9 -10.18 15.27 -6.40
C ALA B 9 -11.52 15.88 -6.78
N PRO B 10 -11.54 16.66 -7.82
CA PRO B 10 -12.78 17.33 -8.31
C PRO B 10 -13.74 16.35 -8.97
N GLY B 11 -15.03 16.54 -8.75
CA GLY B 11 -16.04 15.66 -9.33
C GLY B 11 -17.15 15.36 -8.33
N VAL B 12 -18.29 14.92 -8.84
CA VAL B 12 -19.42 14.60 -7.97
C VAL B 12 -19.81 13.13 -8.12
N ALA B 13 -20.09 12.48 -7.00
CA ALA B 13 -20.47 11.07 -7.01
C ALA B 13 -21.50 10.78 -5.92
N ILE B 14 -22.40 9.86 -6.21
CA ILE B 14 -23.44 9.49 -5.25
C ILE B 14 -23.55 7.97 -5.12
N ALA B 15 -23.61 7.49 -3.88
CA ALA B 15 -23.71 6.05 -3.63
C ALA B 15 -23.71 5.77 -2.14
N GLU B 16 -23.95 4.51 -1.78
CA GLU B 16 -23.98 4.12 -0.38
C GLU B 16 -22.57 4.09 0.20
N GLY B 17 -22.48 4.10 1.53
CA GLY B 17 -21.18 4.07 2.19
C GLY B 17 -20.77 2.65 2.52
N TRP B 18 -19.51 2.32 2.23
CA TRP B 18 -19.00 0.98 2.50
C TRP B 18 -17.82 1.04 3.46
N GLN B 19 -18.07 0.71 4.72
CA GLN B 19 -17.02 0.73 5.73
C GLN B 19 -16.00 -0.37 5.47
N ASP B 20 -14.74 -0.08 5.76
CA ASP B 20 -13.68 -1.07 5.55
C ASP B 20 -13.69 -2.11 6.66
N ALA B 21 -14.26 -3.27 6.36
CA ALA B 21 -14.34 -4.35 7.34
C ALA B 21 -12.94 -4.81 7.73
N THR B 22 -12.02 -4.77 6.78
CA THR B 22 -10.64 -5.19 7.03
C THR B 22 -10.25 -4.89 8.49
N LEU B 23 -10.18 -5.94 9.29
CA LEU B 23 -9.83 -5.78 10.70
C LEU B 23 -8.77 -6.80 11.10
N PRO B 24 -7.61 -6.34 11.46
CA PRO B 24 -6.48 -7.23 11.87
C PRO B 24 -6.70 -7.83 13.26
N LEU B 25 -7.59 -8.81 13.33
CA LEU B 25 -7.90 -9.47 14.60
C LEU B 25 -6.62 -9.73 15.38
N MET B 26 -5.48 -9.41 14.78
CA MET B 26 -4.19 -9.61 15.42
C MET B 26 -4.23 -9.13 16.87
N GLU B 27 -5.09 -8.15 17.13
CA GLU B 27 -5.22 -7.61 18.48
C GLU B 27 -6.07 -8.52 19.35
N GLN B 28 -6.97 -9.27 18.72
CA GLN B 28 -7.84 -10.18 19.45
C GLN B 28 -7.25 -11.59 19.45
N VAL B 29 -6.02 -11.71 18.97
CA VAL B 29 -5.37 -13.01 18.91
C VAL B 29 -5.74 -13.86 20.13
N TYR B 30 -5.69 -15.18 19.96
CA TYR B 30 -6.03 -16.09 21.05
C TYR B 30 -5.03 -17.25 21.11
N GLN B 31 -4.64 -17.62 22.32
CA GLN B 31 -3.70 -18.71 22.51
C GLN B 31 -4.35 -20.04 22.16
N ALA B 32 -3.59 -20.91 21.49
CA ALA B 32 -4.11 -22.22 21.10
C ALA B 32 -2.99 -23.25 21.10
N SER B 33 -3.12 -24.26 21.97
CA SER B 33 -2.11 -25.31 22.05
C SER B 33 -2.28 -26.31 20.92
N THR B 34 -1.62 -26.04 19.79
CA THR B 34 -1.71 -26.92 18.63
C THR B 34 -0.72 -26.49 17.56
N LEU B 35 0.48 -27.07 17.61
CA LEU B 35 1.52 -26.75 16.64
C LEU B 35 1.59 -27.82 15.56
N ASP B 36 2.06 -27.44 14.37
CA ASP B 36 2.17 -28.39 13.27
C ASP B 36 3.22 -27.92 12.27
N PRO B 37 4.37 -28.53 12.28
CA PRO B 37 5.49 -28.19 11.37
C PRO B 37 5.21 -28.61 9.93
N ALA B 38 4.23 -29.51 9.77
CA ALA B 38 3.87 -29.99 8.44
C ALA B 38 2.62 -29.29 7.93
N LEU B 39 1.59 -29.24 8.78
CA LEU B 39 0.35 -28.59 8.41
C LEU B 39 0.50 -27.07 8.45
N GLU B 40 1.36 -26.59 9.34
CA GLU B 40 1.60 -25.16 9.46
C GLU B 40 2.48 -24.66 8.33
N ARG B 41 3.70 -25.17 8.25
CA ARG B 41 4.63 -24.77 7.20
C ARG B 41 3.96 -24.86 5.83
N GLU B 42 3.43 -26.04 5.51
CA GLU B 42 2.76 -26.24 4.23
C GLU B 42 1.61 -25.25 4.07
N ARG B 43 0.83 -25.08 5.14
CA ARG B 43 -0.30 -24.16 5.11
C ARG B 43 0.15 -22.78 4.63
N LEU B 44 1.32 -22.36 5.08
CA LEU B 44 1.85 -21.06 4.67
C LEU B 44 2.11 -21.03 3.17
N THR B 45 2.79 -22.06 2.67
CA THR B 45 3.10 -22.14 1.25
C THR B 45 1.81 -22.05 0.43
N GLY B 46 0.81 -22.83 0.81
CA GLY B 46 -0.46 -22.83 0.11
C GLY B 46 -1.13 -21.46 0.20
N ALA B 47 -1.02 -20.83 1.36
CA ALA B 47 -1.62 -19.51 1.55
C ALA B 47 -0.87 -18.46 0.75
N LEU B 48 0.45 -18.52 0.77
CA LEU B 48 1.28 -17.57 0.04
C LEU B 48 0.97 -17.65 -1.46
N GLU B 49 0.92 -18.87 -1.98
CA GLU B 49 0.64 -19.08 -3.40
C GLU B 49 -0.71 -18.47 -3.76
N GLU B 50 -1.64 -18.50 -2.81
CA GLU B 50 -2.97 -17.95 -3.05
C GLU B 50 -2.95 -16.43 -2.91
N ALA B 51 -2.08 -15.93 -2.04
CA ALA B 51 -1.98 -14.50 -1.82
C ALA B 51 -0.92 -13.90 -2.75
N ALA B 52 0.23 -14.54 -2.83
CA ALA B 52 1.31 -14.06 -3.68
C ALA B 52 0.83 -13.89 -5.12
N ASN B 53 0.19 -14.93 -5.65
CA ASN B 53 -0.32 -14.88 -7.01
C ASN B 53 -1.51 -13.93 -7.10
N GLU B 54 -2.11 -13.64 -5.96
CA GLU B 54 -3.27 -12.74 -5.92
C GLU B 54 -2.84 -11.32 -6.30
N PHE B 55 -1.81 -10.82 -5.63
CA PHE B 55 -1.32 -9.47 -5.90
C PHE B 55 -0.70 -9.41 -7.29
N ARG B 56 0.04 -10.46 -7.66
CA ARG B 56 0.69 -10.51 -8.96
C ARG B 56 -0.32 -10.24 -10.07
N ARG B 57 -1.44 -10.96 -10.02
CA ARG B 57 -2.48 -10.78 -11.03
C ARG B 57 -3.24 -9.49 -10.80
N TYR B 58 -3.36 -9.09 -9.54
CA TYR B 58 -4.07 -7.86 -9.19
C TYR B 58 -3.36 -6.66 -9.80
N SER B 59 -2.12 -6.43 -9.39
CA SER B 59 -1.35 -5.30 -9.92
C SER B 59 -1.28 -5.36 -11.44
N LYS B 60 -0.87 -6.50 -11.97
CA LYS B 60 -0.76 -6.67 -13.41
C LYS B 60 -1.99 -6.08 -14.10
N ARG B 61 -3.15 -6.24 -13.48
CA ARG B 61 -4.39 -5.72 -14.05
C ARG B 61 -4.40 -4.20 -14.02
N PHE B 62 -3.86 -3.62 -12.94
CA PHE B 62 -3.81 -2.18 -12.80
C PHE B 62 -2.87 -1.58 -13.83
N ALA B 63 -1.71 -2.20 -14.02
CA ALA B 63 -0.74 -1.71 -14.99
C ALA B 63 -1.38 -1.55 -16.36
N ALA B 64 -2.27 -2.46 -16.70
CA ALA B 64 -2.95 -2.40 -17.99
C ALA B 64 -3.66 -1.07 -18.17
N GLY B 65 -3.72 -0.29 -17.08
CA GLY B 65 -4.37 1.01 -17.14
C GLY B 65 -4.00 1.85 -15.90
N ALA B 66 -4.89 1.84 -14.91
CA ALA B 66 -4.65 2.59 -13.69
C ALA B 66 -3.43 3.49 -13.84
N GLN B 67 -2.69 3.67 -12.75
CA GLN B 67 -1.50 4.50 -12.77
C GLN B 67 -0.24 3.64 -12.70
N LYS B 68 0.85 4.15 -13.28
CA LYS B 68 2.11 3.41 -13.28
C LYS B 68 2.61 3.20 -11.85
N GLU B 69 2.23 4.10 -10.96
CA GLU B 69 2.64 4.01 -9.56
C GLU B 69 2.19 2.69 -8.96
N THR B 70 0.94 2.33 -9.22
CA THR B 70 0.39 1.08 -8.69
C THR B 70 1.29 -0.10 -9.06
N ALA B 71 1.62 -0.21 -10.34
CA ALA B 71 2.48 -1.29 -10.79
C ALA B 71 3.79 -1.32 -10.01
N ALA B 72 4.34 -0.14 -9.75
CA ALA B 72 5.59 -0.04 -9.01
C ALA B 72 5.44 -0.68 -7.62
N ILE B 73 4.30 -0.44 -6.98
CA ILE B 73 4.05 -1.00 -5.67
C ILE B 73 4.05 -2.51 -5.71
N PHE B 74 3.34 -3.08 -6.69
CA PHE B 74 3.28 -4.53 -6.84
C PHE B 74 4.69 -5.11 -6.98
N ASP B 75 5.45 -4.59 -7.93
CA ASP B 75 6.80 -5.07 -8.17
C ASP B 75 7.55 -5.22 -6.85
N LEU B 76 7.42 -4.22 -5.98
CA LEU B 76 8.08 -4.25 -4.68
C LEU B 76 7.36 -5.21 -3.73
N TYR B 77 6.04 -5.28 -3.87
CA TYR B 77 5.24 -6.15 -3.03
C TYR B 77 5.67 -7.60 -3.19
N SER B 78 5.93 -8.00 -4.43
CA SER B 78 6.35 -9.37 -4.71
C SER B 78 7.61 -9.71 -3.93
N HIS B 79 8.54 -8.77 -3.87
CA HIS B 79 9.79 -8.99 -3.14
C HIS B 79 9.51 -9.24 -1.66
N LEU B 80 8.43 -8.65 -1.15
CA LEU B 80 8.07 -8.81 0.25
C LEU B 80 7.47 -10.20 0.48
N LEU B 81 6.43 -10.51 -0.28
CA LEU B 81 5.76 -11.80 -0.15
C LEU B 81 6.65 -12.92 -0.66
N SER B 82 7.30 -12.68 -1.80
CA SER B 82 8.19 -13.68 -2.39
C SER B 82 9.46 -13.81 -1.57
N ASP B 83 9.74 -12.81 -0.74
CA ASP B 83 10.94 -12.81 0.09
C ASP B 83 10.98 -14.08 0.94
N THR B 84 11.89 -14.99 0.60
CA THR B 84 12.03 -16.24 1.35
C THR B 84 12.30 -15.96 2.83
N ARG B 85 12.41 -14.67 3.17
CA ARG B 85 12.68 -14.28 4.54
C ARG B 85 11.43 -14.44 5.40
N LEU B 86 10.28 -14.08 4.83
CA LEU B 86 9.02 -14.19 5.54
C LEU B 86 8.65 -15.65 5.78
N ARG B 87 8.79 -16.46 4.74
CA ARG B 87 8.47 -17.88 4.84
C ARG B 87 9.30 -18.53 5.95
N ARG B 88 10.60 -18.27 5.94
CA ARG B 88 11.50 -18.84 6.94
C ARG B 88 11.19 -18.27 8.32
N GLU B 89 10.89 -16.97 8.36
CA GLU B 89 10.58 -16.31 9.63
C GLU B 89 9.37 -16.96 10.28
N LEU B 90 8.29 -17.09 9.52
CA LEU B 90 7.06 -17.69 10.05
C LEU B 90 7.32 -19.13 10.48
N PHE B 91 7.98 -19.90 9.62
CA PHE B 91 8.29 -21.29 9.93
C PHE B 91 9.13 -21.39 11.20
N ALA B 92 10.02 -20.43 11.38
CA ALA B 92 10.88 -20.42 12.57
C ALA B 92 10.05 -20.42 13.84
N GLU B 93 8.98 -19.61 13.84
CA GLU B 93 8.12 -19.52 15.01
C GLU B 93 7.40 -20.85 15.24
N VAL B 94 6.99 -21.49 14.16
CA VAL B 94 6.29 -22.77 14.27
C VAL B 94 7.20 -23.83 14.88
N ASP B 95 8.46 -23.85 14.44
CA ASP B 95 9.42 -24.83 14.96
C ASP B 95 9.55 -24.70 16.47
N LYS B 96 9.03 -23.60 17.02
CA LYS B 96 9.09 -23.36 18.46
C LYS B 96 7.83 -23.89 19.14
N GLY B 97 6.74 -23.98 18.39
CA GLY B 97 5.49 -24.46 18.93
C GLY B 97 4.38 -23.42 18.75
N SER B 98 4.53 -22.58 17.74
CA SER B 98 3.54 -21.53 17.48
C SER B 98 2.67 -21.91 16.29
N VAL B 99 1.50 -21.29 16.19
CA VAL B 99 0.58 -21.58 15.09
C VAL B 99 0.71 -20.52 14.00
N ALA B 100 0.48 -20.91 12.75
CA ALA B 100 0.56 -19.99 11.63
C ALA B 100 -0.31 -18.77 11.87
N GLU B 101 -1.54 -19.01 12.32
CA GLU B 101 -2.48 -17.92 12.58
C GLU B 101 -1.79 -16.81 13.37
N TRP B 102 -1.03 -17.20 14.38
CA TRP B 102 -0.33 -16.22 15.21
C TRP B 102 1.02 -15.86 14.59
N ALA B 103 1.59 -16.78 13.83
CA ALA B 103 2.88 -16.55 13.19
C ALA B 103 2.75 -15.46 12.14
N VAL B 104 1.72 -15.56 11.31
CA VAL B 104 1.50 -14.56 10.26
C VAL B 104 1.32 -13.17 10.86
N LYS B 105 0.57 -13.09 11.94
CA LYS B 105 0.33 -11.82 12.61
C LYS B 105 1.52 -11.43 13.47
N THR B 106 2.05 -12.41 14.22
CA THR B 106 3.20 -12.15 15.08
C THR B 106 4.38 -11.66 14.27
N VAL B 107 4.79 -12.46 13.28
CA VAL B 107 5.91 -12.10 12.43
C VAL B 107 5.67 -10.76 11.75
N ILE B 108 4.49 -10.61 11.16
CA ILE B 108 4.15 -9.37 10.47
C ILE B 108 4.22 -8.19 11.44
N GLU B 109 3.71 -8.39 12.65
CA GLU B 109 3.73 -7.33 13.66
C GLU B 109 5.16 -6.97 14.03
N LYS B 110 6.03 -7.98 14.07
CA LYS B 110 7.42 -7.75 14.41
C LYS B 110 8.10 -6.87 13.37
N PHE B 111 7.78 -7.12 12.10
CA PHE B 111 8.35 -6.34 11.02
C PHE B 111 7.66 -4.99 10.88
N ALA B 112 6.40 -4.94 11.30
CA ALA B 112 5.63 -3.70 11.24
C ALA B 112 6.28 -2.62 12.10
N GLU B 113 6.84 -3.02 13.22
CA GLU B 113 7.49 -2.07 14.13
C GLU B 113 8.87 -1.69 13.59
N GLN B 114 9.61 -2.69 13.12
CA GLN B 114 10.95 -2.44 12.59
C GLN B 114 10.88 -1.47 11.42
N PHE B 115 9.76 -1.48 10.70
CA PHE B 115 9.59 -0.59 9.56
C PHE B 115 9.17 0.80 10.03
N ALA B 116 8.39 0.85 11.09
CA ALA B 116 7.92 2.12 11.63
C ALA B 116 9.10 2.97 12.10
N ALA B 117 10.10 2.31 12.68
CA ALA B 117 11.28 3.01 13.17
C ALA B 117 11.86 3.90 12.08
N LEU B 118 11.64 3.53 10.83
CA LEU B 118 12.14 4.30 9.70
C LEU B 118 11.84 5.79 9.89
N SER B 119 12.85 6.63 9.68
CA SER B 119 12.68 8.06 9.83
C SER B 119 12.06 8.67 8.58
N ASP B 120 12.58 8.27 7.42
CA ASP B 120 12.07 8.78 6.14
C ASP B 120 10.64 8.31 5.92
N ASN B 121 9.76 9.25 5.55
CA ASN B 121 8.36 8.92 5.31
C ASN B 121 8.19 8.34 3.90
N TYR B 122 9.15 8.63 3.03
CA TYR B 122 9.09 8.13 1.66
C TYR B 122 9.03 6.60 1.64
N LEU B 123 9.71 5.98 2.60
CA LEU B 123 9.74 4.53 2.68
C LEU B 123 8.93 4.05 3.88
N LYS B 124 9.02 4.79 4.98
CA LYS B 124 8.30 4.43 6.20
C LYS B 124 6.87 4.03 5.87
N GLU B 125 6.23 4.79 4.98
CA GLU B 125 4.86 4.49 4.58
C GLU B 125 4.71 3.02 4.24
N ARG B 126 5.79 2.41 3.76
CA ARG B 126 5.77 1.00 3.40
C ARG B 126 5.08 0.18 4.48
N ALA B 127 5.24 0.60 5.73
CA ALA B 127 4.63 -0.10 6.86
C ALA B 127 3.18 -0.44 6.54
N GLY B 128 2.44 0.55 6.06
CA GLY B 128 1.04 0.34 5.72
C GLY B 128 0.86 -0.91 4.86
N ASP B 129 1.77 -1.08 3.89
CA ASP B 129 1.72 -2.24 3.01
C ASP B 129 2.00 -3.52 3.79
N LEU B 130 2.95 -3.45 4.72
CA LEU B 130 3.31 -4.60 5.52
C LEU B 130 2.11 -5.06 6.35
N ARG B 131 1.56 -4.15 7.14
CA ARG B 131 0.41 -4.48 7.98
C ARG B 131 -0.71 -5.07 7.12
N ALA B 132 -0.94 -4.48 5.96
CA ALA B 132 -1.98 -4.95 5.07
C ALA B 132 -1.64 -6.36 4.55
N LEU B 133 -0.35 -6.59 4.31
CA LEU B 133 0.10 -7.89 3.82
C LEU B 133 -0.32 -8.99 4.78
N GLY B 134 -0.15 -8.74 6.08
CA GLY B 134 -0.52 -9.72 7.08
C GLY B 134 -2.03 -9.97 7.07
N GLN B 135 -2.79 -8.90 6.90
CA GLN B 135 -4.25 -9.02 6.86
C GLN B 135 -4.68 -9.85 5.66
N ARG B 136 -4.03 -9.63 4.53
CA ARG B 136 -4.36 -10.38 3.32
C ARG B 136 -3.98 -11.85 3.49
N LEU B 137 -2.83 -12.09 4.10
CA LEU B 137 -2.36 -13.45 4.32
C LEU B 137 -3.21 -14.14 5.39
N LEU B 138 -3.63 -13.36 6.38
CA LEU B 138 -4.45 -13.91 7.46
C LEU B 138 -5.82 -14.33 6.94
N PHE B 139 -6.40 -13.51 6.06
CA PHE B 139 -7.69 -13.83 5.48
C PHE B 139 -7.61 -15.05 4.59
N HIS B 140 -6.52 -15.13 3.81
CA HIS B 140 -6.32 -16.26 2.91
C HIS B 140 -6.09 -17.55 3.71
N LEU B 141 -5.59 -17.39 4.93
CA LEU B 141 -5.32 -18.54 5.79
C LEU B 141 -6.62 -19.11 6.34
N ASP B 142 -7.73 -18.42 6.05
CA ASP B 142 -9.03 -18.88 6.52
C ASP B 142 -10.06 -18.82 5.40
N ASP B 143 -10.08 -19.85 4.57
CA ASP B 143 -11.02 -19.90 3.46
C ASP B 143 -12.44 -19.67 3.94
N ALA B 144 -12.66 -19.84 5.24
CA ALA B 144 -13.98 -19.64 5.83
C ALA B 144 -14.43 -18.20 5.64
N ASN B 145 -13.48 -17.28 5.64
CA ASN B 145 -13.79 -15.86 5.48
C ASN B 145 -14.00 -15.53 4.01
N GLN B 146 -13.71 -14.29 3.64
CA GLN B 146 -13.87 -13.84 2.26
C GLN B 146 -12.52 -13.69 1.58
N GLY B 147 -12.33 -14.41 0.47
CA GLY B 147 -11.07 -14.34 -0.26
C GLY B 147 -10.66 -12.89 -0.53
N PRO B 148 -11.22 -12.30 -1.54
CA PRO B 148 -10.91 -10.89 -1.91
C PRO B 148 -11.53 -9.89 -0.94
N ASN B 149 -12.77 -9.51 -1.23
CA ASN B 149 -13.48 -8.55 -0.36
C ASN B 149 -14.92 -8.37 -0.84
N ALA B 150 -15.41 -9.34 -1.59
CA ALA B 150 -16.79 -9.28 -2.10
C ALA B 150 -17.12 -7.85 -2.52
N TRP B 151 -16.61 -7.43 -3.67
CA TRP B 151 -16.88 -6.08 -4.17
C TRP B 151 -18.25 -6.01 -4.82
N PRO B 152 -19.09 -5.12 -4.36
CA PRO B 152 -20.46 -4.95 -4.90
C PRO B 152 -20.46 -4.29 -6.28
N GLU B 153 -21.64 -4.06 -6.83
CA GLU B 153 -21.76 -3.44 -8.14
C GLU B 153 -21.47 -1.93 -8.06
N ARG B 154 -22.00 -1.30 -7.02
CA ARG B 154 -21.79 0.13 -6.83
C ARG B 154 -21.68 0.46 -5.34
N PHE B 155 -20.65 1.24 -4.99
CA PHE B 155 -20.45 1.61 -3.60
C PHE B 155 -19.22 2.52 -3.48
N ILE B 156 -19.14 3.26 -2.37
CA ILE B 156 -18.02 4.16 -2.14
C ILE B 156 -17.17 3.65 -0.99
N LEU B 157 -15.86 3.90 -1.07
CA LEU B 157 -14.94 3.46 -0.04
C LEU B 157 -14.89 4.49 1.10
N VAL B 158 -14.97 3.99 2.33
CA VAL B 158 -14.94 4.86 3.51
C VAL B 158 -13.99 4.31 4.56
N ALA B 159 -12.74 4.74 4.51
CA ALA B 159 -11.74 4.28 5.47
C ALA B 159 -11.13 5.47 6.21
N ASP B 160 -10.62 5.21 7.42
CA ASP B 160 -10.01 6.27 8.21
C ASP B 160 -8.79 6.83 7.50
N GLU B 161 -8.18 6.03 6.64
CA GLU B 161 -7.00 6.46 5.90
C GLU B 161 -6.89 5.71 4.57
N LEU B 162 -6.81 6.45 3.48
CA LEU B 162 -6.69 5.85 2.17
C LEU B 162 -5.44 4.99 2.08
N SER B 163 -5.63 3.71 1.78
CA SER B 163 -4.50 2.79 1.66
C SER B 163 -4.45 2.18 0.27
N ALA B 164 -3.28 2.26 -0.36
CA ALA B 164 -3.10 1.71 -1.70
C ALA B 164 -3.45 0.22 -1.73
N THR B 165 -3.00 -0.51 -0.70
CA THR B 165 -3.27 -1.93 -0.60
C THR B 165 -4.77 -2.19 -0.49
N THR B 166 -5.47 -1.32 0.22
CA THR B 166 -6.90 -1.45 0.40
C THR B 166 -7.61 -1.41 -0.94
N LEU B 167 -7.31 -0.39 -1.73
CA LEU B 167 -7.93 -0.24 -3.05
C LEU B 167 -7.58 -1.42 -3.94
N ALA B 168 -6.40 -1.99 -3.72
CA ALA B 168 -5.96 -3.14 -4.52
C ALA B 168 -6.77 -4.38 -4.17
N GLU B 169 -7.82 -4.19 -3.36
CA GLU B 169 -8.67 -5.30 -2.97
C GLU B 169 -9.99 -5.25 -3.71
N LEU B 170 -10.44 -4.05 -4.04
CA LEU B 170 -11.70 -3.87 -4.75
C LEU B 170 -11.47 -3.25 -6.12
N PRO B 171 -11.87 -3.93 -7.17
CA PRO B 171 -11.71 -3.45 -8.57
C PRO B 171 -12.14 -1.99 -8.73
N GLN B 172 -11.49 -1.30 -9.66
CA GLN B 172 -11.82 0.11 -9.90
C GLN B 172 -13.24 0.24 -10.44
N ASP B 173 -13.77 -0.85 -11.00
CA ASP B 173 -15.11 -0.84 -11.55
C ASP B 173 -16.14 -0.58 -10.46
N ARG B 174 -15.94 -1.22 -9.31
CA ARG B 174 -16.86 -1.05 -8.19
C ARG B 174 -16.61 0.28 -7.49
N LEU B 175 -15.39 0.80 -7.64
CA LEU B 175 -15.03 2.06 -7.02
C LEU B 175 -15.70 3.23 -7.74
N VAL B 176 -16.61 3.91 -7.05
CA VAL B 176 -17.32 5.03 -7.64
C VAL B 176 -17.07 6.29 -6.83
N GLY B 177 -16.30 6.17 -5.76
CA GLY B 177 -15.99 7.31 -4.90
C GLY B 177 -15.07 6.91 -3.76
N VAL B 178 -14.49 7.91 -3.09
CA VAL B 178 -13.58 7.65 -1.98
C VAL B 178 -13.70 8.72 -0.92
N VAL B 179 -13.60 8.33 0.34
CA VAL B 179 -13.70 9.29 1.44
C VAL B 179 -12.94 8.77 2.66
N VAL B 180 -12.11 9.64 3.24
CA VAL B 180 -11.33 9.26 4.42
C VAL B 180 -11.42 10.33 5.49
N ARG B 181 -11.15 9.95 6.74
CA ARG B 181 -11.21 10.90 7.85
C ARG B 181 -9.85 11.56 8.05
N ASP B 182 -8.78 10.78 7.85
CA ASP B 182 -7.44 11.30 8.02
C ASP B 182 -7.16 12.42 7.03
N GLY B 183 -6.53 13.49 7.50
CA GLY B 183 -6.21 14.63 6.64
C GLY B 183 -4.85 14.45 5.97
N ALA B 184 -4.65 13.29 5.36
CA ALA B 184 -3.39 13.00 4.69
C ALA B 184 -3.59 12.98 3.17
N ALA B 185 -3.03 13.97 2.50
CA ALA B 185 -3.15 14.07 1.05
C ALA B 185 -1.81 13.77 0.38
N ASN B 186 -0.81 13.45 1.18
CA ASN B 186 0.52 13.15 0.66
C ASN B 186 0.73 11.64 0.58
N SER B 187 -0.31 10.87 0.90
CA SER B 187 -0.22 9.42 0.85
C SER B 187 -0.19 8.93 -0.59
N GLN B 188 0.53 7.84 -0.82
CA GLN B 188 0.63 7.27 -2.17
C GLN B 188 -0.75 7.05 -2.77
N ALA B 189 -1.69 6.61 -1.93
CA ALA B 189 -3.05 6.36 -2.39
C ALA B 189 -3.74 7.66 -2.78
N ALA B 190 -3.48 8.71 -1.99
CA ALA B 190 -4.09 10.01 -2.27
C ALA B 190 -3.72 10.48 -3.67
N ILE B 191 -2.48 10.28 -4.06
CA ILE B 191 -2.02 10.68 -5.38
C ILE B 191 -2.51 9.71 -6.45
N MET B 192 -2.74 8.47 -6.04
CA MET B 192 -3.22 7.45 -6.96
C MET B 192 -4.64 7.77 -7.43
N VAL B 193 -5.53 8.02 -6.48
CA VAL B 193 -6.91 8.35 -6.81
C VAL B 193 -6.98 9.64 -7.61
N ARG B 194 -6.20 10.64 -7.20
CA ARG B 194 -6.19 11.92 -7.88
C ARG B 194 -5.73 11.75 -9.33
N ALA B 195 -4.67 11.00 -9.53
CA ALA B 195 -4.14 10.76 -10.87
C ALA B 195 -5.11 9.89 -11.67
N LEU B 196 -5.87 9.06 -10.98
CA LEU B 196 -6.83 8.19 -11.64
C LEU B 196 -7.96 9.00 -12.26
N GLY B 197 -8.24 10.16 -11.67
CA GLY B 197 -9.30 11.02 -12.18
C GLY B 197 -10.62 10.76 -11.45
N ILE B 198 -10.53 10.12 -10.29
CA ILE B 198 -11.71 9.82 -9.50
C ILE B 198 -11.88 10.84 -8.39
N PRO B 199 -13.11 11.17 -8.07
CA PRO B 199 -13.44 12.16 -6.99
C PRO B 199 -13.16 11.59 -5.60
N THR B 200 -12.41 12.33 -4.80
CA THR B 200 -12.09 11.90 -3.44
C THR B 200 -12.14 13.07 -2.48
N VAL B 201 -12.46 12.79 -1.22
CA VAL B 201 -12.53 13.83 -0.21
C VAL B 201 -11.92 13.36 1.10
N MET B 202 -11.39 14.29 1.88
CA MET B 202 -10.78 13.96 3.17
C MET B 202 -11.25 14.91 4.26
N GLY B 203 -11.02 14.52 5.51
CA GLY B 203 -11.43 15.36 6.63
C GLY B 203 -12.83 14.99 7.11
N ALA B 204 -13.41 13.98 6.47
CA ALA B 204 -14.76 13.53 6.84
C ALA B 204 -14.82 13.16 8.30
N ASP B 205 -15.50 13.98 9.10
CA ASP B 205 -15.63 13.74 10.53
C ASP B 205 -16.88 12.92 10.82
N ILE B 206 -16.95 11.72 10.25
CA ILE B 206 -18.10 10.85 10.45
C ILE B 206 -17.68 9.38 10.41
N GLN B 207 -18.22 8.59 11.31
CA GLN B 207 -17.90 7.17 11.37
C GLN B 207 -18.40 6.45 10.12
N PRO B 208 -17.58 5.62 9.55
CA PRO B 208 -17.95 4.84 8.32
C PRO B 208 -18.95 3.72 8.62
N SER B 209 -18.96 3.27 9.87
CA SER B 209 -19.88 2.21 10.27
C SER B 209 -21.32 2.69 10.21
N VAL B 210 -21.50 4.00 10.26
CA VAL B 210 -22.84 4.58 10.20
C VAL B 210 -23.14 5.11 8.80
N LEU B 211 -22.35 4.67 7.83
CA LEU B 211 -22.54 5.11 6.46
C LEU B 211 -22.79 3.92 5.54
N HIS B 212 -22.84 2.73 6.14
CA HIS B 212 -23.06 1.51 5.37
C HIS B 212 -24.04 1.77 4.23
N ARG B 213 -25.33 1.52 4.49
CA ARG B 213 -26.35 1.73 3.48
C ARG B 213 -26.71 3.21 3.38
N ARG B 214 -26.27 3.99 4.36
CA ARG B 214 -26.55 5.42 4.37
C ARG B 214 -26.12 6.06 3.05
N THR B 215 -26.92 6.99 2.57
CA THR B 215 -26.61 7.68 1.32
C THR B 215 -25.40 8.59 1.48
N LEU B 216 -24.45 8.47 0.57
CA LEU B 216 -23.24 9.30 0.63
C LEU B 216 -23.18 10.23 -0.57
N ILE B 217 -23.10 11.53 -0.29
CA ILE B 217 -23.02 12.53 -1.36
C ILE B 217 -21.80 13.41 -1.20
N VAL B 218 -20.79 13.16 -2.03
CA VAL B 218 -19.55 13.94 -1.98
C VAL B 218 -19.45 14.87 -3.18
N ASP B 219 -18.69 15.95 -3.03
CA ASP B 219 -18.52 16.92 -4.11
C ASP B 219 -17.11 17.49 -4.10
N GLY B 220 -16.21 16.89 -4.86
CA GLY B 220 -14.84 17.35 -4.93
C GLY B 220 -14.77 18.81 -5.37
N TYR B 221 -15.66 19.17 -6.30
CA TYR B 221 -15.70 20.54 -6.81
C TYR B 221 -15.86 21.53 -5.66
N ARG B 222 -16.81 21.26 -4.77
CA ARG B 222 -17.07 22.13 -3.64
C ARG B 222 -16.32 21.64 -2.40
N GLY B 223 -15.84 20.39 -2.46
CA GLY B 223 -15.10 19.81 -1.34
C GLY B 223 -15.95 19.81 -0.07
N GLU B 224 -17.10 19.15 -0.14
CA GLU B 224 -17.99 19.08 1.02
C GLU B 224 -18.69 17.72 1.08
N LEU B 225 -19.27 17.41 2.23
CA LEU B 225 -19.97 16.15 2.41
C LEU B 225 -21.41 16.37 2.84
N LEU B 226 -22.34 15.78 2.10
CA LEU B 226 -23.76 15.94 2.43
C LEU B 226 -24.37 14.59 2.81
N VAL B 227 -25.50 14.63 3.50
CA VAL B 227 -26.18 13.42 3.92
C VAL B 227 -27.67 13.49 3.60
N ASP B 228 -28.13 12.60 2.74
CA ASP B 228 -29.54 12.57 2.36
C ASP B 228 -30.16 13.95 2.53
N PRO B 229 -29.54 14.95 1.95
CA PRO B 229 -30.03 16.36 2.02
C PRO B 229 -31.28 16.57 1.17
N GLU B 230 -31.98 17.68 1.42
CA GLU B 230 -33.19 17.99 0.67
C GLU B 230 -32.94 17.88 -0.84
N PRO B 231 -33.37 16.80 -1.43
CA PRO B 231 -33.18 16.56 -2.89
C PRO B 231 -33.60 17.77 -3.73
N VAL B 232 -34.20 18.76 -3.07
CA VAL B 232 -34.63 19.97 -3.76
C VAL B 232 -33.43 20.83 -4.15
N LEU B 233 -32.57 21.10 -3.17
CA LEU B 233 -31.38 21.92 -3.41
C LEU B 233 -30.46 21.23 -4.41
N LEU B 234 -30.25 19.93 -4.21
CA LEU B 234 -29.39 19.16 -5.09
C LEU B 234 -29.92 19.17 -6.52
N GLN B 235 -31.24 19.14 -6.65
CA GLN B 235 -31.87 19.15 -7.96
C GLN B 235 -31.60 20.47 -8.68
N GLU B 236 -31.84 21.57 -7.99
CA GLU B 236 -31.62 22.89 -8.56
C GLU B 236 -30.12 23.13 -8.82
N TYR B 237 -29.31 22.74 -7.84
CA TYR B 237 -27.86 22.91 -7.96
C TYR B 237 -27.36 22.33 -9.28
N GLN B 238 -27.86 21.14 -9.62
CA GLN B 238 -27.45 20.48 -10.86
C GLN B 238 -27.93 21.28 -12.07
N ARG B 239 -29.10 21.91 -11.93
CA ARG B 239 -29.66 22.69 -13.02
C ARG B 239 -28.97 24.06 -13.11
N LEU B 240 -28.58 24.59 -11.96
CA LEU B 240 -27.91 25.88 -11.91
C LEU B 240 -26.52 25.79 -12.53
N ILE B 241 -25.81 24.71 -12.22
CA ILE B 241 -24.47 24.51 -12.75
C ILE B 241 -24.52 24.24 -14.25
N SER B 242 -25.55 23.52 -14.68
CA SER B 242 -25.71 23.19 -16.09
C SER B 242 -25.90 24.45 -16.92
N GLU B 243 -26.66 25.40 -16.38
CA GLU B 243 -26.92 26.66 -17.08
C GLU B 243 -26.07 27.78 -16.49
N GLU B 244 -26.45 28.22 -15.30
CA GLU B 244 -25.71 29.29 -14.63
C GLU B 244 -24.43 28.76 -14.01
N ILE B 245 -23.56 28.20 -14.85
CA ILE B 245 -22.29 27.65 -14.37
C ILE B 245 -21.60 28.64 -13.45
N GLU B 246 -20.29 28.80 -13.63
CA GLU B 246 -19.52 29.73 -12.81
C GLU B 246 -18.60 30.57 -13.67
N LEU B 247 -17.59 31.18 -13.04
CA LEU B 247 -16.64 32.02 -13.76
C LEU B 247 -15.29 31.33 -13.86
N SER B 248 -15.07 30.33 -13.02
CA SER B 248 -13.81 29.59 -13.02
C SER B 248 -13.69 28.74 -14.27
N ARG B 249 -14.31 27.56 -14.23
CA ARG B 249 -14.27 26.65 -15.38
C ARG B 249 -15.53 26.79 -16.23
N LEU B 250 -15.66 27.95 -16.87
CA LEU B 250 -16.82 28.20 -17.72
C LEU B 250 -17.20 26.95 -18.51
N ALA B 251 -16.45 26.69 -19.58
CA ALA B 251 -16.71 25.52 -20.42
C ALA B 251 -15.48 25.18 -21.26
N GLU B 252 -15.67 25.06 -22.56
CA GLU B 252 -14.57 24.73 -23.46
C GLU B 252 -14.08 25.99 -24.17
N ASP B 253 -14.92 27.01 -24.23
CA ASP B 253 -14.56 28.26 -24.89
C ASP B 253 -14.24 29.33 -23.86
N ASP B 254 -13.74 30.46 -24.32
CA ASP B 254 -13.39 31.57 -23.43
C ASP B 254 -14.19 32.82 -23.79
N VAL B 255 -15.42 32.90 -23.28
CA VAL B 255 -16.28 34.04 -23.55
C VAL B 255 -17.54 33.98 -22.70
N ASN B 256 -17.61 34.85 -21.69
CA ASN B 256 -18.78 34.89 -20.81
C ASN B 256 -19.30 33.47 -20.57
N MET A 1 37.84 -12.37 -6.67
CA MET A 1 37.50 -11.76 -5.35
C MET A 1 36.26 -10.90 -5.51
N THR A 2 35.86 -10.23 -4.42
CA THR A 2 34.68 -9.37 -4.45
C THR A 2 35.03 -8.00 -5.01
N VAL A 3 34.01 -7.28 -5.48
CA VAL A 3 34.22 -5.95 -6.04
C VAL A 3 33.20 -4.98 -5.49
N LYS A 4 33.67 -3.95 -4.79
CA LYS A 4 32.78 -2.95 -4.21
C LYS A 4 33.17 -1.55 -4.66
N GLN A 5 32.35 -0.57 -4.32
CA GLN A 5 32.62 0.82 -4.70
C GLN A 5 31.83 1.78 -3.81
N THR A 6 32.50 2.82 -3.34
CA THR A 6 31.86 3.81 -2.49
C THR A 6 31.07 4.82 -3.32
N VAL A 7 29.80 4.99 -3.00
CA VAL A 7 28.95 5.93 -3.73
C VAL A 7 28.25 6.88 -2.76
N GLU A 8 28.41 8.18 -3.01
CA GLU A 8 27.79 9.18 -2.15
C GLU A 8 26.34 9.41 -2.57
N ILE A 9 25.43 9.30 -1.60
CA ILE A 9 24.02 9.48 -1.88
C ILE A 9 23.62 10.95 -1.70
N THR A 10 23.43 11.64 -2.82
CA THR A 10 23.05 13.04 -2.78
C THR A 10 21.55 13.19 -2.56
N ASN A 11 21.05 12.56 -1.50
CA ASN A 11 19.63 12.61 -1.17
C ASN A 11 18.81 11.93 -2.27
N LYS A 12 19.45 11.02 -3.00
CA LYS A 12 18.78 10.30 -4.07
C LYS A 12 19.57 9.06 -4.46
N LEU A 13 19.15 7.90 -3.97
CA LEU A 13 19.84 6.65 -4.27
C LEU A 13 19.76 6.35 -5.76
N GLY A 14 18.98 7.16 -6.48
CA GLY A 14 18.84 6.97 -7.92
C GLY A 14 17.41 7.32 -8.37
N MET A 15 16.42 6.88 -7.59
CA MET A 15 15.03 7.14 -7.92
C MET A 15 14.12 6.75 -6.75
N HIS A 16 12.82 6.80 -6.99
CA HIS A 16 11.85 6.44 -5.96
C HIS A 16 12.20 5.08 -5.34
N ALA A 17 12.45 4.09 -6.20
CA ALA A 17 12.79 2.76 -5.73
C ALA A 17 13.12 1.85 -6.91
N ARG A 18 13.05 2.41 -8.11
CA ARG A 18 13.35 1.64 -9.32
C ARG A 18 14.68 0.92 -9.17
N PRO A 19 15.74 1.65 -8.92
CA PRO A 19 17.10 1.09 -8.75
C PRO A 19 17.11 -0.13 -7.83
N ALA A 20 16.56 0.04 -6.63
CA ALA A 20 16.51 -1.05 -5.67
C ALA A 20 15.69 -2.21 -6.20
N MET A 21 14.54 -1.89 -6.80
CA MET A 21 13.66 -2.92 -7.35
C MET A 21 14.32 -3.59 -8.54
N LYS A 22 14.96 -2.79 -9.39
CA LYS A 22 15.64 -3.33 -10.57
C LYS A 22 16.77 -4.26 -10.16
N LEU A 23 17.46 -3.90 -9.07
CA LEU A 23 18.57 -4.72 -8.58
C LEU A 23 18.15 -6.17 -8.48
N PHE A 24 16.97 -6.40 -7.92
CA PHE A 24 16.45 -7.76 -7.76
C PHE A 24 16.40 -8.46 -9.12
N GLU A 25 15.98 -7.74 -10.14
CA GLU A 25 15.88 -8.30 -11.48
C GLU A 25 17.27 -8.50 -12.08
N LEU A 26 18.19 -7.59 -11.76
CA LEU A 26 19.55 -7.67 -12.26
C LEU A 26 20.26 -8.89 -11.68
N MET A 27 20.09 -9.10 -10.37
CA MET A 27 20.72 -10.22 -9.71
C MET A 27 20.34 -11.53 -10.40
N GLN A 28 19.13 -11.57 -10.95
CA GLN A 28 18.67 -12.76 -11.64
C GLN A 28 19.21 -12.81 -13.07
N GLY A 29 19.43 -11.63 -13.64
CA GLY A 29 19.94 -11.55 -15.01
C GLY A 29 21.46 -11.68 -15.02
N PHE A 30 22.10 -11.24 -13.95
CA PHE A 30 23.55 -11.31 -13.85
C PHE A 30 23.96 -12.39 -12.84
N ASP A 31 25.14 -12.94 -13.03
CA ASP A 31 25.65 -13.99 -12.13
C ASP A 31 26.55 -13.37 -11.07
N ALA A 32 25.97 -13.07 -9.91
CA ALA A 32 26.73 -12.50 -8.81
C ALA A 32 25.80 -11.98 -7.72
N GLU A 33 26.31 -11.88 -6.50
CA GLU A 33 25.52 -11.39 -5.38
C GLU A 33 25.85 -9.94 -5.07
N VAL A 34 24.83 -9.10 -4.98
CA VAL A 34 25.03 -7.69 -4.69
C VAL A 34 24.61 -7.36 -3.25
N LEU A 35 25.45 -6.62 -2.55
CA LEU A 35 25.15 -6.25 -1.17
C LEU A 35 25.44 -4.77 -0.94
N LEU A 36 24.56 -4.12 -0.19
CA LEU A 36 24.72 -2.70 0.10
C LEU A 36 25.09 -2.49 1.56
N ARG A 37 25.85 -1.43 1.83
CA ARG A 37 26.26 -1.13 3.20
C ARG A 37 26.35 0.38 3.40
N ASN A 38 25.84 0.84 4.54
CA ASN A 38 25.87 2.27 4.85
C ASN A 38 27.09 2.61 5.69
N ASP A 39 27.53 3.87 5.61
CA ASP A 39 28.69 4.32 6.36
C ASP A 39 28.55 3.95 7.84
N GLU A 40 27.32 3.85 8.30
CA GLU A 40 27.07 3.50 9.70
C GLU A 40 27.47 2.05 9.96
N GLY A 41 27.75 1.31 8.90
CA GLY A 41 28.13 -0.09 9.03
C GLY A 41 26.93 -1.01 8.95
N THR A 42 25.79 -0.45 8.53
CA THR A 42 24.57 -1.23 8.40
C THR A 42 24.52 -1.94 7.06
N GLU A 43 24.51 -3.27 7.10
CA GLU A 43 24.47 -4.06 5.88
C GLU A 43 23.05 -4.08 5.31
N ALA A 44 22.83 -3.31 4.25
CA ALA A 44 21.52 -3.25 3.62
C ALA A 44 21.40 -4.31 2.52
N GLU A 45 21.45 -5.57 2.92
CA GLU A 45 21.35 -6.67 1.96
C GLU A 45 20.30 -6.35 0.90
N ALA A 46 20.74 -6.34 -0.37
CA ALA A 46 19.82 -6.05 -1.46
C ALA A 46 18.74 -7.11 -1.56
N ASN A 47 18.91 -8.19 -0.79
CA ASN A 47 17.93 -9.28 -0.80
C ASN A 47 17.01 -9.17 0.41
N SER A 48 16.81 -7.95 0.89
CA SER A 48 15.95 -7.73 2.04
C SER A 48 15.22 -6.39 1.91
N VAL A 49 13.89 -6.43 1.97
CA VAL A 49 13.09 -5.22 1.86
C VAL A 49 13.37 -4.29 3.02
N ILE A 50 13.59 -4.87 4.20
CA ILE A 50 13.87 -4.08 5.40
C ILE A 50 15.15 -3.25 5.20
N ALA A 51 16.11 -3.84 4.51
CA ALA A 51 17.38 -3.14 4.26
C ALA A 51 17.16 -1.94 3.36
N LEU A 52 16.35 -2.12 2.33
CA LEU A 52 16.06 -1.03 1.38
C LEU A 52 15.46 0.16 2.12
N LEU A 53 14.60 -0.13 3.09
CA LEU A 53 13.95 0.93 3.85
C LEU A 53 14.99 1.71 4.67
N MET A 54 15.99 1.00 5.17
CA MET A 54 17.04 1.64 5.96
C MET A 54 17.89 2.56 5.09
N LEU A 55 18.13 2.14 3.85
CA LEU A 55 18.93 2.93 2.92
C LEU A 55 18.25 4.27 2.65
N ASP A 56 16.92 4.27 2.60
CA ASP A 56 16.16 5.48 2.34
C ASP A 56 16.58 6.58 3.30
N SER A 57 16.90 6.20 4.54
CA SER A 57 17.31 7.17 5.54
C SER A 57 18.75 7.61 5.30
N ALA A 58 19.41 6.97 4.34
CA ALA A 58 20.79 7.32 4.02
C ALA A 58 20.85 8.51 3.07
N LYS A 59 19.85 9.38 3.17
CA LYS A 59 19.80 10.57 2.33
C LYS A 59 20.90 11.56 2.72
N GLY A 60 22.01 11.51 1.98
CA GLY A 60 23.13 12.40 2.26
C GLY A 60 24.27 11.66 2.94
N ARG A 61 24.11 10.34 3.05
CA ARG A 61 25.14 9.51 3.68
C ARG A 61 25.90 8.70 2.63
N GLN A 62 27.06 8.17 3.01
CA GLN A 62 27.86 7.38 2.09
C GLN A 62 27.58 5.89 2.29
N ILE A 63 27.61 5.13 1.18
CA ILE A 63 27.36 3.71 1.24
C ILE A 63 28.43 2.93 0.48
N GLU A 64 28.56 1.65 0.79
CA GLU A 64 29.56 0.81 0.12
C GLU A 64 28.90 -0.38 -0.56
N VAL A 65 28.71 -0.29 -1.87
CA VAL A 65 28.08 -1.36 -2.62
C VAL A 65 29.10 -2.46 -2.94
N GLU A 66 28.76 -3.69 -2.61
CA GLU A 66 29.65 -4.82 -2.87
C GLU A 66 28.98 -5.84 -3.78
N ALA A 67 29.75 -6.40 -4.71
CA ALA A 67 29.22 -7.40 -5.63
C ALA A 67 30.22 -8.52 -5.85
N THR A 68 29.76 -9.76 -5.72
CA THR A 68 30.63 -10.91 -5.91
C THR A 68 30.11 -11.81 -7.02
N GLY A 69 31.02 -12.34 -7.83
CA GLY A 69 30.63 -13.21 -8.93
C GLY A 69 31.36 -12.81 -10.22
N PRO A 70 31.06 -13.50 -11.29
CA PRO A 70 31.70 -13.22 -12.61
C PRO A 70 31.20 -11.91 -13.23
N GLN A 71 29.92 -11.63 -13.05
CA GLN A 71 29.34 -10.40 -13.59
C GLN A 71 29.28 -9.32 -12.51
N GLU A 72 29.82 -9.63 -11.33
CA GLU A 72 29.82 -8.68 -10.24
C GLU A 72 30.03 -7.25 -10.75
N GLU A 73 30.91 -7.10 -11.73
CA GLU A 73 31.19 -5.80 -12.31
C GLU A 73 29.93 -5.20 -12.90
N GLU A 74 29.25 -5.98 -13.73
CA GLU A 74 28.02 -5.50 -14.37
C GLU A 74 27.00 -5.10 -13.32
N ALA A 75 26.74 -5.98 -12.36
CA ALA A 75 25.79 -5.69 -11.30
C ALA A 75 26.15 -4.40 -10.58
N LEU A 76 27.42 -4.30 -10.18
CA LEU A 76 27.90 -3.11 -9.48
C LEU A 76 27.83 -1.89 -10.40
N ALA A 77 28.27 -2.07 -11.64
CA ALA A 77 28.25 -0.97 -12.60
C ALA A 77 26.82 -0.51 -12.86
N ALA A 78 25.90 -1.47 -12.99
CA ALA A 78 24.50 -1.16 -13.23
C ALA A 78 23.93 -0.34 -12.08
N VAL A 79 24.26 -0.75 -10.85
CA VAL A 79 23.77 -0.05 -9.67
C VAL A 79 24.37 1.34 -9.59
N ILE A 80 25.67 1.45 -9.87
CA ILE A 80 26.35 2.73 -9.84
C ILE A 80 25.79 3.66 -10.90
N ALA A 81 25.55 3.12 -12.08
CA ALA A 81 25.00 3.91 -13.18
C ALA A 81 23.63 4.45 -12.81
N LEU A 82 22.85 3.63 -12.12
CA LEU A 82 21.51 4.04 -11.71
C LEU A 82 21.58 5.06 -10.57
N PHE A 83 22.58 4.90 -9.70
CA PHE A 83 22.75 5.81 -8.59
C PHE A 83 23.27 7.16 -9.07
N ASN A 84 24.02 7.15 -10.16
CA ASN A 84 24.57 8.37 -10.73
C ASN A 84 23.56 9.03 -11.67
N SER A 85 22.41 8.36 -11.87
CA SER A 85 21.38 8.88 -12.74
C SER A 85 21.78 8.72 -14.20
N ARG B 2 -24.40 17.96 5.00
CA ARG B 2 -23.63 19.19 4.69
C ARG B 2 -22.40 19.27 5.58
N ILE B 3 -21.55 18.26 5.48
CA ILE B 3 -20.33 18.22 6.28
C ILE B 3 -19.13 18.71 5.47
N ARG B 4 -18.45 19.71 5.99
CA ARG B 4 -17.28 20.27 5.29
C ARG B 4 -16.08 19.35 5.47
N ALA B 5 -15.62 18.75 4.37
CA ALA B 5 -14.48 17.84 4.43
C ALA B 5 -13.37 18.34 3.50
N LEU B 6 -12.14 17.93 3.79
CA LEU B 6 -11.00 18.34 2.97
C LEU B 6 -11.08 17.73 1.58
N PRO B 7 -11.28 18.54 0.59
CA PRO B 7 -11.39 18.09 -0.83
C PRO B 7 -10.05 17.68 -1.40
N ALA B 8 -9.87 16.37 -1.59
CA ALA B 8 -8.61 15.85 -2.14
C ALA B 8 -8.62 15.93 -3.66
N ALA B 9 -9.68 15.40 -4.27
CA ALA B 9 -9.81 15.42 -5.72
C ALA B 9 -11.11 16.07 -6.14
N PRO B 10 -11.07 16.91 -7.13
CA PRO B 10 -12.28 17.63 -7.65
C PRO B 10 -13.21 16.69 -8.41
N GLY B 11 -14.51 16.93 -8.28
CA GLY B 11 -15.51 16.10 -8.96
C GLY B 11 -16.65 15.74 -8.02
N VAL B 12 -17.73 15.21 -8.59
CA VAL B 12 -18.89 14.82 -7.79
C VAL B 12 -19.30 13.39 -8.12
N ALA B 13 -19.85 12.70 -7.12
CA ALA B 13 -20.29 11.32 -7.32
C ALA B 13 -21.35 10.95 -6.30
N ILE B 14 -22.22 10.00 -6.66
CA ILE B 14 -23.28 9.55 -5.77
C ILE B 14 -23.29 8.03 -5.67
N ALA B 15 -23.42 7.53 -4.46
CA ALA B 15 -23.46 6.08 -4.24
C ALA B 15 -23.60 5.76 -2.76
N GLU B 16 -23.72 4.48 -2.44
CA GLU B 16 -23.86 4.05 -1.05
C GLU B 16 -22.50 3.95 -0.38
N GLY B 17 -22.51 3.87 0.95
CA GLY B 17 -21.27 3.79 1.71
C GLY B 17 -20.95 2.34 2.07
N TRP B 18 -19.68 1.96 1.96
CA TRP B 18 -19.25 0.61 2.28
C TRP B 18 -17.85 0.61 2.86
N GLN B 19 -17.66 -0.15 3.94
CA GLN B 19 -16.35 -0.23 4.58
C GLN B 19 -15.60 -1.48 4.13
N ASP B 20 -14.28 -1.40 4.12
CA ASP B 20 -13.45 -2.54 3.70
C ASP B 20 -13.58 -3.68 4.70
N ALA B 21 -13.11 -4.86 4.29
CA ALA B 21 -13.18 -6.03 5.16
C ALA B 21 -11.96 -6.09 6.09
N THR B 22 -11.74 -5.00 6.83
CA THR B 22 -10.61 -4.94 7.75
C THR B 22 -11.10 -4.93 9.19
N LEU B 23 -10.56 -5.83 10.01
CA LEU B 23 -10.95 -5.92 11.41
C LEU B 23 -9.74 -5.71 12.31
N PRO B 24 -9.96 -5.17 13.48
CA PRO B 24 -8.87 -4.91 14.47
C PRO B 24 -7.94 -6.12 14.65
N LEU B 25 -7.05 -6.31 13.69
CA LEU B 25 -6.12 -7.43 13.75
C LEU B 25 -5.56 -7.59 15.17
N MET B 26 -5.91 -6.65 16.04
CA MET B 26 -5.43 -6.70 17.42
C MET B 26 -6.04 -7.89 18.15
N GLU B 27 -7.31 -8.15 17.88
CA GLU B 27 -8.00 -9.27 18.54
C GLU B 27 -7.53 -10.60 17.95
N GLN B 28 -6.74 -10.53 16.90
CA GLN B 28 -6.23 -11.73 16.25
C GLN B 28 -4.93 -12.19 16.92
N VAL B 29 -4.71 -11.74 18.15
CA VAL B 29 -3.52 -12.12 18.90
C VAL B 29 -3.86 -13.08 20.02
N TYR B 30 -3.64 -14.37 19.78
CA TYR B 30 -3.93 -15.39 20.79
C TYR B 30 -2.72 -16.30 20.99
N GLN B 31 -2.84 -17.23 21.93
CA GLN B 31 -1.75 -18.15 22.22
C GLN B 31 -2.29 -19.58 22.38
N ALA B 32 -1.69 -20.51 21.66
CA ALA B 32 -2.12 -21.91 21.73
C ALA B 32 -0.93 -22.84 21.59
N SER B 33 -1.01 -24.01 22.22
CA SER B 33 0.07 -24.98 22.15
C SER B 33 -0.33 -26.17 21.29
N THR B 34 -0.03 -26.08 20.00
CA THR B 34 -0.36 -27.16 19.07
C THR B 34 0.62 -27.18 17.90
N LEU B 35 1.74 -27.87 18.08
CA LEU B 35 2.75 -27.95 17.03
C LEU B 35 2.15 -28.51 15.75
N ASP B 36 2.39 -27.83 14.64
CA ASP B 36 1.86 -28.27 13.36
C ASP B 36 2.72 -27.71 12.22
N PRO B 37 3.94 -28.16 12.11
CA PRO B 37 4.88 -27.71 11.05
C PRO B 37 4.48 -28.22 9.67
N ALA B 38 4.16 -29.51 9.58
CA ALA B 38 3.75 -30.10 8.32
C ALA B 38 2.51 -29.41 7.77
N LEU B 39 1.50 -29.27 8.62
CA LEU B 39 0.25 -28.62 8.22
C LEU B 39 0.41 -27.10 8.22
N GLU B 40 1.11 -26.59 9.23
CA GLU B 40 1.33 -25.15 9.34
C GLU B 40 2.24 -24.66 8.22
N ARG B 41 3.42 -25.25 8.13
CA ARG B 41 4.38 -24.86 7.10
C ARG B 41 3.68 -24.74 5.75
N GLU B 42 2.91 -25.76 5.39
CA GLU B 42 2.19 -25.76 4.13
C GLU B 42 1.05 -24.75 4.16
N ARG B 43 0.42 -24.63 5.32
CA ARG B 43 -0.69 -23.68 5.47
C ARG B 43 -0.25 -22.27 5.13
N LEU B 44 0.91 -21.88 5.67
CA LEU B 44 1.44 -20.55 5.41
C LEU B 44 1.86 -20.42 3.96
N THR B 45 2.69 -21.36 3.50
CA THR B 45 3.16 -21.35 2.12
C THR B 45 1.98 -21.32 1.15
N GLY B 46 1.05 -22.24 1.33
CA GLY B 46 -0.12 -22.32 0.47
C GLY B 46 -0.90 -21.00 0.50
N ALA B 47 -0.96 -20.40 1.68
CA ALA B 47 -1.67 -19.13 1.83
C ALA B 47 -0.91 -18.00 1.13
N LEU B 48 0.40 -17.95 1.35
CA LEU B 48 1.22 -16.92 0.73
C LEU B 48 1.14 -17.02 -0.79
N GLU B 49 1.31 -18.23 -1.30
CA GLU B 49 1.27 -18.45 -2.74
C GLU B 49 -0.09 -18.05 -3.29
N GLU B 50 -1.15 -18.32 -2.52
CA GLU B 50 -2.50 -17.98 -2.93
C GLU B 50 -2.69 -16.47 -2.93
N ALA B 51 -2.03 -15.79 -2.00
CA ALA B 51 -2.14 -14.34 -1.90
C ALA B 51 -1.10 -13.67 -2.79
N ALA B 52 0.13 -14.16 -2.74
CA ALA B 52 1.21 -13.59 -3.55
C ALA B 52 0.82 -13.60 -5.03
N ASN B 53 0.39 -14.77 -5.51
CA ASN B 53 0.00 -14.91 -6.91
C ASN B 53 -1.22 -14.03 -7.21
N GLU B 54 -2.11 -13.91 -6.23
CA GLU B 54 -3.31 -13.09 -6.40
C GLU B 54 -2.95 -11.61 -6.42
N PHE B 55 -1.95 -11.24 -5.62
CA PHE B 55 -1.52 -9.85 -5.56
C PHE B 55 -0.68 -9.49 -6.78
N ARG B 56 0.20 -10.41 -7.19
CA ARG B 56 1.04 -10.18 -8.34
C ARG B 56 0.21 -9.78 -9.55
N ARG B 57 -0.78 -10.61 -9.88
CA ARG B 57 -1.66 -10.33 -11.02
C ARG B 57 -2.53 -9.12 -10.73
N TYR B 58 -2.75 -8.84 -9.46
CA TYR B 58 -3.58 -7.71 -9.06
C TYR B 58 -2.90 -6.39 -9.43
N SER B 59 -1.67 -6.21 -8.96
CA SER B 59 -0.92 -4.99 -9.25
C SER B 59 -0.80 -4.81 -10.76
N LYS B 60 -0.35 -5.86 -11.44
CA LYS B 60 -0.19 -5.79 -12.90
C LYS B 60 -1.46 -5.27 -13.55
N ARG B 61 -2.60 -5.73 -13.07
CA ARG B 61 -3.89 -5.29 -13.63
C ARG B 61 -4.18 -3.86 -13.23
N PHE B 62 -3.76 -3.48 -12.02
CA PHE B 62 -3.98 -2.12 -11.53
C PHE B 62 -3.12 -1.13 -12.32
N ALA B 63 -1.88 -1.50 -12.58
CA ALA B 63 -0.98 -0.63 -13.33
C ALA B 63 -1.56 -0.32 -14.71
N ALA B 64 -2.21 -1.31 -15.31
CA ALA B 64 -2.80 -1.12 -16.63
C ALA B 64 -3.85 -0.02 -16.58
N GLY B 65 -4.52 0.11 -15.44
CA GLY B 65 -5.55 1.13 -15.29
C GLY B 65 -5.15 2.15 -14.22
N ALA B 66 -3.85 2.22 -13.93
CA ALA B 66 -3.35 3.15 -12.94
C ALA B 66 -2.09 3.85 -13.44
N GLN B 67 -1.09 3.96 -12.57
CA GLN B 67 0.16 4.61 -12.94
C GLN B 67 1.35 3.72 -12.59
N LYS B 68 2.52 4.10 -13.07
CA LYS B 68 3.74 3.34 -12.80
C LYS B 68 4.05 3.34 -11.31
N GLU B 69 3.60 4.37 -10.62
CA GLU B 69 3.85 4.49 -9.19
C GLU B 69 3.24 3.31 -8.44
N THR B 70 2.03 2.92 -8.85
CA THR B 70 1.35 1.79 -8.20
C THR B 70 2.13 0.51 -8.41
N ALA B 71 2.33 0.14 -9.68
CA ALA B 71 3.07 -1.09 -9.99
C ALA B 71 4.40 -1.12 -9.25
N ALA B 72 5.12 0.00 -9.27
CA ALA B 72 6.40 0.08 -8.60
C ALA B 72 6.25 -0.19 -7.11
N ILE B 73 5.19 0.33 -6.51
CA ILE B 73 4.94 0.13 -5.09
C ILE B 73 4.63 -1.34 -4.80
N PHE B 74 3.57 -1.85 -5.43
CA PHE B 74 3.17 -3.24 -5.23
C PHE B 74 4.31 -4.17 -5.62
N ASP B 75 4.72 -4.11 -6.89
CA ASP B 75 5.80 -4.96 -7.37
C ASP B 75 6.83 -5.19 -6.27
N LEU B 76 7.14 -4.14 -5.53
CA LEU B 76 8.12 -4.23 -4.45
C LEU B 76 7.56 -5.06 -3.29
N TYR B 77 6.28 -4.85 -3.00
CA TYR B 77 5.62 -5.58 -1.91
C TYR B 77 5.48 -7.05 -2.27
N SER B 78 5.07 -7.31 -3.51
CA SER B 78 4.89 -8.68 -3.97
C SER B 78 6.12 -9.53 -3.64
N HIS B 79 7.30 -8.97 -3.90
CA HIS B 79 8.54 -9.68 -3.63
C HIS B 79 8.78 -9.78 -2.13
N LEU B 80 8.15 -8.89 -1.38
CA LEU B 80 8.30 -8.90 0.08
C LEU B 80 7.60 -10.11 0.69
N LEU B 81 6.37 -10.37 0.26
CA LEU B 81 5.61 -11.50 0.76
C LEU B 81 6.25 -12.81 0.32
N SER B 82 6.64 -12.88 -0.95
CA SER B 82 7.26 -14.08 -1.48
C SER B 82 8.71 -14.19 -1.00
N ASP B 83 9.22 -13.11 -0.42
CA ASP B 83 10.59 -13.10 0.09
C ASP B 83 10.80 -14.25 1.08
N THR B 84 11.76 -15.13 0.77
CA THR B 84 12.05 -16.26 1.63
C THR B 84 12.43 -15.77 3.03
N ARG B 85 12.50 -14.46 3.20
CA ARG B 85 12.86 -13.88 4.50
C ARG B 85 11.66 -13.86 5.43
N LEU B 86 10.52 -13.40 4.92
CA LEU B 86 9.30 -13.33 5.71
C LEU B 86 8.78 -14.73 6.01
N ARG B 87 8.91 -15.63 5.04
CA ARG B 87 8.45 -17.00 5.21
C ARG B 87 9.30 -17.73 6.24
N ARG B 88 10.62 -17.57 6.14
CA ARG B 88 11.53 -18.22 7.06
C ARG B 88 11.20 -17.84 8.51
N GLU B 89 11.01 -16.54 8.74
CA GLU B 89 10.69 -16.06 10.08
C GLU B 89 9.43 -16.74 10.60
N LEU B 90 8.37 -16.69 9.81
CA LEU B 90 7.11 -17.31 10.21
C LEU B 90 7.32 -18.77 10.59
N PHE B 91 7.84 -19.55 9.65
CA PHE B 91 8.10 -20.96 9.90
C PHE B 91 8.94 -21.15 11.15
N ALA B 92 9.84 -20.20 11.39
CA ALA B 92 10.72 -20.26 12.56
C ALA B 92 9.88 -20.25 13.85
N GLU B 93 8.84 -19.43 13.87
CA GLU B 93 7.98 -19.33 15.04
C GLU B 93 7.24 -20.66 15.27
N VAL B 94 6.73 -21.23 14.19
CA VAL B 94 6.01 -22.49 14.28
C VAL B 94 6.96 -23.62 14.72
N ASP B 95 8.19 -23.56 14.24
CA ASP B 95 9.18 -24.58 14.59
C ASP B 95 9.32 -24.70 16.10
N LYS B 96 8.76 -23.73 16.82
CA LYS B 96 8.83 -23.72 18.27
C LYS B 96 7.53 -24.25 18.87
N GLY B 97 6.46 -24.22 18.08
CA GLY B 97 5.17 -24.70 18.54
C GLY B 97 4.10 -23.63 18.39
N SER B 98 4.46 -22.54 17.70
CA SER B 98 3.52 -21.44 17.49
C SER B 98 2.59 -21.72 16.32
N VAL B 99 1.43 -21.11 16.32
CA VAL B 99 0.46 -21.31 15.25
C VAL B 99 0.54 -20.18 14.24
N ALA B 100 0.27 -20.48 12.97
CA ALA B 100 0.32 -19.48 11.93
C ALA B 100 -0.57 -18.29 12.28
N GLU B 101 -1.82 -18.57 12.64
CA GLU B 101 -2.75 -17.51 13.00
C GLU B 101 -2.06 -16.44 13.84
N TRP B 102 -1.66 -16.81 15.05
CA TRP B 102 -0.98 -15.88 15.94
C TRP B 102 0.45 -15.64 15.47
N ALA B 103 1.13 -16.70 15.08
CA ALA B 103 2.51 -16.59 14.61
C ALA B 103 2.61 -15.57 13.48
N VAL B 104 1.80 -15.76 12.45
CA VAL B 104 1.81 -14.84 11.32
C VAL B 104 1.55 -13.41 11.76
N LYS B 105 0.74 -13.27 12.80
CA LYS B 105 0.42 -11.94 13.34
C LYS B 105 1.62 -11.36 14.08
N THR B 106 2.42 -12.24 14.67
CA THR B 106 3.59 -11.81 15.42
C THR B 106 4.68 -11.32 14.47
N VAL B 107 5.09 -12.18 13.55
CA VAL B 107 6.13 -11.83 12.59
C VAL B 107 5.83 -10.48 11.95
N ILE B 108 4.68 -10.39 11.27
CA ILE B 108 4.29 -9.16 10.62
C ILE B 108 4.31 -7.99 11.61
N GLU B 109 3.89 -8.27 12.85
CA GLU B 109 3.87 -7.24 13.88
C GLU B 109 5.29 -6.89 14.32
N LYS B 110 6.16 -7.89 14.35
CA LYS B 110 7.54 -7.67 14.76
C LYS B 110 8.27 -6.81 13.73
N PHE B 111 7.96 -7.04 12.45
CA PHE B 111 8.59 -6.27 11.38
C PHE B 111 8.02 -4.87 11.32
N ALA B 112 6.77 -4.71 11.76
CA ALA B 112 6.12 -3.42 11.75
C ALA B 112 6.83 -2.45 12.69
N GLU B 113 7.29 -2.97 13.83
CA GLU B 113 8.00 -2.14 14.81
C GLU B 113 9.43 -1.89 14.37
N GLN B 114 10.06 -2.92 13.81
CA GLN B 114 11.44 -2.80 13.35
C GLN B 114 11.56 -1.71 12.27
N PHE B 115 10.66 -1.75 11.31
CA PHE B 115 10.67 -0.76 10.23
C PHE B 115 10.47 0.64 10.79
N ALA B 116 9.46 0.80 11.64
CA ALA B 116 9.19 2.10 12.24
C ALA B 116 10.40 2.61 13.01
N ALA B 117 10.96 1.76 13.85
CA ALA B 117 12.13 2.13 14.64
C ALA B 117 12.98 3.17 13.90
N LEU B 118 13.06 3.02 12.58
CA LEU B 118 13.84 3.95 11.77
C LEU B 118 13.21 5.34 11.81
N SER B 119 13.98 6.34 11.37
CA SER B 119 13.49 7.72 11.36
C SER B 119 12.93 8.07 9.99
N ASP B 120 13.57 7.57 8.94
CA ASP B 120 13.11 7.86 7.59
C ASP B 120 11.61 7.63 7.46
N ASN B 121 10.92 8.57 6.81
CA ASN B 121 9.48 8.46 6.63
C ASN B 121 9.15 7.61 5.41
N TYR B 122 10.02 7.65 4.41
CA TYR B 122 9.82 6.88 3.20
C TYR B 122 9.51 5.42 3.53
N LEU B 123 10.09 4.93 4.62
CA LEU B 123 9.85 3.56 5.04
C LEU B 123 8.73 3.50 6.07
N LYS B 124 8.79 4.37 7.07
CA LYS B 124 7.76 4.41 8.11
C LYS B 124 6.39 4.22 7.49
N GLU B 125 6.15 4.87 6.36
CA GLU B 125 4.86 4.76 5.68
C GLU B 125 4.70 3.38 5.07
N ARG B 126 5.77 2.86 4.48
CA ARG B 126 5.74 1.54 3.86
C ARG B 126 5.18 0.51 4.82
N ALA B 127 5.42 0.73 6.11
CA ALA B 127 4.94 -0.19 7.13
C ALA B 127 3.44 -0.42 6.97
N GLY B 128 2.70 0.66 6.73
CA GLY B 128 1.25 0.56 6.56
C GLY B 128 0.91 -0.59 5.62
N ASP B 129 1.66 -0.71 4.54
CA ASP B 129 1.42 -1.78 3.57
C ASP B 129 1.69 -3.13 4.20
N LEU B 130 2.73 -3.20 5.03
CA LEU B 130 3.09 -4.44 5.70
C LEU B 130 1.90 -4.98 6.49
N ARG B 131 1.39 -4.17 7.40
CA ARG B 131 0.25 -4.57 8.22
C ARG B 131 -0.91 -5.00 7.34
N ALA B 132 -1.17 -4.21 6.29
CA ALA B 132 -2.26 -4.53 5.38
C ALA B 132 -2.03 -5.89 4.72
N LEU B 133 -0.77 -6.19 4.42
CA LEU B 133 -0.42 -7.47 3.80
C LEU B 133 -0.87 -8.62 4.69
N GLY B 134 -0.71 -8.46 6.01
CA GLY B 134 -1.10 -9.49 6.94
C GLY B 134 -2.61 -9.76 6.86
N GLN B 135 -3.38 -8.68 6.78
CA GLN B 135 -4.83 -8.81 6.68
C GLN B 135 -5.21 -9.59 5.42
N ARG B 136 -4.47 -9.37 4.34
CA ARG B 136 -4.74 -10.06 3.08
C ARG B 136 -4.31 -11.51 3.19
N LEU B 137 -3.18 -11.75 3.85
CA LEU B 137 -2.67 -13.11 4.01
C LEU B 137 -3.59 -13.91 4.93
N LEU B 138 -4.03 -13.29 6.02
CA LEU B 138 -4.91 -13.96 6.96
C LEU B 138 -6.23 -14.30 6.29
N PHE B 139 -6.73 -13.40 5.46
CA PHE B 139 -7.98 -13.62 4.76
C PHE B 139 -7.86 -14.82 3.82
N HIS B 140 -6.78 -14.85 3.04
CA HIS B 140 -6.56 -15.94 2.11
C HIS B 140 -6.10 -17.19 2.85
N LEU B 141 -5.67 -17.01 4.09
CA LEU B 141 -5.21 -18.14 4.90
C LEU B 141 -6.39 -18.97 5.35
N ASP B 142 -7.58 -18.40 5.29
CA ASP B 142 -8.79 -19.12 5.70
C ASP B 142 -9.57 -19.58 4.47
N ASP B 143 -9.89 -20.87 4.44
CA ASP B 143 -10.64 -21.44 3.32
C ASP B 143 -11.72 -20.47 2.86
N ALA B 144 -12.09 -19.54 3.74
CA ALA B 144 -13.12 -18.56 3.40
C ALA B 144 -12.71 -17.73 2.21
N ASN B 145 -11.45 -17.27 2.22
CA ASN B 145 -10.93 -16.46 1.12
C ASN B 145 -11.93 -15.38 0.74
N GLN B 146 -11.85 -14.92 -0.50
CA GLN B 146 -12.76 -13.88 -0.99
C GLN B 146 -14.09 -13.95 -0.26
N GLY B 147 -14.84 -12.86 -0.30
CA GLY B 147 -16.14 -12.81 0.36
C GLY B 147 -17.13 -11.96 -0.44
N PRO B 148 -18.36 -11.97 -0.05
CA PRO B 148 -19.43 -11.18 -0.73
C PRO B 148 -19.01 -9.73 -0.98
N ASN B 149 -17.84 -9.36 -0.47
CA ASN B 149 -17.33 -8.01 -0.65
C ASN B 149 -17.48 -7.56 -2.10
N ALA B 150 -17.14 -6.31 -2.37
CA ALA B 150 -17.24 -5.77 -3.72
C ALA B 150 -18.71 -5.64 -4.14
N TRP B 151 -19.33 -4.52 -3.79
CA TRP B 151 -20.73 -4.29 -4.14
C TRP B 151 -20.85 -3.93 -5.61
N PRO B 152 -22.05 -3.65 -6.05
CA PRO B 152 -22.34 -3.28 -7.46
C PRO B 152 -21.36 -2.22 -7.98
N GLU B 153 -21.35 -2.03 -9.30
CA GLU B 153 -20.46 -1.06 -9.91
C GLU B 153 -20.73 0.34 -9.36
N ARG B 154 -21.53 0.40 -8.29
CA ARG B 154 -21.86 1.68 -7.67
C ARG B 154 -21.67 1.61 -6.16
N PHE B 155 -20.64 2.27 -5.65
CA PHE B 155 -20.36 2.28 -4.23
C PHE B 155 -19.13 3.12 -3.92
N ILE B 156 -19.02 3.56 -2.66
CA ILE B 156 -17.89 4.37 -2.25
C ILE B 156 -17.21 3.75 -1.03
N LEU B 157 -15.90 3.94 -0.93
CA LEU B 157 -15.14 3.40 0.20
C LEU B 157 -15.02 4.43 1.32
N VAL B 158 -15.24 3.99 2.54
CA VAL B 158 -15.15 4.88 3.70
C VAL B 158 -14.28 4.27 4.79
N ALA B 159 -12.98 4.55 4.74
CA ALA B 159 -12.06 4.01 5.73
C ALA B 159 -11.34 5.14 6.46
N ASP B 160 -10.85 4.84 7.66
CA ASP B 160 -10.14 5.85 8.45
C ASP B 160 -8.85 6.27 7.75
N GLU B 161 -8.22 5.33 7.06
CA GLU B 161 -6.98 5.63 6.36
C GLU B 161 -6.93 4.87 5.03
N LEU B 162 -6.84 5.61 3.93
CA LEU B 162 -6.79 4.99 2.61
C LEU B 162 -5.44 4.31 2.39
N SER B 163 -5.46 2.99 2.23
CA SER B 163 -4.22 2.25 2.01
C SER B 163 -4.22 1.63 0.62
N ALA B 164 -3.10 1.79 -0.08
CA ALA B 164 -2.98 1.24 -1.43
C ALA B 164 -3.30 -0.25 -1.44
N THR B 165 -2.90 -0.95 -0.38
CA THR B 165 -3.16 -2.38 -0.27
C THR B 165 -4.65 -2.66 -0.38
N THR B 166 -5.45 -1.90 0.35
CA THR B 166 -6.90 -2.07 0.34
C THR B 166 -7.43 -1.93 -1.09
N LEU B 167 -7.04 -0.85 -1.76
CA LEU B 167 -7.49 -0.62 -3.13
C LEU B 167 -7.18 -1.82 -4.01
N ALA B 168 -5.97 -2.33 -3.88
CA ALA B 168 -5.55 -3.49 -4.67
C ALA B 168 -6.36 -4.72 -4.28
N GLU B 169 -7.40 -4.52 -3.49
CA GLU B 169 -8.25 -5.62 -3.04
C GLU B 169 -9.62 -5.53 -3.68
N LEU B 170 -10.08 -4.30 -3.92
CA LEU B 170 -11.39 -4.09 -4.54
C LEU B 170 -11.23 -3.49 -5.93
N PRO B 171 -11.94 -4.01 -6.89
CA PRO B 171 -11.89 -3.53 -8.29
C PRO B 171 -12.09 -2.01 -8.39
N GLN B 172 -11.27 -1.37 -9.20
CA GLN B 172 -11.36 0.08 -9.38
C GLN B 172 -12.59 0.44 -10.21
N ASP B 173 -13.20 -0.57 -10.82
CA ASP B 173 -14.38 -0.35 -11.65
C ASP B 173 -15.59 0.00 -10.79
N ARG B 174 -15.70 -0.67 -9.64
CA ARG B 174 -16.82 -0.42 -8.74
C ARG B 174 -16.52 0.79 -7.86
N LEU B 175 -15.27 1.25 -7.88
CA LEU B 175 -14.88 2.40 -7.08
C LEU B 175 -15.23 3.69 -7.78
N VAL B 176 -16.31 4.33 -7.34
CA VAL B 176 -16.75 5.59 -7.95
C VAL B 176 -16.73 6.72 -6.91
N GLY B 177 -15.90 6.56 -5.89
CA GLY B 177 -15.80 7.57 -4.84
C GLY B 177 -15.07 7.02 -3.62
N VAL B 178 -14.44 7.92 -2.86
CA VAL B 178 -13.72 7.51 -1.66
C VAL B 178 -13.85 8.55 -0.57
N VAL B 179 -13.81 8.11 0.68
CA VAL B 179 -13.93 9.02 1.81
C VAL B 179 -12.93 8.66 2.90
N VAL B 180 -12.10 9.63 3.29
CA VAL B 180 -11.11 9.40 4.33
C VAL B 180 -11.40 10.25 5.56
N ARG B 181 -11.04 9.73 6.73
CA ARG B 181 -11.26 10.45 7.97
C ARG B 181 -9.93 10.80 8.64
N ASP B 182 -9.04 9.81 8.72
CA ASP B 182 -7.74 10.03 9.34
C ASP B 182 -6.64 10.03 8.28
N GLY B 183 -6.83 9.24 7.23
CA GLY B 183 -5.84 9.17 6.16
C GLY B 183 -5.28 10.55 5.84
N ALA B 184 -4.01 10.58 5.45
CA ALA B 184 -3.36 11.84 5.13
C ALA B 184 -3.37 12.09 3.62
N ALA B 185 -3.26 13.35 3.23
CA ALA B 185 -3.26 13.70 1.81
C ALA B 185 -1.97 13.24 1.15
N ASN B 186 -0.87 13.34 1.87
CA ASN B 186 0.43 12.93 1.33
C ASN B 186 0.47 11.42 1.15
N SER B 187 -0.49 10.72 1.74
CA SER B 187 -0.56 9.27 1.63
C SER B 187 -0.55 8.84 0.17
N GLN B 188 0.26 7.84 -0.14
CA GLN B 188 0.36 7.34 -1.50
C GLN B 188 -1.02 6.95 -2.04
N ALA B 189 -1.81 6.32 -1.18
CA ALA B 189 -3.15 5.90 -1.57
C ALA B 189 -3.99 7.10 -2.00
N ALA B 190 -3.99 8.15 -1.17
CA ALA B 190 -4.74 9.35 -1.48
C ALA B 190 -4.30 9.94 -2.81
N ILE B 191 -2.99 9.92 -3.05
CA ILE B 191 -2.45 10.46 -4.30
C ILE B 191 -2.79 9.55 -5.47
N MET B 192 -2.85 8.25 -5.20
CA MET B 192 -3.17 7.28 -6.25
C MET B 192 -4.56 7.53 -6.81
N VAL B 193 -5.54 7.64 -5.92
CA VAL B 193 -6.92 7.87 -6.33
C VAL B 193 -7.06 9.26 -6.96
N ARG B 194 -6.44 10.25 -6.33
CA ARG B 194 -6.50 11.62 -6.83
C ARG B 194 -5.90 11.69 -8.24
N ALA B 195 -4.76 11.04 -8.43
CA ALA B 195 -4.11 11.04 -9.73
C ALA B 195 -4.90 10.22 -10.74
N LEU B 196 -5.73 9.31 -10.23
CA LEU B 196 -6.55 8.47 -11.09
C LEU B 196 -7.69 9.27 -11.71
N GLY B 197 -8.08 10.35 -11.04
CA GLY B 197 -9.16 11.19 -11.52
C GLY B 197 -10.48 10.80 -10.88
N ILE B 198 -10.42 10.23 -9.68
CA ILE B 198 -11.62 9.82 -8.97
C ILE B 198 -11.85 10.70 -7.76
N PRO B 199 -13.04 11.23 -7.63
CA PRO B 199 -13.42 12.12 -6.49
C PRO B 199 -13.00 11.54 -5.14
N THR B 200 -12.30 12.34 -4.35
CA THR B 200 -11.85 11.91 -3.04
C THR B 200 -11.92 13.06 -2.03
N VAL B 201 -12.36 12.74 -0.82
CA VAL B 201 -12.48 13.75 0.23
C VAL B 201 -11.96 13.21 1.56
N MET B 202 -11.40 14.10 2.37
CA MET B 202 -10.88 13.69 3.67
C MET B 202 -11.42 14.59 4.78
N GLY B 203 -11.30 14.14 6.02
CA GLY B 203 -11.78 14.91 7.16
C GLY B 203 -13.15 14.42 7.62
N ALA B 204 -13.70 13.45 6.88
CA ALA B 204 -15.01 12.89 7.22
C ALA B 204 -15.02 12.42 8.66
N ASP B 205 -15.79 13.10 9.50
CA ASP B 205 -15.89 12.74 10.91
C ASP B 205 -17.27 12.17 11.23
N ILE B 206 -17.61 11.06 10.59
CA ILE B 206 -18.90 10.43 10.82
C ILE B 206 -18.75 8.91 10.94
N GLN B 207 -19.42 8.33 11.93
CA GLN B 207 -19.34 6.90 12.15
C GLN B 207 -19.95 6.15 10.97
N PRO B 208 -19.12 5.61 10.12
CA PRO B 208 -19.56 4.85 8.92
C PRO B 208 -20.59 3.78 9.26
N SER B 209 -20.57 3.34 10.52
CA SER B 209 -21.50 2.30 10.96
C SER B 209 -22.94 2.76 10.78
N VAL B 210 -23.19 4.03 11.06
CA VAL B 210 -24.54 4.58 10.92
C VAL B 210 -24.98 4.55 9.45
N LEU B 211 -24.02 4.69 8.54
CA LEU B 211 -24.32 4.68 7.12
C LEU B 211 -24.37 3.25 6.60
N HIS B 212 -23.36 2.46 6.95
CA HIS B 212 -23.31 1.07 6.51
C HIS B 212 -23.47 0.98 4.99
N ARG B 213 -24.67 1.27 4.51
CA ARG B 213 -24.94 1.22 3.08
C ARG B 213 -25.95 2.29 2.69
N ARG B 214 -26.02 3.36 3.48
CA ARG B 214 -26.95 4.45 3.20
C ARG B 214 -26.47 5.26 2.00
N THR B 215 -27.30 6.21 1.58
CA THR B 215 -26.96 7.05 0.45
C THR B 215 -25.99 8.15 0.86
N LEU B 216 -24.83 8.20 0.22
CA LEU B 216 -23.82 9.21 0.53
C LEU B 216 -23.31 9.88 -0.74
N ILE B 217 -23.54 11.18 -0.85
CA ILE B 217 -23.10 11.93 -2.02
C ILE B 217 -21.93 12.84 -1.67
N VAL B 218 -20.82 12.66 -2.37
CA VAL B 218 -19.63 13.47 -2.13
C VAL B 218 -19.49 14.56 -3.18
N ASP B 219 -18.84 15.66 -2.81
CA ASP B 219 -18.64 16.76 -3.74
C ASP B 219 -17.21 17.29 -3.65
N GLY B 220 -16.28 16.57 -4.29
CA GLY B 220 -14.88 16.97 -4.28
C GLY B 220 -14.74 18.46 -4.62
N TYR B 221 -15.46 18.89 -5.65
CA TYR B 221 -15.40 20.29 -6.08
C TYR B 221 -15.48 21.21 -4.86
N ARG B 222 -16.52 21.02 -4.05
CA ARG B 222 -16.72 21.85 -2.86
C ARG B 222 -16.35 21.06 -1.60
N GLY B 223 -15.78 19.88 -1.79
CA GLY B 223 -15.38 19.04 -0.66
C GLY B 223 -16.50 18.97 0.38
N GLU B 224 -17.70 18.61 -0.07
CA GLU B 224 -18.84 18.51 0.83
C GLU B 224 -19.37 17.07 0.88
N LEU B 225 -19.99 16.72 1.99
CA LEU B 225 -20.55 15.38 2.15
C LEU B 225 -21.99 15.44 2.65
N LEU B 226 -22.91 14.93 1.83
CA LEU B 226 -24.32 14.94 2.20
C LEU B 226 -24.76 13.57 2.68
N VAL B 227 -25.64 13.55 3.68
CA VAL B 227 -26.13 12.30 4.23
C VAL B 227 -27.64 12.18 4.04
N ASP B 228 -28.07 11.21 3.25
CA ASP B 228 -29.50 11.00 3.02
C ASP B 228 -30.28 12.27 3.33
N PRO B 229 -29.93 13.36 2.70
CA PRO B 229 -30.61 14.67 2.91
C PRO B 229 -31.99 14.72 2.25
N GLU B 230 -32.78 15.71 2.63
CA GLU B 230 -34.13 15.86 2.08
C GLU B 230 -34.11 15.61 0.58
N PRO B 231 -35.14 14.98 0.07
CA PRO B 231 -35.26 14.68 -1.39
C PRO B 231 -35.53 15.92 -2.22
N VAL B 232 -36.29 16.86 -1.65
CA VAL B 232 -36.62 18.10 -2.35
C VAL B 232 -35.45 19.07 -2.30
N LEU B 233 -34.87 19.23 -1.11
CA LEU B 233 -33.74 20.15 -0.94
C LEU B 233 -32.58 19.73 -1.84
N LEU B 234 -32.33 18.43 -1.92
CA LEU B 234 -31.24 17.91 -2.75
C LEU B 234 -31.63 17.98 -4.23
N GLN B 235 -32.92 18.02 -4.49
CA GLN B 235 -33.41 18.09 -5.87
C GLN B 235 -33.09 19.45 -6.49
N GLU B 236 -33.35 20.51 -5.73
CA GLU B 236 -33.07 21.86 -6.21
C GLU B 236 -31.58 22.14 -6.21
N TYR B 237 -30.88 21.62 -5.21
CA TYR B 237 -29.43 21.82 -5.12
C TYR B 237 -28.76 21.49 -6.44
N GLN B 238 -29.09 20.33 -7.00
CA GLN B 238 -28.51 19.90 -8.27
C GLN B 238 -28.95 20.83 -9.40
N ARG B 239 -30.21 21.25 -9.35
CA ARG B 239 -30.75 22.13 -10.37
C ARG B 239 -30.18 23.54 -10.21
N LEU B 240 -29.88 23.92 -8.97
CA LEU B 240 -29.34 25.24 -8.71
C LEU B 240 -27.95 25.38 -9.30
N ILE B 241 -27.12 24.35 -9.11
CA ILE B 241 -25.76 24.37 -9.64
C ILE B 241 -25.77 24.40 -11.16
N SER B 242 -26.67 23.62 -11.76
CA SER B 242 -26.78 23.57 -13.21
C SER B 242 -27.44 24.84 -13.75
N GLU B 243 -28.10 25.56 -12.86
CA GLU B 243 -28.77 26.80 -13.26
C GLU B 243 -27.80 27.75 -13.93
N GLU B 244 -27.09 28.54 -13.11
CA GLU B 244 -26.12 29.49 -13.65
C GLU B 244 -25.53 30.33 -12.53
N ILE B 245 -25.92 30.03 -11.28
CA ILE B 245 -25.43 30.76 -10.13
C ILE B 245 -24.08 30.21 -9.69
N GLU B 246 -23.21 29.93 -10.65
CA GLU B 246 -21.88 29.39 -10.35
C GLU B 246 -20.87 30.53 -10.21
N LEU B 247 -21.05 31.35 -9.19
CA LEU B 247 -20.14 32.47 -8.95
C LEU B 247 -18.94 32.01 -8.14
N SER B 248 -18.88 30.73 -7.82
CA SER B 248 -17.79 30.17 -7.04
C SER B 248 -16.86 29.34 -7.92
N ARG B 249 -16.29 29.99 -8.94
CA ARG B 249 -15.38 29.30 -9.85
C ARG B 249 -14.18 28.73 -9.09
N LEU B 250 -13.25 29.60 -8.74
CA LEU B 250 -12.05 29.18 -8.01
C LEU B 250 -12.31 29.17 -6.51
N ALA B 251 -12.33 30.36 -5.91
CA ALA B 251 -12.57 30.48 -4.49
C ALA B 251 -13.87 31.24 -4.22
N GLU B 252 -13.80 32.27 -3.41
CA GLU B 252 -14.98 33.07 -3.07
C GLU B 252 -15.01 34.34 -3.90
N ASP B 253 -14.26 34.35 -5.00
CA ASP B 253 -14.22 35.52 -5.87
C ASP B 253 -15.62 36.08 -6.09
N ASP B 254 -15.89 37.23 -5.48
CA ASP B 254 -17.20 37.86 -5.61
C ASP B 254 -17.23 38.77 -6.83
N VAL B 255 -16.73 39.99 -6.68
CA VAL B 255 -16.70 40.95 -7.78
C VAL B 255 -15.34 41.62 -7.88
N ASN B 256 -14.87 41.84 -9.10
CA ASN B 256 -13.58 42.48 -9.32
C ASN B 256 -13.58 43.88 -8.73
N MET A 1 37.89 -12.37 -5.99
CA MET A 1 37.55 -11.71 -4.71
C MET A 1 36.28 -10.87 -4.89
N THR A 2 35.92 -10.12 -3.84
CA THR A 2 34.73 -9.28 -3.90
C THR A 2 35.05 -7.94 -4.55
N VAL A 3 34.02 -7.27 -5.04
CA VAL A 3 34.20 -5.97 -5.68
C VAL A 3 33.17 -4.97 -5.16
N LYS A 4 33.65 -3.89 -4.56
CA LYS A 4 32.77 -2.86 -4.03
C LYS A 4 33.15 -1.49 -4.57
N GLN A 5 32.33 -0.49 -4.27
CA GLN A 5 32.59 0.87 -4.74
C GLN A 5 31.78 1.88 -3.92
N THR A 6 32.45 2.95 -3.49
CA THR A 6 31.78 3.98 -2.71
C THR A 6 30.98 4.92 -3.61
N VAL A 7 29.71 5.10 -3.28
CA VAL A 7 28.85 5.98 -4.07
C VAL A 7 28.15 6.98 -3.17
N GLU A 8 28.31 8.27 -3.48
CA GLU A 8 27.69 9.31 -2.68
C GLU A 8 26.22 9.50 -3.08
N ILE A 9 25.33 9.43 -2.09
CA ILE A 9 23.91 9.58 -2.35
C ILE A 9 23.50 11.05 -2.26
N THR A 10 23.27 11.66 -3.41
CA THR A 10 22.87 13.07 -3.44
C THR A 10 21.36 13.21 -3.24
N ASN A 11 20.88 12.75 -2.08
CA ASN A 11 19.46 12.82 -1.77
C ASN A 11 18.65 12.04 -2.80
N LYS A 12 19.29 11.06 -3.44
CA LYS A 12 18.62 10.25 -4.44
C LYS A 12 19.43 8.99 -4.74
N LEU A 13 19.00 7.86 -4.19
CA LEU A 13 19.69 6.60 -4.41
C LEU A 13 19.61 6.18 -5.88
N GLY A 14 18.85 6.95 -6.66
CA GLY A 14 18.68 6.64 -8.08
C GLY A 14 17.30 7.06 -8.57
N MET A 15 17.27 7.90 -9.60
CA MET A 15 16.01 8.37 -10.16
C MET A 15 14.91 7.33 -9.96
N HIS A 16 13.68 7.79 -9.81
CA HIS A 16 12.55 6.88 -9.61
C HIS A 16 12.52 5.82 -10.71
N ALA A 17 13.56 4.98 -10.74
CA ALA A 17 13.64 3.92 -11.73
C ALA A 17 13.46 2.55 -11.08
N ARG A 18 13.33 2.55 -9.76
CA ARG A 18 13.15 1.30 -9.03
C ARG A 18 14.48 0.58 -8.87
N PRO A 19 15.53 1.32 -8.67
CA PRO A 19 16.90 0.74 -8.50
C PRO A 19 16.91 -0.42 -7.51
N ALA A 20 16.43 -0.17 -6.29
CA ALA A 20 16.39 -1.20 -5.27
C ALA A 20 15.59 -2.41 -5.76
N MET A 21 14.42 -2.15 -6.32
CA MET A 21 13.57 -3.22 -6.83
C MET A 21 14.26 -3.95 -7.99
N LYS A 22 14.87 -3.17 -8.87
CA LYS A 22 15.55 -3.75 -10.03
C LYS A 22 16.69 -4.65 -9.57
N LEU A 23 17.38 -4.24 -8.51
CA LEU A 23 18.50 -5.02 -7.98
C LEU A 23 18.08 -6.47 -7.79
N PHE A 24 16.92 -6.67 -7.18
CA PHE A 24 16.42 -8.03 -6.94
C PHE A 24 16.34 -8.81 -8.24
N GLU A 25 15.91 -8.14 -9.31
CA GLU A 25 15.80 -8.78 -10.62
C GLU A 25 17.18 -9.03 -11.20
N LEU A 26 18.10 -8.10 -10.97
CA LEU A 26 19.46 -8.23 -11.48
C LEU A 26 20.18 -9.40 -10.81
N MET A 27 19.99 -9.53 -9.50
CA MET A 27 20.62 -10.61 -8.76
C MET A 27 20.25 -11.96 -9.36
N GLN A 28 19.06 -12.04 -9.94
CA GLN A 28 18.61 -13.29 -10.55
C GLN A 28 19.15 -13.42 -11.97
N GLY A 29 19.30 -12.28 -12.65
CA GLY A 29 19.81 -12.27 -14.01
C GLY A 29 21.34 -12.41 -14.02
N PHE A 30 21.98 -11.84 -13.01
CA PHE A 30 23.43 -11.90 -12.91
C PHE A 30 23.86 -12.93 -11.87
N ASP A 31 25.07 -13.45 -12.01
CA ASP A 31 25.58 -14.45 -11.07
C ASP A 31 26.51 -13.78 -10.05
N ALA A 32 25.95 -13.38 -8.92
CA ALA A 32 26.73 -12.74 -7.87
C ALA A 32 25.82 -12.17 -6.78
N GLU A 33 26.38 -11.99 -5.59
CA GLU A 33 25.60 -11.45 -4.48
C GLU A 33 25.93 -9.97 -4.26
N VAL A 34 24.89 -9.14 -4.23
CA VAL A 34 25.06 -7.71 -4.04
C VAL A 34 24.66 -7.31 -2.63
N LEU A 35 25.48 -6.50 -1.98
CA LEU A 35 25.20 -6.04 -0.63
C LEU A 35 25.48 -4.54 -0.49
N LEU A 36 24.60 -3.86 0.22
CA LEU A 36 24.75 -2.42 0.43
C LEU A 36 25.14 -2.12 1.87
N ARG A 37 25.89 -1.04 2.06
CA ARG A 37 26.32 -0.65 3.40
C ARG A 37 26.44 0.87 3.50
N ASN A 38 25.89 1.42 4.58
CA ASN A 38 25.94 2.87 4.79
C ASN A 38 27.19 3.26 5.57
N ASP A 39 27.60 4.51 5.44
CA ASP A 39 28.78 5.00 6.14
C ASP A 39 28.68 4.72 7.63
N GLU A 40 27.46 4.67 8.13
CA GLU A 40 27.23 4.41 9.55
C GLU A 40 27.64 2.99 9.91
N GLY A 41 27.91 2.18 8.89
CA GLY A 41 28.32 0.80 9.11
C GLY A 41 27.12 -0.14 9.09
N THR A 42 25.98 0.38 8.67
CA THR A 42 24.75 -0.42 8.61
C THR A 42 24.69 -1.21 7.32
N GLU A 43 24.70 -2.53 7.44
CA GLU A 43 24.65 -3.41 6.27
C GLU A 43 23.23 -3.49 5.73
N ALA A 44 22.97 -2.78 4.65
CA ALA A 44 21.65 -2.77 4.04
C ALA A 44 21.53 -3.90 3.01
N GLU A 45 21.58 -5.14 3.49
CA GLU A 45 21.48 -6.29 2.60
C GLU A 45 20.41 -6.06 1.53
N ALA A 46 20.82 -6.12 0.27
CA ALA A 46 19.89 -5.91 -0.83
C ALA A 46 18.81 -6.99 -0.83
N ASN A 47 19.01 -8.01 -0.01
CA ASN A 47 18.04 -9.10 0.08
C ASN A 47 17.14 -8.93 1.30
N SER A 48 16.92 -7.68 1.70
CA SER A 48 16.09 -7.38 2.86
C SER A 48 15.34 -6.08 2.66
N VAL A 49 14.01 -6.13 2.73
CA VAL A 49 13.20 -4.93 2.57
C VAL A 49 13.49 -3.92 3.67
N ILE A 50 13.75 -4.42 4.87
CA ILE A 50 14.04 -3.55 6.01
C ILE A 50 15.30 -2.73 5.74
N ALA A 51 16.27 -3.34 5.07
CA ALA A 51 17.52 -2.66 4.76
C ALA A 51 17.28 -1.52 3.77
N LEU A 52 16.44 -1.78 2.76
CA LEU A 52 16.13 -0.77 1.77
C LEU A 52 15.52 0.47 2.42
N LEU A 53 14.70 0.24 3.44
CA LEU A 53 14.06 1.36 4.14
C LEU A 53 15.10 2.20 4.87
N MET A 54 16.12 1.53 5.42
CA MET A 54 17.18 2.24 6.13
C MET A 54 18.00 3.10 5.18
N LEU A 55 18.21 2.59 3.96
CA LEU A 55 18.98 3.34 2.97
C LEU A 55 18.29 4.65 2.63
N ASP A 56 16.95 4.63 2.60
CA ASP A 56 16.18 5.82 2.28
C ASP A 56 16.61 6.99 3.17
N SER A 57 16.95 6.68 4.41
CA SER A 57 17.37 7.71 5.36
C SER A 57 18.80 8.15 5.06
N ALA A 58 19.45 7.46 4.12
CA ALA A 58 20.82 7.79 3.75
C ALA A 58 20.84 8.93 2.73
N LYS A 59 19.83 9.80 2.80
CA LYS A 59 19.74 10.92 1.88
C LYS A 59 20.84 11.94 2.18
N GLY A 60 21.93 11.86 1.43
CA GLY A 60 23.05 12.78 1.62
C GLY A 60 24.21 12.09 2.33
N ARG A 61 24.09 10.78 2.52
CA ARG A 61 25.13 10.02 3.19
C ARG A 61 25.89 9.16 2.18
N GLN A 62 27.03 8.64 2.59
CA GLN A 62 27.85 7.80 1.71
C GLN A 62 27.61 6.32 2.02
N ILE A 63 27.61 5.49 0.98
CA ILE A 63 27.39 4.06 1.16
C ILE A 63 28.45 3.27 0.40
N GLU A 64 28.61 2.00 0.76
CA GLU A 64 29.59 1.14 0.12
C GLU A 64 28.92 -0.10 -0.47
N VAL A 65 28.70 -0.09 -1.77
CA VAL A 65 28.07 -1.23 -2.44
C VAL A 65 29.09 -2.33 -2.70
N GLU A 66 28.76 -3.54 -2.26
CA GLU A 66 29.65 -4.68 -2.45
C GLU A 66 28.97 -5.76 -3.29
N ALA A 67 29.72 -6.34 -4.21
CA ALA A 67 29.18 -7.39 -5.07
C ALA A 67 30.20 -8.53 -5.24
N THR A 68 29.74 -9.75 -5.02
CA THR A 68 30.61 -10.91 -5.15
C THR A 68 30.05 -11.91 -6.15
N GLY A 69 30.87 -12.33 -7.10
CA GLY A 69 30.44 -13.29 -8.12
C GLY A 69 31.04 -12.94 -9.47
N PRO A 70 31.02 -13.90 -10.37
CA PRO A 70 31.58 -13.70 -11.74
C PRO A 70 31.10 -12.41 -12.39
N GLN A 71 29.81 -12.15 -12.27
CA GLN A 71 29.23 -10.93 -12.84
C GLN A 71 29.19 -9.82 -11.81
N GLU A 72 29.78 -10.07 -10.65
CA GLU A 72 29.80 -9.08 -9.58
C GLU A 72 29.99 -7.68 -10.15
N GLU A 73 30.81 -7.57 -11.19
CA GLU A 73 31.06 -6.28 -11.83
C GLU A 73 29.79 -5.74 -12.46
N GLU A 74 29.11 -6.58 -13.23
CA GLU A 74 27.88 -6.18 -13.89
C GLU A 74 26.86 -5.69 -12.86
N ALA A 75 26.63 -6.50 -11.84
CA ALA A 75 25.67 -6.15 -10.79
C ALA A 75 26.05 -4.81 -10.16
N LEU A 76 27.31 -4.66 -9.80
CA LEU A 76 27.78 -3.43 -9.18
C LEU A 76 27.67 -2.28 -10.17
N ALA A 77 28.11 -2.52 -11.40
CA ALA A 77 28.05 -1.50 -12.44
C ALA A 77 26.61 -1.07 -12.69
N ALA A 78 25.71 -2.04 -12.75
CA ALA A 78 24.31 -1.75 -12.98
C ALA A 78 23.74 -0.86 -11.88
N VAL A 79 24.09 -1.19 -10.64
CA VAL A 79 23.62 -0.41 -9.49
C VAL A 79 24.22 0.99 -9.52
N ILE A 80 25.51 1.08 -9.80
CA ILE A 80 26.19 2.37 -9.86
C ILE A 80 25.60 3.23 -10.98
N ALA A 81 25.33 2.61 -12.12
CA ALA A 81 24.77 3.33 -13.25
C ALA A 81 23.39 3.86 -12.91
N LEU A 82 22.63 3.09 -12.14
CA LEU A 82 21.29 3.50 -11.73
C LEU A 82 21.35 4.61 -10.70
N PHE A 83 22.34 4.52 -9.80
CA PHE A 83 22.51 5.53 -8.76
C PHE A 83 22.99 6.84 -9.37
N ASN A 84 23.77 6.75 -10.44
CA ASN A 84 24.28 7.95 -11.10
C ASN A 84 23.23 8.52 -12.04
N SER A 85 22.11 7.83 -12.18
CA SER A 85 21.03 8.29 -13.05
C SER A 85 21.39 8.03 -14.51
N ARG B 2 -24.09 17.76 5.45
CA ARG B 2 -24.10 19.20 5.82
C ARG B 2 -22.78 19.56 6.49
N ILE B 3 -21.69 18.97 6.00
CA ILE B 3 -20.37 19.23 6.56
C ILE B 3 -19.37 19.55 5.45
N ARG B 4 -18.49 20.50 5.71
CA ARG B 4 -17.48 20.89 4.72
C ARG B 4 -16.21 20.08 4.92
N ALA B 5 -15.94 19.16 4.00
CA ALA B 5 -14.75 18.33 4.08
C ALA B 5 -13.69 18.82 3.09
N LEU B 6 -12.43 18.46 3.36
CA LEU B 6 -11.34 18.88 2.50
C LEU B 6 -11.43 18.16 1.14
N PRO B 7 -11.60 18.92 0.09
CA PRO B 7 -11.71 18.37 -1.29
C PRO B 7 -10.36 17.87 -1.82
N ALA B 8 -10.19 16.55 -1.84
CA ALA B 8 -8.96 15.96 -2.32
C ALA B 8 -8.97 15.86 -3.85
N ALA B 9 -10.13 15.50 -4.40
CA ALA B 9 -10.26 15.39 -5.85
C ALA B 9 -11.55 16.06 -6.32
N PRO B 10 -11.46 16.85 -7.34
CA PRO B 10 -12.64 17.57 -7.92
C PRO B 10 -13.60 16.63 -8.64
N GLY B 11 -14.89 16.84 -8.45
CA GLY B 11 -15.89 16.00 -9.09
C GLY B 11 -17.03 15.68 -8.13
N VAL B 12 -18.11 15.11 -8.65
CA VAL B 12 -19.26 14.77 -7.83
C VAL B 12 -19.57 13.28 -7.93
N ALA B 13 -19.86 12.65 -6.80
CA ALA B 13 -20.17 11.22 -6.77
C ALA B 13 -21.29 10.94 -5.78
N ILE B 14 -22.16 10.00 -6.15
CA ILE B 14 -23.28 9.63 -5.29
C ILE B 14 -23.29 8.13 -5.04
N ALA B 15 -23.37 7.73 -3.77
CA ALA B 15 -23.39 6.32 -3.43
C ALA B 15 -23.47 6.15 -1.92
N GLU B 16 -23.69 4.91 -1.48
CA GLU B 16 -23.79 4.62 -0.05
C GLU B 16 -22.41 4.57 0.58
N GLY B 17 -22.37 4.52 1.91
CA GLY B 17 -21.09 4.47 2.63
C GLY B 17 -20.66 3.03 2.85
N TRP B 18 -19.78 2.54 1.99
CA TRP B 18 -19.29 1.17 2.10
C TRP B 18 -17.85 1.16 2.63
N GLN B 19 -17.65 0.47 3.76
CA GLN B 19 -16.33 0.40 4.37
C GLN B 19 -15.86 -1.05 4.44
N ASP B 20 -14.79 -1.37 3.72
CA ASP B 20 -14.25 -2.72 3.71
C ASP B 20 -13.20 -2.88 4.80
N ALA B 21 -13.65 -2.89 6.05
CA ALA B 21 -12.72 -3.04 7.18
C ALA B 21 -12.79 -4.46 7.74
N THR B 22 -13.25 -5.40 6.92
CA THR B 22 -13.34 -6.78 7.34
C THR B 22 -12.17 -7.16 8.24
N LEU B 23 -12.46 -7.74 9.39
CA LEU B 23 -11.41 -8.14 10.33
C LEU B 23 -11.72 -9.52 10.91
N PRO B 24 -11.00 -10.52 10.47
CA PRO B 24 -11.18 -11.92 10.95
C PRO B 24 -11.22 -12.00 12.47
N LEU B 25 -12.15 -12.79 13.01
CA LEU B 25 -12.28 -12.95 14.45
C LEU B 25 -11.01 -13.57 15.03
N MET B 26 -10.17 -14.13 14.16
CA MET B 26 -8.93 -14.76 14.60
C MET B 26 -8.00 -13.73 15.22
N GLU B 27 -8.39 -12.46 15.14
CA GLU B 27 -7.59 -11.39 15.70
C GLU B 27 -8.23 -10.82 16.97
N GLN B 28 -9.45 -11.28 17.25
CA GLN B 28 -10.16 -10.82 18.44
C GLN B 28 -10.12 -11.88 19.54
N VAL B 29 -10.08 -13.14 19.12
CA VAL B 29 -10.03 -14.24 20.08
C VAL B 29 -8.86 -15.16 19.79
N TYR B 30 -8.20 -15.63 20.84
CA TYR B 30 -7.05 -16.52 20.68
C TYR B 30 -7.51 -17.93 20.36
N GLN B 31 -6.55 -18.83 20.14
CA GLN B 31 -6.87 -20.21 19.82
C GLN B 31 -5.96 -21.17 20.58
N ALA B 32 -6.28 -22.46 20.53
CA ALA B 32 -5.47 -23.46 21.21
C ALA B 32 -4.02 -23.38 20.76
N SER B 33 -3.25 -24.42 21.08
CA SER B 33 -1.84 -24.46 20.71
C SER B 33 -1.44 -25.88 20.31
N THR B 34 -1.17 -26.07 19.02
CA THR B 34 -0.77 -27.38 18.53
C THR B 34 0.31 -27.25 17.44
N LEU B 35 1.51 -27.71 17.74
CA LEU B 35 2.61 -27.63 16.79
C LEU B 35 2.35 -28.55 15.59
N ASP B 36 2.48 -28.01 14.40
CA ASP B 36 2.25 -28.77 13.18
C ASP B 36 3.06 -28.20 12.02
N PRO B 37 4.24 -28.73 11.81
CA PRO B 37 5.14 -28.27 10.71
C PRO B 37 4.62 -28.66 9.33
N ALA B 38 3.74 -29.66 9.30
CA ALA B 38 3.17 -30.12 8.04
C ALA B 38 2.05 -29.20 7.59
N LEU B 39 1.21 -28.77 8.54
CA LEU B 39 0.11 -27.89 8.23
C LEU B 39 0.56 -26.43 8.26
N GLU B 40 1.46 -26.11 9.18
CA GLU B 40 1.97 -24.75 9.30
C GLU B 40 2.77 -24.37 8.06
N ARG B 41 3.74 -25.21 7.70
CA ARG B 41 4.57 -24.95 6.52
C ARG B 41 3.71 -24.88 5.27
N GLU B 42 2.73 -25.79 5.18
CA GLU B 42 1.85 -25.83 4.02
C GLU B 42 0.82 -24.70 4.10
N ARG B 43 0.41 -24.37 5.32
CA ARG B 43 -0.57 -23.31 5.52
C ARG B 43 -0.08 -22.01 4.90
N LEU B 44 1.14 -21.61 5.26
CA LEU B 44 1.72 -20.37 4.74
C LEU B 44 2.09 -20.56 3.27
N THR B 45 2.88 -21.60 2.98
CA THR B 45 3.29 -21.86 1.61
C THR B 45 2.08 -21.87 0.67
N GLY B 46 1.08 -22.66 1.02
CA GLY B 46 -0.13 -22.74 0.22
C GLY B 46 -0.81 -21.39 0.11
N ALA B 47 -0.72 -20.60 1.19
CA ALA B 47 -1.33 -19.28 1.22
C ALA B 47 -0.55 -18.32 0.31
N LEU B 48 0.77 -18.40 0.39
CA LEU B 48 1.61 -17.53 -0.43
C LEU B 48 1.27 -17.68 -1.90
N GLU B 49 1.20 -18.93 -2.37
CA GLU B 49 0.87 -19.20 -3.76
C GLU B 49 -0.38 -18.43 -4.17
N GLU B 50 -1.33 -18.33 -3.23
CA GLU B 50 -2.58 -17.62 -3.50
C GLU B 50 -2.38 -16.12 -3.34
N ALA B 51 -1.48 -15.74 -2.44
CA ALA B 51 -1.20 -14.32 -2.19
C ALA B 51 -0.09 -13.84 -3.12
N ALA B 52 1.02 -14.56 -3.13
CA ALA B 52 2.15 -14.20 -3.98
C ALA B 52 1.70 -14.10 -5.44
N ASN B 53 1.05 -15.15 -5.92
CA ASN B 53 0.57 -15.17 -7.30
C ASN B 53 -0.48 -14.09 -7.52
N GLU B 54 -1.27 -13.82 -6.48
CA GLU B 54 -2.30 -12.81 -6.56
C GLU B 54 -1.69 -11.41 -6.62
N PHE B 55 -0.64 -11.22 -5.83
CA PHE B 55 0.05 -9.92 -5.80
C PHE B 55 0.68 -9.61 -7.15
N ARG B 56 1.40 -10.60 -7.69
CA ARG B 56 2.05 -10.43 -8.99
C ARG B 56 1.01 -10.14 -10.08
N ARG B 57 -0.11 -10.85 -10.01
CA ARG B 57 -1.17 -10.66 -10.99
C ARG B 57 -1.82 -9.30 -10.82
N TYR B 58 -1.84 -8.82 -9.59
CA TYR B 58 -2.43 -7.51 -9.30
C TYR B 58 -1.67 -6.40 -10.01
N SER B 59 -0.36 -6.33 -9.76
CA SER B 59 0.47 -5.32 -10.38
C SER B 59 0.25 -5.29 -11.89
N LYS B 60 0.20 -6.47 -12.49
CA LYS B 60 -0.02 -6.57 -13.93
C LYS B 60 -1.37 -5.96 -14.32
N ARG B 61 -2.37 -6.19 -13.48
CA ARG B 61 -3.70 -5.66 -13.74
C ARG B 61 -3.71 -4.14 -13.56
N PHE B 62 -3.00 -3.67 -12.54
CA PHE B 62 -2.92 -2.24 -12.28
C PHE B 62 -2.14 -1.52 -13.37
N ALA B 63 -1.02 -2.12 -13.78
CA ALA B 63 -0.19 -1.54 -14.82
C ALA B 63 -1.02 -1.29 -16.08
N ALA B 64 -1.95 -2.19 -16.37
CA ALA B 64 -2.80 -2.05 -17.55
C ALA B 64 -3.59 -0.75 -17.49
N GLY B 65 -3.95 -0.34 -16.28
CA GLY B 65 -4.72 0.90 -16.09
C GLY B 65 -3.79 2.07 -15.84
N ALA B 66 -2.56 1.97 -16.34
CA ALA B 66 -1.59 3.04 -16.15
C ALA B 66 -1.47 3.42 -14.68
N GLN B 67 -0.77 2.59 -13.91
CA GLN B 67 -0.60 2.85 -12.48
C GLN B 67 0.80 2.44 -12.03
N LYS B 68 1.72 3.40 -12.05
CA LYS B 68 3.10 3.13 -11.64
C LYS B 68 3.16 2.92 -10.12
N GLU B 69 2.44 3.75 -9.38
CA GLU B 69 2.43 3.65 -7.92
C GLU B 69 2.14 2.20 -7.49
N THR B 70 0.88 1.81 -7.60
CA THR B 70 0.48 0.46 -7.22
C THR B 70 1.43 -0.56 -7.80
N ALA B 71 1.55 -0.58 -9.13
CA ALA B 71 2.43 -1.51 -9.81
C ALA B 71 3.81 -1.51 -9.15
N ALA B 72 4.37 -0.32 -8.98
CA ALA B 72 5.69 -0.19 -8.37
C ALA B 72 5.65 -0.61 -6.91
N ILE B 73 4.57 -0.26 -6.23
CA ILE B 73 4.41 -0.59 -4.82
C ILE B 73 4.23 -2.11 -4.66
N PHE B 74 3.25 -2.66 -5.35
CA PHE B 74 2.97 -4.08 -5.27
C PHE B 74 4.19 -4.88 -5.70
N ASP B 75 4.71 -4.58 -6.89
CA ASP B 75 5.88 -5.28 -7.41
C ASP B 75 6.93 -5.44 -6.32
N LEU B 76 7.13 -4.38 -5.54
CA LEU B 76 8.10 -4.41 -4.45
C LEU B 76 7.64 -5.36 -3.35
N TYR B 77 6.35 -5.35 -3.07
CA TYR B 77 5.79 -6.21 -2.03
C TYR B 77 5.81 -7.67 -2.48
N SER B 78 5.46 -7.90 -3.74
CA SER B 78 5.44 -9.25 -4.28
C SER B 78 6.74 -9.98 -3.94
N HIS B 79 7.86 -9.29 -4.16
CA HIS B 79 9.17 -9.89 -3.87
C HIS B 79 9.41 -9.95 -2.38
N LEU B 80 8.77 -9.04 -1.64
CA LEU B 80 8.92 -9.01 -0.19
C LEU B 80 8.25 -10.21 0.45
N LEU B 81 7.08 -10.57 -0.07
CA LEU B 81 6.34 -11.71 0.47
C LEU B 81 7.02 -13.02 0.08
N SER B 82 7.55 -13.07 -1.13
CA SER B 82 8.24 -14.27 -1.61
C SER B 82 9.62 -14.39 -0.98
N ASP B 83 10.12 -13.27 -0.44
CA ASP B 83 11.43 -13.25 0.18
C ASP B 83 11.61 -14.48 1.08
N THR B 84 12.57 -15.33 0.73
CA THR B 84 12.84 -16.53 1.51
C THR B 84 13.15 -16.17 2.95
N ARG B 85 13.13 -14.89 3.26
CA ARG B 85 13.41 -14.41 4.61
C ARG B 85 12.15 -14.42 5.45
N LEU B 86 11.04 -14.00 4.86
CA LEU B 86 9.77 -13.96 5.57
C LEU B 86 9.17 -15.36 5.67
N ARG B 87 9.31 -16.14 4.60
CA ARG B 87 8.78 -17.50 4.58
C ARG B 87 9.45 -18.35 5.66
N ARG B 88 10.77 -18.35 5.68
CA ARG B 88 11.53 -19.12 6.65
C ARG B 88 11.18 -18.68 8.07
N GLU B 89 11.16 -17.37 8.29
CA GLU B 89 10.84 -16.83 9.60
C GLU B 89 9.54 -17.41 10.13
N LEU B 90 8.50 -17.36 9.30
CA LEU B 90 7.20 -17.90 9.69
C LEU B 90 7.33 -19.35 10.14
N PHE B 91 7.73 -20.21 9.21
CA PHE B 91 7.89 -21.63 9.53
C PHE B 91 8.80 -21.82 10.73
N ALA B 92 9.67 -20.85 10.96
CA ALA B 92 10.60 -20.91 12.09
C ALA B 92 9.86 -20.67 13.40
N GLU B 93 8.92 -19.73 13.38
CA GLU B 93 8.15 -19.41 14.58
C GLU B 93 7.37 -20.63 15.06
N VAL B 94 6.66 -21.27 14.13
CA VAL B 94 5.88 -22.46 14.47
C VAL B 94 6.78 -23.60 14.89
N ASP B 95 7.97 -23.67 14.28
CA ASP B 95 8.92 -24.73 14.61
C ASP B 95 9.26 -24.70 16.09
N LYS B 96 8.94 -23.58 16.75
CA LYS B 96 9.22 -23.45 18.17
C LYS B 96 8.01 -23.89 19.00
N GLY B 97 6.85 -23.97 18.35
CA GLY B 97 5.63 -24.38 19.04
C GLY B 97 4.54 -23.33 18.87
N SER B 98 4.68 -22.49 17.86
CA SER B 98 3.70 -21.45 17.60
C SER B 98 2.81 -21.83 16.42
N VAL B 99 1.62 -21.23 16.38
CA VAL B 99 0.68 -21.52 15.29
C VAL B 99 0.87 -20.55 14.14
N ALA B 100 0.75 -21.05 12.92
CA ALA B 100 0.92 -20.21 11.74
C ALA B 100 -0.01 -19.00 11.80
N GLU B 101 -1.21 -19.22 12.33
CA GLU B 101 -2.18 -18.14 12.44
C GLU B 101 -1.58 -16.94 13.18
N TRP B 102 -0.94 -17.22 14.31
CA TRP B 102 -0.32 -16.17 15.10
C TRP B 102 1.07 -15.82 14.56
N ALA B 103 1.74 -16.82 14.00
CA ALA B 103 3.07 -16.61 13.44
C ALA B 103 3.03 -15.56 12.33
N VAL B 104 2.11 -15.74 11.39
CA VAL B 104 1.98 -14.81 10.28
C VAL B 104 1.55 -13.42 10.79
N LYS B 105 0.79 -13.41 11.87
CA LYS B 105 0.32 -12.16 12.44
C LYS B 105 1.41 -11.51 13.29
N THR B 106 2.06 -12.32 14.12
CA THR B 106 3.13 -11.82 14.98
C THR B 106 4.29 -11.31 14.14
N VAL B 107 4.77 -12.15 13.22
CA VAL B 107 5.89 -11.77 12.37
C VAL B 107 5.56 -10.51 11.58
N ILE B 108 4.54 -10.60 10.72
CA ILE B 108 4.14 -9.47 9.91
C ILE B 108 4.00 -8.22 10.77
N GLU B 109 3.43 -8.38 11.96
CA GLU B 109 3.24 -7.26 12.87
C GLU B 109 4.57 -6.85 13.51
N LYS B 110 5.37 -7.85 13.87
CA LYS B 110 6.67 -7.59 14.48
C LYS B 110 7.57 -6.84 13.52
N PHE B 111 7.47 -7.15 12.23
CA PHE B 111 8.28 -6.49 11.22
C PHE B 111 7.67 -5.16 10.82
N ALA B 112 6.42 -4.93 11.23
CA ALA B 112 5.73 -3.68 10.91
C ALA B 112 6.24 -2.55 11.80
N GLU B 113 6.36 -2.83 13.09
CA GLU B 113 6.82 -1.83 14.04
C GLU B 113 8.36 -1.80 14.08
N GLN B 114 8.97 -2.95 13.81
CA GLN B 114 10.42 -3.05 13.83
C GLN B 114 11.04 -1.98 12.93
N PHE B 115 10.56 -1.91 11.69
CA PHE B 115 11.08 -0.93 10.74
C PHE B 115 10.50 0.45 11.02
N ALA B 116 9.19 0.49 11.30
CA ALA B 116 8.52 1.75 11.58
C ALA B 116 9.40 2.64 12.46
N ALA B 117 10.16 2.00 13.35
CA ALA B 117 11.03 2.74 14.26
C ALA B 117 11.91 3.71 13.48
N LEU B 118 12.02 3.50 12.17
CA LEU B 118 12.82 4.37 11.32
C LEU B 118 12.14 5.72 11.15
N SER B 119 12.84 6.66 10.51
CA SER B 119 12.29 7.99 10.29
C SER B 119 11.97 8.19 8.81
N ASP B 120 12.64 7.42 7.95
CA ASP B 120 12.42 7.53 6.52
C ASP B 120 10.93 7.60 6.22
N ASN B 121 10.50 8.73 5.65
CA ASN B 121 9.09 8.91 5.33
C ASN B 121 8.61 7.79 4.43
N TYR B 122 9.31 7.55 3.33
CA TYR B 122 8.94 6.49 2.40
C TYR B 122 8.64 5.20 3.15
N LEU B 123 9.28 5.04 4.30
CA LEU B 123 9.08 3.85 5.12
C LEU B 123 7.73 3.90 5.82
N LYS B 124 7.52 4.96 6.60
CA LYS B 124 6.26 5.12 7.31
C LYS B 124 5.09 4.65 6.46
N GLU B 125 5.07 5.09 5.20
CA GLU B 125 4.00 4.71 4.29
C GLU B 125 4.09 3.22 3.96
N ARG B 126 5.30 2.77 3.65
CA ARG B 126 5.52 1.36 3.32
C ARG B 126 5.12 0.48 4.50
N ALA B 127 5.45 0.94 5.71
CA ALA B 127 5.12 0.17 6.91
C ALA B 127 3.61 -0.05 6.99
N GLY B 128 2.83 1.00 6.76
CA GLY B 128 1.39 0.90 6.81
C GLY B 128 0.90 -0.22 5.90
N ASP B 129 1.51 -0.34 4.73
CA ASP B 129 1.15 -1.37 3.77
C ASP B 129 1.46 -2.74 4.34
N LEU B 130 2.58 -2.85 5.05
CA LEU B 130 2.98 -4.11 5.64
C LEU B 130 1.86 -4.67 6.51
N ARG B 131 1.34 -3.84 7.40
CA ARG B 131 0.26 -4.25 8.28
C ARG B 131 -0.91 -4.79 7.46
N ALA B 132 -1.15 -4.18 6.31
CA ALA B 132 -2.23 -4.60 5.44
C ALA B 132 -1.92 -5.97 4.85
N LEU B 133 -0.65 -6.18 4.50
CA LEU B 133 -0.23 -7.45 3.93
C LEU B 133 -0.72 -8.61 4.79
N GLY B 134 -0.60 -8.46 6.11
CA GLY B 134 -1.05 -9.49 7.03
C GLY B 134 -2.55 -9.68 6.94
N GLN B 135 -3.28 -8.57 6.82
CA GLN B 135 -4.73 -8.62 6.72
C GLN B 135 -5.14 -9.45 5.53
N ARG B 136 -4.47 -9.24 4.40
CA ARG B 136 -4.77 -9.99 3.18
C ARG B 136 -4.30 -11.44 3.32
N LEU B 137 -3.18 -11.62 3.99
CA LEU B 137 -2.63 -12.96 4.19
C LEU B 137 -3.51 -13.75 5.16
N LEU B 138 -4.00 -13.06 6.19
CA LEU B 138 -4.86 -13.71 7.17
C LEU B 138 -6.08 -14.33 6.49
N PHE B 139 -6.63 -13.62 5.52
CA PHE B 139 -7.80 -14.10 4.79
C PHE B 139 -7.41 -15.28 3.89
N HIS B 140 -6.26 -15.16 3.24
CA HIS B 140 -5.78 -16.21 2.35
C HIS B 140 -5.45 -17.47 3.16
N LEU B 141 -4.98 -17.27 4.39
CA LEU B 141 -4.61 -18.39 5.25
C LEU B 141 -5.84 -19.25 5.53
N ASP B 142 -7.01 -18.76 5.13
CA ASP B 142 -8.25 -19.50 5.34
C ASP B 142 -8.76 -20.08 4.03
N ASP B 143 -8.79 -21.41 3.94
CA ASP B 143 -9.26 -22.07 2.73
C ASP B 143 -10.63 -21.54 2.33
N ALA B 144 -11.21 -20.70 3.19
CA ALA B 144 -12.52 -20.12 2.90
C ALA B 144 -12.38 -18.92 1.96
N ASN B 145 -11.15 -18.45 1.78
CA ASN B 145 -10.90 -17.31 0.91
C ASN B 145 -10.89 -17.74 -0.55
N GLN B 146 -11.72 -17.10 -1.36
CA GLN B 146 -11.79 -17.43 -2.78
C GLN B 146 -10.72 -16.67 -3.56
N GLY B 147 -10.86 -15.35 -3.63
CA GLY B 147 -9.90 -14.52 -4.34
C GLY B 147 -10.53 -13.19 -4.75
N PRO B 148 -11.36 -13.22 -5.74
CA PRO B 148 -12.05 -12.00 -6.26
C PRO B 148 -13.13 -11.51 -5.30
N ASN B 149 -13.78 -12.44 -4.60
CA ASN B 149 -14.83 -12.09 -3.67
C ASN B 149 -15.97 -11.35 -4.37
N ALA B 150 -17.19 -11.71 -4.03
CA ALA B 150 -18.36 -11.06 -4.64
C ALA B 150 -18.58 -9.67 -4.04
N TRP B 151 -17.87 -8.69 -4.59
CA TRP B 151 -18.00 -7.32 -4.11
C TRP B 151 -19.35 -6.73 -4.52
N PRO B 152 -19.67 -5.58 -4.00
CA PRO B 152 -20.95 -4.88 -4.32
C PRO B 152 -20.98 -4.33 -5.74
N GLU B 153 -22.08 -3.69 -6.10
CA GLU B 153 -22.22 -3.13 -7.44
C GLU B 153 -21.56 -1.75 -7.52
N ARG B 154 -22.03 -0.82 -6.69
CA ARG B 154 -21.47 0.52 -6.68
C ARG B 154 -21.56 1.12 -5.28
N PHE B 155 -20.49 1.78 -4.85
CA PHE B 155 -20.44 2.39 -3.54
C PHE B 155 -19.16 3.20 -3.36
N ILE B 156 -19.13 4.02 -2.31
CA ILE B 156 -17.95 4.83 -2.04
C ILE B 156 -17.11 4.21 -0.92
N LEU B 157 -15.80 4.40 -1.00
CA LEU B 157 -14.89 3.86 0.00
C LEU B 157 -14.83 4.76 1.22
N VAL B 158 -15.38 4.28 2.34
CA VAL B 158 -15.38 5.07 3.56
C VAL B 158 -14.38 4.50 4.56
N ALA B 159 -13.20 5.10 4.61
CA ALA B 159 -12.15 4.65 5.52
C ALA B 159 -11.51 5.83 6.23
N ASP B 160 -11.06 5.60 7.47
CA ASP B 160 -10.43 6.66 8.24
C ASP B 160 -9.18 7.17 7.54
N GLU B 161 -8.56 6.30 6.75
CA GLU B 161 -7.35 6.68 6.01
C GLU B 161 -7.22 5.87 4.74
N LEU B 162 -7.13 6.57 3.61
CA LEU B 162 -7.01 5.91 2.32
C LEU B 162 -5.78 5.00 2.29
N SER B 163 -5.97 3.76 1.84
CA SER B 163 -4.87 2.81 1.78
C SER B 163 -4.83 2.14 0.40
N ALA B 164 -3.68 2.25 -0.26
CA ALA B 164 -3.51 1.66 -1.57
C ALA B 164 -3.86 0.17 -1.55
N THR B 165 -3.47 -0.50 -0.48
CA THR B 165 -3.75 -1.93 -0.33
C THR B 165 -5.25 -2.19 -0.39
N THR B 166 -6.02 -1.35 0.31
CA THR B 166 -7.47 -1.50 0.33
C THR B 166 -8.04 -1.38 -1.08
N LEU B 167 -7.65 -0.31 -1.78
CA LEU B 167 -8.13 -0.09 -3.14
C LEU B 167 -7.97 -1.36 -3.99
N ALA B 168 -6.81 -2.00 -3.85
CA ALA B 168 -6.54 -3.22 -4.61
C ALA B 168 -7.50 -4.33 -4.20
N GLU B 169 -8.03 -4.23 -2.97
CA GLU B 169 -8.96 -5.24 -2.47
C GLU B 169 -10.28 -5.18 -3.24
N LEU B 170 -10.68 -3.97 -3.62
CA LEU B 170 -11.92 -3.79 -4.36
C LEU B 170 -11.64 -3.23 -5.75
N PRO B 171 -12.14 -3.90 -6.76
CA PRO B 171 -11.94 -3.47 -8.18
C PRO B 171 -12.24 -1.99 -8.37
N GLN B 172 -11.47 -1.35 -9.25
CA GLN B 172 -11.67 0.08 -9.52
C GLN B 172 -13.00 0.30 -10.23
N ASP B 173 -13.65 -0.79 -10.62
CA ASP B 173 -14.93 -0.70 -11.31
C ASP B 173 -16.05 -0.39 -10.32
N ARG B 174 -15.97 -1.01 -9.15
CA ARG B 174 -16.99 -0.81 -8.12
C ARG B 174 -16.76 0.52 -7.39
N LEU B 175 -15.52 0.99 -7.41
CA LEU B 175 -15.18 2.25 -6.75
C LEU B 175 -15.79 3.43 -7.50
N VAL B 176 -16.73 4.10 -6.86
CA VAL B 176 -17.39 5.24 -7.47
C VAL B 176 -17.24 6.48 -6.60
N GLY B 177 -16.26 6.46 -5.71
CA GLY B 177 -16.00 7.59 -4.82
C GLY B 177 -15.20 7.15 -3.60
N VAL B 178 -14.64 8.13 -2.90
CA VAL B 178 -13.84 7.83 -1.70
C VAL B 178 -13.96 8.96 -0.69
N VAL B 179 -13.83 8.62 0.58
CA VAL B 179 -13.92 9.61 1.65
C VAL B 179 -12.98 9.26 2.79
N VAL B 180 -12.12 10.21 3.17
CA VAL B 180 -11.18 9.99 4.25
C VAL B 180 -11.56 10.82 5.48
N ARG B 181 -11.26 10.29 6.66
CA ARG B 181 -11.57 10.99 7.90
C ARG B 181 -10.46 11.96 8.26
N ASP B 182 -9.23 11.44 8.35
CA ASP B 182 -8.09 12.27 8.70
C ASP B 182 -6.90 11.94 7.80
N GLY B 183 -6.95 10.77 7.17
CA GLY B 183 -5.87 10.35 6.28
C GLY B 183 -5.59 11.42 5.22
N ALA B 184 -4.95 12.49 5.64
CA ALA B 184 -4.63 13.58 4.71
C ALA B 184 -4.31 13.02 3.33
N ALA B 185 -4.46 13.86 2.31
CA ALA B 185 -4.19 13.44 0.95
C ALA B 185 -2.73 13.05 0.78
N ASN B 186 -1.95 13.26 1.83
CA ASN B 186 -0.53 12.93 1.80
C ASN B 186 -0.33 11.47 1.40
N SER B 187 -1.28 10.62 1.81
CA SER B 187 -1.19 9.20 1.48
C SER B 187 -0.98 9.00 -0.02
N GLN B 188 -0.16 8.02 -0.37
CA GLN B 188 0.13 7.73 -1.77
C GLN B 188 -1.16 7.40 -2.51
N ALA B 189 -2.06 6.69 -1.85
CA ALA B 189 -3.32 6.31 -2.46
C ALA B 189 -4.11 7.55 -2.88
N ALA B 190 -4.22 8.51 -1.96
CA ALA B 190 -4.95 9.74 -2.24
C ALA B 190 -4.34 10.46 -3.44
N ILE B 191 -3.01 10.47 -3.51
CA ILE B 191 -2.33 11.12 -4.61
C ILE B 191 -2.63 10.43 -5.93
N MET B 192 -2.85 9.11 -5.87
CA MET B 192 -3.15 8.35 -7.06
C MET B 192 -4.65 8.37 -7.36
N VAL B 193 -5.44 8.60 -6.32
CA VAL B 193 -6.90 8.65 -6.48
C VAL B 193 -7.30 9.85 -7.33
N ARG B 194 -6.76 11.02 -6.99
CA ARG B 194 -7.07 12.23 -7.72
C ARG B 194 -6.48 12.17 -9.13
N ALA B 195 -5.30 11.57 -9.24
CA ALA B 195 -4.64 11.45 -10.54
C ALA B 195 -5.41 10.50 -11.45
N LEU B 196 -6.17 9.60 -10.85
CA LEU B 196 -6.96 8.65 -11.61
C LEU B 196 -8.23 9.28 -12.13
N GLY B 197 -8.65 10.37 -11.49
CA GLY B 197 -9.86 11.08 -11.90
C GLY B 197 -11.08 10.55 -11.14
N ILE B 198 -10.89 10.25 -9.86
CA ILE B 198 -11.97 9.73 -9.04
C ILE B 198 -12.25 10.68 -7.87
N PRO B 199 -13.42 11.24 -7.81
CA PRO B 199 -13.82 12.18 -6.73
C PRO B 199 -13.49 11.63 -5.35
N THR B 200 -12.92 12.49 -4.50
CA THR B 200 -12.56 12.08 -3.15
C THR B 200 -12.54 13.29 -2.21
N VAL B 201 -12.92 13.06 -0.96
CA VAL B 201 -12.93 14.14 0.02
C VAL B 201 -12.32 13.68 1.35
N MET B 202 -11.80 14.62 2.12
CA MET B 202 -11.19 14.29 3.40
C MET B 202 -11.69 15.23 4.49
N GLY B 203 -11.47 14.84 5.75
CA GLY B 203 -11.91 15.65 6.88
C GLY B 203 -13.27 15.19 7.38
N ALA B 204 -13.84 14.19 6.71
CA ALA B 204 -15.14 13.66 7.10
C ALA B 204 -15.14 13.28 8.57
N ASP B 205 -15.92 14.01 9.37
CA ASP B 205 -16.00 13.74 10.81
C ASP B 205 -17.26 12.95 11.12
N ILE B 206 -17.68 12.11 10.18
CA ILE B 206 -18.88 11.29 10.37
C ILE B 206 -18.50 9.83 10.54
N GLN B 207 -19.24 9.12 11.40
CA GLN B 207 -18.98 7.72 11.64
C GLN B 207 -19.40 6.88 10.43
N PRO B 208 -18.42 6.34 9.73
CA PRO B 208 -18.67 5.50 8.53
C PRO B 208 -19.73 4.42 8.78
N SER B 209 -19.74 3.89 10.00
CA SER B 209 -20.71 2.86 10.36
C SER B 209 -22.12 3.31 10.05
N VAL B 210 -22.40 4.59 10.29
CA VAL B 210 -23.73 5.14 10.04
C VAL B 210 -24.00 5.21 8.54
N LEU B 211 -22.96 5.53 7.77
CA LEU B 211 -23.09 5.64 6.33
C LEU B 211 -23.27 4.26 5.70
N HIS B 212 -22.75 3.24 6.38
CA HIS B 212 -22.85 1.87 5.88
C HIS B 212 -23.63 1.83 4.57
N ARG B 213 -24.91 1.48 4.67
CA ARG B 213 -25.77 1.41 3.48
C ARG B 213 -26.49 2.74 3.27
N ARG B 214 -26.29 3.67 4.19
CA ARG B 214 -26.93 4.98 4.08
C ARG B 214 -26.46 5.72 2.84
N THR B 215 -27.25 6.70 2.39
CA THR B 215 -26.91 7.47 1.22
C THR B 215 -26.00 8.64 1.59
N LEU B 216 -24.91 8.80 0.85
CA LEU B 216 -23.98 9.88 1.11
C LEU B 216 -23.46 10.48 -0.20
N ILE B 217 -23.76 11.76 -0.41
CA ILE B 217 -23.31 12.43 -1.63
C ILE B 217 -22.08 13.29 -1.35
N VAL B 218 -20.99 13.00 -2.04
CA VAL B 218 -19.75 13.75 -1.87
C VAL B 218 -19.46 14.60 -3.09
N ASP B 219 -19.08 15.85 -2.86
CA ASP B 219 -18.77 16.76 -3.96
C ASP B 219 -17.34 17.27 -3.85
N GLY B 220 -16.42 16.62 -4.55
CA GLY B 220 -15.02 17.01 -4.53
C GLY B 220 -14.86 18.49 -4.86
N TYR B 221 -15.64 18.96 -5.83
CA TYR B 221 -15.58 20.35 -6.24
C TYR B 221 -15.89 21.27 -5.06
N ARG B 222 -16.97 20.97 -4.35
CA ARG B 222 -17.37 21.76 -3.19
C ARG B 222 -16.74 21.21 -1.92
N GLY B 223 -16.11 20.05 -2.03
CA GLY B 223 -15.47 19.42 -0.88
C GLY B 223 -16.41 19.40 0.32
N GLU B 224 -17.53 18.70 0.16
CA GLU B 224 -18.51 18.61 1.24
C GLU B 224 -19.30 17.30 1.13
N LEU B 225 -20.04 16.98 2.19
CA LEU B 225 -20.83 15.75 2.20
C LEU B 225 -22.27 16.05 2.61
N LEU B 226 -23.22 15.65 1.78
CA LEU B 226 -24.63 15.88 2.08
C LEU B 226 -25.26 14.63 2.67
N VAL B 227 -26.20 14.83 3.60
CA VAL B 227 -26.88 13.71 4.24
C VAL B 227 -28.35 13.67 3.83
N ASP B 228 -28.68 12.78 2.91
CA ASP B 228 -30.05 12.65 2.44
C ASP B 228 -30.99 13.51 3.29
N PRO B 229 -31.00 14.79 3.05
CA PRO B 229 -31.86 15.75 3.79
C PRO B 229 -33.34 15.61 3.42
N GLU B 230 -34.04 16.74 3.39
CA GLU B 230 -35.46 16.74 3.03
C GLU B 230 -35.63 16.44 1.55
N PRO B 231 -36.54 15.56 1.23
CA PRO B 231 -36.83 15.17 -0.18
C PRO B 231 -36.97 16.38 -1.10
N VAL B 232 -37.42 17.49 -0.53
CA VAL B 232 -37.60 18.72 -1.31
C VAL B 232 -36.26 19.42 -1.50
N LEU B 233 -35.51 19.57 -0.40
CA LEU B 233 -34.22 20.23 -0.46
C LEU B 233 -33.30 19.53 -1.45
N LEU B 234 -33.21 18.20 -1.33
CA LEU B 234 -32.37 17.41 -2.22
C LEU B 234 -32.84 17.53 -3.66
N GLN B 235 -34.16 17.63 -3.84
CA GLN B 235 -34.74 17.74 -5.17
C GLN B 235 -34.30 19.04 -5.84
N GLU B 236 -34.45 20.15 -5.12
CA GLU B 236 -34.07 21.45 -5.65
C GLU B 236 -32.55 21.55 -5.79
N TYR B 237 -31.84 21.10 -4.76
CA TYR B 237 -30.38 21.14 -4.77
C TYR B 237 -29.85 20.78 -6.16
N GLN B 238 -30.37 19.69 -6.71
CA GLN B 238 -29.93 19.24 -8.03
C GLN B 238 -30.29 20.28 -9.09
N ARG B 239 -31.45 20.92 -8.93
CA ARG B 239 -31.90 21.93 -9.87
C ARG B 239 -31.09 23.21 -9.70
N LEU B 240 -30.70 23.50 -8.46
CA LEU B 240 -29.92 24.70 -8.17
C LEU B 240 -28.56 24.64 -8.86
N ILE B 241 -27.90 23.50 -8.74
CA ILE B 241 -26.58 23.32 -9.34
C ILE B 241 -26.67 23.49 -10.86
N SER B 242 -27.74 22.98 -11.45
CA SER B 242 -27.94 23.08 -12.88
C SER B 242 -28.36 24.49 -13.27
N GLU B 243 -28.82 25.26 -12.30
CA GLU B 243 -29.24 26.63 -12.54
C GLU B 243 -28.13 27.61 -12.21
N GLU B 244 -28.22 28.24 -11.05
CA GLU B 244 -27.20 29.19 -10.62
C GLU B 244 -26.06 28.49 -9.90
N ILE B 245 -26.17 28.42 -8.57
CA ILE B 245 -25.13 27.77 -7.77
C ILE B 245 -24.34 26.78 -8.62
N GLU B 246 -23.69 27.29 -9.65
CA GLU B 246 -22.90 26.44 -10.54
C GLU B 246 -21.63 25.98 -9.84
N LEU B 247 -20.59 25.69 -10.62
CA LEU B 247 -19.33 25.23 -10.07
C LEU B 247 -18.50 26.41 -9.57
N SER B 248 -18.14 27.30 -10.47
CA SER B 248 -17.34 28.47 -10.13
C SER B 248 -18.24 29.70 -9.96
N ARG B 249 -19.23 29.58 -9.09
CA ARG B 249 -20.16 30.68 -8.85
C ARG B 249 -20.15 31.08 -7.38
N LEU B 250 -19.01 30.88 -6.73
CA LEU B 250 -18.89 31.22 -5.31
C LEU B 250 -19.97 30.52 -4.49
N ALA B 251 -19.84 29.19 -4.34
CA ALA B 251 -20.82 28.42 -3.59
C ALA B 251 -20.44 28.39 -2.11
N GLU B 252 -21.44 28.21 -1.25
CA GLU B 252 -21.20 28.17 0.18
C GLU B 252 -22.00 27.02 0.82
N ASP B 253 -23.30 27.21 0.94
CA ASP B 253 -24.16 26.19 1.52
C ASP B 253 -25.63 26.54 1.32
N ASP B 254 -26.32 26.86 2.40
CA ASP B 254 -27.73 27.21 2.34
C ASP B 254 -27.90 28.73 2.32
N VAL B 255 -28.83 29.23 3.13
CA VAL B 255 -29.08 30.65 3.20
C VAL B 255 -28.76 31.32 1.86
N ASN B 256 -27.89 32.33 1.90
CA ASN B 256 -27.52 33.04 0.68
C ASN B 256 -26.57 32.19 -0.16
N MET A 1 37.85 -11.72 -7.07
CA MET A 1 37.51 -11.14 -5.73
C MET A 1 36.23 -10.32 -5.86
N THR A 2 35.85 -9.68 -4.76
CA THR A 2 34.64 -8.87 -4.75
C THR A 2 34.93 -7.47 -5.29
N VAL A 3 33.88 -6.78 -5.73
CA VAL A 3 34.04 -5.44 -6.27
C VAL A 3 32.99 -4.49 -5.68
N LYS A 4 33.45 -3.45 -5.01
CA LYS A 4 32.54 -2.48 -4.41
C LYS A 4 32.88 -1.07 -4.85
N GLN A 5 32.04 -0.11 -4.47
CA GLN A 5 32.27 1.29 -4.83
C GLN A 5 31.48 2.22 -3.92
N THR A 6 32.12 3.29 -3.48
CA THR A 6 31.46 4.25 -2.60
C THR A 6 30.64 5.26 -3.40
N VAL A 7 29.35 5.36 -3.08
CA VAL A 7 28.47 6.28 -3.78
C VAL A 7 27.77 7.20 -2.79
N GLU A 8 27.88 8.51 -3.03
CA GLU A 8 27.26 9.49 -2.15
C GLU A 8 25.80 9.68 -2.52
N ILE A 9 24.91 9.50 -1.54
CA ILE A 9 23.48 9.65 -1.78
C ILE A 9 23.06 11.11 -1.57
N THR A 10 22.79 11.80 -2.68
CA THR A 10 22.39 13.21 -2.61
C THR A 10 20.88 13.31 -2.35
N ASN A 11 20.44 12.68 -1.27
CA ASN A 11 19.02 12.71 -0.92
C ASN A 11 18.19 11.97 -1.97
N LYS A 12 18.85 11.12 -2.76
CA LYS A 12 18.18 10.36 -3.79
C LYS A 12 19.01 9.15 -4.20
N LEU A 13 18.63 7.98 -3.73
CA LEU A 13 19.35 6.75 -4.05
C LEU A 13 19.19 6.42 -5.53
N GLY A 14 18.47 7.27 -6.25
CA GLY A 14 18.24 7.05 -7.67
C GLY A 14 16.76 6.83 -7.96
N MET A 15 15.90 7.48 -7.18
CA MET A 15 14.47 7.35 -7.37
C MET A 15 13.91 6.22 -6.50
N HIS A 16 14.79 5.59 -5.73
CA HIS A 16 14.38 4.50 -4.85
C HIS A 16 13.36 3.60 -5.56
N ALA A 17 12.91 2.57 -4.85
CA ALA A 17 11.93 1.65 -5.43
C ALA A 17 12.42 1.13 -6.78
N ARG A 18 12.33 1.97 -7.79
CA ARG A 18 12.77 1.59 -9.13
C ARG A 18 14.16 0.97 -9.08
N PRO A 19 15.11 1.69 -8.56
CA PRO A 19 16.52 1.21 -8.46
C PRO A 19 16.66 0.03 -7.50
N ALA A 20 16.02 0.14 -6.33
CA ALA A 20 16.07 -0.92 -5.34
C ALA A 20 15.31 -2.15 -5.83
N MET A 21 14.19 -1.92 -6.51
CA MET A 21 13.38 -3.02 -7.02
C MET A 21 14.05 -3.65 -8.24
N LYS A 22 14.63 -2.81 -9.09
CA LYS A 22 15.30 -3.31 -10.29
C LYS A 22 16.47 -4.22 -9.92
N LEU A 23 17.16 -3.87 -8.83
CA LEU A 23 18.30 -4.66 -8.38
C LEU A 23 17.92 -6.15 -8.28
N PHE A 24 16.75 -6.42 -7.71
CA PHE A 24 16.29 -7.79 -7.56
C PHE A 24 16.20 -8.47 -8.92
N GLU A 25 15.79 -7.72 -9.93
CA GLU A 25 15.66 -8.27 -11.28
C GLU A 25 17.03 -8.41 -11.93
N LEU A 26 17.94 -7.50 -11.58
CA LEU A 26 19.29 -7.53 -12.14
C LEU A 26 20.06 -8.73 -11.60
N MET A 27 19.91 -8.99 -10.30
CA MET A 27 20.60 -10.11 -9.67
C MET A 27 20.25 -11.42 -10.38
N GLN A 28 19.03 -11.51 -10.88
CA GLN A 28 18.59 -12.71 -11.58
C GLN A 28 19.14 -12.74 -13.01
N GLY A 29 19.21 -11.57 -13.62
CA GLY A 29 19.72 -11.47 -14.99
C GLY A 29 21.24 -11.52 -15.01
N PHE A 30 21.87 -11.05 -13.94
CA PHE A 30 23.32 -11.05 -13.84
C PHE A 30 23.80 -12.10 -12.85
N ASP A 31 24.99 -12.64 -13.08
CA ASP A 31 25.55 -13.65 -12.21
C ASP A 31 26.46 -13.02 -11.16
N ALA A 32 25.93 -12.78 -9.97
CA ALA A 32 26.71 -12.18 -8.90
C ALA A 32 25.79 -11.68 -7.78
N GLU A 33 26.33 -11.60 -6.57
CA GLU A 33 25.55 -11.13 -5.44
C GLU A 33 25.84 -9.66 -5.14
N VAL A 34 24.79 -8.87 -4.99
CA VAL A 34 24.95 -7.45 -4.71
C VAL A 34 24.56 -7.15 -3.26
N LEU A 35 25.38 -6.37 -2.58
CA LEU A 35 25.11 -6.01 -1.19
C LEU A 35 25.38 -4.52 -0.96
N LEU A 36 24.49 -3.88 -0.21
CA LEU A 36 24.64 -2.46 0.08
C LEU A 36 25.03 -2.26 1.55
N ARG A 37 25.75 -1.18 1.82
CA ARG A 37 26.19 -0.89 3.18
C ARG A 37 26.23 0.62 3.41
N ASN A 38 25.71 1.05 4.56
CA ASN A 38 25.70 2.47 4.89
C ASN A 38 26.93 2.85 5.69
N ASP A 39 27.33 4.11 5.60
CA ASP A 39 28.50 4.59 6.32
C ASP A 39 28.43 4.20 7.80
N GLU A 40 27.21 4.07 8.30
CA GLU A 40 27.00 3.71 9.70
C GLU A 40 27.45 2.27 9.96
N GLY A 41 27.73 1.55 8.87
CA GLY A 41 28.17 0.16 8.98
C GLY A 41 26.97 -0.80 8.92
N THR A 42 25.81 -0.27 8.53
CA THR A 42 24.61 -1.08 8.44
C THR A 42 24.55 -1.79 7.08
N GLU A 43 24.58 -3.12 7.12
CA GLU A 43 24.53 -3.90 5.89
C GLU A 43 23.10 -3.97 5.35
N ALA A 44 22.83 -3.19 4.32
CA ALA A 44 21.50 -3.17 3.72
C ALA A 44 21.39 -4.22 2.61
N GLU A 45 21.48 -5.49 3.00
CA GLU A 45 21.40 -6.57 2.04
C GLU A 45 20.31 -6.28 1.01
N ALA A 46 20.70 -6.26 -0.27
CA ALA A 46 19.75 -5.99 -1.34
C ALA A 46 18.70 -7.09 -1.41
N ASN A 47 18.93 -8.17 -0.66
CA ASN A 47 18.00 -9.29 -0.64
C ASN A 47 17.09 -9.21 0.59
N SER A 48 16.86 -8.00 1.08
CA SER A 48 16.01 -7.81 2.25
C SER A 48 15.26 -6.49 2.15
N VAL A 49 13.93 -6.57 2.23
CA VAL A 49 13.09 -5.38 2.15
C VAL A 49 13.38 -4.44 3.31
N ILE A 50 13.65 -5.02 4.47
CA ILE A 50 13.93 -4.22 5.67
C ILE A 50 15.18 -3.36 5.45
N ALA A 51 16.15 -3.90 4.73
CA ALA A 51 17.39 -3.18 4.46
C ALA A 51 17.11 -1.97 3.56
N LEU A 52 16.27 -2.16 2.56
CA LEU A 52 15.93 -1.08 1.65
C LEU A 52 15.31 0.10 2.40
N LEU A 53 14.48 -0.22 3.39
CA LEU A 53 13.83 0.82 4.19
C LEU A 53 14.86 1.61 4.98
N MET A 54 15.90 0.92 5.44
CA MET A 54 16.96 1.56 6.21
C MET A 54 17.76 2.52 5.34
N LEU A 55 17.95 2.13 4.07
CA LEU A 55 18.71 2.95 3.14
C LEU A 55 17.99 4.27 2.88
N ASP A 56 16.66 4.21 2.86
CA ASP A 56 15.86 5.41 2.63
C ASP A 56 16.26 6.53 3.59
N SER A 57 16.63 6.15 4.81
CA SER A 57 17.03 7.12 5.81
C SER A 57 18.46 7.61 5.54
N ALA A 58 19.11 7.01 4.56
CA ALA A 58 20.47 7.38 4.21
C ALA A 58 20.47 8.59 3.28
N LYS A 59 19.44 9.42 3.39
CA LYS A 59 19.33 10.61 2.56
C LYS A 59 20.41 11.62 2.92
N GLY A 60 21.49 11.62 2.16
CA GLY A 60 22.59 12.55 2.41
C GLY A 60 23.77 11.82 3.05
N ARG A 61 23.67 10.50 3.15
CA ARG A 61 24.73 9.70 3.76
C ARG A 61 25.48 8.93 2.68
N GLN A 62 26.66 8.43 3.03
CA GLN A 62 27.48 7.66 2.10
C GLN A 62 27.26 6.16 2.30
N ILE A 63 27.27 5.42 1.19
CA ILE A 63 27.08 3.97 1.26
C ILE A 63 28.15 3.25 0.44
N GLU A 64 28.33 1.96 0.74
CA GLU A 64 29.34 1.18 0.02
C GLU A 64 28.69 -0.04 -0.63
N VAL A 65 28.45 0.06 -1.94
CA VAL A 65 27.83 -1.03 -2.67
C VAL A 65 28.87 -2.09 -3.03
N GLU A 66 28.58 -3.34 -2.69
CA GLU A 66 29.50 -4.43 -2.98
C GLU A 66 28.83 -5.48 -3.88
N ALA A 67 29.58 -5.98 -4.85
CA ALA A 67 29.05 -6.99 -5.76
C ALA A 67 30.07 -8.09 -6.01
N THR A 68 29.64 -9.33 -5.88
CA THR A 68 30.53 -10.48 -6.09
C THR A 68 29.97 -11.40 -7.16
N GLY A 69 30.80 -11.74 -8.14
CA GLY A 69 30.36 -12.62 -9.21
C GLY A 69 30.96 -12.18 -10.55
N PRO A 70 30.99 -13.07 -11.51
CA PRO A 70 31.53 -12.78 -12.86
C PRO A 70 31.03 -11.44 -13.41
N GLN A 71 29.73 -11.22 -13.28
CA GLN A 71 29.13 -9.98 -13.78
C GLN A 71 29.08 -8.93 -12.67
N GLU A 72 29.65 -9.27 -11.52
CA GLU A 72 29.67 -8.35 -10.38
C GLU A 72 29.82 -6.91 -10.86
N GLU A 73 30.63 -6.71 -11.89
CA GLU A 73 30.86 -5.38 -12.43
C GLU A 73 29.57 -4.81 -13.00
N GLU A 74 28.89 -5.62 -13.82
CA GLU A 74 27.64 -5.18 -14.44
C GLU A 74 26.62 -4.80 -13.38
N ALA A 75 26.43 -5.69 -12.40
CA ALA A 75 25.49 -5.42 -11.32
C ALA A 75 25.83 -4.13 -10.60
N LEU A 76 27.10 -3.97 -10.24
CA LEU A 76 27.55 -2.78 -9.54
C LEU A 76 27.42 -1.55 -10.45
N ALA A 77 27.82 -1.69 -11.70
CA ALA A 77 27.74 -0.59 -12.65
C ALA A 77 26.29 -0.17 -12.86
N ALA A 78 25.40 -1.16 -12.98
CA ALA A 78 23.99 -0.87 -13.19
C ALA A 78 23.42 -0.07 -12.01
N VAL A 79 23.79 -0.48 -10.80
CA VAL A 79 23.31 0.20 -9.60
C VAL A 79 23.88 1.61 -9.52
N ILE A 80 25.16 1.76 -9.85
CA ILE A 80 25.82 3.06 -9.82
C ILE A 80 25.20 3.99 -10.87
N ALA A 81 24.93 3.44 -12.05
CA ALA A 81 24.34 4.24 -13.12
C ALA A 81 22.95 4.73 -12.72
N LEU A 82 22.22 3.89 -12.00
CA LEU A 82 20.87 4.24 -11.57
C LEU A 82 20.93 5.28 -10.45
N PHE A 83 21.92 5.13 -9.57
CA PHE A 83 22.09 6.06 -8.45
C PHE A 83 22.52 7.43 -8.94
N ASN A 84 23.30 7.44 -10.02
CA ASN A 84 23.78 8.70 -10.59
C ASN A 84 22.70 9.33 -11.47
N SER A 85 21.63 8.59 -11.72
CA SER A 85 20.54 9.09 -12.54
C SER A 85 20.89 8.95 -14.03
N ARG B 2 -23.46 20.47 3.30
CA ARG B 2 -23.76 20.66 4.74
C ARG B 2 -22.46 20.85 5.51
N ILE B 3 -21.46 20.06 5.17
CA ILE B 3 -20.16 20.14 5.84
C ILE B 3 -19.06 20.45 4.82
N ARG B 4 -18.23 21.43 5.15
CA ARG B 4 -17.13 21.81 4.27
C ARG B 4 -15.95 20.86 4.42
N ALA B 5 -15.56 20.24 3.31
CA ALA B 5 -14.44 19.30 3.35
C ALA B 5 -13.35 19.74 2.37
N LEU B 6 -12.14 19.23 2.58
CA LEU B 6 -11.02 19.57 1.72
C LEU B 6 -11.02 18.71 0.46
N PRO B 7 -11.27 19.31 -0.66
CA PRO B 7 -11.31 18.60 -1.98
C PRO B 7 -9.92 18.18 -2.44
N ALA B 8 -9.72 16.88 -2.61
CA ALA B 8 -8.43 16.36 -3.06
C ALA B 8 -8.41 16.21 -4.56
N ALA B 9 -9.49 15.69 -5.12
CA ALA B 9 -9.59 15.50 -6.56
C ALA B 9 -10.93 16.02 -7.08
N PRO B 10 -10.89 17.08 -7.85
CA PRO B 10 -12.12 17.70 -8.42
C PRO B 10 -13.03 16.66 -9.07
N GLY B 11 -14.31 17.00 -9.17
CA GLY B 11 -15.29 16.09 -9.77
C GLY B 11 -16.45 15.83 -8.84
N VAL B 12 -17.55 15.36 -9.38
CA VAL B 12 -18.74 15.06 -8.58
C VAL B 12 -19.09 13.59 -8.66
N ALA B 13 -19.34 12.98 -7.49
CA ALA B 13 -19.69 11.57 -7.44
C ALA B 13 -20.85 11.33 -6.49
N ILE B 14 -21.81 10.52 -6.91
CA ILE B 14 -22.97 10.22 -6.08
C ILE B 14 -23.12 8.72 -5.90
N ALA B 15 -23.35 8.30 -4.66
CA ALA B 15 -23.51 6.88 -4.37
C ALA B 15 -23.72 6.66 -2.87
N GLU B 16 -24.01 5.42 -2.49
CA GLU B 16 -24.23 5.09 -1.09
C GLU B 16 -22.90 4.93 -0.36
N GLY B 17 -22.94 5.06 0.96
CA GLY B 17 -21.72 4.94 1.76
C GLY B 17 -21.51 3.49 2.19
N TRP B 18 -20.32 2.97 1.93
CA TRP B 18 -19.99 1.60 2.30
C TRP B 18 -18.78 1.55 3.23
N GLN B 19 -18.88 0.78 4.29
CA GLN B 19 -17.79 0.65 5.25
C GLN B 19 -17.26 -0.77 5.29
N ASP B 20 -15.98 -0.93 4.95
CA ASP B 20 -15.36 -2.25 4.94
C ASP B 20 -15.45 -2.89 6.32
N ALA B 21 -15.87 -4.15 6.36
CA ALA B 21 -16.00 -4.87 7.63
C ALA B 21 -14.64 -5.39 8.08
N THR B 22 -13.58 -4.95 7.41
CA THR B 22 -12.23 -5.37 7.76
C THR B 22 -12.10 -5.51 9.27
N LEU B 23 -11.88 -6.74 9.73
CA LEU B 23 -11.72 -7.01 11.15
C LEU B 23 -10.25 -7.17 11.53
N PRO B 24 -9.89 -6.76 12.71
CA PRO B 24 -8.48 -6.85 13.19
C PRO B 24 -8.09 -8.29 13.52
N LEU B 25 -7.97 -9.12 12.49
CA LEU B 25 -7.59 -10.51 12.67
C LEU B 25 -6.38 -10.63 13.59
N MET B 26 -5.70 -9.50 13.81
CA MET B 26 -4.53 -9.49 14.68
C MET B 26 -4.93 -9.73 16.13
N GLU B 27 -5.97 -9.04 16.56
CA GLU B 27 -6.44 -9.19 17.95
C GLU B 27 -7.65 -10.12 18.00
N GLN B 28 -8.15 -10.51 16.84
CA GLN B 28 -9.30 -11.41 16.76
C GLN B 28 -8.85 -12.85 16.69
N VAL B 29 -7.56 -13.07 16.43
CA VAL B 29 -7.02 -14.41 16.33
C VAL B 29 -7.42 -15.23 17.54
N TYR B 30 -7.57 -16.54 17.34
CA TYR B 30 -7.95 -17.43 18.43
C TYR B 30 -7.89 -18.89 17.98
N GLN B 31 -6.84 -19.59 18.39
CA GLN B 31 -6.68 -20.99 18.02
C GLN B 31 -6.14 -21.80 19.20
N ALA B 32 -6.16 -23.12 19.06
CA ALA B 32 -5.67 -24.00 20.13
C ALA B 32 -4.15 -23.94 20.20
N SER B 33 -3.57 -24.84 21.00
CA SER B 33 -2.13 -24.89 21.16
C SER B 33 -1.57 -26.21 20.65
N THR B 34 -1.35 -26.29 19.33
CA THR B 34 -0.83 -27.51 18.73
C THR B 34 0.22 -27.18 17.68
N LEU B 35 1.46 -27.58 17.94
CA LEU B 35 2.55 -27.32 16.99
C LEU B 35 2.57 -28.39 15.91
N ASP B 36 2.65 -27.95 14.65
CA ASP B 36 2.69 -28.87 13.53
C ASP B 36 3.48 -28.28 12.37
N PRO B 37 4.75 -28.58 12.30
CA PRO B 37 5.65 -28.08 11.22
C PRO B 37 5.29 -28.67 9.85
N ALA B 38 4.70 -29.85 9.87
CA ALA B 38 4.32 -30.51 8.63
C ALA B 38 3.08 -29.85 8.04
N LEU B 39 2.10 -29.57 8.89
CA LEU B 39 0.87 -28.93 8.43
C LEU B 39 1.05 -27.42 8.33
N GLU B 40 1.81 -26.86 9.26
CA GLU B 40 2.07 -25.43 9.27
C GLU B 40 2.96 -25.05 8.10
N ARG B 41 4.07 -25.76 7.95
CA ARG B 41 5.01 -25.48 6.86
C ARG B 41 4.28 -25.53 5.52
N GLU B 42 3.50 -26.58 5.31
CA GLU B 42 2.75 -26.73 4.07
C GLU B 42 1.63 -25.70 3.98
N ARG B 43 0.97 -25.45 5.11
CA ARG B 43 -0.11 -24.48 5.15
C ARG B 43 0.36 -23.14 4.61
N LEU B 44 1.57 -22.75 4.99
CA LEU B 44 2.14 -21.47 4.53
C LEU B 44 2.36 -21.50 3.03
N THR B 45 2.99 -22.57 2.55
CA THR B 45 3.26 -22.71 1.12
C THR B 45 1.98 -22.57 0.32
N GLY B 46 0.94 -23.28 0.73
CA GLY B 46 -0.34 -23.22 0.05
C GLY B 46 -0.94 -21.82 0.13
N ALA B 47 -0.70 -21.16 1.27
CA ALA B 47 -1.22 -19.81 1.46
C ALA B 47 -0.46 -18.81 0.59
N LEU B 48 0.86 -18.97 0.55
CA LEU B 48 1.70 -18.08 -0.25
C LEU B 48 1.28 -18.11 -1.71
N GLU B 49 1.13 -19.32 -2.26
CA GLU B 49 0.73 -19.48 -3.64
C GLU B 49 -0.53 -18.67 -3.93
N GLU B 50 -1.42 -18.59 -2.95
CA GLU B 50 -2.66 -17.85 -3.10
C GLU B 50 -2.40 -16.35 -2.98
N ALA B 51 -1.45 -15.99 -2.11
CA ALA B 51 -1.11 -14.58 -1.91
C ALA B 51 -0.16 -14.10 -3.01
N ALA B 52 0.89 -14.87 -3.25
CA ALA B 52 1.87 -14.51 -4.28
C ALA B 52 1.20 -14.39 -5.64
N ASN B 53 0.34 -15.35 -5.95
CA ASN B 53 -0.36 -15.35 -7.23
C ASN B 53 -1.37 -14.21 -7.28
N GLU B 54 -1.92 -13.85 -6.12
CA GLU B 54 -2.89 -12.77 -6.05
C GLU B 54 -2.24 -11.45 -6.44
N PHE B 55 -1.00 -11.26 -6.04
CA PHE B 55 -0.27 -10.03 -6.36
C PHE B 55 0.08 -9.99 -7.83
N ARG B 56 0.67 -11.07 -8.34
CA ARG B 56 1.05 -11.15 -9.74
C ARG B 56 -0.13 -10.78 -10.63
N ARG B 57 -1.32 -11.28 -10.28
CA ARG B 57 -2.52 -10.99 -11.06
C ARG B 57 -3.01 -9.57 -10.77
N TYR B 58 -2.78 -9.11 -9.55
CA TYR B 58 -3.21 -7.78 -9.14
C TYR B 58 -2.47 -6.72 -9.96
N SER B 59 -1.17 -6.57 -9.69
CA SER B 59 -0.36 -5.60 -10.41
C SER B 59 -0.51 -5.78 -11.91
N LYS B 60 -0.63 -7.03 -12.36
CA LYS B 60 -0.78 -7.33 -13.76
C LYS B 60 -1.93 -6.53 -14.36
N ARG B 61 -3.11 -6.66 -13.75
CA ARG B 61 -4.28 -5.94 -14.22
C ARG B 61 -4.19 -4.45 -13.86
N PHE B 62 -3.80 -4.18 -12.62
CA PHE B 62 -3.67 -2.79 -12.18
C PHE B 62 -2.79 -2.01 -13.13
N ALA B 63 -1.56 -2.48 -13.34
CA ALA B 63 -0.63 -1.82 -14.23
C ALA B 63 -1.27 -1.59 -15.60
N ALA B 64 -2.12 -2.53 -16.01
CA ALA B 64 -2.79 -2.44 -17.30
C ALA B 64 -3.72 -1.22 -17.33
N GLY B 65 -4.18 -0.82 -16.15
CA GLY B 65 -5.08 0.33 -16.05
C GLY B 65 -4.49 1.41 -15.15
N ALA B 66 -4.32 1.07 -13.87
CA ALA B 66 -3.76 2.02 -12.91
C ALA B 66 -2.44 2.59 -13.43
N GLN B 67 -1.76 3.34 -12.58
CA GLN B 67 -0.49 3.95 -12.96
C GLN B 67 0.67 3.02 -12.60
N LYS B 68 1.82 3.25 -13.22
CA LYS B 68 3.00 2.44 -12.95
C LYS B 68 3.30 2.40 -11.45
N GLU B 69 3.02 3.51 -10.77
CA GLU B 69 3.26 3.59 -9.34
C GLU B 69 2.67 2.38 -8.62
N THR B 70 1.36 2.20 -8.78
CA THR B 70 0.68 1.08 -8.14
C THR B 70 1.52 -0.19 -8.24
N ALA B 71 1.74 -0.65 -9.47
CA ALA B 71 2.53 -1.87 -9.69
C ALA B 71 3.87 -1.75 -8.98
N ALA B 72 4.53 -0.61 -9.13
CA ALA B 72 5.83 -0.39 -8.51
C ALA B 72 5.76 -0.67 -7.01
N ILE B 73 4.67 -0.24 -6.39
CA ILE B 73 4.49 -0.46 -4.95
C ILE B 73 4.37 -1.95 -4.64
N PHE B 74 3.35 -2.58 -5.21
CA PHE B 74 3.14 -4.01 -4.98
C PHE B 74 4.36 -4.81 -5.41
N ASP B 75 4.79 -4.61 -6.64
CA ASP B 75 5.96 -5.32 -7.17
C ASP B 75 7.05 -5.40 -6.11
N LEU B 76 7.30 -4.28 -5.43
CA LEU B 76 8.32 -4.24 -4.39
C LEU B 76 7.89 -5.06 -3.19
N TYR B 77 6.62 -4.94 -2.82
CA TYR B 77 6.09 -5.67 -1.67
C TYR B 77 6.00 -7.17 -1.99
N SER B 78 5.56 -7.48 -3.20
CA SER B 78 5.42 -8.87 -3.61
C SER B 78 6.65 -9.68 -3.19
N HIS B 79 7.82 -9.09 -3.35
CA HIS B 79 9.06 -9.76 -2.99
C HIS B 79 9.25 -9.76 -1.47
N LEU B 80 8.42 -8.99 -0.78
CA LEU B 80 8.50 -8.90 0.67
C LEU B 80 8.03 -10.19 1.31
N LEU B 81 6.89 -10.70 0.85
CA LEU B 81 6.33 -11.94 1.38
C LEU B 81 6.93 -13.14 0.67
N SER B 82 7.16 -13.00 -0.63
CA SER B 82 7.73 -14.09 -1.42
C SER B 82 9.14 -14.40 -0.94
N ASP B 83 9.85 -13.38 -0.47
CA ASP B 83 11.21 -13.57 0.02
C ASP B 83 11.26 -14.65 1.09
N THR B 84 12.00 -15.72 0.80
CA THR B 84 12.11 -16.82 1.75
C THR B 84 12.58 -16.31 3.11
N ARG B 85 12.90 -15.03 3.17
CA ARG B 85 13.35 -14.43 4.42
C ARG B 85 12.21 -14.37 5.43
N LEU B 86 11.13 -13.69 5.06
CA LEU B 86 9.98 -13.55 5.94
C LEU B 86 9.43 -14.93 6.32
N ARG B 87 9.25 -15.78 5.31
CA ARG B 87 8.73 -17.12 5.55
C ARG B 87 9.64 -17.89 6.50
N ARG B 88 10.95 -17.82 6.25
CA ARG B 88 11.92 -18.52 7.08
C ARG B 88 11.75 -18.13 8.55
N GLU B 89 11.54 -16.84 8.79
CA GLU B 89 11.36 -16.34 10.15
C GLU B 89 10.11 -16.93 10.78
N LEU B 90 9.02 -16.94 10.03
CA LEU B 90 7.77 -17.48 10.53
C LEU B 90 7.93 -18.94 10.95
N PHE B 91 8.50 -19.75 10.06
CA PHE B 91 8.71 -21.16 10.36
C PHE B 91 9.57 -21.33 11.60
N ALA B 92 10.49 -20.39 11.81
CA ALA B 92 11.37 -20.45 12.98
C ALA B 92 10.56 -20.45 14.26
N GLU B 93 9.50 -19.66 14.30
CA GLU B 93 8.65 -19.57 15.48
C GLU B 93 7.89 -20.88 15.69
N VAL B 94 7.48 -21.49 14.59
CA VAL B 94 6.75 -22.75 14.66
C VAL B 94 7.65 -23.88 15.14
N ASP B 95 8.91 -23.84 14.72
CA ASP B 95 9.86 -24.87 15.12
C ASP B 95 9.97 -24.95 16.63
N LYS B 96 9.58 -23.87 17.31
CA LYS B 96 9.62 -23.83 18.77
C LYS B 96 8.37 -24.43 19.37
N GLY B 97 7.29 -24.45 18.58
CA GLY B 97 6.03 -25.00 19.05
C GLY B 97 4.89 -24.01 18.83
N SER B 98 5.06 -23.11 17.86
CA SER B 98 4.04 -22.12 17.56
C SER B 98 3.23 -22.54 16.34
N VAL B 99 2.06 -21.92 16.17
CA VAL B 99 1.20 -22.24 15.04
C VAL B 99 1.22 -21.09 14.03
N ALA B 100 0.91 -21.42 12.77
CA ALA B 100 0.90 -20.42 11.72
C ALA B 100 -0.02 -19.26 12.09
N GLU B 101 -1.19 -19.59 12.64
CA GLU B 101 -2.15 -18.57 13.04
C GLU B 101 -1.45 -17.44 13.79
N TRP B 102 -0.77 -17.79 14.87
CA TRP B 102 -0.06 -16.80 15.67
C TRP B 102 1.27 -16.44 15.02
N ALA B 103 1.92 -17.43 14.42
CA ALA B 103 3.20 -17.21 13.76
C ALA B 103 3.07 -16.13 12.68
N VAL B 104 2.05 -16.27 11.83
CA VAL B 104 1.82 -15.30 10.77
C VAL B 104 1.53 -13.92 11.35
N LYS B 105 0.82 -13.90 12.47
CA LYS B 105 0.49 -12.63 13.12
C LYS B 105 1.67 -12.10 13.92
N THR B 106 2.38 -13.01 14.57
CA THR B 106 3.54 -12.62 15.37
C THR B 106 4.66 -12.09 14.48
N VAL B 107 5.08 -12.91 13.53
CA VAL B 107 6.15 -12.51 12.61
C VAL B 107 5.84 -11.16 11.99
N ILE B 108 4.60 -10.99 11.55
CA ILE B 108 4.19 -9.72 10.93
C ILE B 108 4.24 -8.59 11.95
N GLU B 109 3.85 -8.90 13.18
CA GLU B 109 3.85 -7.89 14.24
C GLU B 109 5.28 -7.47 14.58
N LYS B 110 6.20 -8.42 14.51
CA LYS B 110 7.60 -8.14 14.81
C LYS B 110 8.22 -7.28 13.72
N PHE B 111 7.80 -7.53 12.47
CA PHE B 111 8.33 -6.77 11.34
C PHE B 111 7.55 -5.48 11.15
N ALA B 112 6.39 -5.40 11.80
CA ALA B 112 5.55 -4.21 11.70
C ALA B 112 6.14 -3.06 12.51
N GLU B 113 6.79 -3.40 13.62
CA GLU B 113 7.39 -2.39 14.48
C GLU B 113 8.88 -2.26 14.20
N GLN B 114 9.54 -3.41 13.97
CA GLN B 114 10.97 -3.41 13.69
C GLN B 114 11.26 -2.58 12.45
N PHE B 115 10.46 -2.75 11.41
CA PHE B 115 10.65 -2.01 10.18
C PHE B 115 10.04 -0.62 10.28
N ALA B 116 8.93 -0.52 11.03
CA ALA B 116 8.26 0.76 11.21
C ALA B 116 8.89 1.56 12.35
N ALA B 117 9.93 0.98 12.96
CA ALA B 117 10.61 1.63 14.06
C ALA B 117 11.60 2.68 13.55
N LEU B 118 11.79 2.69 12.23
CA LEU B 118 12.72 3.64 11.62
C LEU B 118 12.12 5.04 11.58
N SER B 119 12.86 5.98 11.03
CA SER B 119 12.39 7.36 10.94
C SER B 119 11.88 7.67 9.54
N ASP B 120 12.48 7.03 8.54
CA ASP B 120 12.07 7.25 7.16
C ASP B 120 10.56 7.11 7.01
N ASN B 121 9.97 7.94 6.16
CA ASN B 121 8.53 7.91 5.94
C ASN B 121 8.17 6.84 4.91
N TYR B 122 9.02 6.70 3.90
CA TYR B 122 8.78 5.70 2.85
C TYR B 122 8.38 4.36 3.47
N LEU B 123 8.87 4.11 4.68
CA LEU B 123 8.55 2.86 5.37
C LEU B 123 7.45 3.09 6.40
N LYS B 124 7.73 3.91 7.40
CA LYS B 124 6.75 4.19 8.45
C LYS B 124 5.35 4.27 7.85
N GLU B 125 5.25 4.92 6.70
CA GLU B 125 3.95 5.08 6.04
C GLU B 125 3.51 3.75 5.43
N ARG B 126 4.41 3.10 4.71
CA ARG B 126 4.09 1.82 4.09
C ARG B 126 3.63 0.81 5.14
N ALA B 127 3.95 1.09 6.40
CA ALA B 127 3.56 0.20 7.48
C ALA B 127 2.16 -0.37 7.23
N GLY B 128 1.22 0.51 6.92
CA GLY B 128 -0.15 0.09 6.66
C GLY B 128 -0.17 -1.10 5.70
N ASP B 129 0.68 -1.05 4.68
CA ASP B 129 0.75 -2.12 3.70
C ASP B 129 1.26 -3.40 4.35
N LEU B 130 2.32 -3.28 5.13
CA LEU B 130 2.89 -4.45 5.81
C LEU B 130 1.82 -5.17 6.62
N ARG B 131 1.14 -4.43 7.50
CA ARG B 131 0.09 -5.01 8.31
C ARG B 131 -1.01 -5.59 7.44
N ALA B 132 -1.29 -4.93 6.32
CA ALA B 132 -2.32 -5.39 5.41
C ALA B 132 -1.95 -6.76 4.84
N LEU B 133 -0.67 -6.94 4.51
CA LEU B 133 -0.19 -8.20 3.97
C LEU B 133 -0.56 -9.35 4.90
N GLY B 134 -0.36 -9.14 6.19
CA GLY B 134 -0.69 -10.16 7.19
C GLY B 134 -2.17 -10.51 7.15
N GLN B 135 -3.00 -9.48 7.01
CA GLN B 135 -4.45 -9.70 6.95
C GLN B 135 -4.81 -10.59 5.77
N ARG B 136 -4.21 -10.30 4.62
CA ARG B 136 -4.48 -11.08 3.42
C ARG B 136 -4.01 -12.52 3.60
N LEU B 137 -2.84 -12.68 4.23
CA LEU B 137 -2.30 -14.01 4.47
C LEU B 137 -3.19 -14.77 5.44
N LEU B 138 -3.69 -14.08 6.45
CA LEU B 138 -4.55 -14.71 7.44
C LEU B 138 -5.86 -15.15 6.80
N PHE B 139 -6.37 -14.34 5.88
CA PHE B 139 -7.60 -14.67 5.19
C PHE B 139 -7.42 -15.90 4.31
N HIS B 140 -6.30 -15.95 3.60
CA HIS B 140 -6.01 -17.08 2.72
C HIS B 140 -5.74 -18.33 3.54
N LEU B 141 -5.25 -18.16 4.76
CA LEU B 141 -4.95 -19.28 5.64
C LEU B 141 -6.21 -20.09 5.90
N ASP B 142 -7.37 -19.51 5.60
CA ASP B 142 -8.65 -20.20 5.81
C ASP B 142 -9.28 -20.56 4.48
N ASP B 143 -9.34 -21.85 4.18
CA ASP B 143 -9.94 -22.31 2.93
C ASP B 143 -11.17 -21.48 2.58
N ALA B 144 -11.90 -21.05 3.61
CA ALA B 144 -13.10 -20.26 3.40
C ALA B 144 -12.75 -18.91 2.75
N ASN B 145 -11.73 -18.25 3.31
CA ASN B 145 -11.32 -16.96 2.77
C ASN B 145 -12.50 -16.20 2.21
N GLN B 146 -12.41 -15.81 0.94
CA GLN B 146 -13.48 -15.08 0.28
C GLN B 146 -13.56 -15.45 -1.20
N GLY B 147 -14.72 -15.20 -1.81
CA GLY B 147 -14.91 -15.51 -3.22
C GLY B 147 -14.37 -14.40 -4.10
N PRO B 148 -14.94 -14.23 -5.27
CA PRO B 148 -14.51 -13.18 -6.23
C PRO B 148 -14.94 -11.78 -5.79
N ASN B 149 -14.83 -10.81 -6.70
CA ASN B 149 -15.21 -9.44 -6.39
C ASN B 149 -16.46 -9.41 -5.51
N ALA B 150 -17.59 -9.84 -6.07
CA ALA B 150 -18.84 -9.85 -5.32
C ALA B 150 -19.15 -8.47 -4.77
N TRP B 151 -18.55 -7.44 -5.36
CA TRP B 151 -18.77 -6.07 -4.92
C TRP B 151 -19.79 -5.38 -5.81
N PRO B 152 -20.40 -4.33 -5.32
CA PRO B 152 -21.42 -3.55 -6.08
C PRO B 152 -20.79 -2.70 -7.17
N GLU B 153 -21.50 -2.56 -8.28
CA GLU B 153 -21.00 -1.75 -9.40
C GLU B 153 -21.06 -0.26 -9.06
N ARG B 154 -21.74 0.06 -7.98
CA ARG B 154 -21.86 1.45 -7.55
C ARG B 154 -21.81 1.56 -6.03
N PHE B 155 -20.92 2.41 -5.53
CA PHE B 155 -20.79 2.60 -4.09
C PHE B 155 -19.58 3.48 -3.78
N ILE B 156 -19.60 4.12 -2.62
CA ILE B 156 -18.50 4.98 -2.21
C ILE B 156 -17.73 4.36 -1.05
N LEU B 157 -16.47 4.76 -0.90
CA LEU B 157 -15.64 4.22 0.18
C LEU B 157 -15.52 5.24 1.31
N VAL B 158 -15.86 4.81 2.52
CA VAL B 158 -15.78 5.70 3.67
C VAL B 158 -14.80 5.14 4.71
N ALA B 159 -13.58 5.66 4.71
CA ALA B 159 -12.56 5.19 5.64
C ALA B 159 -11.99 6.37 6.43
N ASP B 160 -11.47 6.08 7.63
CA ASP B 160 -10.90 7.13 8.47
C ASP B 160 -9.61 7.66 7.84
N GLU B 161 -8.90 6.80 7.13
CA GLU B 161 -7.65 7.20 6.49
C GLU B 161 -7.45 6.43 5.19
N LEU B 162 -7.09 7.15 4.13
CA LEU B 162 -6.86 6.52 2.83
C LEU B 162 -5.54 5.76 2.82
N SER B 163 -5.63 4.45 2.61
CA SER B 163 -4.43 3.62 2.59
C SER B 163 -4.40 2.77 1.33
N ALA B 164 -3.24 2.71 0.67
CA ALA B 164 -3.09 1.92 -0.55
C ALA B 164 -3.64 0.51 -0.35
N THR B 165 -3.38 -0.06 0.82
CA THR B 165 -3.84 -1.40 1.13
C THR B 165 -5.32 -1.54 0.79
N THR B 166 -6.13 -0.60 1.25
CA THR B 166 -7.56 -0.62 1.00
C THR B 166 -7.83 -0.57 -0.50
N LEU B 167 -7.22 0.40 -1.17
CA LEU B 167 -7.41 0.55 -2.61
C LEU B 167 -7.19 -0.78 -3.32
N ALA B 168 -6.11 -1.48 -2.95
CA ALA B 168 -5.79 -2.77 -3.55
C ALA B 168 -6.65 -3.87 -2.96
N GLU B 169 -7.72 -3.47 -2.26
CA GLU B 169 -8.61 -4.43 -1.64
C GLU B 169 -9.89 -4.57 -2.46
N LEU B 170 -10.36 -3.45 -3.02
CA LEU B 170 -11.58 -3.47 -3.83
C LEU B 170 -11.31 -2.84 -5.19
N PRO B 171 -11.81 -3.46 -6.23
CA PRO B 171 -11.64 -2.95 -7.63
C PRO B 171 -11.96 -1.46 -7.74
N GLN B 172 -11.26 -0.79 -8.65
CA GLN B 172 -11.48 0.64 -8.84
C GLN B 172 -12.79 0.88 -9.58
N ASP B 173 -13.25 -0.14 -10.30
CA ASP B 173 -14.49 -0.02 -11.06
C ASP B 173 -15.67 0.23 -10.12
N ARG B 174 -15.69 -0.49 -9.00
CA ARG B 174 -16.76 -0.33 -8.02
C ARG B 174 -16.55 0.93 -7.19
N LEU B 175 -15.44 1.61 -7.44
CA LEU B 175 -15.13 2.84 -6.71
C LEU B 175 -15.54 4.06 -7.54
N VAL B 176 -16.69 4.63 -7.20
CA VAL B 176 -17.19 5.81 -7.91
C VAL B 176 -17.05 7.05 -7.05
N GLY B 177 -16.28 6.94 -5.98
CA GLY B 177 -16.09 8.08 -5.08
C GLY B 177 -15.57 7.61 -3.72
N VAL B 178 -14.71 8.42 -3.11
CA VAL B 178 -14.16 8.09 -1.80
C VAL B 178 -14.11 9.32 -0.91
N VAL B 179 -14.18 9.09 0.40
CA VAL B 179 -14.14 10.19 1.36
C VAL B 179 -13.39 9.78 2.62
N VAL B 180 -12.40 10.58 3.00
CA VAL B 180 -11.61 10.29 4.19
C VAL B 180 -11.90 11.32 5.29
N ARG B 181 -11.68 10.91 6.53
CA ARG B 181 -11.92 11.80 7.66
C ARG B 181 -10.68 12.63 7.97
N ASP B 182 -9.51 12.05 7.71
CA ASP B 182 -8.26 12.75 7.96
C ASP B 182 -7.24 12.42 6.87
N GLY B 183 -6.30 11.53 7.20
CA GLY B 183 -5.27 11.13 6.25
C GLY B 183 -5.04 12.23 5.21
N ALA B 184 -4.40 13.31 5.63
CA ALA B 184 -4.11 14.42 4.74
C ALA B 184 -2.75 14.25 4.08
N ALA B 185 -2.40 15.19 3.21
CA ALA B 185 -1.11 15.12 2.51
C ALA B 185 -1.25 14.35 1.20
N ASN B 186 -0.13 14.13 0.53
CA ASN B 186 -0.14 13.41 -0.73
C ASN B 186 -0.62 11.98 -0.52
N SER B 187 -0.15 11.35 0.55
CA SER B 187 -0.55 9.97 0.85
C SER B 187 -0.28 9.07 -0.34
N GLN B 188 0.03 7.80 -0.06
CA GLN B 188 0.30 6.84 -1.12
C GLN B 188 -0.96 6.55 -1.93
N ALA B 189 -2.08 6.42 -1.24
CA ALA B 189 -3.35 6.14 -1.91
C ALA B 189 -3.94 7.43 -2.47
N ALA B 190 -3.99 8.47 -1.64
CA ALA B 190 -4.54 9.75 -2.07
C ALA B 190 -3.85 10.23 -3.35
N ILE B 191 -2.52 10.19 -3.35
CA ILE B 191 -1.76 10.62 -4.51
C ILE B 191 -2.09 9.75 -5.72
N MET B 192 -2.23 8.45 -5.49
CA MET B 192 -2.55 7.52 -6.56
C MET B 192 -3.97 7.74 -7.06
N VAL B 193 -4.90 7.90 -6.12
CA VAL B 193 -6.30 8.12 -6.47
C VAL B 193 -6.46 9.41 -7.25
N ARG B 194 -5.76 10.46 -6.82
CA ARG B 194 -5.84 11.76 -7.48
C ARG B 194 -5.33 11.64 -8.92
N ALA B 195 -4.20 10.96 -9.09
CA ALA B 195 -3.60 10.79 -10.40
C ALA B 195 -4.50 9.93 -11.28
N LEU B 196 -5.27 9.05 -10.65
CA LEU B 196 -6.18 8.18 -11.39
C LEU B 196 -7.34 8.98 -11.99
N GLY B 197 -7.65 10.11 -11.36
CA GLY B 197 -8.74 10.96 -11.84
C GLY B 197 -10.07 10.55 -11.21
N ILE B 198 -10.00 10.05 -9.98
CA ILE B 198 -11.21 9.63 -9.28
C ILE B 198 -11.58 10.64 -8.19
N PRO B 199 -12.76 11.17 -8.26
CA PRO B 199 -13.26 12.17 -7.26
C PRO B 199 -12.99 11.73 -5.83
N THR B 200 -12.40 12.62 -5.03
CA THR B 200 -12.10 12.31 -3.65
C THR B 200 -12.18 13.57 -2.79
N VAL B 201 -12.50 13.40 -1.51
CA VAL B 201 -12.61 14.53 -0.60
C VAL B 201 -12.20 14.12 0.81
N MET B 202 -11.65 15.07 1.56
CA MET B 202 -11.21 14.80 2.92
C MET B 202 -11.69 15.90 3.87
N GLY B 203 -11.66 15.61 5.17
CA GLY B 203 -12.09 16.58 6.16
C GLY B 203 -13.43 16.17 6.77
N ALA B 204 -13.95 15.02 6.34
CA ALA B 204 -15.22 14.53 6.85
C ALA B 204 -15.11 14.19 8.34
N ASP B 205 -15.75 15.01 9.18
CA ASP B 205 -15.71 14.78 10.61
C ASP B 205 -16.99 14.09 11.07
N ILE B 206 -17.53 13.22 10.23
CA ILE B 206 -18.75 12.50 10.56
C ILE B 206 -18.43 11.05 10.91
N GLN B 207 -19.40 10.38 11.54
CA GLN B 207 -19.21 8.99 11.93
C GLN B 207 -19.46 8.06 10.73
N PRO B 208 -18.47 7.32 10.34
CA PRO B 208 -18.57 6.38 9.20
C PRO B 208 -19.82 5.51 9.28
N SER B 209 -20.15 5.06 10.48
CA SER B 209 -21.33 4.22 10.67
C SER B 209 -22.57 4.89 10.10
N VAL B 210 -22.83 6.11 10.53
CA VAL B 210 -23.99 6.86 10.05
C VAL B 210 -23.93 7.01 8.53
N LEU B 211 -22.75 7.30 8.01
CA LEU B 211 -22.58 7.45 6.57
C LEU B 211 -22.87 6.14 5.85
N HIS B 212 -22.49 5.03 6.48
CA HIS B 212 -22.70 3.72 5.88
C HIS B 212 -24.16 3.30 6.03
N ARG B 213 -25.07 4.26 5.84
CA ARG B 213 -26.50 3.98 5.95
C ARG B 213 -27.31 5.07 5.26
N ARG B 214 -26.63 5.92 4.49
CA ARG B 214 -27.30 7.00 3.78
C ARG B 214 -26.60 7.29 2.46
N THR B 215 -27.17 8.20 1.68
CA THR B 215 -26.59 8.56 0.39
C THR B 215 -25.52 9.63 0.57
N LEU B 216 -24.45 9.51 -0.21
CA LEU B 216 -23.35 10.48 -0.14
C LEU B 216 -23.23 11.27 -1.43
N ILE B 217 -22.96 12.56 -1.32
CA ILE B 217 -22.83 13.40 -2.51
C ILE B 217 -21.54 14.22 -2.43
N VAL B 218 -20.49 13.72 -3.06
CA VAL B 218 -19.20 14.41 -3.06
C VAL B 218 -19.18 15.50 -4.13
N ASP B 219 -18.56 16.63 -3.80
CA ASP B 219 -18.48 17.74 -4.75
C ASP B 219 -17.09 18.37 -4.70
N GLY B 220 -16.14 17.76 -5.39
CA GLY B 220 -14.77 18.28 -5.42
C GLY B 220 -14.76 19.75 -5.81
N TYR B 221 -15.62 20.12 -6.75
CA TYR B 221 -15.70 21.50 -7.20
C TYR B 221 -15.95 22.44 -6.02
N ARG B 222 -16.98 22.11 -5.23
CA ARG B 222 -17.32 22.93 -4.08
C ARG B 222 -16.64 22.39 -2.82
N GLY B 223 -16.09 21.19 -2.92
CA GLY B 223 -15.41 20.57 -1.79
C GLY B 223 -16.33 20.50 -0.57
N GLU B 224 -17.57 20.05 -0.80
CA GLU B 224 -18.54 19.93 0.29
C GLU B 224 -19.13 18.53 0.34
N LEU B 225 -19.69 18.17 1.48
CA LEU B 225 -20.29 16.85 1.65
C LEU B 225 -21.74 16.97 2.10
N LEU B 226 -22.65 16.51 1.24
CA LEU B 226 -24.08 16.57 1.57
C LEU B 226 -24.55 15.23 2.13
N VAL B 227 -25.62 15.28 2.92
CA VAL B 227 -26.16 14.06 3.52
C VAL B 227 -27.62 13.88 3.13
N ASP B 228 -27.87 13.17 2.04
CA ASP B 228 -29.23 12.94 1.56
C ASP B 228 -30.17 14.02 2.11
N PRO B 229 -29.87 15.26 1.83
CA PRO B 229 -30.69 16.41 2.28
C PRO B 229 -32.03 16.48 1.55
N GLU B 230 -32.78 17.56 1.80
CA GLU B 230 -34.07 17.75 1.16
C GLU B 230 -33.96 17.54 -0.35
N PRO B 231 -34.96 16.96 -0.95
CA PRO B 231 -34.98 16.70 -2.42
C PRO B 231 -35.19 17.98 -3.23
N VAL B 232 -35.86 18.95 -2.63
CA VAL B 232 -36.11 20.22 -3.30
C VAL B 232 -34.84 21.05 -3.39
N LEU B 233 -34.14 21.16 -2.27
CA LEU B 233 -32.90 21.92 -2.23
C LEU B 233 -31.89 21.38 -3.24
N LEU B 234 -31.79 20.05 -3.31
CA LEU B 234 -30.87 19.40 -4.24
C LEU B 234 -31.27 19.70 -5.68
N GLN B 235 -32.56 19.86 -5.90
CA GLN B 235 -33.06 20.14 -7.25
C GLN B 235 -32.50 21.48 -7.75
N GLU B 236 -32.65 22.52 -6.95
CA GLU B 236 -32.16 23.83 -7.33
C GLU B 236 -30.63 23.87 -7.28
N TYR B 237 -30.07 23.18 -6.30
CA TYR B 237 -28.62 23.14 -6.15
C TYR B 237 -27.95 22.76 -7.47
N GLN B 238 -28.51 21.77 -8.15
CA GLN B 238 -27.97 21.33 -9.43
C GLN B 238 -28.06 22.44 -10.47
N ARG B 239 -29.16 23.18 -10.43
CA ARG B 239 -29.36 24.27 -11.39
C ARG B 239 -28.48 25.47 -11.01
N LEU B 240 -28.29 25.67 -9.71
CA LEU B 240 -27.47 26.78 -9.24
C LEU B 240 -26.02 26.62 -9.71
N ILE B 241 -25.48 25.41 -9.55
CA ILE B 241 -24.11 25.15 -9.97
C ILE B 241 -24.03 25.00 -11.48
N SER B 242 -25.10 24.49 -12.08
CA SER B 242 -25.13 24.30 -13.53
C SER B 242 -25.34 25.63 -14.24
N GLU B 243 -25.85 26.62 -13.50
CA GLU B 243 -26.09 27.94 -14.08
C GLU B 243 -24.81 28.51 -14.67
N GLU B 244 -24.10 29.30 -13.86
CA GLU B 244 -22.85 29.90 -14.32
C GLU B 244 -22.26 30.78 -13.22
N ILE B 245 -22.59 30.48 -11.97
CA ILE B 245 -22.08 31.25 -10.85
C ILE B 245 -21.16 30.39 -9.99
N GLU B 246 -21.50 30.27 -8.71
CA GLU B 246 -20.70 29.49 -7.78
C GLU B 246 -19.26 29.40 -8.27
N LEU B 247 -18.98 28.39 -9.11
CA LEU B 247 -17.63 28.21 -9.65
C LEU B 247 -17.12 29.50 -10.27
N SER B 248 -17.64 29.84 -11.43
CA SER B 248 -17.23 31.06 -12.12
C SER B 248 -17.22 32.24 -11.16
N ARG B 249 -18.10 32.21 -10.17
CA ARG B 249 -18.20 33.28 -9.19
C ARG B 249 -18.13 32.72 -7.78
N LEU B 250 -16.94 32.25 -7.38
CA LEU B 250 -16.75 31.69 -6.05
C LEU B 250 -17.47 32.55 -5.01
N ALA B 251 -17.69 31.98 -3.83
CA ALA B 251 -18.35 32.71 -2.75
C ALA B 251 -19.04 31.73 -1.81
N GLU B 252 -19.31 30.52 -2.29
CA GLU B 252 -19.98 29.51 -1.48
C GLU B 252 -21.42 29.93 -1.17
N ASP B 253 -22.36 29.34 -1.89
CA ASP B 253 -23.77 29.66 -1.68
C ASP B 253 -24.39 28.69 -0.68
N ASP B 254 -25.67 28.36 -0.90
CA ASP B 254 -26.36 27.44 0.00
C ASP B 254 -26.34 27.96 1.43
N VAL B 255 -25.86 29.19 1.59
CA VAL B 255 -25.78 29.80 2.91
C VAL B 255 -25.53 28.73 3.98
N ASN B 256 -26.11 28.93 5.17
CA ASN B 256 -25.94 27.97 6.25
C ASN B 256 -26.99 26.87 6.17
N MET A 1 37.66 -12.44 -6.91
CA MET A 1 37.37 -11.83 -5.58
C MET A 1 36.12 -10.96 -5.68
N THR A 2 35.79 -10.26 -4.59
CA THR A 2 34.62 -9.40 -4.58
C THR A 2 34.96 -8.03 -5.15
N VAL A 3 33.94 -7.30 -5.58
CA VAL A 3 34.15 -5.97 -6.15
C VAL A 3 33.15 -4.98 -5.55
N LYS A 4 33.67 -3.94 -4.91
CA LYS A 4 32.83 -2.93 -4.30
C LYS A 4 33.23 -1.53 -4.77
N GLN A 5 32.40 -0.54 -4.42
CA GLN A 5 32.69 0.84 -4.81
C GLN A 5 31.95 1.81 -3.90
N THR A 6 32.66 2.85 -3.45
CA THR A 6 32.06 3.85 -2.57
C THR A 6 31.26 4.87 -3.38
N VAL A 7 29.99 5.03 -3.04
CA VAL A 7 29.13 5.97 -3.74
C VAL A 7 28.49 6.94 -2.75
N GLU A 8 28.65 8.24 -3.02
CA GLU A 8 28.07 9.26 -2.15
C GLU A 8 26.61 9.50 -2.50
N ILE A 9 25.74 9.40 -1.49
CA ILE A 9 24.31 9.61 -1.70
C ILE A 9 23.95 11.08 -1.52
N THR A 10 23.71 11.76 -2.63
CA THR A 10 23.36 13.18 -2.58
C THR A 10 21.87 13.35 -2.30
N ASN A 11 21.40 12.77 -1.20
CA ASN A 11 20.00 12.86 -0.83
C ASN A 11 19.12 12.17 -1.89
N LYS A 12 19.72 11.22 -2.60
CA LYS A 12 18.98 10.49 -3.64
C LYS A 12 19.75 9.24 -4.05
N LEU A 13 19.36 8.10 -3.52
CA LEU A 13 20.02 6.84 -3.84
C LEU A 13 19.90 6.55 -5.33
N GLY A 14 19.04 7.30 -6.01
CA GLY A 14 18.84 7.12 -7.44
C GLY A 14 17.49 7.67 -7.89
N MET A 15 16.47 6.83 -7.83
CA MET A 15 15.12 7.25 -8.23
C MET A 15 14.09 6.79 -7.19
N HIS A 16 12.83 6.83 -7.57
CA HIS A 16 11.75 6.42 -6.68
C HIS A 16 11.95 4.98 -6.22
N ALA A 17 13.00 4.76 -5.42
CA ALA A 17 13.29 3.42 -4.93
C ALA A 17 13.44 2.44 -6.09
N ARG A 18 13.15 2.91 -7.30
CA ARG A 18 13.26 2.07 -8.49
C ARG A 18 14.56 1.26 -8.45
N PRO A 19 15.66 1.92 -8.27
CA PRO A 19 17.00 1.27 -8.22
C PRO A 19 17.01 0.06 -7.29
N ALA A 20 16.49 0.24 -6.08
CA ALA A 20 16.45 -0.85 -5.11
C ALA A 20 15.60 -2.00 -5.64
N MET A 21 14.42 -1.68 -6.16
CA MET A 21 13.53 -2.69 -6.70
C MET A 21 14.17 -3.37 -7.91
N LYS A 22 14.81 -2.57 -8.76
CA LYS A 22 15.45 -3.11 -9.96
C LYS A 22 16.58 -4.05 -9.58
N LEU A 23 17.31 -3.71 -8.52
CA LEU A 23 18.42 -4.54 -8.07
C LEU A 23 17.97 -5.99 -7.93
N PHE A 24 16.81 -6.21 -7.33
CA PHE A 24 16.29 -7.55 -7.14
C PHE A 24 16.16 -8.26 -8.48
N GLU A 25 15.73 -7.53 -9.50
CA GLU A 25 15.57 -8.10 -10.82
C GLU A 25 16.93 -8.32 -11.49
N LEU A 26 17.87 -7.44 -11.19
CA LEU A 26 19.21 -7.55 -11.76
C LEU A 26 19.93 -8.78 -11.20
N MET A 27 19.80 -8.99 -9.90
CA MET A 27 20.44 -10.13 -9.25
C MET A 27 20.04 -11.43 -9.95
N GLN A 28 18.80 -11.48 -10.44
CA GLN A 28 18.30 -12.66 -11.12
C GLN A 28 18.82 -12.72 -12.55
N GLY A 29 18.96 -11.54 -13.17
CA GLY A 29 19.45 -11.48 -14.54
C GLY A 29 20.97 -11.62 -14.59
N PHE A 30 21.63 -11.15 -13.53
CA PHE A 30 23.09 -11.23 -13.47
C PHE A 30 23.52 -12.31 -12.49
N ASP A 31 24.71 -12.86 -12.70
CA ASP A 31 25.23 -13.91 -11.83
C ASP A 31 26.18 -13.33 -10.80
N ALA A 32 25.65 -13.01 -9.63
CA ALA A 32 26.47 -12.44 -8.55
C ALA A 32 25.58 -11.88 -7.44
N GLU A 33 26.13 -11.80 -6.24
CA GLU A 33 25.39 -11.29 -5.10
C GLU A 33 25.76 -9.83 -4.82
N VAL A 34 24.75 -9.00 -4.68
CA VAL A 34 24.98 -7.58 -4.41
C VAL A 34 24.62 -7.24 -2.97
N LEU A 35 25.51 -6.51 -2.30
CA LEU A 35 25.27 -6.14 -0.91
C LEU A 35 25.60 -4.66 -0.70
N LEU A 36 24.74 -3.96 0.04
CA LEU A 36 24.95 -2.54 0.31
C LEU A 36 25.38 -2.34 1.75
N ARG A 37 26.15 -1.29 1.99
CA ARG A 37 26.63 -0.99 3.34
C ARG A 37 26.75 0.52 3.54
N ASN A 38 26.26 1.01 4.68
CA ASN A 38 26.33 2.43 4.97
C ASN A 38 27.60 2.75 5.75
N ASP A 39 28.04 4.01 5.67
CA ASP A 39 29.24 4.43 6.37
C ASP A 39 29.16 4.07 7.86
N GLU A 40 27.94 4.02 8.38
CA GLU A 40 27.74 3.69 9.78
C GLU A 40 28.13 2.24 10.05
N GLY A 41 28.36 1.49 8.98
CA GLY A 41 28.74 0.08 9.12
C GLY A 41 27.51 -0.82 9.09
N THR A 42 26.38 -0.25 8.70
CA THR A 42 25.14 -1.00 8.63
C THR A 42 25.01 -1.74 7.30
N GLU A 43 25.00 -3.06 7.35
CA GLU A 43 24.90 -3.86 6.13
C GLU A 43 23.46 -3.87 5.62
N ALA A 44 23.21 -3.10 4.57
CA ALA A 44 21.87 -3.03 4.00
C ALA A 44 21.69 -4.09 2.91
N GLU A 45 21.74 -5.36 3.31
CA GLU A 45 21.59 -6.46 2.37
C GLU A 45 20.50 -6.13 1.34
N ALA A 46 20.87 -6.14 0.07
CA ALA A 46 19.92 -5.84 -0.99
C ALA A 46 18.83 -6.90 -1.03
N ASN A 47 19.01 -7.97 -0.27
CA ASN A 47 18.03 -9.05 -0.22
C ASN A 47 17.15 -8.92 1.02
N SER A 48 16.99 -7.70 1.49
CA SER A 48 16.17 -7.45 2.68
C SER A 48 15.46 -6.10 2.56
N VAL A 49 14.13 -6.13 2.69
CA VAL A 49 13.34 -4.91 2.60
C VAL A 49 13.68 -3.97 3.74
N ILE A 50 13.96 -4.53 4.91
CA ILE A 50 14.29 -3.74 6.08
C ILE A 50 15.56 -2.93 5.82
N ALA A 51 16.51 -3.53 5.11
CA ALA A 51 17.77 -2.86 4.80
C ALA A 51 17.53 -1.65 3.90
N LEU A 52 16.65 -1.83 2.92
CA LEU A 52 16.34 -0.75 1.98
C LEU A 52 15.77 0.45 2.73
N LEU A 53 14.96 0.18 3.74
CA LEU A 53 14.35 1.25 4.53
C LEU A 53 15.42 2.01 5.31
N MET A 54 16.46 1.30 5.73
CA MET A 54 17.55 1.92 6.48
C MET A 54 18.39 2.81 5.56
N LEU A 55 18.54 2.39 4.31
CA LEU A 55 19.32 3.16 3.34
C LEU A 55 18.67 4.51 3.08
N ASP A 56 17.34 4.53 3.10
CA ASP A 56 16.60 5.76 2.85
C ASP A 56 17.07 6.86 3.80
N SER A 57 17.43 6.49 5.01
CA SER A 57 17.89 7.45 6.01
C SER A 57 19.33 7.88 5.71
N ALA A 58 19.93 7.22 4.72
CA ALA A 58 21.30 7.55 4.34
C ALA A 58 21.33 8.73 3.39
N LYS A 59 20.34 9.62 3.52
CA LYS A 59 20.26 10.80 2.67
C LYS A 59 21.39 11.77 2.99
N GLY A 60 22.47 11.71 2.22
CA GLY A 60 23.61 12.59 2.44
C GLY A 60 24.77 11.83 3.07
N ARG A 61 24.61 10.52 3.20
CA ARG A 61 25.64 9.68 3.79
C ARG A 61 26.36 8.87 2.72
N GLN A 62 27.51 8.30 3.08
CA GLN A 62 28.28 7.51 2.13
C GLN A 62 28.03 6.02 2.37
N ILE A 63 27.96 5.26 1.28
CA ILE A 63 27.72 3.82 1.37
C ILE A 63 28.76 3.05 0.55
N GLU A 64 28.88 1.76 0.83
CA GLU A 64 29.83 0.92 0.12
C GLU A 64 29.13 -0.27 -0.51
N VAL A 65 28.86 -0.19 -1.81
CA VAL A 65 28.19 -1.28 -2.52
C VAL A 65 29.18 -2.38 -2.87
N GLU A 66 28.85 -3.61 -2.51
CA GLU A 66 29.72 -4.75 -2.79
C GLU A 66 28.99 -5.77 -3.64
N ALA A 67 29.70 -6.33 -4.63
CA ALA A 67 29.11 -7.31 -5.52
C ALA A 67 30.09 -8.47 -5.76
N THR A 68 29.59 -9.69 -5.62
CA THR A 68 30.43 -10.87 -5.82
C THR A 68 29.81 -11.79 -6.86
N GLY A 69 30.61 -12.17 -7.87
CA GLY A 69 30.13 -13.06 -8.91
C GLY A 69 30.72 -12.65 -10.27
N PRO A 70 30.67 -13.54 -11.22
CA PRO A 70 31.20 -13.30 -12.58
C PRO A 70 30.75 -11.95 -13.14
N GLN A 71 29.46 -11.65 -12.99
CA GLN A 71 28.93 -10.39 -13.48
C GLN A 71 28.95 -9.33 -12.39
N GLU A 72 29.53 -9.68 -11.25
CA GLU A 72 29.62 -8.75 -10.13
C GLU A 72 29.82 -7.32 -10.63
N GLU A 73 30.61 -7.18 -11.68
CA GLU A 73 30.88 -5.86 -12.24
C GLU A 73 29.60 -5.25 -12.81
N GLU A 74 28.88 -6.02 -13.61
CA GLU A 74 27.63 -5.55 -14.21
C GLU A 74 26.66 -5.11 -13.13
N ALA A 75 26.44 -5.99 -12.14
CA ALA A 75 25.52 -5.67 -11.05
C ALA A 75 25.93 -4.38 -10.36
N LEU A 76 27.21 -4.28 -10.01
CA LEU A 76 27.73 -3.09 -9.35
C LEU A 76 27.63 -1.88 -10.26
N ALA A 77 28.01 -2.06 -11.52
CA ALA A 77 27.96 -0.98 -12.50
C ALA A 77 26.53 -0.50 -12.69
N ALA A 78 25.60 -1.44 -12.77
CA ALA A 78 24.20 -1.11 -12.96
C ALA A 78 23.69 -0.28 -11.79
N VAL A 79 24.04 -0.68 -10.58
CA VAL A 79 23.61 0.04 -9.38
C VAL A 79 24.25 1.43 -9.34
N ILE A 80 25.54 1.50 -9.67
CA ILE A 80 26.24 2.78 -9.67
C ILE A 80 25.66 3.71 -10.72
N ALA A 81 25.36 3.17 -11.90
CA ALA A 81 24.80 3.96 -12.98
C ALA A 81 23.43 4.51 -12.59
N LEU A 82 22.68 3.72 -11.83
CA LEU A 82 21.36 4.14 -11.40
C LEU A 82 21.45 5.19 -10.29
N PHE A 83 22.44 5.02 -9.41
CA PHE A 83 22.64 5.96 -8.32
C PHE A 83 23.16 7.29 -8.85
N ASN A 84 23.92 7.24 -9.93
CA ASN A 84 24.46 8.46 -10.54
C ASN A 84 23.42 9.12 -11.43
N SER A 85 22.28 8.47 -11.58
CA SER A 85 21.21 9.01 -12.42
C SER A 85 21.53 8.82 -13.89
N ARG B 2 -23.37 19.05 4.28
CA ARG B 2 -23.54 20.02 5.40
C ARG B 2 -22.20 20.23 6.10
N ILE B 3 -21.18 19.51 5.64
CA ILE B 3 -19.86 19.61 6.24
C ILE B 3 -18.81 19.92 5.16
N ARG B 4 -17.75 20.63 5.55
CA ARG B 4 -16.69 20.97 4.61
C ARG B 4 -15.50 20.04 4.79
N ALA B 5 -15.05 19.44 3.68
CA ALA B 5 -13.91 18.53 3.73
C ALA B 5 -12.87 18.92 2.69
N LEU B 6 -11.62 18.48 2.91
CA LEU B 6 -10.55 18.80 1.98
C LEU B 6 -10.75 18.05 0.66
N PRO B 7 -10.94 18.78 -0.40
CA PRO B 7 -11.15 18.19 -1.75
C PRO B 7 -9.86 17.62 -2.34
N ALA B 8 -9.70 16.31 -2.28
CA ALA B 8 -8.52 15.66 -2.81
C ALA B 8 -8.59 15.56 -4.32
N ALA B 9 -9.79 15.33 -4.84
CA ALA B 9 -9.98 15.23 -6.28
C ALA B 9 -11.30 15.85 -6.70
N PRO B 10 -11.29 16.61 -7.76
CA PRO B 10 -12.51 17.29 -8.28
C PRO B 10 -13.48 16.32 -8.94
N GLY B 11 -14.77 16.61 -8.85
CA GLY B 11 -15.79 15.75 -9.43
C GLY B 11 -16.89 15.43 -8.42
N VAL B 12 -18.01 14.94 -8.93
CA VAL B 12 -19.14 14.60 -8.05
C VAL B 12 -19.24 13.08 -7.89
N ALA B 13 -19.86 12.66 -6.79
CA ALA B 13 -20.03 11.24 -6.52
C ALA B 13 -21.34 10.97 -5.79
N ILE B 14 -22.15 10.08 -6.34
CA ILE B 14 -23.43 9.75 -5.73
C ILE B 14 -23.62 8.23 -5.66
N ALA B 15 -23.76 7.72 -4.45
CA ALA B 15 -23.95 6.27 -4.26
C ALA B 15 -24.00 5.93 -2.77
N GLU B 16 -24.14 4.65 -2.47
CA GLU B 16 -24.20 4.21 -1.09
C GLU B 16 -22.80 4.17 -0.48
N GLY B 17 -22.73 4.34 0.83
CA GLY B 17 -21.44 4.34 1.53
C GLY B 17 -21.10 2.93 2.02
N TRP B 18 -19.82 2.58 1.94
CA TRP B 18 -19.38 1.27 2.39
C TRP B 18 -17.95 1.32 2.93
N GLN B 19 -17.70 0.60 4.01
CA GLN B 19 -16.37 0.59 4.61
C GLN B 19 -15.40 -0.24 3.76
N ASP B 20 -14.12 0.11 3.83
CA ASP B 20 -13.11 -0.61 3.06
C ASP B 20 -13.19 -2.11 3.33
N ALA B 21 -12.48 -2.89 2.53
CA ALA B 21 -12.48 -4.34 2.68
C ALA B 21 -11.72 -4.74 3.95
N THR B 22 -12.00 -4.06 5.05
CA THR B 22 -11.35 -4.35 6.32
C THR B 22 -12.38 -4.73 7.38
N LEU B 23 -12.17 -5.88 8.00
CA LEU B 23 -13.08 -6.35 9.04
C LEU B 23 -12.31 -6.79 10.28
N PRO B 24 -12.54 -6.14 11.39
CA PRO B 24 -11.86 -6.46 12.67
C PRO B 24 -11.88 -7.95 12.98
N LEU B 25 -10.71 -8.57 12.98
CA LEU B 25 -10.60 -10.00 13.26
C LEU B 25 -9.52 -10.26 14.30
N MET B 26 -8.35 -9.67 14.08
CA MET B 26 -7.23 -9.84 15.01
C MET B 26 -7.73 -9.89 16.45
N GLU B 27 -8.90 -9.31 16.68
CA GLU B 27 -9.49 -9.28 18.02
C GLU B 27 -9.87 -10.69 18.47
N GLN B 28 -10.05 -11.58 17.49
CA GLN B 28 -10.42 -12.96 17.79
C GLN B 28 -9.27 -13.70 18.46
N VAL B 29 -8.50 -12.97 19.27
CA VAL B 29 -7.36 -13.56 19.96
C VAL B 29 -7.83 -14.46 21.10
N TYR B 30 -7.75 -15.77 20.89
CA TYR B 30 -8.18 -16.72 21.90
C TYR B 30 -7.05 -17.71 22.21
N GLN B 31 -7.31 -18.62 23.15
CA GLN B 31 -6.32 -19.61 23.52
C GLN B 31 -6.30 -20.77 22.53
N ALA B 32 -5.11 -21.26 22.21
CA ALA B 32 -4.98 -22.36 21.26
C ALA B 32 -3.53 -22.77 21.10
N SER B 33 -3.22 -24.01 21.46
CA SER B 33 -1.85 -24.51 21.35
C SER B 33 -1.80 -25.76 20.48
N THR B 34 -1.65 -25.56 19.18
CA THR B 34 -1.60 -26.68 18.25
C THR B 34 -0.58 -26.41 17.14
N LEU B 35 0.67 -26.81 17.36
CA LEU B 35 1.72 -26.61 16.38
C LEU B 35 1.73 -27.76 15.37
N ASP B 36 1.99 -27.43 14.11
CA ASP B 36 2.03 -28.45 13.06
C ASP B 36 3.05 -28.07 11.99
N PRO B 37 4.20 -28.68 12.03
CA PRO B 37 5.29 -28.41 11.03
C PRO B 37 4.95 -28.95 9.65
N ALA B 38 3.80 -29.62 9.55
CA ALA B 38 3.37 -30.17 8.27
C ALA B 38 2.12 -29.46 7.77
N LEU B 39 1.22 -29.13 8.69
CA LEU B 39 -0.01 -28.44 8.33
C LEU B 39 0.20 -26.92 8.36
N GLU B 40 1.04 -26.47 9.28
CA GLU B 40 1.32 -25.04 9.40
C GLU B 40 2.25 -24.58 8.29
N ARG B 41 3.30 -25.38 8.04
CA ARG B 41 4.26 -25.04 7.00
C ARG B 41 3.63 -25.20 5.61
N GLU B 42 2.99 -26.34 5.40
CA GLU B 42 2.36 -26.61 4.11
C GLU B 42 1.17 -25.66 3.89
N ARG B 43 0.37 -25.47 4.94
CA ARG B 43 -0.78 -24.58 4.85
C ARG B 43 -0.34 -23.16 4.59
N LEU B 44 0.82 -22.78 5.14
CA LEU B 44 1.34 -21.44 4.96
C LEU B 44 1.78 -21.22 3.52
N THR B 45 2.78 -22.00 3.09
CA THR B 45 3.28 -21.89 1.72
C THR B 45 2.13 -21.80 0.73
N GLY B 46 1.19 -22.73 0.85
CA GLY B 46 0.04 -22.75 -0.04
C GLY B 46 -0.73 -21.44 0.03
N ALA B 47 -0.81 -20.88 1.23
CA ALA B 47 -1.52 -19.61 1.43
C ALA B 47 -0.82 -18.49 0.68
N LEU B 48 0.51 -18.43 0.82
CA LEU B 48 1.29 -17.40 0.15
C LEU B 48 1.00 -17.39 -1.35
N GLU B 49 1.05 -18.56 -1.98
CA GLU B 49 0.79 -18.66 -3.40
C GLU B 49 -0.53 -17.98 -3.75
N GLU B 50 -1.50 -18.08 -2.85
CA GLU B 50 -2.81 -17.46 -3.07
C GLU B 50 -2.73 -15.95 -2.81
N ALA B 51 -1.97 -15.57 -1.78
CA ALA B 51 -1.83 -14.16 -1.45
C ALA B 51 -0.72 -13.53 -2.27
N ALA B 52 0.45 -14.16 -2.29
CA ALA B 52 1.58 -13.65 -3.05
C ALA B 52 1.20 -13.45 -4.51
N ASN B 53 0.60 -14.47 -5.10
CA ASN B 53 0.19 -14.41 -6.50
C ASN B 53 -0.86 -13.31 -6.70
N GLU B 54 -1.72 -13.14 -5.69
CA GLU B 54 -2.77 -12.14 -5.76
C GLU B 54 -2.16 -10.74 -5.91
N PHE B 55 -1.11 -10.48 -5.15
CA PHE B 55 -0.45 -9.18 -5.21
C PHE B 55 0.19 -8.96 -6.57
N ARG B 56 0.89 -9.98 -7.06
CA ARG B 56 1.54 -9.89 -8.37
C ARG B 56 0.50 -9.77 -9.48
N ARG B 57 -0.61 -10.48 -9.32
CA ARG B 57 -1.67 -10.45 -10.32
C ARG B 57 -2.40 -9.11 -10.28
N TYR B 58 -2.47 -8.52 -9.08
CA TYR B 58 -3.15 -7.23 -8.93
C TYR B 58 -2.40 -6.14 -9.68
N SER B 59 -1.10 -6.04 -9.43
CA SER B 59 -0.29 -5.03 -10.10
C SER B 59 -0.44 -5.14 -11.61
N LYS B 60 -0.28 -6.35 -12.14
CA LYS B 60 -0.40 -6.57 -13.57
C LYS B 60 -1.77 -6.11 -14.07
N ARG B 61 -2.81 -6.37 -13.28
CA ARG B 61 -4.16 -5.97 -13.64
C ARG B 61 -4.32 -4.46 -13.51
N PHE B 62 -3.77 -3.90 -12.44
CA PHE B 62 -3.87 -2.47 -12.20
C PHE B 62 -3.02 -1.71 -13.22
N ALA B 63 -1.83 -2.23 -13.50
CA ALA B 63 -0.94 -1.58 -14.46
C ALA B 63 -1.67 -1.29 -15.76
N ALA B 64 -2.61 -2.16 -16.12
CA ALA B 64 -3.38 -1.98 -17.34
C ALA B 64 -4.13 -0.65 -17.31
N GLY B 65 -4.37 -0.14 -16.11
CA GLY B 65 -5.08 1.13 -15.95
C GLY B 65 -4.32 2.07 -15.04
N ALA B 66 -4.19 1.70 -13.77
CA ALA B 66 -3.49 2.52 -12.80
C ALA B 66 -2.10 2.90 -13.33
N GLN B 67 -1.49 3.90 -12.71
CA GLN B 67 -0.17 4.35 -13.12
C GLN B 67 0.89 3.32 -12.74
N LYS B 68 2.15 3.65 -13.00
CA LYS B 68 3.26 2.74 -12.69
C LYS B 68 3.49 2.70 -11.19
N GLU B 69 3.37 3.85 -10.54
CA GLU B 69 3.59 3.93 -9.10
C GLU B 69 2.82 2.82 -8.39
N THR B 70 1.52 2.74 -8.63
CA THR B 70 0.69 1.72 -8.00
C THR B 70 1.30 0.33 -8.23
N ALA B 71 1.40 -0.07 -9.50
CA ALA B 71 1.95 -1.37 -9.83
C ALA B 71 3.30 -1.57 -9.15
N ALA B 72 4.12 -0.53 -9.14
CA ALA B 72 5.43 -0.60 -8.51
C ALA B 72 5.29 -0.86 -7.01
N ILE B 73 4.21 -0.37 -6.42
CA ILE B 73 3.98 -0.54 -5.00
C ILE B 73 3.74 -2.02 -4.68
N PHE B 74 2.63 -2.56 -5.18
CA PHE B 74 2.29 -3.95 -4.95
C PHE B 74 3.45 -4.86 -5.37
N ASP B 75 3.78 -4.81 -6.65
CA ASP B 75 4.87 -5.63 -7.18
C ASP B 75 5.98 -5.78 -6.14
N LEU B 76 6.28 -4.68 -5.45
CA LEU B 76 7.33 -4.70 -4.43
C LEU B 76 6.90 -5.56 -3.24
N TYR B 77 5.63 -5.43 -2.86
CA TYR B 77 5.11 -6.19 -1.73
C TYR B 77 5.16 -7.69 -2.03
N SER B 78 4.67 -8.07 -3.21
CA SER B 78 4.67 -9.47 -3.60
C SER B 78 6.04 -10.10 -3.40
N HIS B 79 7.07 -9.39 -3.85
CA HIS B 79 8.44 -9.89 -3.70
C HIS B 79 8.88 -9.84 -2.25
N LEU B 80 8.40 -8.83 -1.52
CA LEU B 80 8.74 -8.69 -0.11
C LEU B 80 8.11 -9.80 0.72
N LEU B 81 6.86 -10.14 0.38
CA LEU B 81 6.15 -11.19 1.10
C LEU B 81 6.67 -12.57 0.70
N SER B 82 6.90 -12.75 -0.60
CA SER B 82 7.39 -14.03 -1.10
C SER B 82 8.85 -14.22 -0.71
N ASP B 83 9.49 -13.15 -0.28
CA ASP B 83 10.90 -13.22 0.11
C ASP B 83 11.12 -14.34 1.12
N THR B 84 12.16 -15.14 0.89
CA THR B 84 12.47 -16.25 1.78
C THR B 84 12.76 -15.74 3.18
N ARG B 85 12.73 -14.43 3.35
CA ARG B 85 12.99 -13.82 4.66
C ARG B 85 11.76 -13.94 5.56
N LEU B 86 10.60 -13.56 5.02
CA LEU B 86 9.36 -13.62 5.79
C LEU B 86 8.90 -15.08 5.94
N ARG B 87 8.94 -15.82 4.83
CA ARG B 87 8.53 -17.21 4.85
C ARG B 87 9.34 -18.01 5.87
N ARG B 88 10.65 -17.84 5.81
CA ARG B 88 11.53 -18.55 6.74
C ARG B 88 11.17 -18.24 8.18
N GLU B 89 10.89 -16.96 8.45
CA GLU B 89 10.53 -16.54 9.80
C GLU B 89 9.32 -17.31 10.30
N LEU B 90 8.31 -17.43 9.44
CA LEU B 90 7.09 -18.16 9.81
C LEU B 90 7.43 -19.57 10.28
N PHE B 91 8.03 -20.35 9.39
CA PHE B 91 8.40 -21.73 9.72
C PHE B 91 9.31 -21.75 10.95
N ALA B 92 10.16 -20.74 11.08
CA ALA B 92 11.08 -20.65 12.20
C ALA B 92 10.31 -20.61 13.52
N GLU B 93 9.21 -19.86 13.54
CA GLU B 93 8.40 -19.74 14.74
C GLU B 93 7.69 -21.05 15.05
N VAL B 94 7.19 -21.71 13.99
CA VAL B 94 6.49 -22.97 14.16
C VAL B 94 7.45 -24.06 14.64
N ASP B 95 8.67 -24.02 14.12
CA ASP B 95 9.68 -25.01 14.49
C ASP B 95 9.93 -24.97 16.00
N LYS B 96 9.51 -23.87 16.63
CA LYS B 96 9.70 -23.71 18.06
C LYS B 96 8.46 -24.20 18.82
N GLY B 97 7.34 -24.29 18.12
CA GLY B 97 6.10 -24.74 18.74
C GLY B 97 5.02 -23.67 18.65
N SER B 98 5.09 -22.86 17.59
CA SER B 98 4.10 -21.79 17.40
C SER B 98 3.15 -22.14 16.26
N VAL B 99 1.96 -21.55 16.28
CA VAL B 99 0.97 -21.80 15.24
C VAL B 99 1.00 -20.72 14.18
N ALA B 100 0.78 -21.11 12.93
CA ALA B 100 0.80 -20.16 11.83
C ALA B 100 -0.14 -18.99 12.11
N GLU B 101 -1.42 -19.30 12.31
CA GLU B 101 -2.42 -18.27 12.59
C GLU B 101 -1.79 -17.12 13.38
N TRP B 102 -1.09 -17.46 14.45
CA TRP B 102 -0.44 -16.45 15.28
C TRP B 102 0.95 -16.13 14.75
N ALA B 103 1.63 -17.15 14.24
CA ALA B 103 2.97 -16.97 13.69
C ALA B 103 2.99 -15.87 12.64
N VAL B 104 2.02 -15.91 11.73
CA VAL B 104 1.94 -14.90 10.68
C VAL B 104 1.59 -13.53 11.27
N LYS B 105 0.85 -13.54 12.37
CA LYS B 105 0.46 -12.29 13.01
C LYS B 105 1.64 -11.68 13.76
N THR B 106 2.39 -12.53 14.46
CA THR B 106 3.55 -12.06 15.22
C THR B 106 4.63 -11.55 14.27
N VAL B 107 5.00 -12.38 13.30
CA VAL B 107 6.03 -12.00 12.34
C VAL B 107 5.70 -10.66 11.70
N ILE B 108 4.53 -10.58 11.06
CA ILE B 108 4.11 -9.34 10.42
C ILE B 108 4.10 -8.19 11.42
N GLU B 109 3.66 -8.47 12.63
CA GLU B 109 3.60 -7.46 13.68
C GLU B 109 5.01 -7.01 14.07
N LYS B 110 5.93 -7.97 14.10
CA LYS B 110 7.31 -7.66 14.47
C LYS B 110 8.04 -7.01 13.30
N PHE B 111 7.53 -7.22 12.09
CA PHE B 111 8.14 -6.65 10.91
C PHE B 111 7.63 -5.23 10.67
N ALA B 112 6.35 -5.00 11.00
CA ALA B 112 5.76 -3.69 10.82
C ALA B 112 6.29 -2.70 11.86
N GLU B 113 6.56 -3.21 13.06
CA GLU B 113 7.07 -2.37 14.13
C GLU B 113 8.57 -2.10 13.94
N GLN B 114 9.29 -3.15 13.57
CA GLN B 114 10.73 -3.02 13.37
C GLN B 114 11.05 -1.79 12.53
N PHE B 115 10.44 -1.71 11.34
CA PHE B 115 10.67 -0.58 10.45
C PHE B 115 9.84 0.61 10.90
N ALA B 116 8.59 0.36 11.27
CA ALA B 116 7.71 1.44 11.70
C ALA B 116 8.26 2.12 12.95
N ALA B 117 9.48 1.75 13.32
CA ALA B 117 10.12 2.34 14.50
C ALA B 117 11.19 3.35 14.07
N LEU B 118 11.41 3.46 12.77
CA LEU B 118 12.41 4.39 12.26
C LEU B 118 11.80 5.78 12.08
N SER B 119 12.52 6.65 11.38
CA SER B 119 12.05 8.01 11.15
C SER B 119 11.66 8.20 9.69
N ASP B 120 12.24 7.38 8.82
CA ASP B 120 11.96 7.46 7.39
C ASP B 120 10.45 7.45 7.15
N ASN B 121 9.88 8.63 6.91
CA ASN B 121 8.44 8.73 6.66
C ASN B 121 8.09 8.14 5.30
N TYR B 122 8.91 8.45 4.30
CA TYR B 122 8.67 7.95 2.94
C TYR B 122 8.70 6.42 2.94
N LEU B 123 9.51 5.85 3.82
CA LEU B 123 9.62 4.40 3.90
C LEU B 123 8.84 3.86 5.09
N LYS B 124 8.81 4.64 6.17
CA LYS B 124 8.09 4.22 7.37
C LYS B 124 6.74 3.60 7.00
N GLU B 125 5.96 4.32 6.21
CA GLU B 125 4.66 3.82 5.78
C GLU B 125 4.75 2.35 5.38
N ARG B 126 5.92 1.94 4.90
CA ARG B 126 6.13 0.56 4.49
C ARG B 126 5.46 -0.38 5.48
N ALA B 127 5.62 -0.10 6.76
CA ALA B 127 5.02 -0.93 7.80
C ALA B 127 3.51 -1.01 7.60
N GLY B 128 2.89 0.15 7.36
CA GLY B 128 1.44 0.18 7.15
C GLY B 128 1.03 -0.79 6.05
N ASP B 129 1.77 -0.78 4.95
CA ASP B 129 1.48 -1.68 3.84
C ASP B 129 1.61 -3.13 4.27
N LEU B 130 2.63 -3.40 5.10
CA LEU B 130 2.86 -4.76 5.59
C LEU B 130 1.65 -5.24 6.38
N ARG B 131 1.19 -4.42 7.31
CA ARG B 131 0.03 -4.78 8.13
C ARG B 131 -1.15 -5.15 7.23
N ALA B 132 -1.38 -4.35 6.20
CA ALA B 132 -2.47 -4.60 5.27
C ALA B 132 -2.24 -5.92 4.53
N LEU B 133 -0.98 -6.18 4.19
CA LEU B 133 -0.63 -7.40 3.49
C LEU B 133 -0.93 -8.62 4.37
N GLY B 134 -0.63 -8.50 5.65
CA GLY B 134 -0.88 -9.58 6.60
C GLY B 134 -2.36 -9.92 6.65
N GLN B 135 -3.19 -8.88 6.66
CA GLN B 135 -4.63 -9.08 6.71
C GLN B 135 -5.09 -9.99 5.58
N ARG B 136 -4.51 -9.77 4.40
CA ARG B 136 -4.85 -10.59 3.23
C ARG B 136 -4.34 -12.00 3.42
N LEU B 137 -3.13 -12.13 3.95
CA LEU B 137 -2.54 -13.45 4.17
C LEU B 137 -3.29 -14.18 5.27
N LEU B 138 -3.69 -13.45 6.31
CA LEU B 138 -4.42 -14.03 7.42
C LEU B 138 -5.83 -14.44 6.96
N PHE B 139 -6.44 -13.61 6.13
CA PHE B 139 -7.77 -13.90 5.63
C PHE B 139 -7.74 -15.09 4.68
N HIS B 140 -6.72 -15.14 3.83
CA HIS B 140 -6.58 -16.25 2.88
C HIS B 140 -6.20 -17.53 3.61
N LEU B 141 -5.51 -17.38 4.74
CA LEU B 141 -5.09 -18.53 5.52
C LEU B 141 -6.26 -19.48 5.74
N ASP B 142 -7.47 -19.02 5.45
CA ASP B 142 -8.66 -19.84 5.61
C ASP B 142 -9.56 -19.73 4.38
N ASP B 143 -9.37 -20.64 3.44
CA ASP B 143 -10.16 -20.63 2.22
C ASP B 143 -11.62 -20.25 2.53
N ALA B 144 -11.97 -20.28 3.81
CA ALA B 144 -13.32 -19.93 4.22
C ALA B 144 -13.55 -18.42 4.12
N ASN B 145 -12.48 -17.69 3.83
CA ASN B 145 -12.58 -16.24 3.70
C ASN B 145 -13.12 -15.85 2.33
N GLN B 146 -14.40 -15.51 2.28
CA GLN B 146 -15.03 -15.13 1.02
C GLN B 146 -16.53 -14.94 1.21
N GLY B 147 -17.18 -14.34 0.22
CA GLY B 147 -18.61 -14.11 0.28
C GLY B 147 -18.97 -12.70 -0.17
N PRO B 148 -19.03 -11.77 0.74
CA PRO B 148 -19.34 -10.36 0.45
C PRO B 148 -18.54 -9.82 -0.74
N ASN B 149 -17.82 -10.71 -1.40
CA ASN B 149 -17.01 -10.31 -2.55
C ASN B 149 -17.88 -9.67 -3.63
N ALA B 150 -19.16 -10.08 -3.66
CA ALA B 150 -20.08 -9.54 -4.66
C ALA B 150 -20.05 -8.02 -4.65
N TRP B 151 -19.21 -7.45 -5.51
CA TRP B 151 -19.10 -6.00 -5.60
C TRP B 151 -20.15 -5.44 -6.56
N PRO B 152 -20.90 -4.47 -6.10
CA PRO B 152 -21.97 -3.82 -6.93
C PRO B 152 -21.38 -2.91 -8.01
N GLU B 153 -22.25 -2.40 -8.86
CA GLU B 153 -21.81 -1.50 -9.94
C GLU B 153 -21.75 -0.07 -9.45
N ARG B 154 -22.38 0.20 -8.30
CA ARG B 154 -22.38 1.53 -7.74
C ARG B 154 -22.16 1.48 -6.22
N PHE B 155 -20.95 1.77 -5.79
CA PHE B 155 -20.62 1.74 -4.37
C PHE B 155 -19.52 2.74 -4.05
N ILE B 156 -19.49 3.22 -2.81
CA ILE B 156 -18.48 4.18 -2.39
C ILE B 156 -17.58 3.58 -1.32
N LEU B 157 -16.28 3.82 -1.43
CA LEU B 157 -15.33 3.30 -0.46
C LEU B 157 -15.04 4.34 0.62
N VAL B 158 -15.28 3.97 1.88
CA VAL B 158 -15.04 4.87 2.99
C VAL B 158 -14.01 4.29 3.95
N ALA B 159 -12.89 4.98 4.10
CA ALA B 159 -11.83 4.52 4.99
C ALA B 159 -11.23 5.70 5.76
N ASP B 160 -10.99 5.49 7.05
CA ASP B 160 -10.42 6.54 7.89
C ASP B 160 -9.01 6.89 7.42
N GLU B 161 -8.40 5.97 6.69
CA GLU B 161 -7.04 6.19 6.19
C GLU B 161 -6.91 5.69 4.75
N LEU B 162 -6.22 6.47 3.92
CA LEU B 162 -6.04 6.09 2.52
C LEU B 162 -4.87 5.12 2.37
N SER B 163 -5.17 3.93 1.87
CA SER B 163 -4.14 2.92 1.69
C SER B 163 -4.34 2.17 0.37
N ALA B 164 -3.33 2.21 -0.49
CA ALA B 164 -3.41 1.54 -1.78
C ALA B 164 -3.62 0.04 -1.60
N THR B 165 -2.90 -0.53 -0.63
CA THR B 165 -3.02 -1.96 -0.36
C THR B 165 -4.49 -2.35 -0.15
N THR B 166 -5.26 -1.44 0.43
CA THR B 166 -6.67 -1.70 0.69
C THR B 166 -7.48 -1.59 -0.61
N LEU B 167 -7.28 -0.48 -1.33
CA LEU B 167 -7.99 -0.28 -2.59
C LEU B 167 -7.65 -1.37 -3.59
N ALA B 168 -6.49 -2.00 -3.40
CA ALA B 168 -6.05 -3.07 -4.29
C ALA B 168 -6.95 -4.29 -4.14
N GLU B 169 -8.07 -4.13 -3.44
CA GLU B 169 -8.99 -5.23 -3.23
C GLU B 169 -10.24 -5.04 -4.08
N LEU B 170 -10.65 -3.80 -4.28
CA LEU B 170 -11.83 -3.49 -5.08
C LEU B 170 -11.43 -2.95 -6.44
N PRO B 171 -12.14 -3.34 -7.48
CA PRO B 171 -11.86 -2.88 -8.86
C PRO B 171 -12.26 -1.43 -9.09
N GLN B 172 -11.72 -0.84 -10.15
CA GLN B 172 -12.02 0.56 -10.47
C GLN B 172 -13.47 0.70 -10.95
N ASP B 173 -14.07 -0.43 -11.32
CA ASP B 173 -15.45 -0.41 -11.79
C ASP B 173 -16.42 -0.18 -10.63
N ARG B 174 -16.13 -0.80 -9.49
CA ARG B 174 -16.97 -0.66 -8.32
C ARG B 174 -16.66 0.65 -7.59
N LEU B 175 -15.44 1.14 -7.76
CA LEU B 175 -15.03 2.39 -7.12
C LEU B 175 -15.58 3.58 -7.88
N VAL B 176 -16.64 4.20 -7.36
CA VAL B 176 -17.25 5.35 -8.00
C VAL B 176 -17.12 6.59 -7.13
N GLY B 177 -16.43 6.43 -5.99
CA GLY B 177 -16.25 7.55 -5.07
C GLY B 177 -15.47 7.10 -3.83
N VAL B 178 -14.74 8.03 -3.23
CA VAL B 178 -13.95 7.72 -2.04
C VAL B 178 -14.13 8.82 -0.99
N VAL B 179 -14.11 8.41 0.28
CA VAL B 179 -14.27 9.37 1.37
C VAL B 179 -13.47 8.93 2.59
N VAL B 180 -12.53 9.76 3.01
CA VAL B 180 -11.70 9.45 4.17
C VAL B 180 -11.90 10.49 5.27
N ARG B 181 -11.68 10.07 6.52
CA ARG B 181 -11.83 10.97 7.65
C ARG B 181 -10.55 11.76 7.89
N ASP B 182 -9.41 11.06 7.80
CA ASP B 182 -8.12 11.71 8.01
C ASP B 182 -7.14 11.32 6.91
N GLY B 183 -6.07 10.63 7.30
CA GLY B 183 -5.06 10.20 6.34
C GLY B 183 -4.36 11.40 5.70
N ALA B 184 -3.18 11.16 5.14
CA ALA B 184 -2.42 12.23 4.50
C ALA B 184 -3.12 12.69 3.23
N ALA B 185 -2.89 13.94 2.85
CA ALA B 185 -3.49 14.49 1.65
C ALA B 185 -2.66 14.15 0.42
N ASN B 186 -1.46 13.64 0.65
CA ASN B 186 -0.57 13.28 -0.44
C ASN B 186 0.00 11.88 -0.23
N SER B 187 -0.88 10.94 0.10
CA SER B 187 -0.44 9.56 0.34
C SER B 187 -0.40 8.79 -0.98
N GLN B 188 0.25 7.63 -0.95
CA GLN B 188 0.36 6.80 -2.15
C GLN B 188 -1.02 6.51 -2.73
N ALA B 189 -1.99 6.30 -1.85
CA ALA B 189 -3.35 6.01 -2.30
C ALA B 189 -4.05 7.30 -2.74
N ALA B 190 -3.72 8.40 -2.09
CA ALA B 190 -4.32 9.69 -2.42
C ALA B 190 -3.97 10.08 -3.85
N ILE B 191 -2.70 9.89 -4.21
CA ILE B 191 -2.24 10.24 -5.55
C ILE B 191 -2.76 9.24 -6.57
N MET B 192 -3.05 8.03 -6.11
CA MET B 192 -3.56 6.98 -6.99
C MET B 192 -4.98 7.30 -7.45
N VAL B 193 -5.83 7.66 -6.49
CA VAL B 193 -7.22 7.99 -6.80
C VAL B 193 -7.29 9.26 -7.64
N ARG B 194 -6.52 10.27 -7.24
CA ARG B 194 -6.49 11.54 -7.96
C ARG B 194 -6.03 11.34 -9.39
N ALA B 195 -4.96 10.58 -9.56
CA ALA B 195 -4.41 10.32 -10.89
C ALA B 195 -5.39 9.48 -11.70
N LEU B 196 -6.17 8.65 -11.02
CA LEU B 196 -7.14 7.80 -11.68
C LEU B 196 -8.25 8.64 -12.32
N GLY B 197 -8.49 9.82 -11.76
CA GLY B 197 -9.51 10.71 -12.29
C GLY B 197 -10.83 10.52 -11.56
N ILE B 198 -10.75 9.98 -10.34
CA ILE B 198 -11.95 9.75 -9.54
C ILE B 198 -12.07 10.79 -8.43
N PRO B 199 -13.26 11.20 -8.14
CA PRO B 199 -13.53 12.22 -7.08
C PRO B 199 -13.34 11.65 -5.68
N THR B 200 -12.59 12.38 -4.85
CA THR B 200 -12.34 11.94 -3.48
C THR B 200 -12.27 13.13 -2.53
N VAL B 201 -12.70 12.92 -1.30
CA VAL B 201 -12.68 13.99 -0.30
C VAL B 201 -12.20 13.45 1.05
N MET B 202 -11.55 14.32 1.81
CA MET B 202 -11.05 13.92 3.13
C MET B 202 -11.54 14.88 4.20
N GLY B 203 -11.37 14.49 5.46
CA GLY B 203 -11.80 15.33 6.57
C GLY B 203 -13.22 15.00 7.00
N ALA B 204 -13.83 14.03 6.31
CA ALA B 204 -15.19 13.62 6.62
C ALA B 204 -15.29 13.21 8.10
N ASP B 205 -16.07 13.97 8.86
CA ASP B 205 -16.25 13.68 10.28
C ASP B 205 -17.34 12.63 10.47
N ILE B 206 -17.52 11.78 9.47
CA ILE B 206 -18.53 10.73 9.55
C ILE B 206 -17.88 9.35 9.61
N GLN B 207 -18.24 8.57 10.61
CA GLN B 207 -17.68 7.24 10.78
C GLN B 207 -18.43 6.23 9.93
N PRO B 208 -17.71 5.42 9.20
CA PRO B 208 -18.32 4.39 8.31
C PRO B 208 -19.40 3.59 9.02
N SER B 209 -19.27 3.46 10.33
CA SER B 209 -20.24 2.71 11.12
C SER B 209 -21.66 3.19 10.83
N VAL B 210 -21.85 4.51 10.87
CA VAL B 210 -23.16 5.09 10.61
C VAL B 210 -23.33 5.37 9.12
N LEU B 211 -22.65 4.58 8.29
CA LEU B 211 -22.74 4.75 6.85
C LEU B 211 -23.13 3.44 6.18
N HIS B 212 -22.93 2.34 6.89
CA HIS B 212 -23.28 1.02 6.35
C HIS B 212 -23.48 1.10 4.84
N ARG B 213 -24.70 1.45 4.44
CA ARG B 213 -25.02 1.55 3.02
C ARG B 213 -25.93 2.74 2.75
N ARG B 214 -25.88 3.73 3.64
CA ARG B 214 -26.70 4.92 3.49
C ARG B 214 -26.31 5.69 2.24
N THR B 215 -27.14 6.65 1.86
CA THR B 215 -26.88 7.46 0.67
C THR B 215 -25.82 8.51 0.97
N LEU B 216 -24.80 8.58 0.12
CA LEU B 216 -23.73 9.55 0.29
C LEU B 216 -23.64 10.46 -0.92
N ILE B 217 -23.47 11.76 -0.67
CA ILE B 217 -23.37 12.74 -1.75
C ILE B 217 -22.25 13.73 -1.46
N VAL B 218 -21.18 13.65 -2.25
CA VAL B 218 -20.05 14.55 -2.08
C VAL B 218 -19.74 15.28 -3.38
N ASP B 219 -19.06 16.42 -3.28
CA ASP B 219 -18.71 17.19 -4.46
C ASP B 219 -17.28 17.72 -4.35
N GLY B 220 -16.38 17.16 -5.16
CA GLY B 220 -14.98 17.57 -5.14
C GLY B 220 -14.87 19.07 -5.36
N TYR B 221 -15.73 19.61 -6.23
CA TYR B 221 -15.70 21.03 -6.53
C TYR B 221 -15.96 21.85 -5.26
N ARG B 222 -17.02 21.50 -4.54
CA ARG B 222 -17.36 22.20 -3.31
C ARG B 222 -16.65 21.58 -2.12
N GLY B 223 -16.00 20.43 -2.35
CA GLY B 223 -15.29 19.74 -1.29
C GLY B 223 -16.15 19.63 -0.04
N GLU B 224 -17.38 19.17 -0.20
CA GLU B 224 -18.30 19.02 0.92
C GLU B 224 -18.98 17.65 0.89
N LEU B 225 -19.58 17.27 2.00
CA LEU B 225 -20.26 15.98 2.09
C LEU B 225 -21.69 16.17 2.56
N LEU B 226 -22.64 15.56 1.85
CA LEU B 226 -24.04 15.66 2.21
C LEU B 226 -24.56 14.34 2.77
N VAL B 227 -25.53 14.42 3.66
CA VAL B 227 -26.10 13.21 4.26
C VAL B 227 -27.62 13.16 4.03
N ASP B 228 -28.03 12.34 3.08
CA ASP B 228 -29.45 12.21 2.77
C ASP B 228 -30.19 13.51 3.05
N PRO B 229 -29.67 14.60 2.55
CA PRO B 229 -30.28 15.95 2.74
C PRO B 229 -31.57 16.12 1.95
N GLU B 230 -32.19 17.28 2.09
CA GLU B 230 -33.44 17.55 1.38
C GLU B 230 -33.29 17.26 -0.11
N PRO B 231 -33.67 16.08 -0.52
CA PRO B 231 -33.59 15.65 -1.95
C PRO B 231 -34.14 16.70 -2.90
N VAL B 232 -35.23 17.34 -2.48
CA VAL B 232 -35.86 18.37 -3.31
C VAL B 232 -34.88 19.51 -3.58
N LEU B 233 -34.28 20.01 -2.51
CA LEU B 233 -33.32 21.12 -2.63
C LEU B 233 -32.14 20.70 -3.51
N LEU B 234 -31.60 19.52 -3.24
CA LEU B 234 -30.46 19.02 -4.01
C LEU B 234 -30.86 18.80 -5.46
N GLN B 235 -32.16 18.64 -5.70
CA GLN B 235 -32.66 18.42 -7.05
C GLN B 235 -32.60 19.71 -7.87
N GLU B 236 -33.10 20.79 -7.29
CA GLU B 236 -33.10 22.09 -7.97
C GLU B 236 -31.73 22.74 -7.87
N TYR B 237 -31.14 22.69 -6.68
CA TYR B 237 -29.83 23.29 -6.46
C TYR B 237 -28.86 22.87 -7.56
N GLN B 238 -28.74 21.56 -7.78
CA GLN B 238 -27.84 21.04 -8.80
C GLN B 238 -28.24 21.56 -10.17
N ARG B 239 -29.55 21.73 -10.38
CA ARG B 239 -30.04 22.22 -11.66
C ARG B 239 -29.71 23.70 -11.83
N LEU B 240 -29.66 24.42 -10.72
CA LEU B 240 -29.36 25.84 -10.76
C LEU B 240 -27.92 26.07 -11.20
N ILE B 241 -26.99 25.31 -10.60
CA ILE B 241 -25.57 25.44 -10.94
C ILE B 241 -25.33 25.01 -12.39
N SER B 242 -25.87 23.85 -12.76
CA SER B 242 -25.70 23.34 -14.12
C SER B 242 -26.38 24.26 -15.12
N GLU B 243 -27.42 24.95 -14.68
CA GLU B 243 -28.14 25.87 -15.55
C GLU B 243 -27.20 26.90 -16.16
N GLU B 244 -26.41 27.55 -15.31
CA GLU B 244 -25.47 28.56 -15.78
C GLU B 244 -25.09 29.51 -14.65
N ILE B 245 -25.67 29.27 -13.47
CA ILE B 245 -25.38 30.12 -12.31
C ILE B 245 -24.06 29.71 -11.67
N GLU B 246 -23.05 29.49 -12.50
CA GLU B 246 -21.73 29.11 -12.00
C GLU B 246 -21.07 30.28 -11.27
N LEU B 247 -21.35 30.40 -9.98
CA LEU B 247 -20.79 31.47 -9.17
C LEU B 247 -19.69 30.93 -8.26
N SER B 248 -19.69 29.62 -8.05
CA SER B 248 -18.70 29.00 -7.18
C SER B 248 -17.87 27.99 -7.98
N ARG B 249 -17.15 28.48 -8.98
CA ARG B 249 -16.32 27.61 -9.81
C ARG B 249 -15.08 27.16 -9.03
N LEU B 250 -14.49 28.08 -8.28
CA LEU B 250 -13.30 27.76 -7.50
C LEU B 250 -13.68 27.09 -6.18
N ALA B 251 -14.43 27.81 -5.36
CA ALA B 251 -14.86 27.28 -4.07
C ALA B 251 -15.79 28.26 -3.36
N GLU B 252 -15.20 29.30 -2.78
CA GLU B 252 -15.98 30.31 -2.07
C GLU B 252 -15.40 31.70 -2.31
N ASP B 253 -15.95 32.41 -3.28
CA ASP B 253 -15.48 33.75 -3.60
C ASP B 253 -16.31 34.80 -2.86
N ASP B 254 -16.24 36.03 -3.33
CA ASP B 254 -16.99 37.12 -2.70
C ASP B 254 -18.49 36.84 -2.74
N VAL B 255 -19.13 36.94 -1.58
CA VAL B 255 -20.57 36.69 -1.51
C VAL B 255 -21.35 37.87 -2.09
N ASN B 256 -22.39 38.28 -1.37
CA ASN B 256 -23.21 39.39 -1.84
C ASN B 256 -24.00 39.01 -3.08
N MET A 1 37.29 -12.35 -7.60
CA MET A 1 37.07 -11.76 -6.25
C MET A 1 35.83 -10.87 -6.29
N THR A 2 35.53 -10.21 -5.17
CA THR A 2 34.38 -9.33 -5.09
C THR A 2 34.70 -7.96 -5.67
N VAL A 3 33.66 -7.23 -6.07
CA VAL A 3 33.85 -5.90 -6.63
C VAL A 3 32.89 -4.91 -5.99
N LYS A 4 33.45 -3.90 -5.32
CA LYS A 4 32.64 -2.88 -4.66
C LYS A 4 33.04 -1.49 -5.13
N GLN A 5 32.27 -0.49 -4.71
CA GLN A 5 32.55 0.90 -5.09
C GLN A 5 31.83 1.87 -4.17
N THR A 6 32.55 2.88 -3.69
CA THR A 6 31.96 3.87 -2.79
C THR A 6 31.13 4.88 -3.58
N VAL A 7 29.90 5.10 -3.14
CA VAL A 7 29.00 6.03 -3.81
C VAL A 7 28.38 7.00 -2.79
N GLU A 8 28.57 8.29 -3.02
CA GLU A 8 28.03 9.30 -2.12
C GLU A 8 26.55 9.54 -2.41
N ILE A 9 25.73 9.46 -1.38
CA ILE A 9 24.29 9.66 -1.53
C ILE A 9 23.94 11.13 -1.31
N THR A 10 23.65 11.83 -2.40
CA THR A 10 23.29 13.24 -2.31
C THR A 10 21.82 13.40 -1.98
N ASN A 11 21.40 12.83 -0.86
CA ASN A 11 20.00 12.91 -0.44
C ASN A 11 19.09 12.24 -1.47
N LYS A 12 19.67 11.32 -2.24
CA LYS A 12 18.89 10.61 -3.25
C LYS A 12 19.65 9.37 -3.72
N LEU A 13 19.25 8.21 -3.19
CA LEU A 13 19.91 6.96 -3.56
C LEU A 13 19.66 6.65 -5.03
N GLY A 14 18.87 7.50 -5.68
CA GLY A 14 18.57 7.30 -7.10
C GLY A 14 17.15 7.75 -7.42
N MET A 15 16.50 7.03 -8.33
CA MET A 15 15.13 7.36 -8.72
C MET A 15 14.18 7.17 -7.53
N HIS A 16 14.75 6.83 -6.39
CA HIS A 16 13.94 6.63 -5.19
C HIS A 16 13.20 5.30 -5.26
N ALA A 17 13.66 4.33 -4.47
CA ALA A 17 13.02 3.01 -4.47
C ALA A 17 13.25 2.29 -5.79
N ARG A 18 12.78 2.90 -6.87
CA ARG A 18 12.94 2.30 -8.20
C ARG A 18 14.25 1.55 -8.29
N PRO A 19 15.32 2.16 -7.84
CA PRO A 19 16.67 1.53 -7.87
C PRO A 19 16.79 0.36 -6.90
N ALA A 20 16.16 0.49 -5.74
CA ALA A 20 16.20 -0.56 -4.73
C ALA A 20 15.35 -1.75 -5.17
N MET A 21 14.19 -1.45 -5.76
CA MET A 21 13.29 -2.50 -6.22
C MET A 21 13.84 -3.17 -7.47
N LYS A 22 14.45 -2.38 -8.35
CA LYS A 22 15.03 -2.91 -9.57
C LYS A 22 16.18 -3.87 -9.27
N LEU A 23 16.94 -3.55 -8.22
CA LEU A 23 18.06 -4.40 -7.83
C LEU A 23 17.63 -5.85 -7.71
N PHE A 24 16.47 -6.07 -7.08
CA PHE A 24 15.95 -7.42 -6.90
C PHE A 24 15.78 -8.11 -8.26
N GLU A 25 15.32 -7.35 -9.24
CA GLU A 25 15.10 -7.89 -10.58
C GLU A 25 16.43 -8.11 -11.28
N LEU A 26 17.39 -7.23 -11.03
CA LEU A 26 18.71 -7.34 -11.65
C LEU A 26 19.45 -8.55 -11.11
N MET A 27 19.34 -8.78 -9.81
CA MET A 27 20.01 -9.92 -9.19
C MET A 27 19.56 -11.23 -9.83
N GLN A 28 18.33 -11.24 -10.33
CA GLN A 28 17.79 -12.43 -10.96
C GLN A 28 18.17 -12.48 -12.45
N GLY A 29 18.36 -11.30 -13.04
CA GLY A 29 18.73 -11.21 -14.44
C GLY A 29 20.24 -11.32 -14.62
N PHE A 30 20.98 -10.98 -13.57
CA PHE A 30 22.44 -11.05 -13.62
C PHE A 30 22.97 -11.99 -12.54
N ASP A 31 23.96 -12.78 -12.90
CA ASP A 31 24.56 -13.73 -11.95
C ASP A 31 25.55 -13.02 -11.04
N ALA A 32 25.19 -12.89 -9.77
CA ALA A 32 26.06 -12.23 -8.80
C ALA A 32 25.24 -11.70 -7.62
N GLU A 33 25.86 -11.68 -6.44
CA GLU A 33 25.17 -11.19 -5.25
C GLU A 33 25.55 -9.75 -4.96
N VAL A 34 24.55 -8.89 -4.79
CA VAL A 34 24.79 -7.48 -4.52
C VAL A 34 24.49 -7.17 -3.06
N LEU A 35 25.40 -6.44 -2.41
CA LEU A 35 25.22 -6.08 -1.01
C LEU A 35 25.56 -4.61 -0.79
N LEU A 36 24.73 -3.92 0.00
CA LEU A 36 24.95 -2.51 0.28
C LEU A 36 25.43 -2.34 1.72
N ARG A 37 26.22 -1.28 1.94
CA ARG A 37 26.74 -1.01 3.28
C ARG A 37 26.90 0.49 3.50
N ASN A 38 26.44 0.97 4.65
CA ASN A 38 26.54 2.39 4.97
C ASN A 38 27.85 2.69 5.69
N ASP A 39 28.29 3.94 5.61
CA ASP A 39 29.54 4.35 6.26
C ASP A 39 29.52 3.97 7.73
N GLU A 40 28.32 3.90 8.31
CA GLU A 40 28.18 3.54 9.72
C GLU A 40 28.58 2.09 9.94
N GLY A 41 28.75 1.35 8.86
CA GLY A 41 29.12 -0.06 8.95
C GLY A 41 27.89 -0.95 8.95
N THR A 42 26.75 -0.37 8.63
CA THR A 42 25.50 -1.12 8.60
C THR A 42 25.32 -1.82 7.26
N GLU A 43 25.30 -3.15 7.29
CA GLU A 43 25.13 -3.93 6.07
C GLU A 43 23.69 -3.93 5.62
N ALA A 44 23.38 -3.14 4.59
CA ALA A 44 22.02 -3.06 4.07
C ALA A 44 21.80 -4.10 2.98
N GLU A 45 21.87 -5.37 3.36
CA GLU A 45 21.66 -6.46 2.41
C GLU A 45 20.53 -6.13 1.44
N ALA A 46 20.86 -6.10 0.15
CA ALA A 46 19.85 -5.80 -0.87
C ALA A 46 18.75 -6.85 -0.87
N ASN A 47 18.97 -7.94 -0.14
CA ASN A 47 17.99 -9.01 -0.07
C ASN A 47 17.16 -8.90 1.22
N SER A 48 17.01 -7.67 1.70
CA SER A 48 16.25 -7.45 2.93
C SER A 48 15.54 -6.09 2.87
N VAL A 49 14.22 -6.11 3.03
CA VAL A 49 13.44 -4.87 2.99
C VAL A 49 13.84 -3.96 4.14
N ILE A 50 14.15 -4.55 5.29
CA ILE A 50 14.54 -3.77 6.45
C ILE A 50 15.80 -2.97 6.18
N ALA A 51 16.71 -3.55 5.40
CA ALA A 51 17.96 -2.88 5.05
C ALA A 51 17.68 -1.66 4.19
N LEU A 52 16.79 -1.82 3.21
CA LEU A 52 16.45 -0.72 2.32
C LEU A 52 15.93 0.47 3.11
N LEU A 53 15.15 0.20 4.15
CA LEU A 53 14.58 1.25 4.98
C LEU A 53 15.69 2.00 5.71
N MET A 54 16.74 1.27 6.11
CA MET A 54 17.85 1.88 6.81
C MET A 54 18.65 2.79 5.88
N LEU A 55 18.76 2.39 4.62
CA LEU A 55 19.49 3.17 3.64
C LEU A 55 18.83 4.54 3.43
N ASP A 56 17.49 4.54 3.47
CA ASP A 56 16.75 5.78 3.28
C ASP A 56 17.26 6.87 4.22
N SER A 57 17.66 6.47 5.42
CA SER A 57 18.18 7.42 6.40
C SER A 57 19.60 7.84 6.05
N ALA A 58 20.17 7.20 5.03
CA ALA A 58 21.52 7.51 4.60
C ALA A 58 21.52 8.72 3.67
N LYS A 59 20.54 9.61 3.85
CA LYS A 59 20.43 10.80 3.02
C LYS A 59 21.58 11.76 3.31
N GLY A 60 22.63 11.71 2.49
CA GLY A 60 23.77 12.58 2.67
C GLY A 60 24.96 11.80 3.25
N ARG A 61 24.80 10.49 3.37
CA ARG A 61 25.86 9.65 3.90
C ARG A 61 26.51 8.83 2.80
N GLN A 62 27.68 8.28 3.08
CA GLN A 62 28.40 7.48 2.09
C GLN A 62 28.13 5.99 2.32
N ILE A 63 28.04 5.24 1.23
CA ILE A 63 27.79 3.81 1.31
C ILE A 63 28.78 3.03 0.44
N GLU A 64 28.90 1.74 0.72
CA GLU A 64 29.82 0.90 -0.05
C GLU A 64 29.08 -0.27 -0.68
N VAL A 65 28.79 -0.17 -1.97
CA VAL A 65 28.09 -1.23 -2.67
C VAL A 65 29.05 -2.33 -3.08
N GLU A 66 28.72 -3.57 -2.71
CA GLU A 66 29.56 -4.70 -3.05
C GLU A 66 28.79 -5.71 -3.91
N ALA A 67 29.48 -6.25 -4.92
CA ALA A 67 28.84 -7.22 -5.80
C ALA A 67 29.80 -8.38 -6.10
N THR A 68 29.31 -9.59 -5.96
CA THR A 68 30.13 -10.78 -6.21
C THR A 68 29.46 -11.67 -7.25
N GLY A 69 30.22 -12.06 -8.27
CA GLY A 69 29.69 -12.92 -9.32
C GLY A 69 30.22 -12.51 -10.69
N PRO A 70 30.14 -13.39 -11.64
CA PRO A 70 30.63 -13.12 -13.03
C PRO A 70 30.15 -11.75 -13.55
N GLN A 71 28.88 -11.47 -13.35
CA GLN A 71 28.31 -10.20 -13.80
C GLN A 71 28.38 -9.15 -12.69
N GLU A 72 29.02 -9.52 -11.58
CA GLU A 72 29.16 -8.61 -10.45
C GLU A 72 29.34 -7.17 -10.94
N GLU A 73 30.09 -7.01 -12.03
CA GLU A 73 30.34 -5.69 -12.58
C GLU A 73 29.04 -5.05 -13.07
N GLU A 74 28.27 -5.81 -13.85
CA GLU A 74 27.01 -5.32 -14.37
C GLU A 74 26.09 -4.87 -13.24
N ALA A 75 25.88 -5.77 -12.28
CA ALA A 75 25.02 -5.47 -11.15
C ALA A 75 25.48 -4.18 -10.46
N LEU A 76 26.78 -4.11 -10.16
CA LEU A 76 27.33 -2.94 -9.50
C LEU A 76 27.20 -1.70 -10.40
N ALA A 77 27.54 -1.88 -11.68
CA ALA A 77 27.46 -0.78 -12.64
C ALA A 77 26.02 -0.29 -12.76
N ALA A 78 25.08 -1.23 -12.82
CA ALA A 78 23.67 -0.87 -12.95
C ALA A 78 23.21 -0.06 -11.74
N VAL A 79 23.65 -0.47 -10.56
CA VAL A 79 23.27 0.23 -9.34
C VAL A 79 23.90 1.62 -9.30
N ILE A 80 25.17 1.70 -9.68
CA ILE A 80 25.87 2.97 -9.69
C ILE A 80 25.24 3.93 -10.69
N ALA A 81 24.87 3.40 -11.86
CA ALA A 81 24.25 4.22 -12.89
C ALA A 81 22.91 4.76 -12.42
N LEU A 82 22.19 3.95 -11.66
CA LEU A 82 20.89 4.36 -11.14
C LEU A 82 21.05 5.38 -10.02
N PHE A 83 22.10 5.22 -9.22
CA PHE A 83 22.37 6.14 -8.12
C PHE A 83 22.84 7.49 -8.65
N ASN A 84 23.56 7.46 -9.77
CA ASN A 84 24.07 8.69 -10.37
C ASN A 84 23.00 9.35 -11.22
N SER A 85 21.85 8.71 -11.33
CA SER A 85 20.75 9.24 -12.12
C SER A 85 21.01 9.06 -13.61
N ARG B 2 -24.57 19.78 6.33
CA ARG B 2 -23.47 19.83 5.33
C ARG B 2 -22.13 19.93 6.03
N ILE B 3 -21.19 19.09 5.62
CA ILE B 3 -19.86 19.09 6.22
C ILE B 3 -18.81 19.55 5.21
N ARG B 4 -18.01 20.53 5.61
CA ARG B 4 -16.96 21.05 4.72
C ARG B 4 -15.71 20.19 4.81
N ALA B 5 -15.43 19.43 3.75
CA ALA B 5 -14.27 18.56 3.72
C ALA B 5 -13.23 19.09 2.72
N LEU B 6 -11.99 18.65 2.88
CA LEU B 6 -10.92 19.09 1.99
C LEU B 6 -10.99 18.35 0.66
N PRO B 7 -11.23 19.06 -0.40
CA PRO B 7 -11.33 18.47 -1.77
C PRO B 7 -9.97 18.04 -2.31
N ALA B 8 -9.78 16.72 -2.42
CA ALA B 8 -8.52 16.18 -2.92
C ALA B 8 -8.54 16.11 -4.45
N ALA B 9 -9.71 15.86 -5.01
CA ALA B 9 -9.86 15.76 -6.46
C ALA B 9 -11.25 16.23 -6.89
N PRO B 10 -11.30 17.32 -7.63
CA PRO B 10 -12.59 17.89 -8.12
C PRO B 10 -13.49 16.84 -8.74
N GLY B 11 -14.79 17.11 -8.75
CA GLY B 11 -15.76 16.18 -9.31
C GLY B 11 -16.82 15.82 -8.28
N VAL B 12 -17.92 15.23 -8.75
CA VAL B 12 -19.00 14.84 -7.86
C VAL B 12 -19.26 13.34 -7.96
N ALA B 13 -19.39 12.69 -6.81
CA ALA B 13 -19.64 11.25 -6.77
C ALA B 13 -20.91 10.94 -5.98
N ILE B 14 -21.77 10.11 -6.56
CA ILE B 14 -23.01 9.75 -5.89
C ILE B 14 -23.13 8.23 -5.77
N ALA B 15 -23.25 7.75 -4.54
CA ALA B 15 -23.37 6.32 -4.30
C ALA B 15 -23.45 6.03 -2.80
N GLU B 16 -23.61 4.76 -2.46
CA GLU B 16 -23.69 4.37 -1.05
C GLU B 16 -22.30 4.18 -0.47
N GLY B 17 -22.23 4.04 0.85
CA GLY B 17 -20.95 3.85 1.53
C GLY B 17 -20.70 2.38 1.83
N TRP B 18 -19.43 1.99 1.84
CA TRP B 18 -19.07 0.60 2.12
C TRP B 18 -17.71 0.53 2.80
N GLN B 19 -17.49 -0.53 3.56
CA GLN B 19 -16.22 -0.72 4.26
C GLN B 19 -15.39 -1.81 3.60
N ASP B 20 -14.11 -1.54 3.41
CA ASP B 20 -13.21 -2.52 2.80
C ASP B 20 -13.07 -3.76 3.68
N ALA B 21 -12.31 -4.74 3.20
CA ALA B 21 -12.10 -5.96 3.95
C ALA B 21 -11.58 -5.65 5.34
N THR B 22 -11.35 -4.37 5.62
CA THR B 22 -10.85 -3.95 6.93
C THR B 22 -11.29 -4.93 8.00
N LEU B 23 -10.35 -5.73 8.48
CA LEU B 23 -10.65 -6.71 9.53
C LEU B 23 -9.50 -6.79 10.53
N PRO B 24 -9.80 -6.60 11.79
CA PRO B 24 -8.79 -6.65 12.87
C PRO B 24 -7.89 -7.88 12.77
N LEU B 25 -7.09 -7.94 11.71
CA LEU B 25 -6.18 -9.07 11.51
C LEU B 25 -5.63 -9.57 12.84
N MET B 26 -5.70 -8.71 13.85
CA MET B 26 -5.20 -9.08 15.17
C MET B 26 -6.13 -10.07 15.85
N GLU B 27 -7.44 -9.83 15.72
CA GLU B 27 -8.43 -10.72 16.33
C GLU B 27 -8.86 -11.80 15.33
N GLN B 28 -8.42 -11.65 14.09
CA GLN B 28 -8.77 -12.61 13.05
C GLN B 28 -8.07 -13.94 13.28
N VAL B 29 -7.42 -14.06 14.44
CA VAL B 29 -6.71 -15.28 14.78
C VAL B 29 -7.28 -15.89 16.05
N TYR B 30 -7.78 -17.12 15.96
CA TYR B 30 -8.36 -17.80 17.10
C TYR B 30 -8.50 -19.30 16.83
N GLN B 31 -7.50 -20.08 17.23
CA GLN B 31 -7.53 -21.51 17.02
C GLN B 31 -7.02 -22.25 18.25
N ALA B 32 -6.98 -23.58 18.17
CA ALA B 32 -6.50 -24.39 19.28
C ALA B 32 -5.01 -24.18 19.49
N SER B 33 -4.42 -24.99 20.38
CA SER B 33 -2.99 -24.89 20.67
C SER B 33 -2.29 -26.20 20.34
N THR B 34 -1.61 -26.23 19.19
CA THR B 34 -0.90 -27.44 18.76
C THR B 34 0.15 -27.10 17.72
N LEU B 35 1.38 -27.52 17.96
CA LEU B 35 2.46 -27.26 17.02
C LEU B 35 2.51 -28.32 15.93
N ASP B 36 2.50 -27.88 14.68
CA ASP B 36 2.54 -28.80 13.54
C ASP B 36 3.15 -28.12 12.32
N PRO B 37 4.41 -28.36 12.09
CA PRO B 37 5.14 -27.77 10.93
C PRO B 37 4.65 -28.33 9.60
N ALA B 38 4.32 -29.61 9.59
CA ALA B 38 3.83 -30.25 8.37
C ALA B 38 2.54 -29.59 7.90
N LEU B 39 1.69 -29.25 8.85
CA LEU B 39 0.42 -28.60 8.52
C LEU B 39 0.57 -27.09 8.54
N GLU B 40 1.34 -26.59 9.48
CA GLU B 40 1.57 -25.15 9.59
C GLU B 40 2.43 -24.65 8.44
N ARG B 41 3.63 -25.20 8.32
CA ARG B 41 4.54 -24.80 7.25
C ARG B 41 3.85 -24.90 5.90
N GLU B 42 3.21 -26.04 5.64
CA GLU B 42 2.50 -26.23 4.38
C GLU B 42 1.37 -25.21 4.23
N ARG B 43 0.73 -24.90 5.34
CA ARG B 43 -0.37 -23.94 5.32
C ARG B 43 0.11 -22.59 4.78
N LEU B 44 1.32 -22.19 5.19
CA LEU B 44 1.89 -20.92 4.75
C LEU B 44 2.17 -20.96 3.25
N THR B 45 3.02 -21.90 2.82
CA THR B 45 3.36 -22.02 1.42
C THR B 45 2.11 -22.01 0.56
N GLY B 46 1.10 -22.78 0.97
CA GLY B 46 -0.15 -22.84 0.23
C GLY B 46 -0.88 -21.51 0.27
N ALA B 47 -0.79 -20.83 1.41
CA ALA B 47 -1.45 -19.54 1.58
C ALA B 47 -0.73 -18.47 0.76
N LEU B 48 0.60 -18.51 0.78
CA LEU B 48 1.40 -17.53 0.04
C LEU B 48 1.08 -17.61 -1.44
N GLU B 49 1.01 -18.83 -1.97
CA GLU B 49 0.72 -19.03 -3.39
C GLU B 49 -0.64 -18.42 -3.74
N GLU B 50 -1.57 -18.48 -2.80
CA GLU B 50 -2.90 -17.94 -3.02
C GLU B 50 -2.88 -16.41 -2.89
N ALA B 51 -1.99 -15.91 -2.05
CA ALA B 51 -1.88 -14.47 -1.84
C ALA B 51 -0.80 -13.88 -2.75
N ALA B 52 0.36 -14.51 -2.77
CA ALA B 52 1.46 -14.05 -3.60
C ALA B 52 1.03 -13.98 -5.07
N ASN B 53 0.45 -15.08 -5.55
CA ASN B 53 0.00 -15.14 -6.93
C ASN B 53 -1.12 -14.14 -7.18
N GLU B 54 -1.92 -13.88 -6.15
CA GLU B 54 -3.02 -12.93 -6.27
C GLU B 54 -2.51 -11.50 -6.17
N PHE B 55 -1.38 -11.33 -5.48
CA PHE B 55 -0.78 -10.01 -5.32
C PHE B 55 -0.06 -9.59 -6.60
N ARG B 56 0.57 -10.55 -7.26
CA ARG B 56 1.30 -10.28 -8.49
C ARG B 56 0.33 -10.00 -9.63
N ARG B 57 -0.70 -10.84 -9.74
CA ARG B 57 -1.69 -10.68 -10.79
C ARG B 57 -2.61 -9.50 -10.49
N TYR B 58 -2.70 -9.14 -9.22
CA TYR B 58 -3.55 -8.02 -8.80
C TYR B 58 -2.94 -6.70 -9.24
N SER B 59 -1.67 -6.49 -8.89
CA SER B 59 -0.97 -5.26 -9.25
C SER B 59 -0.64 -5.25 -10.74
N LYS B 60 -0.34 -6.44 -11.28
CA LYS B 60 0.00 -6.55 -12.69
C LYS B 60 -1.15 -6.04 -13.56
N ARG B 61 -2.35 -6.56 -13.32
CA ARG B 61 -3.52 -6.14 -14.08
C ARG B 61 -3.87 -4.69 -13.76
N PHE B 62 -3.72 -4.32 -12.50
CA PHE B 62 -4.02 -2.95 -12.08
C PHE B 62 -3.18 -1.95 -12.86
N ALA B 63 -1.88 -2.22 -12.97
CA ALA B 63 -0.98 -1.34 -13.70
C ALA B 63 -1.51 -1.09 -15.10
N ALA B 64 -2.08 -2.12 -15.70
CA ALA B 64 -2.62 -2.01 -17.06
C ALA B 64 -3.63 -0.87 -17.13
N GLY B 65 -4.17 -0.49 -15.98
CA GLY B 65 -5.15 0.58 -15.93
C GLY B 65 -4.72 1.68 -14.96
N ALA B 66 -4.41 1.28 -13.73
CA ALA B 66 -3.98 2.24 -12.71
C ALA B 66 -2.64 2.85 -13.09
N GLN B 67 -2.00 3.52 -12.13
CA GLN B 67 -0.72 4.16 -12.38
C GLN B 67 0.43 3.18 -12.11
N LYS B 68 1.62 3.51 -12.60
CA LYS B 68 2.77 2.66 -12.41
C LYS B 68 3.13 2.57 -10.93
N GLU B 69 2.70 3.57 -10.16
CA GLU B 69 2.99 3.60 -8.73
C GLU B 69 2.52 2.30 -8.07
N THR B 70 1.33 1.85 -8.42
CA THR B 70 0.78 0.62 -7.86
C THR B 70 1.73 -0.55 -8.10
N ALA B 71 2.02 -0.80 -9.38
CA ALA B 71 2.91 -1.90 -9.74
C ALA B 71 4.26 -1.74 -9.04
N ALA B 72 4.78 -0.52 -9.04
CA ALA B 72 6.06 -0.24 -8.41
C ALA B 72 6.03 -0.62 -6.92
N ILE B 73 4.95 -0.21 -6.26
CA ILE B 73 4.79 -0.50 -4.83
C ILE B 73 4.48 -1.98 -4.62
N PHE B 74 3.45 -2.45 -5.30
CA PHE B 74 3.05 -3.86 -5.18
C PHE B 74 4.20 -4.78 -5.60
N ASP B 75 4.66 -4.60 -6.83
CA ASP B 75 5.75 -5.43 -7.35
C ASP B 75 6.81 -5.64 -6.27
N LEU B 76 7.02 -4.62 -5.44
CA LEU B 76 8.00 -4.71 -4.37
C LEU B 76 7.50 -5.61 -3.24
N TYR B 77 6.23 -5.44 -2.89
CA TYR B 77 5.63 -6.24 -1.83
C TYR B 77 5.54 -7.71 -2.25
N SER B 78 5.07 -7.95 -3.47
CA SER B 78 4.94 -9.31 -3.98
C SER B 78 6.25 -10.07 -3.79
N HIS B 79 7.36 -9.41 -4.06
CA HIS B 79 8.68 -10.04 -3.91
C HIS B 79 9.06 -10.14 -2.44
N LEU B 80 8.56 -9.20 -1.64
CA LEU B 80 8.85 -9.19 -0.21
C LEU B 80 8.01 -10.22 0.52
N LEU B 81 6.70 -10.19 0.28
CA LEU B 81 5.79 -11.13 0.92
C LEU B 81 6.21 -12.57 0.62
N SER B 82 6.47 -12.85 -0.65
CA SER B 82 6.87 -14.18 -1.06
C SER B 82 8.35 -14.42 -0.74
N ASP B 83 9.04 -13.36 -0.34
CA ASP B 83 10.45 -13.47 -0.01
C ASP B 83 10.71 -14.65 0.92
N THR B 84 11.56 -15.57 0.48
CA THR B 84 11.87 -16.75 1.28
C THR B 84 12.32 -16.34 2.69
N ARG B 85 12.46 -15.04 2.91
CA ARG B 85 12.87 -14.53 4.20
C ARG B 85 11.70 -14.50 5.17
N LEU B 86 10.59 -13.92 4.73
CA LEU B 86 9.40 -13.82 5.56
C LEU B 86 8.89 -15.22 5.93
N ARG B 87 8.83 -16.10 4.94
CA ARG B 87 8.37 -17.46 5.17
C ARG B 87 9.24 -18.16 6.22
N ARG B 88 10.55 -18.01 6.08
CA ARG B 88 11.48 -18.63 7.02
C ARG B 88 11.20 -18.15 8.44
N GLU B 89 10.88 -16.88 8.58
CA GLU B 89 10.59 -16.31 9.89
C GLU B 89 9.45 -17.05 10.56
N LEU B 90 8.35 -17.23 9.83
CA LEU B 90 7.19 -17.94 10.36
C LEU B 90 7.54 -19.37 10.73
N PHE B 91 8.20 -20.07 9.81
CA PHE B 91 8.60 -21.45 10.05
C PHE B 91 9.51 -21.54 11.28
N ALA B 92 10.35 -20.52 11.46
CA ALA B 92 11.27 -20.51 12.59
C ALA B 92 10.50 -20.50 13.91
N GLU B 93 9.43 -19.72 13.96
CA GLU B 93 8.61 -19.63 15.16
C GLU B 93 7.89 -20.95 15.43
N VAL B 94 7.38 -21.56 14.37
CA VAL B 94 6.67 -22.84 14.50
C VAL B 94 7.63 -23.94 14.92
N ASP B 95 8.86 -23.86 14.42
CA ASP B 95 9.88 -24.86 14.75
C ASP B 95 10.08 -24.94 16.26
N LYS B 96 9.64 -23.92 16.97
CA LYS B 96 9.77 -23.87 18.43
C LYS B 96 8.55 -24.49 19.09
N GLY B 97 7.44 -24.55 18.35
CA GLY B 97 6.21 -25.12 18.89
C GLY B 97 5.08 -24.09 18.85
N SER B 98 5.19 -23.13 17.93
CA SER B 98 4.18 -22.09 17.81
C SER B 98 3.30 -22.35 16.58
N VAL B 99 2.14 -21.71 16.55
CA VAL B 99 1.22 -21.87 15.42
C VAL B 99 1.43 -20.76 14.39
N ALA B 100 1.28 -21.11 13.12
CA ALA B 100 1.45 -20.14 12.04
C ALA B 100 0.49 -18.97 12.23
N GLU B 101 -0.79 -19.28 12.33
CA GLU B 101 -1.81 -18.25 12.51
C GLU B 101 -1.25 -17.09 13.34
N TRP B 102 -0.79 -17.41 14.55
CA TRP B 102 -0.24 -16.40 15.43
C TRP B 102 1.09 -15.88 14.91
N ALA B 103 1.82 -16.75 14.19
CA ALA B 103 3.10 -16.37 13.63
C ALA B 103 2.92 -15.38 12.48
N VAL B 104 1.86 -15.57 11.70
CA VAL B 104 1.58 -14.69 10.58
C VAL B 104 1.38 -13.26 11.04
N LYS B 105 0.64 -13.10 12.14
CA LYS B 105 0.38 -11.78 12.68
C LYS B 105 1.57 -11.28 13.51
N THR B 106 2.18 -12.20 14.26
CA THR B 106 3.33 -11.85 15.08
C THR B 106 4.47 -11.32 14.22
N VAL B 107 4.85 -12.11 13.22
CA VAL B 107 5.94 -11.71 12.31
C VAL B 107 5.60 -10.40 11.62
N ILE B 108 4.35 -10.28 11.17
CA ILE B 108 3.92 -9.07 10.49
C ILE B 108 3.89 -7.90 11.45
N GLU B 109 3.32 -8.11 12.64
CA GLU B 109 3.23 -7.06 13.64
C GLU B 109 4.62 -6.66 14.13
N LYS B 110 5.48 -7.66 14.31
CA LYS B 110 6.84 -7.40 14.77
C LYS B 110 7.61 -6.56 13.75
N PHE B 111 7.35 -6.82 12.47
CA PHE B 111 8.01 -6.08 11.41
C PHE B 111 7.31 -4.75 11.15
N ALA B 112 6.11 -4.61 11.70
CA ALA B 112 5.33 -3.39 11.52
C ALA B 112 5.96 -2.25 12.31
N GLU B 113 6.46 -2.57 13.50
CA GLU B 113 7.07 -1.55 14.36
C GLU B 113 8.59 -1.57 14.19
N GLN B 114 9.14 -2.72 13.84
CA GLN B 114 10.58 -2.85 13.65
C GLN B 114 11.05 -1.95 12.52
N PHE B 115 10.40 -2.05 11.38
CA PHE B 115 10.76 -1.23 10.22
C PHE B 115 10.11 0.15 10.32
N ALA B 116 8.95 0.20 10.96
CA ALA B 116 8.24 1.47 11.12
C ALA B 116 8.81 2.26 12.29
N ALA B 117 9.85 1.71 12.92
CA ALA B 117 10.47 2.38 14.06
C ALA B 117 11.42 3.47 13.58
N LEU B 118 11.56 3.59 12.27
CA LEU B 118 12.45 4.60 11.70
C LEU B 118 11.81 5.98 11.76
N SER B 119 12.45 6.96 11.14
CA SER B 119 11.92 8.32 11.13
C SER B 119 11.43 8.70 9.73
N ASP B 120 11.99 8.04 8.72
CA ASP B 120 11.60 8.31 7.34
C ASP B 120 10.14 7.94 7.11
N ASN B 121 9.35 8.91 6.68
CA ASN B 121 7.93 8.67 6.41
C ASN B 121 7.75 7.85 5.14
N TYR B 122 8.67 8.01 4.20
CA TYR B 122 8.61 7.28 2.94
C TYR B 122 8.41 5.80 3.19
N LEU B 123 9.14 5.26 4.16
CA LEU B 123 9.04 3.84 4.49
C LEU B 123 8.03 3.63 5.62
N LYS B 124 8.23 4.33 6.72
CA LYS B 124 7.33 4.21 7.86
C LYS B 124 5.88 4.09 7.39
N GLU B 125 5.53 4.88 6.39
CA GLU B 125 4.18 4.86 5.85
C GLU B 125 3.85 3.48 5.28
N ARG B 126 4.85 2.87 4.62
CA ARG B 126 4.65 1.55 4.03
C ARG B 126 3.97 0.62 5.02
N ALA B 127 4.11 0.92 6.30
CA ALA B 127 3.50 0.09 7.34
C ALA B 127 2.09 -0.33 6.93
N GLY B 128 1.30 0.64 6.49
CA GLY B 128 -0.08 0.35 6.06
C GLY B 128 -0.10 -0.82 5.09
N ASP B 129 0.84 -0.82 4.14
CA ASP B 129 0.92 -1.88 3.16
C ASP B 129 1.25 -3.22 3.82
N LEU B 130 2.23 -3.19 4.73
CA LEU B 130 2.63 -4.39 5.43
C LEU B 130 1.44 -5.01 6.16
N ARG B 131 0.73 -4.19 6.92
CA ARG B 131 -0.44 -4.67 7.66
C ARG B 131 -1.43 -5.33 6.71
N ALA B 132 -1.59 -4.75 5.52
CA ALA B 132 -2.51 -5.29 4.53
C ALA B 132 -2.12 -6.72 4.16
N LEU B 133 -0.81 -6.94 4.02
CA LEU B 133 -0.31 -8.27 3.66
C LEU B 133 -0.75 -9.29 4.70
N GLY B 134 -0.62 -8.92 5.98
CA GLY B 134 -1.01 -9.82 7.06
C GLY B 134 -2.50 -10.13 6.99
N GLN B 135 -3.31 -9.12 6.74
CA GLN B 135 -4.75 -9.30 6.65
C GLN B 135 -5.10 -10.16 5.45
N ARG B 136 -4.36 -9.99 4.36
CA ARG B 136 -4.60 -10.77 3.15
C ARG B 136 -4.16 -12.21 3.36
N LEU B 137 -3.03 -12.40 4.02
CA LEU B 137 -2.51 -13.73 4.29
C LEU B 137 -3.51 -14.54 5.10
N LEU B 138 -4.11 -13.90 6.10
CA LEU B 138 -5.10 -14.57 6.95
C LEU B 138 -6.32 -14.99 6.12
N PHE B 139 -6.71 -14.11 5.19
CA PHE B 139 -7.87 -14.41 4.35
C PHE B 139 -7.58 -15.61 3.45
N HIS B 140 -6.41 -15.59 2.81
CA HIS B 140 -6.02 -16.69 1.93
C HIS B 140 -5.60 -17.91 2.75
N LEU B 141 -5.23 -17.68 4.00
CA LEU B 141 -4.81 -18.76 4.88
C LEU B 141 -6.02 -19.44 5.51
N ASP B 142 -7.16 -18.76 5.45
CA ASP B 142 -8.39 -19.30 6.01
C ASP B 142 -9.53 -19.27 4.99
N ASP B 143 -9.65 -20.35 4.23
CA ASP B 143 -10.70 -20.43 3.21
C ASP B 143 -12.08 -20.44 3.86
N ALA B 144 -12.11 -20.56 5.19
CA ALA B 144 -13.37 -20.57 5.91
C ALA B 144 -13.73 -19.18 6.41
N ASN B 145 -12.97 -18.18 5.94
CA ASN B 145 -13.22 -16.80 6.34
C ASN B 145 -14.59 -16.34 5.86
N GLN B 146 -14.76 -15.03 5.73
CA GLN B 146 -16.03 -14.47 5.28
C GLN B 146 -16.08 -14.43 3.76
N GLY B 147 -17.19 -13.92 3.22
CA GLY B 147 -17.36 -13.82 1.77
C GLY B 147 -16.20 -13.03 1.15
N PRO B 148 -15.99 -13.21 -0.13
CA PRO B 148 -14.90 -12.52 -0.87
C PRO B 148 -15.21 -11.04 -1.10
N ASN B 149 -16.31 -10.78 -1.81
CA ASN B 149 -16.71 -9.40 -2.08
C ASN B 149 -18.11 -9.36 -2.68
N ALA B 150 -18.49 -10.45 -3.35
CA ALA B 150 -19.81 -10.52 -3.96
C ALA B 150 -19.90 -9.59 -5.17
N TRP B 151 -20.64 -10.01 -6.19
CA TRP B 151 -20.79 -9.19 -7.39
C TRP B 151 -21.22 -7.78 -7.02
N PRO B 152 -20.27 -6.91 -6.78
CA PRO B 152 -20.55 -5.49 -6.41
C PRO B 152 -21.09 -4.69 -7.60
N GLU B 153 -22.01 -3.78 -7.31
CA GLU B 153 -22.59 -2.94 -8.36
C GLU B 153 -22.01 -1.53 -8.32
N ARG B 154 -22.10 -0.90 -7.15
CA ARG B 154 -21.58 0.45 -6.99
C ARG B 154 -21.53 0.84 -5.51
N PHE B 155 -20.37 1.29 -5.06
CA PHE B 155 -20.21 1.68 -3.66
C PHE B 155 -19.07 2.69 -3.51
N ILE B 156 -19.00 3.32 -2.35
CA ILE B 156 -17.95 4.31 -2.09
C ILE B 156 -17.01 3.81 -0.99
N LEU B 157 -15.73 4.12 -1.13
CA LEU B 157 -14.75 3.70 -0.14
C LEU B 157 -14.73 4.67 1.03
N VAL B 158 -15.12 4.17 2.21
CA VAL B 158 -15.14 5.01 3.40
C VAL B 158 -14.25 4.42 4.49
N ALA B 159 -12.98 4.82 4.49
CA ALA B 159 -12.03 4.32 5.48
C ALA B 159 -11.24 5.48 6.09
N ASP B 160 -10.76 5.28 7.31
CA ASP B 160 -9.99 6.31 8.00
C ASP B 160 -8.66 6.53 7.31
N GLU B 161 -8.13 5.48 6.69
CA GLU B 161 -6.85 5.58 6.00
C GLU B 161 -6.93 4.88 4.65
N LEU B 162 -6.68 5.64 3.58
CA LEU B 162 -6.73 5.09 2.23
C LEU B 162 -5.32 4.86 1.69
N SER B 163 -5.08 3.67 1.14
CA SER B 163 -3.78 3.35 0.60
C SER B 163 -3.91 2.48 -0.64
N ALA B 164 -2.86 2.44 -1.45
CA ALA B 164 -2.88 1.63 -2.67
C ALA B 164 -3.31 0.20 -2.36
N THR B 165 -2.85 -0.32 -1.24
CA THR B 165 -3.20 -1.68 -0.83
C THR B 165 -4.72 -1.87 -0.84
N THR B 166 -5.43 -0.92 -0.25
CA THR B 166 -6.89 -1.00 -0.20
C THR B 166 -7.47 -1.03 -1.62
N LEU B 167 -7.04 -0.07 -2.44
CA LEU B 167 -7.53 0.01 -3.82
C LEU B 167 -7.25 -1.29 -4.56
N ALA B 168 -6.05 -1.82 -4.37
CA ALA B 168 -5.66 -3.07 -5.03
C ALA B 168 -6.53 -4.22 -4.55
N GLU B 169 -7.42 -3.93 -3.60
CA GLU B 169 -8.31 -4.96 -3.07
C GLU B 169 -9.67 -4.90 -3.75
N LEU B 170 -10.15 -3.68 -3.98
CA LEU B 170 -11.44 -3.49 -4.62
C LEU B 170 -11.27 -3.07 -6.08
N PRO B 171 -12.15 -3.49 -6.94
CA PRO B 171 -12.10 -3.16 -8.39
C PRO B 171 -12.46 -1.70 -8.66
N GLN B 172 -11.73 -1.06 -9.56
CA GLN B 172 -11.98 0.33 -9.91
C GLN B 172 -13.37 0.48 -10.53
N ASP B 173 -13.84 -0.57 -11.17
CA ASP B 173 -15.15 -0.54 -11.80
C ASP B 173 -16.24 -0.29 -10.78
N ARG B 174 -16.15 -0.96 -9.64
CA ARG B 174 -17.13 -0.80 -8.57
C ARG B 174 -16.89 0.50 -7.82
N LEU B 175 -15.68 1.03 -7.94
CA LEU B 175 -15.33 2.27 -7.26
C LEU B 175 -16.02 3.46 -7.92
N VAL B 176 -16.91 4.11 -7.18
CA VAL B 176 -17.63 5.27 -7.70
C VAL B 176 -17.24 6.54 -6.94
N GLY B 177 -16.33 6.39 -5.99
CA GLY B 177 -15.88 7.53 -5.20
C GLY B 177 -14.99 7.08 -4.05
N VAL B 178 -14.34 8.04 -3.39
CA VAL B 178 -13.46 7.72 -2.28
C VAL B 178 -13.62 8.75 -1.16
N VAL B 179 -13.62 8.27 0.08
CA VAL B 179 -13.77 9.15 1.23
C VAL B 179 -12.80 8.75 2.34
N VAL B 180 -11.98 9.71 2.77
CA VAL B 180 -11.01 9.45 3.83
C VAL B 180 -11.20 10.42 4.99
N ARG B 181 -10.90 9.96 6.20
CA ARG B 181 -11.05 10.79 7.38
C ARG B 181 -9.79 11.64 7.59
N ASP B 182 -8.63 11.06 7.31
CA ASP B 182 -7.36 11.76 7.48
C ASP B 182 -6.23 11.01 6.79
N GLY B 183 -5.66 11.61 5.76
CA GLY B 183 -4.56 10.98 5.04
C GLY B 183 -4.49 11.50 3.61
N ALA B 184 -5.46 11.10 2.78
CA ALA B 184 -5.48 11.53 1.39
C ALA B 184 -4.90 12.94 1.25
N ALA B 185 -4.87 13.45 0.02
CA ALA B 185 -4.35 14.78 -0.23
C ALA B 185 -2.81 14.76 -0.26
N ASN B 186 -2.22 14.07 0.70
CA ASN B 186 -0.76 13.98 0.77
C ASN B 186 -0.33 12.53 0.98
N SER B 187 -1.06 11.61 0.35
CA SER B 187 -0.74 10.19 0.48
C SER B 187 -0.43 9.58 -0.88
N GLN B 188 0.45 8.59 -0.90
CA GLN B 188 0.82 7.94 -2.14
C GLN B 188 -0.41 7.56 -2.94
N ALA B 189 -1.41 7.00 -2.25
CA ALA B 189 -2.64 6.60 -2.91
C ALA B 189 -3.41 7.83 -3.41
N ALA B 190 -3.40 8.89 -2.62
CA ALA B 190 -4.11 10.11 -2.98
C ALA B 190 -3.67 10.58 -4.37
N ILE B 191 -2.38 10.46 -4.65
CA ILE B 191 -1.86 10.86 -5.95
C ILE B 191 -2.31 9.90 -7.04
N MET B 192 -2.50 8.64 -6.68
CA MET B 192 -2.95 7.63 -7.63
C MET B 192 -4.38 7.88 -8.05
N VAL B 193 -5.27 8.03 -7.07
CA VAL B 193 -6.67 8.27 -7.34
C VAL B 193 -6.85 9.62 -8.03
N ARG B 194 -6.21 10.64 -7.49
CA ARG B 194 -6.31 11.99 -8.07
C ARG B 194 -5.82 11.99 -9.51
N ALA B 195 -4.67 11.37 -9.74
CA ALA B 195 -4.11 11.30 -11.09
C ALA B 195 -4.99 10.46 -12.00
N LEU B 196 -5.79 9.59 -11.40
CA LEU B 196 -6.68 8.73 -12.16
C LEU B 196 -7.90 9.51 -12.64
N GLY B 197 -8.24 10.58 -11.93
CA GLY B 197 -9.38 11.41 -12.28
C GLY B 197 -10.63 10.95 -11.55
N ILE B 198 -10.43 10.31 -10.40
CA ILE B 198 -11.56 9.82 -9.60
C ILE B 198 -11.81 10.75 -8.42
N PRO B 199 -13.00 11.26 -8.31
CA PRO B 199 -13.39 12.18 -7.20
C PRO B 199 -12.95 11.65 -5.84
N THR B 200 -12.22 12.48 -5.09
CA THR B 200 -11.75 12.09 -3.77
C THR B 200 -11.90 13.25 -2.79
N VAL B 201 -12.31 12.93 -1.56
CA VAL B 201 -12.48 13.94 -0.53
C VAL B 201 -12.07 13.40 0.83
N MET B 202 -11.51 14.27 1.66
CA MET B 202 -11.08 13.88 2.99
C MET B 202 -11.47 14.92 4.03
N GLY B 203 -11.36 14.56 5.30
CA GLY B 203 -11.71 15.48 6.38
C GLY B 203 -12.95 15.00 7.12
N ALA B 204 -13.46 13.84 6.71
CA ALA B 204 -14.65 13.27 7.35
C ALA B 204 -14.32 12.79 8.76
N ASP B 205 -14.89 13.46 9.75
CA ASP B 205 -14.67 13.09 11.15
C ASP B 205 -15.86 12.32 11.70
N ILE B 206 -16.50 11.54 10.84
CA ILE B 206 -17.66 10.75 11.25
C ILE B 206 -17.37 9.26 11.12
N GLN B 207 -17.85 8.48 12.08
CA GLN B 207 -17.64 7.04 12.06
C GLN B 207 -18.42 6.40 10.91
N PRO B 208 -17.71 5.82 9.98
CA PRO B 208 -18.33 5.16 8.79
C PRO B 208 -19.48 4.24 9.19
N SER B 209 -19.53 3.87 10.46
CA SER B 209 -20.58 2.98 10.95
C SER B 209 -21.95 3.56 10.63
N VAL B 210 -22.12 4.85 10.90
CA VAL B 210 -23.39 5.52 10.63
C VAL B 210 -23.74 5.44 9.14
N LEU B 211 -22.74 5.62 8.30
CA LEU B 211 -22.95 5.57 6.85
C LEU B 211 -23.16 4.13 6.40
N HIS B 212 -22.35 3.22 6.92
CA HIS B 212 -22.45 1.81 6.57
C HIS B 212 -22.80 1.66 5.09
N ARG B 213 -24.10 1.61 4.80
CA ARG B 213 -24.57 1.47 3.43
C ARG B 213 -25.57 2.56 3.08
N ARG B 214 -25.49 3.69 3.79
CA ARG B 214 -26.40 4.80 3.55
C ARG B 214 -25.99 5.57 2.30
N THR B 215 -26.85 6.49 1.86
CA THR B 215 -26.56 7.29 0.68
C THR B 215 -25.50 8.34 0.98
N LEU B 216 -24.48 8.41 0.14
CA LEU B 216 -23.40 9.37 0.32
C LEU B 216 -23.34 10.34 -0.85
N ILE B 217 -23.20 11.63 -0.56
CA ILE B 217 -23.12 12.64 -1.60
C ILE B 217 -21.85 13.48 -1.45
N VAL B 218 -20.80 13.08 -2.17
CA VAL B 218 -19.55 13.81 -2.10
C VAL B 218 -19.43 14.80 -3.25
N ASP B 219 -18.79 15.93 -2.98
CA ASP B 219 -18.63 16.97 -4.01
C ASP B 219 -17.19 17.47 -4.04
N GLY B 220 -16.32 16.71 -4.68
CA GLY B 220 -14.92 17.09 -4.78
C GLY B 220 -14.77 18.55 -5.20
N TYR B 221 -15.56 18.95 -6.19
CA TYR B 221 -15.51 20.33 -6.67
C TYR B 221 -15.51 21.31 -5.50
N ARG B 222 -16.43 21.09 -4.56
CA ARG B 222 -16.53 21.95 -3.39
C ARG B 222 -16.07 21.22 -2.13
N GLY B 223 -15.54 20.01 -2.33
CA GLY B 223 -15.06 19.21 -1.20
C GLY B 223 -16.07 19.25 -0.05
N GLU B 224 -17.32 18.93 -0.37
CA GLU B 224 -18.37 18.92 0.65
C GLU B 224 -18.99 17.54 0.77
N LEU B 225 -19.52 17.23 1.95
CA LEU B 225 -20.14 15.93 2.18
C LEU B 225 -21.53 16.11 2.78
N LEU B 226 -22.54 15.61 2.07
CA LEU B 226 -23.92 15.71 2.54
C LEU B 226 -24.51 14.32 2.81
N VAL B 227 -25.56 14.28 3.61
CA VAL B 227 -26.22 13.02 3.94
C VAL B 227 -27.68 13.04 3.52
N ASP B 228 -28.01 12.29 2.47
CA ASP B 228 -29.38 12.24 1.98
C ASP B 228 -30.18 13.45 2.49
N PRO B 229 -29.71 14.63 2.19
CA PRO B 229 -30.38 15.89 2.62
C PRO B 229 -31.67 16.15 1.85
N GLU B 230 -32.39 17.20 2.22
CA GLU B 230 -33.64 17.54 1.57
C GLU B 230 -33.52 17.34 0.06
N PRO B 231 -34.52 16.76 -0.54
CA PRO B 231 -34.54 16.50 -2.01
C PRO B 231 -34.75 17.79 -2.82
N VAL B 232 -35.34 18.78 -2.18
CA VAL B 232 -35.60 20.06 -2.85
C VAL B 232 -34.29 20.84 -3.01
N LEU B 233 -33.54 20.96 -1.91
CA LEU B 233 -32.28 21.68 -1.95
C LEU B 233 -31.37 21.14 -3.05
N LEU B 234 -31.35 19.81 -3.19
CA LEU B 234 -30.53 19.18 -4.20
C LEU B 234 -31.09 19.44 -5.59
N GLN B 235 -32.40 19.60 -5.68
CA GLN B 235 -33.06 19.85 -6.96
C GLN B 235 -32.56 21.16 -7.57
N GLU B 236 -32.56 22.22 -6.77
CA GLU B 236 -32.10 23.51 -7.24
C GLU B 236 -30.59 23.51 -7.45
N TYR B 237 -29.87 22.86 -6.55
CA TYR B 237 -28.42 22.77 -6.65
C TYR B 237 -28.01 22.26 -8.03
N GLN B 238 -28.59 21.13 -8.42
CA GLN B 238 -28.28 20.54 -9.73
C GLN B 238 -28.57 21.53 -10.85
N ARG B 239 -29.70 22.23 -10.73
CA ARG B 239 -30.08 23.21 -11.75
C ARG B 239 -29.17 24.44 -11.68
N LEU B 240 -28.73 24.76 -10.48
CA LEU B 240 -27.84 25.92 -10.29
C LEU B 240 -26.51 25.70 -11.00
N ILE B 241 -25.96 24.50 -10.85
CA ILE B 241 -24.68 24.18 -11.48
C ILE B 241 -24.83 24.13 -13.00
N SER B 242 -25.90 23.50 -13.47
CA SER B 242 -26.15 23.40 -14.90
C SER B 242 -26.43 24.77 -15.50
N GLU B 243 -26.98 25.66 -14.68
CA GLU B 243 -27.30 27.01 -15.13
C GLU B 243 -26.03 27.74 -15.58
N GLU B 244 -24.88 27.15 -15.30
CA GLU B 244 -23.61 27.76 -15.67
C GLU B 244 -23.46 29.13 -15.03
N ILE B 245 -24.03 29.29 -13.85
CA ILE B 245 -23.95 30.57 -13.14
C ILE B 245 -22.91 30.49 -12.03
N GLU B 246 -21.79 29.85 -12.32
CA GLU B 246 -20.71 29.72 -11.33
C GLU B 246 -19.35 29.78 -12.01
N LEU B 247 -18.38 29.06 -11.45
CA LEU B 247 -17.04 29.03 -12.02
C LEU B 247 -16.77 27.69 -12.70
N SER B 248 -17.68 26.75 -12.51
CA SER B 248 -17.53 25.43 -13.12
C SER B 248 -17.87 25.48 -14.61
N ARG B 249 -17.14 26.32 -15.35
CA ARG B 249 -17.36 26.46 -16.78
C ARG B 249 -16.10 26.12 -17.56
N LEU B 250 -15.50 27.13 -18.18
CA LEU B 250 -14.28 26.92 -18.95
C LEU B 250 -13.06 27.38 -18.16
N ALA B 251 -12.98 26.95 -16.91
CA ALA B 251 -11.86 27.32 -16.05
C ALA B 251 -11.61 28.84 -16.12
N GLU B 252 -12.64 29.61 -15.77
CA GLU B 252 -12.53 31.06 -15.80
C GLU B 252 -11.61 31.55 -14.68
N ASP B 253 -12.06 31.36 -13.44
CA ASP B 253 -11.27 31.78 -12.29
C ASP B 253 -9.99 32.47 -12.74
N ASP B 254 -9.99 33.80 -12.73
CA ASP B 254 -8.83 34.56 -13.15
C ASP B 254 -8.70 35.83 -12.31
N VAL B 255 -8.60 35.66 -10.99
CA VAL B 255 -8.47 36.79 -10.09
C VAL B 255 -9.37 37.95 -10.55
N ASN B 256 -10.54 38.05 -9.93
CA ASN B 256 -11.49 39.11 -10.29
C ASN B 256 -11.25 40.33 -9.41
N MET A 1 37.63 -12.34 -6.69
CA MET A 1 37.33 -11.72 -5.37
C MET A 1 36.08 -10.84 -5.50
N THR A 2 35.72 -10.18 -4.41
CA THR A 2 34.54 -9.31 -4.42
C THR A 2 34.89 -7.94 -4.99
N VAL A 3 33.87 -7.22 -5.44
CA VAL A 3 34.07 -5.89 -6.02
C VAL A 3 33.08 -4.90 -5.44
N LYS A 4 33.58 -3.88 -4.77
CA LYS A 4 32.72 -2.86 -4.17
C LYS A 4 33.12 -1.47 -4.64
N GLN A 5 32.31 -0.48 -4.30
CA GLN A 5 32.60 0.90 -4.69
C GLN A 5 31.84 1.88 -3.80
N THR A 6 32.52 2.93 -3.36
CA THR A 6 31.90 3.93 -2.50
C THR A 6 31.12 4.94 -3.33
N VAL A 7 29.85 5.14 -2.98
CA VAL A 7 29.00 6.08 -3.70
C VAL A 7 28.33 7.05 -2.73
N GLU A 8 28.50 8.34 -2.98
CA GLU A 8 27.91 9.36 -2.12
C GLU A 8 26.44 9.58 -2.48
N ILE A 9 25.57 9.49 -1.48
CA ILE A 9 24.14 9.68 -1.71
C ILE A 9 23.76 11.15 -1.55
N THR A 10 23.54 11.83 -2.67
CA THR A 10 23.17 13.24 -2.63
C THR A 10 21.67 13.40 -2.38
N ASN A 11 21.21 12.87 -1.25
CA ASN A 11 19.79 12.97 -0.90
C ASN A 11 18.94 12.25 -1.94
N LYS A 12 19.55 11.32 -2.66
CA LYS A 12 18.83 10.58 -3.68
C LYS A 12 19.63 9.33 -4.09
N LEU A 13 19.18 8.17 -3.62
CA LEU A 13 19.86 6.92 -3.93
C LEU A 13 19.70 6.59 -5.41
N GLY A 14 18.96 7.44 -6.12
CA GLY A 14 18.75 7.22 -7.55
C GLY A 14 17.40 7.79 -7.99
N MET A 15 16.39 6.94 -8.06
CA MET A 15 15.07 7.37 -8.46
C MET A 15 14.00 6.75 -7.57
N HIS A 16 13.45 7.56 -6.66
CA HIS A 16 12.42 7.08 -5.74
C HIS A 16 12.87 5.78 -5.08
N ALA A 17 12.64 4.67 -5.76
CA ALA A 17 13.02 3.37 -5.22
C ALA A 17 13.17 2.35 -6.35
N ARG A 18 13.05 2.84 -7.59
CA ARG A 18 13.19 1.96 -8.75
C ARG A 18 14.54 1.25 -8.73
N PRO A 19 15.56 1.91 -8.27
CA PRO A 19 16.93 1.34 -8.20
C PRO A 19 17.02 0.19 -7.20
N ALA A 20 16.34 0.33 -6.07
CA ALA A 20 16.35 -0.69 -5.04
C ALA A 20 15.51 -1.90 -5.49
N MET A 21 14.42 -1.63 -6.19
CA MET A 21 13.54 -2.69 -6.67
C MET A 21 14.16 -3.39 -7.87
N LYS A 22 14.79 -2.60 -8.74
CA LYS A 22 15.42 -3.16 -9.94
C LYS A 22 16.54 -4.12 -9.56
N LEU A 23 17.27 -3.77 -8.49
CA LEU A 23 18.36 -4.62 -8.02
C LEU A 23 17.92 -6.06 -7.90
N PHE A 24 16.74 -6.27 -7.33
CA PHE A 24 16.21 -7.61 -7.15
C PHE A 24 16.09 -8.33 -8.49
N GLU A 25 15.71 -7.58 -9.52
CA GLU A 25 15.56 -8.16 -10.86
C GLU A 25 16.93 -8.36 -11.51
N LEU A 26 17.86 -7.46 -11.19
CA LEU A 26 19.21 -7.56 -11.76
C LEU A 26 19.96 -8.74 -11.18
N MET A 27 19.78 -8.97 -9.88
CA MET A 27 20.44 -10.07 -9.20
C MET A 27 20.03 -11.41 -9.81
N GLN A 28 18.81 -11.44 -10.37
CA GLN A 28 18.31 -12.66 -10.99
C GLN A 28 18.76 -12.76 -12.45
N GLY A 29 18.99 -11.60 -13.07
CA GLY A 29 19.41 -11.57 -14.46
C GLY A 29 20.93 -11.65 -14.56
N PHE A 30 21.62 -11.25 -13.48
CA PHE A 30 23.07 -11.28 -13.46
C PHE A 30 23.58 -12.19 -12.34
N ASP A 31 24.58 -13.01 -12.65
CA ASP A 31 25.14 -13.91 -11.66
C ASP A 31 26.07 -13.16 -10.71
N ALA A 32 25.64 -13.05 -9.45
CA ALA A 32 26.45 -12.35 -8.45
C ALA A 32 25.55 -11.79 -7.35
N GLU A 33 26.08 -11.75 -6.13
CA GLU A 33 25.32 -11.23 -4.99
C GLU A 33 25.69 -9.78 -4.71
N VAL A 34 24.67 -8.92 -4.60
CA VAL A 34 24.91 -7.51 -4.33
C VAL A 34 24.54 -7.18 -2.89
N LEU A 35 25.41 -6.42 -2.22
CA LEU A 35 25.16 -6.04 -0.83
C LEU A 35 25.49 -4.57 -0.61
N LEU A 36 24.60 -3.87 0.10
CA LEU A 36 24.81 -2.45 0.37
C LEU A 36 25.22 -2.25 1.82
N ARG A 37 25.97 -1.17 2.08
CA ARG A 37 26.42 -0.87 3.43
C ARG A 37 26.57 0.63 3.63
N ASN A 38 26.05 1.13 4.73
CA ASN A 38 26.13 2.56 5.04
C ASN A 38 27.40 2.87 5.81
N ASP A 39 27.84 4.13 5.75
CA ASP A 39 29.05 4.54 6.45
C ASP A 39 28.95 4.17 7.92
N GLU A 40 27.73 4.14 8.44
CA GLU A 40 27.52 3.81 9.85
C GLU A 40 27.92 2.36 10.12
N GLY A 41 28.15 1.61 9.05
CA GLY A 41 28.55 0.21 9.19
C GLY A 41 27.32 -0.70 9.14
N THR A 42 26.18 -0.13 8.77
CA THR A 42 24.94 -0.91 8.68
C THR A 42 24.85 -1.64 7.35
N GLU A 43 24.82 -2.97 7.41
CA GLU A 43 24.74 -3.77 6.19
C GLU A 43 23.30 -3.80 5.67
N ALA A 44 23.05 -3.02 4.62
CA ALA A 44 21.71 -2.96 4.03
C ALA A 44 21.55 -4.02 2.95
N GLU A 45 21.60 -5.29 3.36
CA GLU A 45 21.47 -6.39 2.42
C GLU A 45 20.38 -6.08 1.39
N ALA A 46 20.76 -6.08 0.12
CA ALA A 46 19.82 -5.80 -0.96
C ALA A 46 18.72 -6.86 -1.00
N ASN A 47 18.91 -7.92 -0.24
CA ASN A 47 17.93 -9.00 -0.19
C ASN A 47 17.05 -8.87 1.05
N SER A 48 16.88 -7.64 1.53
CA SER A 48 16.06 -7.39 2.70
C SER A 48 15.35 -6.06 2.59
N VAL A 49 14.02 -6.09 2.67
CA VAL A 49 13.23 -4.88 2.57
C VAL A 49 13.54 -3.92 3.73
N ILE A 50 13.81 -4.49 4.90
CA ILE A 50 14.13 -3.69 6.07
C ILE A 50 15.40 -2.88 5.85
N ALA A 51 16.34 -3.47 5.11
CA ALA A 51 17.61 -2.80 4.82
C ALA A 51 17.37 -1.60 3.91
N LEU A 52 16.52 -1.78 2.91
CA LEU A 52 16.22 -0.70 1.97
C LEU A 52 15.66 0.51 2.71
N LEU A 53 14.81 0.25 3.70
CA LEU A 53 14.21 1.34 4.48
C LEU A 53 15.29 2.11 5.24
N MET A 54 16.29 1.38 5.72
CA MET A 54 17.38 2.00 6.47
C MET A 54 18.21 2.90 5.56
N LEU A 55 18.40 2.47 4.32
CA LEU A 55 19.17 3.25 3.36
C LEU A 55 18.51 4.58 3.07
N ASP A 56 17.17 4.59 3.07
CA ASP A 56 16.42 5.81 2.81
C ASP A 56 16.88 6.93 3.75
N SER A 57 17.23 6.56 4.98
CA SER A 57 17.68 7.53 5.96
C SER A 57 19.10 7.96 5.67
N ALA A 58 19.73 7.31 4.70
CA ALA A 58 21.10 7.63 4.33
C ALA A 58 21.14 8.82 3.38
N LYS A 59 20.14 9.68 3.49
CA LYS A 59 20.07 10.86 2.63
C LYS A 59 21.19 11.84 2.96
N GLY A 60 22.27 11.78 2.19
CA GLY A 60 23.40 12.67 2.42
C GLY A 60 24.57 11.92 3.06
N ARG A 61 24.41 10.61 3.20
CA ARG A 61 25.44 9.78 3.81
C ARG A 61 26.15 8.95 2.75
N GLN A 62 27.31 8.41 3.10
CA GLN A 62 28.09 7.60 2.17
C GLN A 62 27.84 6.12 2.41
N ILE A 63 27.79 5.35 1.32
CA ILE A 63 27.56 3.91 1.43
C ILE A 63 28.59 3.14 0.61
N GLU A 64 28.73 1.85 0.91
CA GLU A 64 29.69 1.02 0.19
C GLU A 64 28.98 -0.19 -0.43
N VAL A 65 28.75 -0.12 -1.74
CA VAL A 65 28.08 -1.21 -2.44
C VAL A 65 29.08 -2.32 -2.79
N GLU A 66 28.75 -3.55 -2.40
CA GLU A 66 29.62 -4.68 -2.68
C GLU A 66 28.91 -5.71 -3.55
N ALA A 67 29.62 -6.26 -4.52
CA ALA A 67 29.04 -7.25 -5.41
C ALA A 67 30.02 -8.40 -5.65
N THR A 68 29.54 -9.62 -5.49
CA THR A 68 30.38 -10.80 -5.69
C THR A 68 29.77 -11.73 -6.74
N GLY A 69 30.58 -12.12 -7.71
CA GLY A 69 30.11 -13.01 -8.77
C GLY A 69 30.71 -12.62 -10.12
N PRO A 70 30.69 -13.52 -11.05
CA PRO A 70 31.24 -13.28 -12.43
C PRO A 70 30.79 -11.94 -13.00
N GLN A 71 29.50 -11.65 -12.87
CA GLN A 71 28.95 -10.40 -13.38
C GLN A 71 28.95 -9.33 -12.28
N GLU A 72 29.54 -9.66 -11.14
CA GLU A 72 29.61 -8.72 -10.03
C GLU A 72 29.79 -7.30 -10.53
N GLU A 73 30.59 -7.15 -11.58
CA GLU A 73 30.85 -5.83 -12.15
C GLU A 73 29.56 -5.22 -12.70
N GLU A 74 28.86 -6.01 -13.52
CA GLU A 74 27.60 -5.54 -14.11
C GLU A 74 26.63 -5.08 -13.03
N ALA A 75 26.39 -5.95 -12.05
CA ALA A 75 25.49 -5.63 -10.95
C ALA A 75 25.91 -4.33 -10.28
N LEU A 76 27.18 -4.23 -9.93
CA LEU A 76 27.69 -3.04 -9.27
C LEU A 76 27.59 -1.83 -10.20
N ALA A 77 27.97 -2.03 -11.46
CA ALA A 77 27.92 -0.95 -12.44
C ALA A 77 26.49 -0.48 -12.65
N ALA A 78 25.57 -1.43 -12.74
CA ALA A 78 24.16 -1.09 -12.93
C ALA A 78 23.64 -0.26 -11.77
N VAL A 79 24.00 -0.65 -10.56
CA VAL A 79 23.56 0.07 -9.37
C VAL A 79 24.19 1.46 -9.32
N ILE A 80 25.47 1.54 -9.66
CA ILE A 80 26.18 2.82 -9.65
C ILE A 80 25.59 3.76 -10.71
N ALA A 81 25.28 3.21 -11.88
CA ALA A 81 24.72 4.00 -12.96
C ALA A 81 23.35 4.55 -12.56
N LEU A 82 22.58 3.75 -11.82
CA LEU A 82 21.25 4.17 -11.38
C LEU A 82 21.36 5.21 -10.28
N PHE A 83 22.36 5.05 -9.41
CA PHE A 83 22.56 5.99 -8.31
C PHE A 83 23.06 7.33 -8.85
N ASN A 84 23.83 7.29 -9.92
CA ASN A 84 24.36 8.51 -10.52
C ASN A 84 23.33 9.16 -11.43
N SER A 85 22.19 8.50 -11.59
CA SER A 85 21.12 9.02 -12.44
C SER A 85 21.47 8.82 -13.91
N ARG B 2 -24.28 19.00 6.02
CA ARG B 2 -23.22 19.81 5.34
C ARG B 2 -21.97 19.82 6.20
N ILE B 3 -21.07 18.87 5.93
CA ILE B 3 -19.82 18.79 6.68
C ILE B 3 -18.63 19.18 5.81
N ARG B 4 -17.75 20.00 6.35
CA ARG B 4 -16.56 20.45 5.62
C ARG B 4 -15.61 19.28 5.39
N ALA B 5 -15.11 19.18 4.16
CA ALA B 5 -14.18 18.11 3.82
C ALA B 5 -13.16 18.58 2.79
N LEU B 6 -11.92 18.11 2.93
CA LEU B 6 -10.86 18.49 2.01
C LEU B 6 -10.96 17.69 0.71
N PRO B 7 -11.16 18.36 -0.38
CA PRO B 7 -11.27 17.71 -1.72
C PRO B 7 -9.92 17.19 -2.22
N ALA B 8 -9.74 15.87 -2.18
CA ALA B 8 -8.50 15.27 -2.65
C ALA B 8 -8.51 15.09 -4.17
N ALA B 9 -9.70 14.96 -4.73
CA ALA B 9 -9.84 14.78 -6.17
C ALA B 9 -11.12 15.42 -6.67
N PRO B 10 -11.01 16.55 -7.33
CA PRO B 10 -12.18 17.29 -7.87
C PRO B 10 -13.15 16.37 -8.62
N GLY B 11 -14.43 16.54 -8.35
CA GLY B 11 -15.45 15.72 -9.00
C GLY B 11 -16.60 15.40 -8.04
N VAL B 12 -17.70 14.91 -8.58
CA VAL B 12 -18.86 14.57 -7.77
C VAL B 12 -19.22 13.09 -7.94
N ALA B 13 -19.57 12.45 -6.84
CA ALA B 13 -19.94 11.04 -6.89
C ALA B 13 -21.05 10.74 -5.89
N ILE B 14 -21.98 9.87 -6.27
CA ILE B 14 -23.09 9.50 -5.40
C ILE B 14 -23.17 7.99 -5.25
N ALA B 15 -23.19 7.53 -4.00
CA ALA B 15 -23.27 6.09 -3.72
C ALA B 15 -23.43 5.84 -2.22
N GLU B 16 -23.70 4.59 -1.87
CA GLU B 16 -23.87 4.23 -0.47
C GLU B 16 -22.51 4.01 0.21
N GLY B 17 -22.51 4.03 1.53
CA GLY B 17 -21.27 3.83 2.28
C GLY B 17 -20.97 2.34 2.45
N TRP B 18 -19.75 1.95 2.14
CA TRP B 18 -19.34 0.55 2.26
C TRP B 18 -18.07 0.43 3.09
N GLN B 19 -18.07 -0.50 4.04
CA GLN B 19 -16.91 -0.71 4.89
C GLN B 19 -15.80 -1.41 4.12
N ASP B 20 -14.58 -0.94 4.30
CA ASP B 20 -13.43 -1.54 3.61
C ASP B 20 -13.20 -2.97 4.10
N ALA B 21 -12.66 -3.81 3.22
CA ALA B 21 -12.39 -5.19 3.57
C ALA B 21 -11.34 -5.27 4.67
N THR B 22 -11.10 -4.14 5.34
CA THR B 22 -10.11 -4.10 6.41
C THR B 22 -10.79 -4.04 7.77
N LEU B 23 -10.57 -5.06 8.59
CA LEU B 23 -11.17 -5.12 9.92
C LEU B 23 -10.15 -5.61 10.93
N PRO B 24 -10.41 -5.37 12.20
CA PRO B 24 -9.51 -5.78 13.30
C PRO B 24 -9.57 -7.28 13.56
N LEU B 25 -8.46 -7.97 13.29
CA LEU B 25 -8.40 -9.41 13.50
C LEU B 25 -7.70 -9.74 14.81
N MET B 26 -7.44 -8.70 15.61
CA MET B 26 -6.78 -8.89 16.90
C MET B 26 -7.72 -9.56 17.89
N GLU B 27 -9.03 -9.38 17.69
CA GLU B 27 -10.02 -9.97 18.57
C GLU B 27 -10.65 -11.20 17.92
N GLN B 28 -10.53 -11.28 16.59
CA GLN B 28 -11.10 -12.41 15.86
C GLN B 28 -10.17 -13.62 15.94
N VAL B 29 -8.89 -13.37 16.18
CA VAL B 29 -7.91 -14.45 16.28
C VAL B 29 -8.05 -15.18 17.61
N TYR B 30 -7.66 -16.45 17.63
CA TYR B 30 -7.75 -17.25 18.84
C TYR B 30 -6.37 -17.71 19.29
N GLN B 31 -6.29 -18.24 20.50
CA GLN B 31 -5.01 -18.73 21.03
C GLN B 31 -5.08 -20.23 21.27
N ALA B 32 -3.95 -20.90 21.05
CA ALA B 32 -3.89 -22.35 21.25
C ALA B 32 -2.44 -22.83 21.21
N SER B 33 -2.12 -23.80 22.05
CA SER B 33 -0.76 -24.35 22.10
C SER B 33 -0.74 -25.78 21.57
N THR B 34 -0.32 -25.92 20.31
CA THR B 34 -0.25 -27.23 19.69
C THR B 34 0.71 -27.22 18.50
N LEU B 35 1.84 -27.90 18.64
CA LEU B 35 2.83 -27.95 17.58
C LEU B 35 2.23 -28.56 16.32
N ASP B 36 2.33 -27.85 15.21
CA ASP B 36 1.78 -28.33 13.95
C ASP B 36 2.48 -27.65 12.77
N PRO B 37 3.73 -27.94 12.57
CA PRO B 37 4.52 -27.35 11.46
C PRO B 37 4.12 -27.90 10.10
N ALA B 38 4.07 -29.22 10.00
CA ALA B 38 3.70 -29.87 8.75
C ALA B 38 2.40 -29.29 8.21
N LEU B 39 1.39 -29.21 9.07
CA LEU B 39 0.10 -28.66 8.68
C LEU B 39 0.14 -27.14 8.67
N GLU B 40 0.85 -26.56 9.64
CA GLU B 40 0.97 -25.12 9.75
C GLU B 40 1.92 -24.58 8.69
N ARG B 41 3.18 -24.98 8.77
CA ARG B 41 4.19 -24.53 7.81
C ARG B 41 3.63 -24.60 6.39
N GLU B 42 3.12 -25.78 6.03
CA GLU B 42 2.56 -25.97 4.70
C GLU B 42 1.40 -25.01 4.46
N ARG B 43 0.60 -24.80 5.49
CA ARG B 43 -0.54 -23.89 5.38
C ARG B 43 -0.09 -22.53 4.88
N LEU B 44 1.07 -22.09 5.33
CA LEU B 44 1.61 -20.80 4.91
C LEU B 44 2.00 -20.83 3.44
N THR B 45 2.82 -21.81 3.07
CA THR B 45 3.26 -21.94 1.68
C THR B 45 2.05 -22.02 0.75
N GLY B 46 1.15 -22.93 1.03
CA GLY B 46 -0.05 -23.09 0.22
C GLY B 46 -0.86 -21.81 0.18
N ALA B 47 -0.88 -21.10 1.31
CA ALA B 47 -1.63 -19.85 1.40
C ALA B 47 -0.92 -18.75 0.62
N LEU B 48 0.41 -18.71 0.75
CA LEU B 48 1.20 -17.71 0.05
C LEU B 48 0.92 -17.74 -1.45
N GLU B 49 1.06 -18.92 -2.04
CA GLU B 49 0.82 -19.09 -3.47
C GLU B 49 -0.56 -18.54 -3.84
N GLU B 50 -1.51 -18.69 -2.93
CA GLU B 50 -2.87 -18.20 -3.18
C GLU B 50 -2.93 -16.69 -3.02
N ALA B 51 -2.15 -16.17 -2.06
CA ALA B 51 -2.13 -14.73 -1.82
C ALA B 51 -1.08 -14.06 -2.70
N ALA B 52 0.14 -14.59 -2.68
CA ALA B 52 1.21 -14.03 -3.49
C ALA B 52 0.81 -13.97 -4.96
N ASN B 53 0.33 -15.10 -5.48
CA ASN B 53 -0.09 -15.18 -6.87
C ASN B 53 -1.25 -14.22 -7.13
N GLU B 54 -2.14 -14.08 -6.14
CA GLU B 54 -3.29 -13.20 -6.28
C GLU B 54 -2.83 -11.74 -6.30
N PHE B 55 -1.85 -11.41 -5.47
CA PHE B 55 -1.33 -10.04 -5.41
C PHE B 55 -0.55 -9.71 -6.67
N ARG B 56 0.34 -10.61 -7.07
CA ARG B 56 1.14 -10.40 -8.26
C ARG B 56 0.25 -10.23 -9.49
N ARG B 57 -0.77 -11.07 -9.58
CA ARG B 57 -1.70 -11.00 -10.71
C ARG B 57 -2.54 -9.74 -10.63
N TYR B 58 -2.88 -9.33 -9.41
CA TYR B 58 -3.69 -8.14 -9.20
C TYR B 58 -3.03 -6.93 -9.87
N SER B 59 -1.74 -6.75 -9.60
CA SER B 59 -1.00 -5.63 -10.19
C SER B 59 -0.81 -5.84 -11.68
N LYS B 60 -0.33 -7.02 -12.05
CA LYS B 60 -0.09 -7.34 -13.46
C LYS B 60 -1.28 -6.89 -14.31
N ARG B 61 -2.46 -6.89 -13.71
CA ARG B 61 -3.67 -6.49 -14.42
C ARG B 61 -3.78 -4.97 -14.45
N PHE B 62 -3.42 -4.33 -13.34
CA PHE B 62 -3.49 -2.87 -13.25
C PHE B 62 -2.68 -2.23 -14.36
N ALA B 63 -1.51 -2.80 -14.64
CA ALA B 63 -0.64 -2.28 -15.69
C ALA B 63 -1.44 -1.95 -16.93
N ALA B 64 -2.46 -2.76 -17.21
CA ALA B 64 -3.31 -2.55 -18.38
C ALA B 64 -4.15 -1.28 -18.21
N GLY B 65 -4.37 -0.89 -16.96
CA GLY B 65 -5.17 0.29 -16.66
C GLY B 65 -4.41 1.25 -15.76
N ALA B 66 -4.75 1.24 -14.47
CA ALA B 66 -4.09 2.11 -13.50
C ALA B 66 -2.92 2.85 -14.16
N GLN B 67 -1.78 2.86 -13.48
CA GLN B 67 -0.60 3.53 -14.02
C GLN B 67 0.61 2.61 -13.96
N LYS B 68 1.80 3.18 -14.13
CA LYS B 68 3.04 2.40 -14.09
C LYS B 68 3.49 2.19 -12.66
N GLU B 69 3.29 3.21 -11.83
CA GLU B 69 3.68 3.11 -10.42
C GLU B 69 2.84 2.09 -9.69
N THR B 70 1.53 2.15 -9.90
CA THR B 70 0.61 1.21 -9.25
C THR B 70 0.97 -0.23 -9.62
N ALA B 71 1.34 -0.43 -10.88
CA ALA B 71 1.71 -1.75 -11.35
C ALA B 71 3.16 -2.07 -11.00
N ALA B 72 4.00 -1.04 -11.03
CA ALA B 72 5.42 -1.23 -10.71
C ALA B 72 5.62 -1.35 -9.20
N ILE B 73 4.75 -0.70 -8.44
CA ILE B 73 4.84 -0.76 -6.98
C ILE B 73 4.48 -2.15 -6.47
N PHE B 74 3.23 -2.54 -6.67
CA PHE B 74 2.78 -3.85 -6.23
C PHE B 74 3.67 -4.96 -6.79
N ASP B 75 3.62 -5.14 -8.12
CA ASP B 75 4.43 -6.15 -8.77
C ASP B 75 5.75 -6.35 -8.03
N LEU B 76 6.47 -5.25 -7.83
CA LEU B 76 7.76 -5.31 -7.13
C LEU B 76 7.55 -5.66 -5.67
N TYR B 77 6.45 -5.18 -5.09
CA TYR B 77 6.15 -5.46 -3.69
C TYR B 77 5.90 -6.95 -3.48
N SER B 78 5.23 -7.57 -4.45
CA SER B 78 4.92 -8.99 -4.37
C SER B 78 6.16 -9.79 -3.98
N HIS B 79 7.30 -9.41 -4.55
CA HIS B 79 8.55 -10.10 -4.26
C HIS B 79 8.89 -10.01 -2.78
N LEU B 80 8.54 -8.88 -2.16
CA LEU B 80 8.80 -8.68 -0.74
C LEU B 80 8.18 -9.79 0.09
N LEU B 81 6.96 -10.17 -0.26
CA LEU B 81 6.25 -11.23 0.46
C LEU B 81 6.82 -12.59 0.09
N SER B 82 7.13 -12.77 -1.19
CA SER B 82 7.68 -14.04 -1.65
C SER B 82 9.09 -14.26 -1.10
N ASP B 83 9.72 -13.18 -0.66
CA ASP B 83 11.07 -13.26 -0.11
C ASP B 83 11.14 -14.34 0.95
N THR B 84 12.01 -15.34 0.73
CA THR B 84 12.16 -16.43 1.67
C THR B 84 12.43 -15.89 3.07
N ARG B 85 12.40 -14.57 3.21
CA ARG B 85 12.64 -13.94 4.50
C ARG B 85 11.41 -14.05 5.39
N LEU B 86 10.27 -13.60 4.88
CA LEU B 86 9.04 -13.65 5.64
C LEU B 86 8.60 -15.09 5.85
N ARG B 87 8.82 -15.93 4.85
CA ARG B 87 8.44 -17.34 4.94
C ARG B 87 9.15 -18.01 6.10
N ARG B 88 10.45 -17.77 6.21
CA ARG B 88 11.23 -18.36 7.30
C ARG B 88 10.79 -17.80 8.66
N GLU B 89 10.52 -16.50 8.69
CA GLU B 89 10.08 -15.86 9.93
C GLU B 89 8.94 -16.63 10.56
N LEU B 90 7.88 -16.86 9.78
CA LEU B 90 6.72 -17.59 10.27
C LEU B 90 7.09 -19.01 10.67
N PHE B 91 7.83 -19.68 9.80
CA PHE B 91 8.26 -21.06 10.07
C PHE B 91 9.14 -21.11 11.31
N ALA B 92 9.95 -20.07 11.50
CA ALA B 92 10.84 -20.01 12.66
C ALA B 92 10.04 -20.03 13.95
N GLU B 93 8.95 -19.28 13.98
CA GLU B 93 8.10 -19.22 15.17
C GLU B 93 7.41 -20.55 15.41
N VAL B 94 6.95 -21.18 14.34
CA VAL B 94 6.27 -22.47 14.45
C VAL B 94 7.26 -23.57 14.83
N ASP B 95 8.48 -23.46 14.32
CA ASP B 95 9.51 -24.45 14.61
C ASP B 95 9.71 -24.59 16.12
N LYS B 96 9.17 -23.63 16.86
CA LYS B 96 9.30 -23.65 18.32
C LYS B 96 8.06 -24.26 18.96
N GLY B 97 6.97 -24.32 18.19
CA GLY B 97 5.72 -24.89 18.68
C GLY B 97 4.59 -23.88 18.55
N SER B 98 4.80 -22.86 17.74
CA SER B 98 3.79 -21.82 17.54
C SER B 98 2.91 -22.17 16.33
N VAL B 99 1.73 -21.57 16.27
CA VAL B 99 0.81 -21.81 15.17
C VAL B 99 0.90 -20.69 14.13
N ALA B 100 0.66 -21.04 12.87
CA ALA B 100 0.71 -20.05 11.80
C ALA B 100 -0.26 -18.91 12.07
N GLU B 101 -1.48 -19.26 12.48
CA GLU B 101 -2.50 -18.25 12.78
C GLU B 101 -1.90 -17.12 13.60
N TRP B 102 -1.12 -17.47 14.61
CA TRP B 102 -0.49 -16.47 15.46
C TRP B 102 0.83 -16.00 14.86
N ALA B 103 1.58 -16.92 14.29
CA ALA B 103 2.86 -16.59 13.67
C ALA B 103 2.69 -15.46 12.67
N VAL B 104 1.67 -15.57 11.83
CA VAL B 104 1.41 -14.56 10.81
C VAL B 104 1.02 -13.24 11.47
N LYS B 105 0.29 -13.32 12.56
CA LYS B 105 -0.15 -12.12 13.27
C LYS B 105 1.04 -11.45 13.94
N THR B 106 1.92 -12.25 14.53
CA THR B 106 3.09 -11.72 15.21
C THR B 106 4.12 -11.22 14.20
N VAL B 107 4.43 -12.08 13.22
CA VAL B 107 5.39 -11.72 12.19
C VAL B 107 5.06 -10.36 11.58
N ILE B 108 3.86 -10.27 11.00
CA ILE B 108 3.42 -9.02 10.38
C ILE B 108 3.52 -7.87 11.39
N GLU B 109 3.17 -8.15 12.63
CA GLU B 109 3.21 -7.13 13.67
C GLU B 109 4.65 -6.74 13.98
N LYS B 110 5.53 -7.74 14.00
CA LYS B 110 6.94 -7.49 14.30
C LYS B 110 7.60 -6.74 13.14
N PHE B 111 7.20 -7.08 11.92
CA PHE B 111 7.76 -6.44 10.74
C PHE B 111 7.19 -5.04 10.57
N ALA B 112 5.91 -4.87 10.92
CA ALA B 112 5.26 -3.58 10.81
C ALA B 112 5.86 -2.58 11.79
N GLU B 113 6.29 -3.08 12.95
CA GLU B 113 6.88 -2.23 13.96
C GLU B 113 8.26 -1.73 13.52
N GLN B 114 9.14 -2.66 13.18
CA GLN B 114 10.48 -2.31 12.72
C GLN B 114 10.41 -1.50 11.43
N PHE B 115 9.54 -1.92 10.52
CA PHE B 115 9.39 -1.23 9.25
C PHE B 115 8.86 0.18 9.46
N ALA B 116 7.83 0.30 10.29
CA ALA B 116 7.23 1.60 10.58
C ALA B 116 8.18 2.45 11.43
N ALA B 117 8.99 1.78 12.25
CA ALA B 117 9.93 2.49 13.10
C ALA B 117 10.85 3.38 12.28
N LEU B 118 10.95 3.09 10.99
CA LEU B 118 11.80 3.88 10.10
C LEU B 118 11.47 5.36 10.23
N SER B 119 12.44 6.21 9.93
CA SER B 119 12.25 7.65 10.02
C SER B 119 11.85 8.22 8.66
N ASP B 120 12.50 7.75 7.61
CA ASP B 120 12.21 8.22 6.26
C ASP B 120 10.75 7.94 5.90
N ASN B 121 10.03 8.99 5.55
CA ASN B 121 8.63 8.85 5.18
C ASN B 121 8.49 8.22 3.80
N TYR B 122 9.51 8.44 2.96
CA TYR B 122 9.50 7.89 1.60
C TYR B 122 9.38 6.37 1.65
N LEU B 123 9.95 5.78 2.68
CA LEU B 123 9.90 4.32 2.83
C LEU B 123 9.13 3.93 4.09
N LYS B 124 9.35 4.68 5.17
CA LYS B 124 8.67 4.40 6.43
C LYS B 124 7.17 4.28 6.20
N GLU B 125 6.61 5.22 5.45
CA GLU B 125 5.18 5.21 5.17
C GLU B 125 4.76 3.88 4.56
N ARG B 126 5.60 3.37 3.67
CA ARG B 126 5.32 2.09 3.01
C ARG B 126 5.02 1.01 4.04
N ALA B 127 5.59 1.18 5.23
CA ALA B 127 5.39 0.21 6.30
C ALA B 127 3.92 -0.17 6.40
N GLY B 128 3.05 0.82 6.32
CA GLY B 128 1.61 0.57 6.39
C GLY B 128 1.20 -0.49 5.40
N ASP B 129 1.79 -0.44 4.22
CA ASP B 129 1.48 -1.41 3.17
C ASP B 129 1.63 -2.83 3.70
N LEU B 130 2.68 -3.06 4.47
CA LEU B 130 2.94 -4.38 5.03
C LEU B 130 1.71 -4.88 5.78
N ARG B 131 1.16 -4.03 6.65
CA ARG B 131 -0.01 -4.39 7.42
C ARG B 131 -1.16 -4.80 6.50
N ALA B 132 -1.34 -4.04 5.43
CA ALA B 132 -2.39 -4.34 4.46
C ALA B 132 -2.21 -5.76 3.90
N LEU B 133 -0.97 -6.12 3.60
CA LEU B 133 -0.67 -7.44 3.07
C LEU B 133 -1.03 -8.51 4.09
N GLY B 134 -0.77 -8.23 5.36
CA GLY B 134 -1.07 -9.18 6.42
C GLY B 134 -2.55 -9.55 6.41
N GLN B 135 -3.41 -8.54 6.34
CA GLN B 135 -4.85 -8.77 6.32
C GLN B 135 -5.21 -9.76 5.22
N ARG B 136 -4.55 -9.64 4.07
CA ARG B 136 -4.82 -10.52 2.95
C ARG B 136 -4.32 -11.93 3.26
N LEU B 137 -3.16 -12.01 3.91
CA LEU B 137 -2.58 -13.30 4.27
C LEU B 137 -3.48 -14.02 5.26
N LEU B 138 -3.96 -13.30 6.26
CA LEU B 138 -4.82 -13.88 7.28
C LEU B 138 -6.11 -14.38 6.64
N PHE B 139 -6.63 -13.62 5.67
CA PHE B 139 -7.86 -13.99 4.99
C PHE B 139 -7.63 -15.21 4.09
N HIS B 140 -6.51 -15.20 3.38
CA HIS B 140 -6.17 -16.31 2.49
C HIS B 140 -5.79 -17.54 3.29
N LEU B 141 -5.23 -17.32 4.48
CA LEU B 141 -4.82 -18.42 5.33
C LEU B 141 -5.91 -19.49 5.39
N ASP B 142 -7.13 -19.10 5.04
CA ASP B 142 -8.25 -20.02 5.06
C ASP B 142 -8.90 -20.10 3.68
N ASP B 143 -8.84 -21.28 3.07
CA ASP B 143 -9.41 -21.48 1.75
C ASP B 143 -10.84 -20.94 1.70
N ALA B 144 -11.39 -20.62 2.87
CA ALA B 144 -12.74 -20.10 2.95
C ALA B 144 -12.74 -18.58 2.77
N ASN B 145 -11.56 -17.98 2.87
CA ASN B 145 -11.43 -16.53 2.73
C ASN B 145 -12.67 -15.94 2.08
N GLN B 146 -13.07 -14.76 2.54
CA GLN B 146 -14.25 -14.10 2.00
C GLN B 146 -14.29 -12.64 2.44
N GLY B 147 -15.13 -11.85 1.77
CA GLY B 147 -15.27 -10.44 2.12
C GLY B 147 -16.59 -10.17 2.84
N PRO B 148 -16.58 -10.32 4.14
CA PRO B 148 -17.79 -10.08 4.98
C PRO B 148 -18.42 -8.72 4.73
N ASN B 149 -18.53 -8.35 3.46
CA ASN B 149 -19.11 -7.06 3.10
C ASN B 149 -19.88 -7.16 1.79
N ALA B 150 -19.51 -8.13 0.96
CA ALA B 150 -20.16 -8.32 -0.33
C ALA B 150 -20.07 -7.06 -1.17
N TRP B 151 -19.48 -7.17 -2.35
CA TRP B 151 -19.33 -6.03 -3.24
C TRP B 151 -20.50 -5.97 -4.23
N PRO B 152 -21.36 -5.00 -4.06
CA PRO B 152 -22.54 -4.81 -4.95
C PRO B 152 -22.16 -4.29 -6.33
N GLU B 153 -23.16 -3.89 -7.11
CA GLU B 153 -22.91 -3.37 -8.45
C GLU B 153 -22.15 -2.05 -8.37
N ARG B 154 -22.32 -1.33 -7.27
CA ARG B 154 -21.65 -0.05 -7.09
C ARG B 154 -21.70 0.39 -5.63
N PHE B 155 -20.68 1.11 -5.20
CA PHE B 155 -20.61 1.58 -3.81
C PHE B 155 -19.43 2.52 -3.63
N ILE B 156 -19.40 3.21 -2.49
CA ILE B 156 -18.31 4.14 -2.19
C ILE B 156 -17.38 3.55 -1.13
N LEU B 157 -16.12 3.93 -1.19
CA LEU B 157 -15.14 3.44 -0.22
C LEU B 157 -15.08 4.36 0.99
N VAL B 158 -15.50 3.84 2.15
CA VAL B 158 -15.48 4.64 3.37
C VAL B 158 -14.49 4.05 4.38
N ALA B 159 -13.33 4.68 4.49
CA ALA B 159 -12.31 4.21 5.41
C ALA B 159 -11.64 5.39 6.12
N ASP B 160 -11.20 5.17 7.35
CA ASP B 160 -10.54 6.22 8.12
C ASP B 160 -9.23 6.61 7.47
N GLU B 161 -8.60 5.66 6.79
CA GLU B 161 -7.33 5.93 6.13
C GLU B 161 -7.29 5.25 4.76
N LEU B 162 -6.81 5.99 3.76
CA LEU B 162 -6.72 5.45 2.40
C LEU B 162 -5.38 4.76 2.18
N SER B 163 -5.41 3.62 1.50
CA SER B 163 -4.19 2.86 1.22
C SER B 163 -4.28 2.20 -0.15
N ALA B 164 -3.21 2.31 -0.92
CA ALA B 164 -3.16 1.71 -2.24
C ALA B 164 -3.49 0.22 -2.17
N THR B 165 -3.00 -0.43 -1.13
CA THR B 165 -3.25 -1.86 -0.95
C THR B 165 -4.75 -2.16 -1.02
N THR B 166 -5.53 -1.38 -0.29
CA THR B 166 -6.98 -1.57 -0.28
C THR B 166 -7.55 -1.45 -1.69
N LEU B 167 -7.16 -0.40 -2.39
CA LEU B 167 -7.63 -0.18 -3.75
C LEU B 167 -7.34 -1.40 -4.62
N ALA B 168 -6.15 -1.97 -4.47
CA ALA B 168 -5.76 -3.13 -5.24
C ALA B 168 -6.45 -4.38 -4.70
N GLU B 169 -7.40 -4.19 -3.79
CA GLU B 169 -8.12 -5.31 -3.20
C GLU B 169 -9.54 -5.36 -3.74
N LEU B 170 -10.14 -4.19 -3.93
CA LEU B 170 -11.50 -4.12 -4.45
C LEU B 170 -11.51 -3.65 -5.89
N PRO B 171 -12.23 -4.33 -6.74
CA PRO B 171 -12.33 -3.98 -8.19
C PRO B 171 -12.60 -2.49 -8.40
N GLN B 172 -11.73 -1.85 -9.19
CA GLN B 172 -11.88 -0.42 -9.46
C GLN B 172 -13.15 -0.16 -10.27
N ASP B 173 -13.61 -1.19 -10.98
CA ASP B 173 -14.82 -1.07 -11.78
C ASP B 173 -16.03 -0.80 -10.90
N ARG B 174 -16.06 -1.43 -9.73
CA ARG B 174 -17.16 -1.24 -8.81
C ARG B 174 -16.98 0.03 -7.99
N LEU B 175 -15.80 0.63 -8.10
CA LEU B 175 -15.51 1.85 -7.36
C LEU B 175 -16.17 3.05 -8.03
N VAL B 176 -17.09 3.69 -7.31
CA VAL B 176 -17.80 4.85 -7.84
C VAL B 176 -17.47 6.10 -7.02
N GLY B 177 -16.40 6.03 -6.26
CA GLY B 177 -16.00 7.16 -5.42
C GLY B 177 -15.24 6.68 -4.19
N VAL B 178 -14.78 7.63 -3.39
CA VAL B 178 -14.04 7.29 -2.18
C VAL B 178 -14.15 8.42 -1.15
N VAL B 179 -14.20 8.04 0.12
CA VAL B 179 -14.30 9.04 1.19
C VAL B 179 -13.47 8.61 2.39
N VAL B 180 -12.66 9.54 2.91
CA VAL B 180 -11.81 9.26 4.05
C VAL B 180 -12.13 10.19 5.21
N ARG B 181 -11.88 9.72 6.43
CA ARG B 181 -12.15 10.51 7.61
C ARG B 181 -10.91 11.31 8.03
N ASP B 182 -9.76 10.64 8.00
CA ASP B 182 -8.51 11.29 8.37
C ASP B 182 -7.38 10.85 7.44
N GLY B 183 -7.16 11.62 6.37
CA GLY B 183 -6.10 11.31 5.41
C GLY B 183 -5.43 12.57 4.91
N ALA B 184 -4.19 12.42 4.45
CA ALA B 184 -3.43 13.56 3.95
C ALA B 184 -3.37 13.53 2.43
N ALA B 185 -3.45 14.71 1.82
CA ALA B 185 -3.41 14.81 0.36
C ALA B 185 -1.98 14.60 -0.15
N ASN B 186 -1.10 14.14 0.74
CA ASN B 186 0.28 13.90 0.36
C ASN B 186 0.65 12.44 0.60
N SER B 187 -0.35 11.62 0.90
CA SER B 187 -0.12 10.21 1.14
C SER B 187 0.14 9.47 -0.17
N GLN B 188 0.57 8.22 -0.06
CA GLN B 188 0.86 7.41 -1.25
C GLN B 188 -0.40 7.21 -2.06
N ALA B 189 -1.46 6.74 -1.40
CA ALA B 189 -2.73 6.50 -2.09
C ALA B 189 -3.34 7.82 -2.55
N ALA B 190 -3.19 8.86 -1.73
CA ALA B 190 -3.72 10.17 -2.07
C ALA B 190 -3.13 10.68 -3.38
N ILE B 191 -1.84 10.49 -3.55
CA ILE B 191 -1.16 10.94 -4.77
C ILE B 191 -1.60 10.09 -5.96
N MET B 192 -1.91 8.82 -5.70
CA MET B 192 -2.35 7.93 -6.76
C MET B 192 -3.83 8.13 -7.06
N VAL B 193 -4.58 8.54 -6.05
CA VAL B 193 -6.01 8.76 -6.21
C VAL B 193 -6.26 9.95 -7.13
N ARG B 194 -5.54 11.04 -6.90
CA ARG B 194 -5.68 12.23 -7.72
C ARG B 194 -5.24 11.96 -9.16
N ALA B 195 -4.13 11.24 -9.31
CA ALA B 195 -3.60 10.92 -10.62
C ALA B 195 -4.58 10.02 -11.39
N LEU B 196 -5.31 9.20 -10.64
CA LEU B 196 -6.28 8.30 -11.26
C LEU B 196 -7.41 9.09 -11.91
N GLY B 197 -7.76 10.22 -11.31
CA GLY B 197 -8.83 11.07 -11.84
C GLY B 197 -10.17 10.72 -11.19
N ILE B 198 -10.11 9.94 -10.11
CA ILE B 198 -11.33 9.55 -9.40
C ILE B 198 -11.67 10.57 -8.32
N PRO B 199 -12.94 10.80 -8.12
CA PRO B 199 -13.42 11.77 -7.09
C PRO B 199 -13.28 11.22 -5.67
N THR B 200 -12.63 12.00 -4.81
CA THR B 200 -12.43 11.57 -3.42
C THR B 200 -12.45 12.79 -2.48
N VAL B 201 -12.88 12.56 -1.25
CA VAL B 201 -12.93 13.64 -0.27
C VAL B 201 -12.48 13.14 1.11
N MET B 202 -11.93 14.04 1.90
CA MET B 202 -11.46 13.69 3.23
C MET B 202 -11.94 14.70 4.26
N GLY B 203 -11.86 14.33 5.54
CA GLY B 203 -12.28 15.22 6.61
C GLY B 203 -13.63 14.78 7.19
N ALA B 204 -14.16 13.69 6.66
CA ALA B 204 -15.44 13.17 7.12
C ALA B 204 -15.31 12.64 8.54
N ASP B 205 -16.05 13.24 9.47
CA ASP B 205 -16.00 12.82 10.87
C ASP B 205 -17.19 11.93 11.20
N ILE B 206 -17.61 11.12 10.23
CA ILE B 206 -18.75 10.23 10.43
C ILE B 206 -18.27 8.79 10.62
N GLN B 207 -18.76 8.15 11.67
CA GLN B 207 -18.37 6.77 11.96
C GLN B 207 -19.00 5.83 10.93
N PRO B 208 -18.18 5.16 10.16
CA PRO B 208 -18.65 4.21 9.12
C PRO B 208 -19.70 3.23 9.66
N SER B 209 -19.55 2.86 10.93
CA SER B 209 -20.49 1.93 11.55
C SER B 209 -21.92 2.40 11.35
N VAL B 210 -22.15 3.69 11.55
CA VAL B 210 -23.50 4.25 11.38
C VAL B 210 -23.81 4.43 9.90
N LEU B 211 -22.78 4.67 9.11
CA LEU B 211 -22.96 4.86 7.67
C LEU B 211 -23.33 3.55 7.00
N HIS B 212 -23.09 2.44 7.70
CA HIS B 212 -23.39 1.13 7.15
C HIS B 212 -23.55 1.19 5.64
N ARG B 213 -24.76 1.53 5.19
CA ARG B 213 -25.04 1.61 3.76
C ARG B 213 -25.83 2.89 3.45
N ARG B 214 -25.71 3.88 4.32
CA ARG B 214 -26.42 5.14 4.12
C ARG B 214 -25.98 5.80 2.82
N THR B 215 -26.83 6.69 2.32
CA THR B 215 -26.52 7.39 1.06
C THR B 215 -25.49 8.50 1.31
N LEU B 216 -24.46 8.54 0.47
CA LEU B 216 -23.41 9.55 0.61
C LEU B 216 -23.30 10.36 -0.67
N ILE B 217 -22.98 11.65 -0.52
CA ILE B 217 -22.85 12.53 -1.67
C ILE B 217 -21.69 13.51 -1.47
N VAL B 218 -20.60 13.28 -2.18
CA VAL B 218 -19.43 14.15 -2.08
C VAL B 218 -19.38 15.13 -3.24
N ASP B 219 -18.70 16.25 -3.04
CA ASP B 219 -18.59 17.26 -4.08
C ASP B 219 -17.19 17.86 -4.11
N GLY B 220 -16.27 17.18 -4.78
CA GLY B 220 -14.89 17.65 -4.87
C GLY B 220 -14.85 19.15 -5.15
N TYR B 221 -15.66 19.59 -6.12
CA TYR B 221 -15.71 21.00 -6.48
C TYR B 221 -15.98 21.85 -5.25
N ARG B 222 -16.93 21.42 -4.43
CA ARG B 222 -17.29 22.15 -3.22
C ARG B 222 -16.64 21.51 -2.00
N GLY B 223 -15.85 20.47 -2.24
CA GLY B 223 -15.17 19.77 -1.14
C GLY B 223 -16.07 19.68 0.08
N GLU B 224 -17.27 19.14 -0.11
CA GLU B 224 -18.22 19.00 0.99
C GLU B 224 -18.76 17.57 1.06
N LEU B 225 -19.28 17.20 2.22
CA LEU B 225 -19.84 15.85 2.40
C LEU B 225 -21.14 15.92 3.18
N LEU B 226 -22.23 15.51 2.52
CA LEU B 226 -23.55 15.53 3.16
C LEU B 226 -24.08 14.11 3.33
N VAL B 227 -25.24 13.99 3.96
CA VAL B 227 -25.86 12.68 4.18
C VAL B 227 -27.33 12.72 3.82
N ASP B 228 -27.75 11.85 2.90
CA ASP B 228 -29.14 11.80 2.47
C ASP B 228 -29.85 13.09 2.83
N PRO B 229 -29.34 14.21 2.38
CA PRO B 229 -29.93 15.55 2.65
C PRO B 229 -31.25 15.76 1.90
N GLU B 230 -31.92 16.86 2.19
CA GLU B 230 -33.19 17.17 1.53
C GLU B 230 -33.09 16.93 0.03
N PRO B 231 -33.42 15.74 -0.41
CA PRO B 231 -33.36 15.36 -1.84
C PRO B 231 -34.03 16.40 -2.73
N VAL B 232 -35.06 17.06 -2.22
CA VAL B 232 -35.77 18.09 -2.97
C VAL B 232 -34.89 19.32 -3.15
N LEU B 233 -34.41 19.87 -2.03
CA LEU B 233 -33.57 21.06 -2.08
C LEU B 233 -32.32 20.79 -2.92
N LEU B 234 -31.54 19.79 -2.53
CA LEU B 234 -30.33 19.45 -3.25
C LEU B 234 -30.65 19.11 -4.70
N GLN B 235 -31.92 18.83 -4.97
CA GLN B 235 -32.34 18.50 -6.33
C GLN B 235 -32.13 19.67 -7.26
N GLU B 236 -32.68 20.83 -6.89
CA GLU B 236 -32.55 22.03 -7.70
C GLU B 236 -31.23 22.74 -7.40
N TYR B 237 -30.95 22.94 -6.12
CA TYR B 237 -29.72 23.61 -5.70
C TYR B 237 -28.57 23.22 -6.61
N GLN B 238 -28.50 21.93 -6.94
CA GLN B 238 -27.43 21.43 -7.81
C GLN B 238 -27.69 21.84 -9.26
N ARG B 239 -28.96 22.01 -9.60
CA ARG B 239 -29.32 22.40 -10.97
C ARG B 239 -28.81 23.79 -11.28
N LEU B 240 -29.04 24.72 -10.36
CA LEU B 240 -28.59 26.10 -10.55
C LEU B 240 -27.10 26.23 -10.25
N ILE B 241 -26.71 25.78 -9.06
CA ILE B 241 -25.31 25.85 -8.66
C ILE B 241 -24.40 25.51 -9.83
N SER B 242 -24.86 24.60 -10.69
CA SER B 242 -24.08 24.20 -11.85
C SER B 242 -24.42 25.06 -13.06
N GLU B 243 -25.60 25.67 -13.03
CA GLU B 243 -26.05 26.52 -14.13
C GLU B 243 -26.35 27.92 -13.64
N GLU B 244 -25.57 28.39 -12.66
CA GLU B 244 -25.77 29.72 -12.11
C GLU B 244 -24.50 30.55 -12.25
N ILE B 245 -23.78 30.71 -11.14
CA ILE B 245 -22.55 31.49 -11.14
C ILE B 245 -21.34 30.56 -11.06
N GLU B 246 -20.54 30.73 -10.02
CA GLU B 246 -19.35 29.91 -9.84
C GLU B 246 -19.00 29.80 -8.36
N LEU B 247 -17.90 30.44 -7.97
CA LEU B 247 -17.47 30.42 -6.58
C LEU B 247 -17.29 31.83 -6.04
N SER B 248 -17.86 32.80 -6.75
CA SER B 248 -17.78 34.19 -6.33
C SER B 248 -18.98 34.57 -5.47
N ARG B 249 -19.47 33.61 -4.71
CA ARG B 249 -20.62 33.86 -3.84
C ARG B 249 -20.38 33.27 -2.45
N LEU B 250 -20.97 32.10 -2.20
CA LEU B 250 -20.82 31.45 -0.90
C LEU B 250 -21.28 32.37 0.22
N ALA B 251 -21.84 33.51 -0.15
CA ALA B 251 -22.32 34.47 0.84
C ALA B 251 -23.77 34.16 1.23
N GLU B 252 -24.41 33.30 0.45
CA GLU B 252 -25.80 32.94 0.72
C GLU B 252 -26.66 34.18 0.87
N ASP B 253 -27.00 34.81 -0.26
CA ASP B 253 -27.82 36.01 -0.24
C ASP B 253 -27.30 37.00 0.80
N ASP B 254 -26.02 37.33 0.70
CA ASP B 254 -25.40 38.26 1.64
C ASP B 254 -25.93 38.03 3.05
N VAL B 255 -26.27 39.12 3.74
CA VAL B 255 -26.79 39.02 5.10
C VAL B 255 -28.28 38.76 5.08
N ASN B 256 -28.99 39.42 4.18
CA ASN B 256 -30.43 39.25 4.07
C ASN B 256 -30.84 38.93 2.63
N MET A 1 37.02 -12.45 -7.64
CA MET A 1 36.85 -11.82 -6.31
C MET A 1 35.61 -10.94 -6.31
N THR A 2 35.37 -10.24 -5.21
CA THR A 2 34.21 -9.36 -5.10
C THR A 2 34.51 -8.01 -5.74
N VAL A 3 33.45 -7.29 -6.09
CA VAL A 3 33.61 -5.97 -6.71
C VAL A 3 32.68 -4.96 -6.05
N LYS A 4 33.27 -3.90 -5.50
CA LYS A 4 32.49 -2.86 -4.85
C LYS A 4 32.85 -1.48 -5.40
N GLN A 5 32.11 -0.47 -4.98
CA GLN A 5 32.36 0.90 -5.44
C GLN A 5 31.68 1.91 -4.53
N THR A 6 32.43 2.93 -4.13
CA THR A 6 31.90 3.96 -3.24
C THR A 6 31.03 4.94 -4.03
N VAL A 7 29.81 5.18 -3.53
CA VAL A 7 28.89 6.09 -4.19
C VAL A 7 28.33 7.10 -3.20
N GLU A 8 28.50 8.38 -3.49
CA GLU A 8 28.01 9.43 -2.61
C GLU A 8 26.53 9.67 -2.83
N ILE A 9 25.75 9.63 -1.75
CA ILE A 9 24.30 9.84 -1.85
C ILE A 9 23.97 11.32 -1.68
N THR A 10 23.62 11.96 -2.79
CA THR A 10 23.28 13.38 -2.76
C THR A 10 21.82 13.58 -2.35
N ASN A 11 21.47 13.05 -1.19
CA ASN A 11 20.11 13.16 -0.69
C ASN A 11 19.13 12.44 -1.62
N LYS A 12 19.66 11.49 -2.38
CA LYS A 12 18.83 10.72 -3.31
C LYS A 12 19.56 9.46 -3.76
N LEU A 13 19.15 8.32 -3.20
CA LEU A 13 19.78 7.05 -3.55
C LEU A 13 19.50 6.69 -5.00
N GLY A 14 18.68 7.52 -5.66
CA GLY A 14 18.33 7.28 -7.06
C GLY A 14 16.94 7.83 -7.38
N MET A 15 15.92 7.17 -6.86
CA MET A 15 14.55 7.61 -7.09
C MET A 15 13.58 6.86 -6.18
N HIS A 16 13.11 7.54 -5.14
CA HIS A 16 12.18 6.92 -4.20
C HIS A 16 12.72 5.59 -3.71
N ALA A 17 12.16 4.50 -4.22
CA ALA A 17 12.59 3.16 -3.83
C ALA A 17 12.80 2.28 -5.06
N ARG A 18 12.46 2.82 -6.22
CA ARG A 18 12.61 2.07 -7.46
C ARG A 18 13.95 1.32 -7.48
N PRO A 19 15.03 2.04 -7.37
CA PRO A 19 16.40 1.44 -7.37
C PRO A 19 16.50 0.25 -6.41
N ALA A 20 16.06 0.45 -5.18
CA ALA A 20 16.11 -0.60 -4.18
C ALA A 20 15.22 -1.78 -4.59
N MET A 21 14.01 -1.47 -5.04
CA MET A 21 13.07 -2.50 -5.46
C MET A 21 13.58 -3.21 -6.71
N LYS A 22 14.13 -2.44 -7.64
CA LYS A 22 14.66 -3.00 -8.87
C LYS A 22 15.81 -3.95 -8.59
N LEU A 23 16.63 -3.60 -7.61
CA LEU A 23 17.77 -4.44 -7.24
C LEU A 23 17.34 -5.89 -7.04
N PHE A 24 16.22 -6.07 -6.33
CA PHE A 24 15.71 -7.40 -6.07
C PHE A 24 15.45 -8.15 -7.38
N GLU A 25 14.97 -7.43 -8.38
CA GLU A 25 14.69 -8.03 -9.68
C GLU A 25 15.99 -8.31 -10.43
N LEU A 26 16.96 -7.42 -10.27
CA LEU A 26 18.25 -7.58 -10.93
C LEU A 26 19.00 -8.78 -10.38
N MET A 27 18.93 -8.97 -9.06
CA MET A 27 19.61 -10.08 -8.41
C MET A 27 19.15 -11.40 -9.02
N GLN A 28 17.89 -11.45 -9.42
CA GLN A 28 17.33 -12.67 -10.01
C GLN A 28 17.71 -12.77 -11.48
N GLY A 29 17.81 -11.63 -12.14
CA GLY A 29 18.17 -11.61 -13.55
C GLY A 29 19.66 -11.80 -13.75
N PHE A 30 20.45 -11.25 -12.82
CA PHE A 30 21.90 -11.36 -12.91
C PHE A 30 22.40 -12.42 -11.93
N ASP A 31 23.59 -12.97 -12.21
CA ASP A 31 24.17 -13.99 -11.35
C ASP A 31 25.21 -13.37 -10.43
N ALA A 32 24.81 -13.02 -9.22
CA ALA A 32 25.72 -12.42 -8.25
C ALA A 32 24.94 -11.84 -7.07
N GLU A 33 25.61 -11.71 -5.93
CA GLU A 33 24.97 -11.17 -4.74
C GLU A 33 25.37 -9.72 -4.54
N VAL A 34 24.38 -8.86 -4.34
CA VAL A 34 24.64 -7.44 -4.13
C VAL A 34 24.41 -7.06 -2.66
N LEU A 35 25.34 -6.29 -2.11
CA LEU A 35 25.23 -5.87 -0.72
C LEU A 35 25.59 -4.40 -0.57
N LEU A 36 24.81 -3.68 0.23
CA LEU A 36 25.05 -2.26 0.45
C LEU A 36 25.58 -2.02 1.86
N ARG A 37 26.39 -0.97 2.00
CA ARG A 37 26.96 -0.64 3.31
C ARG A 37 27.14 0.87 3.44
N ASN A 38 26.74 1.41 4.59
CA ASN A 38 26.86 2.84 4.84
C ASN A 38 28.20 3.16 5.49
N ASP A 39 28.66 4.40 5.33
CA ASP A 39 29.93 4.82 5.91
C ASP A 39 29.97 4.50 7.39
N GLU A 40 28.80 4.47 8.02
CA GLU A 40 28.71 4.18 9.44
C GLU A 40 29.11 2.73 9.72
N GLY A 41 29.26 1.95 8.66
CA GLY A 41 29.64 0.55 8.80
C GLY A 41 28.40 -0.34 8.90
N THR A 42 27.24 0.22 8.61
CA THR A 42 25.99 -0.53 8.67
C THR A 42 25.76 -1.28 7.37
N GLU A 43 25.73 -2.62 7.46
CA GLU A 43 25.52 -3.44 6.28
C GLU A 43 24.03 -3.45 5.90
N ALA A 44 23.69 -2.70 4.85
CA ALA A 44 22.31 -2.64 4.40
C ALA A 44 22.03 -3.73 3.36
N GLU A 45 22.11 -4.98 3.79
CA GLU A 45 21.87 -6.10 2.91
C GLU A 45 20.69 -5.80 1.97
N ALA A 46 20.95 -5.84 0.67
CA ALA A 46 19.92 -5.57 -0.31
C ALA A 46 18.81 -6.61 -0.22
N ASN A 47 19.06 -7.67 0.54
CA ASN A 47 18.07 -8.73 0.70
C ASN A 47 17.32 -8.56 2.02
N SER A 48 17.20 -7.32 2.47
CA SER A 48 16.50 -7.03 3.73
C SER A 48 15.79 -5.69 3.64
N VAL A 49 14.49 -5.70 3.87
CA VAL A 49 13.70 -4.47 3.82
C VAL A 49 14.15 -3.51 4.92
N ILE A 50 14.52 -4.06 6.06
CA ILE A 50 14.97 -3.24 7.18
C ILE A 50 16.22 -2.44 6.80
N ALA A 51 17.08 -3.06 6.00
CA ALA A 51 18.31 -2.41 5.57
C ALA A 51 17.99 -1.22 4.66
N LEU A 52 17.04 -1.41 3.75
CA LEU A 52 16.65 -0.36 2.84
C LEU A 52 16.17 0.87 3.60
N LEU A 53 15.44 0.64 4.68
CA LEU A 53 14.92 1.74 5.49
C LEU A 53 16.06 2.50 6.15
N MET A 54 17.12 1.79 6.50
CA MET A 54 18.27 2.42 7.14
C MET A 54 19.03 3.27 6.13
N LEU A 55 19.07 2.82 4.88
CA LEU A 55 19.77 3.57 3.83
C LEU A 55 19.09 4.91 3.58
N ASP A 56 17.76 4.93 3.71
CA ASP A 56 17.01 6.16 3.49
C ASP A 56 17.56 7.29 4.35
N SER A 57 18.02 6.94 5.55
CA SER A 57 18.58 7.93 6.47
C SER A 57 19.99 8.33 6.03
N ALA A 58 20.51 7.66 5.02
CA ALA A 58 21.84 7.95 4.51
C ALA A 58 21.79 9.12 3.53
N LYS A 59 20.82 10.01 3.71
CA LYS A 59 20.67 11.16 2.83
C LYS A 59 21.84 12.13 3.03
N GLY A 60 22.84 12.04 2.17
CA GLY A 60 23.99 12.92 2.26
C GLY A 60 25.21 12.17 2.81
N ARG A 61 25.04 10.86 3.00
CA ARG A 61 26.13 10.04 3.52
C ARG A 61 26.74 9.20 2.41
N GLN A 62 27.92 8.62 2.68
CA GLN A 62 28.59 7.79 1.70
C GLN A 62 28.35 6.31 1.98
N ILE A 63 28.17 5.53 0.93
CA ILE A 63 27.93 4.11 1.07
C ILE A 63 28.88 3.31 0.18
N GLU A 64 29.02 2.02 0.48
CA GLU A 64 29.90 1.15 -0.30
C GLU A 64 29.14 -0.06 -0.82
N VAL A 65 28.77 -0.02 -2.09
CA VAL A 65 28.03 -1.12 -2.70
C VAL A 65 28.99 -2.24 -3.11
N GLU A 66 28.66 -3.47 -2.70
CA GLU A 66 29.49 -4.62 -3.03
C GLU A 66 28.70 -5.66 -3.80
N ALA A 67 29.32 -6.26 -4.80
CA ALA A 67 28.66 -7.27 -5.61
C ALA A 67 29.61 -8.43 -5.92
N THR A 68 29.14 -9.65 -5.70
CA THR A 68 29.96 -10.83 -5.95
C THR A 68 29.28 -11.75 -6.95
N GLY A 69 30.07 -12.35 -7.83
CA GLY A 69 29.53 -13.26 -8.84
C GLY A 69 30.10 -12.94 -10.22
N PRO A 70 29.64 -13.62 -11.23
CA PRO A 70 30.10 -13.41 -12.63
C PRO A 70 29.57 -12.10 -13.22
N GLN A 71 28.33 -11.78 -12.89
CA GLN A 71 27.72 -10.55 -13.40
C GLN A 71 27.83 -9.44 -12.37
N GLU A 72 28.49 -9.72 -11.26
CA GLU A 72 28.67 -8.73 -10.21
C GLU A 72 28.82 -7.33 -10.80
N GLU A 73 29.57 -7.25 -11.89
CA GLU A 73 29.80 -5.96 -12.56
C GLU A 73 28.47 -5.35 -13.00
N GLU A 74 27.66 -6.14 -13.70
CA GLU A 74 26.36 -5.67 -14.18
C GLU A 74 25.50 -5.19 -13.02
N ALA A 75 25.35 -6.05 -12.01
CA ALA A 75 24.55 -5.70 -10.84
C ALA A 75 25.05 -4.39 -10.22
N LEU A 76 26.35 -4.30 -10.00
CA LEU A 76 26.94 -3.10 -9.42
C LEU A 76 26.78 -1.91 -10.35
N ALA A 77 27.03 -2.13 -11.64
CA ALA A 77 26.91 -1.07 -12.63
C ALA A 77 25.47 -0.58 -12.72
N ALA A 78 24.53 -1.52 -12.69
CA ALA A 78 23.11 -1.17 -12.76
C ALA A 78 22.72 -0.30 -11.57
N VAL A 79 23.19 -0.66 -10.38
CA VAL A 79 22.89 0.09 -9.18
C VAL A 79 23.52 1.48 -9.23
N ILE A 80 24.76 1.54 -9.67
CA ILE A 80 25.47 2.81 -9.78
C ILE A 80 24.80 3.72 -10.79
N ALA A 81 24.38 3.14 -11.91
CA ALA A 81 23.71 3.90 -12.95
C ALA A 81 22.39 4.47 -12.45
N LEU A 82 21.71 3.70 -11.61
CA LEU A 82 20.43 4.12 -11.06
C LEU A 82 20.64 5.20 -10.00
N PHE A 83 21.69 5.06 -9.22
CA PHE A 83 21.99 6.02 -8.17
C PHE A 83 22.45 7.34 -8.78
N ASN A 84 23.13 7.26 -9.91
CA ASN A 84 23.62 8.47 -10.59
C ASN A 84 22.49 9.12 -11.39
N SER A 85 21.36 8.44 -11.48
CA SER A 85 20.23 8.96 -12.23
C SER A 85 20.41 8.73 -13.72
N ARG B 2 -23.15 17.72 5.45
CA ARG B 2 -23.14 19.15 5.87
C ARG B 2 -21.85 19.44 6.63
N ILE B 3 -20.74 18.95 6.10
CA ILE B 3 -19.44 19.16 6.74
C ILE B 3 -18.40 19.59 5.70
N ARG B 4 -17.39 20.32 6.15
CA ARG B 4 -16.34 20.78 5.26
C ARG B 4 -15.13 19.85 5.32
N ALA B 5 -14.79 19.26 4.17
CA ALA B 5 -13.66 18.35 4.10
C ALA B 5 -12.62 18.86 3.11
N LEU B 6 -11.38 18.37 3.25
CA LEU B 6 -10.30 18.80 2.37
C LEU B 6 -10.39 18.05 1.03
N PRO B 7 -10.60 18.77 -0.03
CA PRO B 7 -10.70 18.19 -1.40
C PRO B 7 -9.35 17.70 -1.92
N ALA B 8 -9.22 16.38 -2.07
CA ALA B 8 -7.98 15.80 -2.56
C ALA B 8 -8.02 15.65 -4.07
N ALA B 9 -9.21 15.36 -4.60
CA ALA B 9 -9.38 15.20 -6.04
C ALA B 9 -10.74 15.70 -6.49
N PRO B 10 -10.77 16.77 -7.22
CA PRO B 10 -12.04 17.38 -7.73
C PRO B 10 -12.96 16.34 -8.35
N GLY B 11 -14.24 16.68 -8.47
CA GLY B 11 -15.22 15.77 -9.04
C GLY B 11 -16.32 15.45 -8.04
N VAL B 12 -17.42 14.90 -8.53
CA VAL B 12 -18.55 14.55 -7.67
C VAL B 12 -18.80 13.05 -7.70
N ALA B 13 -19.49 12.55 -6.68
CA ALA B 13 -19.79 11.12 -6.61
C ALA B 13 -21.09 10.89 -5.82
N ILE B 14 -21.91 9.97 -6.31
CA ILE B 14 -23.16 9.66 -5.64
C ILE B 14 -23.35 8.14 -5.52
N ALA B 15 -23.51 7.67 -4.28
CA ALA B 15 -23.68 6.25 -4.04
C ALA B 15 -23.69 5.95 -2.54
N GLU B 16 -23.90 4.69 -2.19
CA GLU B 16 -23.93 4.29 -0.79
C GLU B 16 -22.52 4.21 -0.22
N GLY B 17 -22.40 4.23 1.10
CA GLY B 17 -21.10 4.16 1.75
C GLY B 17 -20.82 2.75 2.25
N TRP B 18 -19.56 2.35 2.17
CA TRP B 18 -19.17 1.02 2.62
C TRP B 18 -17.98 1.10 3.58
N GLN B 19 -18.01 0.29 4.63
CA GLN B 19 -16.93 0.28 5.61
C GLN B 19 -15.72 -0.47 5.06
N ASP B 20 -14.54 0.11 5.26
CA ASP B 20 -13.30 -0.51 4.78
C ASP B 20 -13.13 -1.89 5.39
N ALA B 21 -12.63 -2.83 4.59
CA ALA B 21 -12.42 -4.19 5.06
C ALA B 21 -11.27 -4.24 6.07
N THR B 22 -10.90 -3.07 6.59
CA THR B 22 -9.82 -2.99 7.56
C THR B 22 -10.36 -3.14 8.97
N LEU B 23 -10.15 -4.32 9.57
CA LEU B 23 -10.61 -4.58 10.92
C LEU B 23 -9.54 -5.29 11.72
N PRO B 24 -9.68 -5.29 13.03
CA PRO B 24 -8.70 -5.94 13.94
C PRO B 24 -8.79 -7.46 13.91
N LEU B 25 -7.70 -8.10 13.53
CA LEU B 25 -7.67 -9.55 13.45
C LEU B 25 -6.97 -10.15 14.68
N MET B 26 -6.55 -9.27 15.59
CA MET B 26 -5.87 -9.72 16.80
C MET B 26 -6.76 -10.68 17.59
N GLU B 27 -8.04 -10.35 17.68
CA GLU B 27 -8.98 -11.20 18.40
C GLU B 27 -9.81 -12.04 17.44
N GLN B 28 -9.66 -11.76 16.15
CA GLN B 28 -10.40 -12.51 15.13
C GLN B 28 -9.77 -13.88 14.93
N VAL B 29 -8.52 -14.02 15.31
CA VAL B 29 -7.81 -15.29 15.15
C VAL B 29 -7.70 -16.01 16.50
N TYR B 30 -7.71 -17.34 16.46
CA TYR B 30 -7.60 -18.13 17.68
C TYR B 30 -7.62 -19.62 17.35
N GLN B 31 -6.62 -20.34 17.86
CA GLN B 31 -6.54 -21.78 17.61
C GLN B 31 -5.99 -22.50 18.84
N ALA B 32 -5.96 -23.83 18.77
CA ALA B 32 -5.46 -24.62 19.88
C ALA B 32 -3.94 -24.54 19.96
N SER B 33 -3.33 -25.43 20.75
CA SER B 33 -1.89 -25.45 20.90
C SER B 33 -1.30 -26.72 20.29
N THR B 34 -0.88 -26.62 19.03
CA THR B 34 -0.30 -27.76 18.34
C THR B 34 0.70 -27.31 17.28
N LEU B 35 1.94 -27.76 17.41
CA LEU B 35 2.98 -27.39 16.46
C LEU B 35 3.07 -28.41 15.33
N ASP B 36 3.24 -27.93 14.11
CA ASP B 36 3.34 -28.82 12.95
C ASP B 36 4.13 -28.16 11.83
N PRO B 37 5.38 -28.51 11.70
CA PRO B 37 6.27 -27.95 10.65
C PRO B 37 5.92 -28.47 9.26
N ALA B 38 5.12 -29.53 9.21
CA ALA B 38 4.71 -30.12 7.94
C ALA B 38 3.41 -29.50 7.46
N LEU B 39 2.39 -29.53 8.30
CA LEU B 39 1.09 -28.96 7.95
C LEU B 39 1.17 -27.44 7.91
N GLU B 40 1.89 -26.87 8.87
CA GLU B 40 2.04 -25.42 8.93
C GLU B 40 2.87 -24.91 7.76
N ARG B 41 4.03 -25.53 7.55
CA ARG B 41 4.91 -25.12 6.45
C ARG B 41 4.15 -25.14 5.13
N GLU B 42 3.57 -26.29 4.80
CA GLU B 42 2.82 -26.42 3.56
C GLU B 42 1.60 -25.50 3.57
N ARG B 43 0.89 -25.50 4.69
CA ARG B 43 -0.30 -24.66 4.82
C ARG B 43 0.05 -23.19 4.55
N LEU B 44 1.16 -22.75 5.12
CA LEU B 44 1.60 -21.36 4.93
C LEU B 44 2.09 -21.15 3.50
N THR B 45 3.05 -21.98 3.08
CA THR B 45 3.60 -21.87 1.74
C THR B 45 2.49 -21.91 0.69
N GLY B 46 1.64 -22.93 0.78
CA GLY B 46 0.54 -23.07 -0.16
C GLY B 46 -0.34 -21.83 -0.15
N ALA B 47 -0.50 -21.22 1.02
CA ALA B 47 -1.32 -20.02 1.15
C ALA B 47 -0.61 -18.82 0.52
N LEU B 48 0.70 -18.74 0.72
CA LEU B 48 1.49 -17.64 0.17
C LEU B 48 1.33 -17.58 -1.34
N GLU B 49 1.61 -18.70 -2.00
CA GLU B 49 1.49 -18.77 -3.45
C GLU B 49 0.14 -18.25 -3.91
N GLU B 50 -0.88 -18.46 -3.08
CA GLU B 50 -2.23 -18.00 -3.41
C GLU B 50 -2.35 -16.49 -3.22
N ALA B 51 -1.59 -15.96 -2.27
CA ALA B 51 -1.61 -14.53 -2.00
C ALA B 51 -0.49 -13.82 -2.75
N ALA B 52 0.72 -14.37 -2.65
CA ALA B 52 1.87 -13.78 -3.33
C ALA B 52 1.61 -13.67 -4.82
N ASN B 53 1.20 -14.77 -5.44
CA ASN B 53 0.92 -14.78 -6.87
C ASN B 53 -0.27 -13.88 -7.18
N GLU B 54 -1.22 -13.82 -6.25
CA GLU B 54 -2.40 -13.00 -6.44
C GLU B 54 -2.03 -11.52 -6.49
N PHE B 55 -1.06 -11.13 -5.67
CA PHE B 55 -0.62 -9.74 -5.63
C PHE B 55 0.09 -9.36 -6.93
N ARG B 56 1.00 -10.23 -7.38
CA ARG B 56 1.74 -9.98 -8.62
C ARG B 56 0.78 -9.89 -9.79
N ARG B 57 -0.22 -10.77 -9.81
CA ARG B 57 -1.20 -10.78 -10.89
C ARG B 57 -2.09 -9.54 -10.81
N TYR B 58 -2.41 -9.12 -9.59
CA TYR B 58 -3.26 -7.96 -9.40
C TYR B 58 -2.66 -6.73 -10.08
N SER B 59 -1.36 -6.51 -9.86
CA SER B 59 -0.67 -5.38 -10.46
C SER B 59 -0.71 -5.48 -11.98
N LYS B 60 -0.35 -6.65 -12.50
CA LYS B 60 -0.34 -6.88 -13.94
C LYS B 60 -1.59 -6.27 -14.57
N ARG B 61 -2.74 -6.46 -13.92
CA ARG B 61 -3.99 -5.94 -14.43
C ARG B 61 -4.10 -4.44 -14.16
N PHE B 62 -3.79 -4.05 -12.92
CA PHE B 62 -3.86 -2.65 -12.54
C PHE B 62 -2.96 -1.81 -13.44
N ALA B 63 -1.70 -2.23 -13.57
CA ALA B 63 -0.75 -1.51 -14.40
C ALA B 63 -1.28 -1.37 -15.83
N ALA B 64 -1.95 -2.42 -16.31
CA ALA B 64 -2.50 -2.39 -17.66
C ALA B 64 -3.50 -1.26 -17.81
N GLY B 65 -3.97 -0.74 -16.68
CA GLY B 65 -4.94 0.35 -16.69
C GLY B 65 -4.51 1.48 -15.75
N ALA B 66 -4.99 1.41 -14.51
CA ALA B 66 -4.64 2.42 -13.52
C ALA B 66 -3.34 3.13 -13.90
N GLN B 67 -2.38 3.12 -12.96
CA GLN B 67 -1.09 3.76 -13.22
C GLN B 67 0.05 2.84 -12.80
N LYS B 68 1.25 3.18 -13.24
CA LYS B 68 2.42 2.38 -12.91
C LYS B 68 2.68 2.39 -11.40
N GLU B 69 2.31 3.50 -10.76
CA GLU B 69 2.52 3.64 -9.32
C GLU B 69 2.06 2.37 -8.60
N THR B 70 0.91 1.85 -8.99
CA THR B 70 0.37 0.65 -8.38
C THR B 70 1.36 -0.51 -8.51
N ALA B 71 1.78 -0.79 -9.74
CA ALA B 71 2.72 -1.87 -9.99
C ALA B 71 3.98 -1.67 -9.15
N ALA B 72 4.49 -0.45 -9.11
CA ALA B 72 5.69 -0.15 -8.34
C ALA B 72 5.52 -0.58 -6.90
N ILE B 73 4.40 -0.21 -6.29
CA ILE B 73 4.13 -0.55 -4.90
C ILE B 73 3.94 -2.06 -4.76
N PHE B 74 3.03 -2.62 -5.55
CA PHE B 74 2.76 -4.06 -5.49
C PHE B 74 4.04 -4.84 -5.79
N ASP B 75 4.69 -4.50 -6.90
CA ASP B 75 5.92 -5.18 -7.28
C ASP B 75 6.87 -5.30 -6.09
N LEU B 76 6.91 -4.26 -5.27
CA LEU B 76 7.77 -4.25 -4.09
C LEU B 76 7.29 -5.28 -3.07
N TYR B 77 5.98 -5.34 -2.87
CA TYR B 77 5.40 -6.28 -1.92
C TYR B 77 5.50 -7.71 -2.45
N SER B 78 5.23 -7.88 -3.74
CA SER B 78 5.28 -9.20 -4.35
C SER B 78 6.64 -9.86 -4.08
N HIS B 79 7.71 -9.07 -4.20
CA HIS B 79 9.04 -9.59 -3.97
C HIS B 79 9.32 -9.75 -2.47
N LEU B 80 8.67 -8.89 -1.67
CA LEU B 80 8.85 -8.95 -0.22
C LEU B 80 8.15 -10.18 0.36
N LEU B 81 6.84 -10.25 0.17
CA LEU B 81 6.07 -11.38 0.68
C LEU B 81 6.65 -12.70 0.18
N SER B 82 7.13 -12.69 -1.06
CA SER B 82 7.71 -13.89 -1.65
C SER B 82 9.15 -14.07 -1.18
N ASP B 83 9.72 -13.03 -0.59
CA ASP B 83 11.09 -13.09 -0.11
C ASP B 83 11.24 -14.15 0.98
N THR B 84 11.99 -15.20 0.68
CA THR B 84 12.19 -16.28 1.64
C THR B 84 12.47 -15.71 3.03
N ARG B 85 12.28 -14.40 3.18
CA ARG B 85 12.52 -13.75 4.46
C ARG B 85 11.31 -13.92 5.37
N LEU B 86 10.15 -13.47 4.90
CA LEU B 86 8.92 -13.57 5.68
C LEU B 86 8.57 -15.03 5.94
N ARG B 87 8.73 -15.85 4.92
CA ARG B 87 8.43 -17.28 5.05
C ARG B 87 9.29 -17.92 6.13
N ARG B 88 10.58 -17.57 6.14
CA ARG B 88 11.51 -18.11 7.12
C ARG B 88 11.07 -17.74 8.53
N GLU B 89 10.64 -16.49 8.70
CA GLU B 89 10.20 -16.01 10.01
C GLU B 89 9.07 -16.88 10.55
N LEU B 90 8.06 -17.09 9.72
CA LEU B 90 6.91 -17.91 10.13
C LEU B 90 7.37 -19.30 10.53
N PHE B 91 7.98 -20.01 9.60
CA PHE B 91 8.46 -21.37 9.87
C PHE B 91 9.36 -21.38 11.10
N ALA B 92 10.14 -20.32 11.27
CA ALA B 92 11.04 -20.23 12.42
C ALA B 92 10.26 -20.26 13.72
N GLU B 93 9.11 -19.58 13.73
CA GLU B 93 8.28 -19.53 14.92
C GLU B 93 7.55 -20.86 15.13
N VAL B 94 6.97 -21.37 14.05
CA VAL B 94 6.25 -22.64 14.11
C VAL B 94 7.18 -23.77 14.56
N ASP B 95 8.36 -23.83 13.97
CA ASP B 95 9.33 -24.85 14.32
C ASP B 95 9.75 -24.74 15.79
N LYS B 96 9.39 -23.61 16.40
CA LYS B 96 9.72 -23.38 17.81
C LYS B 96 8.63 -23.95 18.72
N GLY B 97 7.44 -24.13 18.16
CA GLY B 97 6.32 -24.67 18.93
C GLY B 97 5.16 -23.69 18.95
N SER B 98 5.10 -22.82 17.95
CA SER B 98 4.03 -21.84 17.86
C SER B 98 3.11 -22.15 16.69
N VAL B 99 1.93 -21.52 16.67
CA VAL B 99 0.97 -21.74 15.61
C VAL B 99 1.07 -20.64 14.56
N ALA B 100 0.81 -20.99 13.30
CA ALA B 100 0.88 -20.03 12.21
C ALA B 100 -0.06 -18.86 12.47
N GLU B 101 -1.29 -19.17 12.88
CA GLU B 101 -2.28 -18.13 13.16
C GLU B 101 -1.64 -16.96 13.91
N TRP B 102 -0.95 -17.28 15.00
CA TRP B 102 -0.29 -16.26 15.80
C TRP B 102 1.07 -15.92 15.22
N ALA B 103 1.72 -16.91 14.63
CA ALA B 103 3.04 -16.71 14.03
C ALA B 103 2.98 -15.63 12.96
N VAL B 104 1.99 -15.73 12.07
CA VAL B 104 1.84 -14.75 11.00
C VAL B 104 1.36 -13.42 11.55
N LYS B 105 0.50 -13.48 12.57
CA LYS B 105 -0.03 -12.27 13.17
C LYS B 105 1.06 -11.54 13.95
N THR B 106 1.83 -12.28 14.72
CA THR B 106 2.92 -11.69 15.50
C THR B 106 4.07 -11.27 14.59
N VAL B 107 4.49 -12.17 13.72
CA VAL B 107 5.58 -11.89 12.80
C VAL B 107 5.26 -10.66 11.95
N ILE B 108 4.13 -10.73 11.24
CA ILE B 108 3.72 -9.62 10.38
C ILE B 108 3.56 -8.35 11.20
N GLU B 109 3.00 -8.48 12.40
CA GLU B 109 2.80 -7.33 13.27
C GLU B 109 4.12 -6.91 13.92
N LYS B 110 4.91 -7.89 14.33
CA LYS B 110 6.20 -7.61 14.96
C LYS B 110 7.11 -6.83 14.01
N PHE B 111 7.07 -7.19 12.74
CA PHE B 111 7.88 -6.52 11.74
C PHE B 111 7.24 -5.21 11.31
N ALA B 112 5.92 -5.14 11.42
CA ALA B 112 5.19 -3.93 11.05
C ALA B 112 5.49 -2.80 12.02
N GLU B 113 6.10 -3.14 13.16
CA GLU B 113 6.44 -2.14 14.16
C GLU B 113 7.72 -1.43 13.80
N GLN B 114 8.74 -2.19 13.40
CA GLN B 114 10.03 -1.61 13.02
C GLN B 114 9.85 -0.65 11.85
N PHE B 115 9.06 -1.06 10.87
CA PHE B 115 8.83 -0.22 9.69
C PHE B 115 8.06 1.04 10.08
N ALA B 116 7.16 0.90 11.05
CA ALA B 116 6.36 2.04 11.50
C ALA B 116 7.20 2.95 12.40
N ALA B 117 8.30 2.42 12.91
CA ALA B 117 9.17 3.19 13.78
C ALA B 117 10.26 3.88 12.97
N LEU B 118 10.47 3.41 11.75
CA LEU B 118 11.49 4.00 10.88
C LEU B 118 11.30 5.52 10.78
N SER B 119 12.38 6.21 10.40
CA SER B 119 12.32 7.66 10.27
C SER B 119 11.76 8.06 8.92
N ASP B 120 12.30 7.46 7.86
CA ASP B 120 11.84 7.75 6.51
C ASP B 120 10.33 7.63 6.41
N ASN B 121 9.65 8.73 6.11
CA ASN B 121 8.20 8.73 5.98
C ASN B 121 7.78 8.02 4.70
N TYR B 122 8.49 8.30 3.62
CA TYR B 122 8.19 7.69 2.33
C TYR B 122 8.08 6.17 2.47
N LEU B 123 8.95 5.59 3.29
CA LEU B 123 8.94 4.15 3.50
C LEU B 123 7.99 3.79 4.63
N LYS B 124 7.99 4.60 5.69
CA LYS B 124 7.12 4.34 6.83
C LYS B 124 5.77 3.78 6.36
N GLU B 125 5.26 4.34 5.25
CA GLU B 125 3.99 3.89 4.71
C GLU B 125 4.00 2.38 4.53
N ARG B 126 5.13 1.84 4.07
CA ARG B 126 5.25 0.41 3.85
C ARG B 126 4.68 -0.35 5.05
N ALA B 127 4.98 0.13 6.25
CA ALA B 127 4.49 -0.52 7.46
C ALA B 127 2.99 -0.74 7.37
N GLY B 128 2.27 0.30 6.97
CA GLY B 128 0.82 0.22 6.84
C GLY B 128 0.43 -0.87 5.84
N ASP B 129 1.19 -0.95 4.76
CA ASP B 129 0.93 -1.95 3.73
C ASP B 129 1.11 -3.36 4.30
N LEU B 130 2.18 -3.54 5.06
CA LEU B 130 2.46 -4.84 5.68
C LEU B 130 1.27 -5.30 6.50
N ARG B 131 0.76 -4.41 7.36
CA ARG B 131 -0.38 -4.74 8.20
C ARG B 131 -1.56 -5.17 7.32
N ALA B 132 -1.76 -4.46 6.22
CA ALA B 132 -2.85 -4.78 5.31
C ALA B 132 -2.56 -6.10 4.59
N LEU B 133 -1.29 -6.34 4.29
CA LEU B 133 -0.90 -7.56 3.61
C LEU B 133 -1.24 -8.77 4.47
N GLY B 134 -0.96 -8.67 5.76
CA GLY B 134 -1.25 -9.76 6.68
C GLY B 134 -2.72 -10.15 6.61
N GLN B 135 -3.59 -9.14 6.61
CA GLN B 135 -5.02 -9.37 6.54
C GLN B 135 -5.38 -10.07 5.24
N ARG B 136 -4.74 -9.65 4.15
CA ARG B 136 -5.00 -10.25 2.84
C ARG B 136 -4.61 -11.73 2.86
N LEU B 137 -3.48 -12.03 3.49
CA LEU B 137 -3.02 -13.41 3.57
C LEU B 137 -3.96 -14.23 4.44
N LEU B 138 -4.53 -13.59 5.45
CA LEU B 138 -5.46 -14.27 6.36
C LEU B 138 -6.68 -14.75 5.59
N PHE B 139 -7.16 -13.92 4.67
CA PHE B 139 -8.33 -14.26 3.87
C PHE B 139 -8.02 -15.46 2.97
N HIS B 140 -6.84 -15.46 2.38
CA HIS B 140 -6.43 -16.55 1.50
C HIS B 140 -6.06 -17.78 2.32
N LEU B 141 -5.58 -17.55 3.54
CA LEU B 141 -5.20 -18.64 4.42
C LEU B 141 -6.39 -19.55 4.72
N ASP B 142 -7.59 -19.03 4.45
CA ASP B 142 -8.80 -19.79 4.69
C ASP B 142 -9.52 -20.08 3.38
N ASP B 143 -9.58 -21.35 3.00
CA ASP B 143 -10.25 -21.74 1.76
C ASP B 143 -11.62 -21.08 1.66
N ALA B 144 -11.99 -20.34 2.69
CA ALA B 144 -13.28 -19.66 2.70
C ALA B 144 -13.31 -18.54 1.67
N ASN B 145 -12.13 -18.10 1.26
CA ASN B 145 -12.03 -17.03 0.27
C ASN B 145 -10.66 -17.02 -0.38
N GLN B 146 -10.63 -16.90 -1.70
CA GLN B 146 -9.38 -16.89 -2.44
C GLN B 146 -9.03 -15.47 -2.88
N GLY B 147 -9.44 -14.49 -2.08
CA GLY B 147 -9.17 -13.09 -2.40
C GLY B 147 -10.44 -12.36 -2.81
N PRO B 148 -10.57 -12.06 -4.07
CA PRO B 148 -11.76 -11.35 -4.61
C PRO B 148 -12.99 -12.25 -4.67
N ASN B 149 -14.17 -11.63 -4.73
CA ASN B 149 -15.42 -12.39 -4.79
C ASN B 149 -16.47 -11.64 -5.61
N ALA B 150 -17.64 -11.44 -5.02
CA ALA B 150 -18.71 -10.74 -5.71
C ALA B 150 -18.84 -9.32 -5.18
N TRP B 151 -18.24 -8.37 -5.90
CA TRP B 151 -18.30 -6.97 -5.50
C TRP B 151 -19.39 -6.23 -6.26
N PRO B 152 -19.96 -5.22 -5.65
CA PRO B 152 -21.05 -4.41 -6.27
C PRO B 152 -20.52 -3.50 -7.38
N GLU B 153 -21.42 -3.11 -8.28
CA GLU B 153 -21.04 -2.24 -9.39
C GLU B 153 -21.10 -0.78 -8.98
N ARG B 154 -21.74 -0.52 -7.84
CA ARG B 154 -21.87 0.85 -7.34
C ARG B 154 -21.67 0.88 -5.83
N PHE B 155 -20.72 1.69 -5.38
CA PHE B 155 -20.45 1.80 -3.95
C PHE B 155 -19.26 2.73 -3.71
N ILE B 156 -19.19 3.29 -2.50
CA ILE B 156 -18.10 4.20 -2.15
C ILE B 156 -17.24 3.59 -1.04
N LEU B 157 -15.94 3.84 -1.11
CA LEU B 157 -15.02 3.32 -0.10
C LEU B 157 -14.76 4.36 0.99
N VAL B 158 -15.10 4.01 2.23
CA VAL B 158 -14.89 4.93 3.35
C VAL B 158 -13.91 4.34 4.35
N ALA B 159 -12.70 4.88 4.37
CA ALA B 159 -11.68 4.39 5.29
C ALA B 159 -10.93 5.57 5.92
N ASP B 160 -10.36 5.33 7.09
CA ASP B 160 -9.62 6.37 7.79
C ASP B 160 -8.37 6.76 7.01
N GLU B 161 -7.86 5.83 6.21
CA GLU B 161 -6.67 6.08 5.42
C GLU B 161 -6.69 5.24 4.14
N LEU B 162 -6.55 5.91 3.00
CA LEU B 162 -6.56 5.22 1.72
C LEU B 162 -5.23 4.50 1.49
N SER B 163 -5.30 3.19 1.26
CA SER B 163 -4.09 2.40 1.04
C SER B 163 -4.20 1.62 -0.27
N ALA B 164 -3.12 1.62 -1.03
CA ALA B 164 -3.10 0.91 -2.31
C ALA B 164 -3.56 -0.53 -2.13
N THR B 165 -3.11 -1.16 -1.05
CA THR B 165 -3.49 -2.54 -0.77
C THR B 165 -5.00 -2.71 -0.82
N THR B 166 -5.71 -1.75 -0.23
CA THR B 166 -7.17 -1.81 -0.20
C THR B 166 -7.73 -1.84 -1.63
N LEU B 167 -7.27 -0.90 -2.45
CA LEU B 167 -7.72 -0.83 -3.84
C LEU B 167 -7.50 -2.16 -4.54
N ALA B 168 -6.35 -2.77 -4.29
CA ALA B 168 -6.04 -4.05 -4.92
C ALA B 168 -6.98 -5.14 -4.42
N GLU B 169 -7.99 -4.73 -3.66
CA GLU B 169 -8.96 -5.68 -3.13
C GLU B 169 -10.30 -5.54 -3.85
N LEU B 170 -10.68 -4.30 -4.13
CA LEU B 170 -11.95 -4.04 -4.81
C LEU B 170 -11.70 -3.40 -6.18
N PRO B 171 -12.10 -4.05 -7.22
CA PRO B 171 -11.93 -3.55 -8.61
C PRO B 171 -12.35 -2.09 -8.75
N GLN B 172 -11.84 -1.43 -9.79
CA GLN B 172 -12.18 -0.03 -10.02
C GLN B 172 -13.63 0.11 -10.45
N ASP B 173 -14.26 -1.01 -10.77
CA ASP B 173 -15.66 -1.00 -11.19
C ASP B 173 -16.57 -0.69 -10.01
N ARG B 174 -16.25 -1.25 -8.86
CA ARG B 174 -17.05 -1.02 -7.66
C ARG B 174 -16.63 0.27 -6.97
N LEU B 175 -15.41 0.71 -7.26
CA LEU B 175 -14.88 1.93 -6.66
C LEU B 175 -15.26 3.14 -7.52
N VAL B 176 -16.32 3.84 -7.11
CA VAL B 176 -16.78 5.02 -7.85
C VAL B 176 -16.63 6.27 -6.99
N GLY B 177 -15.95 6.13 -5.86
CA GLY B 177 -15.74 7.27 -4.97
C GLY B 177 -14.88 6.87 -3.78
N VAL B 178 -14.21 7.86 -3.19
CA VAL B 178 -13.35 7.61 -2.04
C VAL B 178 -13.51 8.71 -1.00
N VAL B 179 -13.46 8.32 0.27
CA VAL B 179 -13.61 9.27 1.36
C VAL B 179 -12.71 8.89 2.54
N VAL B 180 -11.76 9.77 2.86
CA VAL B 180 -10.84 9.51 3.95
C VAL B 180 -11.12 10.47 5.12
N ARG B 181 -10.86 10.00 6.33
CA ARG B 181 -11.09 10.81 7.52
C ARG B 181 -9.85 11.64 7.84
N ASP B 182 -8.67 11.04 7.67
CA ASP B 182 -7.43 11.72 7.96
C ASP B 182 -6.38 11.40 6.89
N GLY B 183 -5.46 10.52 7.23
CA GLY B 183 -4.41 10.12 6.29
C GLY B 183 -3.70 11.35 5.72
N ALA B 184 -2.52 11.13 5.14
CA ALA B 184 -1.76 12.23 4.56
C ALA B 184 -2.18 12.47 3.12
N ALA B 185 -1.88 13.65 2.61
CA ALA B 185 -2.23 13.99 1.23
C ALA B 185 -1.15 13.53 0.27
N ASN B 186 -0.05 13.03 0.82
CA ASN B 186 1.06 12.55 -0.01
C ASN B 186 1.03 11.03 -0.13
N SER B 187 0.04 10.42 0.53
CA SER B 187 -0.09 8.96 0.49
C SER B 187 -0.03 8.46 -0.95
N GLN B 188 0.46 7.23 -1.11
CA GLN B 188 0.55 6.63 -2.44
C GLN B 188 -0.83 6.42 -3.05
N ALA B 189 -1.72 5.83 -2.27
CA ALA B 189 -3.08 5.58 -2.73
C ALA B 189 -3.77 6.89 -3.11
N ALA B 190 -3.61 7.90 -2.26
CA ALA B 190 -4.22 9.20 -2.52
C ALA B 190 -3.76 9.75 -3.87
N ILE B 191 -2.48 9.57 -4.17
CA ILE B 191 -1.93 10.05 -5.43
C ILE B 191 -2.42 9.21 -6.59
N MET B 192 -2.65 7.93 -6.33
CA MET B 192 -3.13 7.02 -7.36
C MET B 192 -4.52 7.43 -7.83
N VAL B 193 -5.43 7.61 -6.89
CA VAL B 193 -6.80 8.01 -7.22
C VAL B 193 -6.80 9.36 -7.94
N ARG B 194 -6.01 10.30 -7.41
CA ARG B 194 -5.94 11.63 -8.01
C ARG B 194 -5.52 11.54 -9.48
N ALA B 195 -4.41 10.85 -9.72
CA ALA B 195 -3.91 10.69 -11.08
C ALA B 195 -4.87 9.84 -11.92
N LEU B 196 -5.61 8.97 -11.23
CA LEU B 196 -6.56 8.10 -11.92
C LEU B 196 -7.77 8.90 -12.39
N GLY B 197 -8.09 9.98 -11.66
CA GLY B 197 -9.22 10.82 -12.01
C GLY B 197 -10.47 10.40 -11.24
N ILE B 198 -10.27 9.93 -10.00
CA ILE B 198 -11.39 9.50 -9.17
C ILE B 198 -11.56 10.43 -7.98
N PRO B 199 -12.75 10.96 -7.81
CA PRO B 199 -13.06 11.89 -6.69
C PRO B 199 -12.56 11.37 -5.34
N THR B 200 -11.89 12.22 -4.59
CA THR B 200 -11.37 11.84 -3.29
C THR B 200 -11.49 12.99 -2.30
N VAL B 201 -11.96 12.67 -1.09
CA VAL B 201 -12.12 13.69 -0.06
C VAL B 201 -11.48 13.23 1.25
N MET B 202 -10.95 14.19 2.01
CA MET B 202 -10.31 13.87 3.27
C MET B 202 -10.78 14.83 4.36
N GLY B 203 -10.66 14.40 5.62
CA GLY B 203 -11.07 15.22 6.75
C GLY B 203 -12.41 14.75 7.30
N ALA B 204 -13.05 13.82 6.59
CA ALA B 204 -14.34 13.29 7.02
C ALA B 204 -14.27 12.82 8.46
N ASP B 205 -14.98 13.50 9.35
CA ASP B 205 -14.99 13.13 10.76
C ASP B 205 -16.30 12.42 11.12
N ILE B 206 -16.71 11.49 10.27
CA ILE B 206 -17.94 10.74 10.51
C ILE B 206 -17.67 9.25 10.52
N GLN B 207 -18.32 8.53 11.42
CA GLN B 207 -18.15 7.09 11.52
C GLN B 207 -18.84 6.38 10.36
N PRO B 208 -18.07 5.79 9.49
CA PRO B 208 -18.62 5.06 8.30
C PRO B 208 -19.74 4.09 8.68
N SER B 209 -19.73 3.63 9.93
CA SER B 209 -20.75 2.72 10.41
C SER B 209 -22.14 3.22 10.07
N VAL B 210 -22.30 4.54 10.06
CA VAL B 210 -23.59 5.15 9.74
C VAL B 210 -23.76 5.30 8.23
N LEU B 211 -22.64 5.44 7.52
CA LEU B 211 -22.68 5.59 6.08
C LEU B 211 -23.20 4.31 5.42
N HIS B 212 -23.08 3.19 6.14
CA HIS B 212 -23.54 1.92 5.61
C HIS B 212 -24.28 2.11 4.29
N ARG B 213 -25.57 1.81 4.31
CA ARG B 213 -26.39 1.95 3.10
C ARG B 213 -26.96 3.36 3.01
N ARG B 214 -26.37 4.29 3.76
CA ARG B 214 -26.84 5.67 3.74
C ARG B 214 -26.39 6.37 2.47
N THR B 215 -27.24 7.26 1.96
CA THR B 215 -26.91 8.00 0.75
C THR B 215 -25.79 9.00 0.99
N LEU B 216 -24.72 8.89 0.22
CA LEU B 216 -23.58 9.79 0.37
C LEU B 216 -23.39 10.61 -0.90
N ILE B 217 -23.02 11.88 -0.72
CA ILE B 217 -22.80 12.77 -1.86
C ILE B 217 -21.57 13.64 -1.64
N VAL B 218 -20.47 13.28 -2.27
CA VAL B 218 -19.23 14.03 -2.13
C VAL B 218 -19.10 15.08 -3.24
N ASP B 219 -18.31 16.11 -3.00
CA ASP B 219 -18.13 17.17 -3.98
C ASP B 219 -16.68 17.65 -3.98
N GLY B 220 -15.81 16.88 -4.63
CA GLY B 220 -14.40 17.24 -4.70
C GLY B 220 -14.23 18.73 -4.93
N TYR B 221 -14.86 19.24 -5.97
CA TYR B 221 -14.77 20.66 -6.30
C TYR B 221 -14.86 21.50 -5.03
N ARG B 222 -15.94 21.33 -4.28
CA ARG B 222 -16.13 22.08 -3.04
C ARG B 222 -15.66 21.26 -1.85
N GLY B 223 -15.05 20.11 -2.12
CA GLY B 223 -14.56 19.24 -1.05
C GLY B 223 -15.52 19.24 0.13
N GLU B 224 -16.79 18.93 -0.14
CA GLU B 224 -17.80 18.89 0.91
C GLU B 224 -18.43 17.52 1.00
N LEU B 225 -18.98 17.19 2.17
CA LEU B 225 -19.62 15.90 2.38
C LEU B 225 -21.00 16.07 2.99
N LEU B 226 -22.03 15.77 2.21
CA LEU B 226 -23.41 15.92 2.68
C LEU B 226 -24.03 14.54 2.92
N VAL B 227 -25.24 14.54 3.48
CA VAL B 227 -25.94 13.29 3.76
C VAL B 227 -27.43 13.43 3.48
N ASP B 228 -27.94 12.62 2.56
CA ASP B 228 -29.36 12.67 2.22
C ASP B 228 -29.91 14.07 2.44
N PRO B 229 -29.34 15.05 1.80
CA PRO B 229 -29.79 16.47 1.93
C PRO B 229 -31.13 16.72 1.24
N GLU B 230 -31.69 17.90 1.46
CA GLU B 230 -32.97 18.25 0.86
C GLU B 230 -32.91 18.12 -0.65
N PRO B 231 -33.77 17.32 -1.22
CA PRO B 231 -33.82 17.09 -2.69
C PRO B 231 -33.79 18.41 -3.48
N VAL B 232 -34.49 19.41 -2.95
CA VAL B 232 -34.53 20.72 -3.60
C VAL B 232 -33.13 21.31 -3.71
N LEU B 233 -32.48 21.50 -2.57
CA LEU B 233 -31.14 22.06 -2.55
C LEU B 233 -30.25 21.37 -3.58
N LEU B 234 -30.27 20.05 -3.57
CA LEU B 234 -29.46 19.27 -4.51
C LEU B 234 -29.98 19.44 -5.93
N GLN B 235 -31.30 19.59 -6.06
CA GLN B 235 -31.92 19.75 -7.37
C GLN B 235 -31.48 21.07 -8.00
N GLU B 236 -31.63 22.16 -7.26
CA GLU B 236 -31.24 23.48 -7.76
C GLU B 236 -29.74 23.53 -8.04
N TYR B 237 -28.95 22.99 -7.11
CA TYR B 237 -27.50 22.98 -7.27
C TYR B 237 -27.12 22.54 -8.69
N GLN B 238 -27.76 21.48 -9.16
CA GLN B 238 -27.49 20.95 -10.50
C GLN B 238 -27.83 22.01 -11.56
N ARG B 239 -28.94 22.72 -11.34
CA ARG B 239 -29.36 23.75 -12.29
C ARG B 239 -28.46 24.97 -12.18
N LEU B 240 -28.09 25.33 -10.96
CA LEU B 240 -27.24 26.49 -10.73
C LEU B 240 -25.92 26.35 -11.50
N ILE B 241 -25.30 25.19 -11.38
CA ILE B 241 -24.04 24.94 -12.06
C ILE B 241 -24.21 25.06 -13.57
N SER B 242 -25.38 24.64 -14.06
CA SER B 242 -25.66 24.70 -15.49
C SER B 242 -25.54 26.14 -15.99
N GLU B 243 -25.84 27.10 -15.12
CA GLU B 243 -25.77 28.51 -15.49
C GLU B 243 -24.34 28.89 -15.87
N GLU B 244 -23.38 28.08 -15.42
CA GLU B 244 -21.98 28.35 -15.72
C GLU B 244 -21.44 29.43 -14.79
N ILE B 245 -21.79 29.34 -13.51
CA ILE B 245 -21.32 30.32 -12.53
C ILE B 245 -20.32 29.69 -11.57
N GLU B 246 -19.31 29.01 -12.12
CA GLU B 246 -18.30 28.36 -11.31
C GLU B 246 -16.96 28.34 -12.03
N LEU B 247 -16.81 27.40 -12.96
CA LEU B 247 -15.58 27.29 -13.71
C LEU B 247 -15.42 28.47 -14.67
N SER B 248 -16.29 29.45 -14.54
CA SER B 248 -16.25 30.63 -15.39
C SER B 248 -15.84 31.86 -14.59
N ARG B 249 -16.21 31.87 -13.31
CA ARG B 249 -15.89 32.99 -12.43
C ARG B 249 -15.15 32.50 -11.19
N LEU B 250 -15.45 31.29 -10.77
CA LEU B 250 -14.80 30.71 -9.59
C LEU B 250 -14.78 31.72 -8.45
N ALA B 251 -15.89 31.82 -7.73
CA ALA B 251 -16.00 32.74 -6.61
C ALA B 251 -17.02 32.26 -5.59
N GLU B 252 -16.99 32.84 -4.40
CA GLU B 252 -17.92 32.46 -3.35
C GLU B 252 -18.29 33.66 -2.49
N ASP B 253 -17.55 34.76 -2.66
CA ASP B 253 -17.81 35.97 -1.89
C ASP B 253 -18.69 36.92 -2.69
N ASP B 254 -18.91 38.11 -2.14
CA ASP B 254 -19.74 39.11 -2.80
C ASP B 254 -19.08 39.59 -4.09
N VAL B 255 -19.51 39.03 -5.21
CA VAL B 255 -18.95 39.41 -6.50
C VAL B 255 -19.23 40.88 -6.80
N ASN B 256 -20.48 41.29 -6.58
CA ASN B 256 -20.87 42.67 -6.84
C ASN B 256 -20.40 43.58 -5.70
N MET A 1 38.06 -13.02 -6.28
CA MET A 1 37.78 -12.31 -4.99
C MET A 1 36.55 -11.44 -5.14
N THR A 2 36.21 -10.72 -4.08
CA THR A 2 35.03 -9.84 -4.11
C THR A 2 35.38 -8.51 -4.77
N VAL A 3 34.35 -7.80 -5.24
CA VAL A 3 34.56 -6.52 -5.90
C VAL A 3 33.57 -5.49 -5.37
N LYS A 4 34.09 -4.45 -4.72
CA LYS A 4 33.25 -3.40 -4.17
C LYS A 4 33.65 -2.04 -4.72
N GLN A 5 32.87 -1.01 -4.40
CA GLN A 5 33.15 0.34 -4.87
C GLN A 5 32.37 1.36 -4.05
N THR A 6 33.06 2.41 -3.63
CA THR A 6 32.43 3.46 -2.82
C THR A 6 31.62 4.40 -3.71
N VAL A 7 30.38 4.65 -3.33
CA VAL A 7 29.51 5.53 -4.09
C VAL A 7 28.84 6.55 -3.17
N GLU A 8 29.03 7.83 -3.49
CA GLU A 8 28.44 8.90 -2.68
C GLU A 8 26.98 9.10 -3.04
N ILE A 9 26.11 9.07 -2.04
CA ILE A 9 24.68 9.25 -2.27
C ILE A 9 24.31 10.72 -2.17
N THR A 10 24.07 11.34 -3.31
CA THR A 10 23.69 12.76 -3.34
C THR A 10 22.20 12.91 -3.07
N ASN A 11 21.75 12.41 -1.94
CA ASN A 11 20.34 12.51 -1.58
C ASN A 11 19.48 11.76 -2.59
N LYS A 12 20.08 10.80 -3.28
CA LYS A 12 19.37 10.02 -4.28
C LYS A 12 20.14 8.75 -4.62
N LEU A 13 19.70 7.62 -4.04
CA LEU A 13 20.36 6.34 -4.29
C LEU A 13 20.21 5.94 -5.76
N GLY A 14 19.42 6.70 -6.50
CA GLY A 14 19.20 6.42 -7.91
C GLY A 14 17.78 6.76 -8.32
N MET A 15 16.81 6.35 -7.51
CA MET A 15 15.41 6.62 -7.80
C MET A 15 14.52 6.06 -6.70
N HIS A 16 13.37 6.69 -6.50
CA HIS A 16 12.43 6.24 -5.47
C HIS A 16 12.92 4.95 -4.82
N ALA A 17 12.96 3.88 -5.61
CA ALA A 17 13.42 2.59 -5.10
C ALA A 17 13.64 1.61 -6.24
N ARG A 18 13.44 2.09 -7.47
CA ARG A 18 13.62 1.24 -8.64
C ARG A 18 14.95 0.50 -8.56
N PRO A 19 16.02 1.22 -8.41
CA PRO A 19 17.39 0.63 -8.32
C PRO A 19 17.44 -0.54 -7.34
N ALA A 20 16.89 -0.34 -6.15
CA ALA A 20 16.89 -1.39 -5.13
C ALA A 20 16.03 -2.57 -5.59
N MET A 21 14.87 -2.27 -6.16
CA MET A 21 13.97 -3.32 -6.63
C MET A 21 14.60 -4.07 -7.80
N LYS A 22 15.24 -3.34 -8.71
CA LYS A 22 15.88 -3.95 -9.87
C LYS A 22 17.00 -4.88 -9.42
N LEU A 23 17.73 -4.48 -8.38
CA LEU A 23 18.82 -5.28 -7.88
C LEU A 23 18.38 -6.73 -7.66
N PHE A 24 17.21 -6.90 -7.06
CA PHE A 24 16.69 -8.23 -6.80
C PHE A 24 16.56 -9.02 -8.10
N GLU A 25 16.12 -8.33 -9.16
CA GLU A 25 15.96 -8.97 -10.46
C GLU A 25 17.32 -9.23 -11.10
N LEU A 26 18.25 -8.31 -10.89
CA LEU A 26 19.59 -8.45 -11.46
C LEU A 26 20.33 -9.61 -10.80
N MET A 27 20.16 -9.76 -9.48
CA MET A 27 20.81 -10.83 -8.76
C MET A 27 20.43 -12.20 -9.33
N GLN A 28 19.22 -12.28 -9.88
CA GLN A 28 18.74 -13.53 -10.45
C GLN A 28 19.24 -13.68 -11.88
N GLY A 29 19.40 -12.55 -12.58
CA GLY A 29 19.86 -12.56 -13.96
C GLY A 29 21.38 -12.67 -14.01
N PHE A 30 22.05 -12.16 -12.97
CA PHE A 30 23.50 -12.20 -12.92
C PHE A 30 23.97 -13.18 -11.84
N ASP A 31 25.12 -13.81 -12.08
CA ASP A 31 25.66 -14.77 -11.13
C ASP A 31 26.61 -14.08 -10.15
N ALA A 32 26.11 -13.77 -8.96
CA ALA A 32 26.91 -13.10 -7.95
C ALA A 32 26.03 -12.49 -6.88
N GLU A 33 26.57 -12.37 -5.67
CA GLU A 33 25.82 -11.79 -4.56
C GLU A 33 26.19 -10.32 -4.36
N VAL A 34 25.17 -9.47 -4.25
CA VAL A 34 25.40 -8.04 -4.07
C VAL A 34 25.05 -7.63 -2.65
N LEU A 35 25.95 -6.89 -2.01
CA LEU A 35 25.71 -6.43 -0.65
C LEU A 35 26.03 -4.94 -0.51
N LEU A 36 25.17 -4.23 0.19
CA LEU A 36 25.37 -2.79 0.39
C LEU A 36 25.80 -2.50 1.83
N ARG A 37 26.56 -1.43 2.00
CA ARG A 37 27.02 -1.06 3.34
C ARG A 37 27.14 0.45 3.47
N ASN A 38 26.67 0.99 4.59
CA ASN A 38 26.72 2.43 4.82
C ASN A 38 28.00 2.80 5.57
N ASP A 39 28.43 4.05 5.41
CA ASP A 39 29.64 4.52 6.08
C ASP A 39 29.56 4.25 7.58
N GLU A 40 28.34 4.20 8.10
CA GLU A 40 28.14 3.94 9.53
C GLU A 40 28.53 2.51 9.86
N GLY A 41 28.76 1.70 8.84
CA GLY A 41 29.14 0.31 9.04
C GLY A 41 27.91 -0.60 9.06
N THR A 42 26.77 -0.05 8.65
CA THR A 42 25.53 -0.81 8.62
C THR A 42 25.42 -1.61 7.32
N GLU A 43 25.41 -2.93 7.44
CA GLU A 43 25.30 -3.79 6.27
C GLU A 43 23.87 -3.84 5.76
N ALA A 44 23.61 -3.11 4.67
CA ALA A 44 22.28 -3.08 4.09
C ALA A 44 22.11 -4.20 3.07
N GLU A 45 22.15 -5.44 3.53
CA GLU A 45 22.00 -6.59 2.65
C GLU A 45 20.92 -6.33 1.60
N ALA A 46 21.30 -6.39 0.33
CA ALA A 46 20.35 -6.16 -0.75
C ALA A 46 19.25 -7.22 -0.73
N ASN A 47 19.44 -8.25 0.09
CA ASN A 47 18.45 -9.32 0.18
C ASN A 47 17.58 -9.13 1.42
N SER A 48 17.40 -7.88 1.83
CA SER A 48 16.58 -7.58 2.99
C SER A 48 15.87 -6.25 2.82
N VAL A 49 14.55 -6.27 2.93
CA VAL A 49 13.76 -5.05 2.77
C VAL A 49 14.09 -4.05 3.87
N ILE A 50 14.37 -4.56 5.07
CA ILE A 50 14.70 -3.71 6.20
C ILE A 50 15.97 -2.91 5.90
N ALA A 51 16.92 -3.54 5.23
CA ALA A 51 18.18 -2.88 4.89
C ALA A 51 17.93 -1.72 3.92
N LEU A 52 17.07 -1.97 2.94
CA LEU A 52 16.75 -0.94 1.95
C LEU A 52 16.19 0.31 2.63
N LEU A 53 15.37 0.09 3.65
CA LEU A 53 14.77 1.21 4.37
C LEU A 53 15.85 2.01 5.09
N MET A 54 16.86 1.32 5.59
CA MET A 54 17.95 1.98 6.30
C MET A 54 18.78 2.83 5.35
N LEU A 55 18.95 2.35 4.12
CA LEU A 55 19.72 3.07 3.12
C LEU A 55 19.05 4.40 2.79
N ASP A 56 17.72 4.41 2.79
CA ASP A 56 16.97 5.62 2.49
C ASP A 56 17.43 6.78 3.37
N SER A 57 17.80 6.45 4.61
CA SER A 57 18.26 7.47 5.55
C SER A 57 19.69 7.89 5.22
N ALA A 58 20.30 7.19 4.27
CA ALA A 58 21.68 7.50 3.88
C ALA A 58 21.70 8.64 2.87
N LYS A 59 20.72 9.52 2.95
CA LYS A 59 20.63 10.65 2.03
C LYS A 59 21.76 11.65 2.32
N GLY A 60 22.84 11.54 1.55
CA GLY A 60 23.97 12.44 1.72
C GLY A 60 25.14 11.72 2.40
N ARG A 61 24.98 10.41 2.61
CA ARG A 61 26.02 9.62 3.24
C ARG A 61 26.73 8.74 2.21
N GLN A 62 27.89 8.22 2.58
CA GLN A 62 28.66 7.36 1.68
C GLN A 62 28.39 5.88 1.99
N ILE A 63 28.35 5.07 0.94
CA ILE A 63 28.11 3.64 1.11
C ILE A 63 29.14 2.82 0.35
N GLU A 64 29.27 1.55 0.69
CA GLU A 64 30.22 0.67 0.03
C GLU A 64 29.53 -0.56 -0.54
N VAL A 65 29.26 -0.53 -1.84
CA VAL A 65 28.60 -1.66 -2.50
C VAL A 65 29.59 -2.78 -2.79
N GLU A 66 29.25 -3.99 -2.37
CA GLU A 66 30.11 -5.14 -2.59
C GLU A 66 29.39 -6.20 -3.41
N ALA A 67 30.11 -6.80 -4.35
CA ALA A 67 29.53 -7.84 -5.20
C ALA A 67 30.51 -9.00 -5.38
N THR A 68 30.03 -10.21 -5.16
CA THR A 68 30.87 -11.40 -5.29
C THR A 68 30.25 -12.38 -6.29
N GLY A 69 31.05 -12.80 -7.27
CA GLY A 69 30.57 -13.74 -8.28
C GLY A 69 31.15 -13.41 -9.65
N PRO A 70 31.14 -14.35 -10.54
CA PRO A 70 31.67 -14.18 -11.92
C PRO A 70 31.20 -12.88 -12.56
N GLN A 71 29.90 -12.59 -12.41
CA GLN A 71 29.34 -11.38 -12.98
C GLN A 71 29.35 -10.25 -11.95
N GLU A 72 29.97 -10.51 -10.80
CA GLU A 72 30.04 -9.52 -9.74
C GLU A 72 30.24 -8.12 -10.32
N GLU A 73 31.02 -8.04 -11.39
CA GLU A 73 31.28 -6.75 -12.04
C GLU A 73 30.00 -6.16 -12.60
N GLU A 74 29.30 -6.95 -13.41
CA GLU A 74 28.05 -6.50 -14.01
C GLU A 74 27.07 -6.02 -12.93
N ALA A 75 26.88 -6.86 -11.91
CA ALA A 75 25.97 -6.51 -10.83
C ALA A 75 26.37 -5.19 -10.20
N LEU A 76 27.65 -5.06 -9.85
CA LEU A 76 28.15 -3.83 -9.24
C LEU A 76 28.04 -2.66 -10.21
N ALA A 77 28.42 -2.91 -11.46
CA ALA A 77 28.37 -1.87 -12.48
C ALA A 77 26.93 -1.41 -12.70
N ALA A 78 26.01 -2.37 -12.74
CA ALA A 78 24.60 -2.04 -12.95
C ALA A 78 24.09 -1.15 -11.83
N VAL A 79 24.45 -1.48 -10.59
CA VAL A 79 24.02 -0.70 -9.44
C VAL A 79 24.64 0.69 -9.47
N ILE A 80 25.93 0.74 -9.82
CA ILE A 80 26.65 2.01 -9.89
C ILE A 80 26.06 2.90 -10.97
N ALA A 81 25.74 2.29 -12.12
CA ALA A 81 25.18 3.04 -13.23
C ALA A 81 23.82 3.61 -12.85
N LEU A 82 23.06 2.85 -12.09
CA LEU A 82 21.73 3.28 -11.66
C LEU A 82 21.85 4.38 -10.60
N PHE A 83 22.84 4.26 -9.73
CA PHE A 83 23.05 5.25 -8.69
C PHE A 83 23.55 6.56 -9.28
N ASN A 84 24.30 6.47 -10.37
CA ASN A 84 24.84 7.65 -11.03
C ASN A 84 23.79 8.27 -11.95
N SER A 85 22.65 7.60 -12.08
CA SER A 85 21.58 8.09 -12.94
C SER A 85 21.90 7.82 -14.40
N ARG B 2 -24.80 17.43 5.74
CA ARG B 2 -24.71 18.85 6.19
C ARG B 2 -23.39 19.07 6.93
N ILE B 3 -22.33 18.44 6.43
CA ILE B 3 -21.01 18.57 7.05
C ILE B 3 -19.99 19.05 6.03
N ARG B 4 -19.17 20.02 6.43
CA ARG B 4 -18.15 20.56 5.53
C ARG B 4 -16.85 19.75 5.66
N ALA B 5 -16.56 18.95 4.65
CA ALA B 5 -15.35 18.14 4.65
C ALA B 5 -14.31 18.69 3.67
N LEU B 6 -13.08 18.23 3.81
CA LEU B 6 -12.00 18.70 2.94
C LEU B 6 -12.05 17.98 1.60
N PRO B 7 -12.23 18.71 0.53
CA PRO B 7 -12.30 18.13 -0.85
C PRO B 7 -10.94 17.67 -1.34
N ALA B 8 -10.80 16.36 -1.56
CA ALA B 8 -9.55 15.80 -2.03
C ALA B 8 -9.55 15.72 -3.56
N ALA B 9 -10.70 15.41 -4.14
CA ALA B 9 -10.82 15.30 -5.59
C ALA B 9 -12.15 15.89 -6.06
N PRO B 10 -12.09 17.04 -6.68
CA PRO B 10 -13.30 17.74 -7.20
C PRO B 10 -14.22 16.79 -7.98
N GLY B 11 -15.52 17.02 -7.87
CA GLY B 11 -16.50 16.19 -8.57
C GLY B 11 -17.66 15.84 -7.66
N VAL B 12 -18.72 15.28 -8.25
CA VAL B 12 -19.90 14.91 -7.48
C VAL B 12 -20.23 13.44 -7.69
N ALA B 13 -20.62 12.76 -6.62
CA ALA B 13 -20.97 11.34 -6.71
C ALA B 13 -22.15 11.02 -5.79
N ILE B 14 -23.00 10.11 -6.24
CA ILE B 14 -24.17 9.72 -5.46
C ILE B 14 -24.27 8.20 -5.37
N ALA B 15 -24.44 7.70 -4.15
CA ALA B 15 -24.55 6.26 -3.94
C ALA B 15 -24.56 5.94 -2.45
N GLU B 16 -24.75 4.67 -2.13
CA GLU B 16 -24.78 4.23 -0.73
C GLU B 16 -23.37 4.21 -0.15
N GLY B 17 -23.29 4.09 1.17
CA GLY B 17 -21.99 4.06 1.85
C GLY B 17 -21.66 2.66 2.31
N TRP B 18 -20.46 2.20 1.96
CA TRP B 18 -20.02 0.85 2.35
C TRP B 18 -18.81 0.94 3.28
N GLN B 19 -18.98 0.43 4.50
CA GLN B 19 -17.90 0.45 5.47
C GLN B 19 -16.87 -0.62 5.14
N ASP B 20 -15.67 -0.17 4.75
CA ASP B 20 -14.60 -1.10 4.41
C ASP B 20 -13.53 -1.10 5.49
N ALA B 21 -13.82 -1.79 6.60
CA ALA B 21 -12.87 -1.86 7.70
C ALA B 21 -12.37 -3.29 7.90
N THR B 22 -12.05 -3.94 6.78
CA THR B 22 -11.57 -5.32 6.85
C THR B 22 -11.28 -5.73 8.28
N LEU B 23 -12.16 -6.57 8.84
CA LEU B 23 -12.00 -7.03 10.21
C LEU B 23 -10.98 -8.18 10.28
N PRO B 24 -9.87 -7.94 10.90
CA PRO B 24 -8.79 -8.95 11.04
C PRO B 24 -9.17 -10.06 12.04
N LEU B 25 -8.22 -10.94 12.33
CA LEU B 25 -8.46 -12.03 13.27
C LEU B 25 -7.45 -12.00 14.40
N MET B 26 -6.74 -10.87 14.53
CA MET B 26 -5.75 -10.73 15.58
C MET B 26 -6.43 -10.56 16.94
N GLU B 27 -7.46 -9.74 16.97
CA GLU B 27 -8.19 -9.49 18.22
C GLU B 27 -9.11 -10.66 18.54
N GLN B 28 -9.60 -11.32 17.49
CA GLN B 28 -10.49 -12.46 17.67
C GLN B 28 -9.69 -13.76 17.78
N VAL B 29 -8.37 -13.64 17.76
CA VAL B 29 -7.51 -14.81 17.86
C VAL B 29 -7.61 -15.44 19.25
N TYR B 30 -7.17 -16.68 19.37
CA TYR B 30 -7.23 -17.38 20.64
C TYR B 30 -5.90 -18.08 20.93
N GLN B 31 -5.66 -18.38 22.21
CA GLN B 31 -4.42 -19.05 22.60
C GLN B 31 -4.51 -20.54 22.31
N ALA B 32 -3.50 -21.07 21.60
CA ALA B 32 -3.48 -22.48 21.28
C ALA B 32 -2.04 -22.93 20.97
N SER B 33 -1.71 -24.15 21.37
CA SER B 33 -0.38 -24.68 21.13
C SER B 33 -0.45 -26.11 20.58
N THR B 34 -0.26 -26.23 19.26
CA THR B 34 -0.32 -27.54 18.61
C THR B 34 0.64 -27.58 17.42
N LEU B 35 1.81 -28.17 17.64
CA LEU B 35 2.81 -28.28 16.57
C LEU B 35 2.20 -28.92 15.33
N ASP B 36 2.33 -28.24 14.20
CA ASP B 36 1.78 -28.76 12.94
C ASP B 36 2.53 -28.16 11.75
N PRO B 37 3.83 -28.20 11.79
CA PRO B 37 4.68 -27.64 10.70
C PRO B 37 4.21 -28.09 9.31
N ALA B 38 4.09 -29.40 9.13
CA ALA B 38 3.65 -29.95 7.86
C ALA B 38 2.40 -29.23 7.38
N LEU B 39 1.40 -29.14 8.25
CA LEU B 39 0.15 -28.48 7.90
C LEU B 39 0.32 -26.96 7.92
N GLU B 40 1.16 -26.48 8.83
CA GLU B 40 1.41 -25.05 8.94
C GLU B 40 2.24 -24.55 7.77
N ARG B 41 3.48 -25.03 7.67
CA ARG B 41 4.36 -24.63 6.59
C ARG B 41 3.63 -24.67 5.26
N GLU B 42 2.91 -25.77 5.02
CA GLU B 42 2.16 -25.91 3.78
C GLU B 42 1.06 -24.87 3.69
N ARG B 43 0.42 -24.59 4.83
CA ARG B 43 -0.66 -23.61 4.87
C ARG B 43 -0.16 -22.25 4.41
N LEU B 44 1.03 -21.87 4.88
CA LEU B 44 1.62 -20.59 4.50
C LEU B 44 1.93 -20.56 3.01
N THR B 45 2.68 -21.57 2.56
CA THR B 45 3.04 -21.65 1.15
C THR B 45 1.81 -21.50 0.26
N GLY B 46 0.77 -22.26 0.59
CA GLY B 46 -0.47 -22.21 -0.18
C GLY B 46 -1.15 -20.85 -0.03
N ALA B 47 -1.02 -20.27 1.17
CA ALA B 47 -1.63 -18.96 1.43
C ALA B 47 -0.86 -17.86 0.70
N LEU B 48 0.46 -17.90 0.80
CA LEU B 48 1.29 -16.90 0.15
C LEU B 48 1.05 -16.90 -1.36
N GLU B 49 1.12 -18.08 -1.96
CA GLU B 49 0.91 -18.21 -3.39
C GLU B 49 -0.41 -17.55 -3.80
N GLU B 50 -1.39 -17.59 -2.90
CA GLU B 50 -2.68 -17.00 -3.17
C GLU B 50 -2.62 -15.48 -3.03
N ALA B 51 -1.79 -15.02 -2.10
CA ALA B 51 -1.64 -13.58 -1.87
C ALA B 51 -0.51 -13.02 -2.73
N ALA B 52 0.64 -13.69 -2.69
CA ALA B 52 1.79 -13.23 -3.48
C ALA B 52 1.44 -13.19 -4.96
N ASN B 53 0.86 -14.27 -5.46
CA ASN B 53 0.48 -14.35 -6.87
C ASN B 53 -0.64 -13.37 -7.17
N GLU B 54 -1.50 -13.13 -6.18
CA GLU B 54 -2.61 -12.21 -6.35
C GLU B 54 -2.10 -10.77 -6.50
N PHE B 55 -1.08 -10.44 -5.73
CA PHE B 55 -0.50 -9.10 -5.78
C PHE B 55 0.23 -8.89 -7.09
N ARG B 56 0.94 -9.92 -7.55
CA ARG B 56 1.68 -9.84 -8.80
C ARG B 56 0.73 -9.78 -9.99
N ARG B 57 -0.36 -10.54 -9.90
CA ARG B 57 -1.36 -10.56 -10.98
C ARG B 57 -2.30 -9.37 -10.86
N TYR B 58 -2.58 -8.97 -9.63
CA TYR B 58 -3.47 -7.84 -9.39
C TYR B 58 -2.82 -6.54 -9.85
N SER B 59 -1.58 -6.31 -9.43
CA SER B 59 -0.86 -5.11 -9.81
C SER B 59 -0.67 -5.06 -11.32
N LYS B 60 -0.54 -6.24 -11.94
CA LYS B 60 -0.36 -6.31 -13.38
C LYS B 60 -1.47 -5.56 -14.10
N ARG B 61 -2.71 -5.79 -13.68
CA ARG B 61 -3.85 -5.13 -14.29
C ARG B 61 -3.96 -3.69 -13.79
N PHE B 62 -3.78 -3.51 -12.49
CA PHE B 62 -3.88 -2.18 -11.89
C PHE B 62 -2.98 -1.20 -12.65
N ALA B 63 -1.69 -1.49 -12.68
CA ALA B 63 -0.74 -0.61 -13.36
C ALA B 63 -1.26 -0.25 -14.75
N ALA B 64 -1.83 -1.23 -15.44
CA ALA B 64 -2.37 -1.01 -16.78
C ALA B 64 -3.47 0.05 -16.73
N GLY B 65 -4.11 0.18 -15.58
CA GLY B 65 -5.18 1.16 -15.42
C GLY B 65 -4.66 2.46 -14.81
N ALA B 66 -3.87 2.32 -13.76
CA ALA B 66 -3.29 3.49 -13.09
C ALA B 66 -1.94 3.85 -13.68
N GLN B 67 -1.11 4.53 -12.89
CA GLN B 67 0.21 4.92 -13.36
C GLN B 67 1.27 3.95 -12.83
N LYS B 68 2.53 4.24 -13.13
CA LYS B 68 3.63 3.40 -12.68
C LYS B 68 3.67 3.33 -11.16
N GLU B 69 3.30 4.44 -10.51
CA GLU B 69 3.31 4.50 -9.06
C GLU B 69 2.73 3.22 -8.47
N THR B 70 1.63 2.75 -9.05
CA THR B 70 0.99 1.53 -8.56
C THR B 70 1.85 0.31 -8.87
N ALA B 71 2.38 0.24 -10.08
CA ALA B 71 3.23 -0.87 -10.48
C ALA B 71 4.58 -0.80 -9.79
N ALA B 72 4.89 0.36 -9.22
CA ALA B 72 6.16 0.55 -8.52
C ALA B 72 6.07 0.02 -7.10
N ILE B 73 4.90 0.17 -6.49
CA ILE B 73 4.71 -0.30 -5.11
C ILE B 73 4.64 -1.83 -5.08
N PHE B 74 3.64 -2.38 -5.75
CA PHE B 74 3.47 -3.83 -5.78
C PHE B 74 4.79 -4.52 -6.12
N ASP B 75 5.30 -4.24 -7.32
CA ASP B 75 6.55 -4.83 -7.76
C ASP B 75 7.54 -4.92 -6.60
N LEU B 76 7.62 -3.84 -5.81
CA LEU B 76 8.53 -3.81 -4.67
C LEU B 76 8.07 -4.78 -3.59
N TYR B 77 6.87 -4.56 -3.07
CA TYR B 77 6.32 -5.42 -2.03
C TYR B 77 6.20 -6.85 -2.54
N SER B 78 5.68 -7.01 -3.75
CA SER B 78 5.52 -8.33 -4.34
C SER B 78 6.73 -9.20 -4.05
N HIS B 79 7.93 -8.62 -4.20
CA HIS B 79 9.16 -9.35 -3.95
C HIS B 79 9.33 -9.62 -2.46
N LEU B 80 8.79 -8.72 -1.64
CA LEU B 80 8.90 -8.86 -0.18
C LEU B 80 8.19 -10.14 0.27
N LEU B 81 6.90 -10.23 -0.01
CA LEU B 81 6.12 -11.40 0.38
C LEU B 81 6.77 -12.67 -0.15
N SER B 82 7.20 -12.63 -1.40
CA SER B 82 7.84 -13.79 -2.02
C SER B 82 9.21 -14.04 -1.41
N ASP B 83 9.80 -12.98 -0.86
CA ASP B 83 11.12 -13.09 -0.24
C ASP B 83 11.14 -14.21 0.79
N THR B 84 12.07 -15.15 0.62
CA THR B 84 12.18 -16.26 1.56
C THR B 84 12.36 -15.76 2.98
N ARG B 85 12.21 -14.45 3.16
CA ARG B 85 12.35 -13.85 4.49
C ARG B 85 11.06 -14.00 5.30
N LEU B 86 9.93 -13.87 4.61
CA LEU B 86 8.63 -14.00 5.27
C LEU B 86 8.28 -15.46 5.50
N ARG B 87 8.64 -16.32 4.54
CA ARG B 87 8.36 -17.74 4.65
C ARG B 87 9.23 -18.38 5.74
N ARG B 88 10.50 -18.02 5.75
CA ARG B 88 11.43 -18.57 6.74
C ARG B 88 11.06 -18.09 8.15
N GLU B 89 10.68 -16.82 8.25
CA GLU B 89 10.30 -16.25 9.53
C GLU B 89 9.06 -16.95 10.10
N LEU B 90 8.05 -17.08 9.25
CA LEU B 90 6.81 -17.73 9.67
C LEU B 90 7.07 -19.18 10.07
N PHE B 91 7.55 -19.98 9.13
CA PHE B 91 7.85 -21.38 9.40
C PHE B 91 8.80 -21.51 10.58
N ALA B 92 9.73 -20.55 10.69
CA ALA B 92 10.69 -20.58 11.78
C ALA B 92 10.00 -20.48 13.14
N GLU B 93 8.99 -19.61 13.21
CA GLU B 93 8.25 -19.43 14.45
C GLU B 93 7.55 -20.73 14.86
N VAL B 94 6.96 -21.41 13.87
CA VAL B 94 6.26 -22.66 14.14
C VAL B 94 7.23 -23.71 14.67
N ASP B 95 8.47 -23.66 14.19
CA ASP B 95 9.49 -24.61 14.63
C ASP B 95 9.61 -24.62 16.15
N LYS B 96 9.15 -23.54 16.78
CA LYS B 96 9.19 -23.44 18.23
C LYS B 96 7.89 -23.92 18.85
N GLY B 97 6.83 -23.93 18.06
CA GLY B 97 5.52 -24.38 18.54
C GLY B 97 4.47 -23.30 18.31
N SER B 98 4.75 -22.37 17.41
CA SER B 98 3.81 -21.30 17.11
C SER B 98 2.87 -21.70 16.00
N VAL B 99 1.66 -21.13 16.01
CA VAL B 99 0.66 -21.44 15.00
C VAL B 99 0.63 -20.35 13.93
N ALA B 100 0.39 -20.75 12.69
CA ALA B 100 0.33 -19.80 11.58
C ALA B 100 -0.47 -18.57 11.98
N GLU B 101 -1.44 -18.76 12.88
CA GLU B 101 -2.27 -17.66 13.33
C GLU B 101 -1.41 -16.56 13.97
N TRP B 102 -0.60 -16.94 14.94
CA TRP B 102 0.26 -15.99 15.63
C TRP B 102 1.52 -15.74 14.81
N ALA B 103 1.95 -16.75 14.06
CA ALA B 103 3.15 -16.63 13.23
C ALA B 103 3.00 -15.46 12.25
N VAL B 104 1.93 -15.49 11.47
CA VAL B 104 1.68 -14.44 10.49
C VAL B 104 1.44 -13.11 11.18
N LYS B 105 0.76 -13.15 12.32
CA LYS B 105 0.47 -11.94 13.08
C LYS B 105 1.72 -11.43 13.78
N THR B 106 2.43 -12.34 14.44
CA THR B 106 3.65 -11.97 15.15
C THR B 106 4.70 -11.43 14.18
N VAL B 107 5.00 -12.22 13.16
CA VAL B 107 5.99 -11.80 12.17
C VAL B 107 5.70 -10.39 11.68
N ILE B 108 4.55 -10.21 11.05
CA ILE B 108 4.16 -8.90 10.54
C ILE B 108 4.22 -7.85 11.65
N GLU B 109 3.77 -8.23 12.84
CA GLU B 109 3.77 -7.31 13.97
C GLU B 109 5.21 -6.99 14.39
N LYS B 110 6.04 -8.02 14.45
CA LYS B 110 7.44 -7.82 14.83
C LYS B 110 8.15 -6.92 13.84
N PHE B 111 7.81 -7.07 12.56
CA PHE B 111 8.41 -6.26 11.51
C PHE B 111 7.90 -4.83 11.56
N ALA B 112 6.66 -4.67 12.01
CA ALA B 112 6.05 -3.34 12.11
C ALA B 112 6.83 -2.47 13.09
N GLU B 113 7.34 -3.09 14.15
CA GLU B 113 8.11 -2.36 15.15
C GLU B 113 9.50 -2.04 14.63
N GLN B 114 10.15 -3.05 14.04
CA GLN B 114 11.50 -2.87 13.51
C GLN B 114 11.51 -1.81 12.42
N PHE B 115 10.48 -1.81 11.59
CA PHE B 115 10.39 -0.83 10.51
C PHE B 115 10.36 0.59 11.07
N ALA B 116 9.54 0.80 12.09
CA ALA B 116 9.44 2.12 12.72
C ALA B 116 10.79 2.56 13.26
N ALA B 117 11.47 1.65 13.95
CA ALA B 117 12.78 1.97 14.51
C ALA B 117 13.50 3.00 13.67
N LEU B 118 13.41 2.86 12.35
CA LEU B 118 14.05 3.79 11.44
C LEU B 118 13.28 5.12 11.38
N SER B 119 13.91 6.13 10.81
CA SER B 119 13.28 7.44 10.70
C SER B 119 13.04 7.81 9.24
N ASP B 120 13.69 7.07 8.34
CA ASP B 120 13.55 7.31 6.91
C ASP B 120 12.08 7.58 6.55
N ASN B 121 11.85 8.60 5.75
CA ASN B 121 10.50 8.95 5.33
C ASN B 121 9.83 7.76 4.65
N TYR B 122 10.40 7.31 3.54
CA TYR B 122 9.85 6.18 2.80
C TYR B 122 9.66 4.99 3.73
N LEU B 123 10.45 4.94 4.80
CA LEU B 123 10.35 3.85 5.76
C LEU B 123 9.06 3.94 6.55
N LYS B 124 8.91 5.01 7.32
CA LYS B 124 7.71 5.21 8.12
C LYS B 124 6.48 4.73 7.35
N GLU B 125 6.45 5.00 6.05
CA GLU B 125 5.33 4.60 5.22
C GLU B 125 5.40 3.10 4.94
N ARG B 126 6.59 2.61 4.63
CA ARG B 126 6.77 1.19 4.35
C ARG B 126 6.13 0.35 5.44
N ALA B 127 6.37 0.74 6.70
CA ALA B 127 5.81 0.01 7.83
C ALA B 127 4.29 -0.05 7.71
N GLY B 128 3.68 1.10 7.47
CA GLY B 128 2.23 1.17 7.34
C GLY B 128 1.74 0.27 6.22
N ASP B 129 2.50 0.23 5.12
CA ASP B 129 2.14 -0.61 3.99
C ASP B 129 2.20 -2.08 4.38
N LEU B 130 3.25 -2.45 5.12
CA LEU B 130 3.41 -3.83 5.56
C LEU B 130 2.18 -4.30 6.33
N ARG B 131 1.71 -3.46 7.24
CA ARG B 131 0.54 -3.79 8.04
C ARG B 131 -0.64 -4.09 7.13
N ALA B 132 -0.84 -3.24 6.13
CA ALA B 132 -1.94 -3.43 5.18
C ALA B 132 -1.76 -4.73 4.41
N LEU B 133 -0.51 -5.02 4.04
CA LEU B 133 -0.21 -6.24 3.30
C LEU B 133 -0.47 -7.46 4.18
N GLY B 134 -0.09 -7.36 5.45
CA GLY B 134 -0.28 -8.46 6.38
C GLY B 134 -1.76 -8.80 6.50
N GLN B 135 -2.59 -7.78 6.62
CA GLN B 135 -4.04 -7.98 6.74
C GLN B 135 -4.55 -8.82 5.58
N ARG B 136 -4.00 -8.57 4.39
CA ARG B 136 -4.40 -9.32 3.20
C ARG B 136 -4.00 -10.78 3.34
N LEU B 137 -2.83 -11.02 3.92
CA LEU B 137 -2.33 -12.37 4.10
C LEU B 137 -3.23 -13.14 5.06
N LEU B 138 -3.68 -12.46 6.11
CA LEU B 138 -4.55 -13.08 7.10
C LEU B 138 -5.85 -13.54 6.45
N PHE B 139 -6.35 -12.74 5.50
CA PHE B 139 -7.59 -13.06 4.81
C PHE B 139 -7.41 -14.32 3.97
N HIS B 140 -6.29 -14.39 3.25
CA HIS B 140 -6.01 -15.55 2.41
C HIS B 140 -5.60 -16.74 3.27
N LEU B 141 -5.11 -16.46 4.47
CA LEU B 141 -4.68 -17.51 5.39
C LEU B 141 -5.88 -18.36 5.82
N ASP B 142 -7.08 -17.79 5.70
CA ASP B 142 -8.29 -18.48 6.08
C ASP B 142 -9.36 -18.33 5.00
N ASP B 143 -9.09 -18.86 3.82
CA ASP B 143 -10.03 -18.77 2.71
C ASP B 143 -11.44 -19.15 3.18
N ALA B 144 -11.51 -20.01 4.19
CA ALA B 144 -12.80 -20.45 4.70
C ALA B 144 -13.61 -19.26 5.19
N ASN B 145 -12.93 -18.27 5.76
CA ASN B 145 -13.60 -17.08 6.26
C ASN B 145 -14.17 -16.25 5.09
N GLN B 146 -14.52 -16.94 4.02
CA GLN B 146 -15.06 -16.26 2.84
C GLN B 146 -15.40 -17.26 1.76
N GLY B 147 -16.60 -17.15 1.19
CA GLY B 147 -17.03 -18.05 0.12
C GLY B 147 -16.92 -17.38 -1.24
N PRO B 148 -18.03 -17.28 -1.93
CA PRO B 148 -18.08 -16.64 -3.28
C PRO B 148 -17.36 -15.29 -3.31
N ASN B 149 -17.31 -14.63 -2.15
CA ASN B 149 -16.64 -13.34 -2.06
C ASN B 149 -17.20 -12.37 -3.11
N ALA B 150 -18.53 -12.24 -3.14
CA ALA B 150 -19.17 -11.36 -4.09
C ALA B 150 -19.47 -10.00 -3.45
N TRP B 151 -19.03 -8.93 -4.09
CA TRP B 151 -19.25 -7.59 -3.57
C TRP B 151 -20.49 -6.97 -4.20
N PRO B 152 -21.12 -6.06 -3.50
CA PRO B 152 -22.35 -5.37 -4.00
C PRO B 152 -22.20 -4.88 -5.42
N GLU B 153 -23.27 -4.29 -5.96
CA GLU B 153 -23.24 -3.78 -7.32
C GLU B 153 -22.44 -2.48 -7.39
N ARG B 154 -22.77 -1.54 -6.53
CA ARG B 154 -22.07 -0.26 -6.50
C ARG B 154 -22.19 0.39 -5.12
N PHE B 155 -21.27 1.30 -4.83
CA PHE B 155 -21.28 1.98 -3.54
C PHE B 155 -20.02 2.82 -3.36
N ILE B 156 -20.00 3.66 -2.33
CA ILE B 156 -18.85 4.51 -2.07
C ILE B 156 -17.95 3.88 -1.01
N LEU B 157 -16.65 4.12 -1.13
CA LEU B 157 -15.69 3.57 -0.18
C LEU B 157 -15.55 4.49 1.04
N VAL B 158 -15.89 3.97 2.20
CA VAL B 158 -15.80 4.75 3.43
C VAL B 158 -14.80 4.12 4.39
N ALA B 159 -13.61 4.71 4.48
CA ALA B 159 -12.58 4.19 5.37
C ALA B 159 -11.85 5.34 6.06
N ASP B 160 -11.39 5.09 7.29
CA ASP B 160 -10.68 6.11 8.05
C ASP B 160 -9.38 6.49 7.35
N GLU B 161 -8.78 5.52 6.66
CA GLU B 161 -7.54 5.76 5.95
C GLU B 161 -7.49 4.99 4.64
N LEU B 162 -7.20 5.69 3.55
CA LEU B 162 -7.14 5.04 2.24
C LEU B 162 -5.77 4.40 2.02
N SER B 163 -5.77 3.09 1.83
CA SER B 163 -4.52 2.36 1.60
C SER B 163 -4.50 1.76 0.20
N ALA B 164 -3.37 1.91 -0.47
CA ALA B 164 -3.22 1.37 -1.83
C ALA B 164 -3.56 -0.11 -1.85
N THR B 165 -3.16 -0.83 -0.80
CA THR B 165 -3.42 -2.26 -0.72
C THR B 165 -4.93 -2.53 -0.71
N THR B 166 -5.67 -1.68 -0.01
CA THR B 166 -7.12 -1.83 0.07
C THR B 166 -7.74 -1.75 -1.31
N LEU B 167 -7.43 -0.67 -2.03
CA LEU B 167 -7.97 -0.48 -3.38
C LEU B 167 -7.65 -1.68 -4.26
N ALA B 168 -6.49 -2.29 -4.04
CA ALA B 168 -6.09 -3.45 -4.82
C ALA B 168 -6.96 -4.65 -4.50
N GLU B 169 -8.11 -4.39 -3.88
CA GLU B 169 -9.03 -5.46 -3.53
C GLU B 169 -10.40 -5.21 -4.16
N LEU B 170 -10.89 -3.99 -4.05
CA LEU B 170 -12.19 -3.64 -4.61
C LEU B 170 -12.02 -3.02 -6.00
N PRO B 171 -12.50 -3.69 -7.01
CA PRO B 171 -12.40 -3.22 -8.42
C PRO B 171 -12.83 -1.76 -8.55
N GLN B 172 -12.18 -1.04 -9.47
CA GLN B 172 -12.50 0.36 -9.70
C GLN B 172 -13.86 0.50 -10.38
N ASP B 173 -14.38 -0.61 -10.91
CA ASP B 173 -15.67 -0.60 -11.58
C ASP B 173 -16.79 -0.32 -10.59
N ARG B 174 -16.74 -1.00 -9.44
CA ARG B 174 -17.76 -0.82 -8.41
C ARG B 174 -17.52 0.49 -7.65
N LEU B 175 -16.31 1.01 -7.75
CA LEU B 175 -15.97 2.26 -7.06
C LEU B 175 -16.61 3.45 -7.76
N VAL B 176 -17.54 4.10 -7.08
CA VAL B 176 -18.23 5.26 -7.65
C VAL B 176 -18.03 6.48 -6.76
N GLY B 177 -17.16 6.36 -5.77
CA GLY B 177 -16.89 7.46 -4.86
C GLY B 177 -15.91 7.05 -3.77
N VAL B 178 -15.45 8.02 -2.99
CA VAL B 178 -14.50 7.73 -1.91
C VAL B 178 -14.67 8.74 -0.77
N VAL B 179 -14.54 8.26 0.46
CA VAL B 179 -14.68 9.12 1.62
C VAL B 179 -13.72 8.69 2.74
N VAL B 180 -12.89 9.62 3.19
CA VAL B 180 -11.93 9.31 4.23
C VAL B 180 -12.21 10.16 5.48
N ARG B 181 -11.77 9.67 6.63
CA ARG B 181 -11.98 10.39 7.88
C ARG B 181 -10.80 11.31 8.17
N ASP B 182 -9.60 10.76 8.15
CA ASP B 182 -8.40 11.56 8.40
C ASP B 182 -7.34 11.27 7.34
N GLY B 183 -7.52 10.19 6.60
CA GLY B 183 -6.57 9.82 5.56
C GLY B 183 -6.34 10.99 4.60
N ALA B 184 -5.79 12.08 5.13
CA ALA B 184 -5.52 13.25 4.32
C ALA B 184 -4.93 12.85 2.97
N ALA B 185 -4.75 13.82 2.09
CA ALA B 185 -4.20 13.56 0.77
C ALA B 185 -2.80 12.96 0.88
N ASN B 186 -2.06 13.38 1.90
CA ASN B 186 -0.71 12.88 2.11
C ASN B 186 -0.64 11.39 1.78
N SER B 187 -1.74 10.68 2.03
CA SER B 187 -1.80 9.25 1.76
C SER B 187 -1.47 8.96 0.29
N GLN B 188 -0.79 7.86 0.04
CA GLN B 188 -0.42 7.48 -1.32
C GLN B 188 -1.67 7.21 -2.15
N ALA B 189 -2.57 6.41 -1.59
CA ALA B 189 -3.81 6.07 -2.28
C ALA B 189 -4.60 7.33 -2.64
N ALA B 190 -4.69 8.25 -1.68
CA ALA B 190 -5.41 9.50 -1.91
C ALA B 190 -4.83 10.25 -3.10
N ILE B 191 -3.50 10.22 -3.22
CA ILE B 191 -2.83 10.90 -4.32
C ILE B 191 -3.16 10.23 -5.65
N MET B 192 -3.34 8.91 -5.62
CA MET B 192 -3.66 8.17 -6.82
C MET B 192 -5.16 8.25 -7.12
N VAL B 193 -5.95 8.49 -6.09
CA VAL B 193 -7.40 8.59 -6.24
C VAL B 193 -7.76 9.82 -7.05
N ARG B 194 -7.21 10.97 -6.65
CA ARG B 194 -7.49 12.22 -7.35
C ARG B 194 -6.90 12.19 -8.75
N ALA B 195 -5.75 11.54 -8.89
CA ALA B 195 -5.08 11.45 -10.19
C ALA B 195 -5.86 10.54 -11.13
N LEU B 196 -6.65 9.63 -10.55
CA LEU B 196 -7.45 8.71 -11.34
C LEU B 196 -8.67 9.41 -11.92
N GLY B 197 -9.06 10.52 -11.30
CA GLY B 197 -10.22 11.28 -11.76
C GLY B 197 -11.48 10.87 -11.01
N ILE B 198 -11.32 10.50 -9.75
CA ILE B 198 -12.46 10.09 -8.94
C ILE B 198 -12.68 11.07 -7.80
N PRO B 199 -13.93 11.34 -7.49
CA PRO B 199 -14.31 12.29 -6.40
C PRO B 199 -14.05 11.69 -5.02
N THR B 200 -13.36 12.45 -4.18
CA THR B 200 -13.05 11.99 -2.83
C THR B 200 -13.22 13.13 -1.82
N VAL B 201 -13.70 12.78 -0.62
CA VAL B 201 -13.90 13.78 0.42
C VAL B 201 -13.26 13.34 1.73
N MET B 202 -12.59 14.26 2.40
CA MET B 202 -11.93 13.96 3.67
C MET B 202 -12.48 14.83 4.79
N GLY B 203 -12.30 14.39 6.02
CA GLY B 203 -12.78 15.15 7.18
C GLY B 203 -14.08 14.56 7.71
N ALA B 204 -14.63 13.60 6.98
CA ALA B 204 -15.89 12.97 7.38
C ALA B 204 -15.78 12.46 8.82
N ASP B 205 -16.50 13.13 9.72
CA ASP B 205 -16.49 12.73 11.13
C ASP B 205 -17.71 11.88 11.46
N ILE B 206 -18.15 11.10 10.48
CA ILE B 206 -19.31 10.24 10.68
C ILE B 206 -18.89 8.77 10.75
N GLN B 207 -19.25 8.10 11.83
CA GLN B 207 -18.90 6.70 12.01
C GLN B 207 -19.44 5.87 10.85
N PRO B 208 -18.66 4.92 10.40
CA PRO B 208 -19.06 4.03 9.28
C PRO B 208 -20.14 3.01 9.68
N SER B 209 -20.23 2.76 10.98
CA SER B 209 -21.22 1.81 11.48
C SER B 209 -22.62 2.28 11.15
N VAL B 210 -22.82 3.59 11.11
CA VAL B 210 -24.13 4.16 10.80
C VAL B 210 -24.34 4.21 9.29
N LEU B 211 -23.24 4.43 8.55
CA LEU B 211 -23.33 4.51 7.09
C LEU B 211 -23.72 3.15 6.51
N HIS B 212 -23.35 2.08 7.21
CA HIS B 212 -23.67 0.74 6.74
C HIS B 212 -23.91 0.73 5.24
N ARG B 213 -25.13 1.06 4.84
CA ARG B 213 -25.48 1.10 3.42
C ARG B 213 -26.48 2.21 3.13
N ARG B 214 -26.47 3.24 3.98
CA ARG B 214 -27.38 4.36 3.81
C ARG B 214 -27.02 5.16 2.56
N THR B 215 -27.85 6.14 2.23
CA THR B 215 -27.61 6.98 1.07
C THR B 215 -26.52 8.01 1.36
N LEU B 216 -25.47 8.01 0.53
CA LEU B 216 -24.37 8.94 0.71
C LEU B 216 -24.30 9.91 -0.47
N ILE B 217 -24.21 11.20 -0.17
CA ILE B 217 -24.13 12.21 -1.22
C ILE B 217 -22.98 13.17 -0.95
N VAL B 218 -21.84 12.93 -1.59
CA VAL B 218 -20.67 13.78 -1.41
C VAL B 218 -20.49 14.70 -2.62
N ASP B 219 -19.73 15.77 -2.42
CA ASP B 219 -19.49 16.72 -3.50
C ASP B 219 -18.05 17.22 -3.46
N GLY B 220 -17.14 16.45 -4.05
CA GLY B 220 -15.73 16.82 -4.07
C GLY B 220 -15.57 18.29 -4.41
N TYR B 221 -16.29 18.75 -5.44
CA TYR B 221 -16.21 20.13 -5.85
C TYR B 221 -16.41 21.07 -4.65
N ARG B 222 -17.50 20.85 -3.93
CA ARG B 222 -17.79 21.68 -2.75
C ARG B 222 -17.27 21.01 -1.48
N GLY B 223 -16.68 19.84 -1.65
CA GLY B 223 -16.14 19.10 -0.50
C GLY B 223 -17.15 19.09 0.65
N GLU B 224 -18.39 18.72 0.34
CA GLU B 224 -19.43 18.66 1.36
C GLU B 224 -20.02 17.26 1.44
N LEU B 225 -20.62 16.94 2.58
CA LEU B 225 -21.22 15.63 2.79
C LEU B 225 -22.65 15.76 3.31
N LEU B 226 -23.60 15.26 2.54
CA LEU B 226 -25.01 15.33 2.92
C LEU B 226 -25.52 13.96 3.34
N VAL B 227 -26.60 13.95 4.10
CA VAL B 227 -27.18 12.69 4.57
C VAL B 227 -28.68 12.67 4.29
N ASP B 228 -29.10 11.76 3.42
CA ASP B 228 -30.52 11.64 3.08
C ASP B 228 -31.25 12.95 3.38
N PRO B 229 -30.84 14.01 2.73
CA PRO B 229 -31.47 15.35 2.90
C PRO B 229 -32.85 15.43 2.27
N GLU B 230 -33.59 16.49 2.59
CA GLU B 230 -34.92 16.68 2.04
C GLU B 230 -34.92 16.45 0.54
N PRO B 231 -35.65 15.47 0.09
CA PRO B 231 -35.74 15.13 -1.37
C PRO B 231 -35.98 16.37 -2.23
N VAL B 232 -36.72 17.32 -1.69
CA VAL B 232 -37.02 18.56 -2.41
C VAL B 232 -35.76 19.38 -2.62
N LEU B 233 -35.07 19.70 -1.52
CA LEU B 233 -33.84 20.48 -1.59
C LEU B 233 -32.85 19.83 -2.53
N LEU B 234 -32.67 18.52 -2.39
CA LEU B 234 -31.73 17.79 -3.24
C LEU B 234 -32.18 17.84 -4.70
N GLN B 235 -33.49 17.84 -4.90
CA GLN B 235 -34.04 17.89 -6.26
C GLN B 235 -33.65 19.19 -6.94
N GLU B 236 -33.83 20.30 -6.24
CA GLU B 236 -33.49 21.61 -6.80
C GLU B 236 -31.99 21.76 -6.94
N TYR B 237 -31.26 21.33 -5.93
CA TYR B 237 -29.80 21.41 -5.96
C TYR B 237 -29.25 20.82 -7.25
N GLN B 238 -29.70 19.62 -7.58
CA GLN B 238 -29.26 18.96 -8.81
C GLN B 238 -29.62 19.78 -10.03
N ARG B 239 -30.75 20.49 -9.95
CA ARG B 239 -31.21 21.31 -11.06
C ARG B 239 -30.34 22.57 -11.19
N LEU B 240 -29.91 23.09 -10.05
CA LEU B 240 -29.07 24.29 -10.05
C LEU B 240 -27.72 24.00 -10.68
N ILE B 241 -27.08 22.93 -10.23
CA ILE B 241 -25.78 22.55 -10.76
C ILE B 241 -25.87 22.26 -12.26
N SER B 242 -26.95 21.60 -12.67
CA SER B 242 -27.15 21.27 -14.08
C SER B 242 -27.31 22.53 -14.90
N GLU B 243 -27.96 23.54 -14.31
CA GLU B 243 -28.18 24.81 -15.01
C GLU B 243 -26.85 25.53 -15.24
N GLU B 244 -25.86 25.22 -14.41
CA GLU B 244 -24.55 25.85 -14.54
C GLU B 244 -24.56 27.24 -13.92
N ILE B 245 -25.11 27.34 -12.71
CA ILE B 245 -25.18 28.62 -12.02
C ILE B 245 -23.98 28.80 -11.09
N GLU B 246 -22.86 28.19 -11.47
CA GLU B 246 -21.64 28.28 -10.66
C GLU B 246 -20.43 28.54 -11.55
N LEU B 247 -19.58 27.53 -11.70
CA LEU B 247 -18.39 27.65 -12.52
C LEU B 247 -18.56 28.77 -13.55
N SER B 248 -19.77 28.90 -14.07
CA SER B 248 -20.06 29.93 -15.05
C SER B 248 -19.01 31.04 -14.99
N ARG B 249 -18.78 31.56 -13.79
CA ARG B 249 -17.81 32.63 -13.60
C ARG B 249 -16.44 32.05 -13.25
N LEU B 250 -16.25 31.71 -11.98
CA LEU B 250 -14.99 31.14 -11.53
C LEU B 250 -14.87 29.68 -11.95
N ALA B 251 -13.79 29.03 -11.53
CA ALA B 251 -13.58 27.63 -11.87
C ALA B 251 -13.74 26.75 -10.63
N GLU B 252 -14.96 26.29 -10.40
CA GLU B 252 -15.24 25.43 -9.25
C GLU B 252 -14.72 26.08 -7.97
N ASP B 253 -14.90 25.38 -6.85
CA ASP B 253 -14.45 25.90 -5.56
C ASP B 253 -14.73 27.40 -5.46
N ASP B 254 -14.06 28.05 -4.51
CA ASP B 254 -14.24 29.49 -4.32
C ASP B 254 -15.64 29.77 -3.79
N VAL B 255 -16.27 30.81 -4.33
CA VAL B 255 -17.62 31.19 -3.90
C VAL B 255 -18.56 30.00 -4.02
N ASN B 256 -19.03 29.74 -5.23
CA ASN B 256 -19.95 28.63 -5.46
C ASN B 256 -20.00 28.27 -6.94
N MET A 1 37.67 -12.25 -6.82
CA MET A 1 37.36 -11.64 -5.49
C MET A 1 36.11 -10.78 -5.60
N THR A 2 35.77 -10.10 -4.52
CA THR A 2 34.58 -9.24 -4.51
C THR A 2 34.92 -7.87 -5.07
N VAL A 3 33.88 -7.15 -5.53
CA VAL A 3 34.08 -5.82 -6.10
C VAL A 3 33.07 -4.84 -5.50
N LYS A 4 33.59 -3.81 -4.85
CA LYS A 4 32.73 -2.80 -4.24
C LYS A 4 33.12 -1.40 -4.70
N GLN A 5 32.32 -0.41 -4.35
CA GLN A 5 32.60 0.97 -4.72
C GLN A 5 31.81 1.94 -3.84
N THR A 6 32.49 2.98 -3.37
CA THR A 6 31.85 3.97 -2.52
C THR A 6 31.03 4.95 -3.35
N VAL A 7 29.78 5.16 -2.98
CA VAL A 7 28.91 6.08 -3.70
C VAL A 7 28.23 7.05 -2.73
N GLU A 8 28.42 8.34 -2.98
CA GLU A 8 27.82 9.35 -2.12
C GLU A 8 26.36 9.57 -2.49
N ILE A 9 25.48 9.47 -1.50
CA ILE A 9 24.05 9.66 -1.73
C ILE A 9 23.66 11.13 -1.55
N THR A 10 23.44 11.82 -2.67
CA THR A 10 23.06 13.22 -2.61
C THR A 10 21.56 13.37 -2.36
N ASN A 11 21.10 12.81 -1.24
CA ASN A 11 19.68 12.88 -0.90
C ASN A 11 18.84 12.18 -1.96
N LYS A 12 19.47 11.28 -2.70
CA LYS A 12 18.77 10.53 -3.74
C LYS A 12 19.55 9.29 -4.14
N LEU A 13 19.12 8.13 -3.64
CA LEU A 13 19.78 6.89 -3.95
C LEU A 13 19.58 6.51 -5.41
N GLY A 14 18.91 7.40 -6.15
CA GLY A 14 18.65 7.16 -7.57
C GLY A 14 17.16 7.12 -7.85
N MET A 15 16.48 8.25 -7.61
CA MET A 15 15.05 8.33 -7.83
C MET A 15 14.28 7.72 -6.66
N HIS A 16 13.01 7.42 -6.89
CA HIS A 16 12.18 6.84 -5.83
C HIS A 16 12.86 5.60 -5.24
N ALA A 17 12.37 4.43 -5.65
CA ALA A 17 12.95 3.18 -5.16
C ALA A 17 13.23 2.23 -6.32
N ARG A 18 12.90 2.66 -7.53
CA ARG A 18 13.13 1.85 -8.72
C ARG A 18 14.47 1.12 -8.62
N PRO A 19 15.52 1.84 -8.39
CA PRO A 19 16.89 1.28 -8.26
C PRO A 19 16.92 0.06 -7.33
N ALA A 20 16.38 0.23 -6.12
CA ALA A 20 16.35 -0.85 -5.15
C ALA A 20 15.52 -2.02 -5.67
N MET A 21 14.37 -1.70 -6.23
CA MET A 21 13.48 -2.73 -6.77
C MET A 21 14.11 -3.40 -7.98
N LYS A 22 14.73 -2.60 -8.84
CA LYS A 22 15.37 -3.13 -10.04
C LYS A 22 16.51 -4.07 -9.66
N LEU A 23 17.23 -3.73 -8.60
CA LEU A 23 18.34 -4.55 -8.15
C LEU A 23 17.91 -6.01 -8.02
N PHE A 24 16.76 -6.23 -7.40
CA PHE A 24 16.25 -7.58 -7.22
C PHE A 24 16.14 -8.30 -8.57
N GLU A 25 15.72 -7.56 -9.59
CA GLU A 25 15.58 -8.13 -10.92
C GLU A 25 16.95 -8.33 -11.57
N LEU A 26 17.89 -7.44 -11.25
CA LEU A 26 19.24 -7.53 -11.80
C LEU A 26 19.95 -8.76 -11.24
N MET A 27 19.82 -8.97 -9.94
CA MET A 27 20.47 -10.11 -9.30
C MET A 27 20.07 -11.41 -9.99
N GLN A 28 18.83 -11.45 -10.47
CA GLN A 28 18.34 -12.64 -11.16
C GLN A 28 18.86 -12.70 -12.59
N GLY A 29 19.01 -11.53 -13.20
CA GLY A 29 19.51 -11.46 -14.57
C GLY A 29 21.02 -11.62 -14.62
N PHE A 30 21.70 -11.11 -13.60
CA PHE A 30 23.15 -11.21 -13.53
C PHE A 30 23.57 -12.31 -12.56
N ASP A 31 24.79 -12.80 -12.71
CA ASP A 31 25.31 -13.85 -11.85
C ASP A 31 26.25 -13.28 -10.80
N ALA A 32 25.70 -12.93 -9.64
CA ALA A 32 26.50 -12.36 -8.57
C ALA A 32 25.60 -11.84 -7.44
N GLU A 33 26.17 -11.73 -6.24
CA GLU A 33 25.41 -11.24 -5.10
C GLU A 33 25.76 -9.79 -4.80
N VAL A 34 24.73 -8.95 -4.70
CA VAL A 34 24.94 -7.53 -4.42
C VAL A 34 24.58 -7.21 -2.98
N LEU A 35 25.43 -6.44 -2.30
CA LEU A 35 25.19 -6.08 -0.92
C LEU A 35 25.50 -4.60 -0.69
N LEU A 36 24.62 -3.91 0.02
CA LEU A 36 24.80 -2.49 0.30
C LEU A 36 25.21 -2.29 1.75
N ARG A 37 25.97 -1.22 1.99
CA ARG A 37 26.42 -0.92 3.35
C ARG A 37 26.53 0.60 3.56
N ASN A 38 26.04 1.07 4.69
CA ASN A 38 26.08 2.49 4.99
C ASN A 38 27.34 2.83 5.78
N ASP A 39 27.77 4.09 5.70
CA ASP A 39 28.97 4.52 6.41
C ASP A 39 28.89 4.16 7.88
N GLU A 40 27.66 4.10 8.39
CA GLU A 40 27.45 3.76 9.80
C GLU A 40 27.85 2.31 10.06
N GLY A 41 28.08 1.56 9.00
CA GLY A 41 28.48 0.16 9.13
C GLY A 41 27.26 -0.75 9.09
N THR A 42 26.12 -0.19 8.71
CA THR A 42 24.89 -0.97 8.62
C THR A 42 24.80 -1.69 7.28
N GLU A 43 24.80 -3.02 7.33
CA GLU A 43 24.71 -3.82 6.11
C GLU A 43 23.27 -3.85 5.59
N ALA A 44 23.02 -3.07 4.55
CA ALA A 44 21.69 -3.02 3.95
C ALA A 44 21.54 -4.08 2.87
N GLU A 45 21.58 -5.34 3.27
CA GLU A 45 21.45 -6.44 2.33
C GLU A 45 20.37 -6.13 1.30
N ALA A 46 20.77 -6.12 0.02
CA ALA A 46 19.83 -5.85 -1.05
C ALA A 46 18.73 -6.90 -1.10
N ASN A 47 18.92 -7.98 -0.33
CA ASN A 47 17.94 -9.06 -0.30
C ASN A 47 17.06 -8.94 0.94
N SER A 48 16.88 -7.72 1.41
CA SER A 48 16.05 -7.48 2.59
C SER A 48 15.32 -6.15 2.47
N VAL A 49 14.00 -6.19 2.57
CA VAL A 49 13.19 -4.99 2.47
C VAL A 49 13.51 -4.03 3.63
N ILE A 50 13.78 -4.60 4.80
CA ILE A 50 14.10 -3.80 5.97
C ILE A 50 15.37 -2.98 5.73
N ALA A 51 16.33 -3.57 5.03
CA ALA A 51 17.58 -2.90 4.73
C ALA A 51 17.34 -1.70 3.82
N LEU A 52 16.48 -1.89 2.82
CA LEU A 52 16.17 -0.81 1.88
C LEU A 52 15.59 0.39 2.61
N LEU A 53 14.77 0.13 3.63
CA LEU A 53 14.16 1.20 4.41
C LEU A 53 15.23 1.97 5.18
N MET A 54 16.23 1.26 5.65
CA MET A 54 17.31 1.90 6.40
C MET A 54 18.15 2.80 5.51
N LEU A 55 18.32 2.38 4.25
CA LEU A 55 19.09 3.17 3.29
C LEU A 55 18.41 4.51 3.03
N ASP A 56 17.08 4.50 3.02
CA ASP A 56 16.32 5.72 2.78
C ASP A 56 16.77 6.83 3.73
N SER A 57 17.13 6.45 4.95
CA SER A 57 17.58 7.43 5.94
C SER A 57 19.01 7.87 5.65
N ALA A 58 19.64 7.21 4.68
CA ALA A 58 21.01 7.55 4.31
C ALA A 58 21.03 8.74 3.35
N LYS A 59 20.04 9.61 3.48
CA LYS A 59 19.96 10.80 2.62
C LYS A 59 21.06 11.78 2.96
N GLY A 60 22.15 11.73 2.21
CA GLY A 60 23.27 12.63 2.43
C GLY A 60 24.45 11.89 3.07
N ARG A 61 24.30 10.58 3.21
CA ARG A 61 25.34 9.76 3.80
C ARG A 61 26.06 8.94 2.73
N GLN A 62 27.22 8.40 3.08
CA GLN A 62 28.00 7.59 2.15
C GLN A 62 27.74 6.11 2.37
N ILE A 63 27.71 5.36 1.28
CA ILE A 63 27.48 3.92 1.36
C ILE A 63 28.53 3.15 0.57
N GLU A 64 28.65 1.85 0.85
CA GLU A 64 29.63 1.02 0.16
C GLU A 64 28.94 -0.18 -0.47
N VAL A 65 28.71 -0.11 -1.77
CA VAL A 65 28.06 -1.19 -2.49
C VAL A 65 29.07 -2.29 -2.83
N GLU A 66 28.72 -3.52 -2.50
CA GLU A 66 29.61 -4.66 -2.77
C GLU A 66 28.91 -5.69 -3.66
N ALA A 67 29.64 -6.24 -4.61
CA ALA A 67 29.08 -7.23 -5.52
C ALA A 67 30.08 -8.36 -5.76
N THR A 68 29.61 -9.60 -5.61
CA THR A 68 30.47 -10.76 -5.81
C THR A 68 29.91 -11.66 -6.90
N GLY A 69 30.79 -12.21 -7.73
CA GLY A 69 30.37 -13.09 -8.81
C GLY A 69 31.06 -12.72 -10.11
N PRO A 70 30.72 -13.40 -11.18
CA PRO A 70 31.31 -13.15 -12.53
C PRO A 70 30.81 -11.85 -13.13
N GLN A 71 29.54 -11.54 -12.90
CA GLN A 71 28.95 -10.32 -13.44
C GLN A 71 28.93 -9.23 -12.38
N GLU A 72 29.49 -9.52 -11.22
CA GLU A 72 29.54 -8.56 -10.13
C GLU A 72 29.72 -7.14 -10.67
N GLU A 73 30.60 -7.01 -11.66
CA GLU A 73 30.87 -5.70 -12.26
C GLU A 73 29.59 -5.10 -12.83
N GLU A 74 28.87 -5.90 -13.61
CA GLU A 74 27.62 -5.44 -14.22
C GLU A 74 26.63 -5.01 -13.13
N ALA A 75 26.41 -5.89 -12.17
CA ALA A 75 25.47 -5.59 -11.08
C ALA A 75 25.87 -4.29 -10.38
N LEU A 76 27.15 -4.19 -10.02
CA LEU A 76 27.65 -3.00 -9.34
C LEU A 76 27.56 -1.78 -10.27
N ALA A 77 27.94 -1.96 -11.53
CA ALA A 77 27.89 -0.88 -12.49
C ALA A 77 26.46 -0.41 -12.70
N ALA A 78 25.54 -1.37 -12.80
CA ALA A 78 24.13 -1.04 -13.00
C ALA A 78 23.60 -0.21 -11.84
N VAL A 79 23.96 -0.62 -10.62
CA VAL A 79 23.51 0.10 -9.43
C VAL A 79 24.13 1.50 -9.38
N ILE A 80 25.41 1.58 -9.71
CA ILE A 80 26.11 2.86 -9.70
C ILE A 80 25.53 3.79 -10.75
N ALA A 81 25.22 3.24 -11.92
CA ALA A 81 24.66 4.04 -13.01
C ALA A 81 23.29 4.58 -12.61
N LEU A 82 22.54 3.78 -11.87
CA LEU A 82 21.21 4.18 -11.43
C LEU A 82 21.31 5.23 -10.33
N PHE A 83 22.30 5.06 -9.46
CA PHE A 83 22.50 5.99 -8.35
C PHE A 83 22.99 7.34 -8.87
N ASN A 84 23.75 7.30 -9.96
CA ASN A 84 24.28 8.52 -10.55
C ASN A 84 23.23 9.18 -11.45
N SER A 85 22.11 8.50 -11.63
CA SER A 85 21.03 9.04 -12.46
C SER A 85 21.36 8.85 -13.94
N ARG B 2 -23.66 18.82 5.00
CA ARG B 2 -22.62 19.66 4.36
C ARG B 2 -21.43 19.83 5.31
N ILE B 3 -20.67 18.75 5.49
CA ILE B 3 -19.52 18.78 6.38
C ILE B 3 -18.27 19.20 5.61
N ARG B 4 -17.68 20.32 6.02
CA ARG B 4 -16.49 20.82 5.36
C ARG B 4 -15.37 19.78 5.41
N ALA B 5 -14.79 19.49 4.25
CA ALA B 5 -13.71 18.51 4.17
C ALA B 5 -12.65 18.95 3.17
N LEU B 6 -11.44 18.42 3.33
CA LEU B 6 -10.35 18.76 2.41
C LEU B 6 -10.44 17.96 1.12
N PRO B 7 -10.72 18.63 0.03
CA PRO B 7 -10.84 17.97 -1.30
C PRO B 7 -9.49 17.54 -1.86
N ALA B 8 -9.33 16.23 -2.03
CA ALA B 8 -8.08 15.69 -2.56
C ALA B 8 -8.13 15.61 -4.09
N ALA B 9 -9.31 15.34 -4.61
CA ALA B 9 -9.49 15.24 -6.06
C ALA B 9 -10.79 15.88 -6.49
N PRO B 10 -10.71 17.01 -7.15
CA PRO B 10 -11.92 17.75 -7.63
C PRO B 10 -12.92 16.84 -8.34
N GLY B 11 -14.20 17.12 -8.18
CA GLY B 11 -15.24 16.33 -8.80
C GLY B 11 -16.33 15.96 -7.80
N VAL B 12 -17.41 15.37 -8.29
CA VAL B 12 -18.51 14.97 -7.42
C VAL B 12 -18.90 13.52 -7.67
N ALA B 13 -19.31 12.83 -6.61
CA ALA B 13 -19.69 11.43 -6.73
C ALA B 13 -20.93 11.15 -5.88
N ILE B 14 -21.83 10.32 -6.41
CA ILE B 14 -23.05 9.98 -5.70
C ILE B 14 -23.23 8.47 -5.65
N ALA B 15 -23.48 7.95 -4.45
CA ALA B 15 -23.66 6.52 -4.27
C ALA B 15 -23.74 6.17 -2.79
N GLU B 16 -24.02 4.90 -2.50
CA GLU B 16 -24.11 4.45 -1.11
C GLU B 16 -22.73 4.38 -0.47
N GLY B 17 -22.70 4.37 0.85
CA GLY B 17 -21.43 4.31 1.58
C GLY B 17 -21.19 2.91 2.14
N TRP B 18 -20.08 2.31 1.76
CA TRP B 18 -19.74 0.97 2.22
C TRP B 18 -18.44 0.99 3.02
N GLN B 19 -18.45 0.34 4.18
CA GLN B 19 -17.26 0.29 5.03
C GLN B 19 -16.15 -0.53 4.36
N ASP B 20 -14.94 0.02 4.35
CA ASP B 20 -13.81 -0.66 3.75
C ASP B 20 -13.59 -2.03 4.39
N ALA B 21 -13.34 -3.04 3.57
CA ALA B 21 -13.12 -4.38 4.07
C ALA B 21 -11.96 -4.40 5.06
N THR B 22 -11.19 -3.31 5.09
CA THR B 22 -10.05 -3.22 5.99
C THR B 22 -10.52 -3.26 7.44
N LEU B 23 -10.29 -4.39 8.10
CA LEU B 23 -10.69 -4.55 9.49
C LEU B 23 -9.53 -5.09 10.32
N PRO B 24 -9.58 -4.90 11.61
CA PRO B 24 -8.52 -5.37 12.55
C PRO B 24 -8.56 -6.88 12.73
N LEU B 25 -7.40 -7.53 12.58
CA LEU B 25 -7.31 -8.97 12.73
C LEU B 25 -6.94 -9.33 14.18
N MET B 26 -7.00 -8.34 15.05
CA MET B 26 -6.67 -8.56 16.46
C MET B 26 -7.73 -9.42 17.14
N GLU B 27 -8.99 -9.19 16.78
CA GLU B 27 -10.09 -9.95 17.36
C GLU B 27 -10.50 -11.10 16.43
N GLN B 28 -10.08 -11.00 15.16
CA GLN B 28 -10.40 -12.03 14.20
C GLN B 28 -9.72 -13.35 14.56
N VAL B 29 -8.48 -13.24 15.04
CA VAL B 29 -7.73 -14.44 15.42
C VAL B 29 -8.45 -15.18 16.55
N TYR B 30 -8.37 -16.51 16.51
CA TYR B 30 -9.00 -17.34 17.53
C TYR B 30 -8.92 -18.81 17.15
N GLN B 31 -7.80 -19.44 17.48
CA GLN B 31 -7.61 -20.85 17.18
C GLN B 31 -7.10 -21.60 18.41
N ALA B 32 -7.12 -22.93 18.33
CA ALA B 32 -6.66 -23.76 19.44
C ALA B 32 -5.15 -23.65 19.61
N SER B 33 -4.58 -24.55 20.40
CA SER B 33 -3.14 -24.55 20.63
C SER B 33 -2.51 -25.86 20.14
N THR B 34 -2.12 -25.87 18.87
CA THR B 34 -1.51 -27.07 18.29
C THR B 34 -0.42 -26.68 17.30
N LEU B 35 0.79 -27.17 17.53
CA LEU B 35 1.91 -26.87 16.66
C LEU B 35 1.97 -27.88 15.51
N ASP B 36 2.38 -27.40 14.33
CA ASP B 36 2.48 -28.27 13.16
C ASP B 36 3.51 -27.72 12.18
N PRO B 37 4.70 -28.24 12.21
CA PRO B 37 5.81 -27.81 11.31
C PRO B 37 5.59 -28.27 9.87
N ALA B 38 4.76 -29.30 9.70
CA ALA B 38 4.47 -29.83 8.38
C ALA B 38 3.20 -29.20 7.81
N LEU B 39 2.08 -29.44 8.50
CA LEU B 39 0.81 -28.88 8.06
C LEU B 39 0.82 -27.35 8.14
N GLU B 40 1.48 -26.83 9.17
CA GLU B 40 1.56 -25.38 9.36
C GLU B 40 2.44 -24.76 8.27
N ARG B 41 3.69 -25.20 8.22
CA ARG B 41 4.63 -24.67 7.22
C ARG B 41 4.00 -24.71 5.83
N GLU B 42 3.52 -25.89 5.44
CA GLU B 42 2.89 -26.04 4.12
C GLU B 42 1.68 -25.12 4.00
N ARG B 43 0.91 -25.01 5.08
CA ARG B 43 -0.27 -24.17 5.09
C ARG B 43 0.10 -22.74 4.69
N LEU B 44 1.25 -22.27 5.18
CA LEU B 44 1.70 -20.92 4.87
C LEU B 44 2.08 -20.81 3.40
N THR B 45 2.90 -21.76 2.94
CA THR B 45 3.33 -21.76 1.54
C THR B 45 2.11 -21.70 0.62
N GLY B 46 1.14 -22.58 0.85
CA GLY B 46 -0.06 -22.61 0.04
C GLY B 46 -0.83 -21.30 0.15
N ALA B 47 -0.84 -20.74 1.35
CA ALA B 47 -1.54 -19.48 1.59
C ALA B 47 -0.83 -18.33 0.88
N LEU B 48 0.49 -18.27 1.03
CA LEU B 48 1.28 -17.23 0.40
C LEU B 48 1.15 -17.30 -1.12
N GLU B 49 1.37 -18.49 -1.66
CA GLU B 49 1.27 -18.70 -3.11
C GLU B 49 -0.09 -18.22 -3.61
N GLU B 50 -1.13 -18.48 -2.84
CA GLU B 50 -2.48 -18.07 -3.21
C GLU B 50 -2.64 -16.56 -3.06
N ALA B 51 -1.98 -16.00 -2.06
CA ALA B 51 -2.05 -14.56 -1.82
C ALA B 51 -1.04 -13.82 -2.69
N ALA B 52 0.20 -14.31 -2.69
CA ALA B 52 1.24 -13.68 -3.50
C ALA B 52 0.88 -13.71 -4.97
N ASN B 53 0.47 -14.89 -5.46
CA ASN B 53 0.09 -15.04 -6.85
C ASN B 53 -1.10 -14.15 -7.18
N GLU B 54 -2.02 -14.02 -6.22
CA GLU B 54 -3.21 -13.20 -6.42
C GLU B 54 -2.83 -11.73 -6.50
N PHE B 55 -1.79 -11.34 -5.75
CA PHE B 55 -1.34 -9.96 -5.76
C PHE B 55 -0.66 -9.63 -7.08
N ARG B 56 0.12 -10.57 -7.59
CA ARG B 56 0.82 -10.36 -8.85
C ARG B 56 -0.17 -10.10 -9.98
N ARG B 57 -1.24 -10.88 -10.01
CA ARG B 57 -2.26 -10.72 -11.05
C ARG B 57 -3.08 -9.47 -10.78
N TYR B 58 -3.32 -9.16 -9.51
CA TYR B 58 -4.10 -7.99 -9.15
C TYR B 58 -3.46 -6.73 -9.72
N SER B 59 -2.20 -6.49 -9.37
CA SER B 59 -1.49 -5.32 -9.86
C SER B 59 -1.37 -5.36 -11.38
N LYS B 60 -0.94 -6.51 -11.90
CA LYS B 60 -0.79 -6.68 -13.34
C LYS B 60 -2.05 -6.21 -14.06
N ARG B 61 -3.20 -6.55 -13.50
CA ARG B 61 -4.47 -6.16 -14.11
C ARG B 61 -4.67 -4.65 -14.02
N PHE B 62 -4.32 -4.08 -12.88
CA PHE B 62 -4.46 -2.64 -12.69
C PHE B 62 -3.47 -1.89 -13.57
N ALA B 63 -2.24 -2.39 -13.64
CA ALA B 63 -1.21 -1.76 -14.45
C ALA B 63 -1.68 -1.61 -15.89
N ALA B 64 -2.38 -2.63 -16.38
CA ALA B 64 -2.88 -2.60 -17.76
C ALA B 64 -3.74 -1.36 -17.99
N GLY B 65 -4.12 -0.70 -16.90
CA GLY B 65 -4.94 0.50 -16.99
C GLY B 65 -4.62 1.47 -15.87
N ALA B 66 -4.91 1.06 -14.64
CA ALA B 66 -4.65 1.91 -13.48
C ALA B 66 -3.46 2.83 -13.75
N GLN B 67 -2.47 2.78 -12.87
CA GLN B 67 -1.28 3.62 -13.02
C GLN B 67 -0.03 2.84 -12.66
N LYS B 68 1.12 3.46 -12.86
CA LYS B 68 2.40 2.81 -12.55
C LYS B 68 2.56 2.64 -11.05
N GLU B 69 1.82 3.44 -10.27
CA GLU B 69 1.89 3.37 -8.82
C GLU B 69 1.63 1.95 -8.34
N THR B 70 0.58 1.33 -8.86
CA THR B 70 0.23 -0.04 -8.48
C THR B 70 1.25 -1.03 -9.05
N ALA B 71 1.60 -0.84 -10.31
CA ALA B 71 2.56 -1.73 -10.95
C ALA B 71 3.89 -1.72 -10.19
N ALA B 72 4.32 -0.54 -9.77
CA ALA B 72 5.57 -0.40 -9.04
C ALA B 72 5.45 -1.03 -7.65
N ILE B 73 4.31 -0.82 -7.01
CA ILE B 73 4.08 -1.36 -5.67
C ILE B 73 4.08 -2.89 -5.71
N PHE B 74 3.29 -3.45 -6.64
CA PHE B 74 3.20 -4.90 -6.77
C PHE B 74 4.60 -5.51 -6.91
N ASP B 75 5.34 -5.06 -7.91
CA ASP B 75 6.68 -5.57 -8.13
C ASP B 75 7.45 -5.68 -6.81
N LEU B 76 7.30 -4.67 -5.97
CA LEU B 76 7.96 -4.66 -4.67
C LEU B 76 7.27 -5.61 -3.70
N TYR B 77 5.94 -5.63 -3.76
CA TYR B 77 5.16 -6.50 -2.88
C TYR B 77 5.51 -7.97 -3.13
N SER B 78 5.52 -8.36 -4.41
CA SER B 78 5.83 -9.72 -4.77
C SER B 78 7.13 -10.18 -4.10
N HIS B 79 8.15 -9.33 -4.17
CA HIS B 79 9.44 -9.65 -3.57
C HIS B 79 9.33 -9.67 -2.05
N LEU B 80 8.45 -8.82 -1.51
CA LEU B 80 8.26 -8.75 -0.06
C LEU B 80 7.64 -10.05 0.46
N LEU B 81 6.57 -10.49 -0.19
CA LEU B 81 5.90 -11.71 0.22
C LEU B 81 6.75 -12.94 -0.11
N SER B 82 7.39 -12.91 -1.27
CA SER B 82 8.24 -14.02 -1.69
C SER B 82 9.60 -13.94 -1.00
N ASP B 83 9.79 -12.90 -0.18
CA ASP B 83 11.05 -12.72 0.53
C ASP B 83 11.26 -13.83 1.55
N THR B 84 12.39 -14.52 1.45
CA THR B 84 12.70 -15.61 2.36
C THR B 84 12.88 -15.09 3.79
N ARG B 85 12.76 -13.77 3.94
CA ARG B 85 12.91 -13.15 5.25
C ARG B 85 11.64 -13.34 6.08
N LEU B 86 10.49 -13.08 5.46
CA LEU B 86 9.21 -13.22 6.14
C LEU B 86 8.78 -14.67 6.17
N ARG B 87 9.13 -15.42 5.13
CA ARG B 87 8.77 -16.82 5.05
C ARG B 87 9.43 -17.62 6.18
N ARG B 88 10.73 -17.42 6.34
CA ARG B 88 11.47 -18.12 7.38
C ARG B 88 11.00 -17.69 8.77
N GLU B 89 10.70 -16.40 8.90
CA GLU B 89 10.22 -15.88 10.19
C GLU B 89 9.04 -16.69 10.70
N LEU B 90 8.04 -16.88 9.84
CA LEU B 90 6.85 -17.64 10.22
C LEU B 90 7.24 -19.06 10.65
N PHE B 91 7.93 -19.77 9.76
CA PHE B 91 8.35 -21.13 10.06
C PHE B 91 9.20 -21.17 11.33
N ALA B 92 9.98 -20.12 11.54
CA ALA B 92 10.84 -20.04 12.72
C ALA B 92 10.00 -20.06 13.99
N GLU B 93 8.87 -19.36 13.97
CA GLU B 93 7.99 -19.31 15.12
C GLU B 93 7.28 -20.64 15.32
N VAL B 94 6.80 -21.22 14.22
CA VAL B 94 6.10 -22.50 14.29
C VAL B 94 7.06 -23.61 14.71
N ASP B 95 8.29 -23.56 14.20
CA ASP B 95 9.29 -24.57 14.54
C ASP B 95 9.56 -24.57 16.04
N LYS B 96 9.05 -23.55 16.73
CA LYS B 96 9.25 -23.46 18.17
C LYS B 96 8.05 -24.04 18.92
N GLY B 97 6.93 -24.19 18.20
CA GLY B 97 5.73 -24.74 18.80
C GLY B 97 4.59 -23.73 18.77
N SER B 98 4.73 -22.71 17.91
CA SER B 98 3.71 -21.68 17.79
C SER B 98 2.79 -21.97 16.60
N VAL B 99 1.60 -21.38 16.62
CA VAL B 99 0.65 -21.58 15.54
C VAL B 99 0.77 -20.47 14.50
N ALA B 100 0.53 -20.80 13.24
CA ALA B 100 0.62 -19.83 12.17
C ALA B 100 -0.28 -18.63 12.45
N GLU B 101 -1.53 -18.92 12.80
CA GLU B 101 -2.48 -17.85 13.09
C GLU B 101 -1.81 -16.72 13.86
N TRP B 102 -1.13 -17.06 14.94
CA TRP B 102 -0.45 -16.06 15.75
C TRP B 102 0.84 -15.61 15.06
N ALA B 103 1.59 -16.58 14.52
CA ALA B 103 2.84 -16.27 13.84
C ALA B 103 2.59 -15.30 12.69
N VAL B 104 1.55 -15.56 11.91
CA VAL B 104 1.23 -14.70 10.78
C VAL B 104 0.93 -13.28 11.24
N LYS B 105 0.28 -13.17 12.39
CA LYS B 105 -0.05 -11.85 12.94
C LYS B 105 1.14 -11.28 13.70
N THR B 106 1.92 -12.14 14.33
CA THR B 106 3.09 -11.70 15.09
C THR B 106 4.18 -11.21 14.14
N VAL B 107 4.56 -12.06 13.20
CA VAL B 107 5.59 -11.70 12.23
C VAL B 107 5.29 -10.37 11.58
N ILE B 108 4.13 -10.27 10.93
CA ILE B 108 3.72 -9.04 10.27
C ILE B 108 3.63 -7.90 11.27
N GLU B 109 3.03 -8.18 12.43
CA GLU B 109 2.88 -7.17 13.47
C GLU B 109 4.25 -6.65 13.91
N LYS B 110 5.19 -7.56 14.07
CA LYS B 110 6.54 -7.19 14.49
C LYS B 110 7.23 -6.37 13.41
N PHE B 111 6.95 -6.71 12.15
CA PHE B 111 7.55 -6.00 11.02
C PHE B 111 6.89 -4.64 10.83
N ALA B 112 5.65 -4.52 11.29
CA ALA B 112 4.91 -3.27 11.16
C ALA B 112 5.52 -2.19 12.04
N GLU B 113 5.93 -2.57 13.24
CA GLU B 113 6.54 -1.64 14.18
C GLU B 113 8.02 -1.45 13.87
N GLN B 114 8.64 -2.48 13.31
CA GLN B 114 10.05 -2.43 12.97
C GLN B 114 10.31 -1.36 11.92
N PHE B 115 9.47 -1.35 10.89
CA PHE B 115 9.61 -0.37 9.81
C PHE B 115 9.27 1.03 10.31
N ALA B 116 8.23 1.12 11.13
CA ALA B 116 7.80 2.42 11.68
C ALA B 116 8.94 3.07 12.45
N ALA B 117 9.60 2.29 13.30
CA ALA B 117 10.70 2.81 14.10
C ALA B 117 11.47 3.87 13.32
N LEU B 118 11.51 3.72 12.00
CA LEU B 118 12.22 4.67 11.16
C LEU B 118 11.39 5.94 10.98
N SER B 119 11.95 6.91 10.25
CA SER B 119 11.25 8.17 10.02
C SER B 119 11.08 8.42 8.52
N ASP B 120 11.68 7.56 7.71
CA ASP B 120 11.59 7.69 6.26
C ASP B 120 10.16 7.40 5.79
N ASN B 121 9.46 8.45 5.36
CA ASN B 121 8.10 8.29 4.89
C ASN B 121 8.05 7.37 3.68
N TYR B 122 9.13 7.37 2.89
CA TYR B 122 9.20 6.52 1.71
C TYR B 122 8.95 5.07 2.08
N LEU B 123 9.54 4.63 3.19
CA LEU B 123 9.36 3.25 3.64
C LEU B 123 8.56 3.22 4.94
N LYS B 124 8.89 4.11 5.86
CA LYS B 124 8.19 4.16 7.14
C LYS B 124 6.68 4.16 6.92
N GLU B 125 6.20 5.07 6.07
CA GLU B 125 4.77 5.15 5.79
C GLU B 125 4.29 3.84 5.17
N ARG B 126 5.08 3.27 4.27
CA ARG B 126 4.72 2.02 3.62
C ARG B 126 4.45 0.95 4.65
N ALA B 127 5.10 1.06 5.81
CA ALA B 127 4.91 0.08 6.87
C ALA B 127 3.45 -0.28 7.02
N GLY B 128 2.59 0.73 7.02
CA GLY B 128 1.15 0.50 7.15
C GLY B 128 0.71 -0.67 6.28
N ASP B 129 1.35 -0.82 5.12
CA ASP B 129 1.02 -1.90 4.21
C ASP B 129 1.21 -3.25 4.89
N LEU B 130 2.26 -3.35 5.69
CA LEU B 130 2.55 -4.60 6.40
C LEU B 130 1.30 -5.09 7.13
N ARG B 131 0.71 -4.22 7.95
CA ARG B 131 -0.49 -4.58 8.69
C ARG B 131 -1.55 -5.13 7.75
N ALA B 132 -1.70 -4.48 6.60
CA ALA B 132 -2.68 -4.91 5.61
C ALA B 132 -2.27 -6.25 5.00
N LEU B 133 -0.96 -6.43 4.84
CA LEU B 133 -0.43 -7.66 4.26
C LEU B 133 -0.90 -8.86 5.08
N GLY B 134 -0.82 -8.74 6.39
CA GLY B 134 -1.24 -9.83 7.27
C GLY B 134 -2.70 -10.19 7.01
N GLN B 135 -3.53 -9.18 6.81
CA GLN B 135 -4.94 -9.39 6.55
C GLN B 135 -5.13 -10.21 5.27
N ARG B 136 -4.28 -9.94 4.28
CA ARG B 136 -4.36 -10.65 3.01
C ARG B 136 -4.00 -12.12 3.21
N LEU B 137 -2.98 -12.38 4.03
CA LEU B 137 -2.56 -13.74 4.29
C LEU B 137 -3.59 -14.45 5.16
N LEU B 138 -4.13 -13.73 6.14
CA LEU B 138 -5.13 -14.31 7.03
C LEU B 138 -6.38 -14.71 6.24
N PHE B 139 -6.77 -13.86 5.30
CA PHE B 139 -7.95 -14.12 4.48
C PHE B 139 -7.74 -15.38 3.66
N HIS B 140 -6.58 -15.51 3.04
CA HIS B 140 -6.26 -16.66 2.22
C HIS B 140 -5.93 -17.87 3.11
N LEU B 141 -5.55 -17.59 4.35
CA LEU B 141 -5.22 -18.65 5.29
C LEU B 141 -6.44 -19.51 5.59
N ASP B 142 -7.63 -18.96 5.31
CA ASP B 142 -8.86 -19.68 5.55
C ASP B 142 -9.51 -20.11 4.23
N ASP B 143 -9.61 -21.43 4.03
CA ASP B 143 -10.20 -21.95 2.81
C ASP B 143 -11.67 -21.55 2.71
N ALA B 144 -12.22 -21.04 3.81
CA ALA B 144 -13.62 -20.64 3.85
C ALA B 144 -13.76 -19.19 3.39
N ASN B 145 -12.64 -18.49 3.27
CA ASN B 145 -12.65 -17.10 2.85
C ASN B 145 -13.57 -16.28 3.75
N GLN B 146 -13.06 -15.15 4.22
CA GLN B 146 -13.84 -14.27 5.09
C GLN B 146 -13.93 -12.87 4.51
N GLY B 147 -14.86 -12.07 5.02
CA GLY B 147 -15.03 -10.70 4.54
C GLY B 147 -15.14 -10.67 3.02
N PRO B 148 -16.21 -11.19 2.49
CA PRO B 148 -16.45 -11.22 1.02
C PRO B 148 -16.78 -9.84 0.45
N ASN B 149 -16.58 -9.68 -0.86
CA ASN B 149 -16.85 -8.41 -1.50
C ASN B 149 -18.15 -8.48 -2.30
N ALA B 150 -18.29 -9.54 -3.10
CA ALA B 150 -19.49 -9.70 -3.91
C ALA B 150 -19.60 -8.61 -4.96
N TRP B 151 -19.14 -8.91 -6.17
CA TRP B 151 -19.19 -7.94 -7.25
C TRP B 151 -20.46 -7.10 -7.17
N PRO B 152 -20.42 -6.04 -6.41
CA PRO B 152 -21.59 -5.13 -6.24
C PRO B 152 -21.87 -4.30 -7.48
N GLU B 153 -22.82 -3.38 -7.38
CA GLU B 153 -23.16 -2.52 -8.51
C GLU B 153 -22.41 -1.19 -8.43
N ARG B 154 -22.54 -0.52 -7.29
CA ARG B 154 -21.86 0.75 -7.09
C ARG B 154 -21.89 1.16 -5.61
N PHE B 155 -20.76 1.62 -5.11
CA PHE B 155 -20.66 2.03 -3.71
C PHE B 155 -19.47 2.96 -3.51
N ILE B 156 -19.44 3.63 -2.36
CA ILE B 156 -18.36 4.55 -2.05
C ILE B 156 -17.45 3.97 -0.97
N LEU B 157 -16.14 4.13 -1.14
CA LEU B 157 -15.18 3.61 -0.18
C LEU B 157 -15.01 4.58 0.98
N VAL B 158 -15.34 4.14 2.18
CA VAL B 158 -15.22 4.97 3.36
C VAL B 158 -14.33 4.29 4.41
N ALA B 159 -13.02 4.51 4.31
CA ALA B 159 -12.09 3.92 5.25
C ALA B 159 -11.30 5.01 5.98
N ASP B 160 -11.04 4.77 7.26
CA ASP B 160 -10.29 5.74 8.06
C ASP B 160 -8.92 5.99 7.46
N GLU B 161 -8.38 4.98 6.77
CA GLU B 161 -7.07 5.10 6.15
C GLU B 161 -7.04 4.34 4.83
N LEU B 162 -6.84 5.06 3.73
CA LEU B 162 -6.78 4.45 2.41
C LEU B 162 -5.38 3.95 2.11
N SER B 163 -5.29 2.68 1.69
CA SER B 163 -4.00 2.09 1.37
C SER B 163 -4.08 1.32 0.06
N ALA B 164 -3.01 1.41 -0.74
CA ALA B 164 -2.97 0.72 -2.02
C ALA B 164 -3.26 -0.77 -1.83
N THR B 165 -2.72 -1.35 -0.77
CA THR B 165 -2.93 -2.77 -0.50
C THR B 165 -4.42 -3.08 -0.42
N THR B 166 -5.16 -2.23 0.29
CA THR B 166 -6.60 -2.43 0.44
C THR B 166 -7.32 -2.14 -0.87
N LEU B 167 -7.10 -0.95 -1.41
CA LEU B 167 -7.73 -0.57 -2.67
C LEU B 167 -7.54 -1.65 -3.72
N ALA B 168 -6.37 -2.27 -3.72
CA ALA B 168 -6.06 -3.32 -4.68
C ALA B 168 -6.85 -4.59 -4.35
N GLU B 169 -7.83 -4.45 -3.47
CA GLU B 169 -8.64 -5.59 -3.07
C GLU B 169 -9.96 -5.61 -3.83
N LEU B 170 -10.49 -4.42 -4.10
CA LEU B 170 -11.75 -4.31 -4.83
C LEU B 170 -11.52 -3.70 -6.21
N PRO B 171 -12.36 -4.05 -7.15
CA PRO B 171 -12.26 -3.54 -8.55
C PRO B 171 -12.67 -2.07 -8.66
N GLN B 172 -11.96 -1.32 -9.49
CA GLN B 172 -12.26 0.10 -9.68
C GLN B 172 -13.62 0.28 -10.34
N ASP B 173 -14.14 -0.81 -10.90
CA ASP B 173 -15.44 -0.76 -11.56
C ASP B 173 -16.54 -0.38 -10.57
N ARG B 174 -16.49 -0.98 -9.39
CA ARG B 174 -17.50 -0.68 -8.36
C ARG B 174 -17.15 0.61 -7.63
N LEU B 175 -15.87 0.97 -7.64
CA LEU B 175 -15.42 2.18 -6.98
C LEU B 175 -15.96 3.41 -7.69
N VAL B 176 -16.96 4.05 -7.09
CA VAL B 176 -17.56 5.24 -7.68
C VAL B 176 -17.32 6.46 -6.80
N GLY B 177 -16.37 6.35 -5.88
CA GLY B 177 -16.05 7.45 -4.98
C GLY B 177 -15.10 6.99 -3.87
N VAL B 178 -14.43 7.94 -3.24
CA VAL B 178 -13.50 7.62 -2.16
C VAL B 178 -13.51 8.72 -1.10
N VAL B 179 -13.36 8.32 0.15
CA VAL B 179 -13.35 9.28 1.26
C VAL B 179 -12.76 8.65 2.51
N VAL B 180 -11.86 9.38 3.16
CA VAL B 180 -11.22 8.89 4.37
C VAL B 180 -11.43 9.86 5.53
N ARG B 181 -11.21 9.37 6.74
CA ARG B 181 -11.38 10.21 7.93
C ARG B 181 -10.07 10.93 8.26
N ASP B 182 -8.97 10.16 8.29
CA ASP B 182 -7.67 10.74 8.60
C ASP B 182 -6.69 10.48 7.46
N GLY B 183 -6.97 9.46 6.66
CA GLY B 183 -6.11 9.12 5.54
C GLY B 183 -5.23 10.29 5.16
N ALA B 184 -3.93 10.03 4.98
CA ALA B 184 -3.00 11.09 4.61
C ALA B 184 -3.09 11.39 3.12
N ALA B 185 -3.13 12.68 2.78
CA ALA B 185 -3.23 13.09 1.38
C ALA B 185 -1.93 12.77 0.64
N ASN B 186 -0.85 12.57 1.39
CA ASN B 186 0.44 12.27 0.80
C ASN B 186 0.66 10.75 0.76
N SER B 187 -0.37 10.00 1.13
CA SER B 187 -0.28 8.55 1.12
C SER B 187 -0.21 8.02 -0.30
N GLN B 188 0.19 6.76 -0.44
CA GLN B 188 0.29 6.13 -1.76
C GLN B 188 -1.08 6.06 -2.43
N ALA B 189 -2.08 5.64 -1.67
CA ALA B 189 -3.44 5.54 -2.19
C ALA B 189 -4.02 6.92 -2.45
N ALA B 190 -3.60 7.90 -1.67
CA ALA B 190 -4.09 9.25 -1.82
C ALA B 190 -3.72 9.81 -3.19
N ILE B 191 -2.47 9.62 -3.59
CA ILE B 191 -1.99 10.09 -4.88
C ILE B 191 -2.49 9.18 -6.00
N MET B 192 -2.83 7.95 -5.64
CA MET B 192 -3.32 6.98 -6.62
C MET B 192 -4.63 7.46 -7.24
N VAL B 193 -5.62 7.73 -6.40
CA VAL B 193 -6.92 8.21 -6.88
C VAL B 193 -6.78 9.59 -7.50
N ARG B 194 -6.01 10.45 -6.84
CA ARG B 194 -5.81 11.81 -7.34
C ARG B 194 -5.32 11.78 -8.80
N ALA B 195 -4.28 11.01 -9.05
CA ALA B 195 -3.72 10.91 -10.39
C ALA B 195 -4.64 10.09 -11.29
N LEU B 196 -5.48 9.25 -10.68
CA LEU B 196 -6.41 8.42 -11.43
C LEU B 196 -7.53 9.27 -12.02
N GLY B 197 -7.86 10.36 -11.33
CA GLY B 197 -8.92 11.25 -11.80
C GLY B 197 -10.26 10.88 -11.16
N ILE B 198 -10.19 10.25 -9.99
CA ILE B 198 -11.41 9.85 -9.29
C ILE B 198 -11.65 10.75 -8.08
N PRO B 199 -12.80 11.37 -8.02
CA PRO B 199 -13.17 12.27 -6.90
C PRO B 199 -12.87 11.66 -5.53
N THR B 200 -12.20 12.42 -4.68
CA THR B 200 -11.86 11.94 -3.35
C THR B 200 -11.88 13.08 -2.34
N VAL B 201 -12.35 12.78 -1.13
CA VAL B 201 -12.42 13.80 -0.08
C VAL B 201 -11.67 13.34 1.16
N MET B 202 -11.14 14.31 1.91
CA MET B 202 -10.40 13.99 3.13
C MET B 202 -10.90 14.82 4.31
N GLY B 203 -10.70 14.32 5.51
CA GLY B 203 -11.14 15.03 6.71
C GLY B 203 -12.55 14.60 7.11
N ALA B 204 -13.11 13.66 6.35
CA ALA B 204 -14.46 13.18 6.62
C ALA B 204 -14.61 12.82 8.10
N ASP B 205 -15.38 13.63 8.82
CA ASP B 205 -15.59 13.39 10.25
C ASP B 205 -16.83 12.51 10.46
N ILE B 206 -16.84 11.35 9.82
CA ILE B 206 -17.96 10.42 9.96
C ILE B 206 -17.47 8.98 9.96
N GLN B 207 -17.94 8.21 10.94
CA GLN B 207 -17.55 6.81 11.05
C GLN B 207 -18.12 6.00 9.89
N PRO B 208 -17.31 5.19 9.27
CA PRO B 208 -17.73 4.34 8.12
C PRO B 208 -18.62 3.17 8.56
N SER B 209 -18.44 2.74 9.81
CA SER B 209 -19.23 1.64 10.34
C SER B 209 -20.67 2.08 10.60
N VAL B 210 -20.88 3.39 10.60
CA VAL B 210 -22.22 3.94 10.84
C VAL B 210 -22.87 4.34 9.51
N LEU B 211 -22.15 4.13 8.41
CA LEU B 211 -22.67 4.47 7.10
C LEU B 211 -23.10 3.22 6.35
N HIS B 212 -23.02 2.07 7.03
CA HIS B 212 -23.40 0.81 6.40
C HIS B 212 -23.50 0.96 4.89
N ARG B 213 -24.67 1.36 4.41
CA ARG B 213 -24.88 1.53 2.98
C ARG B 213 -25.81 2.71 2.71
N ARG B 214 -25.79 3.69 3.62
CA ARG B 214 -26.64 4.87 3.46
C ARG B 214 -26.22 5.69 2.25
N THR B 215 -27.05 6.66 1.89
CA THR B 215 -26.75 7.51 0.74
C THR B 215 -25.68 8.55 1.10
N LEU B 216 -24.65 8.63 0.28
CA LEU B 216 -23.57 9.58 0.52
C LEU B 216 -23.32 10.43 -0.73
N ILE B 217 -23.01 11.71 -0.51
CA ILE B 217 -22.74 12.61 -1.62
C ILE B 217 -21.44 13.37 -1.40
N VAL B 218 -20.39 12.94 -2.09
CA VAL B 218 -19.09 13.59 -1.95
C VAL B 218 -18.90 14.64 -3.05
N ASP B 219 -18.46 15.83 -2.66
CA ASP B 219 -18.24 16.91 -3.62
C ASP B 219 -16.82 17.43 -3.51
N GLY B 220 -15.90 16.81 -4.26
CA GLY B 220 -14.50 17.22 -4.24
C GLY B 220 -14.36 18.68 -4.66
N TYR B 221 -15.20 19.11 -5.60
CA TYR B 221 -15.17 20.48 -6.07
C TYR B 221 -15.33 21.46 -4.92
N ARG B 222 -16.36 21.23 -4.10
CA ARG B 222 -16.61 22.10 -2.96
C ARG B 222 -15.89 21.58 -1.71
N GLY B 223 -15.40 20.34 -1.79
CA GLY B 223 -14.69 19.74 -0.67
C GLY B 223 -15.58 19.68 0.57
N GLU B 224 -16.68 18.94 0.45
CA GLU B 224 -17.61 18.80 1.57
C GLU B 224 -18.33 17.46 1.51
N LEU B 225 -19.05 17.13 2.57
CA LEU B 225 -19.78 15.88 2.62
C LEU B 225 -21.25 16.13 2.94
N LEU B 226 -22.14 15.59 2.11
CA LEU B 226 -23.57 15.76 2.33
C LEU B 226 -24.23 14.44 2.68
N VAL B 227 -25.41 14.51 3.29
CA VAL B 227 -26.13 13.31 3.69
C VAL B 227 -27.60 13.40 3.29
N ASP B 228 -28.03 12.47 2.45
CA ASP B 228 -29.42 12.45 1.99
C ASP B 228 -30.04 13.85 2.12
N PRO B 229 -29.39 14.83 1.57
CA PRO B 229 -29.87 16.25 1.61
C PRO B 229 -31.09 16.47 0.70
N GLU B 230 -31.85 17.52 0.99
CA GLU B 230 -33.02 17.82 0.20
C GLU B 230 -32.70 17.75 -1.29
N PRO B 231 -33.62 17.27 -2.08
CA PRO B 231 -33.43 17.14 -3.55
C PRO B 231 -33.46 18.50 -4.25
N VAL B 232 -33.78 19.55 -3.50
CA VAL B 232 -33.84 20.89 -4.06
C VAL B 232 -32.43 21.43 -4.30
N LEU B 233 -31.52 21.13 -3.39
CA LEU B 233 -30.14 21.60 -3.52
C LEU B 233 -29.51 21.03 -4.78
N LEU B 234 -29.65 19.72 -4.97
CA LEU B 234 -29.08 19.06 -6.15
C LEU B 234 -29.71 19.62 -7.42
N GLN B 235 -30.99 19.93 -7.36
CA GLN B 235 -31.70 20.48 -8.52
C GLN B 235 -30.99 21.72 -9.04
N GLU B 236 -30.92 22.75 -8.20
CA GLU B 236 -30.28 24.00 -8.59
C GLU B 236 -28.87 23.73 -9.12
N TYR B 237 -28.13 22.88 -8.41
CA TYR B 237 -26.77 22.55 -8.82
C TYR B 237 -26.74 22.11 -10.27
N GLN B 238 -27.62 21.16 -10.62
CA GLN B 238 -27.68 20.67 -12.00
C GLN B 238 -28.02 21.80 -12.96
N ARG B 239 -28.86 22.72 -12.52
CA ARG B 239 -29.26 23.86 -13.35
C ARG B 239 -28.15 24.90 -13.41
N LEU B 240 -27.40 25.02 -12.31
CA LEU B 240 -26.31 25.98 -12.24
C LEU B 240 -25.11 25.49 -13.04
N ILE B 241 -24.78 24.21 -12.89
CA ILE B 241 -23.66 23.62 -13.61
C ILE B 241 -23.84 23.78 -15.12
N SER B 242 -25.07 23.54 -15.58
CA SER B 242 -25.37 23.65 -17.00
C SER B 242 -25.43 25.11 -17.43
N GLU B 243 -25.54 26.00 -16.45
CA GLU B 243 -25.60 27.43 -16.73
C GLU B 243 -24.36 27.88 -17.49
N GLU B 244 -23.24 27.98 -16.78
CA GLU B 244 -21.98 28.40 -17.39
C GLU B 244 -20.87 28.44 -16.36
N ILE B 245 -20.83 27.43 -15.50
CA ILE B 245 -19.80 27.36 -14.46
C ILE B 245 -18.80 26.25 -14.77
N GLU B 246 -18.23 26.29 -15.98
CA GLU B 246 -17.26 25.29 -16.39
C GLU B 246 -16.01 25.94 -16.94
N LEU B 247 -14.95 25.94 -16.13
CA LEU B 247 -13.68 26.54 -16.56
C LEU B 247 -13.54 26.49 -18.07
N SER B 248 -13.84 25.34 -18.65
CA SER B 248 -13.74 25.16 -20.09
C SER B 248 -13.98 26.49 -20.80
N ARG B 249 -14.97 27.24 -20.35
CA ARG B 249 -15.29 28.53 -20.95
C ARG B 249 -15.40 29.61 -19.88
N LEU B 250 -15.26 29.21 -18.62
CA LEU B 250 -15.34 30.14 -17.51
C LEU B 250 -16.64 30.95 -17.58
N ALA B 251 -16.71 31.87 -18.53
CA ALA B 251 -17.90 32.69 -18.70
C ALA B 251 -18.06 33.14 -20.15
N GLU B 252 -19.29 33.19 -20.62
CA GLU B 252 -19.56 33.61 -22.00
C GLU B 252 -19.84 35.10 -22.07
N ASP B 253 -18.87 35.91 -21.64
CA ASP B 253 -19.03 37.36 -21.66
C ASP B 253 -17.73 38.03 -22.09
N ASP B 254 -17.74 39.36 -22.12
CA ASP B 254 -16.55 40.12 -22.52
C ASP B 254 -15.61 40.28 -21.34
N VAL B 255 -14.48 40.95 -21.57
CA VAL B 255 -13.50 41.17 -20.51
C VAL B 255 -14.13 41.91 -19.34
N ASN B 256 -15.43 42.17 -19.44
CA ASN B 256 -16.14 42.87 -18.38
C ASN B 256 -17.59 42.43 -18.33
N MET A 1 37.68 -12.38 -7.05
CA MET A 1 37.36 -11.79 -5.72
C MET A 1 36.12 -10.91 -5.84
N THR A 2 35.77 -10.24 -4.74
CA THR A 2 34.59 -9.37 -4.74
C THR A 2 34.95 -8.00 -5.30
N VAL A 3 33.92 -7.25 -5.71
CA VAL A 3 34.13 -5.93 -6.27
C VAL A 3 33.13 -4.94 -5.69
N LYS A 4 33.64 -3.92 -5.01
CA LYS A 4 32.78 -2.91 -4.40
C LYS A 4 33.19 -1.51 -4.86
N GLN A 5 32.39 -0.52 -4.47
CA GLN A 5 32.68 0.87 -4.83
C GLN A 5 31.92 1.83 -3.94
N THR A 6 32.60 2.87 -3.48
CA THR A 6 31.97 3.87 -2.60
C THR A 6 31.20 4.89 -3.42
N VAL A 7 29.92 5.06 -3.10
CA VAL A 7 29.08 6.01 -3.81
C VAL A 7 28.41 6.97 -2.83
N GLU A 8 28.60 8.27 -3.04
CA GLU A 8 28.01 9.28 -2.17
C GLU A 8 26.55 9.53 -2.55
N ILE A 9 25.67 9.39 -1.58
CA ILE A 9 24.24 9.60 -1.82
C ILE A 9 23.87 11.06 -1.61
N THR A 10 23.64 11.78 -2.70
CA THR A 10 23.29 13.19 -2.62
C THR A 10 21.80 13.35 -2.35
N ASN A 11 21.32 12.70 -1.29
CA ASN A 11 19.91 12.77 -0.94
C ASN A 11 19.05 12.13 -2.02
N LYS A 12 19.65 11.21 -2.78
CA LYS A 12 18.93 10.53 -3.85
C LYS A 12 19.70 9.28 -4.29
N LEU A 13 19.30 8.13 -3.74
CA LEU A 13 19.96 6.87 -4.10
C LEU A 13 19.80 6.58 -5.58
N GLY A 14 19.08 7.46 -6.28
CA GLY A 14 18.87 7.29 -7.71
C GLY A 14 17.56 7.94 -8.14
N MET A 15 16.79 7.23 -8.96
CA MET A 15 15.51 7.74 -9.44
C MET A 15 14.52 7.87 -8.29
N HIS A 16 13.85 6.77 -7.98
CA HIS A 16 12.88 6.77 -6.88
C HIS A 16 12.49 5.35 -6.51
N ALA A 17 13.36 4.68 -5.76
CA ALA A 17 13.09 3.30 -5.34
C ALA A 17 13.21 2.35 -6.53
N ARG A 18 13.18 2.91 -7.74
CA ARG A 18 13.29 2.11 -8.94
C ARG A 18 14.61 1.36 -8.98
N PRO A 19 15.66 1.98 -8.51
CA PRO A 19 17.02 1.36 -8.48
C PRO A 19 17.10 0.19 -7.51
N ALA A 20 16.44 0.34 -6.36
CA ALA A 20 16.44 -0.73 -5.36
C ALA A 20 15.59 -1.90 -5.83
N MET A 21 14.50 -1.61 -6.53
CA MET A 21 13.62 -2.65 -7.03
C MET A 21 14.22 -3.31 -8.26
N LYS A 22 14.86 -2.51 -9.11
CA LYS A 22 15.50 -3.04 -10.32
C LYS A 22 16.63 -3.99 -9.97
N LEU A 23 17.32 -3.69 -8.86
CA LEU A 23 18.43 -4.53 -8.43
C LEU A 23 17.99 -5.99 -8.33
N PHE A 24 16.81 -6.21 -7.76
CA PHE A 24 16.28 -7.57 -7.61
C PHE A 24 16.18 -8.25 -8.97
N GLU A 25 15.84 -7.47 -9.99
CA GLU A 25 15.70 -8.02 -11.34
C GLU A 25 17.06 -8.25 -11.97
N LEU A 26 18.00 -7.36 -11.66
CA LEU A 26 19.35 -7.48 -12.20
C LEU A 26 20.07 -8.69 -11.60
N MET A 27 19.86 -8.92 -10.31
CA MET A 27 20.48 -10.05 -9.63
C MET A 27 20.09 -11.37 -10.29
N GLN A 28 18.89 -11.40 -10.87
CA GLN A 28 18.40 -12.60 -11.53
C GLN A 28 18.88 -12.65 -12.98
N GLY A 29 19.09 -11.47 -13.57
CA GLY A 29 19.54 -11.39 -14.96
C GLY A 29 21.06 -11.49 -15.03
N PHE A 30 21.73 -11.09 -13.96
CA PHE A 30 23.19 -11.14 -13.91
C PHE A 30 23.67 -12.06 -12.79
N ASP A 31 24.66 -12.89 -13.10
CA ASP A 31 25.20 -13.81 -12.12
C ASP A 31 26.14 -13.10 -11.15
N ALA A 32 25.71 -12.97 -9.90
CA ALA A 32 26.52 -12.29 -8.89
C ALA A 32 25.63 -11.77 -7.77
N GLU A 33 26.18 -11.74 -6.56
CA GLU A 33 25.43 -11.25 -5.40
C GLU A 33 25.78 -9.80 -5.10
N VAL A 34 24.76 -8.95 -4.99
CA VAL A 34 24.97 -7.54 -4.71
C VAL A 34 24.59 -7.23 -3.27
N LEU A 35 25.46 -6.51 -2.57
CA LEU A 35 25.20 -6.16 -1.18
C LEU A 35 25.50 -4.67 -0.95
N LEU A 36 24.63 -4.01 -0.19
CA LEU A 36 24.81 -2.59 0.10
C LEU A 36 25.20 -2.40 1.57
N ARG A 37 25.96 -1.34 1.83
CA ARG A 37 26.41 -1.05 3.19
C ARG A 37 26.55 0.45 3.40
N ASN A 38 26.06 0.94 4.53
CA ASN A 38 26.13 2.37 4.83
C ASN A 38 27.40 2.66 5.64
N ASP A 39 27.86 3.91 5.56
CA ASP A 39 29.06 4.32 6.29
C ASP A 39 28.94 3.95 7.77
N GLU A 40 27.70 3.88 8.26
CA GLU A 40 27.46 3.54 9.66
C GLU A 40 27.84 2.09 9.93
N GLY A 41 28.11 1.34 8.86
CA GLY A 41 28.49 -0.07 8.99
C GLY A 41 27.25 -0.96 8.93
N THR A 42 26.13 -0.39 8.52
CA THR A 42 24.89 -1.15 8.42
C THR A 42 24.80 -1.85 7.08
N GLU A 43 24.77 -3.17 7.10
CA GLU A 43 24.70 -3.96 5.87
C GLU A 43 23.27 -3.97 5.34
N ALA A 44 23.03 -3.18 4.29
CA ALA A 44 21.70 -3.10 3.69
C ALA A 44 21.54 -4.15 2.59
N GLU A 45 21.58 -5.42 2.99
CA GLU A 45 21.45 -6.51 2.03
C GLU A 45 20.38 -6.18 0.99
N ALA A 46 20.78 -6.17 -0.28
CA ALA A 46 19.84 -5.87 -1.36
C ALA A 46 18.75 -6.92 -1.43
N ASN A 47 18.91 -8.00 -0.68
CA ASN A 47 17.94 -9.08 -0.66
C ASN A 47 17.04 -8.96 0.57
N SER A 48 16.87 -7.74 1.06
CA SER A 48 16.03 -7.51 2.23
C SER A 48 15.32 -6.16 2.13
N VAL A 49 13.99 -6.20 2.22
CA VAL A 49 13.21 -4.98 2.13
C VAL A 49 13.53 -4.04 3.29
N ILE A 50 13.78 -4.62 4.46
CA ILE A 50 14.10 -3.84 5.64
C ILE A 50 15.38 -3.03 5.42
N ALA A 51 16.33 -3.63 4.70
CA ALA A 51 17.60 -2.95 4.43
C ALA A 51 17.37 -1.74 3.54
N LEU A 52 16.54 -1.89 2.52
CA LEU A 52 16.24 -0.80 1.61
C LEU A 52 15.66 0.40 2.36
N LEU A 53 14.82 0.11 3.35
CA LEU A 53 14.21 1.17 4.14
C LEU A 53 15.27 1.93 4.93
N MET A 54 16.27 1.21 5.40
CA MET A 54 17.36 1.83 6.17
C MET A 54 18.19 2.73 5.28
N LEU A 55 18.39 2.32 4.02
CA LEU A 55 19.17 3.11 3.08
C LEU A 55 18.51 4.47 2.83
N ASP A 56 17.19 4.47 2.82
CA ASP A 56 16.44 5.71 2.58
C ASP A 56 16.90 6.80 3.54
N SER A 57 17.23 6.40 4.77
CA SER A 57 17.69 7.35 5.77
C SER A 57 19.12 7.79 5.50
N ALA A 58 19.75 7.14 4.52
CA ALA A 58 21.13 7.46 4.17
C ALA A 58 21.17 8.67 3.23
N LYS A 59 20.19 9.55 3.36
CA LYS A 59 20.12 10.74 2.51
C LYS A 59 21.24 11.71 2.87
N GLY A 60 22.33 11.66 2.11
CA GLY A 60 23.47 12.54 2.37
C GLY A 60 24.62 11.77 3.01
N ARG A 61 24.46 10.45 3.11
CA ARG A 61 25.49 9.62 3.72
C ARG A 61 26.22 8.81 2.65
N GLN A 62 27.36 8.23 3.03
CA GLN A 62 28.15 7.45 2.09
C GLN A 62 27.88 5.96 2.29
N ILE A 63 27.86 5.21 1.20
CA ILE A 63 27.61 3.78 1.27
C ILE A 63 28.66 3.01 0.47
N GLU A 64 28.76 1.71 0.72
CA GLU A 64 29.72 0.88 0.01
C GLU A 64 29.02 -0.30 -0.65
N VAL A 65 28.80 -0.20 -1.95
CA VAL A 65 28.14 -1.26 -2.69
C VAL A 65 29.13 -2.36 -3.04
N GLU A 66 28.78 -3.60 -2.70
CA GLU A 66 29.65 -4.74 -2.98
C GLU A 66 28.93 -5.74 -3.87
N ALA A 67 29.66 -6.28 -4.85
CA ALA A 67 29.09 -7.26 -5.76
C ALA A 67 30.08 -8.40 -6.00
N THR A 68 29.58 -9.63 -5.89
CA THR A 68 30.42 -10.80 -6.10
C THR A 68 29.82 -11.72 -7.16
N GLY A 69 30.63 -12.09 -8.14
CA GLY A 69 30.17 -12.96 -9.21
C GLY A 69 30.78 -12.56 -10.55
N PRO A 70 30.77 -13.45 -11.50
CA PRO A 70 31.33 -13.18 -12.85
C PRO A 70 30.89 -11.83 -13.41
N GLN A 71 29.59 -11.54 -13.29
CA GLN A 71 29.06 -10.28 -13.79
C GLN A 71 29.05 -9.23 -12.68
N GLU A 72 29.62 -9.59 -11.52
CA GLU A 72 29.67 -8.67 -10.39
C GLU A 72 29.87 -7.24 -10.87
N GLU A 73 30.69 -7.08 -11.91
CA GLU A 73 30.97 -5.76 -12.45
C GLU A 73 29.70 -5.13 -13.02
N GLU A 74 28.98 -5.89 -13.83
CA GLU A 74 27.74 -5.40 -14.42
C GLU A 74 26.76 -4.97 -13.35
N ALA A 75 26.51 -5.85 -12.38
CA ALA A 75 25.60 -5.55 -11.30
C ALA A 75 26.00 -4.26 -10.60
N LEU A 76 27.27 -4.16 -10.22
CA LEU A 76 27.78 -2.98 -9.55
C LEU A 76 27.70 -1.76 -10.47
N ALA A 77 28.10 -1.94 -11.72
CA ALA A 77 28.07 -0.85 -12.69
C ALA A 77 26.65 -0.36 -12.90
N ALA A 78 25.71 -1.31 -13.00
CA ALA A 78 24.31 -0.96 -13.22
C ALA A 78 23.78 -0.14 -12.04
N VAL A 79 24.14 -0.55 -10.83
CA VAL A 79 23.69 0.14 -9.63
C VAL A 79 24.32 1.53 -9.55
N ILE A 80 25.59 1.61 -9.87
CA ILE A 80 26.30 2.89 -9.83
C ILE A 80 25.73 3.85 -10.87
N ALA A 81 25.44 3.32 -12.06
CA ALA A 81 24.90 4.14 -13.13
C ALA A 81 23.53 4.68 -12.75
N LEU A 82 22.76 3.87 -12.02
CA LEU A 82 21.42 4.27 -11.59
C LEU A 82 21.51 5.32 -10.48
N PHE A 83 22.48 5.13 -9.58
CA PHE A 83 22.67 6.06 -8.48
C PHE A 83 23.18 7.40 -8.98
N ASN A 84 23.98 7.37 -10.04
CA ASN A 84 24.53 8.59 -10.61
C ASN A 84 23.51 9.27 -11.52
N SER A 85 22.39 8.60 -11.74
CA SER A 85 21.33 9.15 -12.59
C SER A 85 21.70 8.98 -14.07
N ARG B 2 -24.38 18.01 5.70
CA ARG B 2 -23.54 19.14 5.24
C ARG B 2 -22.26 19.21 6.07
N ILE B 3 -21.26 18.43 5.68
CA ILE B 3 -20.00 18.41 6.40
C ILE B 3 -18.86 18.85 5.50
N ARG B 4 -18.02 19.77 6.00
CA ARG B 4 -16.89 20.27 5.23
C ARG B 4 -15.69 19.36 5.41
N ALA B 5 -15.36 18.60 4.37
CA ALA B 5 -14.21 17.70 4.43
C ALA B 5 -13.15 18.12 3.41
N LEU B 6 -11.89 17.84 3.74
CA LEU B 6 -10.79 18.19 2.85
C LEU B 6 -10.87 17.38 1.55
N PRO B 7 -11.01 18.05 0.45
CA PRO B 7 -11.10 17.39 -0.89
C PRO B 7 -9.76 16.83 -1.35
N ALA B 8 -9.60 15.52 -1.21
CA ALA B 8 -8.36 14.86 -1.61
C ALA B 8 -8.24 14.83 -3.14
N ALA B 9 -9.38 14.88 -3.81
CA ALA B 9 -9.39 14.85 -5.27
C ALA B 9 -10.66 15.51 -5.81
N PRO B 10 -10.52 16.34 -6.81
CA PRO B 10 -11.67 17.05 -7.43
C PRO B 10 -12.54 16.12 -8.27
N GLY B 11 -13.84 16.37 -8.27
CA GLY B 11 -14.78 15.55 -9.03
C GLY B 11 -16.08 15.36 -8.28
N VAL B 12 -17.17 15.17 -9.02
CA VAL B 12 -18.48 14.98 -8.42
C VAL B 12 -19.01 13.58 -8.71
N ALA B 13 -19.54 12.93 -7.68
CA ALA B 13 -20.08 11.59 -7.84
C ALA B 13 -21.17 11.32 -6.80
N ILE B 14 -22.12 10.47 -7.16
CA ILE B 14 -23.22 10.13 -6.25
C ILE B 14 -23.33 8.62 -6.09
N ALA B 15 -23.43 8.16 -4.85
CA ALA B 15 -23.55 6.74 -4.58
C ALA B 15 -23.89 6.50 -3.11
N GLU B 16 -24.04 5.24 -2.74
CA GLU B 16 -24.37 4.88 -1.37
C GLU B 16 -23.10 4.51 -0.59
N GLY B 17 -23.20 4.53 0.74
CA GLY B 17 -22.06 4.20 1.58
C GLY B 17 -21.87 2.70 1.66
N TRP B 18 -20.61 2.26 1.60
CA TRP B 18 -20.30 0.84 1.68
C TRP B 18 -18.97 0.61 2.39
N GLN B 19 -18.88 -0.50 3.11
CA GLN B 19 -17.65 -0.82 3.84
C GLN B 19 -16.86 -1.91 3.11
N ASP B 20 -15.55 -1.73 3.00
CA ASP B 20 -14.71 -2.70 2.34
C ASP B 20 -14.75 -4.04 3.06
N ALA B 21 -14.51 -5.12 2.33
CA ALA B 21 -14.53 -6.45 2.91
C ALA B 21 -13.18 -6.79 3.52
N THR B 22 -12.22 -5.87 3.37
CA THR B 22 -10.88 -6.08 3.91
C THR B 22 -10.78 -5.52 5.32
N LEU B 23 -10.81 -6.40 6.31
CA LEU B 23 -10.71 -5.98 7.70
C LEU B 23 -9.69 -6.82 8.46
N PRO B 24 -9.26 -6.34 9.60
CA PRO B 24 -8.25 -7.06 10.44
C PRO B 24 -8.86 -8.29 11.13
N LEU B 25 -8.19 -9.43 11.01
CA LEU B 25 -8.66 -10.66 11.62
C LEU B 25 -7.74 -11.08 12.77
N MET B 26 -6.92 -10.13 13.22
CA MET B 26 -6.00 -10.41 14.32
C MET B 26 -6.76 -10.70 15.61
N GLU B 27 -7.84 -9.95 15.84
CA GLU B 27 -8.64 -10.14 17.04
C GLU B 27 -9.63 -11.29 16.84
N GLN B 28 -9.50 -11.99 15.72
CA GLN B 28 -10.39 -13.11 15.42
C GLN B 28 -9.61 -14.43 15.44
N VAL B 29 -8.31 -14.33 15.74
CA VAL B 29 -7.47 -15.52 15.78
C VAL B 29 -7.40 -16.07 17.20
N TYR B 30 -7.56 -17.39 17.33
CA TYR B 30 -7.52 -18.03 18.65
C TYR B 30 -6.11 -18.50 18.97
N GLN B 31 -5.79 -18.58 20.25
CA GLN B 31 -4.46 -19.02 20.68
C GLN B 31 -4.42 -20.53 20.83
N ALA B 32 -3.43 -21.16 20.20
CA ALA B 32 -3.29 -22.61 20.27
C ALA B 32 -1.85 -22.99 20.61
N SER B 33 -1.62 -24.28 20.83
CA SER B 33 -0.29 -24.76 21.17
C SER B 33 -0.18 -26.26 20.92
N THR B 34 0.23 -26.63 19.71
CA THR B 34 0.37 -28.03 19.36
C THR B 34 1.27 -28.19 18.13
N LEU B 35 2.37 -28.93 18.29
CA LEU B 35 3.30 -29.14 17.19
C LEU B 35 2.55 -29.52 15.93
N ASP B 36 2.61 -28.65 14.92
CA ASP B 36 1.94 -28.91 13.66
C ASP B 36 2.64 -28.18 12.51
N PRO B 37 3.87 -28.54 12.25
CA PRO B 37 4.68 -27.91 11.17
C PRO B 37 4.20 -28.33 9.78
N ALA B 38 3.92 -29.63 9.62
CA ALA B 38 3.46 -30.14 8.34
C ALA B 38 2.20 -29.42 7.89
N LEU B 39 1.28 -29.20 8.83
CA LEU B 39 0.03 -28.51 8.53
C LEU B 39 0.25 -27.01 8.46
N GLU B 40 0.99 -26.48 9.43
CA GLU B 40 1.26 -25.05 9.47
C GLU B 40 2.24 -24.66 8.37
N ARG B 41 3.40 -25.31 8.36
CA ARG B 41 4.42 -25.02 7.35
C ARG B 41 3.78 -24.90 5.97
N GLU B 42 3.00 -25.90 5.59
CA GLU B 42 2.33 -25.89 4.29
C GLU B 42 1.25 -24.81 4.26
N ARG B 43 0.62 -24.58 5.40
CA ARG B 43 -0.44 -23.58 5.50
C ARG B 43 0.08 -22.22 5.02
N LEU B 44 1.27 -21.85 5.48
CA LEU B 44 1.86 -20.58 5.09
C LEU B 44 2.19 -20.58 3.60
N THR B 45 2.87 -21.62 3.14
CA THR B 45 3.24 -21.73 1.74
C THR B 45 2.00 -21.63 0.85
N GLY B 46 1.01 -22.46 1.15
CA GLY B 46 -0.23 -22.47 0.37
C GLY B 46 -0.92 -21.11 0.45
N ALA B 47 -0.86 -20.48 1.61
CA ALA B 47 -1.47 -19.17 1.79
C ALA B 47 -0.66 -18.09 1.07
N LEU B 48 0.65 -18.15 1.22
CA LEU B 48 1.53 -17.17 0.58
C LEU B 48 1.35 -17.21 -0.94
N GLU B 49 1.58 -18.38 -1.52
CA GLU B 49 1.44 -18.54 -2.97
C GLU B 49 0.11 -17.97 -3.44
N GLU B 50 -0.91 -18.07 -2.58
CA GLU B 50 -2.23 -17.56 -2.93
C GLU B 50 -2.28 -16.04 -2.75
N ALA B 51 -1.52 -15.54 -1.79
CA ALA B 51 -1.48 -14.10 -1.53
C ALA B 51 -0.41 -13.43 -2.38
N ALA B 52 0.80 -13.98 -2.34
CA ALA B 52 1.90 -13.43 -3.10
C ALA B 52 1.55 -13.36 -4.59
N ASN B 53 1.04 -14.47 -5.12
CA ASN B 53 0.66 -14.52 -6.53
C ASN B 53 -0.48 -13.55 -6.81
N GLU B 54 -1.37 -13.40 -5.84
CA GLU B 54 -2.52 -12.50 -5.99
C GLU B 54 -2.05 -11.05 -5.99
N PHE B 55 -0.98 -10.77 -5.23
CA PHE B 55 -0.45 -9.42 -5.14
C PHE B 55 0.08 -8.96 -6.50
N ARG B 56 1.04 -9.71 -7.04
CA ARG B 56 1.62 -9.38 -8.33
C ARG B 56 0.58 -9.51 -9.44
N ARG B 57 -0.41 -10.35 -9.21
CA ARG B 57 -1.46 -10.57 -10.19
C ARG B 57 -2.41 -9.38 -10.23
N TYR B 58 -2.80 -8.90 -9.04
CA TYR B 58 -3.70 -7.76 -8.94
C TYR B 58 -3.03 -6.49 -9.45
N SER B 59 -1.78 -6.30 -9.04
CA SER B 59 -1.03 -5.11 -9.46
C SER B 59 -0.90 -5.08 -10.98
N LYS B 60 -0.50 -6.20 -11.56
CA LYS B 60 -0.34 -6.28 -13.01
C LYS B 60 -1.58 -5.74 -13.72
N ARG B 61 -2.75 -6.05 -13.17
CA ARG B 61 -4.01 -5.59 -13.75
C ARG B 61 -4.16 -4.08 -13.58
N PHE B 62 -3.81 -3.59 -12.39
CA PHE B 62 -3.90 -2.16 -12.10
C PHE B 62 -2.95 -1.38 -12.99
N ALA B 63 -1.73 -1.90 -13.15
CA ALA B 63 -0.73 -1.23 -13.97
C ALA B 63 -1.27 -0.96 -15.36
N ALA B 64 -2.08 -1.89 -15.87
CA ALA B 64 -2.66 -1.74 -17.19
C ALA B 64 -3.56 -0.50 -17.25
N GLY B 65 -3.94 -0.01 -16.08
CA GLY B 65 -4.79 1.17 -16.01
C GLY B 65 -4.14 2.27 -15.17
N ALA B 66 -3.88 1.97 -13.91
CA ALA B 66 -3.25 2.94 -13.01
C ALA B 66 -1.90 3.38 -13.57
N GLN B 67 -1.09 3.99 -12.71
CA GLN B 67 0.23 4.46 -13.12
C GLN B 67 1.30 3.41 -12.81
N LYS B 68 2.56 3.79 -12.95
CA LYS B 68 3.66 2.88 -12.69
C LYS B 68 3.85 2.71 -11.18
N GLU B 69 3.70 3.80 -10.44
CA GLU B 69 3.85 3.76 -8.99
C GLU B 69 3.23 2.48 -8.41
N THR B 70 1.97 2.25 -8.75
CA THR B 70 1.26 1.07 -8.26
C THR B 70 2.08 -0.18 -8.53
N ALA B 71 2.41 -0.41 -9.80
CA ALA B 71 3.20 -1.57 -10.19
C ALA B 71 4.52 -1.60 -9.44
N ALA B 72 5.21 -0.46 -9.42
CA ALA B 72 6.49 -0.36 -8.74
C ALA B 72 6.33 -0.63 -7.24
N ILE B 73 5.22 -0.17 -6.67
CA ILE B 73 4.95 -0.37 -5.25
C ILE B 73 4.55 -1.82 -4.99
N PHE B 74 3.52 -2.28 -5.69
CA PHE B 74 3.05 -3.65 -5.51
C PHE B 74 4.14 -4.65 -5.89
N ASP B 75 4.54 -4.63 -7.15
CA ASP B 75 5.57 -5.54 -7.63
C ASP B 75 6.64 -5.75 -6.55
N LEU B 76 6.99 -4.68 -5.86
CA LEU B 76 8.00 -4.75 -4.80
C LEU B 76 7.45 -5.49 -3.59
N TYR B 77 6.19 -5.20 -3.25
CA TYR B 77 5.55 -5.84 -2.10
C TYR B 77 5.39 -7.33 -2.35
N SER B 78 5.01 -7.69 -3.58
CA SER B 78 4.82 -9.08 -3.93
C SER B 78 6.00 -9.93 -3.45
N HIS B 79 7.20 -9.41 -3.64
CA HIS B 79 8.41 -10.12 -3.23
C HIS B 79 8.49 -10.20 -1.70
N LEU B 80 7.84 -9.25 -1.03
CA LEU B 80 7.85 -9.23 0.42
C LEU B 80 7.13 -10.44 0.99
N LEU B 81 5.92 -10.68 0.50
CA LEU B 81 5.13 -11.82 0.97
C LEU B 81 5.84 -13.13 0.65
N SER B 82 6.38 -13.23 -0.56
CA SER B 82 7.08 -14.43 -0.98
C SER B 82 8.53 -14.40 -0.51
N ASP B 83 8.94 -13.27 0.06
CA ASP B 83 10.31 -13.12 0.55
C ASP B 83 10.69 -14.32 1.42
N THR B 84 11.58 -15.16 0.90
CA THR B 84 12.02 -16.33 1.65
C THR B 84 12.43 -15.94 3.07
N ARG B 85 12.66 -14.65 3.28
CA ARG B 85 13.05 -14.17 4.60
C ARG B 85 11.86 -14.13 5.55
N LEU B 86 10.80 -13.44 5.12
CA LEU B 86 9.59 -13.33 5.94
C LEU B 86 9.01 -14.71 6.21
N ARG B 87 8.89 -15.53 5.17
CA ARG B 87 8.35 -16.87 5.31
C ARG B 87 9.16 -17.67 6.33
N ARG B 88 10.48 -17.62 6.20
CA ARG B 88 11.35 -18.35 7.12
C ARG B 88 11.00 -18.02 8.57
N GLU B 89 10.74 -16.75 8.83
CA GLU B 89 10.41 -16.31 10.18
C GLU B 89 9.14 -17.01 10.66
N LEU B 90 8.13 -17.06 9.81
CA LEU B 90 6.87 -17.71 10.16
C LEU B 90 7.08 -19.19 10.43
N PHE B 91 7.81 -19.85 9.54
CA PHE B 91 8.08 -21.27 9.69
C PHE B 91 8.95 -21.54 10.92
N ALA B 92 9.85 -20.61 11.21
CA ALA B 92 10.74 -20.74 12.36
C ALA B 92 9.94 -20.73 13.65
N GLU B 93 8.92 -19.87 13.71
CA GLU B 93 8.09 -19.76 14.90
C GLU B 93 7.33 -21.07 15.14
N VAL B 94 6.88 -21.69 14.05
CA VAL B 94 6.14 -22.94 14.15
C VAL B 94 7.02 -24.04 14.71
N ASP B 95 8.29 -24.05 14.30
CA ASP B 95 9.23 -25.06 14.77
C ASP B 95 9.43 -24.94 16.28
N LYS B 96 8.94 -23.85 16.86
CA LYS B 96 9.07 -23.63 18.29
C LYS B 96 7.86 -24.20 19.04
N GLY B 97 6.76 -24.38 18.32
CA GLY B 97 5.55 -24.91 18.91
C GLY B 97 4.42 -23.91 18.83
N SER B 98 4.56 -22.93 17.95
CA SER B 98 3.53 -21.90 17.78
C SER B 98 2.66 -22.21 16.57
N VAL B 99 1.50 -21.56 16.49
CA VAL B 99 0.58 -21.77 15.38
C VAL B 99 0.70 -20.65 14.37
N ALA B 100 0.49 -20.96 13.10
CA ALA B 100 0.57 -19.96 12.04
C ALA B 100 -0.30 -18.75 12.38
N GLU B 101 -1.57 -19.01 12.67
CA GLU B 101 -2.49 -17.93 13.01
C GLU B 101 -1.78 -16.84 13.81
N TRP B 102 -1.13 -17.24 14.90
CA TRP B 102 -0.41 -16.30 15.74
C TRP B 102 0.98 -16.03 15.17
N ALA B 103 1.61 -17.07 14.65
CA ALA B 103 2.94 -16.93 14.07
C ALA B 103 2.97 -15.79 13.06
N VAL B 104 2.07 -15.83 12.09
CA VAL B 104 1.99 -14.80 11.06
C VAL B 104 1.63 -13.46 11.68
N LYS B 105 0.83 -13.50 12.74
CA LYS B 105 0.40 -12.28 13.42
C LYS B 105 1.56 -11.67 14.21
N THR B 106 2.25 -12.51 14.98
CA THR B 106 3.38 -12.05 15.76
C THR B 106 4.50 -11.53 14.87
N VAL B 107 4.99 -12.40 13.99
CA VAL B 107 6.07 -12.02 13.08
C VAL B 107 5.71 -10.74 12.34
N ILE B 108 4.58 -10.75 11.64
CA ILE B 108 4.13 -9.59 10.90
C ILE B 108 4.05 -8.37 11.81
N GLU B 109 3.50 -8.57 13.00
CA GLU B 109 3.36 -7.48 13.96
C GLU B 109 4.73 -6.93 14.35
N LYS B 110 5.71 -7.83 14.49
CA LYS B 110 7.06 -7.43 14.85
C LYS B 110 7.67 -6.57 13.77
N PHE B 111 7.36 -6.89 12.52
CA PHE B 111 7.90 -6.14 11.39
C PHE B 111 7.31 -4.73 11.36
N ALA B 112 6.04 -4.62 11.74
CA ALA B 112 5.37 -3.33 11.75
C ALA B 112 6.12 -2.34 12.64
N GLU B 113 6.59 -2.82 13.78
CA GLU B 113 7.32 -1.96 14.71
C GLU B 113 8.68 -1.58 14.13
N GLN B 114 9.30 -2.52 13.42
CA GLN B 114 10.60 -2.27 12.81
C GLN B 114 10.49 -1.20 11.73
N PHE B 115 9.46 -1.32 10.89
CA PHE B 115 9.25 -0.35 9.82
C PHE B 115 9.21 1.07 10.37
N ALA B 116 8.45 1.26 11.44
CA ALA B 116 8.33 2.58 12.06
C ALA B 116 9.65 3.00 12.69
N ALA B 117 10.32 2.04 13.33
CA ALA B 117 11.60 2.32 13.98
C ALA B 117 12.45 3.25 13.11
N LEU B 118 12.40 3.02 11.80
CA LEU B 118 13.17 3.85 10.87
C LEU B 118 12.69 5.30 10.91
N SER B 119 13.60 6.22 10.62
CA SER B 119 13.26 7.64 10.62
C SER B 119 12.69 8.07 9.28
N ASP B 120 13.33 7.63 8.20
CA ASP B 120 12.88 7.97 6.85
C ASP B 120 11.35 7.88 6.77
N ASN B 121 10.74 8.93 6.24
CA ASN B 121 9.28 8.96 6.11
C ASN B 121 8.84 8.10 4.92
N TYR B 122 9.58 8.19 3.82
CA TYR B 122 9.25 7.42 2.63
C TYR B 122 8.79 6.02 3.01
N LEU B 123 9.27 5.53 4.15
CA LEU B 123 8.90 4.20 4.61
C LEU B 123 7.74 4.28 5.60
N LYS B 124 7.86 5.16 6.59
CA LYS B 124 6.82 5.34 7.58
C LYS B 124 5.45 5.05 6.97
N GLU B 125 5.17 5.66 5.83
CA GLU B 125 3.90 5.46 5.16
C GLU B 125 3.78 4.02 4.67
N ARG B 126 4.87 3.50 4.13
CA ARG B 126 4.87 2.13 3.63
C ARG B 126 4.37 1.16 4.70
N ALA B 127 4.69 1.46 5.95
CA ALA B 127 4.26 0.62 7.06
C ALA B 127 2.78 0.27 6.92
N GLY B 128 1.97 1.27 6.62
CA GLY B 128 0.54 1.06 6.46
C GLY B 128 0.27 -0.14 5.55
N ASP B 129 1.06 -0.25 4.49
CA ASP B 129 0.90 -1.35 3.55
C ASP B 129 1.19 -2.68 4.23
N LEU B 130 2.19 -2.68 5.10
CA LEU B 130 2.57 -3.90 5.82
C LEU B 130 1.35 -4.46 6.56
N ARG B 131 0.66 -3.59 7.30
CA ARG B 131 -0.51 -4.02 8.05
C ARG B 131 -1.47 -4.78 7.15
N ALA B 132 -1.57 -4.36 5.90
CA ALA B 132 -2.45 -5.01 4.94
C ALA B 132 -1.97 -6.43 4.66
N LEU B 133 -0.65 -6.60 4.63
CA LEU B 133 -0.07 -7.91 4.38
C LEU B 133 -0.65 -8.95 5.33
N GLY B 134 -0.68 -8.61 6.62
CA GLY B 134 -1.22 -9.52 7.62
C GLY B 134 -2.68 -9.82 7.34
N GLN B 135 -3.43 -8.80 6.95
CA GLN B 135 -4.84 -8.97 6.64
C GLN B 135 -5.02 -9.77 5.36
N ARG B 136 -4.21 -9.45 4.35
CA ARG B 136 -4.27 -10.16 3.07
C ARG B 136 -3.87 -11.61 3.25
N LEU B 137 -2.82 -11.84 4.04
CA LEU B 137 -2.34 -13.19 4.28
C LEU B 137 -3.33 -13.97 5.16
N LEU B 138 -3.95 -13.26 6.09
CA LEU B 138 -4.92 -13.87 6.99
C LEU B 138 -6.13 -14.38 6.21
N PHE B 139 -6.55 -13.60 5.21
CA PHE B 139 -7.69 -13.97 4.39
C PHE B 139 -7.36 -15.19 3.54
N HIS B 140 -6.13 -15.25 3.06
CA HIS B 140 -5.69 -16.37 2.24
C HIS B 140 -5.42 -17.60 3.11
N LEU B 141 -5.07 -17.37 4.36
CA LEU B 141 -4.80 -18.46 5.28
C LEU B 141 -6.09 -18.98 5.90
N ASP B 142 -7.18 -18.24 5.69
CA ASP B 142 -8.48 -18.62 6.22
C ASP B 142 -9.55 -18.51 5.15
N ASP B 143 -9.53 -19.42 4.18
CA ASP B 143 -10.50 -19.41 3.11
C ASP B 143 -11.90 -19.13 3.65
N ALA B 144 -11.98 -18.83 4.95
CA ALA B 144 -13.25 -18.55 5.59
C ALA B 144 -13.33 -17.08 5.99
N ASN B 145 -12.41 -16.29 5.49
CA ASN B 145 -12.38 -14.86 5.80
C ASN B 145 -12.63 -14.03 4.55
N GLN B 146 -13.88 -13.67 4.31
CA GLN B 146 -14.24 -12.88 3.15
C GLN B 146 -15.75 -12.65 3.09
N GLY B 147 -16.15 -11.39 3.13
CA GLY B 147 -17.56 -11.04 3.09
C GLY B 147 -18.23 -11.59 1.83
N PRO B 148 -19.45 -11.24 1.61
CA PRO B 148 -20.23 -11.71 0.41
C PRO B 148 -19.76 -11.01 -0.86
N ASN B 149 -19.26 -9.80 -0.73
CA ASN B 149 -18.78 -9.05 -1.88
C ASN B 149 -19.85 -9.00 -2.97
N ALA B 150 -19.87 -10.03 -3.82
CA ALA B 150 -20.84 -10.10 -4.90
C ALA B 150 -20.67 -8.92 -5.85
N TRP B 151 -20.09 -9.18 -7.02
CA TRP B 151 -19.87 -8.13 -8.00
C TRP B 151 -21.03 -7.13 -7.98
N PRO B 152 -20.92 -6.11 -7.17
CA PRO B 152 -21.97 -5.06 -7.04
C PRO B 152 -22.02 -4.15 -8.26
N GLU B 153 -22.97 -3.22 -8.26
CA GLU B 153 -23.12 -2.30 -9.38
C GLU B 153 -22.35 -1.01 -9.11
N ARG B 154 -22.53 -0.44 -7.93
CA ARG B 154 -21.84 0.79 -7.57
C ARG B 154 -21.91 1.02 -6.06
N PHE B 155 -20.92 1.71 -5.53
CA PHE B 155 -20.88 2.00 -4.09
C PHE B 155 -19.75 2.96 -3.77
N ILE B 156 -19.72 3.44 -2.53
CA ILE B 156 -18.69 4.38 -2.10
C ILE B 156 -17.83 3.76 -1.01
N LEU B 157 -16.53 4.01 -1.08
CA LEU B 157 -15.60 3.47 -0.10
C LEU B 157 -15.63 4.29 1.19
N VAL B 158 -16.01 3.65 2.29
CA VAL B 158 -16.08 4.33 3.58
C VAL B 158 -15.12 3.71 4.58
N ALA B 159 -13.93 4.30 4.69
CA ALA B 159 -12.91 3.79 5.61
C ALA B 159 -12.24 4.94 6.34
N ASP B 160 -11.45 4.61 7.36
CA ASP B 160 -10.74 5.62 8.14
C ASP B 160 -9.45 6.03 7.43
N GLU B 161 -8.91 5.13 6.63
CA GLU B 161 -7.68 5.41 5.90
C GLU B 161 -7.65 4.67 4.58
N LEU B 162 -7.41 5.41 3.50
CA LEU B 162 -7.35 4.80 2.17
C LEU B 162 -6.00 4.14 1.93
N SER B 163 -6.03 2.90 1.44
CA SER B 163 -4.80 2.17 1.17
C SER B 163 -4.90 1.41 -0.14
N ALA B 164 -3.81 1.40 -0.91
CA ALA B 164 -3.80 0.71 -2.19
C ALA B 164 -4.07 -0.78 -2.00
N THR B 165 -3.49 -1.36 -0.96
CA THR B 165 -3.69 -2.77 -0.67
C THR B 165 -5.17 -3.10 -0.56
N THR B 166 -5.91 -2.24 0.14
CA THR B 166 -7.34 -2.44 0.31
C THR B 166 -8.07 -2.34 -1.02
N LEU B 167 -7.77 -1.29 -1.78
CA LEU B 167 -8.40 -1.08 -3.07
C LEU B 167 -8.12 -2.26 -3.99
N ALA B 168 -6.95 -2.87 -3.84
CA ALA B 168 -6.57 -4.01 -4.66
C ALA B 168 -7.46 -5.20 -4.36
N GLU B 169 -8.47 -4.99 -3.52
CA GLU B 169 -9.39 -6.06 -3.16
C GLU B 169 -10.68 -5.95 -3.97
N LEU B 170 -11.15 -4.73 -4.17
CA LEU B 170 -12.38 -4.51 -4.92
C LEU B 170 -12.06 -3.91 -6.29
N PRO B 171 -12.89 -4.18 -7.27
CA PRO B 171 -12.71 -3.66 -8.65
C PRO B 171 -13.00 -2.17 -8.75
N GLN B 172 -12.16 -1.45 -9.49
CA GLN B 172 -12.34 -0.02 -9.67
C GLN B 172 -13.62 0.28 -10.44
N ASP B 173 -14.31 -0.78 -10.86
CA ASP B 173 -15.54 -0.63 -11.62
C ASP B 173 -16.68 -0.19 -10.69
N ARG B 174 -16.71 -0.75 -9.49
CA ARG B 174 -17.74 -0.41 -8.52
C ARG B 174 -17.37 0.84 -7.74
N LEU B 175 -16.08 1.18 -7.77
CA LEU B 175 -15.59 2.34 -7.07
C LEU B 175 -15.99 3.63 -7.80
N VAL B 176 -17.04 4.28 -7.30
CA VAL B 176 -17.52 5.51 -7.93
C VAL B 176 -17.40 6.68 -6.95
N GLY B 177 -16.61 6.50 -5.90
CA GLY B 177 -16.42 7.55 -4.90
C GLY B 177 -15.70 7.02 -3.68
N VAL B 178 -14.99 7.91 -2.98
CA VAL B 178 -14.26 7.51 -1.79
C VAL B 178 -14.40 8.56 -0.69
N VAL B 179 -14.33 8.13 0.56
CA VAL B 179 -14.46 9.04 1.68
C VAL B 179 -13.83 8.44 2.94
N VAL B 180 -12.89 9.17 3.54
CA VAL B 180 -12.22 8.69 4.74
C VAL B 180 -12.35 9.71 5.86
N ARG B 181 -12.14 9.26 7.10
CA ARG B 181 -12.24 10.15 8.25
C ARG B 181 -10.92 10.91 8.45
N ASP B 182 -9.81 10.24 8.22
CA ASP B 182 -8.50 10.87 8.39
C ASP B 182 -7.61 10.55 7.19
N GLY B 183 -7.15 9.30 7.11
CA GLY B 183 -6.28 8.90 6.01
C GLY B 183 -5.22 9.95 5.72
N ALA B 184 -3.97 9.51 5.64
CA ALA B 184 -2.87 10.43 5.38
C ALA B 184 -3.03 11.07 3.99
N ALA B 185 -2.58 12.31 3.88
CA ALA B 185 -2.69 13.03 2.62
C ALA B 185 -1.43 12.84 1.79
N ASN B 186 -0.36 12.40 2.44
CA ASN B 186 0.91 12.17 1.75
C ASN B 186 1.11 10.69 1.46
N SER B 187 0.13 9.87 1.86
CA SER B 187 0.21 8.44 1.65
C SER B 187 0.17 8.12 0.15
N GLN B 188 0.83 7.02 -0.23
CA GLN B 188 0.87 6.62 -1.63
C GLN B 188 -0.54 6.48 -2.18
N ALA B 189 -1.45 5.97 -1.36
CA ALA B 189 -2.83 5.78 -1.79
C ALA B 189 -3.45 7.11 -2.20
N ALA B 190 -3.19 8.15 -1.41
CA ALA B 190 -3.72 9.47 -1.70
C ALA B 190 -3.29 9.93 -3.09
N ILE B 191 -2.00 9.74 -3.41
CA ILE B 191 -1.48 10.13 -4.71
C ILE B 191 -2.05 9.25 -5.81
N MET B 192 -2.34 7.99 -5.47
CA MET B 192 -2.88 7.06 -6.44
C MET B 192 -4.28 7.50 -6.87
N VAL B 193 -5.08 7.95 -5.91
CA VAL B 193 -6.43 8.40 -6.21
C VAL B 193 -6.41 9.61 -7.13
N ARG B 194 -5.48 10.54 -6.88
CA ARG B 194 -5.37 11.74 -7.69
C ARG B 194 -5.08 11.37 -9.14
N ALA B 195 -4.23 10.36 -9.34
CA ALA B 195 -3.89 9.93 -10.69
C ALA B 195 -5.01 9.07 -11.28
N LEU B 196 -5.75 8.41 -10.41
CA LEU B 196 -6.86 7.55 -10.86
C LEU B 196 -7.94 8.38 -11.54
N GLY B 197 -8.13 9.61 -11.04
CA GLY B 197 -9.14 10.49 -11.60
C GLY B 197 -10.48 10.33 -10.88
N ILE B 198 -10.42 9.79 -9.66
CA ILE B 198 -11.63 9.60 -8.88
C ILE B 198 -11.69 10.60 -7.73
N PRO B 199 -12.85 11.13 -7.47
CA PRO B 199 -13.05 12.13 -6.38
C PRO B 199 -13.03 11.48 -5.00
N THR B 200 -12.38 12.14 -4.05
CA THR B 200 -12.29 11.61 -2.69
C THR B 200 -12.29 12.76 -1.67
N VAL B 201 -12.91 12.52 -0.53
CA VAL B 201 -12.98 13.53 0.52
C VAL B 201 -12.43 12.97 1.83
N MET B 202 -11.95 13.87 2.69
CA MET B 202 -11.40 13.45 3.98
C MET B 202 -11.97 14.32 5.10
N GLY B 203 -11.88 13.82 6.33
CA GLY B 203 -12.38 14.56 7.48
C GLY B 203 -13.77 14.06 7.88
N ALA B 204 -14.32 13.16 7.08
CA ALA B 204 -15.64 12.62 7.35
C ALA B 204 -15.73 12.11 8.78
N ASP B 205 -16.51 12.79 9.61
CA ASP B 205 -16.67 12.38 11.01
C ASP B 205 -17.99 11.67 11.21
N ILE B 206 -18.22 10.62 10.43
CA ILE B 206 -19.46 9.85 10.53
C ILE B 206 -19.16 8.36 10.64
N GLN B 207 -19.84 7.69 11.57
CA GLN B 207 -19.64 6.26 11.77
C GLN B 207 -20.27 5.47 10.62
N PRO B 208 -19.46 4.74 9.89
CA PRO B 208 -19.93 3.92 8.73
C PRO B 208 -21.15 3.07 9.10
N SER B 209 -21.34 2.84 10.38
CA SER B 209 -22.47 2.04 10.85
C SER B 209 -23.79 2.64 10.36
N VAL B 210 -23.92 3.95 10.52
CA VAL B 210 -25.13 4.64 10.10
C VAL B 210 -25.17 4.77 8.58
N LEU B 211 -24.01 4.95 7.98
CA LEU B 211 -23.91 5.09 6.53
C LEU B 211 -24.40 3.83 5.84
N HIS B 212 -24.23 2.69 6.50
CA HIS B 212 -24.65 1.40 5.95
C HIS B 212 -24.75 1.49 4.43
N ARG B 213 -25.89 1.93 3.94
CA ARG B 213 -26.10 2.05 2.49
C ARG B 213 -26.87 3.33 2.17
N ARG B 214 -26.78 4.32 3.06
CA ARG B 214 -27.47 5.58 2.85
C ARG B 214 -26.90 6.31 1.64
N THR B 215 -27.63 7.30 1.15
CA THR B 215 -27.18 8.07 -0.01
C THR B 215 -26.16 9.12 0.40
N LEU B 216 -25.01 9.10 -0.26
CA LEU B 216 -23.96 10.06 0.04
C LEU B 216 -23.42 10.70 -1.24
N ILE B 217 -23.61 12.01 -1.37
CA ILE B 217 -23.14 12.72 -2.55
C ILE B 217 -21.83 13.46 -2.26
N VAL B 218 -20.77 13.04 -2.92
CA VAL B 218 -19.46 13.68 -2.73
C VAL B 218 -19.23 14.75 -3.78
N ASP B 219 -18.65 15.87 -3.36
CA ASP B 219 -18.38 16.98 -4.26
C ASP B 219 -16.95 17.49 -4.07
N GLY B 220 -16.00 16.85 -4.76
CA GLY B 220 -14.61 17.27 -4.66
C GLY B 220 -14.47 18.77 -4.83
N TYR B 221 -15.17 19.32 -5.81
CA TYR B 221 -15.11 20.76 -6.08
C TYR B 221 -15.41 21.54 -4.80
N ARG B 222 -16.45 21.13 -4.09
CA ARG B 222 -16.84 21.80 -2.84
C ARG B 222 -16.22 21.08 -1.64
N GLY B 223 -15.58 19.95 -1.90
CA GLY B 223 -14.96 19.17 -0.83
C GLY B 223 -15.90 19.03 0.36
N GLU B 224 -17.07 18.42 0.12
CA GLU B 224 -18.05 18.23 1.17
C GLU B 224 -18.89 16.98 0.91
N LEU B 225 -19.69 16.59 1.88
CA LEU B 225 -20.54 15.41 1.75
C LEU B 225 -21.91 15.68 2.36
N LEU B 226 -22.96 15.40 1.58
CA LEU B 226 -24.32 15.61 2.05
C LEU B 226 -25.04 14.27 2.21
N VAL B 227 -26.08 14.27 3.05
CA VAL B 227 -26.84 13.05 3.29
C VAL B 227 -28.27 13.19 2.76
N ASP B 228 -28.67 12.29 1.87
CA ASP B 228 -30.01 12.33 1.31
C ASP B 228 -30.82 13.46 1.93
N PRO B 229 -30.53 14.68 1.56
CA PRO B 229 -31.25 15.87 2.10
C PRO B 229 -32.68 15.96 1.59
N GLU B 230 -33.30 17.12 1.78
CA GLU B 230 -34.68 17.33 1.34
C GLU B 230 -34.76 17.29 -0.18
N PRO B 231 -35.74 16.61 -0.70
CA PRO B 231 -35.95 16.50 -2.18
C PRO B 231 -35.85 17.84 -2.89
N VAL B 232 -36.31 18.88 -2.22
CA VAL B 232 -36.26 20.22 -2.80
C VAL B 232 -34.83 20.68 -3.00
N LEU B 233 -33.99 20.43 -2.00
CA LEU B 233 -32.58 20.82 -2.08
C LEU B 233 -31.90 20.11 -3.24
N LEU B 234 -32.21 18.82 -3.41
CA LEU B 234 -31.61 18.04 -4.50
C LEU B 234 -32.10 18.55 -5.84
N GLN B 235 -33.37 18.93 -5.92
CA GLN B 235 -33.95 19.44 -7.16
C GLN B 235 -33.30 20.76 -7.55
N GLU B 236 -33.40 21.74 -6.66
CA GLU B 236 -32.83 23.06 -6.92
C GLU B 236 -31.34 22.93 -7.24
N TYR B 237 -30.65 22.09 -6.49
CA TYR B 237 -29.22 21.88 -6.70
C TYR B 237 -28.92 21.68 -8.18
N GLN B 238 -29.62 20.73 -8.79
CA GLN B 238 -29.42 20.45 -10.22
C GLN B 238 -29.81 21.65 -11.07
N ARG B 239 -30.85 22.36 -10.63
CA ARG B 239 -31.31 23.53 -11.36
C ARG B 239 -30.37 24.72 -11.14
N LEU B 240 -29.74 24.75 -9.96
CA LEU B 240 -28.82 25.82 -9.65
C LEU B 240 -27.61 25.80 -10.58
N ILE B 241 -27.02 24.61 -10.74
CA ILE B 241 -25.86 24.47 -11.61
C ILE B 241 -26.22 24.79 -13.05
N SER B 242 -27.39 24.32 -13.48
CA SER B 242 -27.85 24.57 -14.84
C SER B 242 -28.48 25.95 -14.96
N GLU B 243 -28.76 26.57 -13.82
CA GLU B 243 -29.36 27.90 -13.81
C GLU B 243 -28.63 28.82 -14.77
N GLU B 244 -27.40 29.17 -14.43
CA GLU B 244 -26.59 30.06 -15.27
C GLU B 244 -25.13 30.05 -14.82
N ILE B 245 -24.93 30.03 -13.51
CA ILE B 245 -23.57 30.03 -12.97
C ILE B 245 -22.85 28.72 -13.33
N GLU B 246 -22.81 28.42 -14.62
CA GLU B 246 -22.15 27.20 -15.09
C GLU B 246 -20.66 27.47 -15.36
N LEU B 247 -19.80 26.87 -14.54
CA LEU B 247 -18.37 27.05 -14.71
C LEU B 247 -17.98 26.95 -16.18
N SER B 248 -18.70 26.11 -16.92
CA SER B 248 -18.42 25.94 -18.34
C SER B 248 -18.93 27.13 -19.14
N ARG B 249 -19.20 28.24 -18.45
CA ARG B 249 -19.70 29.43 -19.10
C ARG B 249 -19.13 30.68 -18.44
N LEU B 250 -19.32 30.80 -17.13
CA LEU B 250 -18.82 31.95 -16.38
C LEU B 250 -17.78 31.51 -15.36
N ALA B 251 -16.53 31.91 -15.58
CA ALA B 251 -15.45 31.55 -14.68
C ALA B 251 -15.67 32.18 -13.30
N GLU B 252 -16.18 33.41 -13.30
CA GLU B 252 -16.44 34.11 -12.05
C GLU B 252 -17.85 33.81 -11.54
N ASP B 253 -17.94 33.34 -10.31
CA ASP B 253 -19.23 33.01 -9.72
C ASP B 253 -19.40 33.70 -8.36
N ASP B 254 -20.61 33.67 -7.82
CA ASP B 254 -20.89 34.29 -6.54
C ASP B 254 -20.28 33.47 -5.40
N VAL B 255 -18.98 33.65 -5.18
CA VAL B 255 -18.30 32.92 -4.12
C VAL B 255 -18.37 31.42 -4.36
N ASN B 256 -19.53 30.83 -4.05
CA ASN B 256 -19.73 29.40 -4.24
C ASN B 256 -21.18 29.02 -4.01
N MET A 1 37.65 -12.59 -6.66
CA MET A 1 37.35 -11.96 -5.35
C MET A 1 36.12 -11.08 -5.47
N THR A 2 35.78 -10.38 -4.39
CA THR A 2 34.61 -9.50 -4.39
C THR A 2 34.97 -8.14 -4.99
N VAL A 3 33.95 -7.42 -5.44
CA VAL A 3 34.17 -6.10 -6.04
C VAL A 3 33.19 -5.09 -5.46
N LYS A 4 33.72 -4.07 -4.79
CA LYS A 4 32.87 -3.04 -4.20
C LYS A 4 33.25 -1.66 -4.72
N GLN A 5 32.48 -0.65 -4.33
CA GLN A 5 32.75 0.72 -4.78
C GLN A 5 32.01 1.71 -3.89
N THR A 6 32.71 2.77 -3.47
CA THR A 6 32.12 3.78 -2.62
C THR A 6 31.33 4.78 -3.46
N VAL A 7 30.06 4.97 -3.11
CA VAL A 7 29.22 5.91 -3.83
C VAL A 7 28.55 6.90 -2.87
N GLU A 8 28.74 8.19 -3.15
CA GLU A 8 28.16 9.22 -2.30
C GLU A 8 26.70 9.46 -2.66
N ILE A 9 25.83 9.40 -1.65
CA ILE A 9 24.41 9.61 -1.88
C ILE A 9 24.05 11.08 -1.73
N THR A 10 23.82 11.74 -2.86
CA THR A 10 23.47 13.15 -2.85
C THR A 10 21.98 13.34 -2.58
N ASN A 11 21.52 12.80 -1.47
CA ASN A 11 20.10 12.91 -1.10
C ASN A 11 19.23 12.22 -2.15
N LYS A 12 19.80 11.23 -2.83
CA LYS A 12 19.07 10.50 -3.86
C LYS A 12 19.82 9.24 -4.28
N LEU A 13 19.43 8.10 -3.72
CA LEU A 13 20.08 6.84 -4.04
C LEU A 13 19.91 6.51 -5.52
N GLY A 14 19.16 7.36 -6.22
CA GLY A 14 18.92 7.14 -7.64
C GLY A 14 17.45 6.79 -7.90
N MET A 15 16.58 7.22 -7.01
CA MET A 15 15.16 6.95 -7.14
C MET A 15 14.82 5.58 -6.58
N HIS A 16 15.54 5.18 -5.53
CA HIS A 16 15.30 3.87 -4.91
C HIS A 16 13.98 3.28 -5.40
N ALA A 17 13.01 4.14 -5.65
CA ALA A 17 11.71 3.69 -6.12
C ALA A 17 11.86 2.77 -7.32
N ARG A 18 13.07 2.70 -7.86
CA ARG A 18 13.34 1.85 -9.01
C ARG A 18 14.66 1.11 -8.83
N PRO A 19 15.71 1.82 -8.52
CA PRO A 19 17.07 1.23 -8.31
C PRO A 19 17.03 0.03 -7.36
N ALA A 20 16.58 0.27 -6.13
CA ALA A 20 16.50 -0.79 -5.14
C ALA A 20 15.65 -1.94 -5.65
N MET A 21 14.51 -1.61 -6.23
CA MET A 21 13.61 -2.64 -6.76
C MET A 21 14.26 -3.34 -7.96
N LYS A 22 14.87 -2.57 -8.84
CA LYS A 22 15.53 -3.14 -10.02
C LYS A 22 16.63 -4.09 -9.60
N LEU A 23 17.35 -3.74 -8.53
CA LEU A 23 18.43 -4.57 -8.05
C LEU A 23 17.99 -6.02 -7.91
N PHE A 24 16.83 -6.22 -7.29
CA PHE A 24 16.30 -7.57 -7.11
C PHE A 24 16.18 -8.29 -8.45
N GLU A 25 15.77 -7.57 -9.47
CA GLU A 25 15.62 -8.14 -10.80
C GLU A 25 16.98 -8.39 -11.43
N LEU A 26 17.93 -7.50 -11.14
CA LEU A 26 19.28 -7.63 -11.69
C LEU A 26 19.98 -8.86 -11.12
N MET A 27 19.85 -9.05 -9.80
CA MET A 27 20.47 -10.19 -9.14
C MET A 27 20.05 -11.49 -9.81
N GLN A 28 18.81 -11.53 -10.30
CA GLN A 28 18.30 -12.73 -10.96
C GLN A 28 18.80 -12.81 -12.39
N GLY A 29 19.00 -11.65 -13.02
CA GLY A 29 19.47 -11.60 -14.39
C GLY A 29 20.99 -11.81 -14.44
N PHE A 30 21.69 -11.30 -13.42
CA PHE A 30 23.13 -11.43 -13.37
C PHE A 30 23.53 -12.51 -12.38
N ASP A 31 24.76 -13.03 -12.54
CA ASP A 31 25.26 -14.07 -11.65
C ASP A 31 26.21 -13.49 -10.61
N ALA A 32 25.67 -13.14 -9.45
CA ALA A 32 26.48 -12.57 -8.38
C ALA A 32 25.59 -11.99 -7.29
N GLU A 33 26.14 -11.89 -6.07
CA GLU A 33 25.39 -11.36 -4.94
C GLU A 33 25.77 -9.90 -4.69
N VAL A 34 24.77 -9.05 -4.59
CA VAL A 34 25.02 -7.63 -4.33
C VAL A 34 24.64 -7.26 -2.90
N LEU A 35 25.52 -6.53 -2.23
CA LEU A 35 25.28 -6.12 -0.85
C LEU A 35 25.60 -4.64 -0.66
N LEU A 36 24.75 -3.95 0.08
CA LEU A 36 24.94 -2.53 0.34
C LEU A 36 25.37 -2.29 1.78
N ARG A 37 26.16 -1.24 1.99
CA ARG A 37 26.64 -0.92 3.33
C ARG A 37 26.75 0.59 3.51
N ASN A 38 26.28 1.08 4.66
CA ASN A 38 26.34 2.50 4.94
C ASN A 38 27.62 2.84 5.72
N ASP A 39 28.06 4.09 5.60
CA ASP A 39 29.26 4.53 6.29
C ASP A 39 29.18 4.20 7.78
N GLU A 40 27.95 4.14 8.29
CA GLU A 40 27.75 3.83 9.71
C GLU A 40 28.13 2.39 9.99
N GLY A 41 28.35 1.61 8.94
CA GLY A 41 28.72 0.21 9.10
C GLY A 41 27.49 -0.69 9.07
N THR A 42 26.36 -0.11 8.68
CA THR A 42 25.11 -0.87 8.60
C THR A 42 25.01 -1.62 7.28
N GLU A 43 24.97 -2.95 7.35
CA GLU A 43 24.87 -3.76 6.14
C GLU A 43 23.44 -3.77 5.62
N ALA A 44 23.19 -3.00 4.57
CA ALA A 44 21.86 -2.94 3.99
C ALA A 44 21.68 -4.01 2.92
N GLU A 45 21.72 -5.27 3.35
CA GLU A 45 21.56 -6.39 2.43
C GLU A 45 20.48 -6.08 1.39
N ALA A 46 20.87 -6.10 0.11
CA ALA A 46 19.92 -5.83 -0.97
C ALA A 46 18.82 -6.89 -0.99
N ASN A 47 18.99 -7.94 -0.20
CA ASN A 47 18.02 -9.02 -0.16
C ASN A 47 17.12 -8.87 1.08
N SER A 48 16.96 -7.64 1.54
CA SER A 48 16.13 -7.37 2.71
C SER A 48 15.44 -6.02 2.57
N VAL A 49 14.11 -6.03 2.68
CA VAL A 49 13.33 -4.80 2.56
C VAL A 49 13.67 -3.84 3.70
N ILE A 50 13.94 -4.40 4.88
CA ILE A 50 14.27 -3.57 6.04
C ILE A 50 15.54 -2.77 5.77
N ALA A 51 16.49 -3.39 5.07
CA ALA A 51 17.75 -2.73 4.76
C ALA A 51 17.51 -1.54 3.83
N LEU A 52 16.66 -1.74 2.83
CA LEU A 52 16.35 -0.67 1.89
C LEU A 52 15.80 0.55 2.61
N LEU A 53 14.98 0.31 3.62
CA LEU A 53 14.39 1.39 4.39
C LEU A 53 15.47 2.17 5.14
N MET A 54 16.49 1.45 5.62
CA MET A 54 17.57 2.09 6.35
C MET A 54 18.39 2.99 5.43
N LEU A 55 18.62 2.52 4.20
CA LEU A 55 19.38 3.30 3.23
C LEU A 55 18.70 4.64 2.95
N ASP A 56 17.38 4.63 2.96
CA ASP A 56 16.62 5.84 2.70
C ASP A 56 17.08 6.97 3.63
N SER A 57 17.45 6.61 4.84
CA SER A 57 17.92 7.59 5.81
C SER A 57 19.35 8.01 5.51
N ALA A 58 19.97 7.33 4.54
CA ALA A 58 21.34 7.65 4.17
C ALA A 58 21.39 8.82 3.20
N LYS A 59 20.41 9.72 3.32
CA LYS A 59 20.34 10.88 2.44
C LYS A 59 21.47 11.86 2.77
N GLY A 60 22.56 11.77 2.00
CA GLY A 60 23.70 12.66 2.22
C GLY A 60 24.86 11.89 2.86
N ARG A 61 24.68 10.58 3.03
CA ARG A 61 25.72 9.75 3.63
C ARG A 61 26.42 8.92 2.57
N GLN A 62 27.58 8.37 2.92
CA GLN A 62 28.34 7.54 2.00
C GLN A 62 28.06 6.06 2.25
N ILE A 63 28.03 5.28 1.17
CA ILE A 63 27.77 3.84 1.29
C ILE A 63 28.80 3.05 0.48
N GLU A 64 28.92 1.76 0.79
CA GLU A 64 29.87 0.91 0.09
C GLU A 64 29.15 -0.28 -0.52
N VAL A 65 28.91 -0.23 -1.83
CA VAL A 65 28.23 -1.32 -2.51
C VAL A 65 29.21 -2.44 -2.85
N GLU A 66 28.86 -3.65 -2.46
CA GLU A 66 29.72 -4.80 -2.73
C GLU A 66 29.00 -5.84 -3.58
N ALA A 67 29.71 -6.40 -4.56
CA ALA A 67 29.12 -7.40 -5.43
C ALA A 67 30.09 -8.56 -5.66
N THR A 68 29.60 -9.78 -5.49
CA THR A 68 30.43 -10.96 -5.68
C THR A 68 29.81 -11.89 -6.71
N GLY A 69 30.60 -12.30 -7.70
CA GLY A 69 30.12 -13.19 -8.74
C GLY A 69 30.72 -12.82 -10.09
N PRO A 70 30.68 -13.73 -11.03
CA PRO A 70 31.23 -13.51 -12.40
C PRO A 70 30.79 -12.17 -12.98
N GLN A 71 29.50 -11.86 -12.83
CA GLN A 71 28.95 -10.61 -13.35
C GLN A 71 28.96 -9.54 -12.27
N GLU A 72 29.56 -9.86 -11.13
CA GLU A 72 29.63 -8.91 -10.02
C GLU A 72 29.85 -7.50 -10.54
N GLU A 73 30.64 -7.37 -11.60
CA GLU A 73 30.91 -6.07 -12.19
C GLU A 73 29.64 -5.46 -12.76
N GLU A 74 28.92 -6.23 -13.56
CA GLU A 74 27.69 -5.75 -14.16
C GLU A 74 26.71 -5.29 -13.08
N ALA A 75 26.46 -6.14 -12.09
CA ALA A 75 25.55 -5.81 -11.01
C ALA A 75 25.97 -4.51 -10.33
N LEU A 76 27.25 -4.42 -9.98
CA LEU A 76 27.78 -3.23 -9.33
C LEU A 76 27.70 -2.03 -10.27
N ALA A 77 28.09 -2.23 -11.52
CA ALA A 77 28.06 -1.17 -12.51
C ALA A 77 26.64 -0.68 -12.73
N ALA A 78 25.70 -1.61 -12.80
CA ALA A 78 24.30 -1.27 -13.02
C ALA A 78 23.78 -0.42 -11.86
N VAL A 79 24.14 -0.81 -10.64
CA VAL A 79 23.71 -0.07 -9.46
C VAL A 79 24.34 1.32 -9.43
N ILE A 80 25.63 1.39 -9.75
CA ILE A 80 26.34 2.66 -9.76
C ILE A 80 25.76 3.59 -10.83
N ALA A 81 25.46 3.02 -12.00
CA ALA A 81 24.89 3.81 -13.09
C ALA A 81 23.52 4.37 -12.70
N LEU A 82 22.77 3.59 -11.94
CA LEU A 82 21.44 4.02 -11.51
C LEU A 82 21.55 5.09 -10.43
N PHE A 83 22.52 4.91 -9.53
CA PHE A 83 22.72 5.87 -8.44
C PHE A 83 23.31 7.18 -8.98
N ASN A 84 23.99 7.08 -10.12
CA ASN A 84 24.60 8.25 -10.73
C ASN A 84 23.62 8.94 -11.67
N SER A 85 22.44 8.35 -11.83
CA SER A 85 21.42 8.93 -12.70
C SER A 85 21.80 8.73 -14.16
N ARG B 2 -23.37 18.16 4.42
CA ARG B 2 -23.57 18.83 5.74
C ARG B 2 -22.23 18.99 6.43
N ILE B 3 -21.22 18.30 5.93
CA ILE B 3 -19.89 18.38 6.51
C ILE B 3 -18.87 18.82 5.46
N ARG B 4 -18.08 19.84 5.81
CA ARG B 4 -17.07 20.35 4.89
C ARG B 4 -15.79 19.53 4.97
N ALA B 5 -15.58 18.67 3.98
CA ALA B 5 -14.39 17.82 3.95
C ALA B 5 -13.36 18.39 2.99
N LEU B 6 -12.11 17.97 3.16
CA LEU B 6 -11.03 18.45 2.31
C LEU B 6 -11.11 17.78 0.94
N PRO B 7 -11.26 18.56 -0.09
CA PRO B 7 -11.35 18.04 -1.49
C PRO B 7 -10.00 17.55 -2.02
N ALA B 8 -9.86 16.23 -2.12
CA ALA B 8 -8.62 15.65 -2.60
C ALA B 8 -8.65 15.50 -4.12
N ALA B 9 -9.83 15.22 -4.66
CA ALA B 9 -10.00 15.06 -6.10
C ALA B 9 -11.27 15.72 -6.58
N PRO B 10 -11.16 16.88 -7.17
CA PRO B 10 -12.32 17.65 -7.69
C PRO B 10 -13.28 16.77 -8.50
N GLY B 11 -14.58 16.93 -8.25
CA GLY B 11 -15.57 16.15 -8.97
C GLY B 11 -16.73 15.78 -8.05
N VAL B 12 -17.79 15.22 -8.63
CA VAL B 12 -18.96 14.81 -7.85
C VAL B 12 -19.30 13.35 -8.09
N ALA B 13 -20.03 12.76 -7.17
CA ALA B 13 -20.41 11.35 -7.29
C ALA B 13 -21.56 11.02 -6.34
N ILE B 14 -22.42 10.10 -6.76
CA ILE B 14 -23.56 9.70 -5.94
C ILE B 14 -23.63 8.19 -5.82
N ALA B 15 -23.73 7.71 -4.58
CA ALA B 15 -23.81 6.27 -4.34
C ALA B 15 -23.87 5.98 -2.84
N GLU B 16 -23.99 4.70 -2.50
CA GLU B 16 -24.04 4.30 -1.09
C GLU B 16 -22.65 4.25 -0.49
N GLY B 17 -22.59 4.18 0.83
CA GLY B 17 -21.30 4.12 1.53
C GLY B 17 -20.96 2.68 1.92
N TRP B 18 -19.73 2.28 1.66
CA TRP B 18 -19.29 0.93 1.99
C TRP B 18 -18.28 0.96 3.14
N GLN B 19 -18.74 0.62 4.33
CA GLN B 19 -17.87 0.60 5.51
C GLN B 19 -16.85 -0.53 5.41
N ASP B 20 -15.61 -0.22 5.77
CA ASP B 20 -14.54 -1.22 5.72
C ASP B 20 -14.66 -2.19 6.89
N ALA B 21 -15.22 -3.37 6.62
CA ALA B 21 -15.39 -4.38 7.66
C ALA B 21 -14.04 -4.99 8.03
N THR B 22 -13.02 -4.67 7.25
CA THR B 22 -11.68 -5.20 7.50
C THR B 22 -11.15 -4.69 8.84
N LEU B 23 -11.06 -5.58 9.82
CA LEU B 23 -10.56 -5.20 11.14
C LEU B 23 -9.27 -5.95 11.45
N PRO B 24 -8.45 -5.37 12.29
CA PRO B 24 -7.15 -5.99 12.69
C PRO B 24 -7.30 -7.45 13.08
N LEU B 25 -7.55 -8.30 12.09
CA LEU B 25 -7.72 -9.73 12.36
C LEU B 25 -6.61 -10.24 13.27
N MET B 26 -5.72 -9.35 13.66
CA MET B 26 -4.60 -9.72 14.53
C MET B 26 -5.09 -9.91 15.97
N GLU B 27 -5.81 -8.92 16.47
CA GLU B 27 -6.34 -8.98 17.84
C GLU B 27 -7.61 -9.83 17.87
N GLN B 28 -8.16 -10.12 16.71
CA GLN B 28 -9.38 -10.91 16.63
C GLN B 28 -9.05 -12.38 16.34
N VAL B 29 -7.90 -12.82 16.83
CA VAL B 29 -7.47 -14.20 16.62
C VAL B 29 -7.86 -15.07 17.82
N TYR B 30 -7.91 -16.38 17.60
CA TYR B 30 -8.27 -17.31 18.67
C TYR B 30 -8.07 -18.74 18.22
N GLN B 31 -6.88 -19.27 18.42
CA GLN B 31 -6.56 -20.64 18.03
C GLN B 31 -5.80 -21.36 19.13
N ALA B 32 -5.93 -22.68 19.17
CA ALA B 32 -5.25 -23.48 20.19
C ALA B 32 -3.74 -23.45 19.97
N SER B 33 -3.03 -24.32 20.67
CA SER B 33 -1.58 -24.38 20.56
C SER B 33 -1.14 -25.77 20.09
N THR B 34 -1.17 -25.98 18.78
CA THR B 34 -0.77 -27.26 18.21
C THR B 34 0.23 -27.07 17.08
N LEU B 35 1.42 -27.63 17.24
CA LEU B 35 2.46 -27.51 16.23
C LEU B 35 2.26 -28.55 15.13
N ASP B 36 2.40 -28.13 13.88
CA ASP B 36 2.24 -29.03 12.75
C ASP B 36 3.04 -28.55 11.55
N PRO B 37 4.33 -28.77 11.58
CA PRO B 37 5.25 -28.35 10.47
C PRO B 37 4.70 -28.74 9.10
N ALA B 38 3.86 -29.77 9.08
CA ALA B 38 3.28 -30.24 7.82
C ALA B 38 2.14 -29.34 7.39
N LEU B 39 1.23 -29.06 8.33
CA LEU B 39 0.09 -28.19 8.03
C LEU B 39 0.50 -26.73 8.09
N GLU B 40 1.28 -26.37 9.10
CA GLU B 40 1.74 -25.00 9.25
C GLU B 40 2.52 -24.55 8.02
N ARG B 41 3.61 -25.26 7.73
CA ARG B 41 4.44 -24.94 6.58
C ARG B 41 3.61 -24.93 5.31
N GLU B 42 2.77 -25.94 5.15
CA GLU B 42 1.92 -26.05 3.97
C GLU B 42 0.86 -24.95 3.98
N ARG B 43 0.29 -24.70 5.15
CA ARG B 43 -0.72 -23.66 5.29
C ARG B 43 -0.21 -22.33 4.78
N LEU B 44 1.02 -21.99 5.15
CA LEU B 44 1.62 -20.74 4.73
C LEU B 44 1.87 -20.75 3.22
N THR B 45 2.52 -21.80 2.74
CA THR B 45 2.82 -21.93 1.32
C THR B 45 1.55 -21.77 0.50
N GLY B 46 0.49 -22.47 0.89
CA GLY B 46 -0.78 -22.40 0.18
C GLY B 46 -1.37 -21.01 0.26
N ALA B 47 -1.16 -20.35 1.40
CA ALA B 47 -1.68 -19.00 1.60
C ALA B 47 -0.94 -18.01 0.71
N LEU B 48 0.39 -18.12 0.68
CA LEU B 48 1.21 -17.24 -0.13
C LEU B 48 0.82 -17.33 -1.60
N GLU B 49 0.58 -18.55 -2.06
CA GLU B 49 0.19 -18.77 -3.45
C GLU B 49 -1.09 -18.01 -3.77
N GLU B 50 -1.91 -17.79 -2.74
CA GLU B 50 -3.17 -17.09 -2.93
C GLU B 50 -2.98 -15.59 -2.67
N ALA B 51 -2.09 -15.27 -1.73
CA ALA B 51 -1.82 -13.88 -1.40
C ALA B 51 -0.68 -13.32 -2.25
N ALA B 52 0.30 -14.17 -2.52
CA ALA B 52 1.45 -13.76 -3.33
C ALA B 52 1.04 -13.63 -4.79
N ASN B 53 0.42 -14.67 -5.33
CA ASN B 53 -0.01 -14.64 -6.73
C ASN B 53 -0.97 -13.50 -6.97
N GLU B 54 -1.93 -13.32 -6.06
CA GLU B 54 -2.91 -12.25 -6.18
C GLU B 54 -2.22 -10.89 -6.15
N PHE B 55 -1.21 -10.77 -5.30
CA PHE B 55 -0.48 -9.51 -5.19
C PHE B 55 0.24 -9.19 -6.50
N ARG B 56 1.01 -10.16 -6.99
CA ARG B 56 1.74 -9.96 -8.24
C ARG B 56 0.78 -9.83 -9.41
N ARG B 57 -0.29 -10.62 -9.39
CA ARG B 57 -1.28 -10.58 -10.46
C ARG B 57 -2.01 -9.24 -10.46
N TYR B 58 -2.21 -8.68 -9.27
CA TYR B 58 -2.89 -7.39 -9.15
C TYR B 58 -2.15 -6.31 -9.91
N SER B 59 -0.83 -6.25 -9.71
CA SER B 59 -0.01 -5.25 -10.38
C SER B 59 -0.31 -5.24 -11.88
N LYS B 60 -0.32 -6.42 -12.48
CA LYS B 60 -0.59 -6.53 -13.91
C LYS B 60 -1.97 -5.96 -14.24
N ARG B 61 -2.92 -6.17 -13.34
CA ARG B 61 -4.28 -5.66 -13.54
C ARG B 61 -4.29 -4.14 -13.50
N PHE B 62 -3.57 -3.57 -12.54
CA PHE B 62 -3.51 -2.12 -12.41
C PHE B 62 -2.70 -1.51 -13.55
N ALA B 63 -1.61 -2.18 -13.91
CA ALA B 63 -0.76 -1.68 -14.99
C ALA B 63 -1.57 -1.48 -16.27
N ALA B 64 -2.60 -2.30 -16.44
CA ALA B 64 -3.45 -2.20 -17.63
C ALA B 64 -3.98 -0.78 -17.78
N GLY B 65 -3.94 -0.02 -16.69
CA GLY B 65 -4.42 1.36 -16.72
C GLY B 65 -3.79 2.18 -15.60
N ALA B 66 -4.52 2.32 -14.49
CA ALA B 66 -4.01 3.08 -13.36
C ALA B 66 -2.71 3.79 -13.72
N GLN B 67 -1.77 3.82 -12.77
CA GLN B 67 -0.48 4.45 -13.01
C GLN B 67 0.66 3.51 -12.67
N LYS B 68 1.89 3.98 -12.85
CA LYS B 68 3.06 3.17 -12.56
C LYS B 68 3.26 3.04 -11.05
N GLU B 69 2.86 4.06 -10.32
CA GLU B 69 3.00 4.05 -8.86
C GLU B 69 2.29 2.84 -8.27
N THR B 70 1.16 2.48 -8.87
CA THR B 70 0.39 1.33 -8.38
C THR B 70 1.21 0.05 -8.51
N ALA B 71 1.65 -0.25 -9.72
CA ALA B 71 2.43 -1.45 -9.97
C ALA B 71 3.81 -1.34 -9.31
N ALA B 72 4.29 -0.10 -9.15
CA ALA B 72 5.59 0.14 -8.55
C ALA B 72 5.60 -0.36 -7.11
N ILE B 73 4.53 -0.09 -6.38
CA ILE B 73 4.42 -0.52 -4.99
C ILE B 73 4.19 -2.02 -4.91
N PHE B 74 3.15 -2.49 -5.58
CA PHE B 74 2.83 -3.91 -5.58
C PHE B 74 4.05 -4.75 -5.97
N ASP B 75 4.49 -4.58 -7.22
CA ASP B 75 5.64 -5.33 -7.71
C ASP B 75 6.71 -5.43 -6.62
N LEU B 76 6.85 -4.37 -5.84
CA LEU B 76 7.84 -4.35 -4.75
C LEU B 76 7.40 -5.26 -3.62
N TYR B 77 6.11 -5.21 -3.28
CA TYR B 77 5.57 -6.02 -2.21
C TYR B 77 5.57 -7.50 -2.61
N SER B 78 5.29 -7.76 -3.87
CA SER B 78 5.26 -9.13 -4.38
C SER B 78 6.50 -9.90 -3.92
N HIS B 79 7.66 -9.28 -4.08
CA HIS B 79 8.91 -9.91 -3.69
C HIS B 79 9.15 -9.74 -2.18
N LEU B 80 8.48 -8.75 -1.60
CA LEU B 80 8.62 -8.49 -0.17
C LEU B 80 8.06 -9.65 0.64
N LEU B 81 6.84 -10.06 0.33
CA LEU B 81 6.20 -11.16 1.04
C LEU B 81 6.71 -12.50 0.52
N SER B 82 6.95 -12.58 -0.78
CA SER B 82 7.44 -13.81 -1.39
C SER B 82 8.86 -14.11 -0.91
N ASP B 83 9.55 -13.08 -0.41
CA ASP B 83 10.91 -13.25 0.07
C ASP B 83 10.99 -14.43 1.03
N THR B 84 12.00 -15.29 0.83
CA THR B 84 12.17 -16.45 1.68
C THR B 84 12.35 -16.04 3.14
N ARG B 85 12.22 -14.74 3.39
CA ARG B 85 12.37 -14.22 4.75
C ARG B 85 11.03 -14.28 5.49
N LEU B 86 9.96 -13.89 4.80
CA LEU B 86 8.63 -13.90 5.40
C LEU B 86 8.25 -15.30 5.84
N ARG B 87 8.37 -16.26 4.92
CA ARG B 87 8.04 -17.64 5.22
C ARG B 87 9.00 -18.22 6.25
N ARG B 88 10.29 -17.93 6.08
CA ARG B 88 11.30 -18.42 7.00
C ARG B 88 10.97 -18.03 8.43
N GLU B 89 10.68 -16.75 8.64
CA GLU B 89 10.34 -16.26 9.97
C GLU B 89 9.14 -17.00 10.53
N LEU B 90 8.11 -17.16 9.69
CA LEU B 90 6.89 -17.86 10.11
C LEU B 90 7.22 -19.28 10.54
N PHE B 91 7.85 -20.03 9.64
CA PHE B 91 8.22 -21.42 9.94
C PHE B 91 9.09 -21.50 11.19
N ALA B 92 9.96 -20.50 11.35
CA ALA B 92 10.85 -20.46 12.50
C ALA B 92 10.06 -20.47 13.80
N GLU B 93 8.97 -19.70 13.83
CA GLU B 93 8.13 -19.62 15.01
C GLU B 93 7.46 -20.98 15.29
N VAL B 94 7.07 -21.67 14.23
CA VAL B 94 6.43 -22.96 14.37
C VAL B 94 7.39 -23.98 14.98
N ASP B 95 8.65 -23.89 14.59
CA ASP B 95 9.67 -24.81 15.11
C ASP B 95 9.74 -24.72 16.63
N LYS B 96 9.21 -23.64 17.17
CA LYS B 96 9.21 -23.44 18.63
C LYS B 96 7.92 -23.95 19.24
N GLY B 97 6.86 -24.00 18.44
CA GLY B 97 5.57 -24.47 18.92
C GLY B 97 4.48 -23.42 18.68
N SER B 98 4.71 -22.56 17.70
CA SER B 98 3.74 -21.51 17.39
C SER B 98 2.80 -21.96 16.26
N VAL B 99 1.64 -21.33 16.18
CA VAL B 99 0.67 -21.68 15.15
C VAL B 99 0.66 -20.62 14.04
N ALA B 100 0.39 -21.05 12.82
CA ALA B 100 0.35 -20.14 11.69
C ALA B 100 -0.50 -18.91 12.01
N GLU B 101 -1.62 -19.13 12.69
CA GLU B 101 -2.51 -18.04 13.06
C GLU B 101 -1.73 -16.94 13.79
N TRP B 102 -0.94 -17.35 14.79
CA TRP B 102 -0.16 -16.40 15.56
C TRP B 102 1.14 -16.05 14.82
N ALA B 103 1.69 -17.03 14.12
CA ALA B 103 2.93 -16.82 13.38
C ALA B 103 2.79 -15.64 12.42
N VAL B 104 1.73 -15.65 11.62
CA VAL B 104 1.48 -14.58 10.66
C VAL B 104 1.25 -13.26 11.39
N LYS B 105 0.64 -13.33 12.57
CA LYS B 105 0.37 -12.14 13.35
C LYS B 105 1.65 -11.60 13.99
N THR B 106 2.40 -12.50 14.62
CA THR B 106 3.65 -12.10 15.26
C THR B 106 4.62 -11.55 14.23
N VAL B 107 4.88 -12.32 13.18
CA VAL B 107 5.80 -11.89 12.13
C VAL B 107 5.45 -10.48 11.66
N ILE B 108 4.25 -10.31 11.13
CA ILE B 108 3.81 -9.01 10.65
C ILE B 108 3.96 -7.96 11.75
N GLU B 109 3.64 -8.35 12.98
CA GLU B 109 3.75 -7.43 14.10
C GLU B 109 5.20 -7.05 14.35
N LYS B 110 6.09 -8.04 14.31
CA LYS B 110 7.51 -7.80 14.53
C LYS B 110 8.06 -6.84 13.48
N PHE B 111 7.57 -6.98 12.24
CA PHE B 111 8.03 -6.12 11.15
C PHE B 111 7.44 -4.72 11.29
N ALA B 112 6.25 -4.65 11.88
CA ALA B 112 5.58 -3.37 12.06
C ALA B 112 6.39 -2.47 12.99
N GLU B 113 6.99 -3.07 14.02
CA GLU B 113 7.79 -2.31 14.97
C GLU B 113 9.07 -1.82 14.31
N GLN B 114 9.76 -2.72 13.61
CA GLN B 114 11.00 -2.37 12.94
C GLN B 114 10.75 -1.34 11.84
N PHE B 115 9.57 -1.42 11.23
CA PHE B 115 9.22 -0.49 10.16
C PHE B 115 9.13 0.94 10.70
N ALA B 116 8.36 1.11 11.76
CA ALA B 116 8.20 2.43 12.37
C ALA B 116 9.53 2.92 12.93
N ALA B 117 10.22 2.04 13.64
CA ALA B 117 11.50 2.40 14.24
C ALA B 117 12.28 3.35 13.32
N LEU B 118 12.21 3.08 12.02
CA LEU B 118 12.91 3.91 11.04
C LEU B 118 12.30 5.31 10.99
N SER B 119 13.05 6.26 10.44
CA SER B 119 12.56 7.63 10.33
C SER B 119 12.21 7.97 8.89
N ASP B 120 12.82 7.25 7.95
CA ASP B 120 12.55 7.48 6.54
C ASP B 120 11.06 7.64 6.29
N ASN B 121 10.69 8.75 5.66
CA ASN B 121 9.28 9.01 5.36
C ASN B 121 8.73 7.97 4.39
N TYR B 122 9.44 7.77 3.28
CA TYR B 122 9.02 6.81 2.27
C TYR B 122 8.68 5.47 2.93
N LEU B 123 9.25 5.23 4.10
CA LEU B 123 9.01 3.99 4.82
C LEU B 123 7.72 4.09 5.65
N LYS B 124 7.72 5.01 6.62
CA LYS B 124 6.55 5.20 7.46
C LYS B 124 5.27 5.05 6.65
N GLU B 125 5.29 5.58 5.43
CA GLU B 125 4.12 5.49 4.55
C GLU B 125 3.93 4.07 4.06
N ARG B 126 5.01 3.45 3.59
CA ARG B 126 4.94 2.09 3.09
C ARG B 126 4.46 1.14 4.18
N ALA B 127 4.74 1.50 5.43
CA ALA B 127 4.32 0.68 6.57
C ALA B 127 2.85 0.31 6.46
N GLY B 128 2.02 1.32 6.15
CA GLY B 128 0.59 1.09 6.01
C GLY B 128 0.32 -0.14 5.15
N ASP B 129 1.05 -0.25 4.05
CA ASP B 129 0.89 -1.39 3.14
C ASP B 129 1.28 -2.69 3.84
N LEU B 130 2.34 -2.62 4.64
CA LEU B 130 2.81 -3.80 5.36
C LEU B 130 1.68 -4.40 6.19
N ARG B 131 1.06 -3.57 7.02
CA ARG B 131 -0.05 -4.04 7.86
C ARG B 131 -1.10 -4.74 7.00
N ALA B 132 -1.36 -4.19 5.82
CA ALA B 132 -2.33 -4.78 4.92
C ALA B 132 -1.87 -6.15 4.45
N LEU B 133 -0.56 -6.28 4.20
CA LEU B 133 -0.01 -7.54 3.75
C LEU B 133 -0.38 -8.66 4.71
N GLY B 134 -0.22 -8.41 6.00
CA GLY B 134 -0.55 -9.40 7.01
C GLY B 134 -2.04 -9.72 6.99
N GLN B 135 -2.86 -8.69 6.83
CA GLN B 135 -4.31 -8.86 6.79
C GLN B 135 -4.71 -9.63 5.52
N ARG B 136 -4.05 -9.31 4.42
CA ARG B 136 -4.34 -9.96 3.15
C ARG B 136 -3.96 -11.43 3.22
N LEU B 137 -2.80 -11.72 3.80
CA LEU B 137 -2.32 -13.08 3.92
C LEU B 137 -3.19 -13.86 4.92
N LEU B 138 -3.63 -13.17 5.96
CA LEU B 138 -4.48 -13.79 6.98
C LEU B 138 -5.79 -14.26 6.36
N PHE B 139 -6.37 -13.41 5.52
CA PHE B 139 -7.64 -13.75 4.87
C PHE B 139 -7.47 -14.97 3.98
N HIS B 140 -6.38 -15.02 3.23
CA HIS B 140 -6.11 -16.14 2.34
C HIS B 140 -5.80 -17.40 3.15
N LEU B 141 -5.35 -17.20 4.39
CA LEU B 141 -5.01 -18.32 5.25
C LEU B 141 -6.25 -19.18 5.52
N ASP B 142 -7.41 -18.64 5.20
CA ASP B 142 -8.66 -19.36 5.42
C ASP B 142 -9.33 -19.69 4.09
N ASP B 143 -9.49 -20.97 3.81
CA ASP B 143 -10.10 -21.42 2.57
C ASP B 143 -11.39 -20.65 2.31
N ALA B 144 -11.86 -19.94 3.33
CA ALA B 144 -13.09 -19.17 3.20
C ALA B 144 -12.85 -17.89 2.39
N ASN B 145 -11.78 -17.90 1.61
CA ASN B 145 -11.44 -16.75 0.78
C ASN B 145 -12.70 -16.01 0.34
N GLN B 146 -12.89 -14.80 0.86
CA GLN B 146 -14.06 -14.01 0.53
C GLN B 146 -14.06 -12.70 1.31
N GLY B 147 -14.44 -12.77 2.58
CA GLY B 147 -14.48 -11.59 3.43
C GLY B 147 -15.21 -10.45 2.74
N PRO B 148 -14.48 -9.44 2.33
CA PRO B 148 -15.06 -8.26 1.63
C PRO B 148 -15.48 -8.57 0.20
N ASN B 149 -14.74 -9.47 -0.44
CA ASN B 149 -15.05 -9.85 -1.82
C ASN B 149 -15.23 -8.62 -2.69
N ALA B 150 -16.48 -8.38 -3.12
CA ALA B 150 -16.77 -7.23 -3.96
C ALA B 150 -18.28 -7.13 -4.22
N TRP B 151 -18.88 -6.04 -3.78
CA TRP B 151 -20.31 -5.85 -3.97
C TRP B 151 -20.60 -5.35 -5.38
N PRO B 152 -21.83 -5.00 -5.65
CA PRO B 152 -22.25 -4.50 -6.99
C PRO B 152 -21.32 -3.41 -7.52
N GLU B 153 -21.35 -3.20 -8.83
CA GLU B 153 -20.49 -2.18 -9.45
C GLU B 153 -20.90 -0.78 -8.97
N ARG B 154 -21.66 -0.74 -7.88
CA ARG B 154 -22.11 0.54 -7.33
C ARG B 154 -21.83 0.61 -5.83
N PHE B 155 -20.86 1.43 -5.45
CA PHE B 155 -20.50 1.57 -4.05
C PHE B 155 -19.24 2.43 -3.90
N ILE B 156 -19.16 3.16 -2.79
CA ILE B 156 -18.01 4.01 -2.53
C ILE B 156 -17.21 3.49 -1.34
N LEU B 157 -15.94 3.88 -1.27
CA LEU B 157 -15.08 3.44 -0.17
C LEU B 157 -15.16 4.42 0.99
N VAL B 158 -15.36 3.89 2.19
CA VAL B 158 -15.45 4.73 3.38
C VAL B 158 -14.63 4.14 4.51
N ALA B 159 -13.40 4.62 4.66
CA ALA B 159 -12.51 4.13 5.71
C ALA B 159 -11.81 5.30 6.40
N ASP B 160 -11.51 5.13 7.69
CA ASP B 160 -10.83 6.17 8.45
C ASP B 160 -9.44 6.42 7.88
N GLU B 161 -8.84 5.38 7.31
CA GLU B 161 -7.50 5.51 6.74
C GLU B 161 -7.45 4.84 5.35
N LEU B 162 -6.92 5.56 4.39
CA LEU B 162 -6.81 5.04 3.03
C LEU B 162 -5.55 4.18 2.88
N SER B 163 -5.68 3.08 2.15
CA SER B 163 -4.55 2.18 1.94
C SER B 163 -4.59 1.62 0.52
N ALA B 164 -3.49 1.81 -0.21
CA ALA B 164 -3.39 1.31 -1.58
C ALA B 164 -3.68 -0.19 -1.62
N THR B 165 -3.15 -0.92 -0.66
CA THR B 165 -3.35 -2.36 -0.58
C THR B 165 -4.83 -2.68 -0.48
N THR B 166 -5.53 -1.97 0.40
CA THR B 166 -6.96 -2.19 0.59
C THR B 166 -7.71 -1.99 -0.72
N LEU B 167 -7.51 -0.83 -1.34
CA LEU B 167 -8.17 -0.53 -2.60
C LEU B 167 -7.91 -1.62 -3.63
N ALA B 168 -6.73 -2.24 -3.54
CA ALA B 168 -6.36 -3.30 -4.47
C ALA B 168 -7.15 -4.57 -4.17
N GLU B 169 -8.22 -4.43 -3.39
CA GLU B 169 -9.05 -5.57 -3.04
C GLU B 169 -10.40 -5.50 -3.75
N LEU B 170 -10.88 -4.29 -3.98
CA LEU B 170 -12.16 -4.10 -4.66
C LEU B 170 -11.95 -3.56 -6.07
N PRO B 171 -12.47 -4.23 -7.05
CA PRO B 171 -12.35 -3.83 -8.48
C PRO B 171 -12.65 -2.35 -8.68
N GLN B 172 -11.99 -1.74 -9.66
CA GLN B 172 -12.19 -0.32 -9.95
C GLN B 172 -13.59 -0.09 -10.52
N ASP B 173 -14.27 -1.18 -10.86
CA ASP B 173 -15.61 -1.08 -11.42
C ASP B 173 -16.61 -0.63 -10.37
N ARG B 174 -16.48 -1.18 -9.15
CA ARG B 174 -17.37 -0.82 -8.07
C ARG B 174 -16.96 0.51 -7.45
N LEU B 175 -15.68 0.85 -7.57
CA LEU B 175 -15.17 2.10 -7.02
C LEU B 175 -15.76 3.29 -7.78
N VAL B 176 -16.71 3.98 -7.16
CA VAL B 176 -17.34 5.13 -7.78
C VAL B 176 -17.18 6.38 -6.91
N GLY B 177 -16.43 6.22 -5.81
CA GLY B 177 -16.20 7.35 -4.90
C GLY B 177 -15.34 6.91 -3.72
N VAL B 178 -14.74 7.89 -3.05
CA VAL B 178 -13.88 7.61 -1.91
C VAL B 178 -14.09 8.65 -0.80
N VAL B 179 -14.08 8.18 0.44
CA VAL B 179 -14.28 9.08 1.57
C VAL B 179 -13.46 8.60 2.77
N VAL B 180 -12.57 9.46 3.26
CA VAL B 180 -11.73 9.12 4.40
C VAL B 180 -11.96 10.09 5.55
N ARG B 181 -11.75 9.61 6.77
CA ARG B 181 -11.95 10.45 7.96
C ARG B 181 -10.71 11.28 8.24
N ASP B 182 -9.54 10.65 8.08
CA ASP B 182 -8.28 11.35 8.32
C ASP B 182 -7.28 11.04 7.21
N GLY B 183 -6.59 9.92 7.34
CA GLY B 183 -5.60 9.53 6.34
C GLY B 183 -5.16 10.74 5.50
N ALA B 184 -4.55 11.70 6.17
CA ALA B 184 -4.08 12.91 5.48
C ALA B 184 -2.71 12.67 4.85
N ALA B 185 -2.21 13.66 4.13
CA ALA B 185 -0.91 13.54 3.48
C ALA B 185 -1.06 13.04 2.05
N ASN B 186 0.05 12.71 1.42
CA ASN B 186 0.04 12.21 0.05
C ASN B 186 -0.51 10.79 0.00
N SER B 187 -0.13 9.98 0.99
CA SER B 187 -0.58 8.59 1.05
C SER B 187 -0.68 8.01 -0.35
N GLN B 188 0.15 7.00 -0.63
CA GLN B 188 0.16 6.36 -1.94
C GLN B 188 -1.28 6.23 -2.46
N ALA B 189 -2.21 5.91 -1.57
CA ALA B 189 -3.60 5.75 -1.96
C ALA B 189 -4.22 7.10 -2.32
N ALA B 190 -3.96 8.10 -1.48
CA ALA B 190 -4.48 9.44 -1.70
C ALA B 190 -4.02 9.97 -3.05
N ILE B 191 -2.73 9.84 -3.33
CA ILE B 191 -2.17 10.31 -4.59
C ILE B 191 -2.62 9.41 -5.75
N MET B 192 -2.92 8.15 -5.42
CA MET B 192 -3.36 7.21 -6.44
C MET B 192 -4.73 7.62 -7.00
N VAL B 193 -5.66 7.88 -6.10
CA VAL B 193 -7.00 8.28 -6.50
C VAL B 193 -6.97 9.60 -7.26
N ARG B 194 -6.13 10.53 -6.79
CA ARG B 194 -6.01 11.83 -7.44
C ARG B 194 -5.57 11.67 -8.89
N ALA B 195 -4.48 10.92 -9.09
CA ALA B 195 -3.97 10.69 -10.43
C ALA B 195 -4.96 9.88 -11.26
N LEU B 196 -5.77 9.09 -10.59
CA LEU B 196 -6.77 8.26 -11.27
C LEU B 196 -7.88 9.13 -11.84
N GLY B 197 -8.16 10.25 -11.17
CA GLY B 197 -9.20 11.16 -11.62
C GLY B 197 -10.55 10.76 -11.04
N ILE B 198 -10.53 10.17 -9.85
CA ILE B 198 -11.76 9.74 -9.20
C ILE B 198 -12.07 10.63 -8.00
N PRO B 199 -13.24 11.19 -7.95
CA PRO B 199 -13.68 12.08 -6.84
C PRO B 199 -13.36 11.48 -5.46
N THR B 200 -12.56 12.19 -4.68
CA THR B 200 -12.19 11.72 -3.35
C THR B 200 -12.12 12.88 -2.37
N VAL B 201 -12.50 12.62 -1.12
CA VAL B 201 -12.48 13.65 -0.09
C VAL B 201 -12.00 13.07 1.24
N MET B 202 -11.44 13.93 2.08
CA MET B 202 -10.95 13.50 3.39
C MET B 202 -11.37 14.48 4.47
N GLY B 203 -11.14 14.11 5.72
CA GLY B 203 -11.49 14.97 6.84
C GLY B 203 -12.95 14.79 7.23
N ALA B 204 -13.62 13.86 6.57
CA ALA B 204 -15.03 13.59 6.85
C ALA B 204 -15.23 13.32 8.35
N ASP B 205 -15.98 14.20 9.01
CA ASP B 205 -16.25 14.04 10.43
C ASP B 205 -17.35 13.02 10.67
N ILE B 206 -17.48 12.08 9.74
CA ILE B 206 -18.51 11.05 9.86
C ILE B 206 -17.89 9.66 9.77
N GLN B 207 -18.19 8.81 10.75
CA GLN B 207 -17.66 7.45 10.77
C GLN B 207 -18.41 6.57 9.77
N PRO B 208 -17.75 5.57 9.27
CA PRO B 208 -18.35 4.61 8.28
C PRO B 208 -19.36 3.68 8.94
N SER B 209 -19.32 3.59 10.26
CA SER B 209 -20.23 2.72 11.00
C SER B 209 -21.67 3.21 10.84
N VAL B 210 -21.85 4.52 10.80
CA VAL B 210 -23.18 5.10 10.65
C VAL B 210 -23.49 5.34 9.18
N LEU B 211 -22.82 4.61 8.31
CA LEU B 211 -23.03 4.75 6.86
C LEU B 211 -23.36 3.40 6.23
N HIS B 212 -22.96 2.33 6.92
CA HIS B 212 -23.22 0.98 6.41
C HIS B 212 -23.40 1.01 4.89
N ARG B 213 -24.62 1.33 4.46
CA ARG B 213 -24.92 1.38 3.03
C ARG B 213 -25.90 2.51 2.72
N ARG B 214 -25.92 3.52 3.59
CA ARG B 214 -26.82 4.65 3.40
C ARG B 214 -26.45 5.44 2.16
N THR B 215 -27.27 6.41 1.80
CA THR B 215 -27.02 7.23 0.63
C THR B 215 -26.04 8.35 0.95
N LEU B 216 -24.97 8.45 0.16
CA LEU B 216 -23.96 9.48 0.37
C LEU B 216 -23.77 10.30 -0.90
N ILE B 217 -23.44 11.58 -0.73
CA ILE B 217 -23.23 12.47 -1.86
C ILE B 217 -21.98 13.32 -1.65
N VAL B 218 -20.89 12.95 -2.34
CA VAL B 218 -19.65 13.69 -2.22
C VAL B 218 -19.56 14.77 -3.30
N ASP B 219 -18.91 15.88 -2.97
CA ASP B 219 -18.77 16.97 -3.92
C ASP B 219 -17.34 17.51 -3.91
N GLY B 220 -16.44 16.77 -4.54
CA GLY B 220 -15.03 17.19 -4.60
C GLY B 220 -14.91 18.65 -5.00
N TYR B 221 -15.71 19.05 -5.99
CA TYR B 221 -15.69 20.43 -6.46
C TYR B 221 -15.79 21.40 -5.29
N ARG B 222 -16.73 21.14 -4.39
CA ARG B 222 -16.92 21.99 -3.23
C ARG B 222 -16.39 21.32 -1.98
N GLY B 223 -15.86 20.11 -2.13
CA GLY B 223 -15.32 19.37 -1.00
C GLY B 223 -16.33 19.29 0.13
N GLU B 224 -17.59 19.01 -0.22
CA GLU B 224 -18.64 18.91 0.78
C GLU B 224 -19.14 17.47 0.90
N LEU B 225 -19.59 17.10 2.09
CA LEU B 225 -20.09 15.75 2.33
C LEU B 225 -21.49 15.79 2.92
N LEU B 226 -22.45 15.21 2.20
CA LEU B 226 -23.83 15.18 2.67
C LEU B 226 -24.21 13.79 3.15
N VAL B 227 -25.13 13.72 4.10
CA VAL B 227 -25.58 12.44 4.64
C VAL B 227 -27.09 12.28 4.46
N ASP B 228 -27.48 11.50 3.45
CA ASP B 228 -28.90 11.27 3.20
C ASP B 228 -29.74 12.43 3.74
N PRO B 229 -29.49 13.62 3.27
CA PRO B 229 -30.22 14.84 3.70
C PRO B 229 -31.66 14.86 3.17
N GLU B 230 -32.40 15.90 3.53
CA GLU B 230 -33.78 16.04 3.09
C GLU B 230 -33.88 15.81 1.58
N PRO B 231 -34.73 14.91 1.18
CA PRO B 231 -34.94 14.58 -0.25
C PRO B 231 -35.11 15.84 -1.12
N VAL B 232 -35.75 16.85 -0.56
CA VAL B 232 -35.97 18.10 -1.27
C VAL B 232 -34.65 18.86 -1.45
N LEU B 233 -33.91 19.00 -0.36
CA LEU B 233 -32.63 19.70 -0.40
C LEU B 233 -31.73 19.09 -1.46
N LEU B 234 -31.55 17.77 -1.41
CA LEU B 234 -30.70 17.08 -2.37
C LEU B 234 -31.26 17.23 -3.78
N GLN B 235 -32.58 17.31 -3.88
CA GLN B 235 -33.23 17.46 -5.18
C GLN B 235 -32.78 18.76 -5.86
N GLU B 236 -33.00 19.88 -5.17
CA GLU B 236 -32.61 21.17 -5.71
C GLU B 236 -31.10 21.30 -5.79
N TYR B 237 -30.42 20.93 -4.71
CA TYR B 237 -28.97 21.00 -4.67
C TYR B 237 -28.36 20.43 -5.95
N GLN B 238 -28.79 19.23 -6.32
CA GLN B 238 -28.28 18.59 -7.53
C GLN B 238 -28.64 19.42 -8.76
N ARG B 239 -29.82 20.02 -8.75
CA ARG B 239 -30.26 20.85 -9.87
C ARG B 239 -29.55 22.19 -9.87
N LEU B 240 -29.28 22.72 -8.68
CA LEU B 240 -28.60 23.99 -8.56
C LEU B 240 -27.13 23.86 -8.98
N ILE B 241 -26.43 22.92 -8.36
CA ILE B 241 -25.02 22.70 -8.68
C ILE B 241 -24.84 22.46 -10.18
N SER B 242 -25.82 21.79 -10.79
CA SER B 242 -25.77 21.50 -12.21
C SER B 242 -26.15 22.72 -13.03
N GLU B 243 -26.83 23.66 -12.39
CA GLU B 243 -27.25 24.89 -13.06
C GLU B 243 -26.88 26.11 -12.24
N GLU B 244 -25.65 26.12 -11.72
CA GLU B 244 -25.18 27.24 -10.93
C GLU B 244 -23.68 27.11 -10.65
N ILE B 245 -23.34 26.93 -9.37
CA ILE B 245 -21.94 26.79 -8.99
C ILE B 245 -21.14 26.12 -10.10
N GLU B 246 -21.76 25.13 -10.75
CA GLU B 246 -21.09 24.42 -11.83
C GLU B 246 -19.76 25.09 -12.19
N LEU B 247 -18.66 24.42 -11.85
CA LEU B 247 -17.34 24.97 -12.13
C LEU B 247 -17.04 24.89 -13.62
N SER B 248 -17.85 24.14 -14.36
CA SER B 248 -17.67 23.99 -15.79
C SER B 248 -18.29 25.17 -16.54
N ARG B 249 -19.07 25.96 -15.82
CA ARG B 249 -19.73 27.12 -16.42
C ARG B 249 -19.87 28.25 -15.40
N LEU B 250 -19.87 27.89 -14.13
CA LEU B 250 -20.00 28.89 -13.06
C LEU B 250 -21.45 29.31 -12.89
N ALA B 251 -21.65 30.51 -12.38
CA ALA B 251 -23.00 31.03 -12.16
C ALA B 251 -23.60 31.53 -13.47
N GLU B 252 -24.88 31.22 -13.70
CA GLU B 252 -25.55 31.65 -14.92
C GLU B 252 -26.69 32.62 -14.58
N ASP B 253 -27.45 32.31 -13.55
CA ASP B 253 -28.57 33.15 -13.13
C ASP B 253 -28.56 33.34 -11.62
N ASP B 254 -29.64 33.92 -11.10
CA ASP B 254 -29.76 34.15 -9.67
C ASP B 254 -28.68 35.13 -9.19
N VAL B 255 -28.49 35.20 -7.88
CA VAL B 255 -27.48 36.08 -7.31
C VAL B 255 -26.09 35.50 -7.48
N ASN B 256 -25.16 36.32 -7.95
CA ASN B 256 -23.79 35.86 -8.16
C ASN B 256 -23.71 34.89 -9.32
N MET A 1 37.42 -12.23 -7.47
CA MET A 1 37.16 -11.63 -6.13
C MET A 1 35.92 -10.76 -6.19
N THR A 2 35.61 -10.09 -5.08
CA THR A 2 34.44 -9.23 -5.02
C THR A 2 34.78 -7.84 -5.59
N VAL A 3 33.74 -7.11 -6.00
CA VAL A 3 33.93 -5.78 -6.56
C VAL A 3 32.96 -4.79 -5.94
N LYS A 4 33.50 -3.77 -5.28
CA LYS A 4 32.67 -2.75 -4.64
C LYS A 4 33.08 -1.35 -5.10
N GLN A 5 32.29 -0.35 -4.70
CA GLN A 5 32.59 1.02 -5.07
C GLN A 5 31.84 1.99 -4.15
N THR A 6 32.56 3.01 -3.67
CA THR A 6 31.95 4.00 -2.78
C THR A 6 31.13 5.00 -3.58
N VAL A 7 29.89 5.21 -3.17
CA VAL A 7 29.01 6.15 -3.85
C VAL A 7 28.38 7.12 -2.86
N GLU A 8 28.57 8.41 -3.08
CA GLU A 8 28.01 9.43 -2.20
C GLU A 8 26.53 9.66 -2.51
N ILE A 9 25.70 9.57 -1.49
CA ILE A 9 24.26 9.77 -1.68
C ILE A 9 23.89 11.24 -1.48
N THR A 10 23.61 11.93 -2.58
CA THR A 10 23.24 13.34 -2.51
C THR A 10 21.76 13.48 -2.19
N ASN A 11 21.34 12.91 -1.07
CA ASN A 11 19.94 12.99 -0.67
C ASN A 11 19.04 12.33 -1.71
N LYS A 12 19.60 11.38 -2.45
CA LYS A 12 18.85 10.67 -3.48
C LYS A 12 19.61 9.44 -3.96
N LEU A 13 19.23 8.28 -3.42
CA LEU A 13 19.88 7.03 -3.80
C LEU A 13 19.68 6.75 -5.29
N GLY A 14 18.90 7.59 -5.94
CA GLY A 14 18.63 7.41 -7.37
C GLY A 14 17.28 8.03 -7.75
N MET A 15 16.21 7.42 -7.25
CA MET A 15 14.87 7.91 -7.56
C MET A 15 13.91 7.55 -6.42
N HIS A 16 12.61 7.64 -6.71
CA HIS A 16 11.60 7.31 -5.72
C HIS A 16 11.97 6.05 -4.96
N ALA A 17 12.53 5.08 -5.68
CA ALA A 17 12.92 3.82 -5.07
C ALA A 17 13.06 2.73 -6.13
N ARG A 18 12.93 3.13 -7.39
CA ARG A 18 13.04 2.18 -8.49
C ARG A 18 14.36 1.41 -8.41
N PRO A 19 15.44 2.11 -8.19
CA PRO A 19 16.79 1.49 -8.10
C PRO A 19 16.80 0.28 -7.17
N ALA A 20 16.36 0.48 -5.93
CA ALA A 20 16.32 -0.61 -4.95
C ALA A 20 15.47 -1.76 -5.47
N MET A 21 14.28 -1.42 -5.97
CA MET A 21 13.37 -2.44 -6.49
C MET A 21 13.96 -3.09 -7.73
N LYS A 22 14.56 -2.28 -8.60
CA LYS A 22 15.15 -2.79 -9.82
C LYS A 22 16.29 -3.75 -9.50
N LEU A 23 17.05 -3.44 -8.46
CA LEU A 23 18.17 -4.28 -8.05
C LEU A 23 17.72 -5.73 -7.94
N PHE A 24 16.58 -5.95 -7.30
CA PHE A 24 16.05 -7.30 -7.13
C PHE A 24 15.91 -7.99 -8.48
N GLU A 25 15.43 -7.24 -9.48
CA GLU A 25 15.25 -7.79 -10.82
C GLU A 25 16.60 -8.01 -11.49
N LEU A 26 17.54 -7.12 -11.23
CA LEU A 26 18.88 -7.23 -11.81
C LEU A 26 19.60 -8.46 -11.27
N MET A 27 19.48 -8.67 -9.96
CA MET A 27 20.12 -9.82 -9.33
C MET A 27 19.70 -11.12 -9.99
N GLN A 28 18.46 -11.14 -10.49
CA GLN A 28 17.95 -12.32 -11.16
C GLN A 28 18.38 -12.36 -12.62
N GLY A 29 18.59 -11.19 -13.20
CA GLY A 29 19.01 -11.10 -14.60
C GLY A 29 20.52 -11.26 -14.71
N PHE A 30 21.24 -10.82 -13.68
CA PHE A 30 22.69 -10.92 -13.68
C PHE A 30 23.15 -12.01 -12.71
N ASP A 31 24.32 -12.58 -12.97
CA ASP A 31 24.86 -13.62 -12.12
C ASP A 31 25.84 -13.04 -11.11
N ALA A 32 25.34 -12.74 -9.91
CA ALA A 32 26.19 -12.18 -8.87
C ALA A 32 25.34 -11.65 -7.71
N GLU A 33 25.93 -11.58 -6.53
CA GLU A 33 25.22 -11.09 -5.35
C GLU A 33 25.60 -9.65 -5.05
N VAL A 34 24.59 -8.79 -4.91
CA VAL A 34 24.82 -7.39 -4.62
C VAL A 34 24.50 -7.07 -3.16
N LEU A 35 25.39 -6.33 -2.51
CA LEU A 35 25.18 -5.97 -1.11
C LEU A 35 25.53 -4.50 -0.88
N LEU A 36 24.69 -3.82 -0.10
CA LEU A 36 24.91 -2.41 0.19
C LEU A 36 25.39 -2.23 1.62
N ARG A 37 26.17 -1.16 1.85
CA ARG A 37 26.69 -0.88 3.19
C ARG A 37 26.81 0.62 3.41
N ASN A 38 26.36 1.08 4.56
CA ASN A 38 26.43 2.50 4.89
C ASN A 38 27.72 2.82 5.63
N ASP A 39 28.16 4.07 5.55
CA ASP A 39 29.38 4.49 6.22
C ASP A 39 29.34 4.11 7.70
N GLU A 40 28.13 4.03 8.25
CA GLU A 40 27.97 3.68 9.65
C GLU A 40 28.37 2.23 9.88
N GLY A 41 28.55 1.48 8.80
CA GLY A 41 28.94 0.09 8.90
C GLY A 41 27.71 -0.82 8.89
N THR A 42 26.56 -0.24 8.55
CA THR A 42 25.32 -1.00 8.50
C THR A 42 25.18 -1.71 7.16
N GLU A 43 25.14 -3.03 7.19
CA GLU A 43 25.01 -3.82 5.96
C GLU A 43 23.56 -3.82 5.49
N ALA A 44 23.28 -3.02 4.45
CA ALA A 44 21.92 -2.95 3.91
C ALA A 44 21.73 -4.00 2.82
N GLU A 45 21.79 -5.26 3.21
CA GLU A 45 21.61 -6.35 2.26
C GLU A 45 20.49 -6.02 1.27
N ALA A 46 20.84 -6.01 -0.01
CA ALA A 46 19.85 -5.71 -1.05
C ALA A 46 18.76 -6.76 -1.08
N ASN A 47 18.96 -7.83 -0.33
CA ASN A 47 17.98 -8.92 -0.27
C ASN A 47 17.13 -8.80 0.99
N SER A 48 16.98 -7.57 1.49
CA SER A 48 16.20 -7.34 2.69
C SER A 48 15.48 -6.00 2.61
N VAL A 49 14.16 -6.03 2.75
CA VAL A 49 13.37 -4.80 2.70
C VAL A 49 13.73 -3.88 3.85
N ILE A 50 14.04 -4.47 5.01
CA ILE A 50 14.40 -3.68 6.18
C ILE A 50 15.67 -2.87 5.91
N ALA A 51 16.59 -3.46 5.16
CA ALA A 51 17.84 -2.79 4.84
C ALA A 51 17.59 -1.57 3.95
N LEU A 52 16.70 -1.73 2.98
CA LEU A 52 16.36 -0.64 2.07
C LEU A 52 15.82 0.56 2.84
N LEU A 53 15.03 0.28 3.88
CA LEU A 53 14.45 1.34 4.69
C LEU A 53 15.55 2.09 5.43
N MET A 54 16.59 1.37 5.83
CA MET A 54 17.70 1.98 6.57
C MET A 54 18.51 2.88 5.65
N LEU A 55 18.63 2.49 4.39
CA LEU A 55 19.38 3.27 3.41
C LEU A 55 18.72 4.63 3.18
N ASP A 56 17.39 4.64 3.23
CA ASP A 56 16.64 5.87 3.03
C ASP A 56 17.14 6.97 3.98
N SER A 57 17.52 6.56 5.18
CA SER A 57 18.02 7.51 6.17
C SER A 57 19.44 7.95 5.83
N ALA A 58 20.03 7.30 4.83
CA ALA A 58 21.39 7.62 4.42
C ALA A 58 21.41 8.82 3.49
N LYS A 59 20.42 9.70 3.65
CA LYS A 59 20.33 10.90 2.81
C LYS A 59 21.47 11.87 3.12
N GLY A 60 22.52 11.81 2.32
CA GLY A 60 23.67 12.68 2.52
C GLY A 60 24.84 11.91 3.13
N ARG A 61 24.69 10.60 3.23
CA ARG A 61 25.74 9.76 3.80
C ARG A 61 26.42 8.95 2.69
N GLN A 62 27.59 8.39 3.01
CA GLN A 62 28.33 7.60 2.04
C GLN A 62 28.07 6.11 2.26
N ILE A 63 27.98 5.37 1.16
CA ILE A 63 27.73 3.94 1.23
C ILE A 63 28.73 3.17 0.37
N GLU A 64 28.87 1.87 0.65
CA GLU A 64 29.79 1.04 -0.10
C GLU A 64 29.06 -0.14 -0.72
N VAL A 65 28.78 -0.04 -2.01
CA VAL A 65 28.10 -1.11 -2.73
C VAL A 65 29.07 -2.21 -3.12
N GLU A 66 28.73 -3.45 -2.77
CA GLU A 66 29.59 -4.58 -3.09
C GLU A 66 28.84 -5.60 -3.96
N ALA A 67 29.52 -6.13 -4.95
CA ALA A 67 28.91 -7.11 -5.85
C ALA A 67 29.88 -8.26 -6.13
N THR A 68 29.39 -9.49 -5.99
CA THR A 68 30.23 -10.66 -6.23
C THR A 68 29.58 -11.57 -7.27
N GLY A 69 30.36 -11.94 -8.29
CA GLY A 69 29.85 -12.81 -9.34
C GLY A 69 30.41 -12.39 -10.70
N PRO A 70 30.34 -13.28 -11.66
CA PRO A 70 30.85 -13.01 -13.04
C PRO A 70 30.38 -11.66 -13.57
N GLN A 71 29.09 -11.36 -13.38
CA GLN A 71 28.53 -10.10 -13.85
C GLN A 71 28.55 -9.06 -12.73
N GLU A 72 29.19 -9.40 -11.63
CA GLU A 72 29.28 -8.50 -10.49
C GLU A 72 29.48 -7.06 -10.96
N GLU A 73 30.25 -6.90 -12.04
CA GLU A 73 30.51 -5.57 -12.59
C GLU A 73 29.23 -4.95 -13.11
N GLU A 74 28.48 -5.71 -13.91
CA GLU A 74 27.22 -5.21 -14.46
C GLU A 74 26.28 -4.78 -13.34
N ALA A 75 26.05 -5.67 -12.39
CA ALA A 75 25.17 -5.36 -11.26
C ALA A 75 25.61 -4.09 -10.56
N LEU A 76 26.90 -4.00 -10.24
CA LEU A 76 27.44 -2.83 -9.58
C LEU A 76 27.33 -1.60 -10.47
N ALA A 77 27.68 -1.77 -11.75
CA ALA A 77 27.62 -0.67 -12.70
C ALA A 77 26.18 -0.18 -12.85
N ALA A 78 25.24 -1.13 -12.92
CA ALA A 78 23.83 -0.79 -13.07
C ALA A 78 23.35 0.04 -11.88
N VAL A 79 23.74 -0.39 -10.68
CA VAL A 79 23.35 0.32 -9.47
C VAL A 79 23.98 1.71 -9.43
N ILE A 80 25.26 1.78 -9.79
CA ILE A 80 25.97 3.05 -9.80
C ILE A 80 25.36 4.00 -10.82
N ALA A 81 25.03 3.47 -11.99
CA ALA A 81 24.44 4.28 -13.04
C ALA A 81 23.08 4.82 -12.60
N LEU A 82 22.35 4.01 -11.84
CA LEU A 82 21.04 4.43 -11.35
C LEU A 82 21.19 5.46 -10.24
N PHE A 83 22.19 5.27 -9.39
CA PHE A 83 22.43 6.20 -8.29
C PHE A 83 22.93 7.54 -8.82
N ASN A 84 23.66 7.50 -9.93
CA ASN A 84 24.18 8.71 -10.52
C ASN A 84 23.12 9.40 -11.38
N SER A 85 21.97 8.74 -11.52
CA SER A 85 20.88 9.30 -12.32
C SER A 85 21.16 9.13 -13.81
N ARG B 2 -23.70 17.80 5.25
CA ARG B 2 -23.34 19.25 5.32
C ARG B 2 -22.05 19.41 6.12
N ILE B 3 -20.97 18.84 5.61
CA ILE B 3 -19.68 18.93 6.28
C ILE B 3 -18.59 19.36 5.29
N ARG B 4 -17.81 20.37 5.67
CA ARG B 4 -16.74 20.86 4.82
C ARG B 4 -15.51 19.97 4.94
N ALA B 5 -15.17 19.28 3.86
CA ALA B 5 -14.01 18.39 3.85
C ALA B 5 -12.97 18.88 2.85
N LEU B 6 -11.72 18.45 3.05
CA LEU B 6 -10.64 18.85 2.15
C LEU B 6 -10.74 18.11 0.83
N PRO B 7 -10.91 18.83 -0.25
CA PRO B 7 -11.03 18.24 -1.61
C PRO B 7 -9.69 17.73 -2.13
N ALA B 8 -9.53 16.41 -2.15
CA ALA B 8 -8.30 15.80 -2.62
C ALA B 8 -8.33 15.67 -4.15
N ALA B 9 -9.50 15.37 -4.69
CA ALA B 9 -9.64 15.22 -6.14
C ALA B 9 -10.90 15.93 -6.62
N PRO B 10 -10.80 16.69 -7.68
CA PRO B 10 -11.94 17.44 -8.27
C PRO B 10 -12.93 16.52 -8.97
N GLY B 11 -14.21 16.84 -8.85
CA GLY B 11 -15.26 16.04 -9.48
C GLY B 11 -16.42 15.80 -8.53
N VAL B 12 -17.56 15.41 -9.07
CA VAL B 12 -18.74 15.15 -8.25
C VAL B 12 -19.34 13.80 -8.61
N ALA B 13 -19.94 13.14 -7.61
CA ALA B 13 -20.55 11.84 -7.83
C ALA B 13 -21.62 11.56 -6.78
N ILE B 14 -22.58 10.71 -7.13
CA ILE B 14 -23.66 10.37 -6.20
C ILE B 14 -23.74 8.86 -6.00
N ALA B 15 -23.75 8.43 -4.74
CA ALA B 15 -23.81 7.02 -4.43
C ALA B 15 -23.97 6.80 -2.93
N GLU B 16 -24.14 5.54 -2.53
CA GLU B 16 -24.29 5.22 -1.11
C GLU B 16 -22.92 5.05 -0.45
N GLY B 17 -22.91 5.09 0.87
CA GLY B 17 -21.66 4.94 1.62
C GLY B 17 -21.57 3.55 2.25
N TRP B 18 -20.47 2.87 1.97
CA TRP B 18 -20.25 1.53 2.52
C TRP B 18 -19.15 1.55 3.57
N GLN B 19 -19.13 0.53 4.43
CA GLN B 19 -18.13 0.44 5.48
C GLN B 19 -17.24 -0.78 5.26
N ASP B 20 -15.94 -0.61 5.48
CA ASP B 20 -15.00 -1.71 5.31
C ASP B 20 -15.08 -2.67 6.49
N ALA B 21 -16.05 -3.58 6.44
CA ALA B 21 -16.23 -4.56 7.50
C ALA B 21 -14.91 -5.23 7.85
N THR B 22 -13.90 -5.00 7.01
CA THR B 22 -12.59 -5.59 7.24
C THR B 22 -12.17 -5.43 8.70
N LEU B 23 -12.26 -6.51 9.47
CA LEU B 23 -11.89 -6.46 10.87
C LEU B 23 -10.51 -7.07 11.08
N PRO B 24 -9.75 -6.54 12.00
CA PRO B 24 -8.38 -7.03 12.32
C PRO B 24 -8.33 -8.55 12.48
N LEU B 25 -8.46 -9.26 11.37
CA LEU B 25 -8.43 -10.73 11.39
C LEU B 25 -7.34 -11.23 12.33
N MET B 26 -6.43 -10.32 12.69
CA MET B 26 -5.33 -10.69 13.58
C MET B 26 -5.85 -10.97 14.99
N GLU B 27 -6.75 -10.11 15.47
CA GLU B 27 -7.31 -10.29 16.80
C GLU B 27 -8.39 -11.36 16.78
N GLN B 28 -8.76 -11.83 15.59
CA GLN B 28 -9.78 -12.86 15.47
C GLN B 28 -9.17 -14.24 15.70
N VAL B 29 -7.85 -14.29 15.81
CA VAL B 29 -7.16 -15.56 16.04
C VAL B 29 -7.69 -16.25 17.29
N TYR B 30 -7.56 -17.57 17.33
CA TYR B 30 -8.04 -18.33 18.48
C TYR B 30 -6.87 -19.08 19.14
N GLN B 31 -6.85 -19.05 20.47
CA GLN B 31 -5.79 -19.73 21.21
C GLN B 31 -5.82 -21.24 20.95
N ALA B 32 -4.66 -21.82 20.71
CA ALA B 32 -4.57 -23.25 20.45
C ALA B 32 -3.11 -23.70 20.44
N SER B 33 -2.80 -24.71 21.27
CA SER B 33 -1.44 -25.22 21.34
C SER B 33 -1.34 -26.56 20.62
N THR B 34 -1.08 -26.51 19.32
CA THR B 34 -0.96 -27.72 18.52
C THR B 34 0.07 -27.53 17.41
N LEU B 35 1.25 -28.12 17.58
CA LEU B 35 2.31 -28.01 16.59
C LEU B 35 1.96 -28.83 15.35
N ASP B 36 2.29 -28.28 14.18
CA ASP B 36 2.01 -28.96 12.92
C ASP B 36 2.90 -28.43 11.82
N PRO B 37 4.19 -28.54 11.97
CA PRO B 37 5.18 -28.06 10.96
C PRO B 37 4.81 -28.50 9.54
N ALA B 38 4.17 -29.65 9.43
CA ALA B 38 3.77 -30.17 8.13
C ALA B 38 2.52 -29.46 7.63
N LEU B 39 1.49 -29.44 8.48
CA LEU B 39 0.24 -28.79 8.11
C LEU B 39 0.38 -27.27 8.17
N GLU B 40 1.26 -26.80 9.05
CA GLU B 40 1.48 -25.36 9.20
C GLU B 40 2.39 -24.85 8.08
N ARG B 41 3.56 -25.45 7.95
CA ARG B 41 4.52 -25.05 6.92
C ARG B 41 3.83 -25.00 5.56
N GLU B 42 3.19 -26.10 5.19
CA GLU B 42 2.49 -26.18 3.90
C GLU B 42 1.34 -25.19 3.87
N ARG B 43 0.64 -25.06 4.99
CA ARG B 43 -0.49 -24.15 5.08
C ARG B 43 -0.06 -22.73 4.73
N LEU B 44 1.10 -22.32 5.24
CA LEU B 44 1.62 -20.99 4.97
C LEU B 44 2.00 -20.85 3.51
N THR B 45 2.88 -21.72 3.04
CA THR B 45 3.32 -21.69 1.65
C THR B 45 2.11 -21.64 0.72
N GLY B 46 1.17 -22.54 0.92
CA GLY B 46 -0.03 -22.59 0.08
C GLY B 46 -0.79 -21.28 0.17
N ALA B 47 -0.80 -20.68 1.36
CA ALA B 47 -1.51 -19.42 1.56
C ALA B 47 -0.77 -18.28 0.88
N LEU B 48 0.56 -18.25 1.05
CA LEU B 48 1.36 -17.20 0.44
C LEU B 48 1.17 -17.18 -1.07
N GLU B 49 1.32 -18.34 -1.70
CA GLU B 49 1.15 -18.45 -3.14
C GLU B 49 -0.20 -17.89 -3.56
N GLU B 50 -1.18 -18.03 -2.67
CA GLU B 50 -2.53 -17.54 -2.96
C GLU B 50 -2.58 -16.02 -2.83
N ALA B 51 -1.83 -15.48 -1.86
CA ALA B 51 -1.80 -14.04 -1.64
C ALA B 51 -0.65 -13.42 -2.41
N ALA B 52 0.54 -14.00 -2.27
CA ALA B 52 1.72 -13.48 -2.96
C ALA B 52 1.46 -13.39 -4.46
N ASN B 53 0.95 -14.48 -5.03
CA ASN B 53 0.66 -14.51 -6.47
C ASN B 53 -0.42 -13.48 -6.81
N GLU B 54 -1.33 -13.24 -5.87
CA GLU B 54 -2.40 -12.28 -6.09
C GLU B 54 -1.84 -10.88 -6.31
N PHE B 55 -0.90 -10.49 -5.45
CA PHE B 55 -0.28 -9.17 -5.57
C PHE B 55 0.58 -9.08 -6.81
N ARG B 56 1.34 -10.14 -7.08
CA ARG B 56 2.22 -10.18 -8.25
C ARG B 56 1.39 -10.14 -9.53
N ARG B 57 0.38 -11.00 -9.59
CA ARG B 57 -0.49 -11.07 -10.77
C ARG B 57 -1.30 -9.79 -10.90
N TYR B 58 -1.59 -9.16 -9.77
CA TYR B 58 -2.37 -7.91 -9.77
C TYR B 58 -1.64 -6.84 -10.57
N SER B 59 -0.33 -6.73 -10.37
CA SER B 59 0.46 -5.74 -11.08
C SER B 59 0.16 -5.80 -12.58
N LYS B 60 0.03 -7.01 -13.11
CA LYS B 60 -0.25 -7.19 -14.52
C LYS B 60 -1.59 -6.55 -14.88
N ARG B 61 -2.46 -6.40 -13.89
CA ARG B 61 -3.76 -5.80 -14.12
C ARG B 61 -3.63 -4.28 -14.25
N PHE B 62 -2.89 -3.68 -13.34
CA PHE B 62 -2.70 -2.23 -13.37
C PHE B 62 -2.25 -1.78 -14.75
N ALA B 63 -1.38 -2.57 -15.37
CA ALA B 63 -0.87 -2.24 -16.70
C ALA B 63 -1.99 -1.69 -17.57
N ALA B 64 -3.23 -2.05 -17.25
CA ALA B 64 -4.38 -1.58 -18.01
C ALA B 64 -4.55 -0.07 -17.85
N GLY B 65 -4.32 0.41 -16.63
CA GLY B 65 -4.45 1.85 -16.36
C GLY B 65 -3.15 2.58 -16.67
N ALA B 66 -2.64 3.32 -15.68
CA ALA B 66 -1.40 4.06 -15.86
C ALA B 66 -0.85 4.51 -14.51
N GLN B 67 -0.90 3.61 -13.53
CA GLN B 67 -0.40 3.93 -12.19
C GLN B 67 0.84 3.11 -11.88
N LYS B 68 2.01 3.66 -12.22
CA LYS B 68 3.27 2.96 -11.98
C LYS B 68 3.48 2.76 -10.48
N GLU B 69 2.78 3.54 -9.67
CA GLU B 69 2.90 3.43 -8.23
C GLU B 69 2.45 2.05 -7.75
N THR B 70 1.31 1.60 -8.27
CA THR B 70 0.79 0.30 -7.89
C THR B 70 1.76 -0.81 -8.28
N ALA B 71 2.14 -0.84 -9.55
CA ALA B 71 3.06 -1.86 -10.04
C ALA B 71 4.38 -1.79 -9.27
N ALA B 72 4.90 -0.58 -9.10
CA ALA B 72 6.16 -0.39 -8.39
C ALA B 72 6.03 -0.88 -6.95
N ILE B 73 4.93 -0.51 -6.30
CA ILE B 73 4.70 -0.91 -4.92
C ILE B 73 4.49 -2.42 -4.83
N PHE B 74 3.56 -2.93 -5.63
CA PHE B 74 3.27 -4.37 -5.63
C PHE B 74 4.53 -5.17 -5.93
N ASP B 75 5.14 -4.88 -7.08
CA ASP B 75 6.36 -5.58 -7.47
C ASP B 75 7.20 -5.93 -6.25
N LEU B 76 7.38 -4.96 -5.37
CA LEU B 76 8.17 -5.18 -4.16
C LEU B 76 7.35 -5.95 -3.12
N TYR B 77 6.07 -5.62 -3.02
CA TYR B 77 5.19 -6.29 -2.08
C TYR B 77 5.21 -7.79 -2.28
N SER B 78 4.96 -8.22 -3.52
CA SER B 78 4.97 -9.63 -3.84
C SER B 78 6.27 -10.30 -3.38
N HIS B 79 7.40 -9.69 -3.75
CA HIS B 79 8.69 -10.22 -3.37
C HIS B 79 8.90 -10.11 -1.86
N LEU B 80 8.33 -9.08 -1.26
CA LEU B 80 8.44 -8.86 0.17
C LEU B 80 7.74 -9.98 0.94
N LEU B 81 6.53 -10.30 0.52
CA LEU B 81 5.75 -11.36 1.17
C LEU B 81 6.36 -12.73 0.87
N SER B 82 6.73 -12.94 -0.38
CA SER B 82 7.33 -14.21 -0.77
C SER B 82 8.79 -14.28 -0.37
N ASP B 83 9.31 -13.15 0.12
CA ASP B 83 10.71 -13.10 0.55
C ASP B 83 11.05 -14.30 1.41
N THR B 84 11.97 -15.13 0.92
CA THR B 84 12.38 -16.33 1.67
C THR B 84 12.79 -15.95 3.09
N ARG B 85 12.96 -14.66 3.33
CA ARG B 85 13.36 -14.19 4.65
C ARG B 85 12.18 -14.25 5.61
N LEU B 86 11.06 -13.66 5.22
CA LEU B 86 9.87 -13.65 6.05
C LEU B 86 9.41 -15.08 6.34
N ARG B 87 9.53 -15.94 5.34
CA ARG B 87 9.12 -17.34 5.50
C ARG B 87 9.93 -18.01 6.61
N ARG B 88 11.24 -17.80 6.59
CA ARG B 88 12.11 -18.39 7.60
C ARG B 88 11.57 -18.12 9.01
N GLU B 89 11.09 -16.90 9.21
CA GLU B 89 10.55 -16.52 10.52
C GLU B 89 9.34 -17.39 10.86
N LEU B 90 8.45 -17.58 9.89
CA LEU B 90 7.25 -18.39 10.11
C LEU B 90 7.65 -19.81 10.52
N PHE B 91 8.30 -20.52 9.61
CA PHE B 91 8.72 -21.89 9.90
C PHE B 91 9.58 -21.95 11.15
N ALA B 92 10.39 -20.92 11.34
CA ALA B 92 11.26 -20.86 12.51
C ALA B 92 10.44 -20.82 13.79
N GLU B 93 9.36 -20.05 13.76
CA GLU B 93 8.49 -19.93 14.94
C GLU B 93 7.73 -21.24 15.16
N VAL B 94 7.22 -21.83 14.08
CA VAL B 94 6.48 -23.07 14.18
C VAL B 94 7.37 -24.20 14.71
N ASP B 95 8.64 -24.20 14.28
CA ASP B 95 9.58 -25.22 14.72
C ASP B 95 9.73 -25.18 16.23
N LYS B 96 9.31 -24.09 16.85
CA LYS B 96 9.41 -23.94 18.29
C LYS B 96 8.16 -24.46 18.97
N GLY B 97 7.07 -24.55 18.21
CA GLY B 97 5.81 -25.03 18.75
C GLY B 97 4.73 -23.97 18.63
N SER B 98 4.91 -23.04 17.71
CA SER B 98 3.94 -21.96 17.51
C SER B 98 3.01 -22.29 16.34
N VAL B 99 1.82 -21.70 16.34
CA VAL B 99 0.87 -21.93 15.27
C VAL B 99 0.91 -20.79 14.25
N ALA B 100 0.63 -21.13 12.99
CA ALA B 100 0.64 -20.13 11.94
C ALA B 100 -0.23 -18.94 12.30
N GLU B 101 -1.47 -19.22 12.69
CA GLU B 101 -2.40 -18.16 13.07
C GLU B 101 -1.68 -17.07 13.85
N TRP B 102 -1.08 -17.45 14.98
CA TRP B 102 -0.37 -16.49 15.81
C TRP B 102 1.04 -16.24 15.26
N ALA B 103 1.65 -17.29 14.70
CA ALA B 103 2.98 -17.17 14.14
C ALA B 103 3.05 -16.01 13.14
N VAL B 104 2.14 -16.00 12.18
CA VAL B 104 2.10 -14.96 11.18
C VAL B 104 1.64 -13.64 11.81
N LYS B 105 1.07 -13.71 13.00
CA LYS B 105 0.59 -12.53 13.69
C LYS B 105 1.75 -11.78 14.33
N THR B 106 2.75 -12.53 14.80
CA THR B 106 3.92 -11.93 15.44
C THR B 106 4.85 -11.32 14.39
N VAL B 107 5.31 -12.16 13.47
CA VAL B 107 6.21 -11.69 12.41
C VAL B 107 5.71 -10.38 11.82
N ILE B 108 4.51 -10.41 11.25
CA ILE B 108 3.93 -9.21 10.66
C ILE B 108 3.88 -8.08 11.67
N GLU B 109 3.51 -8.42 12.91
CA GLU B 109 3.41 -7.42 13.96
C GLU B 109 4.79 -6.88 14.31
N LYS B 110 5.79 -7.76 14.33
CA LYS B 110 7.15 -7.37 14.65
C LYS B 110 7.76 -6.56 13.50
N PHE B 111 7.34 -6.89 12.28
CA PHE B 111 7.86 -6.19 11.10
C PHE B 111 7.18 -4.83 10.95
N ALA B 112 5.94 -4.74 11.41
CA ALA B 112 5.18 -3.50 11.32
C ALA B 112 5.69 -2.49 12.34
N GLU B 113 6.32 -2.98 13.40
CA GLU B 113 6.84 -2.11 14.45
C GLU B 113 8.24 -1.61 14.09
N GLN B 114 9.13 -2.55 13.78
CA GLN B 114 10.49 -2.20 13.41
C GLN B 114 10.51 -1.32 12.18
N PHE B 115 9.67 -1.65 11.20
CA PHE B 115 9.61 -0.87 9.97
C PHE B 115 8.96 0.48 10.23
N ALA B 116 7.82 0.48 10.91
CA ALA B 116 7.11 1.72 11.21
C ALA B 116 7.78 2.43 12.39
N ALA B 117 8.93 1.94 12.81
CA ALA B 117 9.65 2.55 13.92
C ALA B 117 10.75 3.47 13.40
N LEU B 118 10.91 3.52 12.08
CA LEU B 118 11.92 4.36 11.48
C LEU B 118 11.37 5.77 11.23
N SER B 119 12.12 6.56 10.48
CA SER B 119 11.70 7.92 10.17
C SER B 119 11.45 8.09 8.67
N ASP B 120 12.01 7.17 7.88
CA ASP B 120 11.85 7.22 6.43
C ASP B 120 10.37 7.14 6.06
N ASN B 121 9.89 8.16 5.36
CA ASN B 121 8.49 8.19 4.94
C ASN B 121 8.23 7.15 3.85
N TYR B 122 9.19 7.01 2.93
CA TYR B 122 9.06 6.06 1.84
C TYR B 122 8.68 4.68 2.39
N LEU B 123 9.30 4.30 3.50
CA LEU B 123 9.02 3.01 4.12
C LEU B 123 7.98 3.16 5.23
N LYS B 124 8.27 4.06 6.17
CA LYS B 124 7.35 4.30 7.28
C LYS B 124 5.90 4.19 6.81
N GLU B 125 5.56 4.97 5.78
CA GLU B 125 4.20 4.95 5.24
C GLU B 125 3.88 3.58 4.66
N ARG B 126 4.87 2.97 4.01
CA ARG B 126 4.68 1.66 3.41
C ARG B 126 4.25 0.66 4.47
N ALA B 127 4.71 0.86 5.70
CA ALA B 127 4.37 -0.04 6.80
C ALA B 127 2.89 -0.42 6.72
N GLY B 128 2.04 0.58 6.51
CA GLY B 128 0.60 0.33 6.43
C GLY B 128 0.32 -0.88 5.55
N ASP B 129 1.06 -1.01 4.45
CA ASP B 129 0.89 -2.12 3.55
C ASP B 129 1.30 -3.43 4.22
N LEU B 130 2.40 -3.38 4.97
CA LEU B 130 2.89 -4.56 5.66
C LEU B 130 1.81 -5.12 6.57
N ARG B 131 1.27 -4.27 7.45
CA ARG B 131 0.22 -4.70 8.36
C ARG B 131 -0.91 -5.37 7.60
N ALA B 132 -1.20 -4.85 6.40
CA ALA B 132 -2.26 -5.41 5.58
C ALA B 132 -1.90 -6.83 5.15
N LEU B 133 -0.61 -7.05 4.86
CA LEU B 133 -0.16 -8.37 4.44
C LEU B 133 -0.68 -9.43 5.39
N GLY B 134 -0.66 -9.13 6.68
CA GLY B 134 -1.14 -10.07 7.69
C GLY B 134 -2.63 -10.34 7.49
N GLN B 135 -3.38 -9.28 7.19
CA GLN B 135 -4.81 -9.40 6.97
C GLN B 135 -5.09 -10.28 5.75
N ARG B 136 -4.29 -10.10 4.71
CA ARG B 136 -4.45 -10.90 3.50
C ARG B 136 -4.05 -12.35 3.75
N LEU B 137 -2.96 -12.53 4.49
CA LEU B 137 -2.48 -13.87 4.81
C LEU B 137 -3.49 -14.61 5.67
N LEU B 138 -4.11 -13.89 6.60
CA LEU B 138 -5.11 -14.49 7.48
C LEU B 138 -6.35 -14.88 6.68
N PHE B 139 -6.74 -14.01 5.74
CA PHE B 139 -7.90 -14.26 4.92
C PHE B 139 -7.65 -15.42 3.96
N HIS B 140 -6.46 -15.42 3.36
CA HIS B 140 -6.10 -16.48 2.42
C HIS B 140 -5.78 -17.77 3.17
N LEU B 141 -5.46 -17.63 4.46
CA LEU B 141 -5.14 -18.79 5.29
C LEU B 141 -6.41 -19.59 5.60
N ASP B 142 -7.55 -18.97 5.38
CA ASP B 142 -8.83 -19.63 5.64
C ASP B 142 -9.40 -20.22 4.36
N ASP B 143 -9.44 -21.54 4.28
CA ASP B 143 -9.96 -22.22 3.10
C ASP B 143 -11.39 -21.79 2.83
N ALA B 144 -12.02 -21.16 3.82
CA ALA B 144 -13.40 -20.70 3.67
C ALA B 144 -13.45 -19.44 2.81
N ASN B 145 -12.52 -18.52 3.05
CA ASN B 145 -12.47 -17.28 2.29
C ASN B 145 -13.87 -16.69 2.14
N GLN B 146 -13.98 -15.64 1.34
CA GLN B 146 -15.27 -14.99 1.13
C GLN B 146 -15.44 -14.60 -0.34
N GLY B 147 -16.23 -15.38 -1.07
CA GLY B 147 -16.46 -15.11 -2.48
C GLY B 147 -17.24 -13.81 -2.67
N PRO B 148 -17.19 -13.26 -3.84
CA PRO B 148 -17.89 -11.98 -4.17
C PRO B 148 -19.34 -11.99 -3.70
N ASN B 149 -19.82 -10.85 -3.22
CA ASN B 149 -21.19 -10.75 -2.74
C ASN B 149 -21.98 -9.78 -3.61
N ALA B 150 -23.30 -9.84 -3.50
CA ALA B 150 -24.17 -8.96 -4.28
C ALA B 150 -24.00 -7.52 -3.85
N TRP B 151 -22.98 -6.86 -4.39
CA TRP B 151 -22.71 -5.46 -4.05
C TRP B 151 -23.36 -4.53 -5.06
N PRO B 152 -23.52 -3.29 -4.72
CA PRO B 152 -24.13 -2.26 -5.61
C PRO B 152 -23.21 -1.88 -6.76
N GLU B 153 -23.80 -1.46 -7.88
CA GLU B 153 -23.02 -1.07 -9.05
C GLU B 153 -22.34 0.28 -8.80
N ARG B 154 -22.60 0.87 -7.65
CA ARG B 154 -22.01 2.16 -7.31
C ARG B 154 -22.00 2.36 -5.79
N PHE B 155 -20.82 2.63 -5.25
CA PHE B 155 -20.68 2.84 -3.81
C PHE B 155 -19.45 3.69 -3.51
N ILE B 156 -19.44 4.31 -2.33
CA ILE B 156 -18.32 5.15 -1.93
C ILE B 156 -17.49 4.47 -0.85
N LEU B 157 -16.18 4.65 -0.90
CA LEU B 157 -15.29 4.06 0.09
C LEU B 157 -15.23 4.90 1.36
N VAL B 158 -15.80 4.39 2.43
CA VAL B 158 -15.79 5.12 3.70
C VAL B 158 -14.88 4.43 4.72
N ALA B 159 -13.66 4.94 4.84
CA ALA B 159 -12.69 4.37 5.77
C ALA B 159 -11.96 5.48 6.53
N ASP B 160 -11.55 5.17 7.75
CA ASP B 160 -10.83 6.15 8.57
C ASP B 160 -9.44 6.39 8.02
N GLU B 161 -8.88 5.37 7.36
CA GLU B 161 -7.54 5.48 6.79
C GLU B 161 -7.52 4.93 5.37
N LEU B 162 -6.96 5.70 4.44
CA LEU B 162 -6.87 5.28 3.05
C LEU B 162 -5.67 4.37 2.84
N SER B 163 -5.91 3.20 2.26
CA SER B 163 -4.83 2.25 2.01
C SER B 163 -4.99 1.64 0.61
N ALA B 164 -3.96 1.81 -0.21
CA ALA B 164 -3.98 1.27 -1.57
C ALA B 164 -4.18 -0.24 -1.54
N THR B 165 -3.51 -0.90 -0.61
CA THR B 165 -3.62 -2.36 -0.49
C THR B 165 -5.07 -2.77 -0.28
N THR B 166 -5.78 -2.00 0.53
CA THR B 166 -7.18 -2.29 0.80
C THR B 166 -8.01 -2.25 -0.48
N LEU B 167 -7.78 -1.20 -1.27
CA LEU B 167 -8.50 -1.05 -2.54
C LEU B 167 -8.29 -2.27 -3.43
N ALA B 168 -7.13 -2.90 -3.28
CA ALA B 168 -6.81 -4.09 -4.08
C ALA B 168 -7.81 -5.21 -3.80
N GLU B 169 -8.86 -4.89 -3.05
CA GLU B 169 -9.88 -5.87 -2.73
C GLU B 169 -11.10 -5.73 -3.64
N LEU B 170 -11.46 -4.48 -3.93
CA LEU B 170 -12.60 -4.20 -4.80
C LEU B 170 -12.14 -3.64 -6.13
N PRO B 171 -12.87 -3.90 -7.18
CA PRO B 171 -12.54 -3.41 -8.55
C PRO B 171 -12.80 -1.91 -8.70
N GLN B 172 -12.01 -1.27 -9.55
CA GLN B 172 -12.16 0.17 -9.78
C GLN B 172 -13.46 0.46 -10.52
N ASP B 173 -14.13 -0.60 -10.96
CA ASP B 173 -15.39 -0.44 -11.69
C ASP B 173 -16.52 -0.07 -10.73
N ARG B 174 -16.49 -0.65 -9.53
CA ARG B 174 -17.52 -0.37 -8.54
C ARG B 174 -17.12 0.83 -7.68
N LEU B 175 -15.84 1.20 -7.74
CA LEU B 175 -15.35 2.33 -6.97
C LEU B 175 -15.59 3.64 -7.72
N VAL B 176 -16.65 4.35 -7.33
CA VAL B 176 -16.98 5.62 -7.96
C VAL B 176 -16.79 6.79 -7.00
N GLY B 177 -15.80 6.67 -6.12
CA GLY B 177 -15.53 7.71 -5.15
C GLY B 177 -15.02 7.12 -3.84
N VAL B 178 -14.32 7.94 -3.06
CA VAL B 178 -13.78 7.49 -1.78
C VAL B 178 -13.79 8.63 -0.76
N VAL B 179 -13.89 8.27 0.51
CA VAL B 179 -13.91 9.27 1.58
C VAL B 179 -13.12 8.78 2.77
N VAL B 180 -12.32 9.68 3.36
CA VAL B 180 -11.51 9.33 4.52
C VAL B 180 -11.56 10.43 5.57
N ARG B 181 -11.38 10.05 6.83
CA ARG B 181 -11.40 11.01 7.92
C ARG B 181 -9.98 11.42 8.31
N ASP B 182 -9.06 10.45 8.27
CA ASP B 182 -7.68 10.71 8.63
C ASP B 182 -6.74 10.08 7.60
N GLY B 183 -6.60 10.73 6.45
CA GLY B 183 -5.73 10.23 5.40
C GLY B 183 -4.74 11.30 4.94
N ALA B 184 -3.49 10.90 4.75
CA ALA B 184 -2.46 11.83 4.32
C ALA B 184 -2.67 12.23 2.86
N ALA B 185 -2.29 13.46 2.52
CA ALA B 185 -2.45 13.96 1.17
C ALA B 185 -1.28 13.51 0.29
N ASN B 186 -0.28 12.89 0.92
CA ASN B 186 0.89 12.42 0.19
C ASN B 186 0.88 10.90 0.09
N SER B 187 0.03 10.26 0.89
CA SER B 187 -0.07 8.81 0.87
C SER B 187 -0.12 8.28 -0.55
N GLN B 188 0.47 7.11 -0.76
CA GLN B 188 0.49 6.50 -2.10
C GLN B 188 -0.94 6.20 -2.57
N ALA B 189 -1.86 6.13 -1.62
CA ALA B 189 -3.25 5.84 -1.95
C ALA B 189 -3.98 7.13 -2.32
N ALA B 190 -3.73 8.20 -1.56
CA ALA B 190 -4.37 9.48 -1.82
C ALA B 190 -3.92 10.05 -3.16
N ILE B 191 -2.62 9.89 -3.45
CA ILE B 191 -2.07 10.39 -4.70
C ILE B 191 -2.42 9.46 -5.86
N MET B 192 -2.73 8.22 -5.53
CA MET B 192 -3.10 7.24 -6.55
C MET B 192 -4.53 7.47 -7.03
N VAL B 193 -5.43 7.71 -6.08
CA VAL B 193 -6.83 7.94 -6.42
C VAL B 193 -6.98 9.24 -7.23
N ARG B 194 -6.16 10.22 -6.91
CA ARG B 194 -6.22 11.51 -7.60
C ARG B 194 -5.54 11.41 -8.96
N ALA B 195 -4.50 10.58 -9.04
CA ALA B 195 -3.77 10.40 -10.29
C ALA B 195 -4.66 9.71 -11.33
N LEU B 196 -5.34 8.66 -10.91
CA LEU B 196 -6.21 7.91 -11.81
C LEU B 196 -7.40 8.77 -12.25
N GLY B 197 -7.80 9.70 -11.37
CA GLY B 197 -8.92 10.58 -11.68
C GLY B 197 -10.20 10.06 -11.04
N ILE B 198 -10.29 10.18 -9.73
CA ILE B 198 -11.48 9.73 -9.01
C ILE B 198 -11.81 10.67 -7.85
N PRO B 199 -13.01 11.17 -7.81
CA PRO B 199 -13.46 12.10 -6.74
C PRO B 199 -13.10 11.60 -5.35
N THR B 200 -12.26 12.37 -4.66
CA THR B 200 -11.84 12.00 -3.31
C THR B 200 -12.04 13.16 -2.34
N VAL B 201 -12.47 12.85 -1.13
CA VAL B 201 -12.70 13.88 -0.13
C VAL B 201 -12.15 13.43 1.22
N MET B 202 -11.54 14.37 1.95
CA MET B 202 -10.97 14.07 3.26
C MET B 202 -11.51 15.03 4.31
N GLY B 203 -11.47 14.60 5.57
CA GLY B 203 -11.95 15.44 6.66
C GLY B 203 -13.27 14.91 7.22
N ALA B 204 -13.85 13.94 6.52
CA ALA B 204 -15.11 13.35 6.95
C ALA B 204 -14.99 12.82 8.38
N ASP B 205 -15.63 13.51 9.32
CA ASP B 205 -15.59 13.10 10.72
C ASP B 205 -16.89 12.41 11.12
N ILE B 206 -17.52 11.74 10.16
CA ILE B 206 -18.76 11.04 10.42
C ILE B 206 -18.54 9.53 10.48
N GLN B 207 -19.10 8.89 11.49
CA GLN B 207 -18.94 7.45 11.65
C GLN B 207 -19.61 6.71 10.49
N PRO B 208 -18.91 5.80 9.89
CA PRO B 208 -19.42 5.00 8.75
C PRO B 208 -20.47 3.97 9.18
N SER B 209 -20.44 3.61 10.47
CA SER B 209 -21.37 2.64 11.00
C SER B 209 -22.82 3.09 10.75
N VAL B 210 -23.02 4.40 10.75
CA VAL B 210 -24.35 4.96 10.54
C VAL B 210 -24.64 5.08 9.05
N LEU B 211 -23.59 5.27 8.25
CA LEU B 211 -23.74 5.41 6.81
C LEU B 211 -24.09 4.06 6.18
N HIS B 212 -23.76 2.98 6.88
CA HIS B 212 -24.05 1.64 6.38
C HIS B 212 -24.16 1.65 4.85
N ARG B 213 -25.28 2.14 4.35
CA ARG B 213 -25.50 2.21 2.91
C ARG B 213 -26.39 3.39 2.55
N ARG B 214 -26.33 4.43 3.37
CA ARG B 214 -27.14 5.62 3.12
C ARG B 214 -26.63 6.38 1.90
N THR B 215 -27.41 7.36 1.45
CA THR B 215 -27.03 8.16 0.29
C THR B 215 -25.99 9.21 0.69
N LEU B 216 -24.92 9.30 -0.09
CA LEU B 216 -23.87 10.27 0.20
C LEU B 216 -23.42 10.96 -1.09
N ILE B 217 -23.64 12.27 -1.17
CA ILE B 217 -23.26 13.03 -2.35
C ILE B 217 -21.94 13.76 -2.10
N VAL B 218 -20.88 13.31 -2.76
CA VAL B 218 -19.58 13.94 -2.61
C VAL B 218 -19.33 14.95 -3.73
N ASP B 219 -18.59 16.00 -3.41
CA ASP B 219 -18.29 17.04 -4.40
C ASP B 219 -16.83 17.47 -4.29
N GLY B 220 -15.94 16.68 -4.89
CA GLY B 220 -14.51 17.01 -4.86
C GLY B 220 -14.27 18.47 -5.19
N TYR B 221 -14.91 18.95 -6.25
CA TYR B 221 -14.76 20.34 -6.67
C TYR B 221 -14.98 21.27 -5.49
N ARG B 222 -16.03 21.03 -4.73
CA ARG B 222 -16.34 21.86 -3.57
C ARG B 222 -15.80 21.23 -2.30
N GLY B 223 -15.33 19.99 -2.41
CA GLY B 223 -14.79 19.28 -1.26
C GLY B 223 -15.79 19.24 -0.12
N GLU B 224 -17.01 18.82 -0.43
CA GLU B 224 -18.06 18.74 0.58
C GLU B 224 -18.78 17.40 0.50
N LEU B 225 -19.43 17.02 1.59
CA LEU B 225 -20.15 15.75 1.64
C LEU B 225 -21.51 15.93 2.31
N LEU B 226 -22.58 15.60 1.58
CA LEU B 226 -23.92 15.74 2.11
C LEU B 226 -24.41 14.41 2.69
N VAL B 227 -25.33 14.48 3.64
CA VAL B 227 -25.87 13.29 4.26
C VAL B 227 -27.38 13.19 4.05
N ASP B 228 -27.80 12.30 3.16
CA ASP B 228 -29.22 12.13 2.87
C ASP B 228 -30.00 13.37 3.27
N PRO B 229 -29.57 14.52 2.84
CA PRO B 229 -30.24 15.81 3.16
C PRO B 229 -31.56 15.97 2.41
N GLU B 230 -32.22 17.11 2.62
CA GLU B 230 -33.49 17.37 1.96
C GLU B 230 -33.33 17.28 0.44
N PRO B 231 -34.30 16.70 -0.21
CA PRO B 231 -34.28 16.53 -1.70
C PRO B 231 -34.51 17.86 -2.43
N VAL B 232 -35.03 18.85 -1.69
CA VAL B 232 -35.29 20.15 -2.28
C VAL B 232 -34.00 20.94 -2.46
N LEU B 233 -33.35 21.26 -1.34
CA LEU B 233 -32.11 22.01 -1.39
C LEU B 233 -31.09 21.33 -2.30
N LEU B 234 -30.87 20.04 -2.04
CA LEU B 234 -29.93 19.27 -2.84
C LEU B 234 -30.24 19.40 -4.33
N GLN B 235 -31.51 19.59 -4.64
CA GLN B 235 -31.93 19.74 -6.03
C GLN B 235 -31.45 21.06 -6.60
N GLU B 236 -31.65 22.14 -5.86
CA GLU B 236 -31.21 23.46 -6.30
C GLU B 236 -29.70 23.58 -6.26
N TYR B 237 -29.10 22.99 -5.23
CA TYR B 237 -27.65 23.03 -5.08
C TYR B 237 -26.96 22.58 -6.37
N GLN B 238 -27.40 21.44 -6.90
CA GLN B 238 -26.81 20.92 -8.13
C GLN B 238 -27.09 21.86 -9.30
N ARG B 239 -28.25 22.51 -9.26
CA ARG B 239 -28.62 23.45 -10.32
C ARG B 239 -27.84 24.75 -10.18
N LEU B 240 -27.56 25.13 -8.94
CA LEU B 240 -26.81 26.37 -8.68
C LEU B 240 -25.35 26.21 -9.11
N ILE B 241 -24.71 25.16 -8.62
CA ILE B 241 -23.31 24.91 -8.94
C ILE B 241 -23.16 24.61 -10.43
N SER B 242 -24.20 24.03 -11.03
CA SER B 242 -24.17 23.70 -12.45
C SER B 242 -24.24 24.97 -13.30
N GLU B 243 -24.88 26.00 -12.75
CA GLU B 243 -25.01 27.26 -13.47
C GLU B 243 -24.49 28.42 -12.63
N GLU B 244 -25.40 29.19 -12.05
CA GLU B 244 -25.02 30.33 -11.22
C GLU B 244 -23.72 30.95 -11.74
N ILE B 245 -22.74 31.06 -10.85
CA ILE B 245 -21.46 31.64 -11.22
C ILE B 245 -20.36 30.59 -11.14
N GLU B 246 -19.51 30.69 -10.12
CA GLU B 246 -18.42 29.75 -9.94
C GLU B 246 -18.16 29.50 -8.46
N LEU B 247 -16.91 29.65 -8.05
CA LEU B 247 -16.53 29.44 -6.66
C LEU B 247 -16.09 30.75 -6.02
N SER B 248 -16.22 31.85 -6.76
CA SER B 248 -15.83 33.15 -6.26
C SER B 248 -16.85 33.68 -5.26
N ARG B 249 -17.95 34.23 -5.78
CA ARG B 249 -19.00 34.76 -4.93
C ARG B 249 -19.78 33.62 -4.25
N LEU B 250 -20.47 32.82 -5.06
CA LEU B 250 -21.24 31.71 -4.53
C LEU B 250 -22.55 32.20 -3.92
N ALA B 251 -23.21 31.34 -3.17
CA ALA B 251 -24.47 31.70 -2.54
C ALA B 251 -24.27 31.97 -1.05
N GLU B 252 -23.44 31.16 -0.42
CA GLU B 252 -23.18 31.32 1.01
C GLU B 252 -22.10 32.38 1.23
N ASP B 253 -22.23 33.50 0.52
CA ASP B 253 -21.26 34.59 0.65
C ASP B 253 -21.98 35.90 0.94
N ASP B 254 -23.28 35.94 0.64
CA ASP B 254 -24.06 37.15 0.87
C ASP B 254 -24.94 36.99 2.11
N VAL B 255 -24.71 37.83 3.11
CA VAL B 255 -25.47 37.77 4.34
C VAL B 255 -26.95 37.62 4.04
N ASN B 256 -27.37 38.10 2.86
CA ASN B 256 -28.77 38.00 2.47
C ASN B 256 -28.93 38.41 1.00
N MET A 1 37.39 -12.28 -7.01
CA MET A 1 37.09 -11.70 -5.66
C MET A 1 35.85 -10.81 -5.77
N THR A 2 35.51 -10.16 -4.66
CA THR A 2 34.34 -9.28 -4.63
C THR A 2 34.69 -7.90 -5.19
N VAL A 3 33.67 -7.17 -5.62
CA VAL A 3 33.88 -5.84 -6.17
C VAL A 3 32.88 -4.85 -5.58
N LYS A 4 33.41 -3.84 -4.88
CA LYS A 4 32.56 -2.84 -4.25
C LYS A 4 32.96 -1.44 -4.70
N GLN A 5 32.17 -0.44 -4.33
CA GLN A 5 32.45 0.94 -4.70
C GLN A 5 31.69 1.90 -3.80
N THR A 6 32.39 2.92 -3.29
CA THR A 6 31.76 3.90 -2.41
C THR A 6 30.96 4.91 -3.24
N VAL A 7 29.71 5.12 -2.85
CA VAL A 7 28.85 6.06 -3.55
C VAL A 7 28.18 7.01 -2.57
N GLU A 8 28.38 8.31 -2.78
CA GLU A 8 27.80 9.31 -1.91
C GLU A 8 26.34 9.55 -2.27
N ILE A 9 25.45 9.46 -1.27
CA ILE A 9 24.03 9.67 -1.50
C ILE A 9 23.66 11.13 -1.30
N THR A 10 23.42 11.83 -2.41
CA THR A 10 23.06 13.24 -2.34
C THR A 10 21.56 13.40 -2.08
N ASN A 11 21.10 12.85 -0.97
CA ASN A 11 19.69 12.93 -0.62
C ASN A 11 18.83 12.26 -1.68
N LYS A 12 19.43 11.33 -2.42
CA LYS A 12 18.71 10.63 -3.47
C LYS A 12 19.48 9.38 -3.90
N LEU A 13 19.04 8.22 -3.42
CA LEU A 13 19.71 6.96 -3.76
C LEU A 13 19.58 6.68 -5.25
N GLY A 14 18.79 7.50 -5.94
CA GLY A 14 18.59 7.33 -7.38
C GLY A 14 17.35 8.08 -7.85
N MET A 15 16.20 7.42 -7.78
CA MET A 15 14.96 8.03 -8.21
C MET A 15 13.99 8.16 -7.04
N HIS A 16 13.79 7.07 -6.31
CA HIS A 16 12.90 7.07 -5.17
C HIS A 16 12.75 5.67 -4.59
N ALA A 17 12.70 4.68 -5.47
CA ALA A 17 12.56 3.29 -5.05
C ALA A 17 12.79 2.34 -6.22
N ARG A 18 12.80 2.90 -7.43
CA ARG A 18 13.01 2.09 -8.63
C ARG A 18 14.33 1.34 -8.54
N PRO A 19 15.40 2.05 -8.31
CA PRO A 19 16.77 1.44 -8.19
C PRO A 19 16.78 0.23 -7.27
N ALA A 20 16.25 0.39 -6.07
CA ALA A 20 16.20 -0.70 -5.11
C ALA A 20 15.36 -1.85 -5.64
N MET A 21 14.21 -1.52 -6.21
CA MET A 21 13.30 -2.53 -6.75
C MET A 21 13.93 -3.19 -7.97
N LYS A 22 14.57 -2.39 -8.82
CA LYS A 22 15.20 -2.89 -10.02
C LYS A 22 16.33 -3.86 -9.67
N LEU A 23 17.06 -3.54 -8.60
CA LEU A 23 18.17 -4.38 -8.17
C LEU A 23 17.73 -5.84 -8.06
N PHE A 24 16.55 -6.05 -7.48
CA PHE A 24 16.03 -7.40 -7.33
C PHE A 24 15.91 -8.09 -8.68
N GLU A 25 15.50 -7.34 -9.70
CA GLU A 25 15.35 -7.89 -11.04
C GLU A 25 16.73 -8.11 -11.68
N LEU A 26 17.66 -7.22 -11.37
CA LEU A 26 19.01 -7.32 -11.93
C LEU A 26 19.72 -8.55 -11.37
N MET A 27 19.54 -8.78 -10.07
CA MET A 27 20.17 -9.92 -9.42
C MET A 27 19.76 -11.23 -10.09
N GLN A 28 18.56 -11.24 -10.66
CA GLN A 28 18.05 -12.44 -11.33
C GLN A 28 18.51 -12.47 -12.79
N GLY A 29 18.75 -11.30 -13.35
CA GLY A 29 19.20 -11.20 -14.74
C GLY A 29 20.71 -11.30 -14.83
N PHE A 30 21.39 -10.95 -13.75
CA PHE A 30 22.85 -11.00 -13.71
C PHE A 30 23.33 -11.95 -12.62
N ASP A 31 24.35 -12.74 -12.94
CA ASP A 31 24.89 -13.70 -11.98
C ASP A 31 25.83 -13.00 -11.00
N ALA A 32 25.40 -12.87 -9.76
CA ALA A 32 26.21 -12.21 -8.73
C ALA A 32 25.33 -11.68 -7.61
N GLU A 33 25.88 -11.65 -6.39
CA GLU A 33 25.14 -11.17 -5.25
C GLU A 33 25.50 -9.72 -4.94
N VAL A 34 24.48 -8.87 -4.82
CA VAL A 34 24.71 -7.46 -4.53
C VAL A 34 24.34 -7.15 -3.08
N LEU A 35 25.22 -6.43 -2.40
CA LEU A 35 24.97 -6.06 -1.01
C LEU A 35 25.28 -4.59 -0.77
N LEU A 36 24.44 -3.92 0.01
CA LEU A 36 24.64 -2.51 0.30
C LEU A 36 25.05 -2.32 1.76
N ARG A 37 25.83 -1.27 2.02
CA ARG A 37 26.30 -1.00 3.38
C ARG A 37 26.40 0.51 3.61
N ASN A 38 25.94 0.95 4.77
CA ASN A 38 26.00 2.38 5.10
C ASN A 38 27.25 2.69 5.90
N ASP A 39 27.71 3.94 5.80
CA ASP A 39 28.90 4.36 6.52
C ASP A 39 28.81 3.97 7.99
N GLU A 40 27.59 3.90 8.50
CA GLU A 40 27.38 3.53 9.89
C GLU A 40 27.77 2.08 10.15
N GLY A 41 27.99 1.34 9.07
CA GLY A 41 28.38 -0.06 9.17
C GLY A 41 27.14 -0.97 9.11
N THR A 42 26.01 -0.39 8.75
CA THR A 42 24.76 -1.15 8.65
C THR A 42 24.67 -1.85 7.30
N GLU A 43 24.64 -3.18 7.32
CA GLU A 43 24.55 -3.96 6.08
C GLU A 43 23.12 -3.96 5.55
N ALA A 44 22.88 -3.16 4.52
CA ALA A 44 21.54 -3.08 3.94
C ALA A 44 21.37 -4.12 2.83
N GLU A 45 21.41 -5.39 3.23
CA GLU A 45 21.26 -6.47 2.25
C GLU A 45 20.18 -6.14 1.22
N ALA A 46 20.57 -6.11 -0.04
CA ALA A 46 19.63 -5.80 -1.11
C ALA A 46 18.52 -6.85 -1.18
N ASN A 47 18.71 -7.93 -0.43
CA ASN A 47 17.72 -9.01 -0.40
C ASN A 47 16.83 -8.91 0.84
N SER A 48 16.68 -7.70 1.33
CA SER A 48 15.84 -7.47 2.51
C SER A 48 15.13 -6.12 2.42
N VAL A 49 13.81 -6.16 2.51
CA VAL A 49 13.02 -4.93 2.44
C VAL A 49 13.35 -4.00 3.60
N ILE A 50 13.62 -4.60 4.76
CA ILE A 50 13.95 -3.81 5.95
C ILE A 50 15.22 -3.00 5.71
N ALA A 51 16.18 -3.58 5.00
CA ALA A 51 17.43 -2.90 4.71
C ALA A 51 17.19 -1.69 3.84
N LEU A 52 16.34 -1.85 2.83
CA LEU A 52 16.02 -0.76 1.92
C LEU A 52 15.46 0.44 2.69
N LEU A 53 14.64 0.16 3.69
CA LEU A 53 14.04 1.22 4.50
C LEU A 53 15.12 1.97 5.27
N MET A 54 16.13 1.24 5.74
CA MET A 54 17.22 1.85 6.49
C MET A 54 18.05 2.76 5.59
N LEU A 55 18.22 2.35 4.35
CA LEU A 55 19.00 3.14 3.39
C LEU A 55 18.34 4.49 3.15
N ASP A 56 17.02 4.50 3.14
CA ASP A 56 16.27 5.74 2.93
C ASP A 56 16.73 6.82 3.88
N SER A 57 17.08 6.42 5.10
CA SER A 57 17.54 7.37 6.11
C SER A 57 18.98 7.79 5.83
N ALA A 58 19.59 7.17 4.84
CA ALA A 58 20.97 7.49 4.47
C ALA A 58 21.01 8.70 3.55
N LYS A 59 20.02 9.58 3.69
CA LYS A 59 19.96 10.77 2.85
C LYS A 59 21.07 11.74 3.21
N GLY A 60 22.16 11.70 2.44
CA GLY A 60 23.29 12.57 2.69
C GLY A 60 24.45 11.81 3.31
N ARG A 61 24.29 10.49 3.42
CA ARG A 61 25.33 9.65 4.00
C ARG A 61 26.04 8.85 2.92
N GLN A 62 27.20 8.28 3.27
CA GLN A 62 27.96 7.49 2.32
C GLN A 62 27.70 6.01 2.52
N ILE A 63 27.66 5.26 1.41
CA ILE A 63 27.42 3.82 1.48
C ILE A 63 28.45 3.06 0.66
N GLU A 64 28.57 1.77 0.93
CA GLU A 64 29.53 0.94 0.20
C GLU A 64 28.83 -0.25 -0.45
N VAL A 65 28.57 -0.13 -1.76
CA VAL A 65 27.91 -1.20 -2.50
C VAL A 65 28.90 -2.30 -2.86
N GLU A 66 28.56 -3.54 -2.52
CA GLU A 66 29.42 -4.67 -2.82
C GLU A 66 28.71 -5.67 -3.71
N ALA A 67 29.41 -6.21 -4.70
CA ALA A 67 28.83 -7.18 -5.61
C ALA A 67 29.81 -8.34 -5.87
N THR A 68 29.33 -9.56 -5.75
CA THR A 68 30.17 -10.73 -5.97
C THR A 68 29.56 -11.64 -7.03
N GLY A 69 30.36 -12.00 -8.03
CA GLY A 69 29.88 -12.87 -9.10
C GLY A 69 30.49 -12.44 -10.44
N PRO A 70 30.45 -13.33 -11.41
CA PRO A 70 31.01 -13.06 -12.77
C PRO A 70 30.55 -11.70 -13.31
N GLN A 71 29.27 -11.41 -13.16
CA GLN A 71 28.71 -10.15 -13.64
C GLN A 71 28.71 -9.11 -12.53
N GLU A 72 29.31 -9.46 -11.39
CA GLU A 72 29.36 -8.55 -10.24
C GLU A 72 29.56 -7.12 -10.72
N GLU A 73 30.37 -6.95 -11.76
CA GLU A 73 30.64 -5.62 -12.30
C GLU A 73 29.36 -4.99 -12.85
N GLU A 74 28.64 -5.75 -13.68
CA GLU A 74 27.40 -5.26 -14.26
C GLU A 74 26.43 -4.83 -13.17
N ALA A 75 26.18 -5.72 -12.22
CA ALA A 75 25.26 -5.42 -11.12
C ALA A 75 25.69 -4.14 -10.41
N LEU A 76 26.97 -4.06 -10.06
CA LEU A 76 27.47 -2.88 -9.37
C LEU A 76 27.40 -1.65 -10.27
N ALA A 77 27.78 -1.82 -11.53
CA ALA A 77 27.75 -0.72 -12.48
C ALA A 77 26.31 -0.24 -12.69
N ALA A 78 25.38 -1.17 -12.79
CA ALA A 78 23.98 -0.83 -12.98
C ALA A 78 23.46 -0.02 -11.80
N VAL A 79 23.81 -0.45 -10.59
CA VAL A 79 23.37 0.25 -9.39
C VAL A 79 24.00 1.64 -9.31
N ILE A 80 25.29 1.71 -9.64
CA ILE A 80 26.00 2.99 -9.60
C ILE A 80 25.42 3.95 -10.63
N ALA A 81 25.12 3.43 -11.82
CA ALA A 81 24.56 4.25 -12.88
C ALA A 81 23.19 4.80 -12.48
N LEU A 82 22.43 3.99 -11.75
CA LEU A 82 21.11 4.40 -11.30
C LEU A 82 21.22 5.43 -10.18
N PHE A 83 22.18 5.22 -9.29
CA PHE A 83 22.38 6.13 -8.17
C PHE A 83 22.97 7.46 -8.66
N ASN A 84 23.62 7.41 -9.81
CA ASN A 84 24.24 8.61 -10.38
C ASN A 84 23.25 9.34 -11.29
N SER A 85 22.08 8.73 -11.48
CA SER A 85 21.06 9.33 -12.34
C SER A 85 21.44 9.20 -13.81
N ARG B 2 -22.97 18.40 4.92
CA ARG B 2 -22.65 19.84 4.74
C ARG B 2 -21.33 20.16 5.44
N ILE B 3 -20.41 19.19 5.41
CA ILE B 3 -19.11 19.39 6.05
C ILE B 3 -18.04 19.68 5.00
N ARG B 4 -17.24 20.71 5.23
CA ARG B 4 -16.19 21.08 4.30
C ARG B 4 -15.00 20.15 4.44
N ALA B 5 -14.79 19.31 3.44
CA ALA B 5 -13.67 18.37 3.47
C ALA B 5 -12.60 18.77 2.44
N LEU B 6 -11.40 18.26 2.64
CA LEU B 6 -10.30 18.57 1.72
C LEU B 6 -10.40 17.73 0.44
N PRO B 7 -10.62 18.38 -0.67
CA PRO B 7 -10.73 17.69 -1.99
C PRO B 7 -9.40 17.15 -2.48
N ALA B 8 -9.26 15.83 -2.50
CA ALA B 8 -8.02 15.21 -2.95
C ALA B 8 -8.10 14.89 -4.44
N ALA B 9 -9.32 14.72 -4.94
CA ALA B 9 -9.52 14.42 -6.35
C ALA B 9 -10.84 15.00 -6.85
N PRO B 10 -10.76 16.09 -7.56
CA PRO B 10 -11.97 16.78 -8.12
C PRO B 10 -12.92 15.80 -8.79
N GLY B 11 -14.20 16.17 -8.85
CA GLY B 11 -15.20 15.32 -9.48
C GLY B 11 -16.36 15.05 -8.53
N VAL B 12 -17.48 14.58 -9.08
CA VAL B 12 -18.65 14.28 -8.27
C VAL B 12 -18.83 12.77 -8.10
N ALA B 13 -19.52 12.37 -7.05
CA ALA B 13 -19.75 10.95 -6.80
C ALA B 13 -21.07 10.75 -6.06
N ILE B 14 -21.97 9.97 -6.65
CA ILE B 14 -23.27 9.71 -6.04
C ILE B 14 -23.47 8.21 -5.84
N ALA B 15 -23.61 7.80 -4.59
CA ALA B 15 -23.82 6.38 -4.27
C ALA B 15 -23.95 6.18 -2.77
N GLU B 16 -24.15 4.93 -2.36
CA GLU B 16 -24.30 4.63 -0.94
C GLU B 16 -22.93 4.41 -0.30
N GLY B 17 -22.91 4.36 1.03
CA GLY B 17 -21.66 4.16 1.76
C GLY B 17 -21.43 2.68 2.06
N TRP B 18 -20.17 2.27 2.04
CA TRP B 18 -19.83 0.88 2.30
C TRP B 18 -18.63 0.80 3.25
N GLN B 19 -18.85 0.20 4.42
CA GLN B 19 -17.78 0.06 5.40
C GLN B 19 -16.66 -0.82 4.86
N ASP B 20 -15.43 -0.29 4.88
CA ASP B 20 -14.28 -1.02 4.39
C ASP B 20 -14.19 -2.39 5.06
N ALA B 21 -14.33 -3.45 4.27
CA ALA B 21 -14.27 -4.81 4.79
C ALA B 21 -12.91 -5.07 5.44
N THR B 22 -11.95 -4.18 5.18
CA THR B 22 -10.62 -4.32 5.74
C THR B 22 -10.61 -3.90 7.21
N LEU B 23 -10.29 -4.83 8.10
CA LEU B 23 -10.24 -4.55 9.52
C LEU B 23 -9.00 -5.18 10.16
N PRO B 24 -8.81 -4.94 11.43
CA PRO B 24 -7.64 -5.49 12.18
C PRO B 24 -7.76 -6.99 12.41
N LEU B 25 -6.70 -7.72 12.08
CA LEU B 25 -6.69 -9.17 12.26
C LEU B 25 -6.17 -9.54 13.64
N MET B 26 -6.08 -8.54 14.51
CA MET B 26 -5.60 -8.78 15.88
C MET B 26 -6.57 -9.67 16.64
N GLU B 27 -7.87 -9.45 16.41
CA GLU B 27 -8.89 -10.24 17.09
C GLU B 27 -9.39 -11.36 16.18
N GLN B 28 -9.07 -11.27 14.90
CA GLN B 28 -9.48 -12.28 13.94
C GLN B 28 -8.71 -13.57 14.15
N VAL B 29 -7.44 -13.44 14.50
CA VAL B 29 -6.60 -14.61 14.73
C VAL B 29 -7.09 -15.40 15.95
N TYR B 30 -6.92 -16.72 15.89
CA TYR B 30 -7.35 -17.58 16.99
C TYR B 30 -6.16 -18.29 17.62
N GLN B 31 -5.97 -18.09 18.91
CA GLN B 31 -4.86 -18.74 19.62
C GLN B 31 -5.24 -20.14 20.06
N ALA B 32 -4.37 -21.10 19.76
CA ALA B 32 -4.63 -22.50 20.12
C ALA B 32 -3.32 -23.23 20.38
N SER B 33 -3.32 -24.11 21.38
CA SER B 33 -2.12 -24.87 21.71
C SER B 33 -2.02 -26.11 20.83
N THR B 34 -1.54 -25.93 19.61
CA THR B 34 -1.39 -27.05 18.67
C THR B 34 -0.37 -26.71 17.59
N LEU B 35 0.79 -27.36 17.66
CA LEU B 35 1.84 -27.12 16.68
C LEU B 35 1.72 -28.11 15.52
N ASP B 36 2.10 -27.65 14.33
CA ASP B 36 2.03 -28.51 13.15
C ASP B 36 2.98 -28.00 12.06
N PRO B 37 4.17 -28.52 12.02
CA PRO B 37 5.19 -28.12 11.02
C PRO B 37 4.85 -28.61 9.62
N ALA B 38 3.86 -29.49 9.54
CA ALA B 38 3.43 -30.03 8.25
C ALA B 38 2.20 -29.29 7.75
N LEU B 39 1.25 -29.06 8.65
CA LEU B 39 0.02 -28.36 8.27
C LEU B 39 0.22 -26.84 8.37
N GLU B 40 1.07 -26.42 9.29
CA GLU B 40 1.35 -25.00 9.48
C GLU B 40 2.20 -24.47 8.33
N ARG B 41 3.38 -25.05 8.16
CA ARG B 41 4.30 -24.64 7.10
C ARG B 41 3.58 -24.67 5.76
N GLU B 42 2.90 -25.76 5.47
CA GLU B 42 2.18 -25.90 4.22
C GLU B 42 1.04 -24.88 4.14
N ARG B 43 0.34 -24.69 5.25
CA ARG B 43 -0.76 -23.73 5.30
C ARG B 43 -0.29 -22.36 4.85
N LEU B 44 0.90 -21.97 5.29
CA LEU B 44 1.45 -20.66 4.93
C LEU B 44 1.77 -20.61 3.43
N THR B 45 2.54 -21.59 2.97
CA THR B 45 2.90 -21.65 1.56
C THR B 45 1.66 -21.56 0.68
N GLY B 46 0.65 -22.36 1.00
CA GLY B 46 -0.59 -22.35 0.23
C GLY B 46 -1.22 -20.97 0.22
N ALA B 47 -1.11 -20.26 1.34
CA ALA B 47 -1.67 -18.93 1.45
C ALA B 47 -0.88 -17.93 0.59
N LEU B 48 0.44 -18.04 0.65
CA LEU B 48 1.31 -17.16 -0.12
C LEU B 48 0.99 -17.28 -1.61
N GLU B 49 0.86 -18.50 -2.10
CA GLU B 49 0.57 -18.74 -3.50
C GLU B 49 -0.78 -18.12 -3.87
N GLU B 50 -1.68 -18.05 -2.90
CA GLU B 50 -3.00 -17.48 -3.12
C GLU B 50 -2.96 -15.97 -2.98
N ALA B 51 -2.04 -15.47 -2.16
CA ALA B 51 -1.91 -14.04 -1.93
C ALA B 51 -0.94 -13.43 -2.94
N ALA B 52 0.24 -14.05 -3.07
CA ALA B 52 1.25 -13.57 -4.00
C ALA B 52 0.69 -13.50 -5.41
N ASN B 53 0.02 -14.56 -5.83
CA ASN B 53 -0.55 -14.61 -7.18
C ASN B 53 -1.72 -13.63 -7.29
N GLU B 54 -2.40 -13.40 -6.17
CA GLU B 54 -3.54 -12.48 -6.15
C GLU B 54 -3.06 -11.03 -6.20
N PHE B 55 -1.93 -10.77 -5.55
CA PHE B 55 -1.36 -9.42 -5.54
C PHE B 55 -0.58 -9.15 -6.82
N ARG B 56 0.27 -10.10 -7.20
CA ARG B 56 1.07 -9.95 -8.41
C ARG B 56 0.17 -9.79 -9.63
N ARG B 57 -0.81 -10.67 -9.75
CA ARG B 57 -1.73 -10.63 -10.87
C ARG B 57 -2.62 -9.39 -10.80
N TYR B 58 -3.03 -9.05 -9.58
CA TYR B 58 -3.88 -7.87 -9.37
C TYR B 58 -3.19 -6.62 -9.89
N SER B 59 -1.98 -6.38 -9.42
CA SER B 59 -1.22 -5.20 -9.84
C SER B 59 -1.07 -5.19 -11.36
N LYS B 60 -0.53 -6.27 -11.91
CA LYS B 60 -0.34 -6.37 -13.34
C LYS B 60 -1.57 -5.86 -14.09
N ARG B 61 -2.75 -6.26 -13.62
CA ARG B 61 -3.99 -5.84 -14.24
C ARG B 61 -4.13 -4.31 -14.20
N PHE B 62 -3.87 -3.74 -13.03
CA PHE B 62 -3.96 -2.29 -12.86
C PHE B 62 -2.98 -1.59 -13.80
N ALA B 63 -1.77 -2.12 -13.90
CA ALA B 63 -0.76 -1.54 -14.77
C ALA B 63 -1.33 -1.28 -16.16
N ALA B 64 -2.15 -2.20 -16.63
CA ALA B 64 -2.76 -2.06 -17.95
C ALA B 64 -3.71 -0.87 -17.98
N GLY B 65 -4.19 -0.47 -16.81
CA GLY B 65 -5.10 0.66 -16.71
C GLY B 65 -4.47 1.81 -15.92
N ALA B 66 -4.09 1.53 -14.68
CA ALA B 66 -3.47 2.55 -13.84
C ALA B 66 -2.12 2.96 -14.40
N GLN B 67 -1.20 3.30 -13.50
CA GLN B 67 0.14 3.71 -13.92
C GLN B 67 1.21 2.87 -13.22
N LYS B 68 2.45 3.33 -13.28
CA LYS B 68 3.55 2.60 -12.66
C LYS B 68 3.31 2.47 -11.16
N GLU B 69 2.68 3.47 -10.57
CA GLU B 69 2.39 3.45 -9.14
C GLU B 69 1.94 2.05 -8.70
N THR B 70 1.02 1.48 -9.46
CA THR B 70 0.51 0.14 -9.15
C THR B 70 1.58 -0.91 -9.39
N ALA B 71 2.21 -0.85 -10.56
CA ALA B 71 3.26 -1.81 -10.90
C ALA B 71 4.46 -1.64 -9.98
N ALA B 72 4.65 -0.44 -9.46
CA ALA B 72 5.76 -0.17 -8.57
C ALA B 72 5.57 -0.90 -7.25
N ILE B 73 4.38 -0.78 -6.67
CA ILE B 73 4.09 -1.45 -5.41
C ILE B 73 4.25 -2.95 -5.54
N PHE B 74 3.47 -3.55 -6.43
CA PHE B 74 3.54 -5.00 -6.64
C PHE B 74 5.00 -5.45 -6.76
N ASP B 75 5.71 -4.88 -7.72
CA ASP B 75 7.11 -5.25 -7.92
C ASP B 75 7.78 -5.58 -6.59
N LEU B 76 7.70 -4.64 -5.65
CA LEU B 76 8.29 -4.84 -4.34
C LEU B 76 7.40 -5.72 -3.47
N TYR B 77 6.11 -5.40 -3.45
CA TYR B 77 5.15 -6.16 -2.67
C TYR B 77 5.38 -7.66 -2.86
N SER B 78 5.31 -8.11 -4.12
CA SER B 78 5.51 -9.52 -4.42
C SER B 78 6.85 -10.01 -3.87
N HIS B 79 7.91 -9.26 -4.16
CA HIS B 79 9.24 -9.63 -3.69
C HIS B 79 9.32 -9.50 -2.17
N LEU B 80 8.46 -8.66 -1.61
CA LEU B 80 8.45 -8.45 -0.16
C LEU B 80 7.90 -9.67 0.55
N LEU B 81 6.74 -10.15 0.11
CA LEU B 81 6.11 -11.31 0.71
C LEU B 81 6.76 -12.60 0.19
N SER B 82 7.03 -12.62 -1.11
CA SER B 82 7.64 -13.80 -1.73
C SER B 82 9.03 -14.04 -1.16
N ASP B 83 9.64 -12.99 -0.61
CA ASP B 83 10.97 -13.11 -0.03
C ASP B 83 11.04 -14.29 0.93
N THR B 84 12.06 -15.11 0.78
CA THR B 84 12.23 -16.28 1.64
C THR B 84 12.57 -15.84 3.07
N ARG B 85 12.60 -14.53 3.30
CA ARG B 85 12.92 -14.00 4.61
C ARG B 85 11.73 -14.17 5.55
N LEU B 86 10.53 -13.87 5.06
CA LEU B 86 9.33 -13.99 5.87
C LEU B 86 8.96 -15.45 6.06
N ARG B 87 8.91 -16.20 4.96
CA ARG B 87 8.56 -17.61 5.02
C ARG B 87 9.37 -18.31 6.10
N ARG B 88 10.69 -18.16 6.04
CA ARG B 88 11.57 -18.79 7.02
C ARG B 88 11.24 -18.30 8.43
N GLU B 89 11.04 -17.00 8.56
CA GLU B 89 10.72 -16.41 9.86
C GLU B 89 9.52 -17.10 10.48
N LEU B 90 8.44 -17.22 9.71
CA LEU B 90 7.23 -17.85 10.19
C LEU B 90 7.52 -19.28 10.67
N PHE B 91 8.04 -20.11 9.77
CA PHE B 91 8.36 -21.48 10.11
C PHE B 91 9.25 -21.54 11.35
N ALA B 92 10.11 -20.54 11.49
CA ALA B 92 11.02 -20.49 12.64
C ALA B 92 10.23 -20.47 13.95
N GLU B 93 9.14 -19.71 13.97
CA GLU B 93 8.30 -19.61 15.16
C GLU B 93 7.62 -20.95 15.44
N VAL B 94 7.13 -21.59 14.38
CA VAL B 94 6.46 -22.88 14.53
C VAL B 94 7.44 -23.95 14.99
N ASP B 95 8.68 -23.84 14.55
CA ASP B 95 9.71 -24.81 14.91
C ASP B 95 9.80 -24.93 16.43
N LYS B 96 9.31 -23.92 17.14
CA LYS B 96 9.35 -23.92 18.59
C LYS B 96 8.04 -24.46 19.16
N GLY B 97 6.99 -24.44 18.32
CA GLY B 97 5.68 -24.92 18.76
C GLY B 97 4.62 -23.85 18.58
N SER B 98 4.92 -22.87 17.74
CA SER B 98 3.97 -21.78 17.49
C SER B 98 3.07 -22.12 16.31
N VAL B 99 1.89 -21.51 16.27
CA VAL B 99 0.94 -21.75 15.19
C VAL B 99 1.03 -20.65 14.14
N ALA B 100 0.82 -21.02 12.88
CA ALA B 100 0.89 -20.07 11.79
C ALA B 100 0.02 -18.85 12.10
N GLU B 101 -1.19 -19.08 12.56
CA GLU B 101 -2.11 -17.99 12.89
C GLU B 101 -1.37 -16.90 13.65
N TRP B 102 -0.80 -17.25 14.79
CA TRP B 102 -0.07 -16.28 15.60
C TRP B 102 1.24 -15.89 14.92
N ALA B 103 1.91 -16.86 14.32
CA ALA B 103 3.18 -16.60 13.64
C ALA B 103 3.00 -15.51 12.59
N VAL B 104 1.92 -15.60 11.82
CA VAL B 104 1.64 -14.63 10.78
C VAL B 104 1.42 -13.25 11.39
N LYS B 105 0.79 -13.22 12.57
CA LYS B 105 0.50 -11.97 13.24
C LYS B 105 1.75 -11.47 13.98
N THR B 106 2.49 -12.39 14.57
CA THR B 106 3.69 -12.04 15.31
C THR B 106 4.78 -11.54 14.36
N VAL B 107 5.08 -12.35 13.35
CA VAL B 107 6.10 -11.99 12.37
C VAL B 107 5.87 -10.56 11.86
N ILE B 108 4.68 -10.32 11.31
CA ILE B 108 4.34 -9.00 10.79
C ILE B 108 4.48 -7.94 11.88
N GLU B 109 4.06 -8.29 13.09
CA GLU B 109 4.14 -7.37 14.22
C GLU B 109 5.60 -7.11 14.59
N LYS B 110 6.42 -8.15 14.49
CA LYS B 110 7.84 -8.03 14.83
C LYS B 110 8.56 -7.19 13.79
N PHE B 111 8.14 -7.30 12.54
CA PHE B 111 8.76 -6.54 11.47
C PHE B 111 8.15 -5.14 11.38
N ALA B 112 6.94 -4.99 11.90
CA ALA B 112 6.27 -3.71 11.88
C ALA B 112 7.05 -2.68 12.69
N GLU B 113 7.46 -3.08 13.90
CA GLU B 113 8.21 -2.18 14.78
C GLU B 113 9.69 -2.22 14.43
N GLN B 114 10.11 -3.30 13.77
CA GLN B 114 11.51 -3.45 13.38
C GLN B 114 11.95 -2.29 12.50
N PHE B 115 11.29 -2.15 11.35
CA PHE B 115 11.62 -1.07 10.42
C PHE B 115 10.87 0.21 10.78
N ALA B 116 9.67 0.04 11.32
CA ALA B 116 8.84 1.18 11.71
C ALA B 116 9.60 2.06 12.71
N ALA B 117 10.67 1.52 13.28
CA ALA B 117 11.46 2.26 14.25
C ALA B 117 12.38 3.25 13.56
N LEU B 118 12.45 3.15 12.23
CA LEU B 118 13.29 4.05 11.45
C LEU B 118 12.62 5.41 11.29
N SER B 119 13.33 6.33 10.64
CA SER B 119 12.80 7.68 10.43
C SER B 119 12.29 7.83 9.00
N ASP B 120 12.76 6.96 8.11
CA ASP B 120 12.35 7.01 6.71
C ASP B 120 10.82 7.01 6.60
N ASN B 121 10.25 8.21 6.48
CA ASN B 121 8.81 8.34 6.36
C ASN B 121 8.33 7.83 5.00
N TYR B 122 9.01 8.24 3.94
CA TYR B 122 8.65 7.82 2.60
C TYR B 122 8.59 6.29 2.51
N LEU B 123 9.28 5.63 3.43
CA LEU B 123 9.29 4.17 3.45
C LEU B 123 8.69 3.65 4.76
N LYS B 124 9.14 4.21 5.87
CA LYS B 124 8.63 3.79 7.18
C LYS B 124 7.13 3.53 7.12
N GLU B 125 6.42 4.39 6.39
CA GLU B 125 4.98 4.26 6.26
C GLU B 125 4.62 2.86 5.77
N ARG B 126 5.58 2.17 5.17
CA ARG B 126 5.36 0.82 4.67
C ARG B 126 4.48 0.04 5.64
N ALA B 127 4.58 0.37 6.93
CA ALA B 127 3.79 -0.32 7.94
C ALA B 127 2.38 -0.58 7.43
N GLY B 128 1.71 0.47 6.97
CA GLY B 128 0.36 0.34 6.46
C GLY B 128 0.28 -0.79 5.44
N ASP B 129 1.26 -0.83 4.53
CA ASP B 129 1.30 -1.86 3.50
C ASP B 129 1.64 -3.21 4.11
N LEU B 130 2.64 -3.22 4.99
CA LEU B 130 3.06 -4.46 5.64
C LEU B 130 1.90 -5.06 6.43
N ARG B 131 1.33 -4.27 7.33
CA ARG B 131 0.22 -4.73 8.14
C ARG B 131 -0.89 -5.28 7.26
N ALA B 132 -1.16 -4.59 6.15
CA ALA B 132 -2.19 -5.03 5.23
C ALA B 132 -1.87 -6.41 4.67
N LEU B 133 -0.59 -6.65 4.41
CA LEU B 133 -0.15 -7.94 3.89
C LEU B 133 -0.60 -9.07 4.81
N GLY B 134 -0.47 -8.85 6.11
CA GLY B 134 -0.87 -9.85 7.09
C GLY B 134 -2.35 -10.19 6.95
N GLN B 135 -3.17 -9.15 6.76
CA GLN B 135 -4.60 -9.35 6.61
C GLN B 135 -4.89 -10.24 5.41
N ARG B 136 -4.14 -10.04 4.34
CA ARG B 136 -4.32 -10.84 3.13
C ARG B 136 -3.95 -12.28 3.39
N LEU B 137 -2.85 -12.49 4.12
CA LEU B 137 -2.39 -13.84 4.44
C LEU B 137 -3.35 -14.51 5.41
N LEU B 138 -3.85 -13.75 6.38
CA LEU B 138 -4.78 -14.27 7.36
C LEU B 138 -6.10 -14.67 6.69
N PHE B 139 -6.55 -13.85 5.76
CA PHE B 139 -7.79 -14.13 5.04
C PHE B 139 -7.62 -15.33 4.11
N HIS B 140 -6.47 -15.40 3.46
CA HIS B 140 -6.18 -16.50 2.55
C HIS B 140 -5.90 -17.78 3.33
N LEU B 141 -5.52 -17.63 4.59
CA LEU B 141 -5.22 -18.77 5.43
C LEU B 141 -6.51 -19.46 5.88
N ASP B 142 -7.63 -18.77 5.69
CA ASP B 142 -8.93 -19.32 6.07
C ASP B 142 -9.87 -19.37 4.88
N ASP B 143 -10.13 -20.57 4.38
CA ASP B 143 -11.02 -20.74 3.24
C ASP B 143 -12.32 -19.97 3.44
N ALA B 144 -12.63 -19.68 4.70
CA ALA B 144 -13.85 -18.96 5.02
C ALA B 144 -13.70 -17.48 4.68
N ASN B 145 -12.47 -17.06 4.39
CA ASN B 145 -12.20 -15.67 4.04
C ASN B 145 -12.53 -14.75 5.21
N GLN B 146 -13.67 -15.00 5.85
CA GLN B 146 -14.09 -14.19 6.99
C GLN B 146 -14.62 -12.85 6.52
N GLY B 147 -15.95 -12.72 6.52
CA GLY B 147 -16.59 -11.48 6.07
C GLY B 147 -16.87 -11.51 4.58
N PRO B 148 -17.70 -12.41 4.15
CA PRO B 148 -18.08 -12.55 2.72
C PRO B 148 -18.44 -11.20 2.08
N ASN B 149 -19.09 -11.25 0.93
CA ASN B 149 -19.49 -10.03 0.24
C ASN B 149 -18.41 -8.97 0.37
N ALA B 150 -17.17 -9.33 0.05
CA ALA B 150 -16.06 -8.38 0.16
C ALA B 150 -16.03 -7.47 -1.07
N TRP B 151 -16.63 -7.93 -2.16
CA TRP B 151 -16.67 -7.15 -3.39
C TRP B 151 -18.07 -6.61 -3.65
N PRO B 152 -18.29 -5.36 -3.36
CA PRO B 152 -19.61 -4.69 -3.56
C PRO B 152 -19.92 -4.46 -5.04
N GLU B 153 -21.12 -3.97 -5.31
CA GLU B 153 -21.53 -3.70 -6.69
C GLU B 153 -21.39 -2.22 -7.01
N ARG B 154 -22.11 -1.38 -6.27
CA ARG B 154 -22.06 0.06 -6.48
C ARG B 154 -22.11 0.80 -5.15
N PHE B 155 -20.95 1.25 -4.68
CA PHE B 155 -20.88 1.97 -3.41
C PHE B 155 -19.54 2.71 -3.30
N ILE B 156 -19.46 3.61 -2.32
CA ILE B 156 -18.23 4.37 -2.11
C ILE B 156 -17.45 3.81 -0.93
N LEU B 157 -16.15 4.08 -0.91
CA LEU B 157 -15.30 3.58 0.17
C LEU B 157 -15.21 4.61 1.29
N VAL B 158 -15.57 4.20 2.50
CA VAL B 158 -15.53 5.09 3.65
C VAL B 158 -14.65 4.50 4.74
N ALA B 159 -13.37 4.85 4.71
CA ALA B 159 -12.42 4.35 5.71
C ALA B 159 -11.75 5.50 6.45
N ASP B 160 -11.30 5.24 7.66
CA ASP B 160 -10.63 6.26 8.46
C ASP B 160 -9.24 6.55 7.91
N GLU B 161 -8.73 5.64 7.10
CA GLU B 161 -7.40 5.80 6.52
C GLU B 161 -7.33 5.11 5.15
N LEU B 162 -6.78 5.82 4.17
CA LEU B 162 -6.66 5.27 2.82
C LEU B 162 -5.37 4.47 2.69
N SER B 163 -5.50 3.18 2.40
CA SER B 163 -4.34 2.32 2.25
C SER B 163 -4.25 1.78 0.81
N ALA B 164 -3.08 1.90 0.22
CA ALA B 164 -2.87 1.43 -1.15
C ALA B 164 -3.31 -0.03 -1.28
N THR B 165 -3.02 -0.82 -0.26
CA THR B 165 -3.40 -2.24 -0.27
C THR B 165 -4.91 -2.39 -0.45
N THR B 166 -5.67 -1.57 0.27
CA THR B 166 -7.12 -1.62 0.17
C THR B 166 -7.58 -1.38 -1.26
N LEU B 167 -7.11 -0.28 -1.85
CA LEU B 167 -7.48 0.06 -3.22
C LEU B 167 -7.28 -1.14 -4.14
N ALA B 168 -6.12 -1.79 -4.02
CA ALA B 168 -5.83 -2.96 -4.85
C ALA B 168 -6.63 -4.17 -4.38
N GLU B 169 -7.54 -3.94 -3.43
CA GLU B 169 -8.36 -5.02 -2.90
C GLU B 169 -9.77 -4.93 -3.47
N LEU B 170 -10.29 -3.71 -3.58
CA LEU B 170 -11.63 -3.51 -4.11
C LEU B 170 -11.58 -2.94 -5.52
N PRO B 171 -12.10 -3.66 -6.47
CA PRO B 171 -12.11 -3.23 -7.90
C PRO B 171 -12.59 -1.79 -8.06
N GLN B 172 -11.89 -1.03 -8.90
CA GLN B 172 -12.26 0.36 -9.14
C GLN B 172 -13.65 0.46 -9.75
N ASP B 173 -14.00 -0.54 -10.55
CA ASP B 173 -15.31 -0.56 -11.19
C ASP B 173 -16.43 -0.42 -10.16
N ARG B 174 -16.32 -1.18 -9.08
CA ARG B 174 -17.33 -1.13 -8.03
C ARG B 174 -17.15 0.13 -7.18
N LEU B 175 -15.98 0.74 -7.27
CA LEU B 175 -15.70 1.95 -6.51
C LEU B 175 -16.07 3.19 -7.32
N VAL B 176 -17.17 3.82 -6.95
CA VAL B 176 -17.64 5.02 -7.66
C VAL B 176 -17.45 6.26 -6.79
N GLY B 177 -16.67 6.12 -5.72
CA GLY B 177 -16.41 7.23 -4.81
C GLY B 177 -15.53 6.79 -3.64
N VAL B 178 -14.83 7.75 -3.06
CA VAL B 178 -13.96 7.45 -1.92
C VAL B 178 -13.99 8.60 -0.91
N VAL B 179 -14.05 8.25 0.37
CA VAL B 179 -14.08 9.25 1.43
C VAL B 179 -13.29 8.78 2.65
N VAL B 180 -12.35 9.59 3.09
CA VAL B 180 -11.53 9.24 4.25
C VAL B 180 -11.59 10.33 5.31
N ARG B 181 -11.47 9.94 6.57
CA ARG B 181 -11.51 10.90 7.67
C ARG B 181 -10.12 11.45 7.94
N ASP B 182 -9.11 10.59 7.88
CA ASP B 182 -7.74 11.00 8.13
C ASP B 182 -6.83 10.55 6.99
N GLY B 183 -6.83 11.31 5.91
CA GLY B 183 -6.01 10.99 4.75
C GLY B 183 -5.09 12.16 4.39
N ALA B 184 -3.80 11.86 4.21
CA ALA B 184 -2.83 12.89 3.86
C ALA B 184 -2.62 12.94 2.35
N ALA B 185 -2.49 14.15 1.82
CA ALA B 185 -2.29 14.33 0.39
C ALA B 185 -0.92 13.82 -0.03
N ASN B 186 0.03 13.85 0.91
CA ASN B 186 1.39 13.39 0.63
C ASN B 186 1.46 11.86 0.72
N SER B 187 0.35 11.25 1.08
CA SER B 187 0.30 9.80 1.20
C SER B 187 0.29 9.15 -0.18
N GLN B 188 0.97 8.00 -0.29
CA GLN B 188 1.03 7.29 -1.56
C GLN B 188 -0.36 6.89 -2.02
N ALA B 189 -1.19 6.47 -1.07
CA ALA B 189 -2.56 6.06 -1.39
C ALA B 189 -3.34 7.21 -2.03
N ALA B 190 -3.22 8.39 -1.42
CA ALA B 190 -3.91 9.57 -1.93
C ALA B 190 -3.42 9.92 -3.34
N ILE B 191 -2.11 9.78 -3.53
CA ILE B 191 -1.52 10.09 -4.83
C ILE B 191 -2.02 9.12 -5.90
N MET B 192 -2.17 7.86 -5.52
CA MET B 192 -2.65 6.84 -6.44
C MET B 192 -4.08 7.14 -6.88
N VAL B 193 -4.94 7.42 -5.91
CA VAL B 193 -6.34 7.72 -6.20
C VAL B 193 -6.44 8.97 -7.07
N ARG B 194 -5.66 9.99 -6.73
CA ARG B 194 -5.68 11.24 -7.49
C ARG B 194 -5.22 11.00 -8.92
N ALA B 195 -4.12 10.26 -9.07
CA ALA B 195 -3.59 9.96 -10.39
C ALA B 195 -4.58 9.13 -11.20
N LEU B 196 -5.37 8.32 -10.50
CA LEU B 196 -6.36 7.48 -11.17
C LEU B 196 -7.49 8.33 -11.73
N GLY B 197 -7.79 9.43 -11.06
CA GLY B 197 -8.86 10.32 -11.50
C GLY B 197 -10.20 9.91 -10.89
N ILE B 198 -10.15 9.40 -9.68
CA ILE B 198 -11.37 8.97 -8.99
C ILE B 198 -11.74 9.97 -7.90
N PRO B 199 -12.92 10.54 -8.00
CA PRO B 199 -13.42 11.52 -7.01
C PRO B 199 -13.21 11.06 -5.56
N THR B 200 -12.47 11.85 -4.80
CA THR B 200 -12.19 11.51 -3.40
C THR B 200 -12.03 12.77 -2.57
N VAL B 201 -12.41 12.69 -1.29
CA VAL B 201 -12.29 13.84 -0.40
C VAL B 201 -11.78 13.40 0.96
N MET B 202 -11.08 14.30 1.65
CA MET B 202 -10.54 13.99 2.97
C MET B 202 -11.01 15.01 4.00
N GLY B 203 -10.94 14.64 5.27
CA GLY B 203 -11.37 15.53 6.34
C GLY B 203 -12.78 15.17 6.82
N ALA B 204 -13.36 14.16 6.19
CA ALA B 204 -14.72 13.73 6.54
C ALA B 204 -14.79 13.42 8.04
N ASP B 205 -15.50 14.26 8.78
CA ASP B 205 -15.66 14.07 10.21
C ASP B 205 -17.00 13.43 10.53
N ILE B 206 -17.25 12.26 9.93
CA ILE B 206 -18.49 11.55 10.16
C ILE B 206 -18.23 10.07 10.43
N GLN B 207 -19.16 9.43 11.13
CA GLN B 207 -19.02 8.01 11.45
C GLN B 207 -19.74 7.15 10.42
N PRO B 208 -19.01 6.52 9.54
CA PRO B 208 -19.58 5.64 8.48
C PRO B 208 -20.61 4.66 9.03
N SER B 209 -20.46 4.31 10.31
CA SER B 209 -21.39 3.38 10.94
C SER B 209 -22.82 3.88 10.83
N VAL B 210 -23.02 5.15 11.17
CA VAL B 210 -24.35 5.74 11.10
C VAL B 210 -24.89 5.67 9.68
N LEU B 211 -24.01 5.81 8.70
CA LEU B 211 -24.41 5.75 7.30
C LEU B 211 -24.50 4.30 6.83
N HIS B 212 -23.47 3.52 7.14
CA HIS B 212 -23.44 2.13 6.74
C HIS B 212 -23.69 1.98 5.24
N ARG B 213 -24.96 2.10 4.84
CA ARG B 213 -25.32 1.98 3.44
C ARG B 213 -26.26 3.12 3.03
N ARG B 214 -26.18 4.23 3.75
CA ARG B 214 -27.03 5.38 3.46
C ARG B 214 -26.57 6.06 2.18
N THR B 215 -27.32 7.07 1.75
CA THR B 215 -26.99 7.81 0.54
C THR B 215 -25.94 8.88 0.82
N LEU B 216 -24.89 8.90 0.02
CA LEU B 216 -23.83 9.89 0.20
C LEU B 216 -23.64 10.70 -1.07
N ILE B 217 -23.29 11.97 -0.91
CA ILE B 217 -23.08 12.85 -2.05
C ILE B 217 -21.76 13.61 -1.91
N VAL B 218 -20.75 13.13 -2.63
CA VAL B 218 -19.44 13.77 -2.59
C VAL B 218 -19.29 14.78 -3.71
N ASP B 219 -18.53 15.84 -3.45
CA ASP B 219 -18.32 16.88 -4.45
C ASP B 219 -16.88 17.36 -4.43
N GLY B 220 -15.99 16.63 -5.10
CA GLY B 220 -14.58 17.00 -5.14
C GLY B 220 -14.42 18.47 -5.51
N TYR B 221 -15.15 18.91 -6.52
CA TYR B 221 -15.07 20.31 -6.94
C TYR B 221 -15.17 21.25 -5.75
N ARG B 222 -16.09 20.94 -4.83
CA ARG B 222 -16.28 21.76 -3.65
C ARG B 222 -15.78 21.02 -2.40
N GLY B 223 -15.15 19.87 -2.61
CA GLY B 223 -14.64 19.08 -1.50
C GLY B 223 -15.55 19.17 -0.29
N GLU B 224 -16.79 18.72 -0.46
CA GLU B 224 -17.76 18.75 0.62
C GLU B 224 -18.52 17.43 0.71
N LEU B 225 -19.12 17.17 1.87
CA LEU B 225 -19.88 15.94 2.07
C LEU B 225 -21.28 16.24 2.57
N LEU B 226 -22.28 16.02 1.72
CA LEU B 226 -23.66 16.29 2.09
C LEU B 226 -24.33 15.01 2.59
N VAL B 227 -25.44 15.16 3.30
CA VAL B 227 -26.16 14.02 3.84
C VAL B 227 -27.64 14.08 3.43
N ASP B 228 -28.00 13.29 2.42
CA ASP B 228 -29.37 13.27 1.95
C ASP B 228 -30.12 14.51 2.40
N PRO B 229 -29.57 15.67 2.13
CA PRO B 229 -30.18 16.97 2.51
C PRO B 229 -31.43 17.28 1.68
N GLU B 230 -32.01 18.45 1.92
CA GLU B 230 -33.20 18.86 1.19
C GLU B 230 -32.94 18.87 -0.31
N PRO B 231 -33.88 18.41 -1.08
CA PRO B 231 -33.76 18.36 -2.57
C PRO B 231 -33.86 19.75 -3.20
N VAL B 232 -34.33 20.72 -2.41
CA VAL B 232 -34.46 22.09 -2.91
C VAL B 232 -33.11 22.78 -2.95
N LEU B 233 -32.32 22.60 -1.89
CA LEU B 233 -31.01 23.21 -1.82
C LEU B 233 -30.12 22.74 -2.96
N LEU B 234 -30.00 21.42 -3.11
CA LEU B 234 -29.19 20.84 -4.17
C LEU B 234 -29.73 21.24 -5.54
N GLN B 235 -31.04 21.49 -5.61
CA GLN B 235 -31.67 21.86 -6.86
C GLN B 235 -31.07 23.16 -7.39
N GLU B 236 -31.15 24.22 -6.57
CA GLU B 236 -30.62 25.51 -6.97
C GLU B 236 -29.09 25.49 -6.94
N TYR B 237 -28.53 24.99 -5.86
CA TYR B 237 -27.08 24.92 -5.72
C TYR B 237 -26.43 24.65 -7.07
N GLN B 238 -26.98 23.70 -7.81
CA GLN B 238 -26.45 23.35 -9.13
C GLN B 238 -26.63 24.51 -10.10
N ARG B 239 -27.74 25.24 -9.95
CA ARG B 239 -28.02 26.37 -10.82
C ARG B 239 -27.11 27.54 -10.49
N LEU B 240 -26.82 27.71 -9.21
CA LEU B 240 -25.96 28.80 -8.76
C LEU B 240 -24.51 28.53 -9.14
N ILE B 241 -24.03 27.34 -8.82
CA ILE B 241 -22.66 26.96 -9.14
C ILE B 241 -22.38 27.13 -10.63
N SER B 242 -23.41 26.94 -11.45
CA SER B 242 -23.27 27.08 -12.89
C SER B 242 -23.51 28.53 -13.32
N GLU B 243 -24.22 29.28 -12.48
CA GLU B 243 -24.51 30.68 -12.78
C GLU B 243 -23.80 31.60 -11.79
N GLU B 244 -22.67 31.13 -11.27
CA GLU B 244 -21.91 31.92 -10.32
C GLU B 244 -20.42 31.56 -10.38
N ILE B 245 -19.94 30.90 -9.33
CA ILE B 245 -18.53 30.50 -9.27
C ILE B 245 -18.25 29.42 -10.31
N GLU B 246 -18.65 29.68 -11.55
CA GLU B 246 -18.44 28.72 -12.63
C GLU B 246 -17.36 27.71 -12.24
N LEU B 247 -16.12 28.03 -12.56
CA LEU B 247 -15.00 27.14 -12.24
C LEU B 247 -13.98 27.86 -11.36
N SER B 248 -13.10 28.64 -11.99
CA SER B 248 -12.09 29.38 -11.26
C SER B 248 -12.46 30.85 -11.17
N ARG B 249 -13.76 31.12 -11.11
CA ARG B 249 -14.23 32.50 -11.02
C ARG B 249 -14.07 33.02 -9.60
N LEU B 250 -14.79 32.42 -8.66
CA LEU B 250 -14.73 32.84 -7.27
C LEU B 250 -15.01 34.33 -7.14
N ALA B 251 -14.03 35.14 -7.53
CA ALA B 251 -14.18 36.60 -7.45
C ALA B 251 -14.00 37.07 -6.01
N GLU B 252 -13.26 36.31 -5.22
CA GLU B 252 -13.02 36.67 -3.83
C GLU B 252 -14.33 36.75 -3.07
N ASP B 253 -15.11 37.80 -3.35
CA ASP B 253 -16.39 37.99 -2.68
C ASP B 253 -16.21 37.95 -1.17
N ASP B 254 -16.13 39.14 -0.57
CA ASP B 254 -15.96 39.23 0.88
C ASP B 254 -16.15 40.67 1.35
N VAL B 255 -16.74 40.82 2.54
CA VAL B 255 -16.98 42.15 3.09
C VAL B 255 -16.80 43.22 2.01
N ASN B 256 -17.74 43.27 1.08
CA ASN B 256 -17.67 44.25 0.00
C ASN B 256 -18.95 45.09 -0.05
N MET A 1 38.43 -11.67 -5.80
CA MET A 1 38.01 -11.05 -4.51
C MET A 1 36.72 -10.26 -4.73
N THR A 2 36.29 -9.56 -3.69
CA THR A 2 35.07 -8.76 -3.77
C THR A 2 35.37 -7.38 -4.37
N VAL A 3 34.34 -6.74 -4.89
CA VAL A 3 34.50 -5.42 -5.49
C VAL A 3 33.41 -4.46 -4.99
N LYS A 4 33.84 -3.39 -4.34
CA LYS A 4 32.90 -2.41 -3.82
C LYS A 4 33.25 -1.01 -4.32
N GLN A 5 32.37 -0.04 -4.03
CA GLN A 5 32.60 1.33 -4.45
C GLN A 5 31.71 2.28 -3.65
N THR A 6 32.31 3.37 -3.17
CA THR A 6 31.57 4.36 -2.39
C THR A 6 30.78 5.29 -3.31
N VAL A 7 29.49 5.43 -3.02
CA VAL A 7 28.64 6.29 -3.83
C VAL A 7 27.86 7.26 -2.94
N GLU A 8 28.00 8.56 -3.20
CA GLU A 8 27.30 9.57 -2.42
C GLU A 8 25.85 9.69 -2.88
N ILE A 9 24.92 9.58 -1.93
CA ILE A 9 23.51 9.69 -2.25
C ILE A 9 23.04 11.14 -2.15
N THR A 10 22.84 11.77 -3.30
CA THR A 10 22.39 13.16 -3.33
C THR A 10 20.89 13.24 -3.13
N ASN A 11 20.41 12.66 -2.03
CA ASN A 11 18.97 12.67 -1.74
C ASN A 11 18.20 11.94 -2.82
N LYS A 12 18.87 11.01 -3.49
CA LYS A 12 18.23 10.23 -4.55
C LYS A 12 19.07 9.01 -4.90
N LEU A 13 18.72 7.88 -4.27
CA LEU A 13 19.45 6.63 -4.52
C LEU A 13 19.36 6.25 -6.00
N GLY A 14 18.67 7.07 -6.78
CA GLY A 14 18.52 6.80 -8.20
C GLY A 14 17.53 5.66 -8.44
N MET A 15 16.61 5.48 -7.51
CA MET A 15 15.61 4.42 -7.63
C MET A 15 14.21 4.95 -7.33
N HIS A 16 13.85 4.97 -6.06
CA HIS A 16 12.53 5.46 -5.65
C HIS A 16 11.44 4.52 -6.16
N ALA A 17 11.86 3.40 -6.74
CA ALA A 17 10.90 2.42 -7.26
C ALA A 17 11.39 1.85 -8.59
N ARG A 18 12.68 1.59 -8.67
CA ARG A 18 13.27 1.04 -9.89
C ARG A 18 14.62 0.39 -9.59
N PRO A 19 15.61 1.19 -9.26
CA PRO A 19 16.97 0.70 -8.94
C PRO A 19 16.97 -0.46 -7.95
N ALA A 20 16.46 -0.19 -6.75
CA ALA A 20 16.40 -1.22 -5.72
C ALA A 20 15.68 -2.46 -6.24
N MET A 21 14.57 -2.25 -6.93
CA MET A 21 13.80 -3.36 -7.48
C MET A 21 14.56 -4.03 -8.61
N LYS A 22 15.18 -3.22 -9.47
CA LYS A 22 15.94 -3.74 -10.59
C LYS A 22 17.09 -4.62 -10.10
N LEU A 23 17.72 -4.19 -9.01
CA LEU A 23 18.84 -4.94 -8.45
C LEU A 23 18.48 -6.42 -8.32
N PHE A 24 17.30 -6.69 -7.77
CA PHE A 24 16.85 -8.06 -7.60
C PHE A 24 16.87 -8.81 -8.92
N GLU A 25 16.44 -8.14 -9.99
CA GLU A 25 16.42 -8.75 -11.31
C GLU A 25 17.84 -8.92 -11.86
N LEU A 26 18.70 -7.96 -11.54
CA LEU A 26 20.09 -8.02 -12.00
C LEU A 26 20.83 -9.17 -11.33
N MET A 27 20.59 -9.34 -10.04
CA MET A 27 21.24 -10.42 -9.29
C MET A 27 20.97 -11.77 -9.94
N GLN A 28 19.79 -11.89 -10.56
CA GLN A 28 19.42 -13.14 -11.22
C GLN A 28 20.04 -13.21 -12.62
N GLY A 29 20.15 -12.06 -13.26
CA GLY A 29 20.72 -12.01 -14.61
C GLY A 29 22.24 -12.07 -14.55
N PHE A 30 22.82 -11.53 -13.49
CA PHE A 30 24.27 -11.53 -13.34
C PHE A 30 24.69 -12.57 -12.29
N ASP A 31 25.93 -13.04 -12.40
CA ASP A 31 26.44 -14.04 -11.48
C ASP A 31 27.29 -13.37 -10.40
N ALA A 32 26.68 -13.04 -9.27
CA ALA A 32 27.39 -12.40 -8.18
C ALA A 32 26.41 -11.86 -7.13
N GLU A 33 26.89 -11.71 -5.90
CA GLU A 33 26.04 -11.21 -4.82
C GLU A 33 26.31 -9.73 -4.58
N VAL A 34 25.23 -8.94 -4.54
CA VAL A 34 25.36 -7.51 -4.31
C VAL A 34 24.88 -7.14 -2.91
N LEU A 35 25.67 -6.33 -2.22
CA LEU A 35 25.31 -5.92 -0.86
C LEU A 35 25.55 -4.42 -0.68
N LEU A 36 24.61 -3.76 -0.01
CA LEU A 36 24.72 -2.33 0.23
C LEU A 36 25.03 -2.05 1.70
N ARG A 37 25.73 -0.95 1.96
CA ARG A 37 26.08 -0.58 3.31
C ARG A 37 26.10 0.94 3.47
N ASN A 38 25.52 1.42 4.57
CA ASN A 38 25.48 2.85 4.83
C ASN A 38 26.67 3.28 5.68
N ASP A 39 27.06 4.55 5.55
CA ASP A 39 28.18 5.07 6.30
C ASP A 39 28.02 4.77 7.80
N GLU A 40 26.77 4.63 8.23
CA GLU A 40 26.49 4.33 9.62
C GLU A 40 26.93 2.91 9.98
N GLY A 41 27.29 2.14 8.97
CA GLY A 41 27.74 0.77 9.18
C GLY A 41 26.56 -0.21 9.10
N THR A 42 25.43 0.29 8.61
CA THR A 42 24.23 -0.54 8.48
C THR A 42 24.26 -1.31 7.17
N GLU A 43 24.31 -2.64 7.26
CA GLU A 43 24.34 -3.48 6.07
C GLU A 43 22.94 -3.60 5.47
N ALA A 44 22.71 -2.87 4.37
CA ALA A 44 21.41 -2.90 3.71
C ALA A 44 21.38 -4.00 2.66
N GLU A 45 21.46 -5.24 3.11
CA GLU A 45 21.44 -6.38 2.19
C GLU A 45 20.41 -6.16 1.09
N ALA A 46 20.88 -6.17 -0.16
CA ALA A 46 19.99 -5.97 -1.29
C ALA A 46 18.95 -7.09 -1.37
N ASN A 47 19.15 -8.13 -0.56
CA ASN A 47 18.23 -9.26 -0.55
C ASN A 47 17.27 -9.14 0.64
N SER A 48 16.99 -7.92 1.05
CA SER A 48 16.10 -7.69 2.18
C SER A 48 15.31 -6.39 1.98
N VAL A 49 13.98 -6.50 1.99
CA VAL A 49 13.13 -5.33 1.82
C VAL A 49 13.34 -4.34 2.95
N ILE A 50 13.55 -4.85 4.16
CA ILE A 50 13.77 -4.00 5.31
C ILE A 50 15.01 -3.13 5.12
N ALA A 51 16.03 -3.70 4.49
CA ALA A 51 17.26 -2.97 4.25
C ALA A 51 17.02 -1.81 3.28
N LEU A 52 16.25 -2.06 2.24
CA LEU A 52 15.95 -1.03 1.26
C LEU A 52 15.26 0.16 1.92
N LEU A 53 14.39 -0.12 2.88
CA LEU A 53 13.69 0.93 3.59
C LEU A 53 14.66 1.80 4.39
N MET A 54 15.68 1.16 4.95
CA MET A 54 16.68 1.88 5.74
C MET A 54 17.49 2.80 4.85
N LEU A 55 17.82 2.34 3.64
CA LEU A 55 18.59 3.14 2.70
C LEU A 55 17.85 4.43 2.35
N ASP A 56 16.53 4.33 2.27
CA ASP A 56 15.71 5.50 1.94
C ASP A 56 16.04 6.67 2.87
N SER A 57 16.36 6.35 4.12
CA SER A 57 16.71 7.38 5.09
C SER A 57 18.12 7.89 4.87
N ALA A 58 18.84 7.24 3.96
CA ALA A 58 20.22 7.63 3.66
C ALA A 58 20.24 8.79 2.68
N LYS A 59 19.20 9.61 2.71
CA LYS A 59 19.10 10.76 1.81
C LYS A 59 20.15 11.81 2.17
N GLY A 60 21.28 11.79 1.48
CA GLY A 60 22.36 12.74 1.74
C GLY A 60 23.51 12.07 2.47
N ARG A 61 23.41 10.76 2.65
CA ARG A 61 24.46 10.01 3.33
C ARG A 61 25.27 9.20 2.33
N GLN A 62 26.44 8.72 2.78
CA GLN A 62 27.30 7.93 1.91
C GLN A 62 27.11 6.45 2.17
N ILE A 63 27.19 5.65 1.11
CA ILE A 63 27.02 4.20 1.23
C ILE A 63 28.14 3.47 0.51
N GLU A 64 28.33 2.19 0.85
CA GLU A 64 29.36 1.39 0.23
C GLU A 64 28.77 0.14 -0.40
N VAL A 65 28.62 0.17 -1.72
CA VAL A 65 28.06 -0.98 -2.44
C VAL A 65 29.13 -2.03 -2.69
N GLU A 66 28.84 -3.26 -2.30
CA GLU A 66 29.79 -4.36 -2.49
C GLU A 66 29.18 -5.44 -3.38
N ALA A 67 30.01 -6.01 -4.26
CA ALA A 67 29.54 -7.06 -5.15
C ALA A 67 30.60 -8.15 -5.31
N THR A 68 30.20 -9.40 -5.12
CA THR A 68 31.12 -10.51 -5.25
C THR A 68 30.67 -11.48 -6.34
N GLY A 69 31.62 -12.01 -7.09
CA GLY A 69 31.30 -12.94 -8.16
C GLY A 69 32.05 -12.57 -9.45
N PRO A 70 31.81 -13.30 -10.50
CA PRO A 70 32.47 -13.05 -11.82
C PRO A 70 31.94 -11.80 -12.50
N GLN A 71 30.64 -11.56 -12.36
CA GLN A 71 30.02 -10.39 -12.97
C GLN A 71 29.89 -9.26 -11.95
N GLU A 72 30.41 -9.49 -10.74
CA GLU A 72 30.34 -8.49 -9.69
C GLU A 72 30.49 -7.09 -10.27
N GLU A 73 31.41 -6.93 -11.21
CA GLU A 73 31.64 -5.64 -11.84
C GLU A 73 30.38 -5.13 -12.51
N GLU A 74 29.76 -5.99 -13.31
CA GLU A 74 28.53 -5.62 -14.00
C GLU A 74 27.45 -5.21 -13.01
N ALA A 75 27.22 -6.06 -12.01
CA ALA A 75 26.21 -5.77 -11.00
C ALA A 75 26.50 -4.44 -10.32
N LEU A 76 27.74 -4.25 -9.89
CA LEU A 76 28.14 -3.02 -9.22
C LEU A 76 28.04 -1.84 -10.18
N ALA A 77 28.52 -2.03 -11.41
CA ALA A 77 28.47 -0.98 -12.41
C ALA A 77 27.03 -0.59 -12.73
N ALA A 78 26.17 -1.60 -12.83
CA ALA A 78 24.75 -1.35 -13.13
C ALA A 78 24.11 -0.52 -12.02
N VAL A 79 24.42 -0.87 -10.77
CA VAL A 79 23.87 -0.14 -9.64
C VAL A 79 24.41 1.28 -9.60
N ILE A 80 25.71 1.42 -9.84
CA ILE A 80 26.34 2.74 -9.83
C ILE A 80 25.78 3.61 -10.96
N ALA A 81 25.58 3.02 -12.13
CA ALA A 81 25.05 3.75 -13.26
C ALA A 81 23.63 4.23 -12.97
N LEU A 82 22.87 3.41 -12.25
CA LEU A 82 21.50 3.76 -11.91
C LEU A 82 21.47 4.85 -10.84
N PHE A 83 22.42 4.77 -9.91
CA PHE A 83 22.50 5.74 -8.83
C PHE A 83 22.95 7.10 -9.37
N ASN A 84 23.80 7.07 -10.39
CA ASN A 84 24.31 8.29 -11.00
C ASN A 84 23.29 8.87 -11.99
N SER A 85 22.21 8.12 -12.20
CA SER A 85 21.17 8.57 -13.13
C SER A 85 21.60 8.35 -14.57
N ARG B 2 -24.14 18.77 5.14
CA ARG B 2 -23.75 20.21 5.01
C ARG B 2 -22.46 20.45 5.76
N ILE B 3 -21.45 19.62 5.51
CA ILE B 3 -20.16 19.75 6.17
C ILE B 3 -19.08 20.13 5.17
N ARG B 4 -18.24 21.10 5.53
CA ARG B 4 -17.17 21.53 4.64
C ARG B 4 -15.91 20.71 4.90
N ALA B 5 -15.56 19.86 3.94
CA ALA B 5 -14.37 19.03 4.08
C ALA B 5 -13.33 19.41 3.03
N LEU B 6 -12.06 19.17 3.35
CA LEU B 6 -10.97 19.49 2.43
C LEU B 6 -11.05 18.64 1.17
N PRO B 7 -11.34 19.25 0.05
CA PRO B 7 -11.46 18.53 -1.25
C PRO B 7 -10.10 18.09 -1.78
N ALA B 8 -9.86 16.78 -1.79
CA ALA B 8 -8.59 16.25 -2.29
C ALA B 8 -8.63 16.12 -3.80
N ALA B 9 -9.78 15.71 -4.33
CA ALA B 9 -9.92 15.54 -5.78
C ALA B 9 -11.23 16.19 -6.25
N PRO B 10 -11.14 16.97 -7.29
CA PRO B 10 -12.34 17.67 -7.87
C PRO B 10 -13.27 16.70 -8.60
N GLY B 11 -14.57 16.96 -8.51
CA GLY B 11 -15.56 16.10 -9.16
C GLY B 11 -16.73 15.82 -8.23
N VAL B 12 -17.82 15.33 -8.80
CA VAL B 12 -19.01 15.02 -8.01
C VAL B 12 -19.45 13.58 -8.26
N ALA B 13 -19.98 12.94 -7.22
CA ALA B 13 -20.44 11.56 -7.33
C ALA B 13 -21.56 11.28 -6.34
N ILE B 14 -22.44 10.36 -6.70
CA ILE B 14 -23.56 10.01 -5.83
C ILE B 14 -23.65 8.49 -5.65
N ALA B 15 -23.84 8.06 -4.42
CA ALA B 15 -23.95 6.63 -4.12
C ALA B 15 -24.14 6.40 -2.63
N GLU B 16 -24.29 5.14 -2.25
CA GLU B 16 -24.48 4.79 -0.83
C GLU B 16 -23.14 4.81 -0.09
N GLY B 17 -23.21 4.95 1.22
CA GLY B 17 -21.99 4.99 2.04
C GLY B 17 -21.68 3.61 2.59
N TRP B 18 -20.39 3.29 2.69
CA TRP B 18 -19.96 2.00 3.20
C TRP B 18 -18.65 2.12 3.96
N GLN B 19 -18.72 1.99 5.28
CA GLN B 19 -17.53 2.10 6.12
C GLN B 19 -16.55 0.99 5.79
N ASP B 20 -15.26 1.31 5.81
CA ASP B 20 -14.22 0.33 5.52
C ASP B 20 -14.31 -0.85 6.48
N ALA B 21 -14.55 -2.04 5.94
CA ALA B 21 -14.66 -3.24 6.76
C ALA B 21 -13.33 -3.53 7.46
N THR B 22 -12.27 -2.88 6.99
CA THR B 22 -10.95 -3.07 7.58
C THR B 22 -11.07 -3.44 9.05
N LEU B 23 -10.95 -4.72 9.35
CA LEU B 23 -11.05 -5.20 10.74
C LEU B 23 -10.13 -6.39 10.96
N PRO B 24 -9.15 -6.22 11.81
CA PRO B 24 -8.16 -7.30 12.13
C PRO B 24 -8.86 -8.63 12.44
N LEU B 25 -8.19 -9.73 12.11
CA LEU B 25 -8.74 -11.05 12.36
C LEU B 25 -8.17 -11.64 13.64
N MET B 26 -7.41 -10.83 14.37
CA MET B 26 -6.81 -11.28 15.62
C MET B 26 -7.85 -11.98 16.50
N GLU B 27 -9.08 -11.47 16.46
CA GLU B 27 -10.17 -12.06 17.24
C GLU B 27 -10.78 -13.24 16.51
N GLN B 28 -10.91 -13.12 15.20
CA GLN B 28 -11.49 -14.18 14.40
C GLN B 28 -10.65 -15.45 14.50
N VAL B 29 -9.39 -15.29 14.85
CA VAL B 29 -8.48 -16.43 14.98
C VAL B 29 -8.81 -17.23 16.25
N TYR B 30 -8.88 -18.54 16.11
CA TYR B 30 -9.19 -19.40 17.23
C TYR B 30 -7.92 -19.77 18.00
N GLN B 31 -8.08 -20.11 19.27
CA GLN B 31 -6.93 -20.48 20.09
C GLN B 31 -6.50 -21.91 19.81
N ALA B 32 -5.37 -22.05 19.13
CA ALA B 32 -4.86 -23.38 18.80
C ALA B 32 -3.40 -23.52 19.25
N SER B 33 -3.07 -24.69 19.80
CA SER B 33 -1.72 -24.94 20.27
C SER B 33 -1.26 -26.34 19.87
N THR B 34 -0.80 -26.47 18.64
CA THR B 34 -0.34 -27.77 18.13
C THR B 34 0.73 -27.57 17.06
N LEU B 35 1.95 -28.03 17.34
CA LEU B 35 3.04 -27.90 16.40
C LEU B 35 2.95 -28.98 15.32
N ASP B 36 2.98 -28.55 14.06
CA ASP B 36 2.90 -29.49 12.95
C ASP B 36 3.67 -28.97 11.74
N PRO B 37 4.97 -29.09 11.77
CA PRO B 37 5.85 -28.63 10.67
C PRO B 37 5.33 -29.05 9.30
N ALA B 38 4.44 -30.05 9.29
CA ALA B 38 3.88 -30.54 8.04
C ALA B 38 2.72 -29.66 7.59
N LEU B 39 1.74 -29.49 8.46
CA LEU B 39 0.57 -28.67 8.15
C LEU B 39 0.92 -27.19 8.24
N GLU B 40 1.73 -26.84 9.25
CA GLU B 40 2.13 -25.46 9.45
C GLU B 40 2.96 -24.97 8.26
N ARG B 41 4.05 -25.67 7.97
CA ARG B 41 4.91 -25.29 6.85
C ARG B 41 4.10 -25.22 5.56
N GLU B 42 3.22 -26.19 5.37
CA GLU B 42 2.39 -26.22 4.17
C GLU B 42 1.33 -25.12 4.22
N ARG B 43 0.80 -24.87 5.41
CA ARG B 43 -0.22 -23.84 5.58
C ARG B 43 0.25 -22.52 4.99
N LEU B 44 1.44 -22.07 5.42
CA LEU B 44 1.99 -20.82 4.93
C LEU B 44 2.33 -20.94 3.44
N THR B 45 2.97 -22.04 3.08
CA THR B 45 3.34 -22.28 1.68
C THR B 45 2.10 -22.27 0.79
N GLY B 46 1.11 -23.07 1.16
CA GLY B 46 -0.12 -23.16 0.39
C GLY B 46 -0.81 -21.79 0.33
N ALA B 47 -0.71 -21.04 1.42
CA ALA B 47 -1.33 -19.71 1.48
C ALA B 47 -0.55 -18.73 0.61
N LEU B 48 0.78 -18.82 0.65
CA LEU B 48 1.62 -17.94 -0.14
C LEU B 48 1.27 -18.04 -1.62
N GLU B 49 1.24 -19.27 -2.13
CA GLU B 49 0.91 -19.50 -3.53
C GLU B 49 -0.38 -18.77 -3.89
N GLU B 50 -1.30 -18.70 -2.94
CA GLU B 50 -2.57 -18.02 -3.17
C GLU B 50 -2.41 -16.51 -3.00
N ALA B 51 -1.58 -16.11 -2.05
CA ALA B 51 -1.34 -14.70 -1.81
C ALA B 51 -0.29 -14.16 -2.76
N ALA B 52 0.84 -14.84 -2.85
CA ALA B 52 1.92 -14.42 -3.74
C ALA B 52 1.41 -14.28 -5.17
N ASN B 53 0.67 -15.30 -5.62
CA ASN B 53 0.12 -15.28 -6.97
C ASN B 53 -0.85 -14.11 -7.14
N GLU B 54 -1.53 -13.76 -6.06
CA GLU B 54 -2.48 -12.65 -6.10
C GLU B 54 -1.76 -11.34 -6.36
N PHE B 55 -0.62 -11.15 -5.70
CA PHE B 55 0.16 -9.93 -5.86
C PHE B 55 0.70 -9.83 -7.28
N ARG B 56 1.24 -10.94 -7.78
CA ARG B 56 1.79 -10.98 -9.12
C ARG B 56 0.71 -10.69 -10.16
N ARG B 57 -0.46 -11.29 -9.96
CA ARG B 57 -1.58 -11.10 -10.87
C ARG B 57 -2.13 -9.67 -10.75
N TYR B 58 -2.08 -9.14 -9.55
CA TYR B 58 -2.58 -7.78 -9.31
C TYR B 58 -1.83 -6.78 -10.17
N SER B 59 -0.51 -6.72 -9.99
CA SER B 59 0.32 -5.80 -10.76
C SER B 59 -0.01 -5.90 -12.24
N LYS B 60 -0.13 -7.13 -12.74
CA LYS B 60 -0.44 -7.36 -14.14
C LYS B 60 -1.81 -6.78 -14.48
N ARG B 61 -2.75 -6.93 -13.56
CA ARG B 61 -4.11 -6.43 -13.76
C ARG B 61 -4.13 -4.90 -13.65
N PHE B 62 -3.42 -4.38 -12.65
CA PHE B 62 -3.37 -2.94 -12.44
C PHE B 62 -2.63 -2.26 -13.60
N ALA B 63 -1.50 -2.83 -13.99
CA ALA B 63 -0.71 -2.28 -15.08
C ALA B 63 -1.52 -2.26 -16.38
N ALA B 64 -2.51 -3.15 -16.47
CA ALA B 64 -3.35 -3.23 -17.66
C ALA B 64 -4.10 -1.91 -17.86
N GLY B 65 -4.38 -1.22 -16.76
CA GLY B 65 -5.10 0.05 -16.83
C GLY B 65 -5.06 0.76 -15.48
N ALA B 66 -3.86 0.91 -14.93
CA ALA B 66 -3.71 1.59 -13.64
C ALA B 66 -2.40 2.39 -13.62
N GLN B 67 -2.21 3.13 -12.54
CA GLN B 67 -1.00 3.94 -12.40
C GLN B 67 0.24 3.06 -12.36
N LYS B 68 1.37 3.60 -12.80
CA LYS B 68 2.61 2.85 -12.81
C LYS B 68 3.09 2.58 -11.38
N GLU B 69 2.97 3.59 -10.53
CA GLU B 69 3.39 3.46 -9.14
C GLU B 69 2.76 2.22 -8.52
N THR B 70 1.45 2.08 -8.66
CA THR B 70 0.74 0.94 -8.10
C THR B 70 1.36 -0.37 -8.58
N ALA B 71 1.51 -0.50 -9.89
CA ALA B 71 2.09 -1.71 -10.47
C ALA B 71 3.44 -2.01 -9.83
N ALA B 72 4.25 -0.96 -9.64
CA ALA B 72 5.56 -1.12 -9.03
C ALA B 72 5.43 -1.54 -7.57
N ILE B 73 4.32 -1.16 -6.95
CA ILE B 73 4.08 -1.50 -5.55
C ILE B 73 3.93 -3.01 -5.38
N PHE B 74 3.04 -3.60 -6.17
CA PHE B 74 2.81 -5.04 -6.10
C PHE B 74 4.07 -5.80 -6.46
N ASP B 75 4.60 -5.55 -7.66
CA ASP B 75 5.80 -6.21 -8.12
C ASP B 75 6.86 -6.23 -7.00
N LEU B 76 7.07 -5.08 -6.39
CA LEU B 76 8.06 -4.98 -5.31
C LEU B 76 7.61 -5.80 -4.11
N TYR B 77 6.31 -5.79 -3.84
CA TYR B 77 5.77 -6.54 -2.70
C TYR B 77 5.83 -8.04 -2.98
N SER B 78 5.52 -8.43 -4.21
CA SER B 78 5.54 -9.83 -4.60
C SER B 78 6.79 -10.51 -4.05
N HIS B 79 7.93 -9.85 -4.22
CA HIS B 79 9.20 -10.41 -3.75
C HIS B 79 9.30 -10.31 -2.23
N LEU B 80 8.60 -9.32 -1.67
CA LEU B 80 8.62 -9.13 -0.22
C LEU B 80 7.91 -10.28 0.49
N LEU B 81 6.72 -10.62 0.00
CA LEU B 81 5.95 -11.70 0.59
C LEU B 81 6.61 -13.06 0.29
N SER B 82 7.08 -13.22 -0.94
CA SER B 82 7.73 -14.46 -1.35
C SER B 82 9.15 -14.53 -0.79
N ASP B 83 9.64 -13.39 -0.29
CA ASP B 83 10.98 -13.33 0.27
C ASP B 83 11.18 -14.43 1.32
N THR B 84 12.19 -15.27 1.12
CA THR B 84 12.47 -16.35 2.05
C THR B 84 12.68 -15.81 3.46
N ARG B 85 12.62 -14.48 3.59
CA ARG B 85 12.81 -13.84 4.88
C ARG B 85 11.53 -13.92 5.71
N LEU B 86 10.44 -13.41 5.16
CA LEU B 86 9.16 -13.43 5.85
C LEU B 86 8.67 -14.86 6.05
N ARG B 87 8.82 -15.68 5.01
CA ARG B 87 8.40 -17.07 5.09
C ARG B 87 9.13 -17.81 6.20
N ARG B 88 10.45 -17.59 6.27
CA ARG B 88 11.26 -18.25 7.30
C ARG B 88 10.91 -17.71 8.68
N GLU B 89 10.68 -16.40 8.76
CA GLU B 89 10.33 -15.78 10.03
C GLU B 89 9.18 -16.52 10.70
N LEU B 90 8.08 -16.68 9.98
CA LEU B 90 6.92 -17.37 10.51
C LEU B 90 7.24 -18.84 10.78
N PHE B 91 7.97 -19.46 9.86
CA PHE B 91 8.34 -20.86 10.00
C PHE B 91 9.23 -21.05 11.23
N ALA B 92 10.11 -20.08 11.47
CA ALA B 92 11.01 -20.14 12.62
C ALA B 92 10.23 -20.24 13.92
N GLU B 93 9.16 -19.45 14.01
CA GLU B 93 8.33 -19.45 15.21
C GLU B 93 7.66 -20.81 15.40
N VAL B 94 7.22 -21.41 14.31
CA VAL B 94 6.57 -22.72 14.37
C VAL B 94 7.56 -23.79 14.80
N ASP B 95 8.78 -23.71 14.28
CA ASP B 95 9.82 -24.68 14.62
C ASP B 95 10.09 -24.67 16.12
N LYS B 96 9.55 -23.66 16.80
CA LYS B 96 9.74 -23.54 18.25
C LYS B 96 8.57 -24.19 19.00
N GLY B 97 7.46 -24.36 18.30
CA GLY B 97 6.27 -24.96 18.90
C GLY B 97 5.06 -24.06 18.73
N SER B 98 5.19 -23.03 17.90
CA SER B 98 4.10 -22.11 17.65
C SER B 98 3.29 -22.55 16.44
N VAL B 99 2.08 -22.01 16.31
CA VAL B 99 1.21 -22.35 15.19
C VAL B 99 1.29 -21.28 14.10
N ALA B 100 1.10 -21.71 12.86
CA ALA B 100 1.15 -20.78 11.73
C ALA B 100 0.15 -19.64 11.92
N GLU B 101 -1.04 -19.99 12.41
CA GLU B 101 -2.07 -18.99 12.63
C GLU B 101 -1.52 -17.80 13.41
N TRP B 102 -0.97 -18.07 14.59
CA TRP B 102 -0.40 -17.01 15.42
C TRP B 102 0.96 -16.58 14.88
N ALA B 103 1.78 -17.56 14.53
CA ALA B 103 3.11 -17.28 14.00
C ALA B 103 3.03 -16.30 12.84
N VAL B 104 2.08 -16.54 11.93
CA VAL B 104 1.90 -15.67 10.77
C VAL B 104 1.40 -14.30 11.20
N LYS B 105 0.68 -14.26 12.32
CA LYS B 105 0.13 -13.00 12.82
C LYS B 105 1.18 -12.27 13.66
N THR B 106 2.06 -13.03 14.30
CA THR B 106 3.11 -12.44 15.13
C THR B 106 4.23 -11.88 14.26
N VAL B 107 4.69 -12.70 13.31
CA VAL B 107 5.77 -12.28 12.43
C VAL B 107 5.31 -11.12 11.54
N ILE B 108 4.14 -11.27 10.93
CA ILE B 108 3.61 -10.23 10.06
C ILE B 108 3.31 -8.96 10.86
N GLU B 109 3.15 -9.12 12.18
CA GLU B 109 2.87 -7.98 13.04
C GLU B 109 4.17 -7.43 13.65
N LYS B 110 5.10 -8.33 13.92
CA LYS B 110 6.38 -7.93 14.50
C LYS B 110 7.24 -7.21 13.46
N PHE B 111 7.33 -7.80 12.27
CA PHE B 111 8.12 -7.21 11.20
C PHE B 111 7.41 -6.00 10.61
N ALA B 112 6.10 -5.92 10.83
CA ALA B 112 5.31 -4.80 10.32
C ALA B 112 5.62 -3.52 11.08
N GLU B 113 5.81 -3.66 12.39
CA GLU B 113 6.11 -2.51 13.24
C GLU B 113 7.62 -2.23 13.26
N GLN B 114 8.40 -3.30 13.08
CA GLN B 114 9.86 -3.17 13.09
C GLN B 114 10.31 -2.19 12.01
N PHE B 115 9.78 -2.36 10.80
CA PHE B 115 10.14 -1.49 9.69
C PHE B 115 9.62 -0.08 9.93
N ALA B 116 8.46 0.02 10.57
CA ALA B 116 7.87 1.32 10.86
C ALA B 116 8.81 2.15 11.73
N ALA B 117 9.48 1.50 12.66
CA ALA B 117 10.40 2.19 13.56
C ALA B 117 11.18 3.26 12.80
N LEU B 118 11.31 3.08 11.49
CA LEU B 118 12.02 4.05 10.66
C LEU B 118 11.36 5.42 10.74
N SER B 119 12.09 6.45 10.31
CA SER B 119 11.56 7.81 10.35
C SER B 119 11.07 8.23 8.97
N ASP B 120 11.87 7.93 7.95
CA ASP B 120 11.50 8.27 6.58
C ASP B 120 10.00 8.14 6.37
N ASN B 121 9.41 9.14 5.72
CA ASN B 121 7.97 9.12 5.47
C ASN B 121 7.60 7.93 4.59
N TYR B 122 8.39 7.71 3.54
CA TYR B 122 8.13 6.59 2.63
C TYR B 122 8.13 5.28 3.40
N LEU B 123 8.86 5.23 4.50
CA LEU B 123 8.94 4.03 5.32
C LEU B 123 7.73 3.93 6.24
N LYS B 124 7.59 4.89 7.14
CA LYS B 124 6.47 4.90 8.08
C LYS B 124 5.18 4.53 7.35
N GLU B 125 5.00 5.08 6.16
CA GLU B 125 3.81 4.80 5.37
C GLU B 125 3.83 3.36 4.86
N ARG B 126 5.02 2.89 4.51
CA ARG B 126 5.17 1.52 4.02
C ARG B 126 4.64 0.52 5.03
N ALA B 127 4.86 0.81 6.31
CA ALA B 127 4.40 -0.07 7.37
C ALA B 127 2.92 -0.38 7.20
N GLY B 128 2.12 0.67 6.97
CA GLY B 128 0.69 0.49 6.79
C GLY B 128 0.40 -0.56 5.73
N ASP B 129 1.13 -0.48 4.61
CA ASP B 129 0.95 -1.44 3.53
C ASP B 129 1.32 -2.84 3.99
N LEU B 130 2.39 -2.94 4.79
CA LEU B 130 2.84 -4.23 5.30
C LEU B 130 1.76 -4.87 6.15
N ARG B 131 1.19 -4.08 7.07
CA ARG B 131 0.14 -4.58 7.95
C ARG B 131 -0.95 -5.26 7.13
N ALA B 132 -1.31 -4.64 6.01
CA ALA B 132 -2.35 -5.19 5.14
C ALA B 132 -1.88 -6.52 4.54
N LEU B 133 -0.58 -6.59 4.24
CA LEU B 133 -0.03 -7.81 3.66
C LEU B 133 -0.37 -9.02 4.53
N GLY B 134 -0.22 -8.86 5.83
CA GLY B 134 -0.52 -9.95 6.76
C GLY B 134 -2.00 -10.31 6.70
N GLN B 135 -2.84 -9.29 6.56
CA GLN B 135 -4.28 -9.52 6.48
C GLN B 135 -4.61 -10.43 5.31
N ARG B 136 -3.99 -10.17 4.17
CA ARG B 136 -4.23 -10.97 2.98
C ARG B 136 -3.72 -12.39 3.19
N LEU B 137 -2.58 -12.51 3.87
CA LEU B 137 -1.99 -13.82 4.13
C LEU B 137 -2.87 -14.60 5.12
N LEU B 138 -3.38 -13.89 6.13
CA LEU B 138 -4.23 -14.52 7.13
C LEU B 138 -5.52 -15.03 6.49
N PHE B 139 -6.06 -14.25 5.55
CA PHE B 139 -7.29 -14.63 4.87
C PHE B 139 -7.08 -15.92 4.07
N HIS B 140 -5.96 -15.99 3.36
CA HIS B 140 -5.65 -17.18 2.57
C HIS B 140 -5.33 -18.36 3.47
N LEU B 141 -4.90 -18.07 4.69
CA LEU B 141 -4.57 -19.11 5.64
C LEU B 141 -5.79 -19.98 5.94
N ASP B 142 -6.95 -19.50 5.54
CA ASP B 142 -8.19 -20.24 5.77
C ASP B 142 -8.91 -20.50 4.44
N ASP B 143 -9.05 -21.77 4.09
CA ASP B 143 -9.72 -22.14 2.85
C ASP B 143 -11.09 -21.48 2.75
N ALA B 144 -11.58 -20.98 3.89
CA ALA B 144 -12.87 -20.32 3.92
C ALA B 144 -12.90 -19.12 2.98
N ASN B 145 -11.74 -18.51 2.78
CA ASN B 145 -11.63 -17.35 1.91
C ASN B 145 -13.01 -16.92 1.42
N GLN B 146 -13.45 -17.51 0.30
CA GLN B 146 -14.75 -17.17 -0.26
C GLN B 146 -14.79 -15.71 -0.70
N GLY B 147 -15.38 -14.86 0.13
CA GLY B 147 -15.48 -13.44 -0.18
C GLY B 147 -16.94 -13.01 -0.29
N PRO B 148 -17.49 -12.49 0.77
CA PRO B 148 -18.90 -12.02 0.80
C PRO B 148 -19.10 -10.73 0.01
N ASN B 149 -17.99 -10.11 -0.37
CA ASN B 149 -18.06 -8.87 -1.13
C ASN B 149 -18.49 -9.13 -2.57
N ALA B 150 -19.79 -9.31 -2.76
CA ALA B 150 -20.33 -9.57 -4.09
C ALA B 150 -20.25 -8.31 -4.96
N TRP B 151 -19.48 -8.39 -6.03
CA TRP B 151 -19.32 -7.25 -6.93
C TRP B 151 -20.62 -6.45 -7.01
N PRO B 152 -20.76 -5.48 -6.16
CA PRO B 152 -21.98 -4.62 -6.12
C PRO B 152 -22.04 -3.65 -7.29
N GLU B 153 -23.09 -2.86 -7.35
CA GLU B 153 -23.26 -1.89 -8.44
C GLU B 153 -22.38 -0.66 -8.20
N ARG B 154 -22.54 -0.04 -7.04
CA ARG B 154 -21.76 1.14 -6.70
C ARG B 154 -21.79 1.40 -5.20
N PHE B 155 -20.69 1.92 -4.67
CA PHE B 155 -20.60 2.21 -3.24
C PHE B 155 -19.51 3.25 -2.97
N ILE B 156 -19.56 3.86 -1.79
CA ILE B 156 -18.58 4.86 -1.41
C ILE B 156 -17.76 4.39 -0.21
N LEU B 157 -16.48 4.76 -0.18
CA LEU B 157 -15.61 4.37 0.92
C LEU B 157 -15.61 5.43 2.01
N VAL B 158 -15.82 5.01 3.25
CA VAL B 158 -15.84 5.94 4.38
C VAL B 158 -15.00 5.40 5.53
N ALA B 159 -13.75 5.83 5.59
CA ALA B 159 -12.84 5.38 6.65
C ALA B 159 -12.14 6.57 7.29
N ASP B 160 -11.78 6.42 8.56
CA ASP B 160 -11.10 7.49 9.28
C ASP B 160 -9.74 7.79 8.65
N GLU B 161 -9.12 6.76 8.09
CA GLU B 161 -7.82 6.92 7.46
C GLU B 161 -7.75 6.11 6.16
N LEU B 162 -7.61 6.81 5.04
CA LEU B 162 -7.54 6.15 3.74
C LEU B 162 -6.12 5.66 3.47
N SER B 163 -6.00 4.49 2.84
CA SER B 163 -4.70 3.93 2.53
C SER B 163 -4.75 3.16 1.22
N ALA B 164 -3.69 3.26 0.43
CA ALA B 164 -3.62 2.57 -0.85
C ALA B 164 -3.93 1.08 -0.67
N THR B 165 -3.48 0.52 0.45
CA THR B 165 -3.72 -0.89 0.73
C THR B 165 -5.21 -1.22 0.63
N THR B 166 -6.04 -0.31 1.13
CA THR B 166 -7.48 -0.52 1.09
C THR B 166 -7.99 -0.50 -0.34
N LEU B 167 -7.64 0.56 -1.07
CA LEU B 167 -8.06 0.69 -2.46
C LEU B 167 -7.52 -0.46 -3.30
N ALA B 168 -6.25 -0.79 -3.08
CA ALA B 168 -5.61 -1.88 -3.82
C ALA B 168 -6.23 -3.22 -3.43
N GLU B 169 -7.23 -3.18 -2.55
CA GLU B 169 -7.89 -4.40 -2.11
C GLU B 169 -9.30 -4.48 -2.70
N LEU B 170 -9.93 -3.32 -2.87
CA LEU B 170 -11.28 -3.29 -3.42
C LEU B 170 -11.26 -2.75 -4.85
N PRO B 171 -11.84 -3.49 -5.76
CA PRO B 171 -11.88 -3.10 -7.20
C PRO B 171 -12.34 -1.65 -7.39
N GLN B 172 -11.74 -0.97 -8.36
CA GLN B 172 -12.08 0.42 -8.63
C GLN B 172 -13.44 0.51 -9.31
N ASP B 173 -13.94 -0.63 -9.78
CA ASP B 173 -15.22 -0.67 -10.46
C ASP B 173 -16.36 -0.38 -9.47
N ARG B 174 -16.26 -0.95 -8.28
CA ARG B 174 -17.28 -0.74 -7.25
C ARG B 174 -16.98 0.54 -6.46
N LEU B 175 -15.72 0.93 -6.43
CA LEU B 175 -15.31 2.13 -5.71
C LEU B 175 -15.37 3.35 -6.62
N VAL B 176 -16.42 4.16 -6.46
CA VAL B 176 -16.58 5.36 -7.26
C VAL B 176 -16.70 6.60 -6.38
N GLY B 177 -16.10 6.53 -5.19
CA GLY B 177 -16.14 7.65 -4.26
C GLY B 177 -15.34 7.33 -3.00
N VAL B 178 -14.70 8.35 -2.44
CA VAL B 178 -13.91 8.17 -1.23
C VAL B 178 -14.06 9.37 -0.30
N VAL B 179 -14.09 9.11 1.00
CA VAL B 179 -14.24 10.18 1.98
C VAL B 179 -13.59 9.79 3.32
N VAL B 180 -12.55 10.51 3.69
CA VAL B 180 -11.86 10.23 4.95
C VAL B 180 -12.10 11.34 5.96
N ARG B 181 -11.93 11.02 7.23
CA ARG B 181 -12.14 12.00 8.29
C ARG B 181 -10.97 12.99 8.34
N ASP B 182 -9.76 12.48 8.12
CA ASP B 182 -8.57 13.32 8.14
C ASP B 182 -7.31 12.48 8.00
N GLY B 183 -7.34 11.29 8.59
CA GLY B 183 -6.19 10.40 8.52
C GLY B 183 -4.90 11.17 8.24
N ALA B 184 -4.43 11.12 7.00
CA ALA B 184 -3.22 11.82 6.63
C ALA B 184 -3.51 12.87 5.57
N ALA B 185 -3.03 14.09 5.80
CA ALA B 185 -3.25 15.18 4.84
C ALA B 185 -2.71 14.80 3.47
N ASN B 186 -1.52 14.21 3.45
CA ASN B 186 -0.90 13.81 2.20
C ASN B 186 -0.37 12.38 2.30
N SER B 187 -1.18 11.43 1.83
CA SER B 187 -0.78 10.02 1.87
C SER B 187 -0.64 9.47 0.46
N GLN B 188 0.11 8.38 0.33
CA GLN B 188 0.32 7.75 -0.97
C GLN B 188 -1.02 7.46 -1.65
N ALA B 189 -1.98 6.97 -0.86
CA ALA B 189 -3.29 6.65 -1.39
C ALA B 189 -3.99 7.91 -1.90
N ALA B 190 -3.90 8.98 -1.12
CA ALA B 190 -4.52 10.24 -1.50
C ALA B 190 -4.03 10.69 -2.87
N ILE B 191 -2.72 10.67 -3.06
CA ILE B 191 -2.13 11.07 -4.34
C ILE B 191 -2.51 10.09 -5.44
N MET B 192 -2.61 8.81 -5.08
CA MET B 192 -2.96 7.78 -6.04
C MET B 192 -4.40 7.96 -6.52
N VAL B 193 -5.31 8.22 -5.57
CA VAL B 193 -6.71 8.42 -5.90
C VAL B 193 -6.89 9.64 -6.79
N ARG B 194 -6.21 10.73 -6.44
CA ARG B 194 -6.30 11.97 -7.21
C ARG B 194 -5.82 11.73 -8.64
N ALA B 195 -4.71 11.03 -8.78
CA ALA B 195 -4.16 10.74 -10.10
C ALA B 195 -5.06 9.78 -10.86
N LEU B 196 -5.79 8.95 -10.13
CA LEU B 196 -6.69 7.98 -10.74
C LEU B 196 -7.87 8.69 -11.39
N GLY B 197 -8.21 9.86 -10.88
CA GLY B 197 -9.32 10.63 -11.42
C GLY B 197 -10.63 10.28 -10.72
N ILE B 198 -10.57 10.07 -9.42
CA ILE B 198 -11.75 9.72 -8.65
C ILE B 198 -12.00 10.74 -7.54
N PRO B 199 -13.15 11.35 -7.54
CA PRO B 199 -13.53 12.37 -6.53
C PRO B 199 -13.23 11.90 -5.11
N THR B 200 -12.63 12.78 -4.31
CA THR B 200 -12.29 12.45 -2.93
C THR B 200 -12.37 13.69 -2.04
N VAL B 201 -12.75 13.48 -0.78
CA VAL B 201 -12.86 14.59 0.16
C VAL B 201 -12.30 14.20 1.53
N MET B 202 -11.87 15.19 2.29
CA MET B 202 -11.31 14.94 3.62
C MET B 202 -11.85 15.95 4.62
N GLY B 203 -11.73 15.62 5.91
CA GLY B 203 -12.21 16.51 6.96
C GLY B 203 -13.61 16.14 7.39
N ALA B 204 -14.12 15.04 6.85
CA ALA B 204 -15.46 14.57 7.18
C ALA B 204 -15.55 14.22 8.67
N ASP B 205 -16.33 14.98 9.41
CA ASP B 205 -16.49 14.73 10.84
C ASP B 205 -17.85 14.07 11.12
N ILE B 206 -18.19 13.08 10.32
CA ILE B 206 -19.46 12.37 10.49
C ILE B 206 -19.23 10.92 10.88
N GLN B 207 -20.07 10.40 11.76
CA GLN B 207 -19.94 9.02 12.21
C GLN B 207 -20.42 8.06 11.13
N PRO B 208 -19.52 7.38 10.49
CA PRO B 208 -19.84 6.40 9.41
C PRO B 208 -20.96 5.45 9.81
N SER B 209 -21.00 5.11 11.11
CA SER B 209 -22.02 4.20 11.60
C SER B 209 -23.40 4.61 11.10
N VAL B 210 -23.69 5.91 11.15
CA VAL B 210 -24.98 6.41 10.70
C VAL B 210 -25.09 6.31 9.18
N LEU B 211 -23.95 6.45 8.49
CA LEU B 211 -23.94 6.36 7.04
C LEU B 211 -24.30 4.96 6.57
N HIS B 212 -23.92 3.96 7.37
CA HIS B 212 -24.21 2.57 7.03
C HIS B 212 -24.32 2.40 5.53
N ARG B 213 -25.53 2.57 5.00
CA ARG B 213 -25.75 2.43 3.57
C ARG B 213 -26.63 3.57 3.05
N ARG B 214 -26.68 4.66 3.80
CA ARG B 214 -27.50 5.81 3.42
C ARG B 214 -26.89 6.50 2.19
N THR B 215 -27.64 7.44 1.62
CA THR B 215 -27.16 8.16 0.44
C THR B 215 -26.19 9.26 0.84
N LEU B 216 -25.02 9.27 0.20
CA LEU B 216 -24.01 10.27 0.51
C LEU B 216 -23.45 10.87 -0.79
N ILE B 217 -23.70 12.16 -0.99
CA ILE B 217 -23.21 12.85 -2.18
C ILE B 217 -22.06 13.78 -1.84
N VAL B 218 -20.91 13.54 -2.46
CA VAL B 218 -19.73 14.36 -2.21
C VAL B 218 -19.43 15.25 -3.42
N ASP B 219 -18.85 16.41 -3.16
CA ASP B 219 -18.52 17.34 -4.23
C ASP B 219 -17.10 17.87 -4.07
N GLY B 220 -16.14 17.15 -4.62
CA GLY B 220 -14.74 17.54 -4.53
C GLY B 220 -14.56 19.00 -4.94
N TYR B 221 -15.21 19.38 -6.04
CA TYR B 221 -15.11 20.76 -6.52
C TYR B 221 -15.13 21.75 -5.36
N ARG B 222 -16.12 21.59 -4.48
CA ARG B 222 -16.23 22.48 -3.32
C ARG B 222 -16.09 21.68 -2.02
N GLY B 223 -15.55 20.47 -2.14
CA GLY B 223 -15.36 19.61 -0.97
C GLY B 223 -16.54 19.74 -0.01
N GLU B 224 -17.73 19.36 -0.48
CA GLU B 224 -18.92 19.44 0.34
C GLU B 224 -19.50 18.05 0.59
N LEU B 225 -20.01 17.83 1.79
CA LEU B 225 -20.58 16.54 2.14
C LEU B 225 -22.04 16.70 2.55
N LEU B 226 -22.93 15.96 1.88
CA LEU B 226 -24.35 16.03 2.18
C LEU B 226 -24.88 14.67 2.58
N VAL B 227 -25.91 14.66 3.43
CA VAL B 227 -26.51 13.41 3.88
C VAL B 227 -27.98 13.34 3.47
N ASP B 228 -28.31 12.34 2.66
CA ASP B 228 -29.69 12.18 2.20
C ASP B 228 -30.66 12.88 3.15
N PRO B 229 -30.63 14.18 3.16
CA PRO B 229 -31.52 15.00 4.03
C PRO B 229 -32.97 14.95 3.56
N GLU B 230 -33.69 16.06 3.76
CA GLU B 230 -35.09 16.14 3.36
C GLU B 230 -35.23 16.84 2.01
N PRO B 231 -36.42 17.21 1.65
CA PRO B 231 -36.71 17.90 0.37
C PRO B 231 -35.75 19.08 0.13
N VAL B 232 -35.18 19.59 1.20
CA VAL B 232 -34.25 20.71 1.10
C VAL B 232 -33.15 20.40 0.09
N LEU B 233 -32.79 19.12 -0.01
CA LEU B 233 -31.74 18.70 -0.94
C LEU B 233 -31.73 19.60 -2.17
N LEU B 234 -32.90 19.83 -2.74
CA LEU B 234 -33.01 20.67 -3.92
C LEU B 234 -32.71 22.13 -3.58
N GLN B 235 -33.18 22.56 -2.41
CA GLN B 235 -32.96 23.93 -1.97
C GLN B 235 -31.47 24.22 -1.83
N GLU B 236 -30.73 23.24 -1.32
CA GLU B 236 -29.29 23.40 -1.13
C GLU B 236 -28.60 23.56 -2.48
N TYR B 237 -28.94 22.69 -3.43
CA TYR B 237 -28.36 22.75 -4.76
C TYR B 237 -28.71 24.06 -5.45
N GLN B 238 -29.94 24.51 -5.25
CA GLN B 238 -30.39 25.76 -5.87
C GLN B 238 -29.48 26.90 -5.47
N ARG B 239 -29.06 26.93 -4.21
CA ARG B 239 -28.18 27.98 -3.72
C ARG B 239 -26.84 27.94 -4.45
N LEU B 240 -26.38 26.73 -4.77
CA LEU B 240 -25.11 26.57 -5.46
C LEU B 240 -25.23 27.01 -6.92
N ILE B 241 -26.35 26.64 -7.54
CA ILE B 241 -26.59 27.01 -8.94
C ILE B 241 -26.36 28.49 -9.14
N SER B 242 -26.76 29.29 -8.17
CA SER B 242 -26.59 30.74 -8.26
C SER B 242 -25.21 31.16 -7.74
N GLU B 243 -24.57 30.25 -7.01
CA GLU B 243 -23.25 30.54 -6.46
C GLU B 243 -22.21 29.55 -7.00
N GLU B 244 -22.57 28.88 -8.09
CA GLU B 244 -21.67 27.90 -8.69
C GLU B 244 -21.22 28.39 -10.08
N ILE B 245 -21.73 27.72 -11.11
CA ILE B 245 -21.38 28.09 -12.48
C ILE B 245 -22.52 28.86 -13.14
N GLU B 246 -22.97 28.36 -14.29
CA GLU B 246 -24.06 29.02 -15.01
C GLU B 246 -24.59 28.11 -16.11
N LEU B 247 -25.33 27.08 -15.71
CA LEU B 247 -25.90 26.14 -16.68
C LEU B 247 -27.15 26.73 -17.32
N SER B 248 -27.85 27.57 -16.58
CA SER B 248 -29.06 28.19 -17.08
C SER B 248 -28.85 29.69 -17.31
N ARG B 249 -29.23 30.50 -16.33
CA ARG B 249 -29.07 31.94 -16.44
C ARG B 249 -28.78 32.55 -15.07
N LEU B 250 -29.49 32.07 -14.05
CA LEU B 250 -29.31 32.58 -12.70
C LEU B 250 -30.23 31.86 -11.72
N ALA B 251 -31.32 32.53 -11.36
CA ALA B 251 -32.28 31.95 -10.43
C ALA B 251 -33.12 33.04 -9.76
N GLU B 252 -33.69 33.92 -10.58
CA GLU B 252 -34.50 35.01 -10.06
C GLU B 252 -33.81 35.69 -8.88
N ASP B 253 -34.12 35.23 -7.68
CA ASP B 253 -33.53 35.80 -6.47
C ASP B 253 -33.39 37.31 -6.60
N ASP B 254 -32.47 37.89 -5.84
CA ASP B 254 -32.25 39.33 -5.87
C ASP B 254 -33.57 40.08 -5.76
N VAL B 255 -34.58 39.42 -5.19
CA VAL B 255 -35.90 40.03 -5.04
C VAL B 255 -35.87 41.06 -3.92
N ASN B 256 -35.00 40.84 -2.93
CA ASN B 256 -34.90 41.76 -1.80
C ASN B 256 -33.61 42.58 -1.91
N MET A 1 37.69 -13.18 -6.29
CA MET A 1 37.45 -12.45 -5.01
C MET A 1 36.22 -11.58 -5.16
N THR A 2 35.89 -10.83 -4.10
CA THR A 2 34.74 -9.95 -4.12
C THR A 2 35.08 -8.62 -4.79
N VAL A 3 34.06 -7.92 -5.28
CA VAL A 3 34.28 -6.63 -5.94
C VAL A 3 33.30 -5.59 -5.40
N LYS A 4 33.84 -4.55 -4.79
CA LYS A 4 33.02 -3.48 -4.24
C LYS A 4 33.42 -2.13 -4.81
N GLN A 5 32.65 -1.10 -4.50
CA GLN A 5 32.93 0.25 -4.99
C GLN A 5 32.19 1.30 -4.16
N THR A 6 32.90 2.34 -3.76
CA THR A 6 32.29 3.40 -2.96
C THR A 6 31.49 4.34 -3.84
N VAL A 7 30.25 4.61 -3.45
CA VAL A 7 29.38 5.48 -4.21
C VAL A 7 28.73 6.53 -3.30
N GLU A 8 28.94 7.80 -3.61
CA GLU A 8 28.37 8.88 -2.81
C GLU A 8 26.90 9.10 -3.17
N ILE A 9 26.05 9.08 -2.16
CA ILE A 9 24.62 9.27 -2.37
C ILE A 9 24.27 10.75 -2.29
N THR A 10 24.02 11.37 -3.44
CA THR A 10 23.67 12.78 -3.49
C THR A 10 22.20 12.98 -3.21
N ASN A 11 21.74 12.50 -2.05
CA ASN A 11 20.34 12.62 -1.68
C ASN A 11 19.45 11.88 -2.66
N LYS A 12 20.02 10.89 -3.34
CA LYS A 12 19.27 10.11 -4.32
C LYS A 12 20.03 8.83 -4.67
N LEU A 13 19.62 7.72 -4.04
CA LEU A 13 20.26 6.44 -4.30
C LEU A 13 20.08 6.03 -5.76
N GLY A 14 19.32 6.81 -6.50
CA GLY A 14 19.06 6.52 -7.91
C GLY A 14 17.58 6.33 -8.17
N MET A 15 17.10 6.89 -9.28
CA MET A 15 15.69 6.77 -9.64
C MET A 15 14.81 6.94 -8.41
N HIS A 16 13.73 6.16 -8.34
CA HIS A 16 12.81 6.24 -7.21
C HIS A 16 12.57 4.85 -6.63
N ALA A 17 13.54 4.35 -5.88
CA ALA A 17 13.41 3.03 -5.27
C ALA A 17 13.56 1.94 -6.33
N ARG A 18 13.35 2.30 -7.58
CA ARG A 18 13.46 1.34 -8.68
C ARG A 18 14.76 0.55 -8.56
N PRO A 19 15.86 1.23 -8.40
CA PRO A 19 17.19 0.58 -8.27
C PRO A 19 17.19 -0.55 -7.26
N ALA A 20 16.69 -0.28 -6.06
CA ALA A 20 16.63 -1.28 -5.00
C ALA A 20 15.76 -2.45 -5.44
N MET A 21 14.60 -2.16 -6.00
CA MET A 21 13.69 -3.20 -6.47
C MET A 21 14.31 -3.97 -7.63
N LYS A 22 14.94 -3.25 -8.54
CA LYS A 22 15.58 -3.87 -9.71
C LYS A 22 16.70 -4.80 -9.26
N LEU A 23 17.43 -4.40 -8.23
CA LEU A 23 18.53 -5.21 -7.72
C LEU A 23 18.08 -6.65 -7.50
N PHE A 24 16.92 -6.81 -6.88
CA PHE A 24 16.38 -8.14 -6.61
C PHE A 24 16.23 -8.93 -7.90
N GLU A 25 15.81 -8.25 -8.96
CA GLU A 25 15.63 -8.89 -10.26
C GLU A 25 16.98 -9.16 -10.92
N LEU A 26 17.93 -8.26 -10.68
CA LEU A 26 19.27 -8.41 -11.25
C LEU A 26 19.99 -9.60 -10.63
N MET A 27 19.86 -9.74 -9.31
CA MET A 27 20.51 -10.85 -8.61
C MET A 27 20.07 -12.18 -9.20
N GLN A 28 18.84 -12.25 -9.66
CA GLN A 28 18.32 -13.48 -10.25
C GLN A 28 18.80 -13.64 -11.69
N GLY A 29 18.96 -12.51 -12.37
CA GLY A 29 19.42 -12.54 -13.76
C GLY A 29 20.93 -12.68 -13.82
N PHE A 30 21.62 -12.17 -12.81
CA PHE A 30 23.08 -12.25 -12.76
C PHE A 30 23.52 -13.25 -11.70
N ASP A 31 24.69 -13.86 -11.92
CA ASP A 31 25.20 -14.84 -10.98
C ASP A 31 26.19 -14.18 -10.01
N ALA A 32 25.69 -13.81 -8.84
CA ALA A 32 26.52 -13.17 -7.82
C ALA A 32 25.67 -12.53 -6.74
N GLU A 33 26.23 -12.39 -5.55
CA GLU A 33 25.51 -11.80 -4.43
C GLU A 33 25.88 -10.33 -4.26
N VAL A 34 24.88 -9.46 -4.17
CA VAL A 34 25.12 -8.04 -4.00
C VAL A 34 24.78 -7.61 -2.58
N LEU A 35 25.68 -6.86 -1.96
CA LEU A 35 25.47 -6.38 -0.60
C LEU A 35 25.81 -4.90 -0.49
N LEU A 36 24.97 -4.16 0.24
CA LEU A 36 25.19 -2.73 0.42
C LEU A 36 25.62 -2.43 1.85
N ARG A 37 26.41 -1.37 2.02
CA ARG A 37 26.88 -0.98 3.34
C ARG A 37 27.05 0.53 3.44
N ASN A 38 26.56 1.10 4.54
CA ASN A 38 26.65 2.54 4.73
C ASN A 38 27.94 2.89 5.48
N ASP A 39 28.39 4.13 5.32
CA ASP A 39 29.61 4.59 5.98
C ASP A 39 29.54 4.32 7.47
N GLU A 40 28.33 4.31 8.01
CA GLU A 40 28.15 4.07 9.44
C GLU A 40 28.53 2.63 9.80
N GLY A 41 28.73 1.81 8.77
CA GLY A 41 29.10 0.42 8.99
C GLY A 41 27.86 -0.48 9.03
N THR A 42 26.73 0.08 8.62
CA THR A 42 25.48 -0.68 8.62
C THR A 42 25.35 -1.49 7.32
N GLU A 43 25.31 -2.81 7.46
CA GLU A 43 25.20 -3.68 6.30
C GLU A 43 23.76 -3.72 5.80
N ALA A 44 23.48 -3.00 4.72
CA ALA A 44 22.14 -2.96 4.15
C ALA A 44 21.95 -4.08 3.14
N GLU A 45 21.99 -5.32 3.62
CA GLU A 45 21.82 -6.48 2.75
C GLU A 45 20.72 -6.21 1.72
N ALA A 46 21.09 -6.29 0.44
CA ALA A 46 20.13 -6.06 -0.63
C ALA A 46 19.02 -7.10 -0.59
N ASN A 47 19.21 -8.13 0.24
CA ASN A 47 18.21 -9.18 0.36
C ASN A 47 17.36 -8.98 1.61
N SER A 48 17.19 -7.72 2.00
CA SER A 48 16.40 -7.40 3.18
C SER A 48 15.69 -6.05 3.00
N VAL A 49 14.38 -6.07 3.12
CA VAL A 49 13.59 -4.85 2.96
C VAL A 49 13.95 -3.84 4.04
N ILE A 50 14.24 -4.34 5.24
CA ILE A 50 14.60 -3.47 6.35
C ILE A 50 15.87 -2.68 6.03
N ALA A 51 16.81 -3.34 5.35
CA ALA A 51 18.07 -2.69 5.00
C ALA A 51 17.82 -1.55 4.02
N LEU A 52 16.94 -1.79 3.04
CA LEU A 52 16.63 -0.78 2.05
C LEU A 52 16.08 0.48 2.71
N LEU A 53 15.29 0.29 3.76
CA LEU A 53 14.72 1.42 4.49
C LEU A 53 15.81 2.23 5.17
N MET A 54 16.82 1.54 5.68
CA MET A 54 17.92 2.20 6.36
C MET A 54 18.73 3.04 5.38
N LEU A 55 18.90 2.53 4.16
CA LEU A 55 19.66 3.23 3.14
C LEU A 55 18.99 4.57 2.81
N ASP A 56 17.66 4.57 2.82
CA ASP A 56 16.91 5.79 2.52
C ASP A 56 17.40 6.95 3.38
N SER A 57 17.78 6.64 4.62
CA SER A 57 18.27 7.67 5.54
C SER A 57 19.70 8.05 5.20
N ALA A 58 20.29 7.34 4.24
CA ALA A 58 21.66 7.63 3.84
C ALA A 58 21.69 8.76 2.81
N LYS A 59 20.72 9.65 2.89
CA LYS A 59 20.64 10.78 1.97
C LYS A 59 21.77 11.76 2.23
N GLY A 60 22.85 11.64 1.45
CA GLY A 60 23.99 12.53 1.59
C GLY A 60 25.15 11.79 2.26
N ARG A 61 24.98 10.49 2.48
CA ARG A 61 26.03 9.69 3.11
C ARG A 61 26.72 8.80 2.08
N GLN A 62 27.87 8.27 2.44
CA GLN A 62 28.61 7.39 1.54
C GLN A 62 28.34 5.93 1.86
N ILE A 63 28.28 5.09 0.83
CA ILE A 63 28.02 3.67 1.01
C ILE A 63 29.04 2.84 0.23
N GLU A 64 29.15 1.57 0.60
CA GLU A 64 30.09 0.67 -0.06
C GLU A 64 29.37 -0.56 -0.60
N VAL A 65 29.09 -0.55 -1.90
CA VAL A 65 28.40 -1.67 -2.53
C VAL A 65 29.38 -2.81 -2.83
N GLU A 66 29.03 -4.01 -2.38
CA GLU A 66 29.89 -5.17 -2.61
C GLU A 66 29.15 -6.23 -3.40
N ALA A 67 29.84 -6.85 -4.35
CA ALA A 67 29.24 -7.89 -5.17
C ALA A 67 30.20 -9.06 -5.36
N THR A 68 29.71 -10.27 -5.12
CA THR A 68 30.53 -11.47 -5.27
C THR A 68 29.89 -12.44 -6.23
N GLY A 69 30.67 -12.89 -7.21
CA GLY A 69 30.18 -13.84 -8.21
C GLY A 69 30.75 -13.53 -9.58
N PRO A 70 30.69 -14.49 -10.47
CA PRO A 70 31.23 -14.33 -11.86
C PRO A 70 30.76 -13.02 -12.50
N GLN A 71 29.48 -12.71 -12.35
CA GLN A 71 28.93 -11.48 -12.92
C GLN A 71 28.95 -10.36 -11.89
N GLU A 72 29.57 -10.62 -10.74
CA GLU A 72 29.66 -9.62 -9.68
C GLU A 72 29.86 -8.23 -10.27
N GLU A 73 30.66 -8.15 -11.33
CA GLU A 73 30.93 -6.87 -11.98
C GLU A 73 29.65 -6.29 -12.57
N GLU A 74 28.93 -7.11 -13.32
CA GLU A 74 27.68 -6.67 -13.94
C GLU A 74 26.71 -6.16 -12.88
N ALA A 75 26.50 -6.96 -11.84
CA ALA A 75 25.59 -6.58 -10.77
C ALA A 75 26.02 -5.25 -10.16
N LEU A 76 27.30 -5.13 -9.84
CA LEU A 76 27.83 -3.91 -9.24
C LEU A 76 27.73 -2.75 -10.23
N ALA A 77 28.10 -3.02 -11.49
CA ALA A 77 28.05 -1.98 -12.52
C ALA A 77 26.61 -1.51 -12.73
N ALA A 78 25.68 -2.46 -12.75
CA ALA A 78 24.27 -2.12 -12.94
C ALA A 78 23.79 -1.21 -11.83
N VAL A 79 24.16 -1.54 -10.59
CA VAL A 79 23.75 -0.74 -9.44
C VAL A 79 24.40 0.64 -9.49
N ILE A 80 25.66 0.68 -9.85
CA ILE A 80 26.40 1.95 -9.93
C ILE A 80 25.80 2.83 -11.03
N ALA A 81 25.47 2.22 -12.16
CA ALA A 81 24.89 2.96 -13.28
C ALA A 81 23.54 3.54 -12.89
N LEU A 82 22.79 2.80 -12.08
CA LEU A 82 21.47 3.25 -11.64
C LEU A 82 21.60 4.36 -10.62
N PHE A 83 22.59 4.23 -9.74
CA PHE A 83 22.82 5.23 -8.70
C PHE A 83 23.41 6.50 -9.30
N ASN A 84 24.05 6.36 -10.46
CA ASN A 84 24.65 7.51 -11.13
C ASN A 84 23.66 8.15 -12.09
N SER A 85 22.47 7.56 -12.18
CA SER A 85 21.43 8.09 -13.06
C SER A 85 21.79 7.82 -14.53
N ARG B 2 -24.97 17.54 4.92
CA ARG B 2 -24.78 18.96 5.38
C ARG B 2 -23.47 19.07 6.14
N ILE B 3 -22.59 18.10 5.95
CA ILE B 3 -21.30 18.10 6.63
C ILE B 3 -20.21 18.64 5.72
N ARG B 4 -19.51 19.67 6.19
CA ARG B 4 -18.43 20.27 5.40
C ARG B 4 -17.15 19.46 5.53
N ALA B 5 -16.78 18.78 4.44
CA ALA B 5 -15.57 17.97 4.45
C ALA B 5 -14.52 18.57 3.52
N LEU B 6 -13.26 18.23 3.77
CA LEU B 6 -12.16 18.76 2.95
C LEU B 6 -12.21 18.17 1.55
N PRO B 7 -12.37 19.01 0.56
CA PRO B 7 -12.43 18.57 -0.86
C PRO B 7 -11.07 18.13 -1.39
N ALA B 8 -10.93 16.84 -1.65
CA ALA B 8 -9.68 16.29 -2.17
C ALA B 8 -9.73 16.18 -3.69
N ALA B 9 -10.76 15.52 -4.19
CA ALA B 9 -10.91 15.35 -5.63
C ALA B 9 -12.23 15.96 -6.11
N PRO B 10 -12.15 17.05 -6.82
CA PRO B 10 -13.34 17.76 -7.35
C PRO B 10 -14.32 16.80 -8.03
N GLY B 11 -15.53 17.28 -8.28
CA GLY B 11 -16.55 16.46 -8.93
C GLY B 11 -17.61 16.01 -7.93
N VAL B 12 -18.63 15.31 -8.42
CA VAL B 12 -19.70 14.84 -7.56
C VAL B 12 -20.02 13.37 -7.87
N ALA B 13 -20.54 12.66 -6.87
CA ALA B 13 -20.89 11.26 -7.04
C ALA B 13 -22.07 10.89 -6.15
N ILE B 14 -22.89 9.95 -6.62
CA ILE B 14 -24.06 9.52 -5.86
C ILE B 14 -24.10 7.99 -5.78
N ALA B 15 -24.15 7.47 -4.56
CA ALA B 15 -24.19 6.02 -4.36
C ALA B 15 -24.19 5.69 -2.87
N GLU B 16 -24.30 4.40 -2.56
CA GLU B 16 -24.32 3.97 -1.17
C GLU B 16 -22.91 3.92 -0.61
N GLY B 17 -22.80 3.77 0.71
CA GLY B 17 -21.50 3.72 1.36
C GLY B 17 -21.09 2.28 1.66
N TRP B 18 -20.01 1.83 1.02
CA TRP B 18 -19.53 0.46 1.23
C TRP B 18 -18.30 0.47 2.13
N GLN B 19 -18.22 -0.52 3.02
CA GLN B 19 -17.09 -0.62 3.93
C GLN B 19 -16.14 -1.72 3.49
N ASP B 20 -14.84 -1.44 3.55
CA ASP B 20 -13.84 -2.41 3.14
C ASP B 20 -13.92 -3.66 4.00
N ALA B 21 -13.44 -4.78 3.47
CA ALA B 21 -13.46 -6.04 4.21
C ALA B 21 -12.32 -6.09 5.21
N THR B 22 -12.18 -5.03 6.00
CA THR B 22 -11.12 -4.96 7.00
C THR B 22 -11.64 -5.45 8.36
N LEU B 23 -11.11 -6.59 8.81
CA LEU B 23 -11.53 -7.15 10.08
C LEU B 23 -10.56 -6.74 11.19
N PRO B 24 -11.05 -6.60 12.40
CA PRO B 24 -10.23 -6.20 13.57
C PRO B 24 -8.94 -7.01 13.66
N LEU B 25 -7.92 -6.58 12.92
CA LEU B 25 -6.63 -7.26 12.92
C LEU B 25 -6.05 -7.29 14.32
N MET B 26 -6.73 -6.63 15.26
CA MET B 26 -6.25 -6.59 16.64
C MET B 26 -6.82 -7.76 17.43
N GLU B 27 -8.14 -7.88 17.44
CA GLU B 27 -8.80 -8.96 18.16
C GLU B 27 -8.61 -10.28 17.43
N GLN B 28 -8.17 -10.21 16.18
CA GLN B 28 -7.96 -11.42 15.39
C GLN B 28 -6.75 -12.19 15.91
N VAL B 29 -6.51 -12.10 17.21
CA VAL B 29 -5.38 -12.79 17.81
C VAL B 29 -5.84 -13.61 19.02
N TYR B 30 -5.67 -14.92 18.94
CA TYR B 30 -6.07 -15.80 20.03
C TYR B 30 -4.96 -16.79 20.37
N GLN B 31 -4.95 -17.26 21.61
CA GLN B 31 -3.93 -18.21 22.04
C GLN B 31 -4.27 -19.62 21.59
N ALA B 32 -3.24 -20.43 21.35
CA ALA B 32 -3.44 -21.80 20.90
C ALA B 32 -2.11 -22.50 20.65
N SER B 33 -1.85 -23.57 21.39
CA SER B 33 -0.60 -24.31 21.24
C SER B 33 -0.87 -25.70 20.68
N THR B 34 -0.45 -25.92 19.44
CA THR B 34 -0.64 -27.22 18.79
C THR B 34 0.26 -27.36 17.58
N LEU B 35 1.43 -27.98 17.78
CA LEU B 35 2.38 -28.18 16.70
C LEU B 35 1.70 -28.82 15.50
N ASP B 36 1.87 -28.23 14.33
CA ASP B 36 1.27 -28.74 13.11
C ASP B 36 2.03 -28.27 11.88
N PRO B 37 3.31 -28.52 11.85
CA PRO B 37 4.18 -28.11 10.72
C PRO B 37 3.57 -28.48 9.36
N ALA B 38 3.43 -29.78 9.12
CA ALA B 38 2.86 -30.24 7.85
C ALA B 38 1.68 -29.36 7.45
N LEU B 39 0.78 -29.10 8.39
CA LEU B 39 -0.38 -28.27 8.12
C LEU B 39 0.01 -26.80 8.07
N GLU B 40 0.89 -26.40 8.97
CA GLU B 40 1.35 -25.02 9.01
C GLU B 40 2.20 -24.70 7.80
N ARG B 41 3.35 -25.37 7.69
CA ARG B 41 4.25 -25.15 6.56
C ARG B 41 3.46 -25.08 5.25
N GLU B 42 2.63 -26.09 5.03
CA GLU B 42 1.82 -26.14 3.81
C GLU B 42 0.79 -25.02 3.81
N ARG B 43 0.23 -24.74 4.99
CA ARG B 43 -0.77 -23.69 5.12
C ARG B 43 -0.21 -22.36 4.64
N LEU B 44 0.99 -22.02 5.11
CA LEU B 44 1.63 -20.77 4.72
C LEU B 44 1.90 -20.76 3.22
N THR B 45 2.57 -21.79 2.74
CA THR B 45 2.88 -21.89 1.32
C THR B 45 1.61 -21.76 0.48
N GLY B 46 0.58 -22.52 0.86
CA GLY B 46 -0.69 -22.47 0.14
C GLY B 46 -1.33 -21.08 0.23
N ALA B 47 -1.19 -20.47 1.40
CA ALA B 47 -1.75 -19.14 1.61
C ALA B 47 -0.97 -18.09 0.81
N LEU B 48 0.36 -18.21 0.86
CA LEU B 48 1.22 -17.27 0.14
C LEU B 48 0.92 -17.31 -1.36
N GLU B 49 0.87 -18.52 -1.92
CA GLU B 49 0.59 -18.68 -3.33
C GLU B 49 -0.64 -17.88 -3.73
N GLU B 50 -1.60 -17.78 -2.81
CA GLU B 50 -2.82 -17.03 -3.07
C GLU B 50 -2.58 -15.53 -2.92
N ALA B 51 -1.69 -15.17 -2.00
CA ALA B 51 -1.36 -13.77 -1.77
C ALA B 51 -0.25 -13.32 -2.71
N ALA B 52 0.82 -14.11 -2.75
CA ALA B 52 1.96 -13.79 -3.60
C ALA B 52 1.51 -13.66 -5.05
N ASN B 53 0.81 -14.66 -5.55
CA ASN B 53 0.32 -14.65 -6.92
C ASN B 53 -0.66 -13.49 -7.13
N GLU B 54 -1.43 -13.18 -6.09
CA GLU B 54 -2.40 -12.10 -6.17
C GLU B 54 -1.69 -10.75 -6.25
N PHE B 55 -0.54 -10.65 -5.59
CA PHE B 55 0.23 -9.42 -5.60
C PHE B 55 0.73 -9.11 -7.01
N ARG B 56 1.26 -10.13 -7.67
CA ARG B 56 1.77 -9.96 -9.03
C ARG B 56 0.64 -9.59 -9.98
N ARG B 57 -0.53 -10.19 -9.77
CA ARG B 57 -1.68 -9.90 -10.62
C ARG B 57 -2.16 -8.47 -10.41
N TYR B 58 -1.97 -7.96 -9.20
CA TYR B 58 -2.39 -6.60 -8.87
C TYR B 58 -1.59 -5.59 -9.69
N SER B 59 -0.27 -5.60 -9.50
CA SER B 59 0.60 -4.68 -10.23
C SER B 59 0.26 -4.70 -11.72
N LYS B 60 0.13 -5.90 -12.28
CA LYS B 60 -0.19 -6.04 -13.70
C LYS B 60 -1.50 -5.33 -14.02
N ARG B 61 -2.45 -5.41 -13.09
CA ARG B 61 -3.75 -4.78 -13.29
C ARG B 61 -3.61 -3.26 -13.27
N PHE B 62 -2.81 -2.76 -12.34
CA PHE B 62 -2.59 -1.32 -12.21
C PHE B 62 -1.83 -0.79 -13.42
N ALA B 63 -0.78 -1.51 -13.81
CA ALA B 63 0.03 -1.10 -14.95
C ALA B 63 -0.84 -0.92 -16.19
N ALA B 64 -1.96 -1.63 -16.23
CA ALA B 64 -2.88 -1.55 -17.37
C ALA B 64 -3.40 -0.12 -17.52
N GLY B 65 -3.35 0.64 -16.44
CA GLY B 65 -3.83 2.02 -16.46
C GLY B 65 -3.33 2.79 -15.25
N ALA B 66 -4.25 3.19 -14.38
CA ALA B 66 -3.88 3.94 -13.19
C ALA B 66 -2.52 4.62 -13.37
N GLN B 67 -1.72 4.60 -12.32
CA GLN B 67 -0.39 5.20 -12.38
C GLN B 67 0.70 4.14 -12.32
N LYS B 68 1.86 4.46 -12.85
CA LYS B 68 2.98 3.52 -12.85
C LYS B 68 3.54 3.36 -11.44
N GLU B 69 3.25 4.32 -10.59
CA GLU B 69 3.74 4.29 -9.21
C GLU B 69 3.17 3.07 -8.48
N THR B 70 1.88 2.83 -8.65
CA THR B 70 1.22 1.70 -8.01
C THR B 70 1.89 0.39 -8.42
N ALA B 71 1.99 0.17 -9.74
CA ALA B 71 2.61 -1.05 -10.26
C ALA B 71 3.98 -1.26 -9.61
N ALA B 72 4.76 -0.19 -9.52
CA ALA B 72 6.09 -0.28 -8.93
C ALA B 72 6.00 -0.71 -7.47
N ILE B 73 4.90 -0.33 -6.81
CA ILE B 73 4.72 -0.67 -5.41
C ILE B 73 4.44 -2.16 -5.26
N PHE B 74 3.31 -2.60 -5.80
CA PHE B 74 2.93 -4.02 -5.72
C PHE B 74 4.05 -4.89 -6.27
N ASP B 75 4.40 -4.66 -7.53
CA ASP B 75 5.46 -5.44 -8.17
C ASP B 75 6.66 -5.58 -7.25
N LEU B 76 6.98 -4.50 -6.53
CA LEU B 76 8.11 -4.52 -5.62
C LEU B 76 7.79 -5.37 -4.39
N TYR B 77 6.54 -5.29 -3.94
CA TYR B 77 6.12 -6.05 -2.77
C TYR B 77 6.01 -7.54 -3.11
N SER B 78 5.59 -7.83 -4.33
CA SER B 78 5.45 -9.20 -4.78
C SER B 78 6.69 -10.02 -4.43
N HIS B 79 7.85 -9.53 -4.85
CA HIS B 79 9.11 -10.21 -4.57
C HIS B 79 9.52 -10.02 -3.12
N LEU B 80 9.22 -8.84 -2.58
CA LEU B 80 9.55 -8.53 -1.20
C LEU B 80 8.82 -9.47 -0.24
N LEU B 81 7.54 -9.70 -0.52
CA LEU B 81 6.74 -10.57 0.32
C LEU B 81 7.14 -12.04 0.12
N SER B 82 7.34 -12.42 -1.14
CA SER B 82 7.72 -13.79 -1.46
C SER B 82 9.14 -14.07 -0.98
N ASP B 83 9.85 -13.01 -0.59
CA ASP B 83 11.22 -13.17 -0.10
C ASP B 83 11.31 -14.32 0.89
N THR B 84 12.24 -15.24 0.63
CA THR B 84 12.42 -16.38 1.52
C THR B 84 12.75 -15.93 2.93
N ARG B 85 12.78 -14.62 3.14
CA ARG B 85 13.08 -14.06 4.46
C ARG B 85 11.80 -13.99 5.30
N LEU B 86 10.75 -13.43 4.72
CA LEU B 86 9.48 -13.29 5.44
C LEU B 86 8.81 -14.66 5.59
N ARG B 87 8.76 -15.41 4.49
CA ARG B 87 8.14 -16.73 4.52
C ARG B 87 8.83 -17.64 5.54
N ARG B 88 10.14 -17.78 5.40
CA ARG B 88 10.92 -18.62 6.31
C ARG B 88 10.72 -18.16 7.75
N GLU B 89 10.71 -16.84 7.95
CA GLU B 89 10.52 -16.28 9.29
C GLU B 89 9.26 -16.84 9.93
N LEU B 90 8.17 -16.85 9.17
CA LEU B 90 6.90 -17.35 9.69
C LEU B 90 7.04 -18.80 10.16
N PHE B 91 7.46 -19.68 9.24
CA PHE B 91 7.63 -21.09 9.57
C PHE B 91 8.59 -21.25 10.75
N ALA B 92 9.54 -20.32 10.87
CA ALA B 92 10.51 -20.38 11.95
C ALA B 92 9.81 -20.31 13.31
N GLU B 93 8.82 -19.45 13.42
CA GLU B 93 8.07 -19.29 14.66
C GLU B 93 7.32 -20.58 14.99
N VAL B 94 6.78 -21.23 13.97
CA VAL B 94 6.04 -22.47 14.16
C VAL B 94 6.97 -23.58 14.63
N ASP B 95 8.19 -23.60 14.11
CA ASP B 95 9.15 -24.62 14.50
C ASP B 95 9.44 -24.54 16.00
N LYS B 96 9.02 -23.45 16.62
CA LYS B 96 9.25 -23.27 18.05
C LYS B 96 8.05 -23.79 18.84
N GLY B 97 6.92 -23.94 18.17
CA GLY B 97 5.71 -24.43 18.82
C GLY B 97 4.57 -23.43 18.68
N SER B 98 4.72 -22.52 17.72
CA SER B 98 3.68 -21.50 17.49
C SER B 98 2.84 -21.86 16.27
N VAL B 99 1.71 -21.18 16.12
CA VAL B 99 0.82 -21.44 14.99
C VAL B 99 0.94 -20.34 13.96
N ALA B 100 0.62 -20.67 12.71
CA ALA B 100 0.71 -19.70 11.62
C ALA B 100 -0.16 -18.48 11.93
N GLU B 101 -1.38 -18.71 12.39
CA GLU B 101 -2.29 -17.63 12.72
C GLU B 101 -1.55 -16.51 13.45
N TRP B 102 -1.04 -16.81 14.63
CA TRP B 102 -0.31 -15.83 15.43
C TRP B 102 1.01 -15.48 14.75
N ALA B 103 1.72 -16.51 14.28
CA ALA B 103 3.00 -16.29 13.61
C ALA B 103 2.88 -15.23 12.52
N VAL B 104 1.84 -15.36 11.69
CA VAL B 104 1.63 -14.41 10.61
C VAL B 104 1.44 -13.01 11.17
N LYS B 105 0.69 -12.89 12.26
CA LYS B 105 0.44 -11.60 12.88
C LYS B 105 1.66 -11.15 13.68
N THR B 106 2.21 -12.06 14.47
CA THR B 106 3.38 -11.73 15.28
C THR B 106 4.53 -11.26 14.40
N VAL B 107 4.91 -12.09 13.44
CA VAL B 107 6.00 -11.75 12.54
C VAL B 107 5.79 -10.36 11.94
N ILE B 108 4.63 -10.16 11.30
CA ILE B 108 4.31 -8.89 10.69
C ILE B 108 4.42 -7.75 11.71
N GLU B 109 3.99 -8.04 12.94
CA GLU B 109 4.03 -7.04 14.00
C GLU B 109 5.45 -6.89 14.53
N LYS B 110 6.20 -7.98 14.54
CA LYS B 110 7.58 -7.96 15.01
C LYS B 110 8.48 -7.25 14.01
N PHE B 111 8.15 -7.39 12.73
CA PHE B 111 8.94 -6.75 11.68
C PHE B 111 8.47 -5.33 11.43
N ALA B 112 7.27 -5.02 11.93
CA ALA B 112 6.71 -3.67 11.76
C ALA B 112 7.38 -2.69 12.71
N GLU B 113 7.65 -3.14 13.93
CA GLU B 113 8.30 -2.30 14.93
C GLU B 113 9.81 -2.34 14.77
N GLN B 114 10.32 -3.46 14.29
CA GLN B 114 11.76 -3.62 14.10
C GLN B 114 12.28 -2.58 13.12
N PHE B 115 11.62 -2.46 11.98
CA PHE B 115 12.02 -1.49 10.96
C PHE B 115 11.38 -0.14 11.23
N ALA B 116 10.20 -0.16 11.85
CA ALA B 116 9.49 1.07 12.15
C ALA B 116 10.31 1.95 13.09
N ALA B 117 11.33 1.36 13.69
CA ALA B 117 12.19 2.09 14.61
C ALA B 117 13.08 3.08 13.85
N LEU B 118 13.11 2.94 12.53
CA LEU B 118 13.92 3.81 11.70
C LEU B 118 13.30 5.19 11.61
N SER B 119 14.01 6.12 10.98
CA SER B 119 13.51 7.49 10.82
C SER B 119 13.21 7.79 9.36
N ASP B 120 13.91 7.10 8.46
CA ASP B 120 13.71 7.30 7.03
C ASP B 120 12.23 7.44 6.71
N ASN B 121 11.88 8.49 5.99
CA ASN B 121 10.49 8.72 5.63
C ASN B 121 9.93 7.53 4.84
N TYR B 122 10.67 7.10 3.82
CA TYR B 122 10.25 5.98 3.00
C TYR B 122 9.80 4.82 3.89
N LEU B 123 10.32 4.78 5.11
CA LEU B 123 9.98 3.72 6.05
C LEU B 123 8.58 3.94 6.62
N LYS B 124 8.31 5.19 7.02
CA LYS B 124 7.00 5.53 7.59
C LYS B 124 5.89 5.02 6.68
N GLU B 125 6.03 5.25 5.38
CA GLU B 125 5.03 4.81 4.42
C GLU B 125 5.08 3.30 4.25
N ARG B 126 6.26 2.72 4.47
CA ARG B 126 6.44 1.29 4.34
C ARG B 126 5.55 0.55 5.35
N ALA B 127 5.51 1.05 6.56
CA ALA B 127 4.69 0.44 7.61
C ALA B 127 3.26 0.27 7.12
N GLY B 128 2.68 1.33 6.58
CA GLY B 128 1.32 1.28 6.08
C GLY B 128 1.12 0.09 5.15
N ASP B 129 2.09 -0.11 4.26
CA ASP B 129 2.02 -1.23 3.31
C ASP B 129 2.15 -2.55 4.05
N LEU B 130 3.07 -2.61 5.01
CA LEU B 130 3.27 -3.82 5.78
C LEU B 130 1.99 -4.24 6.49
N ARG B 131 1.39 -3.28 7.20
CA ARG B 131 0.14 -3.55 7.92
C ARG B 131 -0.89 -4.15 6.97
N ALA B 132 -0.99 -3.56 5.79
CA ALA B 132 -1.96 -4.05 4.80
C ALA B 132 -1.61 -5.47 4.36
N LEU B 133 -0.31 -5.74 4.21
CA LEU B 133 0.14 -7.06 3.81
C LEU B 133 -0.33 -8.10 4.81
N GLY B 134 -0.21 -7.78 6.10
CA GLY B 134 -0.64 -8.70 7.15
C GLY B 134 -2.13 -8.95 7.08
N GLN B 135 -2.89 -7.87 6.87
CA GLN B 135 -4.34 -7.98 6.78
C GLN B 135 -4.74 -8.94 5.66
N ARG B 136 -4.03 -8.85 4.54
CA ARG B 136 -4.31 -9.72 3.39
C ARG B 136 -3.78 -11.12 3.66
N LEU B 137 -2.60 -11.20 4.25
CA LEU B 137 -1.99 -12.49 4.55
C LEU B 137 -2.86 -13.26 5.55
N LEU B 138 -3.36 -12.55 6.56
CA LEU B 138 -4.21 -13.18 7.57
C LEU B 138 -5.55 -13.57 6.98
N PHE B 139 -6.04 -12.76 6.04
CA PHE B 139 -7.31 -13.04 5.40
C PHE B 139 -7.22 -14.30 4.55
N HIS B 140 -6.10 -14.46 3.85
CA HIS B 140 -5.89 -15.62 2.99
C HIS B 140 -5.64 -16.86 3.85
N LEU B 141 -5.15 -16.64 5.06
CA LEU B 141 -4.87 -17.75 5.97
C LEU B 141 -6.17 -18.40 6.44
N ASP B 142 -7.29 -17.78 6.11
CA ASP B 142 -8.59 -18.31 6.50
C ASP B 142 -9.59 -18.16 5.36
N ASP B 143 -9.44 -19.00 4.34
CA ASP B 143 -10.34 -18.96 3.19
C ASP B 143 -11.78 -19.20 3.63
N ALA B 144 -11.95 -19.67 4.86
CA ALA B 144 -13.29 -19.94 5.39
C ALA B 144 -14.13 -18.67 5.37
N ASN B 145 -13.48 -17.53 5.54
CA ASN B 145 -14.19 -16.25 5.54
C ASN B 145 -14.97 -16.07 4.24
N GLN B 146 -14.66 -15.00 3.52
CA GLN B 146 -15.35 -14.73 2.26
C GLN B 146 -14.41 -14.97 1.08
N GLY B 147 -14.40 -16.19 0.57
CA GLY B 147 -13.55 -16.54 -0.56
C GLY B 147 -13.82 -15.62 -1.75
N PRO B 148 -15.04 -15.60 -2.21
CA PRO B 148 -15.46 -14.76 -3.37
C PRO B 148 -15.52 -13.27 -3.00
N ASN B 149 -15.07 -12.43 -3.92
CA ASN B 149 -15.09 -10.99 -3.69
C ASN B 149 -16.07 -10.30 -4.64
N ALA B 150 -17.11 -11.03 -5.04
CA ALA B 150 -18.10 -10.47 -5.96
C ALA B 150 -18.34 -9.00 -5.66
N TRP B 151 -17.69 -8.13 -6.41
CA TRP B 151 -17.83 -6.69 -6.22
C TRP B 151 -19.11 -6.19 -6.89
N PRO B 152 -19.72 -5.19 -6.33
CA PRO B 152 -20.98 -4.60 -6.87
C PRO B 152 -20.72 -3.78 -8.14
N GLU B 153 -21.80 -3.33 -8.77
CA GLU B 153 -21.68 -2.54 -9.99
C GLU B 153 -21.36 -1.08 -9.65
N ARG B 154 -21.76 -0.66 -8.46
CA ARG B 154 -21.51 0.72 -8.02
C ARG B 154 -21.49 0.79 -6.50
N PHE B 155 -20.70 1.74 -5.97
CA PHE B 155 -20.60 1.90 -4.53
C PHE B 155 -19.51 2.91 -4.20
N ILE B 156 -19.50 3.37 -2.94
CA ILE B 156 -18.50 4.33 -2.50
C ILE B 156 -17.60 3.72 -1.42
N LEU B 157 -16.30 3.98 -1.52
CA LEU B 157 -15.35 3.45 -0.54
C LEU B 157 -15.38 4.29 0.73
N VAL B 158 -15.68 3.63 1.85
CA VAL B 158 -15.73 4.33 3.13
C VAL B 158 -14.68 3.77 4.08
N ALA B 159 -13.70 4.60 4.43
CA ALA B 159 -12.64 4.17 5.33
C ALA B 159 -12.09 5.37 6.11
N ASP B 160 -11.49 5.09 7.26
CA ASP B 160 -10.92 6.15 8.09
C ASP B 160 -9.71 6.77 7.41
N GLU B 161 -9.10 6.02 6.49
CA GLU B 161 -7.93 6.51 5.77
C GLU B 161 -7.80 5.81 4.42
N LEU B 162 -7.08 6.44 3.50
CA LEU B 162 -6.88 5.86 2.17
C LEU B 162 -5.58 5.08 2.12
N SER B 163 -5.67 3.83 1.68
CA SER B 163 -4.50 2.97 1.59
C SER B 163 -4.37 2.39 0.19
N ALA B 164 -3.17 2.48 -0.38
CA ALA B 164 -2.93 1.95 -1.72
C ALA B 164 -3.26 0.47 -1.78
N THR B 165 -2.84 -0.27 -0.76
CA THR B 165 -3.09 -1.70 -0.70
C THR B 165 -4.59 -1.98 -0.59
N THR B 166 -5.29 -1.11 0.13
CA THR B 166 -6.73 -1.27 0.31
C THR B 166 -7.46 -1.05 -1.00
N LEU B 167 -7.20 0.09 -1.63
CA LEU B 167 -7.84 0.42 -2.90
C LEU B 167 -7.58 -0.68 -3.92
N ALA B 168 -6.45 -1.37 -3.79
CA ALA B 168 -6.11 -2.44 -4.71
C ALA B 168 -6.94 -3.69 -4.41
N GLU B 169 -7.97 -3.52 -3.60
CA GLU B 169 -8.84 -4.64 -3.24
C GLU B 169 -10.13 -4.61 -4.07
N LEU B 170 -10.56 -3.41 -4.42
CA LEU B 170 -11.78 -3.24 -5.20
C LEU B 170 -11.46 -2.66 -6.57
N PRO B 171 -12.19 -3.06 -7.58
CA PRO B 171 -12.00 -2.57 -8.97
C PRO B 171 -12.46 -1.14 -9.15
N GLN B 172 -11.92 -0.46 -10.17
CA GLN B 172 -12.30 0.92 -10.43
C GLN B 172 -13.71 1.00 -11.00
N ASP B 173 -14.19 -0.12 -11.55
CA ASP B 173 -15.52 -0.17 -12.13
C ASP B 173 -16.57 0.12 -11.06
N ARG B 174 -16.43 -0.53 -9.90
CA ARG B 174 -17.37 -0.32 -8.81
C ARG B 174 -17.02 0.93 -8.01
N LEU B 175 -15.77 1.34 -8.09
CA LEU B 175 -15.32 2.53 -7.38
C LEU B 175 -15.81 3.80 -8.09
N VAL B 176 -16.85 4.42 -7.53
CA VAL B 176 -17.41 5.62 -8.12
C VAL B 176 -17.36 6.78 -7.11
N GLY B 177 -16.50 6.65 -6.10
CA GLY B 177 -16.37 7.68 -5.09
C GLY B 177 -15.67 7.13 -3.84
N VAL B 178 -15.15 8.05 -3.02
CA VAL B 178 -14.45 7.64 -1.80
C VAL B 178 -14.71 8.64 -0.68
N VAL B 179 -14.67 8.18 0.55
CA VAL B 179 -14.90 9.04 1.71
C VAL B 179 -14.02 8.62 2.88
N VAL B 180 -13.14 9.52 3.30
CA VAL B 180 -12.24 9.22 4.41
C VAL B 180 -12.51 10.18 5.57
N ARG B 181 -12.22 9.71 6.79
CA ARG B 181 -12.43 10.53 7.97
C ARG B 181 -11.27 11.50 8.17
N ASP B 182 -10.06 11.03 7.90
CA ASP B 182 -8.88 11.86 8.04
C ASP B 182 -7.81 11.48 7.01
N GLY B 183 -6.93 10.57 7.40
CA GLY B 183 -5.86 10.12 6.50
C GLY B 183 -5.07 11.31 5.97
N ALA B 184 -3.82 11.05 5.60
CA ALA B 184 -2.96 12.11 5.08
C ALA B 184 -3.32 12.43 3.62
N ALA B 185 -3.44 13.72 3.32
CA ALA B 185 -3.78 14.14 1.97
C ALA B 185 -2.56 14.07 1.06
N ASN B 186 -1.39 13.92 1.66
CA ASN B 186 -0.15 13.82 0.89
C ASN B 186 0.27 12.37 0.73
N SER B 187 -0.55 11.46 1.22
CA SER B 187 -0.26 10.04 1.12
C SER B 187 -0.37 9.55 -0.32
N GLN B 188 0.33 8.49 -0.65
CA GLN B 188 0.31 7.94 -2.00
C GLN B 188 -1.12 7.60 -2.41
N ALA B 189 -1.87 7.01 -1.49
CA ALA B 189 -3.25 6.64 -1.76
C ALA B 189 -4.09 7.88 -2.08
N ALA B 190 -3.92 8.92 -1.27
CA ALA B 190 -4.66 10.17 -1.47
C ALA B 190 -4.35 10.75 -2.84
N ILE B 191 -3.08 10.71 -3.23
CA ILE B 191 -2.66 11.24 -4.52
C ILE B 191 -3.10 10.32 -5.65
N MET B 192 -3.17 9.03 -5.35
CA MET B 192 -3.57 8.05 -6.36
C MET B 192 -5.00 8.33 -6.84
N VAL B 193 -5.90 8.56 -5.90
CA VAL B 193 -7.29 8.84 -6.24
C VAL B 193 -7.41 10.19 -6.93
N ARG B 194 -6.76 11.20 -6.35
CA ARG B 194 -6.80 12.54 -6.92
C ARG B 194 -6.25 12.53 -8.35
N ALA B 195 -5.11 11.87 -8.54
CA ALA B 195 -4.50 11.79 -9.86
C ALA B 195 -5.36 10.95 -10.80
N LEU B 196 -6.19 10.08 -10.22
CA LEU B 196 -7.06 9.23 -11.03
C LEU B 196 -8.23 10.03 -11.58
N GLY B 197 -8.65 11.05 -10.85
CA GLY B 197 -9.76 11.89 -11.28
C GLY B 197 -11.09 11.35 -10.75
N ILE B 198 -11.07 10.85 -9.51
CA ILE B 198 -12.28 10.30 -8.90
C ILE B 198 -12.68 11.13 -7.68
N PRO B 199 -13.89 11.61 -7.68
CA PRO B 199 -14.42 12.43 -6.55
C PRO B 199 -14.13 11.80 -5.19
N THR B 200 -13.64 12.60 -4.25
CA THR B 200 -13.32 12.10 -2.92
C THR B 200 -13.31 13.24 -1.91
N VAL B 201 -13.80 12.97 -0.71
CA VAL B 201 -13.84 13.99 0.34
C VAL B 201 -13.28 13.43 1.64
N MET B 202 -12.70 14.31 2.45
CA MET B 202 -12.13 13.90 3.74
C MET B 202 -12.70 14.74 4.87
N GLY B 203 -12.50 14.28 6.10
CA GLY B 203 -12.99 15.01 7.27
C GLY B 203 -14.31 14.42 7.76
N ALA B 204 -14.85 13.48 7.00
CA ALA B 204 -16.12 12.84 7.36
C ALA B 204 -16.02 12.25 8.76
N ASP B 205 -16.76 12.83 9.70
CA ASP B 205 -16.76 12.35 11.07
C ASP B 205 -17.91 11.36 11.30
N ILE B 206 -18.20 10.57 10.27
CA ILE B 206 -19.28 9.58 10.36
C ILE B 206 -18.72 8.16 10.30
N GLN B 207 -19.09 7.34 11.28
CA GLN B 207 -18.62 5.96 11.32
C GLN B 207 -19.17 5.17 10.13
N PRO B 208 -18.44 4.18 9.69
CA PRO B 208 -18.86 3.32 8.55
C PRO B 208 -19.99 2.37 8.92
N SER B 209 -20.17 2.14 10.22
CA SER B 209 -21.22 1.25 10.70
C SER B 209 -22.59 1.79 10.31
N VAL B 210 -22.76 3.11 10.44
CA VAL B 210 -24.02 3.73 10.10
C VAL B 210 -24.19 3.82 8.59
N LEU B 211 -23.09 4.02 7.88
CA LEU B 211 -23.14 4.11 6.43
C LEU B 211 -23.49 2.76 5.81
N HIS B 212 -23.08 1.69 6.48
CA HIS B 212 -23.37 0.34 5.99
C HIS B 212 -23.61 0.36 4.49
N ARG B 213 -24.83 0.71 4.09
CA ARG B 213 -25.18 0.75 2.68
C ARG B 213 -26.20 1.86 2.42
N ARG B 214 -26.25 2.84 3.32
CA ARG B 214 -27.19 3.95 3.17
C ARG B 214 -26.80 4.83 1.98
N THR B 215 -27.64 5.81 1.68
CA THR B 215 -27.38 6.70 0.56
C THR B 215 -26.36 7.77 0.96
N LEU B 216 -25.27 7.85 0.20
CA LEU B 216 -24.23 8.83 0.48
C LEU B 216 -24.04 9.77 -0.70
N ILE B 217 -24.34 11.05 -0.50
CA ILE B 217 -24.20 12.02 -1.57
C ILE B 217 -23.00 12.94 -1.31
N VAL B 218 -21.89 12.64 -2.00
CA VAL B 218 -20.68 13.44 -1.83
C VAL B 218 -20.52 14.42 -2.98
N ASP B 219 -19.99 15.61 -2.68
CA ASP B 219 -19.79 16.63 -3.70
C ASP B 219 -18.37 17.16 -3.66
N GLY B 220 -17.46 16.45 -4.33
CA GLY B 220 -16.06 16.86 -4.36
C GLY B 220 -15.95 18.36 -4.64
N TYR B 221 -16.71 18.84 -5.62
CA TYR B 221 -16.69 20.25 -5.97
C TYR B 221 -16.97 21.12 -4.75
N ARG B 222 -18.09 20.84 -4.09
CA ARG B 222 -18.48 21.60 -2.91
C ARG B 222 -17.92 20.95 -1.65
N GLY B 223 -17.24 19.83 -1.82
CA GLY B 223 -16.66 19.10 -0.70
C GLY B 223 -17.65 19.03 0.46
N GLU B 224 -18.84 18.50 0.19
CA GLU B 224 -19.86 18.38 1.22
C GLU B 224 -20.42 16.95 1.25
N LEU B 225 -20.98 16.58 2.39
CA LEU B 225 -21.55 15.23 2.54
C LEU B 225 -22.99 15.32 3.05
N LEU B 226 -23.89 14.64 2.35
CA LEU B 226 -25.30 14.64 2.74
C LEU B 226 -25.80 13.22 2.95
N VAL B 227 -26.69 13.05 3.93
CA VAL B 227 -27.24 11.74 4.23
C VAL B 227 -28.74 11.71 3.97
N ASP B 228 -29.17 10.77 3.12
CA ASP B 228 -30.59 10.65 2.79
C ASP B 228 -31.34 11.91 3.20
N PRO B 229 -31.00 13.03 2.62
CA PRO B 229 -31.65 14.33 2.92
C PRO B 229 -33.06 14.43 2.34
N GLU B 230 -33.78 15.47 2.73
CA GLU B 230 -35.14 15.66 2.24
C GLU B 230 -35.19 15.49 0.72
N PRO B 231 -36.31 15.05 0.22
CA PRO B 231 -36.51 14.84 -1.24
C PRO B 231 -36.62 16.15 -2.00
N VAL B 232 -37.13 17.18 -1.34
CA VAL B 232 -37.28 18.49 -1.95
C VAL B 232 -35.92 19.17 -2.11
N LEU B 233 -35.11 19.10 -1.06
CA LEU B 233 -33.79 19.71 -1.08
C LEU B 233 -33.03 19.30 -2.34
N LEU B 234 -32.97 18.00 -2.58
CA LEU B 234 -32.27 17.47 -3.75
C LEU B 234 -33.01 17.85 -5.03
N GLN B 235 -34.33 17.98 -4.92
CA GLN B 235 -35.14 18.34 -6.08
C GLN B 235 -34.67 19.66 -6.68
N GLU B 236 -34.75 20.72 -5.89
CA GLU B 236 -34.32 22.04 -6.36
C GLU B 236 -32.83 22.04 -6.66
N TYR B 237 -32.06 21.29 -5.87
CA TYR B 237 -30.62 21.22 -6.08
C TYR B 237 -30.29 21.04 -7.56
N GLN B 238 -31.06 20.18 -8.23
CA GLN B 238 -30.85 19.93 -9.64
C GLN B 238 -31.31 21.11 -10.49
N ARG B 239 -32.33 21.81 -10.00
CA ARG B 239 -32.86 22.96 -10.71
C ARG B 239 -31.91 24.16 -10.58
N LEU B 240 -31.33 24.32 -9.40
CA LEU B 240 -30.41 25.41 -9.16
C LEU B 240 -29.14 25.25 -9.98
N ILE B 241 -28.68 24.01 -10.11
CA ILE B 241 -27.48 23.73 -10.87
C ILE B 241 -27.72 23.98 -12.36
N SER B 242 -28.95 23.76 -12.80
CA SER B 242 -29.29 23.98 -14.20
C SER B 242 -29.74 25.41 -14.43
N GLU B 243 -30.13 26.09 -13.36
CA GLU B 243 -30.57 27.47 -13.45
C GLU B 243 -29.65 28.28 -14.36
N GLU B 244 -28.42 28.50 -13.90
CA GLU B 244 -27.45 29.26 -14.68
C GLU B 244 -26.12 29.34 -13.94
N ILE B 245 -25.82 28.32 -13.15
CA ILE B 245 -24.57 28.29 -12.39
C ILE B 245 -23.60 27.28 -13.00
N GLU B 246 -23.80 26.02 -12.68
CA GLU B 246 -22.93 24.96 -13.21
C GLU B 246 -21.55 25.53 -13.55
N LEU B 247 -21.23 25.53 -14.84
CA LEU B 247 -19.93 26.05 -15.29
C LEU B 247 -19.95 27.57 -15.30
N SER B 248 -21.06 28.15 -15.71
CA SER B 248 -21.19 29.60 -15.76
C SER B 248 -20.57 30.23 -14.52
N ARG B 249 -20.98 29.76 -13.35
CA ARG B 249 -20.46 30.30 -12.10
C ARG B 249 -19.77 29.19 -11.29
N LEU B 250 -19.42 28.11 -11.97
CA LEU B 250 -18.75 26.99 -11.31
C LEU B 250 -19.55 26.53 -10.10
N ALA B 251 -19.15 26.98 -8.92
CA ALA B 251 -19.85 26.60 -7.69
C ALA B 251 -19.63 27.64 -6.61
N GLU B 252 -19.91 27.26 -5.37
CA GLU B 252 -19.74 28.18 -4.24
C GLU B 252 -20.84 29.25 -4.24
N ASP B 253 -20.48 30.44 -3.81
CA ASP B 253 -21.45 31.54 -3.76
C ASP B 253 -22.59 31.21 -2.81
N ASP B 254 -23.39 30.22 -3.19
CA ASP B 254 -24.53 29.81 -2.37
C ASP B 254 -25.46 30.99 -2.11
N VAL B 255 -26.40 30.80 -1.18
CA VAL B 255 -27.35 31.87 -0.86
C VAL B 255 -27.88 32.52 -2.12
N ASN B 256 -29.15 32.28 -2.43
CA ASN B 256 -29.76 32.85 -3.62
C ASN B 256 -31.28 32.70 -3.56
N MET A 1 37.91 -12.14 -6.56
CA MET A 1 37.55 -11.52 -5.25
C MET A 1 36.30 -10.68 -5.42
N THR A 2 35.89 -10.02 -4.33
CA THR A 2 34.70 -9.17 -4.37
C THR A 2 35.03 -7.81 -4.95
N VAL A 3 34.00 -7.10 -5.41
CA VAL A 3 34.18 -5.77 -6.00
C VAL A 3 33.15 -4.80 -5.46
N LYS A 4 33.62 -3.78 -4.75
CA LYS A 4 32.73 -2.78 -4.18
C LYS A 4 33.09 -1.39 -4.68
N GLN A 5 32.25 -0.41 -4.35
CA GLN A 5 32.49 0.97 -4.77
C GLN A 5 31.67 1.93 -3.91
N THR A 6 32.33 2.99 -3.43
CA THR A 6 31.65 3.98 -2.60
C THR A 6 30.86 4.95 -3.46
N VAL A 7 29.59 5.14 -3.12
CA VAL A 7 28.73 6.05 -3.87
C VAL A 7 28.01 7.00 -2.93
N GLU A 8 28.15 8.30 -3.18
CA GLU A 8 27.51 9.31 -2.34
C GLU A 8 26.05 9.50 -2.74
N ILE A 9 25.16 9.36 -1.78
CA ILE A 9 23.73 9.52 -2.04
C ILE A 9 23.31 10.98 -1.87
N THR A 10 23.10 11.66 -2.99
CA THR A 10 22.70 13.06 -2.95
C THR A 10 21.19 13.18 -2.73
N ASN A 11 20.70 12.54 -1.67
CA ASN A 11 19.28 12.59 -1.36
C ASN A 11 18.48 11.87 -2.45
N LYS A 12 19.14 10.99 -3.18
CA LYS A 12 18.47 10.25 -4.26
C LYS A 12 19.28 9.01 -4.62
N LEU A 13 18.88 7.87 -4.07
CA LEU A 13 19.57 6.62 -4.36
C LEU A 13 19.48 6.27 -5.84
N GLY A 14 18.76 7.11 -6.59
CA GLY A 14 18.59 6.88 -8.02
C GLY A 14 17.42 7.68 -8.56
N MET A 15 16.36 7.79 -7.76
CA MET A 15 15.17 8.53 -8.16
C MET A 15 14.06 8.38 -7.12
N HIS A 16 12.88 7.98 -7.58
CA HIS A 16 11.75 7.79 -6.68
C HIS A 16 11.73 6.37 -6.12
N ALA A 17 11.87 5.40 -7.02
CA ALA A 17 11.86 4.00 -6.61
C ALA A 17 11.86 3.08 -7.83
N ARG A 18 13.02 2.54 -8.16
CA ARG A 18 13.14 1.65 -9.30
C ARG A 18 14.48 0.92 -9.29
N PRO A 19 15.50 1.57 -8.79
CA PRO A 19 16.87 0.98 -8.71
C PRO A 19 16.95 -0.17 -7.72
N ALA A 20 16.28 -0.02 -6.58
CA ALA A 20 16.29 -1.06 -5.56
C ALA A 20 15.49 -2.27 -6.04
N MET A 21 14.38 -2.02 -6.72
CA MET A 21 13.54 -3.10 -7.22
C MET A 21 14.21 -3.79 -8.42
N LYS A 22 14.84 -2.98 -9.26
CA LYS A 22 15.52 -3.52 -10.44
C LYS A 22 16.67 -4.43 -10.03
N LEU A 23 17.35 -4.05 -8.95
CA LEU A 23 18.47 -4.85 -8.47
C LEU A 23 18.08 -6.32 -8.33
N PHE A 24 16.91 -6.56 -7.76
CA PHE A 24 16.42 -7.93 -7.59
C PHE A 24 16.36 -8.65 -8.93
N GLU A 25 15.96 -7.94 -9.97
CA GLU A 25 15.86 -8.52 -11.30
C GLU A 25 17.25 -8.72 -11.90
N LEU A 26 18.16 -7.81 -11.59
CA LEU A 26 19.53 -7.89 -12.11
C LEU A 26 20.26 -9.07 -11.49
N MET A 27 20.06 -9.28 -10.19
CA MET A 27 20.71 -10.39 -9.50
C MET A 27 20.37 -11.72 -10.16
N GLN A 28 19.18 -11.80 -10.74
CA GLN A 28 18.75 -13.02 -11.40
C GLN A 28 19.32 -13.09 -12.82
N GLY A 29 19.43 -11.93 -13.46
CA GLY A 29 19.96 -11.88 -14.82
C GLY A 29 21.48 -11.95 -14.81
N PHE A 30 22.09 -11.44 -13.75
CA PHE A 30 23.53 -11.45 -13.63
C PHE A 30 23.98 -12.48 -12.60
N ASP A 31 25.17 -13.04 -12.81
CA ASP A 31 25.70 -14.05 -11.89
C ASP A 31 26.60 -13.40 -10.84
N ALA A 32 26.04 -13.11 -9.68
CA ALA A 32 26.80 -12.49 -8.60
C ALA A 32 25.87 -11.95 -7.52
N GLU A 33 26.38 -11.85 -6.30
CA GLU A 33 25.58 -11.35 -5.19
C GLU A 33 25.89 -9.88 -4.93
N VAL A 34 24.84 -9.06 -4.83
CA VAL A 34 25.01 -7.65 -4.57
C VAL A 34 24.59 -7.30 -3.15
N LEU A 35 25.44 -6.54 -2.45
CA LEU A 35 25.14 -6.15 -1.08
C LEU A 35 25.41 -4.67 -0.86
N LEU A 36 24.52 -4.00 -0.15
CA LEU A 36 24.67 -2.57 0.11
C LEU A 36 25.03 -2.35 1.58
N ARG A 37 25.76 -1.27 1.84
CA ARG A 37 26.15 -0.94 3.21
C ARG A 37 26.25 0.57 3.40
N ASN A 38 25.69 1.07 4.50
CA ASN A 38 25.71 2.50 4.78
C ASN A 38 26.96 2.85 5.60
N ASP A 39 27.37 4.12 5.52
CA ASP A 39 28.53 4.57 6.25
C ASP A 39 28.42 4.23 7.74
N GLU A 40 27.18 4.14 8.21
CA GLU A 40 26.94 3.81 9.62
C GLU A 40 27.36 2.37 9.91
N GLY A 41 27.65 1.62 8.85
CA GLY A 41 28.07 0.23 9.02
C GLY A 41 26.87 -0.71 8.94
N THR A 42 25.73 -0.17 8.53
CA THR A 42 24.52 -0.97 8.42
C THR A 42 24.47 -1.72 7.08
N GLU A 43 24.49 -3.03 7.15
CA GLU A 43 24.45 -3.85 5.94
C GLU A 43 23.03 -3.91 5.38
N ALA A 44 22.79 -3.15 4.31
CA ALA A 44 21.48 -3.13 3.69
C ALA A 44 21.37 -4.20 2.61
N GLU A 45 21.44 -5.46 3.02
CA GLU A 45 21.35 -6.58 2.09
C GLU A 45 20.29 -6.30 1.02
N ALA A 46 20.71 -6.30 -0.23
CA ALA A 46 19.79 -6.04 -1.34
C ALA A 46 18.73 -7.14 -1.40
N ASN A 47 18.91 -8.19 -0.62
CA ASN A 47 17.97 -9.30 -0.61
C ASN A 47 17.05 -9.19 0.61
N SER A 48 16.83 -7.97 1.08
CA SER A 48 15.96 -7.74 2.22
C SER A 48 15.21 -6.42 2.09
N VAL A 49 13.89 -6.48 2.13
CA VAL A 49 13.07 -5.29 2.00
C VAL A 49 13.34 -4.32 3.15
N ILE A 50 13.59 -4.88 4.33
CA ILE A 50 13.87 -4.05 5.50
C ILE A 50 15.11 -3.21 5.29
N ALA A 51 16.11 -3.79 4.63
CA ALA A 51 17.35 -3.08 4.35
C ALA A 51 17.10 -1.89 3.43
N LEU A 52 16.30 -2.12 2.40
CA LEU A 52 15.97 -1.06 1.44
C LEU A 52 15.34 0.14 2.16
N LEU A 53 14.51 -0.15 3.15
CA LEU A 53 13.85 0.92 3.90
C LEU A 53 14.88 1.74 4.68
N MET A 54 15.89 1.05 5.20
CA MET A 54 16.93 1.73 5.96
C MET A 54 17.75 2.66 5.06
N LEU A 55 18.02 2.21 3.84
CA LEU A 55 18.78 3.01 2.89
C LEU A 55 18.08 4.34 2.60
N ASP A 56 16.75 4.29 2.56
CA ASP A 56 15.97 5.49 2.29
C ASP A 56 16.37 6.62 3.24
N SER A 57 16.71 6.25 4.47
CA SER A 57 17.12 7.24 5.46
C SER A 57 18.55 7.72 5.20
N ALA A 58 19.21 7.06 4.25
CA ALA A 58 20.58 7.42 3.91
C ALA A 58 20.60 8.60 2.95
N LYS A 59 19.59 9.46 3.04
CA LYS A 59 19.50 10.63 2.17
C LYS A 59 20.58 11.64 2.53
N GLY A 60 21.69 11.61 1.79
CA GLY A 60 22.79 12.52 2.05
C GLY A 60 23.96 11.81 2.72
N ARG A 61 23.83 10.49 2.87
CA ARG A 61 24.88 9.70 3.50
C ARG A 61 25.64 8.90 2.46
N GLN A 62 26.80 8.37 2.86
CA GLN A 62 27.62 7.58 1.94
C GLN A 62 27.39 6.09 2.17
N ILE A 63 27.39 5.32 1.09
CA ILE A 63 27.19 3.89 1.18
C ILE A 63 28.28 3.13 0.43
N GLU A 64 28.42 1.84 0.72
CA GLU A 64 29.42 1.02 0.06
C GLU A 64 28.78 -0.21 -0.58
N VAL A 65 28.57 -0.13 -1.88
CA VAL A 65 27.96 -1.24 -2.61
C VAL A 65 29.01 -2.31 -2.92
N GLU A 66 28.68 -3.55 -2.58
CA GLU A 66 29.59 -4.66 -2.82
C GLU A 66 28.94 -5.73 -3.70
N ALA A 67 29.72 -6.28 -4.62
CA ALA A 67 29.20 -7.31 -5.53
C ALA A 67 30.23 -8.41 -5.73
N THR A 68 29.79 -9.66 -5.59
CA THR A 68 30.66 -10.80 -5.76
C THR A 68 30.15 -11.72 -6.86
N GLY A 69 31.08 -12.28 -7.64
CA GLY A 69 30.71 -13.17 -8.73
C GLY A 69 31.43 -12.80 -10.02
N PRO A 70 31.13 -13.50 -11.09
CA PRO A 70 31.76 -13.24 -12.41
C PRO A 70 31.25 -11.96 -13.06
N GLN A 71 29.96 -11.68 -12.86
CA GLN A 71 29.36 -10.48 -13.44
C GLN A 71 29.27 -9.38 -12.38
N GLU A 72 29.82 -9.64 -11.20
CA GLU A 72 29.79 -8.66 -10.12
C GLU A 72 29.96 -7.25 -10.68
N GLU A 73 30.88 -7.09 -11.63
CA GLU A 73 31.13 -5.79 -12.24
C GLU A 73 29.86 -5.24 -12.86
N GLU A 74 29.18 -6.06 -13.65
CA GLU A 74 27.96 -5.65 -14.30
C GLU A 74 26.91 -5.23 -13.27
N ALA A 75 26.71 -6.08 -12.28
CA ALA A 75 25.72 -5.79 -11.23
C ALA A 75 26.08 -4.48 -10.53
N LEU A 76 27.33 -4.35 -10.13
CA LEU A 76 27.79 -3.13 -9.45
C LEU A 76 27.69 -1.93 -10.38
N ALA A 77 28.11 -2.11 -11.62
CA ALA A 77 28.06 -1.02 -12.60
C ALA A 77 26.62 -0.59 -12.85
N ALA A 78 25.73 -1.56 -12.95
CA ALA A 78 24.32 -1.27 -13.19
C ALA A 78 23.75 -0.45 -12.05
N VAL A 79 24.08 -0.83 -10.82
CA VAL A 79 23.58 -0.12 -9.65
C VAL A 79 24.17 1.29 -9.58
N ILE A 80 25.46 1.40 -9.89
CA ILE A 80 26.13 2.70 -9.87
C ILE A 80 25.56 3.60 -10.95
N ALA A 81 25.30 3.05 -12.13
CA ALA A 81 24.74 3.82 -13.24
C ALA A 81 23.35 4.34 -12.88
N LEU A 82 22.59 3.53 -12.17
CA LEU A 82 21.24 3.93 -11.77
C LEU A 82 21.29 4.99 -10.68
N PHE A 83 22.25 4.85 -9.77
CA PHE A 83 22.39 5.80 -8.68
C PHE A 83 22.89 7.15 -9.21
N ASN A 84 23.68 7.10 -10.28
CA ASN A 84 24.22 8.31 -10.88
C ASN A 84 23.20 8.94 -11.82
N SER A 85 22.08 8.26 -12.00
CA SER A 85 21.03 8.76 -12.89
C SER A 85 21.42 8.57 -14.34
N ARG B 2 -24.38 17.24 5.66
CA ARG B 2 -24.05 18.67 5.50
C ARG B 2 -22.77 19.00 6.27
N ILE B 3 -21.65 18.46 5.80
CA ILE B 3 -20.37 18.69 6.46
C ILE B 3 -19.31 19.09 5.43
N ARG B 4 -18.47 20.06 5.79
CA ARG B 4 -17.42 20.52 4.90
C ARG B 4 -16.16 19.68 5.07
N ALA B 5 -15.75 18.98 4.02
CA ALA B 5 -14.57 18.15 4.07
C ALA B 5 -13.49 18.68 3.14
N LEU B 6 -12.24 18.33 3.42
CA LEU B 6 -11.12 18.78 2.58
C LEU B 6 -11.14 18.07 1.25
N PRO B 7 -11.35 18.79 0.18
CA PRO B 7 -11.38 18.22 -1.20
C PRO B 7 -9.99 17.82 -1.69
N ALA B 8 -9.80 16.53 -1.93
CA ALA B 8 -8.50 16.04 -2.40
C ALA B 8 -8.49 15.96 -3.92
N ALA B 9 -9.67 15.76 -4.51
CA ALA B 9 -9.79 15.67 -5.96
C ALA B 9 -11.17 16.12 -6.42
N PRO B 10 -11.25 17.24 -7.06
CA PRO B 10 -12.54 17.80 -7.58
C PRO B 10 -13.36 16.74 -8.32
N GLY B 11 -14.67 16.91 -8.30
CA GLY B 11 -15.58 15.97 -8.98
C GLY B 11 -16.72 15.57 -8.06
N VAL B 12 -17.78 15.02 -8.66
CA VAL B 12 -18.94 14.59 -7.89
C VAL B 12 -19.29 13.14 -8.20
N ALA B 13 -19.83 12.44 -7.21
CA ALA B 13 -20.20 11.03 -7.39
C ALA B 13 -21.37 10.68 -6.48
N ILE B 14 -22.22 9.78 -6.97
CA ILE B 14 -23.39 9.35 -6.18
C ILE B 14 -23.38 7.83 -6.01
N ALA B 15 -23.38 7.39 -4.74
CA ALA B 15 -23.37 5.97 -4.45
C ALA B 15 -23.64 5.73 -2.97
N GLU B 16 -23.48 4.48 -2.53
CA GLU B 16 -23.72 4.14 -1.13
C GLU B 16 -22.39 4.03 -0.38
N GLY B 17 -22.46 4.15 0.93
CA GLY B 17 -21.26 4.06 1.76
C GLY B 17 -20.95 2.61 2.13
N TRP B 18 -19.72 2.18 1.85
CA TRP B 18 -19.31 0.82 2.16
C TRP B 18 -17.87 0.79 2.63
N GLN B 19 -17.56 -0.15 3.52
CA GLN B 19 -16.20 -0.28 4.04
C GLN B 19 -15.53 -1.52 3.47
N ASP B 20 -14.25 -1.40 3.12
CA ASP B 20 -13.50 -2.51 2.58
C ASP B 20 -13.63 -3.74 3.48
N ALA B 21 -13.18 -4.89 2.98
CA ALA B 21 -13.26 -6.12 3.74
C ALA B 21 -12.12 -6.19 4.76
N THR B 22 -11.53 -5.04 5.06
CA THR B 22 -10.44 -4.97 6.02
C THR B 22 -10.97 -4.86 7.44
N LEU B 23 -10.73 -5.89 8.25
CA LEU B 23 -11.19 -5.89 9.63
C LEU B 23 -10.12 -6.44 10.56
N PRO B 24 -10.01 -5.87 11.74
CA PRO B 24 -9.00 -6.30 12.74
C PRO B 24 -8.97 -7.82 12.91
N LEU B 25 -7.78 -8.35 13.18
CA LEU B 25 -7.63 -9.79 13.37
C LEU B 25 -7.27 -10.11 14.81
N MET B 26 -7.41 -9.12 15.68
CA MET B 26 -7.09 -9.30 17.09
C MET B 26 -8.17 -10.13 17.77
N GLU B 27 -9.43 -9.81 17.48
CA GLU B 27 -10.55 -10.55 18.08
C GLU B 27 -10.80 -11.85 17.32
N GLN B 28 -10.37 -11.89 16.07
CA GLN B 28 -10.55 -13.08 15.25
C GLN B 28 -9.72 -14.24 15.79
N VAL B 29 -8.58 -13.91 16.40
CA VAL B 29 -7.71 -14.94 16.96
C VAL B 29 -8.36 -15.60 18.18
N TYR B 30 -8.27 -16.92 18.24
CA TYR B 30 -8.87 -17.66 19.35
C TYR B 30 -7.79 -18.46 20.09
N GLN B 31 -8.21 -19.25 21.07
CA GLN B 31 -7.28 -20.06 21.85
C GLN B 31 -7.11 -21.43 21.21
N ALA B 32 -5.86 -21.83 20.99
CA ALA B 32 -5.57 -23.12 20.38
C ALA B 32 -4.06 -23.32 20.24
N SER B 33 -3.56 -24.41 20.81
CA SER B 33 -2.13 -24.70 20.72
C SER B 33 -1.89 -26.05 20.06
N THR B 34 -1.69 -26.04 18.75
CA THR B 34 -1.46 -27.27 18.01
C THR B 34 -0.43 -27.04 16.89
N LEU B 35 0.80 -27.49 17.13
CA LEU B 35 1.86 -27.33 16.14
C LEU B 35 1.82 -28.47 15.12
N ASP B 36 2.03 -28.12 13.85
CA ASP B 36 2.02 -29.12 12.79
C ASP B 36 2.78 -28.63 11.57
N PRO B 37 4.07 -28.80 11.58
CA PRO B 37 4.94 -28.37 10.44
C PRO B 37 4.41 -28.81 9.10
N ALA B 38 3.69 -29.93 9.09
CA ALA B 38 3.12 -30.46 7.86
C ALA B 38 1.97 -29.57 7.38
N LEU B 39 1.12 -29.16 8.31
CA LEU B 39 -0.01 -28.30 7.97
C LEU B 39 0.35 -26.84 8.19
N GLU B 40 1.19 -26.58 9.18
CA GLU B 40 1.59 -25.21 9.48
C GLU B 40 2.42 -24.64 8.33
N ARG B 41 3.52 -25.30 8.01
CA ARG B 41 4.38 -24.84 6.92
C ARG B 41 3.58 -24.72 5.62
N GLU B 42 2.79 -25.74 5.32
CA GLU B 42 1.99 -25.75 4.11
C GLU B 42 0.89 -24.70 4.20
N ARG B 43 0.31 -24.57 5.39
CA ARG B 43 -0.77 -23.60 5.61
C ARG B 43 -0.34 -22.22 5.12
N LEU B 44 0.84 -21.79 5.58
CA LEU B 44 1.36 -20.48 5.19
C LEU B 44 1.76 -20.47 3.71
N THR B 45 2.58 -21.45 3.34
CA THR B 45 3.04 -21.56 1.96
C THR B 45 1.85 -21.51 0.99
N GLY B 46 0.90 -22.41 1.21
CA GLY B 46 -0.28 -22.47 0.35
C GLY B 46 -1.01 -21.12 0.34
N ALA B 47 -1.00 -20.44 1.48
CA ALA B 47 -1.66 -19.15 1.61
C ALA B 47 -0.93 -18.09 0.79
N LEU B 48 0.39 -18.07 0.93
CA LEU B 48 1.20 -17.10 0.21
C LEU B 48 0.93 -17.19 -1.30
N GLU B 49 1.00 -18.40 -1.83
CA GLU B 49 0.75 -18.61 -3.26
C GLU B 49 -0.60 -18.02 -3.66
N GLU B 50 -1.53 -17.98 -2.72
CA GLU B 50 -2.85 -17.44 -2.98
C GLU B 50 -2.85 -15.92 -2.92
N ALA B 51 -2.04 -15.38 -2.02
CA ALA B 51 -1.94 -13.93 -1.85
C ALA B 51 -0.73 -13.39 -2.62
N ALA B 52 0.43 -13.97 -2.36
CA ALA B 52 1.66 -13.54 -3.03
C ALA B 52 1.44 -13.45 -4.54
N ASN B 53 0.94 -14.55 -5.12
CA ASN B 53 0.70 -14.58 -6.56
C ASN B 53 -0.39 -13.59 -6.93
N GLU B 54 -1.36 -13.41 -6.04
CA GLU B 54 -2.45 -12.48 -6.30
C GLU B 54 -1.95 -11.05 -6.36
N PHE B 55 -1.02 -10.71 -5.47
CA PHE B 55 -0.46 -9.36 -5.42
C PHE B 55 0.33 -9.08 -6.70
N ARG B 56 1.15 -10.03 -7.11
CA ARG B 56 1.95 -9.87 -8.32
C ARG B 56 1.05 -9.56 -9.52
N ARG B 57 0.09 -10.44 -9.76
CA ARG B 57 -0.82 -10.27 -10.88
C ARG B 57 -1.62 -8.98 -10.72
N TYR B 58 -1.83 -8.57 -9.48
CA TYR B 58 -2.57 -7.35 -9.20
C TYR B 58 -1.84 -6.14 -9.77
N SER B 59 -0.59 -5.96 -9.37
CA SER B 59 0.20 -4.83 -9.85
C SER B 59 0.12 -4.73 -11.37
N LYS B 60 0.35 -5.85 -12.05
CA LYS B 60 0.30 -5.88 -13.50
C LYS B 60 -1.02 -5.28 -14.01
N ARG B 61 -2.12 -5.65 -13.35
CA ARG B 61 -3.42 -5.15 -13.74
C ARG B 61 -3.51 -3.64 -13.51
N PHE B 62 -2.98 -3.19 -12.38
CA PHE B 62 -3.00 -1.76 -12.06
C PHE B 62 -2.13 -0.98 -13.03
N ALA B 63 -0.92 -1.47 -13.26
CA ALA B 63 0.00 -0.81 -14.18
C ALA B 63 -0.68 -0.52 -15.51
N ALA B 64 -1.56 -1.44 -15.92
CA ALA B 64 -2.28 -1.27 -17.18
C ALA B 64 -3.21 -0.06 -17.11
N GLY B 65 -3.62 0.30 -15.91
CA GLY B 65 -4.50 1.45 -15.72
C GLY B 65 -3.88 2.47 -14.77
N ALA B 66 -3.76 2.09 -13.51
CA ALA B 66 -3.18 2.99 -12.51
C ALA B 66 -1.84 3.53 -12.99
N GLN B 67 -1.22 4.38 -12.18
CA GLN B 67 0.07 4.96 -12.53
C GLN B 67 1.20 3.97 -12.26
N LYS B 68 2.40 4.32 -12.70
CA LYS B 68 3.56 3.46 -12.50
C LYS B 68 3.88 3.32 -11.02
N GLU B 69 3.76 4.42 -10.28
CA GLU B 69 4.03 4.39 -8.85
C GLU B 69 3.30 3.25 -8.18
N THR B 70 2.01 3.12 -8.47
CA THR B 70 1.20 2.05 -7.88
C THR B 70 1.76 0.69 -8.27
N ALA B 71 1.82 0.43 -9.58
CA ALA B 71 2.33 -0.83 -10.07
C ALA B 71 3.73 -1.10 -9.51
N ALA B 72 4.56 -0.07 -9.51
CA ALA B 72 5.92 -0.20 -9.00
C ALA B 72 5.91 -0.47 -7.49
N ILE B 73 4.87 0.00 -6.82
CA ILE B 73 4.74 -0.21 -5.38
C ILE B 73 4.46 -1.67 -5.06
N PHE B 74 3.34 -2.17 -5.56
CA PHE B 74 2.97 -3.56 -5.33
C PHE B 74 4.09 -4.50 -5.77
N ASP B 75 4.49 -4.38 -7.03
CA ASP B 75 5.55 -5.22 -7.56
C ASP B 75 6.62 -5.47 -6.50
N LEU B 76 6.96 -4.42 -5.76
CA LEU B 76 7.97 -4.54 -4.71
C LEU B 76 7.43 -5.34 -3.53
N TYR B 77 6.15 -5.20 -3.25
CA TYR B 77 5.52 -5.92 -2.16
C TYR B 77 5.42 -7.40 -2.48
N SER B 78 5.02 -7.71 -3.71
CA SER B 78 4.89 -9.10 -4.15
C SER B 78 6.10 -9.92 -3.71
N HIS B 79 7.29 -9.34 -3.88
CA HIS B 79 8.51 -10.03 -3.51
C HIS B 79 8.68 -10.04 -1.99
N LEU B 80 8.10 -9.05 -1.32
CA LEU B 80 8.19 -8.95 0.12
C LEU B 80 7.55 -10.17 0.79
N LEU B 81 6.37 -10.56 0.31
CA LEU B 81 5.67 -11.71 0.86
C LEU B 81 6.33 -13.01 0.41
N SER B 82 6.69 -13.07 -0.87
CA SER B 82 7.34 -14.27 -1.41
C SER B 82 8.77 -14.37 -0.92
N ASP B 83 9.32 -13.25 -0.45
CA ASP B 83 10.69 -13.22 0.05
C ASP B 83 10.90 -14.33 1.09
N THR B 84 11.94 -15.12 0.89
CA THR B 84 12.24 -16.21 1.82
C THR B 84 12.51 -15.66 3.21
N ARG B 85 12.44 -14.34 3.35
CA ARG B 85 12.66 -13.70 4.64
C ARG B 85 11.44 -13.87 5.55
N LEU B 86 10.28 -13.49 5.04
CA LEU B 86 9.05 -13.60 5.81
C LEU B 86 8.59 -15.05 5.88
N ARG B 87 8.78 -15.79 4.79
CA ARG B 87 8.39 -17.19 4.75
C ARG B 87 9.14 -17.99 5.80
N ARG B 88 10.45 -17.81 5.85
CA ARG B 88 11.27 -18.53 6.82
C ARG B 88 10.90 -18.14 8.25
N GLU B 89 10.68 -16.83 8.46
CA GLU B 89 10.32 -16.35 9.78
C GLU B 89 9.11 -17.09 10.32
N LEU B 90 8.06 -17.18 9.51
CA LEU B 90 6.85 -17.87 9.92
C LEU B 90 7.15 -19.32 10.31
N PHE B 91 7.82 -20.04 9.43
CA PHE B 91 8.16 -21.43 9.69
C PHE B 91 8.99 -21.54 10.97
N ALA B 92 9.78 -20.51 11.24
CA ALA B 92 10.63 -20.50 12.44
C ALA B 92 9.76 -20.46 13.70
N GLU B 93 8.64 -19.75 13.63
CA GLU B 93 7.74 -19.63 14.76
C GLU B 93 7.03 -20.95 15.03
N VAL B 94 6.48 -21.54 13.96
CA VAL B 94 5.77 -22.81 14.09
C VAL B 94 6.70 -23.90 14.60
N ASP B 95 7.94 -23.88 14.13
CA ASP B 95 8.93 -24.87 14.56
C ASP B 95 9.22 -24.73 16.05
N LYS B 96 8.78 -23.62 16.64
CA LYS B 96 9.01 -23.37 18.05
C LYS B 96 7.82 -23.86 18.88
N GLY B 97 6.67 -24.03 18.22
CA GLY B 97 5.47 -24.49 18.91
C GLY B 97 4.33 -23.50 18.73
N SER B 98 4.51 -22.56 17.80
CA SER B 98 3.49 -21.55 17.54
C SER B 98 2.56 -22.01 16.41
N VAL B 99 1.33 -21.50 16.44
CA VAL B 99 0.36 -21.87 15.40
C VAL B 99 0.29 -20.78 14.34
N ALA B 100 0.10 -21.21 13.09
CA ALA B 100 0.01 -20.26 11.98
C ALA B 100 -0.74 -19.00 12.40
N GLU B 101 -1.86 -19.19 13.08
CA GLU B 101 -2.67 -18.06 13.53
C GLU B 101 -1.79 -17.02 14.21
N TRP B 102 -1.12 -17.42 15.29
CA TRP B 102 -0.24 -16.50 16.02
C TRP B 102 1.03 -16.25 15.24
N ALA B 103 1.55 -17.30 14.61
CA ALA B 103 2.78 -17.17 13.82
C ALA B 103 2.72 -15.95 12.91
N VAL B 104 1.69 -15.90 12.08
CA VAL B 104 1.51 -14.79 11.15
C VAL B 104 1.31 -13.49 11.92
N LYS B 105 0.68 -13.59 13.09
CA LYS B 105 0.42 -12.41 13.90
C LYS B 105 1.70 -11.92 14.56
N THR B 106 2.52 -12.86 15.02
CA THR B 106 3.78 -12.51 15.66
C THR B 106 4.73 -11.88 14.66
N VAL B 107 4.93 -12.55 13.52
CA VAL B 107 5.82 -12.04 12.49
C VAL B 107 5.49 -10.58 12.17
N ILE B 108 4.23 -10.32 11.83
CA ILE B 108 3.80 -8.98 11.51
C ILE B 108 4.08 -8.03 12.67
N GLU B 109 4.02 -8.56 13.88
CA GLU B 109 4.26 -7.75 15.07
C GLU B 109 5.75 -7.48 15.24
N LYS B 110 6.57 -8.46 14.87
CA LYS B 110 8.02 -8.32 14.98
C LYS B 110 8.52 -7.21 14.08
N PHE B 111 7.84 -7.02 12.96
CA PHE B 111 8.24 -5.98 12.00
C PHE B 111 7.75 -4.61 12.48
N ALA B 112 6.61 -4.59 13.17
CA ALA B 112 6.06 -3.35 13.68
C ALA B 112 7.15 -2.47 14.28
N GLU B 113 7.99 -3.07 15.13
CA GLU B 113 9.08 -2.34 15.76
C GLU B 113 10.28 -2.26 14.84
N GLN B 114 10.38 -3.22 13.93
CA GLN B 114 11.49 -3.24 12.97
C GLN B 114 11.52 -1.98 12.14
N PHE B 115 10.37 -1.64 11.54
CA PHE B 115 10.27 -0.45 10.73
C PHE B 115 10.14 0.80 11.59
N ALA B 116 9.54 0.64 12.77
CA ALA B 116 9.36 1.76 13.68
C ALA B 116 10.71 2.41 13.99
N ALA B 117 11.63 1.61 14.52
CA ALA B 117 12.96 2.13 14.85
C ALA B 117 13.38 3.21 13.87
N LEU B 118 13.07 2.99 12.60
CA LEU B 118 13.43 3.96 11.56
C LEU B 118 12.44 5.12 11.55
N SER B 119 12.91 6.29 11.13
CA SER B 119 12.06 7.47 11.09
C SER B 119 11.79 7.88 9.64
N ASP B 120 12.47 7.22 8.71
CA ASP B 120 12.30 7.52 7.29
C ASP B 120 10.81 7.55 6.92
N ASN B 121 10.35 8.68 6.43
CA ASN B 121 8.95 8.82 6.04
C ASN B 121 8.59 7.79 4.98
N TYR B 122 9.38 7.74 3.91
CA TYR B 122 9.14 6.79 2.83
C TYR B 122 8.91 5.39 3.39
N LEU B 123 9.63 5.07 4.45
CA LEU B 123 9.49 3.75 5.07
C LEU B 123 8.43 3.79 6.17
N LYS B 124 8.44 4.86 6.97
CA LYS B 124 7.48 5.00 8.05
C LYS B 124 6.10 4.55 7.59
N GLU B 125 5.64 5.12 6.48
CA GLU B 125 4.33 4.76 5.94
C GLU B 125 4.31 3.31 5.49
N ARG B 126 5.42 2.86 4.90
CA ARG B 126 5.52 1.49 4.44
C ARG B 126 4.98 0.52 5.48
N ALA B 127 5.29 0.80 6.74
CA ALA B 127 4.83 -0.05 7.83
C ALA B 127 3.33 -0.29 7.73
N GLY B 128 2.58 0.79 7.52
CA GLY B 128 1.13 0.69 7.38
C GLY B 128 0.76 -0.34 6.34
N ASP B 129 1.47 -0.33 5.21
CA ASP B 129 1.21 -1.26 4.13
C ASP B 129 1.46 -2.69 4.60
N LEU B 130 2.54 -2.88 5.37
CA LEU B 130 2.88 -4.20 5.88
C LEU B 130 1.71 -4.79 6.66
N ARG B 131 1.11 -3.97 7.53
CA ARG B 131 -0.03 -4.43 8.32
C ARG B 131 -1.15 -4.93 7.41
N ALA B 132 -1.39 -4.20 6.33
CA ALA B 132 -2.42 -4.58 5.38
C ALA B 132 -2.11 -5.94 4.77
N LEU B 133 -0.83 -6.15 4.45
CA LEU B 133 -0.41 -7.42 3.86
C LEU B 133 -0.71 -8.58 4.81
N GLY B 134 -0.43 -8.37 6.09
CA GLY B 134 -0.68 -9.40 7.09
C GLY B 134 -2.16 -9.76 7.14
N GLN B 135 -3.01 -8.75 7.07
CA GLN B 135 -4.45 -8.99 7.10
C GLN B 135 -4.87 -9.85 5.92
N ARG B 136 -4.27 -9.61 4.76
CA ARG B 136 -4.58 -10.38 3.56
C ARG B 136 -4.16 -11.83 3.75
N LEU B 137 -2.99 -12.03 4.36
CA LEU B 137 -2.49 -13.38 4.59
C LEU B 137 -3.45 -14.16 5.47
N LEU B 138 -4.00 -13.48 6.48
CA LEU B 138 -4.94 -14.12 7.39
C LEU B 138 -6.21 -14.53 6.66
N PHE B 139 -6.63 -13.70 5.70
CA PHE B 139 -7.83 -13.99 4.94
C PHE B 139 -7.61 -15.22 4.05
N HIS B 140 -6.45 -15.27 3.39
CA HIS B 140 -6.14 -16.39 2.53
C HIS B 140 -5.85 -17.64 3.35
N LEU B 141 -5.47 -17.44 4.60
CA LEU B 141 -5.16 -18.55 5.49
C LEU B 141 -6.42 -19.39 5.73
N ASP B 142 -7.57 -18.83 5.39
CA ASP B 142 -8.84 -19.54 5.58
C ASP B 142 -9.60 -19.63 4.26
N ASP B 143 -9.65 -20.83 3.69
CA ASP B 143 -10.34 -21.04 2.42
C ASP B 143 -11.79 -20.57 2.52
N ALA B 144 -12.21 -20.20 3.73
CA ALA B 144 -13.57 -19.73 3.95
C ALA B 144 -13.73 -18.29 3.47
N ASN B 145 -12.62 -17.58 3.41
CA ASN B 145 -12.65 -16.19 2.96
C ASN B 145 -11.36 -15.84 2.21
N GLN B 146 -11.48 -14.91 1.26
CA GLN B 146 -10.33 -14.49 0.47
C GLN B 146 -10.74 -13.48 -0.59
N GLY B 147 -10.67 -12.20 -0.24
CA GLY B 147 -11.04 -11.14 -1.17
C GLY B 147 -12.25 -10.37 -0.65
N PRO B 148 -12.93 -9.68 -1.54
CA PRO B 148 -14.12 -8.86 -1.17
C PRO B 148 -15.34 -9.74 -0.88
N ASN B 149 -16.15 -9.31 0.09
CA ASN B 149 -17.34 -10.06 0.46
C ASN B 149 -18.59 -9.19 0.35
N ALA B 150 -19.70 -9.79 -0.06
CA ALA B 150 -20.95 -9.05 -0.21
C ALA B 150 -20.70 -7.71 -0.89
N TRP B 151 -19.90 -7.73 -1.95
CA TRP B 151 -19.60 -6.50 -2.69
C TRP B 151 -20.68 -6.20 -3.70
N PRO B 152 -21.31 -5.07 -3.58
CA PRO B 152 -22.40 -4.64 -4.51
C PRO B 152 -21.86 -4.24 -5.88
N GLU B 153 -22.76 -3.81 -6.76
CA GLU B 153 -22.36 -3.40 -8.10
C GLU B 153 -21.38 -2.24 -8.04
N ARG B 154 -21.58 -1.36 -7.06
CA ARG B 154 -20.70 -0.21 -6.90
C ARG B 154 -20.81 0.35 -5.49
N PHE B 155 -19.84 1.18 -5.10
CA PHE B 155 -19.84 1.78 -3.77
C PHE B 155 -18.61 2.65 -3.57
N ILE B 156 -18.60 3.41 -2.48
CA ILE B 156 -17.47 4.28 -2.19
C ILE B 156 -16.65 3.73 -1.02
N LEU B 157 -15.37 4.13 -0.96
CA LEU B 157 -14.49 3.66 0.10
C LEU B 157 -14.47 4.67 1.25
N VAL B 158 -14.97 4.24 2.41
CA VAL B 158 -14.99 5.11 3.57
C VAL B 158 -14.09 4.58 4.66
N ALA B 159 -12.84 5.06 4.69
CA ALA B 159 -11.88 4.61 5.69
C ALA B 159 -11.24 5.80 6.38
N ASP B 160 -10.62 5.56 7.53
CA ASP B 160 -9.97 6.62 8.29
C ASP B 160 -8.70 7.08 7.58
N GLU B 161 -8.10 6.18 6.82
CA GLU B 161 -6.87 6.50 6.10
C GLU B 161 -6.84 5.79 4.74
N LEU B 162 -6.46 6.52 3.71
CA LEU B 162 -6.40 5.95 2.36
C LEU B 162 -5.08 5.22 2.16
N SER B 163 -5.16 3.96 1.75
CA SER B 163 -3.97 3.15 1.52
C SER B 163 -4.10 2.34 0.23
N ALA B 164 -3.08 2.41 -0.61
CA ALA B 164 -3.10 1.68 -1.88
C ALA B 164 -3.39 0.20 -1.64
N THR B 165 -2.83 -0.34 -0.57
CA THR B 165 -3.03 -1.74 -0.24
C THR B 165 -4.52 -2.07 -0.18
N THR B 166 -5.29 -1.18 0.43
CA THR B 166 -6.73 -1.38 0.55
C THR B 166 -7.37 -1.50 -0.83
N LEU B 167 -7.01 -0.59 -1.72
CA LEU B 167 -7.56 -0.60 -3.07
C LEU B 167 -7.23 -1.92 -3.76
N ALA B 168 -6.10 -2.51 -3.41
CA ALA B 168 -5.68 -3.76 -4.00
C ALA B 168 -6.67 -4.87 -3.65
N GLU B 169 -7.66 -4.55 -2.82
CA GLU B 169 -8.65 -5.52 -2.41
C GLU B 169 -9.87 -5.46 -3.33
N LEU B 170 -10.28 -4.24 -3.69
CA LEU B 170 -11.44 -4.06 -4.55
C LEU B 170 -11.00 -3.51 -5.91
N PRO B 171 -11.70 -3.87 -6.95
CA PRO B 171 -11.39 -3.40 -8.33
C PRO B 171 -11.77 -1.94 -8.54
N GLN B 172 -10.94 -1.23 -9.31
CA GLN B 172 -11.21 0.18 -9.58
C GLN B 172 -12.53 0.35 -10.31
N ASP B 173 -13.01 -0.73 -10.94
CA ASP B 173 -14.27 -0.68 -11.66
C ASP B 173 -15.42 -0.38 -10.70
N ARG B 174 -15.41 -1.03 -9.54
CA ARG B 174 -16.46 -0.82 -8.55
C ARG B 174 -16.26 0.51 -7.82
N LEU B 175 -15.02 1.00 -7.83
CA LEU B 175 -14.69 2.25 -7.17
C LEU B 175 -15.33 3.42 -7.91
N VAL B 176 -16.27 4.10 -7.25
CA VAL B 176 -16.94 5.23 -7.86
C VAL B 176 -16.80 6.47 -6.98
N GLY B 177 -15.99 6.36 -5.94
CA GLY B 177 -15.78 7.48 -5.02
C GLY B 177 -14.93 7.06 -3.83
N VAL B 178 -14.40 8.04 -3.11
CA VAL B 178 -13.56 7.76 -1.95
C VAL B 178 -13.84 8.76 -0.84
N VAL B 179 -13.88 8.26 0.40
CA VAL B 179 -14.13 9.13 1.55
C VAL B 179 -13.17 8.79 2.69
N VAL B 180 -12.49 9.81 3.20
CA VAL B 180 -11.53 9.62 4.29
C VAL B 180 -11.84 10.57 5.44
N ARG B 181 -11.59 10.11 6.66
CA ARG B 181 -11.84 10.93 7.85
C ARG B 181 -10.59 11.74 8.21
N ASP B 182 -9.43 11.12 8.03
CA ASP B 182 -8.17 11.78 8.35
C ASP B 182 -7.15 11.55 7.24
N GLY B 183 -5.93 11.18 7.63
CA GLY B 183 -4.87 10.93 6.66
C GLY B 183 -4.39 12.23 6.03
N ALA B 184 -3.26 12.16 5.33
CA ALA B 184 -2.70 13.34 4.68
C ALA B 184 -2.86 13.23 3.16
N ALA B 185 -3.08 14.37 2.52
CA ALA B 185 -3.25 14.40 1.07
C ALA B 185 -1.93 14.09 0.37
N ASN B 186 -0.84 14.17 1.12
CA ASN B 186 0.48 13.90 0.56
C ASN B 186 0.75 12.40 0.53
N SER B 187 -0.23 11.62 0.97
CA SER B 187 -0.09 10.16 0.98
C SER B 187 0.06 9.63 -0.44
N GLN B 188 0.71 8.48 -0.57
CA GLN B 188 0.92 7.87 -1.87
C GLN B 188 -0.42 7.49 -2.50
N ALA B 189 -1.30 6.90 -1.70
CA ALA B 189 -2.61 6.49 -2.17
C ALA B 189 -3.43 7.70 -2.60
N ALA B 190 -3.32 8.78 -1.85
CA ALA B 190 -4.05 10.00 -2.16
C ALA B 190 -3.68 10.50 -3.55
N ILE B 191 -2.40 10.43 -3.87
CA ILE B 191 -1.92 10.89 -5.18
C ILE B 191 -2.32 9.90 -6.27
N MET B 192 -2.45 8.63 -5.89
CA MET B 192 -2.83 7.59 -6.84
C MET B 192 -4.26 7.80 -7.32
N VAL B 193 -5.17 8.01 -6.38
CA VAL B 193 -6.57 8.24 -6.72
C VAL B 193 -6.74 9.55 -7.47
N ARG B 194 -6.11 10.60 -6.97
CA ARG B 194 -6.20 11.92 -7.60
C ARG B 194 -5.62 11.86 -9.01
N ALA B 195 -4.49 11.18 -9.16
CA ALA B 195 -3.85 11.07 -10.46
C ALA B 195 -4.68 10.18 -11.39
N LEU B 196 -5.47 9.29 -10.80
CA LEU B 196 -6.30 8.38 -11.58
C LEU B 196 -7.48 9.13 -12.19
N GLY B 197 -7.87 10.23 -11.56
CA GLY B 197 -8.97 11.03 -12.06
C GLY B 197 -10.27 10.66 -11.35
N ILE B 198 -10.17 10.36 -10.07
CA ILE B 198 -11.34 10.00 -9.28
C ILE B 198 -11.59 11.02 -8.16
N PRO B 199 -12.82 11.30 -7.88
CA PRO B 199 -13.21 12.27 -6.83
C PRO B 199 -12.99 11.72 -5.42
N THR B 200 -12.26 12.47 -4.60
CA THR B 200 -11.98 12.04 -3.22
C THR B 200 -12.13 13.21 -2.26
N VAL B 201 -12.61 12.91 -1.06
CA VAL B 201 -12.79 13.94 -0.05
C VAL B 201 -12.32 13.45 1.32
N MET B 202 -11.80 14.36 2.13
CA MET B 202 -11.31 14.01 3.45
C MET B 202 -11.94 14.90 4.51
N GLY B 203 -11.86 14.48 5.77
CA GLY B 203 -12.42 15.25 6.87
C GLY B 203 -13.80 14.71 7.27
N ALA B 204 -14.32 13.79 6.47
CA ALA B 204 -15.63 13.20 6.75
C ALA B 204 -15.62 12.55 8.12
N ASP B 205 -16.49 13.02 9.00
CA ASP B 205 -16.58 12.47 10.36
C ASP B 205 -17.86 11.67 10.52
N ILE B 206 -18.08 10.70 9.63
CA ILE B 206 -19.28 9.87 9.69
C ILE B 206 -18.91 8.44 10.07
N GLN B 207 -19.51 7.96 11.16
CA GLN B 207 -19.23 6.60 11.62
C GLN B 207 -19.62 5.59 10.54
N PRO B 208 -18.64 4.87 10.04
CA PRO B 208 -18.86 3.85 8.98
C PRO B 208 -20.03 2.92 9.31
N SER B 209 -20.15 2.55 10.58
CA SER B 209 -21.23 1.67 11.01
C SER B 209 -22.58 2.21 10.53
N VAL B 210 -22.83 3.49 10.78
CA VAL B 210 -24.08 4.10 10.38
C VAL B 210 -24.19 4.15 8.85
N LEU B 211 -23.06 4.38 8.19
CA LEU B 211 -23.04 4.44 6.74
C LEU B 211 -23.39 3.09 6.14
N HIS B 212 -23.03 2.02 6.84
CA HIS B 212 -23.31 0.67 6.37
C HIS B 212 -23.42 0.65 4.84
N ARG B 213 -24.60 0.99 4.33
CA ARG B 213 -24.81 1.01 2.89
C ARG B 213 -25.78 2.12 2.51
N ARG B 214 -25.83 3.17 3.33
CA ARG B 214 -26.72 4.29 3.07
C ARG B 214 -26.26 5.06 1.83
N THR B 215 -27.00 6.10 1.48
CA THR B 215 -26.66 6.91 0.31
C THR B 215 -25.91 8.17 0.75
N LEU B 216 -24.83 8.48 0.04
CA LEU B 216 -24.04 9.66 0.36
C LEU B 216 -23.44 10.27 -0.90
N ILE B 217 -23.67 11.57 -1.10
CA ILE B 217 -23.15 12.26 -2.27
C ILE B 217 -21.94 13.10 -1.91
N VAL B 218 -20.86 12.91 -2.67
CA VAL B 218 -19.63 13.66 -2.42
C VAL B 218 -19.44 14.76 -3.46
N ASP B 219 -18.86 15.88 -3.04
CA ASP B 219 -18.65 16.99 -3.96
C ASP B 219 -17.23 17.54 -3.79
N GLY B 220 -16.28 16.91 -4.47
CA GLY B 220 -14.89 17.34 -4.40
C GLY B 220 -14.74 18.79 -4.83
N TYR B 221 -15.51 19.18 -5.84
CA TYR B 221 -15.46 20.55 -6.34
C TYR B 221 -15.66 21.54 -5.20
N ARG B 222 -16.74 21.37 -4.46
CA ARG B 222 -17.03 22.26 -3.35
C ARG B 222 -16.53 21.66 -2.03
N GLY B 223 -16.04 20.43 -2.11
CA GLY B 223 -15.53 19.75 -0.92
C GLY B 223 -16.57 19.70 0.17
N GLU B 224 -17.67 18.99 -0.09
CA GLU B 224 -18.74 18.87 0.89
C GLU B 224 -19.35 17.47 0.83
N LEU B 225 -19.99 17.07 1.94
CA LEU B 225 -20.61 15.76 2.00
C LEU B 225 -22.08 15.88 2.40
N LEU B 226 -22.96 15.29 1.59
CA LEU B 226 -24.39 15.34 1.85
C LEU B 226 -24.86 14.04 2.51
N VAL B 227 -25.77 14.18 3.47
CA VAL B 227 -26.30 13.00 4.17
C VAL B 227 -27.79 12.85 3.92
N ASP B 228 -28.15 11.99 2.99
CA ASP B 228 -29.56 11.77 2.67
C ASP B 228 -30.38 13.01 2.95
N PRO B 229 -29.91 14.15 2.50
CA PRO B 229 -30.60 15.45 2.70
C PRO B 229 -31.89 15.56 1.89
N GLU B 230 -32.71 16.55 2.21
CA GLU B 230 -33.97 16.75 1.50
C GLU B 230 -33.77 16.56 0.00
N PRO B 231 -34.73 15.98 -0.65
CA PRO B 231 -34.68 15.74 -2.13
C PRO B 231 -34.83 17.03 -2.93
N VAL B 232 -35.41 18.05 -2.29
CA VAL B 232 -35.61 19.33 -2.95
C VAL B 232 -34.35 20.19 -2.87
N LEU B 233 -33.66 20.09 -1.74
CA LEU B 233 -32.43 20.87 -1.54
C LEU B 233 -31.32 20.34 -2.44
N LEU B 234 -31.17 19.03 -2.49
CA LEU B 234 -30.15 18.41 -3.32
C LEU B 234 -30.50 18.52 -4.80
N GLN B 235 -31.79 18.66 -5.07
CA GLN B 235 -32.26 18.78 -6.45
C GLN B 235 -31.81 20.11 -7.06
N GLU B 236 -31.99 21.19 -6.30
CA GLU B 236 -31.59 22.51 -6.77
C GLU B 236 -30.07 22.63 -6.81
N TYR B 237 -29.43 22.22 -5.72
CA TYR B 237 -27.97 22.28 -5.64
C TYR B 237 -27.34 21.77 -6.93
N GLN B 238 -27.85 20.66 -7.43
CA GLN B 238 -27.33 20.08 -8.66
C GLN B 238 -27.61 20.99 -9.86
N ARG B 239 -28.75 21.66 -9.82
CA ARG B 239 -29.13 22.57 -10.89
C ARG B 239 -28.34 23.88 -10.81
N LEU B 240 -28.13 24.34 -9.58
CA LEU B 240 -27.39 25.58 -9.36
C LEU B 240 -25.88 25.34 -9.50
N ILE B 241 -25.34 24.53 -8.59
CA ILE B 241 -23.92 24.22 -8.63
C ILE B 241 -23.45 23.95 -10.06
N SER B 242 -24.30 23.27 -10.82
CA SER B 242 -23.97 22.95 -12.21
C SER B 242 -24.00 24.21 -13.07
N GLU B 243 -24.69 25.24 -12.59
CA GLU B 243 -24.78 26.49 -13.33
C GLU B 243 -24.36 27.66 -12.45
N GLU B 244 -25.33 28.28 -11.79
CA GLU B 244 -25.05 29.42 -10.92
C GLU B 244 -23.84 30.20 -11.44
N ILE B 245 -22.93 30.53 -10.54
CA ILE B 245 -21.73 31.27 -10.91
C ILE B 245 -20.49 30.39 -10.80
N GLU B 246 -19.94 30.32 -9.59
CA GLU B 246 -18.75 29.51 -9.36
C GLU B 246 -18.58 29.21 -7.86
N LEU B 247 -17.40 29.52 -7.33
CA LEU B 247 -17.13 29.27 -5.92
C LEU B 247 -18.11 30.06 -5.05
N SER B 248 -18.04 31.38 -5.11
CA SER B 248 -18.92 32.23 -4.33
C SER B 248 -19.85 31.37 -3.47
N ARG B 249 -20.80 30.70 -4.12
CA ARG B 249 -21.75 29.86 -3.39
C ARG B 249 -21.07 29.19 -2.20
N LEU B 250 -19.75 29.11 -2.24
CA LEU B 250 -18.99 28.50 -1.16
C LEU B 250 -19.67 28.76 0.18
N ALA B 251 -19.40 27.89 1.16
CA ALA B 251 -19.99 28.04 2.48
C ALA B 251 -21.46 27.64 2.46
N GLU B 252 -21.94 27.13 3.58
CA GLU B 252 -23.33 26.70 3.68
C GLU B 252 -24.18 27.79 4.35
N ASP B 253 -25.05 28.41 3.57
CA ASP B 253 -25.91 29.47 4.10
C ASP B 253 -27.14 28.87 4.77
N ASP B 254 -27.70 29.61 5.73
CA ASP B 254 -28.88 29.14 6.44
C ASP B 254 -28.58 27.84 7.19
N VAL B 255 -27.39 27.28 6.94
CA VAL B 255 -27.00 26.04 7.60
C VAL B 255 -25.55 26.12 8.07
N ASN B 256 -25.25 25.39 9.14
CA ASN B 256 -23.90 25.39 9.69
C ASN B 256 -22.93 24.72 8.73
#